data_7CRC
#
_entry.id   7CRC
#
_cell.length_a   1.00
_cell.length_b   1.00
_cell.length_c   1.00
_cell.angle_alpha   90.00
_cell.angle_beta   90.00
_cell.angle_gamma   90.00
#
_symmetry.space_group_name_H-M   'P 1'
#
loop_
_entity.id
_entity.type
_entity.pdbx_description
1 polymer 'NAD+ hydrolase (NADase)'
2 polymer 'Avirulence protein ATR1'
3 non-polymer "ADENOSINE-5'-DIPHOSPHATE"
4 non-polymer "ADENOSINE-5'-TRIPHOSPHATE"
#
loop_
_entity_poly.entity_id
_entity_poly.type
_entity_poly.pdbx_seq_one_letter_code
_entity_poly.pdbx_strand_id
1 'polypeptide(L)'
;MGSAMSLGCSKRKATNQDVDSESRKRRKICSTNDAENCRFIQDESSWKHPWSLCANSVVNDTKDTKSSALSLPSPPTSVS
RIWKHQVFPSFHGADVRKTILSHILESFRRKGIDPFIDNNIERSKSIGHELKEAIKGSKIAIVLLSKNYASSSWCLDELA
EIMKCRELLGQIVMTIFYEVDPTDIKKQTGEFGKAFTKTCKGKTKEYVERWRKALEDVATIAGYHSHKWRNEADMIEKIA
TDVSNMLNSFKPSRDFNGLVGMRAHMDMLEQLLRLVLDEVRMIGIWGPPGIGKTTIARFLFNQVSDRFQLSAIMVNIKGC
YPRPCFDEYSAQLQLQNQMLSQMINHKDIMISHLGVAQERLRDKKVFLVLDEVDQLGQLDALAKETRWFGPGSRIIITTE
DLGVLKAHGINHVYKVGYPSNDEAFQIFCMNAFGQKQPHEGFDEIAREVMALAGELPLGLKVLGSALRGKSKPEWERTLP
RLKTSLDGKIGSIIQFSYDALCDEDKYLFLYIACLFNKESTTKVEGLLGKFLDVRQGLHILAQKSLISIEDGNIYMHTLL
EQFGRETSRKQFIHHGYTKHQLLVGERDICEVLNDDTIDSRRFIGINLDLYKNVEELNISEKALERIHDFQFVRINGKNH
ALHERLQGLIYQSPQIRSLHWKCYQNICLPSTFNSEFLVELDMSFSKLQKLWEGTKQLRNLKWMDLSYSSYLKELPNLST
ATNLEELKLRNCSSLVELPSSIEKLTSLQILDLHRCSSLVELPSFGNATKLEILNLENCSSLVKLPPSINANNLQELSLT
NCSRVVELPAIENATNLWKLNLLNCSSLIELPLSIGTATNLKHLDFRGCSSLVKLPSSIGDMTNLEVFYLSNCSNLVELP
SSIGNLRKLTLLLMRGCSKLETLPTNINLKSLHTLNLIDCSRLKSFPEISTHIKYLRLIGTAIKEVPLSIMSWSPLAHFQ
ISYFESLKEFPHALDIITELQLSKDIQEVPPWVKRMSRLRALRLNNCNNLVSLPQLPDSLAYLYADNCKSLERLDCCFNN
PEIRLYFPKCFKLNQEARDLIMHTSTRNFAMLPGTQVPACFNHRATSGDSLKIKLKESPLPTTLTFKACIMLVNEEMSYD
LKSMSVDIVIRDEQNDLKVQCTPSYHQCTEIYVLTEHIYTFELEVEEVTSTELVFEFTSVNESICKIGECGILQRETRSL
RRSSSPDLSPESSRVSSCDHC
;
A,B,C,D
2 'polypeptide(L)'
;MRVCYFVLVPSVALAVIATESSETSGTIVHVFPLRDVADHRNDALINRALRAQTALDDDEERWPFGPSAVEALIETIDRH
GRVSLNDEAKMKKVVRTWKKLIERDDLIGEIGKHYFEAPGPLHDTYDEALATRLVTTYSDRGVARAILHTRPSDPLSKKA
GQAHRLEEAVASLWKGRGYTSDNVVSSIATGHDVDFFAPTAFTFLVKCVESEDDANNAIFEYFGSNPSRYFSAVLHAMEK
PDADSRVLESSKKWMFQCYAQKQFPTPVFERTLAAYQSEDYAIRGARNHYEKLSLSQIEELVEEYSRIYSV
;
E,H,F,G
#
# COMPACT_ATOMS: atom_id res chain seq x y z
N HIS A 85 21.90 14.55 47.58
CA HIS A 85 21.84 13.09 47.50
C HIS A 85 20.57 12.66 46.77
N GLN A 86 20.36 11.35 46.68
CA GLN A 86 19.11 10.83 46.16
C GLN A 86 18.29 10.13 47.24
N VAL A 87 18.84 9.12 47.89
CA VAL A 87 18.13 8.33 48.89
C VAL A 87 18.99 8.27 50.14
N PHE A 88 18.39 8.50 51.30
CA PHE A 88 19.13 8.38 52.54
C PHE A 88 18.87 7.02 53.16
N PRO A 89 19.86 6.13 53.25
CA PRO A 89 19.66 4.84 53.91
C PRO A 89 19.96 4.86 55.41
N SER A 90 19.01 4.40 56.22
CA SER A 90 19.18 4.27 57.65
C SER A 90 19.22 2.79 57.99
N PHE A 91 20.22 2.37 58.76
CA PHE A 91 20.41 0.96 59.06
C PHE A 91 21.31 0.83 60.28
N HIS A 92 21.39 -0.41 60.79
CA HIS A 92 22.29 -0.77 61.87
C HIS A 92 23.42 -1.59 61.27
N GLY A 93 24.62 -1.01 61.22
CA GLY A 93 25.70 -1.61 60.46
C GLY A 93 26.08 -3.00 60.92
N ALA A 94 26.11 -3.23 62.23
CA ALA A 94 26.56 -4.52 62.74
C ALA A 94 25.69 -5.67 62.25
N ASP A 95 24.42 -5.41 61.95
CA ASP A 95 23.50 -6.46 61.55
C ASP A 95 23.45 -6.68 60.05
N VAL A 96 23.36 -5.61 59.26
CA VAL A 96 22.99 -5.72 57.85
C VAL A 96 24.01 -5.11 56.90
N ARG A 97 25.01 -4.38 57.39
CA ARG A 97 25.94 -3.71 56.48
C ARG A 97 26.70 -4.71 55.63
N LYS A 98 26.81 -5.95 56.10
CA LYS A 98 27.60 -6.97 55.41
C LYS A 98 26.75 -7.85 54.48
N THR A 99 25.55 -8.24 54.91
CA THR A 99 24.83 -9.30 54.23
C THR A 99 23.85 -8.78 53.17
N ILE A 100 22.86 -7.98 53.58
CA ILE A 100 21.78 -7.63 52.68
C ILE A 100 21.98 -6.22 52.11
N LEU A 101 22.52 -5.32 52.92
CA LEU A 101 22.63 -3.93 52.49
C LEU A 101 23.48 -3.81 51.23
N SER A 102 24.52 -4.66 51.12
CA SER A 102 25.37 -4.60 49.93
C SER A 102 24.59 -4.94 48.67
N HIS A 103 23.68 -5.91 48.77
CA HIS A 103 22.86 -6.26 47.60
C HIS A 103 21.96 -5.09 47.19
N ILE A 104 21.36 -4.41 48.15
CA ILE A 104 20.50 -3.28 47.84
C ILE A 104 21.33 -2.14 47.24
N LEU A 105 22.52 -1.90 47.79
CA LEU A 105 23.42 -0.90 47.21
C LEU A 105 23.75 -1.23 45.77
N GLU A 106 24.05 -2.50 45.49
CA GLU A 106 24.38 -2.90 44.12
C GLU A 106 23.18 -2.72 43.19
N SER A 107 21.99 -3.08 43.64
CA SER A 107 20.80 -2.92 42.81
C SER A 107 20.54 -1.44 42.52
N PHE A 108 20.66 -0.59 43.54
CA PHE A 108 20.48 0.84 43.33
C PHE A 108 21.52 1.40 42.38
N ARG A 109 22.77 0.94 42.52
CA ARG A 109 23.83 1.38 41.62
C ARG A 109 23.52 1.00 40.18
N ARG A 110 23.05 -0.23 39.96
CA ARG A 110 22.74 -0.65 38.60
C ARG A 110 21.47 0.00 38.07
N LYS A 111 20.60 0.51 38.93
CA LYS A 111 19.42 1.24 38.48
C LYS A 111 19.63 2.74 38.45
N GLY A 112 20.88 3.19 38.55
CA GLY A 112 21.15 4.62 38.53
C GLY A 112 20.62 5.37 39.73
N ILE A 113 20.81 4.82 40.92
CA ILE A 113 20.38 5.46 42.17
C ILE A 113 21.61 5.71 43.03
N ASP A 114 21.74 6.94 43.51
CA ASP A 114 22.92 7.36 44.28
C ASP A 114 22.54 7.57 45.73
N PRO A 115 22.71 6.58 46.59
CA PRO A 115 22.36 6.76 48.00
C PRO A 115 23.42 7.57 48.74
N PHE A 116 23.04 8.05 49.91
CA PHE A 116 23.99 8.74 50.77
C PHE A 116 25.07 7.77 51.23
N ILE A 117 26.29 8.29 51.39
CA ILE A 117 27.43 7.50 51.79
C ILE A 117 27.83 7.89 53.20
N ASP A 118 28.01 6.90 54.06
CA ASP A 118 28.46 7.12 55.42
C ASP A 118 29.47 6.06 55.79
N ASN A 119 30.28 6.35 56.81
CA ASN A 119 31.30 5.44 57.27
C ASN A 119 31.23 5.30 58.78
N ASN A 120 31.67 4.14 59.27
CA ASN A 120 31.74 3.94 60.71
C ASN A 120 32.74 4.89 61.35
N ILE A 121 33.74 5.35 60.58
CA ILE A 121 34.62 6.40 61.05
C ILE A 121 33.99 7.77 60.96
N GLU A 122 32.90 7.90 60.20
CA GLU A 122 32.17 9.15 60.06
C GLU A 122 31.05 9.31 61.07
N ARG A 123 30.91 8.38 62.02
CA ARG A 123 29.82 8.40 62.98
C ARG A 123 30.37 8.59 64.39
N SER A 124 29.67 9.41 65.16
CA SER A 124 29.96 9.63 66.57
C SER A 124 28.83 9.06 67.42
N LYS A 125 28.87 9.32 68.72
CA LYS A 125 27.76 8.92 69.58
C LYS A 125 26.48 9.65 69.21
N SER A 126 26.59 10.95 68.90
CA SER A 126 25.45 11.71 68.42
C SER A 126 25.40 11.62 66.89
N ILE A 127 24.52 12.41 66.27
CA ILE A 127 24.32 12.38 64.83
C ILE A 127 25.12 13.48 64.13
N GLY A 128 25.15 14.68 64.69
CA GLY A 128 25.82 15.79 64.06
C GLY A 128 24.89 16.58 63.16
N HIS A 129 25.29 17.83 62.89
CA HIS A 129 24.45 18.73 62.12
C HIS A 129 24.45 18.38 60.64
N GLU A 130 25.61 18.00 60.10
CA GLU A 130 25.68 17.67 58.68
C GLU A 130 24.84 16.45 58.34
N LEU A 131 24.78 15.48 59.24
CA LEU A 131 23.94 14.30 59.01
C LEU A 131 22.47 14.70 58.90
N LYS A 132 22.01 15.57 59.80
CA LYS A 132 20.63 16.04 59.72
C LYS A 132 20.40 16.85 58.45
N GLU A 133 21.37 17.67 58.06
CA GLU A 133 21.25 18.42 56.82
C GLU A 133 21.11 17.49 55.62
N ALA A 134 21.91 16.44 55.58
CA ALA A 134 21.80 15.46 54.50
C ALA A 134 20.45 14.77 54.53
N ILE A 135 19.93 14.48 55.73
CA ILE A 135 18.60 13.89 55.84
C ILE A 135 17.54 14.80 55.25
N LYS A 136 17.61 16.10 55.58
CA LYS A 136 16.57 17.02 55.17
C LYS A 136 16.48 17.17 53.66
N GLY A 137 17.61 17.24 52.98
CA GLY A 137 17.63 17.39 51.54
C GLY A 137 17.57 16.11 50.74
N SER A 138 17.41 14.96 51.41
CA SER A 138 17.43 13.68 50.70
C SER A 138 16.20 13.51 49.83
N LYS A 139 15.04 13.95 50.32
CA LYS A 139 13.74 13.89 49.66
C LYS A 139 13.21 12.46 49.50
N ILE A 140 13.97 11.45 49.91
CA ILE A 140 13.46 10.10 50.10
C ILE A 140 14.43 9.32 50.98
N ALA A 141 13.90 8.61 51.97
CA ALA A 141 14.72 7.88 52.92
C ALA A 141 14.20 6.46 53.06
N ILE A 142 15.12 5.53 53.30
CA ILE A 142 14.80 4.12 53.44
C ILE A 142 15.29 3.64 54.80
N VAL A 143 14.37 3.21 55.64
CA VAL A 143 14.67 2.75 56.99
C VAL A 143 14.68 1.23 56.96
N LEU A 144 15.86 0.63 57.00
CA LEU A 144 15.99 -0.82 57.03
C LEU A 144 16.08 -1.25 58.49
N LEU A 145 15.13 -2.06 58.93
CA LEU A 145 14.97 -2.41 60.33
C LEU A 145 15.46 -3.84 60.57
N SER A 146 16.32 -4.00 61.57
CA SER A 146 16.86 -5.30 61.95
C SER A 146 16.54 -5.57 63.42
N LYS A 147 17.02 -6.71 63.92
CA LYS A 147 16.74 -7.10 65.29
C LYS A 147 17.33 -6.10 66.28
N ASN A 148 18.57 -5.69 66.05
CA ASN A 148 19.27 -4.79 66.96
C ASN A 148 19.30 -3.35 66.45
N TYR A 149 18.30 -2.97 65.65
CA TYR A 149 18.24 -1.60 65.16
C TYR A 149 18.06 -0.62 66.30
N ALA A 150 17.21 -0.96 67.28
CA ALA A 150 16.93 -0.09 68.40
C ALA A 150 18.08 0.00 69.39
N SER A 151 19.12 -0.83 69.24
CA SER A 151 20.23 -0.85 70.18
C SER A 151 21.32 0.16 69.83
N SER A 152 20.97 1.20 69.08
CA SER A 152 21.92 2.27 68.75
C SER A 152 21.20 3.61 68.86
N SER A 153 21.56 4.39 69.89
CA SER A 153 20.99 5.72 70.04
C SER A 153 21.23 6.58 68.80
N TRP A 154 22.35 6.34 68.11
CA TRP A 154 22.62 7.03 66.86
C TRP A 154 21.54 6.71 65.83
N CYS A 155 21.24 5.42 65.65
CA CYS A 155 20.21 5.02 64.69
C CYS A 155 18.83 5.53 65.11
N LEU A 156 18.55 5.51 66.42
CA LEU A 156 17.26 6.01 66.89
C LEU A 156 17.12 7.50 66.63
N ASP A 157 18.19 8.26 66.83
CA ASP A 157 18.15 9.68 66.49
C ASP A 157 17.93 9.90 65.01
N GLU A 158 18.60 9.09 64.18
CA GLU A 158 18.37 9.16 62.74
C GLU A 158 16.91 8.91 62.41
N LEU A 159 16.32 7.89 63.02
CA LEU A 159 14.92 7.56 62.74
C LEU A 159 13.99 8.67 63.19
N ALA A 160 14.25 9.25 64.36
CA ALA A 160 13.43 10.36 64.84
C ALA A 160 13.50 11.55 63.89
N GLU A 161 14.71 11.88 63.43
CA GLU A 161 14.84 12.96 62.45
C GLU A 161 14.11 12.63 61.16
N ILE A 162 14.14 11.37 60.75
CA ILE A 162 13.48 10.96 59.50
C ILE A 162 11.97 11.15 59.62
N MET A 163 11.39 10.72 60.75
CA MET A 163 9.96 10.94 60.96
C MET A 163 9.64 12.42 61.07
N LYS A 164 10.49 13.19 61.74
CA LYS A 164 10.26 14.63 61.83
C LYS A 164 10.20 15.26 60.45
N CYS A 165 11.15 14.89 59.58
CA CYS A 165 11.14 15.42 58.22
C CYS A 165 9.95 14.90 57.42
N ARG A 166 9.51 13.67 57.67
CA ARG A 166 8.34 13.14 56.97
C ARG A 166 7.09 13.93 57.31
N GLU A 167 6.92 14.26 58.59
CA GLU A 167 5.70 14.97 59.01
C GLU A 167 5.71 16.41 58.54
N LEU A 168 6.85 17.09 58.66
CA LEU A 168 6.93 18.50 58.27
C LEU A 168 7.13 18.65 56.77
N LEU A 169 8.22 18.10 56.26
CA LEU A 169 8.54 18.19 54.84
C LEU A 169 7.89 17.03 54.07
N GLY A 170 7.91 17.13 52.75
CA GLY A 170 7.31 16.11 51.92
C GLY A 170 8.22 14.92 51.68
N GLN A 171 9.03 14.57 52.68
CA GLN A 171 9.92 13.43 52.56
C GLN A 171 9.11 12.14 52.54
N ILE A 172 9.53 11.20 51.70
CA ILE A 172 8.86 9.92 51.54
C ILE A 172 9.72 8.84 52.15
N VAL A 173 9.15 8.07 53.07
CA VAL A 173 9.91 7.10 53.87
C VAL A 173 9.48 5.70 53.49
N MET A 174 10.45 4.89 53.08
CA MET A 174 10.24 3.48 52.76
C MET A 174 10.87 2.64 53.86
N THR A 175 10.16 1.60 54.29
CA THR A 175 10.62 0.77 55.39
C THR A 175 10.84 -0.66 54.92
N ILE A 176 11.87 -1.29 55.46
CA ILE A 176 12.18 -2.69 55.22
C ILE A 176 12.23 -3.39 56.57
N PHE A 177 11.36 -4.37 56.77
CA PHE A 177 11.31 -5.13 58.01
C PHE A 177 12.09 -6.41 57.81
N TYR A 178 13.38 -6.36 58.10
CA TYR A 178 14.27 -7.50 57.86
C TYR A 178 14.04 -8.54 58.95
N GLU A 179 13.07 -9.43 58.70
CA GLU A 179 12.77 -10.55 59.57
C GLU A 179 12.33 -10.11 60.96
N VAL A 180 11.68 -8.95 61.05
CA VAL A 180 11.14 -8.45 62.30
C VAL A 180 9.69 -8.04 62.05
N ASP A 181 8.79 -8.45 62.94
CA ASP A 181 7.38 -8.17 62.76
C ASP A 181 7.09 -6.69 62.98
N PRO A 182 6.23 -6.08 62.16
CA PRO A 182 5.84 -4.68 62.41
C PRO A 182 5.18 -4.49 63.76
N THR A 183 4.43 -5.48 64.25
CA THR A 183 3.83 -5.36 65.57
C THR A 183 4.90 -5.26 66.64
N ASP A 184 6.01 -5.98 66.48
CA ASP A 184 7.10 -5.88 67.43
C ASP A 184 7.66 -4.47 67.50
N ILE A 185 7.85 -3.84 66.33
CA ILE A 185 8.28 -2.44 66.32
C ILE A 185 7.23 -1.56 66.96
N LYS A 186 5.96 -1.82 66.67
CA LYS A 186 4.88 -0.94 67.14
C LYS A 186 4.81 -0.93 68.66
N LYS A 187 4.81 -2.10 69.28
CA LYS A 187 4.73 -2.21 70.73
C LYS A 187 6.10 -2.32 71.40
N GLN A 188 7.19 -2.38 70.62
CA GLN A 188 8.55 -2.45 71.14
C GLN A 188 8.69 -3.63 72.11
N THR A 189 8.53 -4.82 71.54
CA THR A 189 8.65 -6.06 72.31
C THR A 189 9.61 -7.02 71.63
N GLY A 190 9.67 -8.26 72.13
CA GLY A 190 10.58 -9.24 71.57
C GLY A 190 12.04 -8.87 71.84
N GLU A 191 12.92 -9.45 71.00
CA GLU A 191 14.33 -9.07 71.08
C GLU A 191 14.52 -7.60 70.73
N PHE A 192 13.77 -7.12 69.74
CA PHE A 192 13.81 -5.70 69.40
C PHE A 192 13.42 -4.85 70.59
N GLY A 193 12.34 -5.23 71.28
CA GLY A 193 11.91 -4.47 72.44
C GLY A 193 12.90 -4.54 73.59
N LYS A 194 13.53 -5.70 73.78
CA LYS A 194 14.55 -5.84 74.82
C LYS A 194 15.73 -4.93 74.54
N ALA A 195 16.20 -4.89 73.28
CA ALA A 195 17.28 -4.00 72.92
C ALA A 195 16.88 -2.54 73.11
N PHE A 196 15.65 -2.20 72.72
CA PHE A 196 15.17 -0.83 72.89
C PHE A 196 15.16 -0.45 74.36
N THR A 197 14.65 -1.33 75.21
CA THR A 197 14.60 -1.06 76.64
C THR A 197 16.00 -0.91 77.22
N LYS A 198 16.92 -1.78 76.81
CA LYS A 198 18.29 -1.68 77.29
C LYS A 198 18.93 -0.36 76.88
N THR A 199 18.66 0.08 75.64
CA THR A 199 19.21 1.36 75.20
C THR A 199 18.51 2.54 75.87
N CYS A 200 17.29 2.34 76.37
CA CYS A 200 16.49 3.46 76.87
C CYS A 200 16.92 3.95 78.24
N LYS A 201 17.67 3.18 79.02
CA LYS A 201 18.04 3.62 80.37
C LYS A 201 19.07 4.73 80.28
N GLY A 202 18.88 5.78 81.07
CA GLY A 202 19.79 6.91 81.13
C GLY A 202 19.29 8.14 80.41
N LYS A 203 18.57 7.95 79.30
CA LYS A 203 18.06 9.07 78.53
C LYS A 203 16.95 9.78 79.29
N THR A 204 16.77 11.06 78.96
CA THR A 204 15.69 11.84 79.54
C THR A 204 14.35 11.39 78.96
N LYS A 205 13.26 11.90 79.54
CA LYS A 205 11.93 11.42 79.18
C LYS A 205 11.60 11.72 77.73
N GLU A 206 11.94 12.93 77.25
CA GLU A 206 11.56 13.30 75.89
C GLU A 206 12.30 12.48 74.84
N TYR A 207 13.53 12.04 75.14
CA TYR A 207 14.22 11.15 74.21
C TYR A 207 13.44 9.85 74.02
N VAL A 208 13.04 9.22 75.12
CA VAL A 208 12.28 7.98 75.03
C VAL A 208 10.95 8.23 74.33
N GLU A 209 10.32 9.37 74.63
CA GLU A 209 9.03 9.68 74.01
C GLU A 209 9.16 9.80 72.50
N ARG A 210 10.12 10.60 72.03
CA ARG A 210 10.31 10.75 70.59
C ARG A 210 10.69 9.42 69.95
N TRP A 211 11.56 8.64 70.62
CA TRP A 211 11.97 7.36 70.06
C TRP A 211 10.79 6.44 69.86
N ARG A 212 9.95 6.28 70.89
CA ARG A 212 8.83 5.36 70.74
C ARG A 212 7.77 5.89 69.78
N LYS A 213 7.55 7.20 69.76
CA LYS A 213 6.61 7.77 68.80
C LYS A 213 7.05 7.49 67.37
N ALA A 214 8.33 7.76 67.09
CA ALA A 214 8.85 7.49 65.76
C ALA A 214 8.78 6.00 65.43
N LEU A 215 9.09 5.15 66.41
CA LEU A 215 9.07 3.71 66.16
C LEU A 215 7.68 3.24 65.76
N GLU A 216 6.66 3.62 66.54
CA GLU A 216 5.31 3.17 66.20
C GLU A 216 4.82 3.79 64.90
N ASP A 217 5.15 5.06 64.66
CA ASP A 217 4.75 5.68 63.40
C ASP A 217 5.39 4.97 62.21
N VAL A 218 6.64 4.54 62.36
CA VAL A 218 7.28 3.76 61.31
C VAL A 218 6.57 2.43 61.14
N ALA A 219 6.27 1.75 62.25
CA ALA A 219 5.61 0.46 62.16
C ALA A 219 4.25 0.58 61.50
N THR A 220 3.63 1.76 61.53
CA THR A 220 2.33 1.92 60.89
C THR A 220 2.42 1.88 59.37
N ILE A 221 3.43 2.52 58.79
CA ILE A 221 3.41 2.76 57.35
C ILE A 221 3.73 1.48 56.59
N ALA A 222 3.36 1.46 55.31
CA ALA A 222 3.41 0.26 54.49
C ALA A 222 4.76 0.15 53.80
N GLY A 223 5.52 -0.89 54.14
CA GLY A 223 6.82 -1.10 53.55
C GLY A 223 6.96 -2.45 52.90
N TYR A 224 8.06 -3.15 53.20
CA TYR A 224 8.34 -4.46 52.61
C TYR A 224 8.71 -5.41 53.75
N HIS A 225 7.84 -6.36 54.03
CA HIS A 225 8.10 -7.34 55.08
C HIS A 225 8.91 -8.48 54.48
N SER A 226 10.15 -8.65 54.96
CA SER A 226 11.05 -9.62 54.35
C SER A 226 10.53 -11.05 54.47
N HIS A 227 9.81 -11.35 55.55
CA HIS A 227 9.32 -12.71 55.76
C HIS A 227 8.28 -13.14 54.73
N LYS A 228 7.57 -12.19 54.12
CA LYS A 228 6.53 -12.54 53.17
C LYS A 228 7.09 -12.97 51.81
N TRP A 229 8.22 -12.39 51.40
CA TRP A 229 8.61 -12.46 50.00
C TRP A 229 9.11 -13.83 49.60
N ARG A 230 9.83 -14.52 50.49
CA ARG A 230 10.37 -15.85 50.25
C ARG A 230 11.41 -15.86 49.13
N ASN A 231 11.84 -14.69 48.66
CA ASN A 231 12.84 -14.59 47.60
C ASN A 231 13.52 -13.23 47.74
N GLU A 232 14.72 -13.23 48.33
CA GLU A 232 15.36 -11.96 48.68
C GLU A 232 15.67 -11.11 47.46
N ALA A 233 16.21 -11.73 46.40
CA ALA A 233 16.59 -10.97 45.22
C ALA A 233 15.38 -10.31 44.58
N ASP A 234 14.25 -11.03 44.51
CA ASP A 234 13.05 -10.44 43.95
C ASP A 234 12.54 -9.28 44.79
N MET A 235 12.58 -9.42 46.12
CA MET A 235 12.15 -8.33 46.98
C MET A 235 13.03 -7.10 46.80
N ILE A 236 14.35 -7.29 46.73
CA ILE A 236 15.25 -6.17 46.54
C ILE A 236 15.02 -5.52 45.18
N GLU A 237 14.80 -6.32 44.14
CA GLU A 237 14.52 -5.77 42.82
C GLU A 237 13.23 -4.97 42.83
N LYS A 238 12.20 -5.47 43.50
CA LYS A 238 10.95 -4.75 43.60
C LYS A 238 11.14 -3.43 44.35
N ILE A 239 11.93 -3.45 45.43
CA ILE A 239 12.20 -2.24 46.17
C ILE A 239 12.90 -1.22 45.29
N ALA A 240 13.90 -1.67 44.52
CA ALA A 240 14.60 -0.75 43.63
C ALA A 240 13.67 -0.18 42.57
N THR A 241 12.80 -1.03 42.01
CA THR A 241 11.86 -0.55 41.00
C THR A 241 10.94 0.51 41.58
N ASP A 242 10.40 0.27 42.77
CA ASP A 242 9.53 1.26 43.40
C ASP A 242 10.27 2.55 43.69
N VAL A 243 11.51 2.44 44.19
CA VAL A 243 12.29 3.64 44.49
C VAL A 243 12.50 4.44 43.23
N SER A 244 12.84 3.77 42.13
CA SER A 244 13.04 4.47 40.86
C SER A 244 11.76 5.14 40.40
N ASN A 245 10.63 4.44 40.53
CA ASN A 245 9.35 4.99 40.09
C ASN A 245 9.02 6.27 40.86
N MET A 246 9.18 6.24 42.18
CA MET A 246 8.88 7.44 42.96
C MET A 246 9.92 8.53 42.75
N LEU A 247 11.17 8.15 42.46
CA LEU A 247 12.21 9.16 42.29
C LEU A 247 12.08 9.88 40.96
N ASN A 248 11.55 9.22 39.93
CA ASN A 248 11.32 9.92 38.68
C ASN A 248 9.98 10.62 38.63
N SER A 249 9.40 10.97 39.77
CA SER A 249 8.12 11.66 39.82
C SER A 249 8.05 12.75 40.88
N PHE A 250 9.21 13.25 41.34
CA PHE A 250 9.18 14.43 42.22
C PHE A 250 8.63 15.64 41.50
N LYS A 251 9.34 16.13 40.48
CA LYS A 251 8.95 17.37 39.82
C LYS A 251 7.69 17.10 39.00
N PRO A 252 6.53 17.62 39.40
CA PRO A 252 5.27 17.17 38.80
C PRO A 252 5.10 17.58 37.36
N SER A 253 5.17 18.89 37.09
CA SER A 253 4.81 19.41 35.78
C SER A 253 5.77 20.51 35.33
N ARG A 254 7.07 20.30 35.53
CA ARG A 254 8.05 21.26 35.06
C ARG A 254 8.51 20.97 33.64
N ASP A 255 7.77 20.15 32.90
CA ASP A 255 8.17 19.78 31.54
C ASP A 255 8.19 21.00 30.63
N PHE A 256 7.10 21.75 30.59
CA PHE A 256 6.93 22.81 29.60
C PHE A 256 6.80 24.17 30.26
N ASN A 257 7.68 25.08 29.87
CA ASN A 257 7.52 26.49 30.15
C ASN A 257 7.69 27.32 28.89
N GLY A 258 8.08 26.70 27.79
CA GLY A 258 8.10 27.36 26.50
C GLY A 258 6.74 27.54 25.88
N LEU A 259 5.72 26.95 26.47
CA LEU A 259 4.35 27.22 26.04
C LEU A 259 4.01 28.68 26.33
N VAL A 260 3.46 29.36 25.34
CA VAL A 260 3.25 30.80 25.39
C VAL A 260 1.76 31.08 25.35
N GLY A 261 1.30 31.90 26.29
CA GLY A 261 -0.09 32.35 26.28
C GLY A 261 -1.10 31.33 26.71
N MET A 262 -0.70 30.31 27.46
CA MET A 262 -1.64 29.28 27.88
C MET A 262 -2.65 29.79 28.89
N ARG A 263 -2.35 30.90 29.58
CA ARG A 263 -3.28 31.42 30.57
C ARG A 263 -4.56 31.90 29.92
N ALA A 264 -4.46 32.48 28.73
CA ALA A 264 -5.67 32.91 28.03
C ALA A 264 -6.59 31.73 27.75
N HIS A 265 -6.01 30.63 27.26
CA HIS A 265 -6.81 29.43 27.01
C HIS A 265 -7.40 28.90 28.30
N MET A 266 -6.61 28.88 29.37
CA MET A 266 -7.12 28.34 30.63
C MET A 266 -8.28 29.16 31.17
N ASP A 267 -8.17 30.49 31.11
CA ASP A 267 -9.26 31.33 31.58
C ASP A 267 -10.49 31.18 30.71
N MET A 268 -10.31 31.17 29.39
CA MET A 268 -11.45 31.04 28.50
C MET A 268 -12.10 29.67 28.61
N LEU A 269 -11.37 28.65 29.06
CA LEU A 269 -11.90 27.31 29.21
C LEU A 269 -12.50 27.06 30.59
N GLU A 270 -12.07 27.82 31.59
CA GLU A 270 -12.64 27.66 32.92
C GLU A 270 -14.12 27.99 32.94
N GLN A 271 -14.54 28.99 32.17
CA GLN A 271 -15.94 29.36 32.11
C GLN A 271 -16.78 28.22 31.55
N LEU A 272 -16.33 27.59 30.48
CA LEU A 272 -17.05 26.45 29.95
C LEU A 272 -16.98 25.26 30.89
N LEU A 273 -15.89 25.14 31.65
CA LEU A 273 -15.73 23.98 32.51
C LEU A 273 -16.70 24.02 33.68
N ARG A 274 -16.54 25.04 34.55
CA ARG A 274 -17.40 25.20 35.77
C ARG A 274 -17.54 23.87 36.52
N LEU A 275 -16.46 23.36 37.10
CA LEU A 275 -16.47 22.04 37.79
C LEU A 275 -17.45 22.05 38.98
N VAL A 276 -17.55 23.18 39.68
CA VAL A 276 -18.40 23.29 40.91
C VAL A 276 -19.84 22.80 40.68
N LEU A 277 -20.34 22.76 39.44
CA LEU A 277 -21.76 22.41 39.29
C LEU A 277 -22.03 20.92 39.29
N ASP A 278 -21.04 20.05 39.53
CA ASP A 278 -21.18 18.59 39.67
C ASP A 278 -22.15 17.96 38.69
N GLU A 279 -22.22 18.50 37.47
CA GLU A 279 -22.96 17.89 36.39
C GLU A 279 -22.02 16.99 35.58
N VAL A 280 -22.47 16.56 34.40
CA VAL A 280 -21.66 15.70 33.56
C VAL A 280 -21.38 16.45 32.26
N ARG A 281 -21.21 17.76 32.37
CA ARG A 281 -21.05 18.61 31.19
C ARG A 281 -19.92 18.12 30.30
N MET A 282 -20.23 17.92 29.03
CA MET A 282 -19.23 17.60 28.02
C MET A 282 -18.82 18.88 27.31
N ILE A 283 -17.54 18.95 26.94
CA ILE A 283 -16.97 20.16 26.38
C ILE A 283 -16.16 19.80 25.14
N GLY A 284 -16.37 20.55 24.06
CA GLY A 284 -15.61 20.37 22.85
C GLY A 284 -14.51 21.40 22.71
N ILE A 285 -13.55 21.08 21.85
CA ILE A 285 -12.47 21.99 21.51
C ILE A 285 -12.18 21.79 20.03
N TRP A 286 -12.29 22.84 19.22
CA TRP A 286 -12.09 22.63 17.80
C TRP A 286 -11.41 23.85 17.21
N GLY A 287 -10.73 23.62 16.10
CA GLY A 287 -10.00 24.65 15.39
C GLY A 287 -9.23 24.03 14.25
N PRO A 288 -8.67 24.86 13.39
CA PRO A 288 -7.86 24.35 12.29
C PRO A 288 -6.72 23.50 12.81
N PRO A 289 -6.30 22.50 12.04
CA PRO A 289 -5.21 21.64 12.51
C PRO A 289 -3.94 22.43 12.71
N GLY A 290 -3.35 22.29 13.90
CA GLY A 290 -2.11 22.96 14.20
C GLY A 290 -2.25 24.23 14.99
N ILE A 291 -3.22 24.30 15.91
CA ILE A 291 -3.31 25.42 16.82
C ILE A 291 -2.87 25.05 18.23
N GLY A 292 -3.07 23.81 18.65
CA GLY A 292 -2.69 23.45 20.01
C GLY A 292 -3.79 22.76 20.76
N LYS A 293 -4.77 22.22 20.04
CA LYS A 293 -5.81 21.43 20.67
C LYS A 293 -5.21 20.34 21.55
N THR A 294 -4.25 19.59 21.00
CA THR A 294 -3.58 18.56 21.78
C THR A 294 -2.83 19.16 22.96
N THR A 295 -2.10 20.26 22.73
CA THR A 295 -1.32 20.84 23.80
C THR A 295 -2.21 21.48 24.85
N ILE A 296 -3.30 22.13 24.43
CA ILE A 296 -4.23 22.69 25.41
C ILE A 296 -4.85 21.58 26.25
N ALA A 297 -5.22 20.47 25.61
CA ALA A 297 -5.78 19.35 26.35
C ALA A 297 -4.77 18.80 27.34
N ARG A 298 -3.51 18.65 26.91
CA ARG A 298 -2.48 18.13 27.82
C ARG A 298 -2.27 19.07 29.00
N PHE A 299 -2.21 20.37 28.74
CA PHE A 299 -2.02 21.33 29.82
C PHE A 299 -3.17 21.28 30.81
N LEU A 300 -4.40 21.22 30.30
CA LEU A 300 -5.57 21.19 31.16
C LEU A 300 -5.60 19.92 32.00
N PHE A 301 -5.30 18.78 31.38
CA PHE A 301 -5.26 17.52 32.12
C PHE A 301 -4.17 17.57 33.17
N ASN A 302 -3.05 18.19 32.85
CA ASN A 302 -1.96 18.30 33.82
C ASN A 302 -2.35 19.18 34.99
N GLN A 303 -3.18 20.20 34.74
CA GLN A 303 -3.53 21.14 35.80
C GLN A 303 -4.67 20.64 36.68
N VAL A 304 -5.66 19.95 36.12
CA VAL A 304 -6.92 19.74 36.81
C VAL A 304 -7.14 18.29 37.23
N SER A 305 -6.50 17.32 36.57
CA SER A 305 -6.85 15.92 36.80
C SER A 305 -6.70 15.52 38.27
N ASP A 306 -5.83 16.21 39.02
CA ASP A 306 -5.68 15.90 40.43
C ASP A 306 -6.96 16.15 41.22
N ARG A 307 -7.83 17.03 40.73
CA ARG A 307 -9.09 17.28 41.41
C ARG A 307 -10.13 16.20 41.14
N PHE A 308 -9.85 15.27 40.23
CA PHE A 308 -10.79 14.23 39.87
C PHE A 308 -10.30 12.89 40.37
N GLN A 309 -11.25 12.06 40.79
CA GLN A 309 -10.92 10.80 41.44
C GLN A 309 -10.33 9.78 40.47
N LEU A 310 -10.83 9.73 39.25
CA LEU A 310 -10.30 8.82 38.26
C LEU A 310 -10.26 9.56 36.94
N SER A 311 -9.15 9.46 36.21
CA SER A 311 -8.98 10.27 35.03
C SER A 311 -8.05 9.56 34.05
N ALA A 312 -8.21 9.90 32.78
CA ALA A 312 -7.38 9.33 31.73
C ALA A 312 -7.38 10.27 30.54
N ILE A 313 -6.33 10.14 29.72
CA ILE A 313 -6.20 10.93 28.51
C ILE A 313 -5.93 9.97 27.36
N MET A 314 -6.69 10.13 26.28
CA MET A 314 -6.51 9.33 25.07
C MET A 314 -6.06 10.24 23.95
N VAL A 315 -5.00 9.84 23.25
CA VAL A 315 -4.29 10.69 22.32
C VAL A 315 -4.41 10.11 20.92
N ASN A 316 -4.77 10.97 19.96
CA ASN A 316 -4.81 10.60 18.55
C ASN A 316 -5.72 9.40 18.31
N ILE A 317 -6.97 9.53 18.77
CA ILE A 317 -7.97 8.49 18.53
C ILE A 317 -8.18 8.30 17.04
N LYS A 318 -8.13 9.39 16.28
CA LYS A 318 -8.33 9.30 14.84
C LYS A 318 -7.27 8.42 14.20
N GLY A 319 -6.01 8.58 14.60
CA GLY A 319 -4.94 7.80 13.99
C GLY A 319 -4.94 6.35 14.42
N CYS A 320 -5.42 6.06 15.62
CA CYS A 320 -5.42 4.72 16.18
C CYS A 320 -6.72 3.97 15.91
N TYR A 321 -7.38 4.27 14.81
CA TYR A 321 -8.66 3.67 14.47
C TYR A 321 -8.56 2.98 13.11
N PRO A 322 -9.18 1.81 12.95
CA PRO A 322 -9.13 1.13 11.64
C PRO A 322 -9.81 1.96 10.58
N ARG A 323 -9.05 2.30 9.53
CA ARG A 323 -9.61 3.12 8.46
C ARG A 323 -10.77 2.45 7.74
N PRO A 324 -10.68 1.17 7.34
CA PRO A 324 -11.88 0.54 6.76
C PRO A 324 -12.89 0.13 7.82
N CYS A 325 -12.44 -0.26 9.01
CA CYS A 325 -13.29 -0.64 10.14
C CYS A 325 -14.44 -1.56 9.70
N PHE A 326 -14.06 -2.73 9.20
CA PHE A 326 -15.05 -3.68 8.71
C PHE A 326 -16.03 -4.10 9.79
N ASP A 327 -15.53 -4.35 11.00
CA ASP A 327 -16.39 -4.55 12.17
C ASP A 327 -16.24 -3.33 13.06
N GLU A 328 -17.16 -2.38 12.91
CA GLU A 328 -17.11 -1.20 13.76
C GLU A 328 -17.44 -1.52 15.21
N TYR A 329 -18.06 -2.66 15.48
CA TYR A 329 -18.35 -3.04 16.86
C TYR A 329 -17.12 -3.57 17.58
N SER A 330 -16.32 -4.40 16.90
CA SER A 330 -15.08 -4.88 17.51
C SER A 330 -14.13 -3.72 17.79
N ALA A 331 -13.96 -2.84 16.81
CA ALA A 331 -13.10 -1.67 17.01
C ALA A 331 -13.65 -0.78 18.12
N GLN A 332 -14.96 -0.61 18.15
CA GLN A 332 -15.58 0.18 19.22
C GLN A 332 -15.33 -0.46 20.58
N LEU A 333 -15.46 -1.79 20.65
CA LEU A 333 -15.21 -2.48 21.91
C LEU A 333 -13.76 -2.32 22.34
N GLN A 334 -12.82 -2.45 21.42
CA GLN A 334 -11.42 -2.33 21.80
C GLN A 334 -11.06 -0.89 22.16
N LEU A 335 -11.73 0.09 21.55
CA LEU A 335 -11.51 1.47 21.95
C LEU A 335 -11.97 1.70 23.38
N GLN A 336 -13.16 1.20 23.72
CA GLN A 336 -13.60 1.29 25.10
C GLN A 336 -12.67 0.52 26.04
N ASN A 337 -12.12 -0.61 25.57
CA ASN A 337 -11.18 -1.35 26.38
C ASN A 337 -9.92 -0.55 26.66
N GLN A 338 -9.39 0.12 25.63
CA GLN A 338 -8.23 0.97 25.81
C GLN A 338 -8.54 2.08 26.81
N MET A 339 -9.71 2.70 26.69
CA MET A 339 -10.08 3.75 27.62
C MET A 339 -10.09 3.22 29.06
N LEU A 340 -10.75 2.09 29.28
CA LEU A 340 -10.83 1.54 30.64
C LEU A 340 -9.46 1.15 31.17
N SER A 341 -8.64 0.51 30.34
CA SER A 341 -7.32 0.09 30.80
C SER A 341 -6.46 1.28 31.17
N GLN A 342 -6.48 2.32 30.34
CA GLN A 342 -5.73 3.53 30.65
C GLN A 342 -6.27 4.20 31.91
N MET A 343 -7.59 4.14 32.11
CA MET A 343 -8.21 4.94 33.14
C MET A 343 -8.09 4.30 34.51
N ILE A 344 -8.59 3.08 34.67
CA ILE A 344 -8.49 2.39 35.96
C ILE A 344 -7.07 1.91 36.23
N ASN A 345 -6.19 2.00 35.23
CA ASN A 345 -4.85 1.40 35.31
C ASN A 345 -4.99 -0.09 35.64
N HIS A 346 -5.93 -0.73 34.98
CA HIS A 346 -6.46 -2.02 35.39
C HIS A 346 -5.85 -3.17 34.58
N LYS A 347 -4.56 -3.07 34.26
CA LYS A 347 -3.78 -4.14 33.63
C LYS A 347 -4.49 -4.73 32.40
N ASP A 348 -4.91 -3.81 31.52
CA ASP A 348 -5.41 -4.09 30.17
C ASP A 348 -6.23 -5.38 30.08
N ILE A 349 -7.28 -5.48 30.89
CA ILE A 349 -8.19 -6.61 30.86
C ILE A 349 -8.99 -6.62 29.56
N MET A 350 -9.67 -7.73 29.29
CA MET A 350 -10.54 -7.84 28.13
C MET A 350 -11.97 -7.59 28.61
N ILE A 351 -12.78 -6.98 27.76
CA ILE A 351 -14.10 -6.48 28.13
C ILE A 351 -15.16 -7.29 27.39
N SER A 352 -16.24 -7.62 28.09
CA SER A 352 -17.25 -8.50 27.52
C SER A 352 -18.18 -7.76 26.57
N HIS A 353 -18.89 -6.75 27.05
CA HIS A 353 -19.85 -6.02 26.24
C HIS A 353 -19.60 -4.51 26.36
N LEU A 354 -20.40 -3.74 25.64
CA LEU A 354 -20.13 -2.32 25.45
C LEU A 354 -20.68 -1.45 26.57
N GLY A 355 -21.47 -2.00 27.47
CA GLY A 355 -22.03 -1.23 28.57
C GLY A 355 -21.22 -1.23 29.85
N VAL A 356 -20.02 -1.82 29.83
CA VAL A 356 -19.23 -1.96 31.05
C VAL A 356 -18.82 -0.59 31.59
N ALA A 357 -18.49 0.34 30.69
CA ALA A 357 -18.04 1.65 31.13
C ALA A 357 -19.07 2.31 32.04
N GLN A 358 -20.35 2.21 31.69
CA GLN A 358 -21.39 2.72 32.58
C GLN A 358 -21.35 2.01 33.91
N GLU A 359 -21.29 0.67 33.88
CA GLU A 359 -21.34 -0.11 35.10
C GLU A 359 -20.23 0.29 36.07
N ARG A 360 -19.05 0.56 35.55
CA ARG A 360 -17.93 0.93 36.41
C ARG A 360 -17.99 2.40 36.83
N LEU A 361 -18.11 3.29 35.85
CA LEU A 361 -17.85 4.70 36.07
C LEU A 361 -19.10 5.53 36.38
N ARG A 362 -20.28 4.92 36.47
CA ARG A 362 -21.45 5.74 36.73
C ARG A 362 -21.52 6.25 38.16
N ASP A 363 -20.57 5.87 39.01
CA ASP A 363 -20.58 6.25 40.42
C ASP A 363 -19.21 6.72 40.87
N LYS A 364 -18.57 7.57 40.06
CA LYS A 364 -17.29 8.13 40.47
C LYS A 364 -16.95 9.35 39.64
N LYS A 365 -16.29 10.31 40.28
CA LYS A 365 -15.80 11.51 39.60
C LYS A 365 -14.84 11.10 38.49
N VAL A 366 -15.04 11.66 37.30
CA VAL A 366 -14.30 11.24 36.12
C VAL A 366 -13.82 12.48 35.37
N PHE A 367 -12.55 12.47 34.96
CA PHE A 367 -12.03 13.48 34.05
C PHE A 367 -11.48 12.75 32.83
N LEU A 368 -12.20 12.81 31.72
CA LEU A 368 -11.82 12.10 30.51
C LEU A 368 -11.46 13.10 29.43
N VAL A 369 -10.36 12.84 28.73
CA VAL A 369 -9.91 13.68 27.63
C VAL A 369 -9.77 12.81 26.40
N LEU A 370 -10.55 13.09 25.38
CA LEU A 370 -10.53 12.37 24.12
C LEU A 370 -9.99 13.32 23.06
N ASP A 371 -8.87 12.95 22.44
CA ASP A 371 -8.18 13.84 21.54
C ASP A 371 -8.36 13.39 20.10
N GLU A 372 -8.58 14.37 19.21
CA GLU A 372 -8.69 14.16 17.78
C GLU A 372 -9.75 13.09 17.47
N VAL A 373 -10.98 13.40 17.84
CA VAL A 373 -12.12 12.56 17.51
C VAL A 373 -12.60 12.96 16.13
N ASP A 374 -12.71 11.97 15.23
CA ASP A 374 -12.99 12.22 13.83
C ASP A 374 -14.45 12.00 13.46
N GLN A 375 -15.12 11.02 14.06
CA GLN A 375 -16.45 10.65 13.63
C GLN A 375 -17.24 10.12 14.81
N LEU A 376 -18.57 10.10 14.65
CA LEU A 376 -19.46 9.81 15.77
C LEU A 376 -19.25 8.41 16.34
N GLY A 377 -18.65 7.50 15.59
CA GLY A 377 -18.43 6.17 16.11
C GLY A 377 -17.58 6.15 17.36
N GLN A 378 -16.48 6.91 17.36
CA GLN A 378 -15.63 6.95 18.55
C GLN A 378 -16.38 7.52 19.74
N LEU A 379 -17.20 8.55 19.51
CA LEU A 379 -17.97 9.12 20.62
C LEU A 379 -18.95 8.13 21.19
N ASP A 380 -19.64 7.38 20.32
CA ASP A 380 -20.52 6.33 20.80
C ASP A 380 -19.73 5.28 21.57
N ALA A 381 -18.48 5.05 21.16
CA ALA A 381 -17.62 4.10 21.87
C ALA A 381 -17.34 4.58 23.29
N LEU A 382 -16.87 5.82 23.43
CA LEU A 382 -16.25 6.24 24.67
C LEU A 382 -17.19 6.99 25.59
N ALA A 383 -18.02 7.88 25.06
CA ALA A 383 -18.95 8.63 25.91
C ALA A 383 -20.21 8.91 25.08
N LYS A 384 -21.23 8.10 25.29
CA LYS A 384 -22.48 8.21 24.57
C LYS A 384 -23.56 8.96 25.35
N GLU A 385 -23.61 8.79 26.66
CA GLU A 385 -24.59 9.47 27.49
C GLU A 385 -23.91 10.04 28.72
N THR A 386 -24.41 11.17 29.20
CA THR A 386 -23.89 11.75 30.42
C THR A 386 -24.17 10.88 31.64
N ARG A 387 -25.10 9.93 31.54
CA ARG A 387 -25.40 9.04 32.66
C ARG A 387 -24.34 7.97 32.86
N TRP A 388 -23.27 7.98 32.06
CA TRP A 388 -22.20 7.01 32.21
C TRP A 388 -21.21 7.36 33.31
N PHE A 389 -21.24 8.60 33.80
CA PHE A 389 -20.16 9.08 34.65
C PHE A 389 -20.62 9.51 36.04
N GLY A 390 -21.77 10.18 36.15
CA GLY A 390 -22.37 10.36 37.44
C GLY A 390 -22.12 11.70 38.10
N PRO A 391 -22.00 11.69 39.43
CA PRO A 391 -22.10 12.94 40.20
C PRO A 391 -20.88 13.83 40.04
N GLY A 392 -20.85 14.58 38.96
CA GLY A 392 -19.73 15.45 38.68
C GLY A 392 -18.68 14.70 37.90
N SER A 393 -18.37 15.21 36.71
CA SER A 393 -17.38 14.64 35.82
C SER A 393 -17.31 15.53 34.60
N ARG A 394 -16.15 15.52 33.93
CA ARG A 394 -15.96 16.34 32.75
C ARG A 394 -15.32 15.49 31.65
N ILE A 395 -15.91 15.53 30.47
CA ILE A 395 -15.38 14.86 29.30
C ILE A 395 -15.09 15.93 28.26
N ILE A 396 -13.86 15.96 27.77
CA ILE A 396 -13.37 17.02 26.92
C ILE A 396 -12.84 16.37 25.65
N ILE A 397 -13.48 16.64 24.53
CA ILE A 397 -13.13 16.02 23.26
C ILE A 397 -12.69 17.10 22.31
N THR A 398 -11.53 16.90 21.69
CA THR A 398 -10.96 17.84 20.74
C THR A 398 -11.19 17.31 19.35
N THR A 399 -11.77 18.12 18.48
CA THR A 399 -12.02 17.71 17.10
C THR A 399 -11.58 18.79 16.13
N GLU A 400 -11.91 18.62 14.85
CA GLU A 400 -11.68 19.64 13.84
C GLU A 400 -12.92 20.03 13.07
N ASP A 401 -13.94 19.20 13.02
CA ASP A 401 -15.20 19.55 12.38
C ASP A 401 -16.28 19.72 13.43
N LEU A 402 -16.99 20.84 13.35
CA LEU A 402 -18.03 21.11 14.33
C LEU A 402 -19.19 20.11 14.21
N GLY A 403 -19.35 19.49 13.04
CA GLY A 403 -20.48 18.62 12.83
C GLY A 403 -20.51 17.45 13.79
N VAL A 404 -19.34 16.88 14.09
CA VAL A 404 -19.29 15.78 15.03
C VAL A 404 -19.74 16.21 16.41
N LEU A 405 -19.27 17.38 16.87
CA LEU A 405 -19.71 17.89 18.16
C LEU A 405 -21.21 18.14 18.16
N LYS A 406 -21.73 18.71 17.08
CA LYS A 406 -23.14 19.07 17.01
C LYS A 406 -24.03 17.85 17.00
N ALA A 407 -23.63 16.80 16.28
CA ALA A 407 -24.44 15.59 16.23
C ALA A 407 -24.59 14.98 17.62
N HIS A 408 -23.49 14.94 18.39
CA HIS A 408 -23.56 14.42 19.73
C HIS A 408 -24.27 15.36 20.69
N GLY A 409 -24.57 16.58 20.26
CA GLY A 409 -25.32 17.49 21.10
C GLY A 409 -24.55 17.96 22.32
N ILE A 410 -23.52 18.76 22.11
CA ILE A 410 -22.65 19.17 23.20
C ILE A 410 -22.94 20.61 23.61
N ASN A 411 -22.81 21.54 22.66
CA ASN A 411 -23.19 22.95 22.85
C ASN A 411 -22.33 23.68 23.87
N HIS A 412 -21.22 23.08 24.31
CA HIS A 412 -20.27 23.74 25.20
C HIS A 412 -18.94 23.67 24.46
N VAL A 413 -18.70 24.65 23.59
CA VAL A 413 -17.63 24.56 22.60
C VAL A 413 -16.73 25.77 22.73
N TYR A 414 -15.43 25.52 22.76
CA TYR A 414 -14.43 26.59 22.76
C TYR A 414 -13.73 26.57 21.40
N LYS A 415 -13.98 27.59 20.59
CA LYS A 415 -13.29 27.74 19.32
C LYS A 415 -11.93 28.36 19.58
N VAL A 416 -10.88 27.55 19.53
CA VAL A 416 -9.55 28.03 19.91
C VAL A 416 -9.11 29.12 18.94
N GLY A 417 -8.59 30.21 19.49
CA GLY A 417 -8.20 31.34 18.67
C GLY A 417 -6.70 31.44 18.50
N TYR A 418 -6.27 32.18 17.48
CA TYR A 418 -4.85 32.35 17.22
C TYR A 418 -4.22 33.20 18.32
N PRO A 419 -2.96 32.96 18.64
CA PRO A 419 -2.27 33.77 19.64
C PRO A 419 -1.98 35.16 19.13
N SER A 420 -1.71 36.06 20.07
CA SER A 420 -1.39 37.43 19.71
C SER A 420 -0.04 37.49 18.99
N ASN A 421 0.17 38.57 18.25
CA ASN A 421 1.37 38.69 17.44
C ASN A 421 2.63 38.64 18.30
N ASP A 422 2.60 39.28 19.47
CA ASP A 422 3.73 39.21 20.37
C ASP A 422 3.96 37.78 20.87
N GLU A 423 2.88 37.07 21.19
CA GLU A 423 3.01 35.68 21.58
C GLU A 423 3.51 34.83 20.41
N ALA A 424 3.08 35.17 19.20
CA ALA A 424 3.60 34.48 18.02
C ALA A 424 5.10 34.66 17.91
N PHE A 425 5.58 35.88 18.13
CA PHE A 425 7.02 36.13 18.06
C PHE A 425 7.74 35.37 19.16
N GLN A 426 7.15 35.32 20.35
CA GLN A 426 7.78 34.57 21.44
C GLN A 426 7.89 33.10 21.09
N ILE A 427 6.85 32.52 20.50
CA ILE A 427 6.90 31.11 20.11
C ILE A 427 7.97 30.90 19.04
N PHE A 428 7.99 31.77 18.03
CA PHE A 428 8.94 31.61 16.94
C PHE A 428 10.38 31.72 17.45
N CYS A 429 10.65 32.68 18.33
CA CYS A 429 12.00 32.83 18.85
C CYS A 429 12.36 31.73 19.83
N MET A 430 11.36 31.17 20.51
CA MET A 430 11.60 29.98 21.33
C MET A 430 12.06 28.83 20.46
N ASN A 431 11.44 28.66 19.31
CA ASN A 431 11.77 27.52 18.45
C ASN A 431 12.89 27.79 17.47
N ALA A 432 13.37 29.02 17.37
CA ALA A 432 14.38 29.37 16.39
C ALA A 432 15.71 29.78 17.01
N PHE A 433 15.69 30.69 17.99
CA PHE A 433 16.91 31.19 18.59
C PHE A 433 17.27 30.49 19.88
N GLY A 434 16.73 29.30 20.11
CA GLY A 434 17.19 28.51 21.23
C GLY A 434 16.81 29.07 22.59
N GLN A 435 15.52 29.01 22.91
CA GLN A 435 14.97 29.33 24.23
C GLN A 435 14.90 30.82 24.47
N LYS A 436 15.49 31.65 23.61
CA LYS A 436 15.39 33.09 23.76
C LYS A 436 13.99 33.51 23.30
N GLN A 437 13.16 33.92 24.26
CA GLN A 437 11.88 34.49 23.90
C GLN A 437 12.01 35.71 23.01
N PRO A 438 12.93 36.64 23.24
CA PRO A 438 13.25 37.65 22.23
C PRO A 438 14.22 37.07 21.21
N HIS A 439 14.66 37.92 20.29
CA HIS A 439 15.56 37.50 19.23
C HIS A 439 16.98 37.37 19.79
N GLU A 440 17.94 37.22 18.89
CA GLU A 440 19.33 37.47 19.23
C GLU A 440 20.00 38.14 18.04
N GLY A 441 20.68 39.25 18.29
CA GLY A 441 21.45 39.87 17.23
C GLY A 441 20.67 40.83 16.35
N PHE A 442 20.22 40.31 15.21
CA PHE A 442 19.70 41.12 14.11
C PHE A 442 18.25 41.56 14.32
N ASP A 443 17.34 40.61 14.53
CA ASP A 443 15.91 40.89 14.74
C ASP A 443 15.24 41.55 13.54
N GLU A 444 15.64 41.19 12.32
CA GLU A 444 14.99 41.74 11.15
C GLU A 444 14.29 40.66 10.32
N ILE A 445 15.02 39.65 9.87
CA ILE A 445 14.42 38.60 9.05
C ILE A 445 13.45 37.75 9.85
N ALA A 446 13.58 37.73 11.18
CA ALA A 446 12.70 36.93 12.01
C ALA A 446 11.24 37.30 11.78
N ARG A 447 10.95 38.58 11.70
CA ARG A 447 9.57 39.00 11.53
C ARG A 447 9.05 38.72 10.12
N GLU A 448 9.93 38.78 9.11
CA GLU A 448 9.53 38.36 7.78
C GLU A 448 9.12 36.88 7.78
N VAL A 449 9.94 36.03 8.40
CA VAL A 449 9.62 34.62 8.46
C VAL A 449 8.32 34.39 9.23
N MET A 450 8.15 35.09 10.35
CA MET A 450 6.90 34.98 11.09
C MET A 450 5.70 35.33 10.23
N ALA A 451 5.72 36.52 9.60
CA ALA A 451 4.60 36.91 8.76
C ALA A 451 4.35 35.88 7.68
N LEU A 452 5.41 35.21 7.21
CA LEU A 452 5.22 34.10 6.30
C LEU A 452 4.48 32.95 6.97
N ALA A 453 4.73 32.72 8.25
CA ALA A 453 4.14 31.58 8.95
C ALA A 453 2.69 31.81 9.34
N GLY A 454 2.09 32.93 8.97
CA GLY A 454 0.75 33.22 9.42
C GLY A 454 0.72 33.32 10.93
N GLU A 455 -0.13 32.53 11.56
CA GLU A 455 -0.21 32.53 13.01
C GLU A 455 -0.30 31.16 13.64
N LEU A 456 -0.33 30.10 12.85
CA LEU A 456 -0.44 28.76 13.40
C LEU A 456 0.77 28.45 14.28
N PRO A 457 0.57 28.02 15.52
CA PRO A 457 1.71 27.54 16.32
C PRO A 457 2.45 26.42 15.63
N LEU A 458 1.77 25.58 14.87
CA LEU A 458 2.46 24.56 14.08
C LEU A 458 3.39 25.21 13.07
N GLY A 459 2.89 26.21 12.34
CA GLY A 459 3.72 26.88 11.36
C GLY A 459 4.89 27.60 12.00
N LEU A 460 4.64 28.29 13.11
CA LEU A 460 5.71 28.98 13.81
C LEU A 460 6.78 28.00 14.27
N LYS A 461 6.37 26.88 14.86
CA LYS A 461 7.34 25.91 15.33
C LYS A 461 8.14 25.32 14.19
N VAL A 462 7.48 24.95 13.10
CA VAL A 462 8.19 24.34 11.97
C VAL A 462 9.19 25.32 11.39
N LEU A 463 8.77 26.56 11.16
CA LEU A 463 9.69 27.54 10.58
C LEU A 463 10.83 27.85 11.52
N GLY A 464 10.55 27.96 12.83
CA GLY A 464 11.62 28.23 13.77
C GLY A 464 12.63 27.10 13.83
N SER A 465 12.16 25.87 13.81
CA SER A 465 13.08 24.74 13.83
C SER A 465 13.86 24.63 12.53
N ALA A 466 13.25 25.05 11.42
CA ALA A 466 13.96 24.99 10.14
C ALA A 466 15.19 25.89 10.14
N LEU A 467 15.06 27.08 10.73
CA LEU A 467 16.15 28.05 10.75
C LEU A 467 16.98 27.97 12.02
N ARG A 468 16.74 26.98 12.86
CA ARG A 468 17.48 26.86 14.10
C ARG A 468 18.95 26.60 13.83
N GLY A 469 19.81 27.31 14.55
CA GLY A 469 21.23 27.11 14.45
C GLY A 469 21.90 27.75 13.25
N LYS A 470 21.13 28.32 12.33
CA LYS A 470 21.70 28.97 11.18
C LYS A 470 22.33 30.30 11.57
N SER A 471 23.11 30.85 10.66
CA SER A 471 23.61 32.21 10.75
C SER A 471 22.78 33.12 9.86
N LYS A 472 22.92 34.42 10.08
CA LYS A 472 22.12 35.38 9.31
C LYS A 472 22.23 35.21 7.81
N PRO A 473 23.41 35.01 7.21
CA PRO A 473 23.43 34.80 5.75
C PRO A 473 22.82 33.48 5.32
N GLU A 474 23.07 32.39 6.06
CA GLU A 474 22.37 31.14 5.78
C GLU A 474 20.87 31.34 5.87
N TRP A 475 20.44 32.09 6.89
CA TRP A 475 19.05 32.49 7.01
C TRP A 475 18.56 33.12 5.72
N GLU A 476 19.40 33.94 5.09
CA GLU A 476 18.98 34.68 3.91
C GLU A 476 18.88 33.78 2.68
N ARG A 477 19.79 32.82 2.52
CA ARG A 477 19.57 31.85 1.44
C ARG A 477 18.34 30.97 1.71
N THR A 478 18.09 30.62 2.97
CA THR A 478 16.94 29.77 3.24
C THR A 478 15.62 30.49 3.04
N LEU A 479 15.57 31.80 3.23
CA LEU A 479 14.30 32.52 3.16
C LEU A 479 13.54 32.33 1.86
N PRO A 480 14.15 32.48 0.67
CA PRO A 480 13.34 32.43 -0.56
C PRO A 480 12.66 31.09 -0.81
N ARG A 481 13.41 30.00 -0.73
CA ARG A 481 12.81 28.68 -0.96
C ARG A 481 11.79 28.35 0.12
N LEU A 482 12.00 28.83 1.33
CA LEU A 482 10.99 28.72 2.37
C LEU A 482 9.73 29.47 1.99
N LYS A 483 9.89 30.61 1.33
CA LYS A 483 8.75 31.45 0.96
C LYS A 483 7.97 30.84 -0.20
N THR A 484 8.66 30.22 -1.15
CA THR A 484 7.98 29.75 -2.36
C THR A 484 7.39 28.36 -2.21
N SER A 485 7.61 27.68 -1.09
CA SER A 485 7.06 26.34 -0.89
C SER A 485 7.05 26.04 0.59
N LEU A 486 5.96 25.49 1.08
CA LEU A 486 5.82 25.21 2.51
C LEU A 486 6.47 23.87 2.85
N ASP A 487 6.93 23.77 4.09
CA ASP A 487 7.62 22.57 4.55
C ASP A 487 6.69 21.37 4.50
N GLY A 488 7.27 20.20 4.32
CA GLY A 488 6.49 18.98 4.31
C GLY A 488 5.88 18.66 5.66
N LYS A 489 6.46 19.20 6.74
CA LYS A 489 5.90 18.97 8.06
C LYS A 489 4.49 19.53 8.17
N ILE A 490 4.30 20.77 7.76
CA ILE A 490 2.96 21.37 7.73
C ILE A 490 2.13 20.73 6.62
N GLY A 491 2.76 20.46 5.48
CA GLY A 491 2.03 19.95 4.34
C GLY A 491 1.39 18.60 4.61
N SER A 492 2.07 17.73 5.35
CA SER A 492 1.50 16.41 5.62
C SER A 492 0.22 16.51 6.43
N ILE A 493 0.24 17.29 7.51
CA ILE A 493 -0.95 17.44 8.35
C ILE A 493 -2.08 18.10 7.57
N ILE A 494 -1.77 19.15 6.84
CA ILE A 494 -2.80 19.83 6.07
C ILE A 494 -3.37 18.90 5.00
N GLN A 495 -2.51 18.09 4.37
CA GLN A 495 -2.97 17.15 3.36
C GLN A 495 -3.89 16.11 3.98
N PHE A 496 -3.55 15.63 5.17
CA PHE A 496 -4.42 14.64 5.81
C PHE A 496 -5.79 15.24 6.10
N SER A 497 -5.81 16.47 6.61
CA SER A 497 -7.11 17.11 6.85
C SER A 497 -7.85 17.39 5.56
N TYR A 498 -7.11 17.60 4.47
CA TYR A 498 -7.72 17.91 3.19
C TYR A 498 -8.32 16.68 2.53
N ASP A 499 -7.72 15.51 2.76
CA ASP A 499 -8.17 14.30 2.11
C ASP A 499 -9.48 13.75 2.67
N ALA A 500 -9.94 14.26 3.81
CA ALA A 500 -11.18 13.80 4.42
C ALA A 500 -12.39 14.53 3.88
N LEU A 501 -12.29 15.15 2.71
CA LEU A 501 -13.36 15.97 2.16
C LEU A 501 -14.02 15.29 0.97
N CYS A 502 -15.22 15.74 0.66
CA CYS A 502 -15.86 15.39 -0.60
C CYS A 502 -15.13 16.08 -1.75
N ASP A 503 -15.31 15.53 -2.95
CA ASP A 503 -14.64 16.09 -4.12
C ASP A 503 -15.12 17.50 -4.40
N GLU A 504 -16.42 17.75 -4.23
CA GLU A 504 -16.95 19.10 -4.38
C GLU A 504 -16.31 20.04 -3.36
N ASP A 505 -16.15 19.56 -2.12
CA ASP A 505 -15.51 20.39 -1.10
C ASP A 505 -14.07 20.67 -1.45
N LYS A 506 -13.35 19.69 -1.99
CA LYS A 506 -11.99 19.93 -2.42
C LYS A 506 -11.93 20.97 -3.53
N TYR A 507 -12.86 20.89 -4.49
CA TYR A 507 -12.89 21.86 -5.57
C TYR A 507 -13.18 23.26 -5.06
N LEU A 508 -14.13 23.38 -4.12
CA LEU A 508 -14.42 24.68 -3.55
C LEU A 508 -13.23 25.22 -2.75
N PHE A 509 -12.54 24.33 -2.04
CA PHE A 509 -11.33 24.72 -1.32
C PHE A 509 -10.30 25.29 -2.28
N LEU A 510 -10.07 24.61 -3.40
CA LEU A 510 -9.11 25.10 -4.37
C LEU A 510 -9.56 26.43 -4.97
N TYR A 511 -10.85 26.57 -5.26
CA TYR A 511 -11.36 27.82 -5.79
C TYR A 511 -11.10 28.97 -4.83
N ILE A 512 -11.38 28.76 -3.54
CA ILE A 512 -11.18 29.82 -2.56
C ILE A 512 -9.71 30.16 -2.42
N ALA A 513 -8.86 29.12 -2.32
CA ALA A 513 -7.43 29.37 -2.14
C ALA A 513 -6.81 30.02 -3.37
N CYS A 514 -7.42 29.85 -4.53
CA CYS A 514 -6.84 30.36 -5.76
C CYS A 514 -7.34 31.75 -6.14
N LEU A 515 -8.66 31.95 -6.14
CA LEU A 515 -9.24 33.19 -6.62
C LEU A 515 -9.97 33.98 -5.54
N PHE A 516 -10.96 33.39 -4.89
CA PHE A 516 -11.83 34.13 -3.98
C PHE A 516 -11.42 33.90 -2.53
N ASN A 517 -10.23 34.41 -2.19
CA ASN A 517 -9.78 34.26 -0.81
C ASN A 517 -10.55 35.18 0.13
N LYS A 518 -10.71 36.44 -0.24
CA LYS A 518 -11.42 37.42 0.57
C LYS A 518 -12.50 38.06 -0.31
N GLU A 519 -13.65 37.40 -0.39
CA GLU A 519 -14.77 37.90 -1.16
C GLU A 519 -16.05 37.61 -0.39
N SER A 520 -17.08 38.39 -0.68
CA SER A 520 -18.38 38.16 -0.06
C SER A 520 -18.92 36.79 -0.45
N THR A 521 -19.59 36.14 0.50
CA THR A 521 -20.15 34.82 0.22
C THR A 521 -21.20 34.88 -0.89
N THR A 522 -21.95 35.97 -0.95
CA THR A 522 -23.00 36.10 -1.96
C THR A 522 -22.42 36.10 -3.36
N LYS A 523 -21.34 36.84 -3.57
CA LYS A 523 -20.71 36.86 -4.90
C LYS A 523 -20.13 35.50 -5.25
N VAL A 524 -19.55 34.80 -4.26
CA VAL A 524 -19.03 33.47 -4.51
C VAL A 524 -20.15 32.54 -4.95
N GLU A 525 -21.30 32.62 -4.27
CA GLU A 525 -22.44 31.80 -4.65
C GLU A 525 -22.93 32.17 -6.05
N GLY A 526 -22.96 33.46 -6.37
CA GLY A 526 -23.44 33.88 -7.67
C GLY A 526 -22.52 33.44 -8.80
N LEU A 527 -21.22 33.43 -8.56
CA LEU A 527 -20.28 33.08 -9.62
C LEU A 527 -20.10 31.56 -9.75
N LEU A 528 -20.06 30.84 -8.63
CA LEU A 528 -19.82 29.40 -8.65
C LEU A 528 -21.10 28.58 -8.46
N GLY A 529 -22.26 29.22 -8.48
CA GLY A 529 -23.49 28.51 -8.19
C GLY A 529 -23.85 27.44 -9.19
N LYS A 530 -23.38 27.56 -10.42
CA LYS A 530 -23.72 26.57 -11.44
C LYS A 530 -22.99 25.25 -11.26
N PHE A 531 -21.99 25.19 -10.39
CA PHE A 531 -21.10 24.04 -10.34
C PHE A 531 -21.14 23.28 -9.02
N LEU A 532 -21.01 23.97 -7.89
CA LEU A 532 -20.50 23.33 -6.68
C LEU A 532 -21.48 23.26 -5.52
N ASP A 533 -22.70 23.78 -5.66
CA ASP A 533 -23.61 23.92 -4.53
C ASP A 533 -22.90 24.68 -3.39
N VAL A 534 -22.64 25.95 -3.68
CA VAL A 534 -21.70 26.73 -2.89
C VAL A 534 -22.12 26.80 -1.44
N ARG A 535 -23.43 26.89 -1.16
CA ARG A 535 -23.86 27.08 0.21
C ARG A 535 -23.48 25.88 1.08
N GLN A 536 -23.75 24.67 0.60
CA GLN A 536 -23.40 23.48 1.38
C GLN A 536 -21.89 23.34 1.52
N GLY A 537 -21.15 23.62 0.46
CA GLY A 537 -19.70 23.52 0.54
C GLY A 537 -19.11 24.48 1.55
N LEU A 538 -19.58 25.73 1.54
CA LEU A 538 -19.12 26.69 2.53
C LEU A 538 -19.52 26.27 3.93
N HIS A 539 -20.72 25.72 4.09
CA HIS A 539 -21.13 25.26 5.41
C HIS A 539 -20.21 24.18 5.92
N ILE A 540 -19.88 23.21 5.07
CA ILE A 540 -19.01 22.12 5.51
C ILE A 540 -17.61 22.64 5.81
N LEU A 541 -17.07 23.47 4.92
CA LEU A 541 -15.71 23.98 5.14
C LEU A 541 -15.62 24.80 6.42
N ALA A 542 -16.62 25.64 6.69
CA ALA A 542 -16.65 26.37 7.94
C ALA A 542 -16.73 25.42 9.12
N GLN A 543 -17.55 24.37 9.00
CA GLN A 543 -17.61 23.38 10.06
C GLN A 543 -16.26 22.68 10.24
N LYS A 544 -15.60 22.35 9.13
CA LYS A 544 -14.30 21.69 9.19
C LYS A 544 -13.18 22.60 9.66
N SER A 545 -13.45 23.91 9.82
CA SER A 545 -12.46 24.89 10.21
C SER A 545 -11.35 25.02 9.18
N LEU A 546 -11.68 24.85 7.92
CA LEU A 546 -10.76 25.16 6.83
C LEU A 546 -10.94 26.56 6.29
N ILE A 547 -12.12 27.15 6.47
CA ILE A 547 -12.32 28.58 6.21
C ILE A 547 -13.11 29.14 7.37
N SER A 548 -12.99 30.46 7.56
CA SER A 548 -13.69 31.13 8.68
C SER A 548 -14.43 32.35 8.12
N ILE A 549 -15.72 32.18 7.80
CA ILE A 549 -16.52 33.32 7.27
C ILE A 549 -16.69 34.34 8.40
N GLU A 550 -16.25 35.58 8.17
CA GLU A 550 -16.42 36.67 9.18
C GLU A 550 -17.26 37.75 8.49
N ASP A 551 -18.07 38.51 9.23
CA ASP A 551 -18.81 39.62 8.57
C ASP A 551 -19.61 39.00 7.42
N GLY A 552 -19.41 39.48 6.19
CA GLY A 552 -20.10 38.87 5.03
C GLY A 552 -19.14 38.24 4.02
N ASN A 553 -17.85 38.09 4.37
CA ASN A 553 -16.88 37.57 3.44
C ASN A 553 -16.10 36.42 4.09
N ILE A 554 -15.49 35.60 3.23
CA ILE A 554 -14.79 34.40 3.67
C ILE A 554 -13.31 34.72 3.80
N TYR A 555 -12.63 33.95 4.66
CA TYR A 555 -11.21 34.12 4.89
C TYR A 555 -10.55 32.76 5.06
N MET A 556 -9.50 32.51 4.29
CA MET A 556 -8.69 31.31 4.43
C MET A 556 -7.33 31.69 4.98
N HIS A 557 -6.87 30.92 5.97
CA HIS A 557 -5.58 31.17 6.56
C HIS A 557 -4.47 31.05 5.51
N THR A 558 -3.49 31.95 5.59
CA THR A 558 -2.48 32.03 4.55
C THR A 558 -1.67 30.74 4.44
N LEU A 559 -1.40 30.09 5.57
CA LEU A 559 -0.67 28.82 5.53
C LEU A 559 -1.46 27.78 4.76
N LEU A 560 -2.77 27.73 4.97
CA LEU A 560 -3.64 26.81 4.25
C LEU A 560 -3.81 27.23 2.80
N GLU A 561 -3.84 28.55 2.56
CA GLU A 561 -3.93 29.04 1.19
C GLU A 561 -2.72 28.65 0.37
N GLN A 562 -1.54 28.67 0.96
CA GLN A 562 -0.33 28.26 0.25
C GLN A 562 -0.42 26.79 -0.15
N PHE A 563 -0.93 25.95 0.76
CA PHE A 563 -1.15 24.55 0.42
C PHE A 563 -2.13 24.42 -0.75
N GLY A 564 -3.21 25.19 -0.71
CA GLY A 564 -4.18 25.14 -1.80
C GLY A 564 -3.54 25.53 -3.12
N ARG A 565 -2.75 26.59 -3.12
CA ARG A 565 -2.11 27.04 -4.35
C ARG A 565 -1.13 26.01 -4.88
N GLU A 566 -0.38 25.38 -3.97
CA GLU A 566 0.54 24.32 -4.40
C GLU A 566 -0.22 23.16 -5.03
N THR A 567 -1.25 22.67 -4.33
CA THR A 567 -2.01 21.54 -4.86
C THR A 567 -2.73 21.89 -6.14
N SER A 568 -2.97 23.17 -6.40
CA SER A 568 -3.63 23.56 -7.65
C SER A 568 -2.79 23.17 -8.86
N ARG A 569 -1.49 22.96 -8.68
CA ARG A 569 -0.62 22.61 -9.80
C ARG A 569 -0.62 21.13 -10.11
N LYS A 570 -0.83 20.28 -9.11
CA LYS A 570 -0.81 18.83 -9.32
C LYS A 570 -2.21 18.21 -9.31
N GLN A 571 -3.26 19.03 -9.24
CA GLN A 571 -4.61 18.51 -9.16
C GLN A 571 -5.49 19.24 -10.15
N PHE A 572 -6.59 18.59 -10.52
CA PHE A 572 -7.56 19.14 -11.46
C PHE A 572 -8.88 19.37 -10.76
N ILE A 573 -9.73 20.15 -11.41
CA ILE A 573 -11.08 20.44 -10.94
C ILE A 573 -12.06 19.91 -11.97
N HIS A 574 -13.01 19.12 -11.52
CA HIS A 574 -14.06 18.58 -12.37
C HIS A 574 -15.40 19.14 -11.92
N HIS A 575 -16.18 19.65 -12.89
CA HIS A 575 -17.50 20.17 -12.58
C HIS A 575 -18.59 19.13 -12.85
N GLY A 576 -18.75 18.67 -14.08
CA GLY A 576 -19.41 17.40 -14.24
C GLY A 576 -18.39 16.28 -14.36
N TYR A 577 -17.60 16.32 -15.43
CA TYR A 577 -16.41 15.49 -15.55
C TYR A 577 -15.23 16.17 -16.24
N THR A 578 -15.42 17.36 -16.84
CA THR A 578 -14.34 18.02 -17.54
C THR A 578 -13.25 18.45 -16.57
N LYS A 579 -12.02 18.49 -17.07
CA LYS A 579 -10.85 18.79 -16.25
C LYS A 579 -10.51 20.27 -16.38
N HIS A 580 -10.25 20.91 -15.24
CA HIS A 580 -9.91 22.33 -15.22
C HIS A 580 -8.65 22.54 -14.38
N GLN A 581 -7.94 23.60 -14.72
CA GLN A 581 -6.76 24.01 -13.99
C GLN A 581 -6.85 25.51 -13.72
N LEU A 582 -6.38 25.93 -12.56
CA LEU A 582 -6.41 27.32 -12.16
C LEU A 582 -5.01 27.90 -12.26
N LEU A 583 -4.83 28.90 -13.12
CA LEU A 583 -3.53 29.54 -13.29
C LEU A 583 -3.35 30.56 -12.18
N VAL A 584 -2.91 30.09 -11.03
CA VAL A 584 -2.53 30.96 -9.92
C VAL A 584 -1.04 30.78 -9.74
N GLY A 585 -0.29 31.81 -10.07
CA GLY A 585 1.15 31.74 -9.95
C GLY A 585 1.80 33.09 -10.07
N GLU A 586 2.97 33.24 -9.47
CA GLU A 586 3.72 34.48 -9.52
C GLU A 586 4.72 34.36 -10.66
N ARG A 587 4.30 34.81 -11.84
CA ARG A 587 5.17 34.99 -12.99
C ARG A 587 5.68 33.67 -13.57
N ASP A 588 5.25 32.54 -13.03
CA ASP A 588 5.45 31.25 -13.66
C ASP A 588 4.30 30.91 -14.59
N ILE A 589 3.34 31.83 -14.75
CA ILE A 589 2.26 31.63 -15.71
C ILE A 589 2.77 31.80 -17.13
N CYS A 590 3.73 32.70 -17.33
CA CYS A 590 4.10 33.12 -18.68
C CYS A 590 4.60 31.94 -19.51
N GLU A 591 5.45 31.10 -18.93
CA GLU A 591 5.94 29.95 -19.68
C GLU A 591 4.84 28.91 -19.89
N VAL A 592 3.90 28.81 -18.96
CA VAL A 592 2.80 27.87 -19.13
C VAL A 592 1.94 28.28 -20.32
N LEU A 593 1.76 29.59 -20.51
CA LEU A 593 1.05 30.06 -21.69
C LEU A 593 1.88 29.92 -22.96
N ASN A 594 3.20 29.86 -22.86
CA ASN A 594 4.09 29.65 -24.00
C ASN A 594 4.40 28.16 -24.07
N ASP A 595 3.39 27.37 -24.43
CA ASP A 595 3.58 25.90 -24.50
C ASP A 595 2.89 25.35 -25.74
N ASP A 596 3.24 24.16 -26.18
CA ASP A 596 2.62 23.47 -27.29
C ASP A 596 1.69 22.35 -26.86
N THR A 597 1.89 21.80 -25.66
CA THR A 597 0.91 20.90 -25.04
C THR A 597 -0.19 21.80 -24.47
N ILE A 598 -1.00 22.32 -25.38
CA ILE A 598 -1.96 23.37 -25.07
C ILE A 598 -3.34 22.95 -25.56
N ASP A 599 -4.35 23.29 -24.77
CA ASP A 599 -5.72 22.88 -25.05
C ASP A 599 -6.68 24.03 -25.25
N SER A 600 -6.30 25.27 -24.91
CA SER A 600 -7.17 26.43 -24.90
C SER A 600 -8.35 26.27 -23.97
N ARG A 601 -8.39 25.21 -23.18
CA ARG A 601 -9.59 24.89 -22.41
C ARG A 601 -9.26 24.51 -20.96
N ARG A 602 -8.05 24.05 -20.66
CA ARG A 602 -7.70 23.62 -19.32
C ARG A 602 -7.89 24.70 -18.27
N PHE A 603 -7.72 25.96 -18.64
CA PHE A 603 -7.66 27.06 -17.69
C PHE A 603 -8.93 27.88 -17.73
N ILE A 604 -9.53 28.10 -16.56
CA ILE A 604 -10.67 28.98 -16.44
C ILE A 604 -10.43 30.13 -15.48
N GLY A 605 -9.49 30.01 -14.54
CA GLY A 605 -9.21 31.08 -13.61
C GLY A 605 -7.77 31.55 -13.72
N ILE A 606 -7.59 32.86 -13.67
CA ILE A 606 -6.27 33.46 -13.64
C ILE A 606 -6.21 34.43 -12.46
N ASN A 607 -5.19 34.27 -11.63
CA ASN A 607 -4.91 35.20 -10.55
C ASN A 607 -3.48 35.66 -10.70
N LEU A 608 -3.29 36.86 -11.23
CA LEU A 608 -1.95 37.39 -11.51
C LEU A 608 -1.69 38.57 -10.60
N ASP A 609 -0.50 38.62 -10.03
CA ASP A 609 -0.05 39.78 -9.27
C ASP A 609 1.15 40.39 -9.96
N LEU A 610 0.95 41.57 -10.55
CA LEU A 610 1.97 42.22 -11.37
C LEU A 610 2.42 43.49 -10.65
N TYR A 611 3.38 43.36 -9.75
CA TYR A 611 3.92 44.51 -9.06
C TYR A 611 5.36 44.82 -9.44
N LYS A 612 6.13 43.81 -9.87
CA LYS A 612 7.52 44.05 -10.36
C LYS A 612 7.75 43.19 -11.61
N ASN A 613 6.79 43.20 -12.54
CA ASN A 613 6.96 42.47 -13.82
C ASN A 613 7.63 43.36 -14.87
N VAL A 614 8.06 42.76 -15.99
CA VAL A 614 8.65 43.55 -17.11
C VAL A 614 7.50 44.30 -17.80
N GLU A 615 7.78 45.43 -18.44
CA GLU A 615 6.73 46.25 -19.09
C GLU A 615 6.04 45.43 -20.19
N GLU A 616 6.83 44.67 -20.96
CA GLU A 616 6.24 43.79 -22.00
C GLU A 616 6.10 42.40 -21.40
N LEU A 617 4.99 41.71 -21.69
CA LEU A 617 4.76 40.38 -21.08
C LEU A 617 5.74 39.37 -21.70
N ASN A 618 6.03 38.29 -20.97
CA ASN A 618 7.01 37.27 -21.45
C ASN A 618 6.30 36.35 -22.47
N ILE A 619 5.03 36.61 -22.74
CA ILE A 619 4.25 35.82 -23.73
C ILE A 619 4.93 35.92 -25.11
N SER A 620 4.91 34.84 -25.87
CA SER A 620 5.50 34.84 -27.24
C SER A 620 4.45 35.30 -28.23
N GLU A 621 4.76 35.23 -29.52
CA GLU A 621 3.83 35.71 -30.55
C GLU A 621 2.79 34.66 -30.90
N LYS A 622 3.21 33.39 -30.90
CA LYS A 622 2.29 32.28 -31.31
C LYS A 622 1.13 32.14 -30.31
N ALA A 623 1.38 32.38 -29.02
CA ALA A 623 0.33 32.22 -28.03
C ALA A 623 -0.71 33.33 -28.12
N LEU A 624 -0.34 34.48 -28.69
CA LEU A 624 -1.32 35.53 -28.91
C LEU A 624 -2.38 35.10 -29.92
N GLU A 625 -2.13 34.05 -30.69
CA GLU A 625 -3.08 33.55 -31.66
C GLU A 625 -4.02 32.50 -31.08
N ARG A 626 -3.89 32.16 -29.81
CA ARG A 626 -4.77 31.16 -29.21
C ARG A 626 -6.14 31.78 -28.91
N ILE A 627 -7.13 30.91 -28.74
CA ILE A 627 -8.50 31.37 -28.52
C ILE A 627 -8.93 30.78 -27.18
N HIS A 628 -7.98 30.66 -26.24
CA HIS A 628 -8.31 30.08 -24.96
C HIS A 628 -9.27 30.98 -24.18
N ASP A 629 -10.24 30.34 -23.54
CA ASP A 629 -11.26 31.04 -22.78
C ASP A 629 -10.88 31.09 -21.31
N PHE A 630 -11.51 32.04 -20.61
CA PHE A 630 -11.39 32.12 -19.17
C PHE A 630 -12.74 32.48 -18.60
N GLN A 631 -12.97 32.15 -17.35
CA GLN A 631 -14.21 32.49 -16.70
C GLN A 631 -14.01 33.27 -15.42
N PHE A 632 -12.77 33.47 -15.01
CA PHE A 632 -12.46 34.30 -13.85
C PHE A 632 -11.11 34.93 -14.09
N VAL A 633 -11.08 36.24 -14.22
CA VAL A 633 -9.82 36.96 -14.44
C VAL A 633 -9.63 37.92 -13.27
N ARG A 634 -8.49 37.84 -12.61
CA ARG A 634 -8.20 38.71 -11.48
C ARG A 634 -6.73 39.12 -11.57
N ILE A 635 -6.49 40.35 -11.99
CA ILE A 635 -5.15 40.87 -12.19
C ILE A 635 -4.95 42.04 -11.27
N ASN A 636 -3.95 41.94 -10.40
CA ASN A 636 -3.61 43.05 -9.47
C ASN A 636 -2.42 43.79 -10.06
N GLY A 637 -2.64 45.00 -10.56
CA GLY A 637 -1.54 45.73 -11.24
C GLY A 637 -1.07 46.92 -10.43
N LYS A 638 0.24 47.06 -10.22
CA LYS A 638 0.80 48.25 -9.55
C LYS A 638 1.59 48.99 -10.64
N ASN A 639 1.34 48.64 -11.90
CA ASN A 639 2.13 49.20 -13.03
C ASN A 639 1.57 50.50 -13.58
N HIS A 640 2.40 51.32 -14.25
CA HIS A 640 2.07 52.55 -14.95
C HIS A 640 2.44 52.48 -16.43
N ALA A 641 3.16 51.45 -16.84
CA ALA A 641 3.23 51.04 -18.23
C ALA A 641 1.99 50.19 -18.52
N LEU A 642 1.89 49.63 -19.71
CA LEU A 642 0.73 48.85 -20.10
C LEU A 642 1.18 47.49 -20.63
N HIS A 643 0.42 46.45 -20.27
CA HIS A 643 0.65 45.12 -20.80
C HIS A 643 -0.28 44.89 -21.98
N GLU A 644 0.15 45.32 -23.16
CA GLU A 644 -0.68 45.17 -24.36
C GLU A 644 -0.82 43.72 -24.78
N ARG A 645 0.22 42.91 -24.61
CA ARG A 645 0.12 41.49 -24.94
C ARG A 645 -0.89 40.80 -24.05
N LEU A 646 -0.84 41.08 -22.74
CA LEU A 646 -1.77 40.47 -21.82
C LEU A 646 -3.20 40.88 -22.12
N GLN A 647 -3.40 42.16 -22.43
CA GLN A 647 -4.72 42.64 -22.82
C GLN A 647 -5.27 41.84 -23.99
N GLY A 648 -4.49 41.75 -25.07
CA GLY A 648 -4.94 40.99 -26.21
C GLY A 648 -5.18 39.54 -25.89
N LEU A 649 -4.36 38.97 -25.02
CA LEU A 649 -4.47 37.55 -24.71
C LEU A 649 -5.76 37.24 -23.97
N ILE A 650 -6.10 38.06 -22.97
CA ILE A 650 -7.28 37.75 -22.15
C ILE A 650 -8.57 37.96 -22.95
N TYR A 651 -8.67 39.06 -23.67
CA TYR A 651 -9.93 39.42 -24.30
C TYR A 651 -10.28 38.57 -25.50
N GLN A 652 -9.37 37.71 -25.98
CA GLN A 652 -9.78 36.70 -26.95
C GLN A 652 -10.81 35.76 -26.37
N SER A 653 -10.82 35.58 -25.06
CA SER A 653 -11.77 34.67 -24.44
C SER A 653 -13.19 35.14 -24.71
N PRO A 654 -14.10 34.24 -25.07
CA PRO A 654 -15.43 34.66 -25.50
C PRO A 654 -16.41 34.87 -24.36
N GLN A 655 -16.24 34.16 -23.24
CA GLN A 655 -17.23 34.23 -22.16
C GLN A 655 -16.49 34.28 -20.82
N ILE A 656 -16.19 35.48 -20.34
CA ILE A 656 -15.55 35.65 -19.05
C ILE A 656 -16.58 36.10 -18.04
N ARG A 657 -16.77 35.29 -17.00
CA ARG A 657 -17.78 35.59 -16.00
C ARG A 657 -17.43 36.81 -15.17
N SER A 658 -16.26 36.83 -14.54
CA SER A 658 -15.89 37.92 -13.65
C SER A 658 -14.55 38.50 -14.07
N LEU A 659 -14.47 39.83 -14.05
CA LEU A 659 -13.27 40.55 -14.46
C LEU A 659 -12.84 41.51 -13.38
N HIS A 660 -11.60 41.39 -12.93
CA HIS A 660 -11.03 42.23 -11.88
C HIS A 660 -9.71 42.81 -12.38
N TRP A 661 -9.61 44.13 -12.41
CA TRP A 661 -8.36 44.82 -12.67
C TRP A 661 -8.08 45.84 -11.60
N LYS A 662 -6.81 46.08 -11.35
CA LYS A 662 -6.34 47.22 -10.57
C LYS A 662 -5.31 47.95 -11.41
N CYS A 663 -5.47 49.25 -11.54
CA CYS A 663 -4.58 50.06 -12.37
C CYS A 663 -4.55 49.52 -13.80
N TYR A 664 -5.70 49.60 -14.46
CA TYR A 664 -5.81 49.07 -15.81
C TYR A 664 -4.88 49.76 -16.80
N GLN A 665 -4.51 51.01 -16.56
CA GLN A 665 -3.45 51.69 -17.31
C GLN A 665 -3.74 51.70 -18.81
N ASN A 666 -4.99 51.96 -19.17
CA ASN A 666 -5.34 52.05 -20.59
C ASN A 666 -6.53 52.99 -20.73
N ILE A 667 -6.77 53.43 -21.96
CA ILE A 667 -7.75 54.49 -22.18
C ILE A 667 -9.16 53.92 -22.26
N CYS A 668 -9.35 52.80 -22.96
CA CYS A 668 -10.68 52.22 -23.13
C CYS A 668 -10.58 50.71 -22.96
N LEU A 669 -11.67 50.04 -23.25
CA LEU A 669 -11.63 48.60 -23.42
C LEU A 669 -11.66 48.26 -24.91
N PRO A 670 -10.91 47.26 -25.34
CA PRO A 670 -10.85 46.97 -26.77
C PRO A 670 -12.22 46.57 -27.31
N SER A 671 -12.46 46.94 -28.56
CA SER A 671 -13.75 46.70 -29.18
C SER A 671 -14.02 45.22 -29.44
N THR A 672 -13.00 44.37 -29.40
CA THR A 672 -13.17 42.94 -29.63
C THR A 672 -13.58 42.20 -28.37
N PHE A 673 -14.10 42.92 -27.37
CA PHE A 673 -14.43 42.36 -26.08
C PHE A 673 -15.90 41.96 -26.07
N ASN A 674 -16.17 40.69 -25.79
CA ASN A 674 -17.54 40.22 -25.66
C ASN A 674 -17.95 40.20 -24.20
N SER A 675 -19.15 40.70 -23.92
CA SER A 675 -19.61 40.87 -22.55
C SER A 675 -20.97 40.25 -22.27
N GLU A 676 -21.52 39.48 -23.21
CA GLU A 676 -22.82 38.84 -22.97
C GLU A 676 -22.81 38.05 -21.68
N PHE A 677 -21.75 37.29 -21.46
CA PHE A 677 -21.56 36.56 -20.21
C PHE A 677 -20.62 37.40 -19.36
N LEU A 678 -21.18 38.16 -18.41
CA LEU A 678 -20.34 38.99 -17.54
C LEU A 678 -21.15 39.30 -16.30
N VAL A 679 -20.77 38.73 -15.16
CA VAL A 679 -21.54 38.83 -13.93
C VAL A 679 -20.98 39.92 -13.01
N GLU A 680 -19.67 39.98 -12.86
CA GLU A 680 -19.04 40.98 -12.01
C GLU A 680 -17.93 41.68 -12.76
N LEU A 681 -17.89 43.01 -12.67
CA LEU A 681 -16.85 43.77 -13.33
C LEU A 681 -16.35 44.85 -12.37
N ASP A 682 -15.09 44.77 -11.98
CA ASP A 682 -14.51 45.82 -11.16
C ASP A 682 -13.13 46.19 -11.67
N MET A 683 -12.93 47.48 -11.85
CA MET A 683 -11.64 48.03 -12.27
C MET A 683 -11.33 49.14 -11.28
N SER A 684 -10.78 48.76 -10.13
CA SER A 684 -10.78 49.62 -8.95
C SER A 684 -9.83 50.80 -9.08
N PHE A 685 -8.96 50.82 -10.07
CA PHE A 685 -8.18 52.00 -10.41
C PHE A 685 -7.97 51.94 -11.90
N SER A 686 -8.27 53.02 -12.60
CA SER A 686 -8.25 52.94 -14.05
C SER A 686 -7.98 54.32 -14.64
N LYS A 687 -7.64 54.30 -15.91
CA LYS A 687 -7.54 55.51 -16.73
C LYS A 687 -8.50 55.41 -17.90
N LEU A 688 -9.66 54.82 -17.65
CA LEU A 688 -10.66 54.53 -18.67
C LEU A 688 -11.44 55.79 -18.99
N GLN A 689 -11.43 56.20 -20.25
CA GLN A 689 -12.25 57.30 -20.71
C GLN A 689 -13.22 56.76 -21.75
N LYS A 690 -14.52 56.74 -21.41
CA LYS A 690 -15.57 56.33 -22.34
C LYS A 690 -15.35 54.90 -22.84
N LEU A 691 -15.48 53.97 -21.90
CA LEU A 691 -15.30 52.56 -22.25
C LEU A 691 -16.44 52.07 -23.15
N TRP A 692 -16.10 51.14 -24.03
CA TRP A 692 -16.97 50.45 -25.00
C TRP A 692 -17.34 51.28 -26.23
N GLU A 693 -17.01 52.56 -26.24
CA GLU A 693 -17.24 53.45 -27.39
C GLU A 693 -18.57 53.20 -28.08
N GLY A 694 -19.60 52.87 -27.33
CA GLY A 694 -20.89 52.53 -27.93
C GLY A 694 -21.62 51.50 -27.10
N THR A 695 -22.84 51.21 -27.52
CA THR A 695 -23.76 50.36 -26.79
C THR A 695 -23.37 48.89 -26.94
N LYS A 696 -23.63 48.13 -25.88
CA LYS A 696 -23.52 46.67 -25.91
C LYS A 696 -24.70 46.05 -25.21
N GLN A 697 -24.63 44.76 -24.92
CA GLN A 697 -25.70 44.04 -24.25
C GLN A 697 -25.18 43.39 -22.99
N LEU A 698 -25.87 43.60 -21.88
CA LEU A 698 -25.44 43.12 -20.57
C LEU A 698 -26.63 42.39 -19.95
N ARG A 699 -26.81 41.12 -20.33
CA ARG A 699 -27.99 40.41 -19.89
C ARG A 699 -27.93 40.12 -18.40
N ASN A 700 -26.93 39.36 -17.97
CA ASN A 700 -26.78 39.00 -16.55
C ASN A 700 -25.51 39.65 -16.02
N LEU A 701 -25.61 40.91 -15.65
CA LEU A 701 -24.57 41.62 -14.93
C LEU A 701 -25.13 42.04 -13.59
N LYS A 702 -24.35 41.87 -12.53
CA LYS A 702 -24.88 42.08 -11.20
C LYS A 702 -24.01 42.91 -10.27
N TRP A 703 -22.83 43.34 -10.71
CA TRP A 703 -21.95 44.14 -9.87
C TRP A 703 -21.03 44.97 -10.75
N MET A 704 -21.09 46.29 -10.62
CA MET A 704 -20.17 47.17 -11.33
C MET A 704 -19.43 48.04 -10.33
N ASP A 705 -18.10 48.01 -10.38
CA ASP A 705 -17.26 48.77 -9.47
C ASP A 705 -16.17 49.47 -10.26
N LEU A 706 -16.41 50.73 -10.61
CA LEU A 706 -15.41 51.54 -11.30
C LEU A 706 -14.80 52.58 -10.37
N SER A 707 -14.64 52.19 -9.10
CA SER A 707 -14.16 53.11 -8.08
C SER A 707 -12.80 53.67 -8.44
N TYR A 708 -12.54 54.89 -8.00
CA TYR A 708 -11.24 55.55 -8.09
C TYR A 708 -10.75 55.74 -9.51
N SER A 709 -11.54 55.36 -10.52
CA SER A 709 -11.15 55.56 -11.90
C SER A 709 -11.33 57.03 -12.21
N SER A 710 -10.35 57.83 -11.78
CA SER A 710 -10.50 59.28 -11.80
C SER A 710 -10.65 59.82 -13.22
N TYR A 711 -9.93 59.27 -14.19
CA TYR A 711 -9.97 59.80 -15.55
C TYR A 711 -11.11 59.15 -16.34
N LEU A 712 -12.30 59.19 -15.77
CA LEU A 712 -13.48 58.59 -16.39
C LEU A 712 -14.44 59.72 -16.75
N LYS A 713 -14.56 60.01 -18.04
CA LYS A 713 -15.32 61.18 -18.47
C LYS A 713 -16.82 60.90 -18.50
N GLU A 714 -17.23 59.91 -19.30
CA GLU A 714 -18.63 59.55 -19.33
C GLU A 714 -18.79 58.06 -19.07
N LEU A 715 -20.00 57.54 -19.23
CA LEU A 715 -20.29 56.17 -18.86
C LEU A 715 -21.23 55.58 -19.88
N PRO A 716 -21.14 54.28 -20.16
CA PRO A 716 -21.85 53.72 -21.33
C PRO A 716 -23.36 53.68 -21.21
N ASN A 717 -24.01 53.13 -22.22
CA ASN A 717 -25.45 52.93 -22.21
C ASN A 717 -25.79 51.70 -21.37
N LEU A 718 -26.63 51.88 -20.36
CA LEU A 718 -27.01 50.80 -19.47
C LEU A 718 -28.38 50.23 -19.78
N SER A 719 -28.95 50.55 -20.94
CA SER A 719 -30.13 49.84 -21.38
C SER A 719 -29.82 48.35 -21.49
N THR A 720 -30.81 47.53 -21.16
CA THR A 720 -30.64 46.07 -21.10
C THR A 720 -29.55 45.70 -20.11
N ALA A 721 -29.59 46.31 -18.93
CA ALA A 721 -28.77 45.93 -17.80
C ALA A 721 -29.65 45.67 -16.59
N THR A 722 -30.82 45.09 -16.85
CA THR A 722 -31.89 45.05 -15.86
C THR A 722 -31.49 44.31 -14.59
N ASN A 723 -30.66 43.29 -14.68
CA ASN A 723 -30.33 42.48 -13.52
C ASN A 723 -29.24 43.10 -12.66
N LEU A 724 -28.81 44.32 -12.97
CA LEU A 724 -27.78 44.97 -12.18
C LEU A 724 -28.26 45.18 -10.75
N GLU A 725 -27.37 44.94 -9.79
CA GLU A 725 -27.69 45.09 -8.38
C GLU A 725 -27.01 46.28 -7.73
N GLU A 726 -25.70 46.44 -7.91
CA GLU A 726 -25.00 47.50 -7.22
C GLU A 726 -23.97 48.16 -8.14
N LEU A 727 -23.85 49.47 -7.99
CA LEU A 727 -23.01 50.30 -8.84
C LEU A 727 -22.23 51.26 -7.95
N LYS A 728 -20.90 51.14 -7.98
CA LYS A 728 -20.05 51.89 -7.06
C LYS A 728 -19.05 52.74 -7.84
N LEU A 729 -19.46 53.94 -8.22
CA LEU A 729 -18.55 54.90 -8.84
C LEU A 729 -17.81 55.70 -7.77
N ARG A 730 -17.14 54.97 -6.88
CA ARG A 730 -16.53 55.55 -5.69
C ARG A 730 -15.38 56.48 -6.08
N ASN A 731 -15.59 57.79 -5.94
CA ASN A 731 -14.53 58.78 -6.04
C ASN A 731 -13.95 58.88 -7.46
N CYS A 732 -14.83 58.95 -8.45
CA CYS A 732 -14.42 59.20 -9.83
C CYS A 732 -14.62 60.68 -10.09
N SER A 733 -13.55 61.46 -9.96
CA SER A 733 -13.62 62.90 -9.89
C SER A 733 -13.97 63.58 -11.20
N SER A 734 -13.99 62.83 -12.31
CA SER A 734 -14.17 63.45 -13.62
C SER A 734 -15.46 63.05 -14.31
N LEU A 735 -16.33 62.29 -13.66
CA LEU A 735 -17.63 61.98 -14.26
C LEU A 735 -18.46 63.24 -14.43
N VAL A 736 -18.79 63.59 -15.67
CA VAL A 736 -19.52 64.84 -15.90
C VAL A 736 -21.00 64.65 -15.61
N GLU A 737 -21.62 63.64 -16.23
CA GLU A 737 -23.03 63.38 -15.98
C GLU A 737 -23.29 61.90 -16.20
N LEU A 738 -24.34 61.45 -15.61
CA LEU A 738 -24.72 60.04 -15.65
C LEU A 738 -25.59 59.75 -16.87
N PRO A 739 -25.57 58.52 -17.36
CA PRO A 739 -26.36 58.19 -18.55
C PRO A 739 -27.85 58.32 -18.29
N SER A 740 -28.58 58.66 -19.35
CA SER A 740 -30.03 58.79 -19.24
C SER A 740 -30.72 57.46 -18.98
N SER A 741 -30.08 56.35 -19.31
CA SER A 741 -30.74 55.05 -19.26
C SER A 741 -30.87 54.48 -17.86
N ILE A 742 -30.43 55.20 -16.83
CA ILE A 742 -30.48 54.71 -15.45
C ILE A 742 -31.91 54.32 -15.10
N GLU A 743 -32.88 54.88 -15.81
CA GLU A 743 -34.28 54.56 -15.54
C GLU A 743 -34.54 53.07 -15.62
N LYS A 744 -33.80 52.34 -16.46
CA LYS A 744 -34.13 50.94 -16.71
C LYS A 744 -33.43 49.97 -15.77
N LEU A 745 -32.67 50.48 -14.79
CA LEU A 745 -31.98 49.61 -13.83
C LEU A 745 -32.94 49.26 -12.71
N THR A 746 -33.92 48.41 -13.03
CA THR A 746 -35.00 48.12 -12.08
C THR A 746 -34.49 47.42 -10.84
N SER A 747 -33.48 46.58 -10.97
CA SER A 747 -33.03 45.76 -9.84
C SER A 747 -31.96 46.45 -9.00
N LEU A 748 -31.62 47.70 -9.31
CA LEU A 748 -30.56 48.38 -8.60
C LEU A 748 -30.85 48.45 -7.11
N GLN A 749 -29.81 48.28 -6.29
CA GLN A 749 -29.95 48.35 -4.85
C GLN A 749 -29.02 49.35 -4.20
N ILE A 750 -27.78 49.46 -4.66
CA ILE A 750 -26.76 50.28 -4.02
C ILE A 750 -26.16 51.22 -5.05
N LEU A 751 -26.11 52.51 -4.72
CA LEU A 751 -25.57 53.51 -5.62
C LEU A 751 -24.60 54.38 -4.85
N ASP A 752 -23.31 54.22 -5.15
CA ASP A 752 -22.26 55.03 -4.53
C ASP A 752 -21.74 56.03 -5.55
N LEU A 753 -22.02 57.32 -5.33
CA LEU A 753 -21.34 58.40 -6.04
C LEU A 753 -20.76 59.25 -4.92
N HIS A 754 -19.60 58.84 -4.42
CA HIS A 754 -19.16 59.37 -3.14
C HIS A 754 -18.61 60.78 -3.26
N ARG A 755 -17.53 60.92 -4.03
CA ARG A 755 -17.00 62.28 -4.31
C ARG A 755 -17.69 62.76 -5.58
N CYS A 756 -17.33 62.21 -6.74
CA CYS A 756 -18.01 62.59 -8.00
C CYS A 756 -18.03 64.13 -8.05
N SER A 757 -16.85 64.74 -7.97
CA SER A 757 -16.76 66.22 -7.86
C SER A 757 -17.29 66.94 -9.11
N SER A 758 -17.52 66.23 -10.21
CA SER A 758 -17.95 66.93 -11.46
C SER A 758 -19.39 66.60 -11.89
N LEU A 759 -20.20 65.92 -11.06
CA LEU A 759 -21.58 65.72 -11.47
C LEU A 759 -22.33 67.05 -11.52
N VAL A 760 -23.45 67.04 -12.24
CA VAL A 760 -24.32 68.21 -12.27
C VAL A 760 -25.73 67.78 -11.89
N GLU A 761 -26.25 66.77 -12.58
CA GLU A 761 -27.59 66.28 -12.32
C GLU A 761 -27.57 64.85 -11.80
N LEU A 762 -28.75 64.29 -11.62
CA LEU A 762 -28.92 62.91 -11.23
C LEU A 762 -30.29 62.46 -11.74
N PRO A 763 -30.34 61.76 -12.87
CA PRO A 763 -31.62 61.54 -13.54
C PRO A 763 -32.56 60.66 -12.73
N SER A 764 -33.84 60.73 -13.08
CA SER A 764 -34.86 59.94 -12.40
C SER A 764 -34.59 58.45 -12.57
N PHE A 765 -34.93 57.68 -11.54
CA PHE A 765 -34.55 56.29 -11.48
C PHE A 765 -35.62 55.33 -11.97
N GLY A 766 -36.90 55.63 -11.77
CA GLY A 766 -37.93 54.72 -12.23
C GLY A 766 -39.00 54.48 -11.19
N ASN A 767 -39.59 53.28 -11.20
CA ASN A 767 -40.70 53.00 -10.30
C ASN A 767 -40.44 51.83 -9.37
N ALA A 768 -39.80 50.77 -9.86
CA ALA A 768 -39.53 49.60 -9.04
C ALA A 768 -38.07 49.48 -8.64
N THR A 769 -37.31 50.57 -8.70
CA THR A 769 -35.88 50.51 -8.42
C THR A 769 -35.63 50.07 -6.98
N LYS A 770 -36.25 50.77 -6.02
CA LYS A 770 -36.10 50.48 -4.60
C LYS A 770 -34.63 50.54 -4.17
N LEU A 771 -34.03 51.72 -4.37
CA LEU A 771 -32.66 51.92 -3.95
C LEU A 771 -32.52 51.66 -2.46
N GLU A 772 -31.50 50.89 -2.09
CA GLU A 772 -31.33 50.51 -0.70
C GLU A 772 -30.32 51.39 0.02
N ILE A 773 -29.22 51.75 -0.63
CA ILE A 773 -28.21 52.62 -0.03
C ILE A 773 -27.81 53.65 -1.07
N LEU A 774 -28.10 54.92 -0.79
CA LEU A 774 -27.84 55.99 -1.73
C LEU A 774 -26.83 56.94 -1.09
N ASN A 775 -25.60 56.91 -1.60
CA ASN A 775 -24.51 57.66 -0.98
C ASN A 775 -23.99 58.69 -1.95
N LEU A 776 -24.09 59.98 -1.58
CA LEU A 776 -23.58 61.08 -2.39
C LEU A 776 -22.93 62.05 -1.42
N GLU A 777 -21.66 61.83 -1.08
CA GLU A 777 -21.13 62.61 0.02
C GLU A 777 -20.60 63.97 -0.40
N ASN A 778 -19.49 64.01 -1.12
CA ASN A 778 -18.93 65.29 -1.54
C ASN A 778 -19.21 65.61 -2.99
N CYS A 779 -20.48 65.60 -3.39
CA CYS A 779 -20.84 65.97 -4.76
C CYS A 779 -21.01 67.48 -4.80
N SER A 780 -19.88 68.18 -4.75
CA SER A 780 -19.89 69.62 -4.58
C SER A 780 -20.57 70.33 -5.74
N SER A 781 -20.43 69.78 -6.95
CA SER A 781 -21.01 70.42 -8.13
C SER A 781 -22.40 69.90 -8.45
N LEU A 782 -22.94 68.99 -7.64
CA LEU A 782 -24.25 68.41 -7.90
C LEU A 782 -25.31 69.46 -7.63
N VAL A 783 -26.16 69.73 -8.61
CA VAL A 783 -27.21 70.74 -8.45
C VAL A 783 -28.58 70.09 -8.34
N LYS A 784 -29.00 69.38 -9.39
CA LYS A 784 -30.35 68.86 -9.45
C LYS A 784 -30.43 67.48 -8.80
N LEU A 785 -31.66 67.04 -8.54
CA LEU A 785 -31.92 65.73 -7.96
C LEU A 785 -33.23 65.22 -8.52
N PRO A 786 -33.49 63.91 -8.43
CA PRO A 786 -34.77 63.39 -8.90
C PRO A 786 -35.91 63.92 -8.04
N PRO A 787 -37.12 63.99 -8.59
CA PRO A 787 -38.26 64.45 -7.79
C PRO A 787 -38.81 63.39 -6.85
N SER A 788 -38.53 62.11 -7.08
CA SER A 788 -39.04 61.06 -6.20
C SER A 788 -38.11 59.86 -6.30
N ILE A 789 -38.24 58.97 -5.32
CA ILE A 789 -37.29 57.86 -5.17
C ILE A 789 -38.00 56.52 -5.12
N ASN A 790 -39.26 56.52 -4.69
CA ASN A 790 -39.96 55.28 -4.36
C ASN A 790 -39.19 54.52 -3.29
N ALA A 791 -38.84 55.23 -2.21
CA ALA A 791 -37.90 54.75 -1.20
C ALA A 791 -38.63 53.83 -0.22
N ASN A 792 -39.08 52.69 -0.74
CA ASN A 792 -39.73 51.71 0.13
C ASN A 792 -38.72 51.03 1.05
N ASN A 793 -37.52 50.75 0.56
CA ASN A 793 -36.47 50.10 1.36
C ASN A 793 -35.19 50.89 1.15
N LEU A 794 -34.95 51.88 2.00
CA LEU A 794 -33.78 52.75 1.85
C LEU A 794 -33.21 52.99 3.25
N GLN A 795 -32.28 52.13 3.68
CA GLN A 795 -31.72 52.29 5.02
C GLN A 795 -30.91 53.57 5.14
N GLU A 796 -30.03 53.84 4.17
CA GLU A 796 -29.07 54.92 4.31
C GLU A 796 -29.16 55.84 3.10
N LEU A 797 -29.39 57.12 3.38
CA LEU A 797 -29.36 58.16 2.35
C LEU A 797 -28.47 59.27 2.88
N SER A 798 -27.29 59.43 2.30
CA SER A 798 -26.31 60.37 2.83
C SER A 798 -25.97 61.42 1.80
N LEU A 799 -26.09 62.70 2.18
CA LEU A 799 -25.63 63.81 1.34
C LEU A 799 -24.90 64.76 2.28
N THR A 800 -23.60 64.53 2.50
CA THR A 800 -22.93 65.34 3.51
C THR A 800 -22.71 66.76 3.00
N ASN A 801 -21.83 66.94 2.03
CA ASN A 801 -21.50 68.30 1.67
C ASN A 801 -22.47 68.89 0.66
N CYS A 802 -22.44 68.38 -0.58
CA CYS A 802 -23.48 68.66 -1.58
C CYS A 802 -23.95 70.11 -1.53
N SER A 803 -22.98 71.03 -1.60
CA SER A 803 -23.25 72.42 -1.23
C SER A 803 -24.41 73.02 -2.02
N ARG A 804 -24.42 72.85 -3.34
CA ARG A 804 -25.43 73.51 -4.18
C ARG A 804 -26.54 72.51 -4.50
N VAL A 805 -27.34 72.18 -3.50
CA VAL A 805 -28.50 71.32 -3.69
C VAL A 805 -29.72 72.10 -3.28
N VAL A 806 -30.63 72.35 -4.22
CA VAL A 806 -31.74 73.25 -4.00
C VAL A 806 -32.89 72.51 -3.35
N GLU A 807 -33.46 71.54 -4.05
CA GLU A 807 -34.57 70.76 -3.55
C GLU A 807 -34.08 69.41 -3.07
N LEU A 808 -35.02 68.54 -2.73
CA LEU A 808 -34.68 67.23 -2.26
C LEU A 808 -35.76 66.27 -2.72
N PRO A 809 -35.40 65.09 -3.21
CA PRO A 809 -36.42 64.15 -3.68
C PRO A 809 -37.37 63.74 -2.56
N ALA A 810 -38.63 63.55 -2.93
CA ALA A 810 -39.63 63.11 -1.97
C ALA A 810 -39.38 61.65 -1.59
N ILE A 811 -40.13 61.17 -0.62
CA ILE A 811 -40.01 59.80 -0.13
C ILE A 811 -41.40 59.21 -0.01
N GLU A 812 -41.52 57.90 -0.29
CA GLU A 812 -42.83 57.27 -0.21
C GLU A 812 -43.18 56.86 1.21
N ASN A 813 -42.40 55.97 1.78
CA ASN A 813 -42.77 55.38 3.05
C ASN A 813 -41.64 55.39 4.06
N ALA A 814 -40.39 55.37 3.62
CA ALA A 814 -39.24 55.62 4.49
C ALA A 814 -39.26 54.74 5.73
N THR A 815 -39.89 53.57 5.64
CA THR A 815 -40.13 52.79 6.85
C THR A 815 -38.84 52.36 7.52
N ASN A 816 -37.74 52.27 6.77
CA ASN A 816 -36.43 51.94 7.33
C ASN A 816 -35.42 52.98 6.86
N LEU A 817 -35.33 54.09 7.57
CA LEU A 817 -34.17 54.98 7.48
C LEU A 817 -33.30 54.77 8.69
N TRP A 818 -32.38 53.81 8.58
CA TRP A 818 -31.32 53.70 9.54
C TRP A 818 -30.45 54.95 9.61
N LYS A 819 -30.40 55.74 8.53
CA LYS A 819 -29.43 56.82 8.46
C LYS A 819 -29.76 57.87 7.42
N LEU A 820 -29.79 59.13 7.84
CA LEU A 820 -29.96 60.25 6.93
C LEU A 820 -29.18 61.42 7.51
N ASN A 821 -28.29 62.01 6.70
CA ASN A 821 -27.50 63.14 7.17
C ASN A 821 -27.24 64.09 6.01
N LEU A 822 -27.22 65.38 6.35
CA LEU A 822 -27.05 66.47 5.41
C LEU A 822 -26.04 67.49 5.95
N LEU A 823 -25.04 67.01 6.69
CA LEU A 823 -24.10 67.87 7.38
C LEU A 823 -23.40 68.85 6.45
N ASN A 824 -23.68 70.14 6.60
CA ASN A 824 -23.14 71.24 5.79
C ASN A 824 -23.79 71.35 4.43
N CYS A 825 -24.90 70.65 4.20
CA CYS A 825 -25.60 70.74 2.92
C CYS A 825 -26.33 72.08 2.88
N SER A 826 -25.56 73.13 2.62
CA SER A 826 -26.11 74.48 2.58
C SER A 826 -26.94 74.65 1.32
N SER A 827 -27.41 75.88 1.09
CA SER A 827 -28.18 76.26 -0.08
C SER A 827 -29.46 75.45 -0.23
N LEU A 828 -29.83 74.66 0.77
CA LEU A 828 -31.15 74.05 0.77
C LEU A 828 -32.21 75.12 1.00
N ILE A 829 -33.46 74.76 0.70
CA ILE A 829 -34.57 75.68 0.88
C ILE A 829 -35.60 75.12 1.85
N GLU A 830 -36.03 73.89 1.63
CA GLU A 830 -37.05 73.27 2.48
C GLU A 830 -36.64 71.83 2.74
N LEU A 831 -37.55 71.09 3.35
CA LEU A 831 -37.41 69.65 3.53
C LEU A 831 -38.71 68.98 3.13
N PRO A 832 -38.65 67.91 2.36
CA PRO A 832 -39.88 67.22 1.95
C PRO A 832 -40.68 66.75 3.15
N LEU A 833 -42.00 66.96 3.08
CA LEU A 833 -42.86 66.58 4.19
C LEU A 833 -42.77 65.09 4.48
N SER A 834 -42.50 64.29 3.46
CA SER A 834 -42.53 62.84 3.60
C SER A 834 -41.45 62.33 4.53
N ILE A 835 -40.47 63.15 4.90
CA ILE A 835 -39.47 62.70 5.88
C ILE A 835 -40.15 62.38 7.20
N GLY A 836 -41.30 62.97 7.47
CA GLY A 836 -42.02 62.61 8.67
C GLY A 836 -42.49 61.17 8.70
N THR A 837 -42.44 60.47 7.58
CA THR A 837 -42.92 59.10 7.52
C THR A 837 -41.90 58.13 8.11
N ALA A 838 -40.65 58.55 8.29
CA ALA A 838 -39.60 57.68 8.81
C ALA A 838 -39.87 57.40 10.28
N THR A 839 -40.38 56.22 10.57
CA THR A 839 -40.80 55.86 11.92
C THR A 839 -39.66 55.30 12.77
N ASN A 840 -38.50 55.03 12.20
CA ASN A 840 -37.41 54.42 12.95
C ASN A 840 -36.13 55.22 12.91
N LEU A 841 -36.14 56.42 12.37
CA LEU A 841 -34.94 57.25 12.27
C LEU A 841 -34.61 57.80 13.65
N LYS A 842 -33.70 57.13 14.37
CA LYS A 842 -33.40 57.54 15.74
C LYS A 842 -32.62 58.85 15.78
N HIS A 843 -31.65 59.02 14.89
CA HIS A 843 -30.74 60.14 14.92
C HIS A 843 -30.91 60.96 13.65
N LEU A 844 -30.58 62.25 13.74
CA LEU A 844 -30.83 63.15 12.62
C LEU A 844 -29.95 64.38 12.76
N ASP A 845 -29.32 64.78 11.65
CA ASP A 845 -28.44 65.95 11.65
C ASP A 845 -28.85 66.93 10.57
N PHE A 846 -28.66 68.21 10.86
CA PHE A 846 -28.66 69.24 9.84
C PHE A 846 -27.60 70.28 10.10
N ARG A 847 -26.54 69.94 10.82
CA ARG A 847 -25.53 70.92 11.16
C ARG A 847 -24.97 71.58 9.90
N GLY A 848 -24.86 72.89 9.94
CA GLY A 848 -24.37 73.64 8.81
C GLY A 848 -25.38 73.88 7.72
N CYS A 849 -26.61 73.38 7.86
CA CYS A 849 -27.59 73.53 6.80
C CYS A 849 -28.11 74.96 6.78
N SER A 850 -27.31 75.86 6.24
CA SER A 850 -27.70 77.26 6.18
C SER A 850 -28.81 77.45 5.15
N SER A 851 -29.41 78.63 5.17
CA SER A 851 -30.46 79.04 4.25
C SER A 851 -31.68 78.13 4.29
N LEU A 852 -31.78 77.26 5.27
CA LEU A 852 -32.99 76.46 5.47
C LEU A 852 -34.02 77.30 6.21
N VAL A 853 -35.17 77.51 5.60
CA VAL A 853 -36.11 78.50 6.11
C VAL A 853 -36.87 77.96 7.31
N LYS A 854 -37.51 76.81 7.17
CA LYS A 854 -38.36 76.29 8.23
C LYS A 854 -38.47 74.78 8.10
N LEU A 855 -38.58 74.14 9.20
CA LEU A 855 -38.72 72.68 9.21
C LEU A 855 -40.14 72.30 8.79
N PRO A 856 -40.32 71.11 8.21
CA PRO A 856 -41.67 70.66 7.87
C PRO A 856 -42.48 70.39 9.12
N SER A 857 -43.80 70.50 8.97
CA SER A 857 -44.70 70.26 10.09
C SER A 857 -44.83 68.78 10.42
N SER A 858 -44.40 67.90 9.53
CA SER A 858 -44.54 66.48 9.75
C SER A 858 -43.46 65.90 10.66
N ILE A 859 -42.56 66.74 11.18
CA ILE A 859 -41.47 66.26 12.01
C ILE A 859 -42.01 65.49 13.20
N GLY A 860 -43.09 65.98 13.79
CA GLY A 860 -43.67 65.32 14.96
C GLY A 860 -44.07 63.87 14.71
N ASP A 861 -44.35 63.51 13.46
CA ASP A 861 -44.69 62.13 13.16
C ASP A 861 -43.55 61.18 13.46
N MET A 862 -42.30 61.62 13.35
CA MET A 862 -41.17 60.77 13.65
C MET A 862 -41.25 60.25 15.07
N THR A 863 -40.99 58.96 15.23
CA THR A 863 -40.93 58.34 16.54
C THR A 863 -39.58 57.67 16.69
N ASN A 864 -39.18 57.49 17.94
CA ASN A 864 -37.86 57.00 18.31
C ASN A 864 -36.76 57.98 17.94
N LEU A 865 -37.11 59.15 17.44
CA LEU A 865 -36.12 60.18 17.18
C LEU A 865 -35.49 60.62 18.50
N GLU A 866 -34.20 60.32 18.65
CA GLU A 866 -33.53 60.53 19.93
C GLU A 866 -32.60 61.73 19.94
N VAL A 867 -31.85 61.95 18.86
CA VAL A 867 -30.86 63.02 18.81
C VAL A 867 -31.19 63.91 17.63
N PHE A 868 -31.22 65.22 17.87
CA PHE A 868 -31.60 66.18 16.84
C PHE A 868 -30.59 67.31 16.83
N TYR A 869 -29.55 67.18 16.01
CA TYR A 869 -28.53 68.22 15.90
C TYR A 869 -28.97 69.31 14.93
N LEU A 870 -28.88 70.55 15.38
CA LEU A 870 -28.89 71.70 14.50
C LEU A 870 -27.76 72.61 14.93
N SER A 871 -27.10 73.23 13.96
CA SER A 871 -26.00 74.12 14.31
C SER A 871 -25.86 75.17 13.22
N ASN A 872 -25.70 76.42 13.65
CA ASN A 872 -25.63 77.60 12.79
C ASN A 872 -26.58 77.47 11.62
N CYS A 873 -27.78 76.96 11.88
CA CYS A 873 -28.83 76.84 10.88
C CYS A 873 -29.55 78.19 10.78
N SER A 874 -28.81 79.18 10.31
CA SER A 874 -29.35 80.53 10.20
C SER A 874 -30.56 80.53 9.27
N ASN A 875 -31.38 81.57 9.41
CA ASN A 875 -32.61 81.72 8.63
C ASN A 875 -33.63 80.64 8.96
N LEU A 876 -33.52 80.03 10.13
CA LEU A 876 -34.53 79.11 10.62
C LEU A 876 -35.47 79.81 11.60
N VAL A 877 -36.29 80.73 11.08
CA VAL A 877 -37.13 81.51 11.98
C VAL A 877 -38.47 80.82 12.21
N GLU A 878 -38.43 79.72 12.97
CA GLU A 878 -39.59 78.97 13.45
C GLU A 878 -39.14 77.76 14.23
N LEU A 879 -40.08 77.06 14.83
CA LEU A 879 -39.88 75.67 15.19
C LEU A 879 -41.27 75.05 15.33
N PRO A 880 -41.58 74.02 14.56
CA PRO A 880 -42.97 73.54 14.50
C PRO A 880 -43.48 73.07 15.85
N SER A 881 -44.77 73.31 16.08
CA SER A 881 -45.37 72.98 17.36
C SER A 881 -45.69 71.50 17.51
N SER A 882 -45.47 70.70 16.47
CA SER A 882 -45.71 69.26 16.56
C SER A 882 -44.60 68.54 17.29
N ILE A 883 -43.55 69.25 17.70
CA ILE A 883 -42.41 68.60 18.35
C ILE A 883 -42.84 67.86 19.61
N GLY A 884 -43.89 68.34 20.26
CA GLY A 884 -44.38 67.70 21.46
C GLY A 884 -44.74 66.24 21.23
N ASN A 885 -45.06 65.91 19.99
CA ASN A 885 -45.38 64.53 19.66
C ASN A 885 -44.17 63.62 19.79
N LEU A 886 -42.96 64.16 19.77
CA LEU A 886 -41.76 63.33 19.66
C LEU A 886 -41.56 62.46 20.91
N ARG A 887 -41.60 63.08 22.08
CA ARG A 887 -41.61 62.43 23.40
C ARG A 887 -40.54 61.33 23.53
N LYS A 888 -39.47 61.39 22.75
CA LYS A 888 -38.32 60.52 23.02
C LYS A 888 -36.96 61.19 22.88
N LEU A 889 -36.85 62.35 22.25
CA LEU A 889 -35.53 62.88 21.95
C LEU A 889 -34.84 63.32 23.24
N THR A 890 -33.66 62.79 23.48
CA THR A 890 -32.95 63.12 24.70
C THR A 890 -32.40 64.54 24.66
N LEU A 891 -31.77 64.92 23.56
CA LEU A 891 -31.18 66.25 23.46
C LEU A 891 -31.63 66.93 22.18
N LEU A 892 -31.44 68.25 22.16
CA LEU A 892 -31.79 69.05 21.01
C LEU A 892 -30.76 70.17 20.93
N LEU A 893 -29.72 69.97 20.14
CA LEU A 893 -28.64 70.94 20.01
C LEU A 893 -29.02 71.92 18.92
N MET A 894 -29.06 73.21 19.26
CA MET A 894 -29.38 74.28 18.31
C MET A 894 -28.41 75.41 18.59
N ARG A 895 -27.26 75.38 17.93
CA ARG A 895 -26.18 76.32 18.19
C ARG A 895 -26.06 77.29 17.04
N GLY A 896 -25.91 78.57 17.37
CA GLY A 896 -25.72 79.56 16.34
C GLY A 896 -26.91 79.80 15.45
N CYS A 897 -28.10 79.35 15.85
CA CYS A 897 -29.31 79.55 15.05
C CYS A 897 -29.67 81.03 15.17
N SER A 898 -28.89 81.86 14.50
CA SER A 898 -28.84 83.28 14.79
C SER A 898 -30.18 83.97 14.63
N LYS A 899 -31.04 83.51 13.72
CA LYS A 899 -32.30 84.18 13.47
C LYS A 899 -33.48 83.50 14.14
N LEU A 900 -33.29 82.35 14.78
CA LEU A 900 -34.38 81.70 15.48
C LEU A 900 -34.95 82.65 16.53
N GLU A 901 -36.28 82.76 16.57
CA GLU A 901 -36.92 83.79 17.37
C GLU A 901 -37.94 83.25 18.36
N THR A 902 -38.66 82.19 18.02
CA THR A 902 -39.66 81.63 18.90
C THR A 902 -39.44 80.14 19.08
N LEU A 903 -40.12 79.58 20.09
CA LEU A 903 -40.17 78.16 20.31
C LEU A 903 -41.60 77.75 20.59
N PRO A 904 -42.00 76.54 20.23
CA PRO A 904 -43.32 76.06 20.64
C PRO A 904 -43.43 76.03 22.15
N THR A 905 -44.61 76.40 22.66
CA THR A 905 -44.75 76.73 24.07
C THR A 905 -45.58 75.74 24.87
N ASN A 906 -46.81 75.45 24.45
CA ASN A 906 -47.70 74.60 25.25
C ASN A 906 -47.36 73.12 25.04
N ILE A 907 -46.10 72.79 25.34
CA ILE A 907 -45.53 71.49 25.04
C ILE A 907 -44.73 70.99 26.23
N ASN A 908 -44.83 69.70 26.50
CA ASN A 908 -43.99 69.03 27.47
C ASN A 908 -43.29 67.86 26.81
N LEU A 909 -41.99 67.72 27.08
CA LEU A 909 -41.21 66.59 26.61
C LEU A 909 -40.91 65.72 27.82
N LYS A 910 -41.35 64.47 27.77
CA LYS A 910 -41.20 63.60 28.93
C LYS A 910 -39.73 63.34 29.24
N SER A 911 -38.92 63.10 28.22
CA SER A 911 -37.50 62.77 28.40
C SER A 911 -36.69 63.66 27.48
N LEU A 912 -36.33 64.84 27.96
CA LEU A 912 -35.47 65.77 27.23
C LEU A 912 -34.29 66.08 28.12
N HIS A 913 -33.12 65.54 27.79
CA HIS A 913 -31.97 65.68 28.66
C HIS A 913 -31.42 67.09 28.63
N THR A 914 -30.97 67.56 27.47
CA THR A 914 -30.32 68.85 27.36
C THR A 914 -31.06 69.72 26.36
N LEU A 915 -30.73 71.01 26.36
CA LEU A 915 -31.23 71.94 25.36
C LEU A 915 -30.16 72.98 25.15
N ASN A 916 -29.42 72.87 24.06
CA ASN A 916 -28.21 73.65 23.84
C ASN A 916 -28.53 74.78 22.88
N LEU A 917 -28.96 75.92 23.43
CA LEU A 917 -29.26 77.12 22.65
C LEU A 917 -28.18 78.14 22.96
N ILE A 918 -27.09 78.09 22.23
CA ILE A 918 -25.97 79.02 22.43
C ILE A 918 -25.90 79.96 21.25
N ASP A 919 -25.75 81.25 21.54
CA ASP A 919 -25.61 82.30 20.54
C ASP A 919 -26.84 82.44 19.65
N CYS A 920 -28.01 82.05 20.15
CA CYS A 920 -29.26 82.29 19.44
C CYS A 920 -29.56 83.78 19.61
N SER A 921 -28.99 84.58 18.72
CA SER A 921 -28.88 86.02 18.93
C SER A 921 -30.23 86.72 18.96
N ARG A 922 -31.31 86.08 18.52
CA ARG A 922 -32.60 86.73 18.52
C ARG A 922 -33.67 85.85 19.16
N LEU A 923 -33.30 85.10 20.20
CA LEU A 923 -34.29 84.26 20.86
C LEU A 923 -35.35 85.10 21.56
N LYS A 924 -34.92 86.07 22.36
CA LYS A 924 -35.77 87.16 22.83
C LYS A 924 -36.87 86.70 23.77
N SER A 925 -36.99 85.40 24.01
CA SER A 925 -38.00 84.89 24.91
C SER A 925 -37.51 83.58 25.50
N PHE A 926 -37.84 83.35 26.77
CA PHE A 926 -37.32 82.19 27.47
C PHE A 926 -37.81 80.90 26.81
N PRO A 927 -36.97 79.88 26.76
CA PRO A 927 -37.46 78.58 26.26
C PRO A 927 -38.35 77.93 27.30
N GLU A 928 -39.65 77.94 27.07
CA GLU A 928 -40.62 77.48 28.05
C GLU A 928 -41.26 76.20 27.54
N ILE A 929 -40.61 75.07 27.82
CA ILE A 929 -41.25 73.77 27.74
C ILE A 929 -41.07 73.09 29.09
N SER A 930 -42.17 72.95 29.82
CA SER A 930 -42.14 72.54 31.22
C SER A 930 -41.76 71.07 31.29
N THR A 931 -40.46 70.83 31.34
CA THR A 931 -39.88 69.54 31.07
C THR A 931 -38.99 69.11 32.23
N HIS A 932 -38.25 68.03 32.02
CA HIS A 932 -37.28 67.52 32.98
C HIS A 932 -35.86 67.79 32.50
N ILE A 933 -35.65 68.97 31.91
CA ILE A 933 -34.34 69.34 31.39
C ILE A 933 -33.30 69.30 32.49
N LYS A 934 -32.12 68.77 32.18
CA LYS A 934 -31.02 68.69 33.12
C LYS A 934 -29.83 69.56 32.73
N TYR A 935 -29.64 69.83 31.45
CA TYR A 935 -28.53 70.66 30.97
C TYR A 935 -29.14 71.75 30.08
N LEU A 936 -29.36 72.93 30.65
CA LEU A 936 -29.86 74.06 29.89
C LEU A 936 -28.71 75.02 29.64
N ARG A 937 -28.53 75.42 28.39
CA ARG A 937 -27.43 76.29 27.99
C ARG A 937 -27.99 77.45 27.18
N LEU A 938 -28.03 78.63 27.77
CA LEU A 938 -28.53 79.82 27.10
C LEU A 938 -27.47 80.91 27.22
N ILE A 939 -26.54 80.97 26.27
CA ILE A 939 -25.46 81.94 26.29
C ILE A 939 -25.47 82.69 24.98
N GLY A 940 -25.44 84.01 25.04
CA GLY A 940 -25.55 84.82 23.85
C GLY A 940 -26.97 85.05 23.39
N THR A 941 -27.96 84.65 24.18
CA THR A 941 -29.34 84.87 23.83
C THR A 941 -29.72 86.31 24.15
N ALA A 942 -31.00 86.63 24.06
CA ALA A 942 -31.49 87.96 24.43
C ALA A 942 -32.78 87.84 25.21
N ILE A 943 -32.83 86.91 26.16
CA ILE A 943 -34.07 86.60 26.85
C ILE A 943 -34.46 87.71 27.82
N LYS A 944 -33.50 88.16 28.63
CA LYS A 944 -33.67 89.30 29.54
C LYS A 944 -34.76 89.09 30.59
N GLU A 945 -35.21 87.85 30.80
CA GLU A 945 -36.20 87.59 31.84
C GLU A 945 -36.19 86.10 32.16
N VAL A 946 -36.86 85.74 33.25
CA VAL A 946 -36.89 84.36 33.72
C VAL A 946 -38.28 84.06 34.30
N PRO A 947 -38.96 83.02 33.82
CA PRO A 947 -40.31 82.72 34.30
C PRO A 947 -40.28 82.18 35.73
N LEU A 948 -41.47 82.12 36.32
CA LEU A 948 -41.62 81.62 37.68
C LEU A 948 -41.96 80.14 37.75
N SER A 949 -42.31 79.52 36.63
CA SER A 949 -42.68 78.11 36.66
C SER A 949 -41.50 77.18 36.95
N ILE A 950 -40.28 77.72 36.96
CA ILE A 950 -39.09 76.88 36.97
C ILE A 950 -38.99 76.04 38.23
N MET A 951 -39.56 76.52 39.34
CA MET A 951 -39.48 75.73 40.57
C MET A 951 -40.19 74.39 40.44
N SER A 952 -41.05 74.23 39.44
CA SER A 952 -41.62 72.91 39.17
C SER A 952 -40.55 71.93 38.72
N TRP A 953 -39.55 72.41 37.98
CA TRP A 953 -38.50 71.56 37.43
C TRP A 953 -37.55 71.22 38.57
N SER A 954 -37.46 69.94 38.93
CA SER A 954 -36.77 69.66 40.19
C SER A 954 -35.25 69.76 40.08
N PRO A 955 -34.57 68.95 39.25
CA PRO A 955 -33.11 69.07 39.18
C PRO A 955 -32.65 69.91 37.99
N LEU A 956 -31.53 70.61 38.14
CA LEU A 956 -30.80 71.17 37.01
C LEU A 956 -29.32 71.01 37.28
N ALA A 957 -28.66 70.14 36.53
CA ALA A 957 -27.22 69.97 36.69
C ALA A 957 -26.43 71.08 36.03
N HIS A 958 -27.00 71.77 35.06
CA HIS A 958 -26.29 72.83 34.35
C HIS A 958 -27.31 73.82 33.81
N PHE A 959 -27.33 75.02 34.37
CA PHE A 959 -28.14 76.12 33.85
C PHE A 959 -27.19 77.29 33.63
N GLN A 960 -26.92 77.61 32.37
CA GLN A 960 -25.90 78.59 32.01
C GLN A 960 -26.57 79.74 31.27
N ILE A 961 -26.46 80.94 31.82
CA ILE A 961 -27.03 82.13 31.22
C ILE A 961 -25.96 83.20 31.11
N SER A 962 -26.07 84.03 30.08
CA SER A 962 -25.19 85.17 29.91
C SER A 962 -25.74 86.35 30.69
N TYR A 963 -24.92 86.90 31.57
CA TYR A 963 -25.38 87.89 32.54
C TYR A 963 -25.89 89.13 31.85
N PHE A 964 -27.16 89.43 32.02
CA PHE A 964 -27.69 90.76 31.77
C PHE A 964 -27.96 91.44 33.10
N GLU A 965 -28.03 92.77 33.06
CA GLU A 965 -28.03 93.55 34.29
C GLU A 965 -29.26 93.24 35.14
N SER A 966 -30.43 93.15 34.52
CA SER A 966 -31.67 93.03 35.28
C SER A 966 -31.96 91.59 35.67
N LEU A 967 -30.98 90.88 36.21
CA LEU A 967 -31.26 89.60 36.83
C LEU A 967 -31.71 89.75 38.27
N LYS A 968 -31.46 90.90 38.89
CA LYS A 968 -31.77 91.10 40.30
C LYS A 968 -33.27 91.07 40.57
N GLU A 969 -34.09 91.16 39.53
CA GLU A 969 -35.53 91.12 39.70
C GLU A 969 -36.06 89.70 39.81
N PHE A 970 -35.20 88.70 39.70
CA PHE A 970 -35.62 87.29 39.65
C PHE A 970 -34.87 86.52 40.72
N PRO A 971 -35.25 86.70 41.99
CA PRO A 971 -34.60 85.91 43.05
C PRO A 971 -34.82 84.42 42.89
N HIS A 972 -35.90 84.01 42.22
CA HIS A 972 -36.14 82.60 41.98
C HIS A 972 -35.13 82.00 41.02
N ALA A 973 -34.46 82.83 40.22
CA ALA A 973 -33.48 82.32 39.27
C ALA A 973 -32.09 82.18 39.87
N LEU A 974 -31.80 82.89 40.95
CA LEU A 974 -30.45 82.90 41.49
C LEU A 974 -30.03 81.55 42.03
N ASP A 975 -30.87 80.93 42.86
CA ASP A 975 -30.47 79.68 43.49
C ASP A 975 -30.46 78.52 42.53
N ILE A 976 -30.98 78.70 41.32
CA ILE A 976 -31.11 77.61 40.37
C ILE A 976 -30.27 77.97 39.14
N ILE A 977 -29.17 78.65 39.38
CA ILE A 977 -28.21 78.94 38.31
C ILE A 977 -26.97 78.12 38.57
N THR A 978 -26.20 77.85 37.51
CA THR A 978 -24.93 77.15 37.67
C THR A 978 -23.75 77.95 37.15
N GLU A 979 -23.84 78.47 35.94
CA GLU A 979 -22.75 79.25 35.36
C GLU A 979 -23.21 80.67 35.11
N LEU A 980 -22.30 81.47 34.55
CA LEU A 980 -22.57 82.87 34.26
C LEU A 980 -21.42 83.38 33.41
N GLN A 981 -21.68 84.42 32.62
CA GLN A 981 -20.68 84.90 31.67
C GLN A 981 -20.88 86.39 31.47
N LEU A 982 -20.05 87.19 32.15
CA LEU A 982 -20.15 88.63 32.00
C LEU A 982 -19.78 89.03 30.57
N SER A 983 -20.29 90.19 30.16
CA SER A 983 -20.27 90.60 28.77
C SER A 983 -18.98 91.34 28.43
N LYS A 984 -18.93 91.85 27.21
CA LYS A 984 -17.77 92.58 26.73
C LYS A 984 -17.55 93.84 27.57
N ASP A 985 -18.62 94.52 27.94
CA ASP A 985 -18.56 95.83 28.58
C ASP A 985 -19.41 95.80 29.85
N ILE A 986 -18.75 95.60 30.99
CA ILE A 986 -19.42 95.69 32.27
C ILE A 986 -18.53 96.43 33.26
N GLN A 987 -18.87 97.68 33.56
CA GLN A 987 -18.18 98.38 34.63
C GLN A 987 -18.45 97.72 35.97
N GLU A 988 -19.68 97.28 36.20
CA GLU A 988 -20.10 96.89 37.53
C GLU A 988 -19.36 95.64 38.00
N VAL A 989 -19.22 95.54 39.31
CA VAL A 989 -18.55 94.43 39.97
C VAL A 989 -19.54 93.96 41.03
N PRO A 990 -20.62 93.28 40.63
CA PRO A 990 -21.80 93.18 41.50
C PRO A 990 -21.53 92.27 42.69
N PRO A 991 -21.44 92.83 43.89
CA PRO A 991 -21.36 91.99 45.09
C PRO A 991 -22.60 91.14 45.27
N TRP A 992 -23.70 91.57 44.66
CA TRP A 992 -24.90 90.78 44.50
C TRP A 992 -24.64 89.31 44.22
N VAL A 993 -23.64 89.00 43.39
CA VAL A 993 -23.43 87.61 42.98
C VAL A 993 -23.15 86.71 44.17
N LYS A 994 -22.72 87.28 45.30
CA LYS A 994 -22.42 86.44 46.46
C LYS A 994 -23.66 85.74 46.98
N ARG A 995 -24.84 86.33 46.78
CA ARG A 995 -26.05 85.74 47.33
C ARG A 995 -26.40 84.42 46.65
N MET A 996 -26.39 84.39 45.32
CA MET A 996 -26.71 83.16 44.62
C MET A 996 -25.63 82.11 44.84
N SER A 997 -26.06 80.86 45.02
CA SER A 997 -25.19 79.84 45.61
C SER A 997 -24.44 79.02 44.58
N ARG A 998 -25.16 78.28 43.74
CA ARG A 998 -24.53 77.33 42.83
C ARG A 998 -23.81 78.10 41.73
N LEU A 999 -22.50 78.25 41.88
CA LEU A 999 -21.64 78.91 40.90
C LEU A 999 -20.50 78.00 40.52
N ARG A 1000 -20.83 76.77 40.12
CA ARG A 1000 -19.85 75.82 39.65
C ARG A 1000 -18.80 76.50 38.77
N ALA A 1001 -19.22 77.46 37.95
CA ALA A 1001 -18.28 78.19 37.12
C ALA A 1001 -18.68 79.66 37.06
N LEU A 1002 -17.72 80.50 36.67
CA LEU A 1002 -17.99 81.95 36.46
C LEU A 1002 -17.05 82.40 35.35
N ARG A 1003 -17.59 82.81 34.20
CA ARG A 1003 -16.70 83.14 33.05
C ARG A 1003 -16.71 84.65 32.81
N LEU A 1004 -15.55 85.20 32.42
CA LEU A 1004 -15.47 86.66 32.09
C LEU A 1004 -15.12 86.80 30.62
N ASN A 1005 -15.70 87.81 29.94
CA ASN A 1005 -15.34 88.08 28.52
C ASN A 1005 -14.13 89.02 28.49
N ASN A 1006 -13.80 89.57 27.32
CA ASN A 1006 -12.69 90.54 27.23
C ASN A 1006 -12.85 91.61 28.32
N CYS A 1007 -14.09 91.98 28.69
CA CYS A 1007 -14.29 92.91 29.85
C CYS A 1007 -13.24 94.00 29.75
N ASN A 1008 -13.10 94.61 28.57
CA ASN A 1008 -12.02 95.62 28.34
C ASN A 1008 -12.06 96.71 29.42
N ASN A 1009 -13.13 96.77 30.21
CA ASN A 1009 -13.21 97.84 31.19
C ASN A 1009 -13.82 97.28 32.48
N LEU A 1010 -12.96 96.73 33.32
CA LEU A 1010 -13.35 96.18 34.61
C LEU A 1010 -12.20 96.45 35.56
N VAL A 1011 -12.46 96.42 36.86
CA VAL A 1011 -11.41 96.77 37.81
C VAL A 1011 -11.14 95.64 38.78
N SER A 1012 -12.13 95.30 39.59
CA SER A 1012 -11.94 94.37 40.69
C SER A 1012 -12.91 93.21 40.58
N LEU A 1013 -12.93 92.37 41.61
CA LEU A 1013 -13.86 91.27 41.71
C LEU A 1013 -14.38 91.22 43.13
N PRO A 1014 -15.65 90.87 43.32
CA PRO A 1014 -16.24 90.87 44.67
C PRO A 1014 -15.79 89.62 45.41
N GLN A 1015 -16.34 89.45 46.60
CA GLN A 1015 -16.17 88.19 47.32
C GLN A 1015 -17.06 87.14 46.66
N LEU A 1016 -16.48 86.31 45.82
CA LEU A 1016 -17.25 85.34 45.06
C LEU A 1016 -17.88 84.31 46.00
N PRO A 1017 -18.99 83.68 45.58
CA PRO A 1017 -19.64 82.69 46.44
C PRO A 1017 -18.76 81.50 46.75
N ASP A 1018 -19.29 80.55 47.52
CA ASP A 1018 -18.45 79.45 47.97
C ASP A 1018 -18.24 78.42 46.87
N SER A 1019 -19.31 77.85 46.34
CA SER A 1019 -19.19 76.70 45.46
C SER A 1019 -18.68 77.08 44.07
N LEU A 1020 -17.46 77.57 44.00
CA LEU A 1020 -16.76 77.78 42.73
C LEU A 1020 -15.89 76.58 42.41
N ALA A 1021 -15.78 76.27 41.13
CA ALA A 1021 -14.81 75.30 40.67
C ALA A 1021 -13.98 75.96 39.59
N TYR A 1022 -14.60 76.82 38.80
CA TYR A 1022 -13.96 77.43 37.65
C TYR A 1022 -14.02 78.94 37.78
N LEU A 1023 -13.07 79.60 37.14
CA LEU A 1023 -13.03 81.05 37.05
C LEU A 1023 -12.10 81.41 35.90
N TYR A 1024 -12.58 82.19 34.93
CA TYR A 1024 -11.77 82.49 33.71
C TYR A 1024 -11.71 83.99 33.48
N ALA A 1025 -10.58 84.51 32.98
CA ALA A 1025 -10.44 85.98 32.77
C ALA A 1025 -10.27 86.36 31.30
N ASP A 1026 -9.91 85.40 30.43
CA ASP A 1026 -9.71 85.68 28.97
C ASP A 1026 -8.64 86.77 28.75
N ASN A 1027 -8.94 87.80 27.93
CA ASN A 1027 -7.93 88.82 27.54
C ASN A 1027 -8.22 90.15 28.24
N CYS A 1028 -8.76 90.11 29.46
CA CYS A 1028 -9.15 91.35 30.20
C CYS A 1028 -8.00 92.37 30.36
N LYS A 1029 -8.34 93.66 30.48
CA LYS A 1029 -7.32 94.69 30.65
C LYS A 1029 -6.91 94.84 32.10
N SER A 1030 -7.86 95.28 32.93
CA SER A 1030 -7.55 95.63 34.33
C SER A 1030 -8.22 94.70 35.35
N LEU A 1031 -7.43 93.97 36.13
CA LEU A 1031 -7.91 93.13 37.22
C LEU A 1031 -7.09 93.38 38.46
N GLU A 1032 -6.93 94.66 38.82
CA GLU A 1032 -5.93 95.04 39.81
C GLU A 1032 -6.03 94.21 41.07
N ARG A 1033 -7.22 94.10 41.66
CA ARG A 1033 -7.36 93.41 42.92
C ARG A 1033 -8.38 92.29 42.81
N LEU A 1034 -8.18 91.25 43.62
CA LEU A 1034 -9.17 90.13 43.70
C LEU A 1034 -9.57 90.02 45.17
N ASP A 1035 -10.63 90.72 45.58
CA ASP A 1035 -11.04 90.75 47.02
C ASP A 1035 -11.46 89.36 47.50
N CYS A 1036 -11.95 88.52 46.61
CA CYS A 1036 -12.50 87.19 47.01
C CYS A 1036 -11.49 86.30 47.74
N CYS A 1037 -11.90 85.69 48.85
CA CYS A 1037 -11.06 84.68 49.56
C CYS A 1037 -11.87 83.39 49.35
N PHE A 1038 -11.25 82.30 48.88
CA PHE A 1038 -12.07 81.17 48.48
C PHE A 1038 -11.26 79.88 48.63
N ASN A 1039 -11.85 78.91 49.32
CA ASN A 1039 -11.20 77.64 49.58
C ASN A 1039 -12.17 76.49 49.42
N ASN A 1040 -13.01 76.57 48.38
CA ASN A 1040 -14.05 75.58 48.18
C ASN A 1040 -13.49 74.18 47.95
N PRO A 1041 -12.80 74.00 46.84
CA PRO A 1041 -12.55 72.67 46.31
C PRO A 1041 -11.38 72.76 45.34
N GLU A 1042 -11.27 71.78 44.46
CA GLU A 1042 -10.30 71.84 43.38
C GLU A 1042 -10.77 72.92 42.42
N ILE A 1043 -10.25 74.13 42.62
CA ILE A 1043 -10.70 75.33 41.93
C ILE A 1043 -9.70 75.69 40.86
N ARG A 1044 -10.18 76.04 39.68
CA ARG A 1044 -9.32 76.40 38.56
C ARG A 1044 -9.40 77.90 38.33
N LEU A 1045 -8.26 78.57 38.47
CA LEU A 1045 -8.18 80.02 38.32
C LEU A 1045 -7.32 80.30 37.09
N TYR A 1046 -7.97 80.45 35.95
CA TYR A 1046 -7.27 80.71 34.70
C TYR A 1046 -7.33 82.21 34.43
N PHE A 1047 -6.18 82.81 34.13
CA PHE A 1047 -6.08 84.24 33.85
C PHE A 1047 -5.22 84.44 32.61
N PRO A 1048 -5.71 84.03 31.44
CA PRO A 1048 -4.87 84.03 30.24
C PRO A 1048 -4.15 85.33 29.95
N LYS A 1049 -4.84 86.42 29.64
CA LYS A 1049 -4.13 87.65 29.28
C LYS A 1049 -4.70 88.77 30.14
N CYS A 1050 -4.14 88.94 31.34
CA CYS A 1050 -4.53 90.04 32.20
C CYS A 1050 -3.29 90.41 33.00
N PHE A 1051 -2.65 91.52 32.63
CA PHE A 1051 -1.36 91.88 33.19
C PHE A 1051 -1.47 92.85 34.35
N LYS A 1052 -2.46 93.74 34.34
CA LYS A 1052 -2.62 94.71 35.42
C LYS A 1052 -3.20 94.02 36.66
N LEU A 1053 -2.37 93.15 37.24
CA LEU A 1053 -2.70 92.38 38.42
C LEU A 1053 -1.80 92.84 39.56
N ASN A 1054 -2.40 93.28 40.67
CA ASN A 1054 -1.61 93.62 41.83
C ASN A 1054 -0.92 92.38 42.36
N GLN A 1055 0.31 92.56 42.86
CA GLN A 1055 1.12 91.42 43.25
C GLN A 1055 0.45 90.61 44.35
N GLU A 1056 -0.39 91.25 45.17
CA GLU A 1056 -1.16 90.48 46.14
C GLU A 1056 -2.14 89.54 45.46
N ALA A 1057 -2.76 90.00 44.37
CA ALA A 1057 -3.67 89.14 43.63
C ALA A 1057 -2.93 87.95 43.04
N ARG A 1058 -1.77 88.19 42.43
CA ARG A 1058 -0.97 87.10 41.91
C ARG A 1058 -0.58 86.14 43.02
N ASP A 1059 -0.17 86.68 44.17
CA ASP A 1059 0.21 85.84 45.30
C ASP A 1059 -0.95 84.96 45.72
N LEU A 1060 -2.15 85.52 45.77
CA LEU A 1060 -3.33 84.73 46.10
C LEU A 1060 -3.54 83.62 45.09
N ILE A 1061 -3.39 83.93 43.80
CA ILE A 1061 -3.65 82.92 42.78
C ILE A 1061 -2.63 81.78 42.88
N MET A 1062 -1.35 82.12 43.06
CA MET A 1062 -0.35 81.06 43.13
C MET A 1062 -0.43 80.29 44.45
N HIS A 1063 -0.72 80.97 45.55
CA HIS A 1063 -0.70 80.33 46.86
C HIS A 1063 -2.07 79.79 47.27
N THR A 1064 -3.07 79.87 46.42
CA THR A 1064 -4.34 79.23 46.71
C THR A 1064 -4.18 77.72 46.62
N SER A 1065 -4.71 77.01 47.62
CA SER A 1065 -4.56 75.56 47.69
C SER A 1065 -5.68 74.90 46.89
N THR A 1066 -5.30 74.31 45.77
CA THR A 1066 -6.22 73.63 44.87
C THR A 1066 -5.64 72.29 44.45
N ARG A 1067 -6.37 71.61 43.57
CA ARG A 1067 -5.91 70.36 42.97
C ARG A 1067 -5.84 70.45 41.45
N ASN A 1068 -5.91 71.64 40.89
CA ASN A 1068 -5.88 71.83 39.45
C ASN A 1068 -4.85 72.89 39.12
N PHE A 1069 -4.79 73.25 37.84
CA PHE A 1069 -3.79 74.20 37.39
C PHE A 1069 -4.12 75.60 37.91
N ALA A 1070 -3.26 76.54 37.54
CA ALA A 1070 -3.54 77.97 37.70
C ALA A 1070 -2.53 78.70 36.84
N MET A 1071 -3.01 79.62 36.01
CA MET A 1071 -2.15 80.18 34.98
C MET A 1071 -2.20 81.70 35.01
N LEU A 1072 -1.03 82.32 34.89
CA LEU A 1072 -0.82 83.75 35.05
C LEU A 1072 0.03 84.27 33.91
N PRO A 1073 0.01 85.58 33.68
CA PRO A 1073 1.04 86.21 32.86
C PRO A 1073 2.29 86.46 33.68
N GLY A 1074 3.39 85.83 33.27
CA GLY A 1074 4.65 86.00 33.95
C GLY A 1074 5.80 85.62 33.05
N THR A 1075 6.95 86.24 33.29
CA THR A 1075 8.11 86.07 32.41
C THR A 1075 9.05 84.97 32.85
N GLN A 1076 9.12 84.70 34.15
CA GLN A 1076 9.93 83.60 34.67
C GLN A 1076 9.26 83.09 35.94
N VAL A 1077 9.73 81.94 36.40
CA VAL A 1077 9.22 81.42 37.67
C VAL A 1077 9.46 82.44 38.77
N PRO A 1078 8.46 82.79 39.57
CA PRO A 1078 8.70 83.74 40.66
C PRO A 1078 9.62 83.15 41.71
N ALA A 1079 10.29 84.04 42.44
CA ALA A 1079 11.30 83.62 43.41
C ALA A 1079 10.70 82.79 44.54
N CYS A 1080 9.38 82.84 44.71
CA CYS A 1080 8.75 82.03 45.75
C CYS A 1080 9.10 80.56 45.59
N PHE A 1081 9.21 80.09 44.36
CA PHE A 1081 9.63 78.73 44.09
C PHE A 1081 11.15 78.69 44.06
N ASN A 1082 11.75 78.13 45.11
CA ASN A 1082 13.19 78.16 45.25
C ASN A 1082 13.87 77.27 44.21
N HIS A 1083 13.53 75.99 44.19
CA HIS A 1083 14.35 75.01 43.49
C HIS A 1083 14.04 75.06 42.01
N ARG A 1084 14.99 75.56 41.22
CA ARG A 1084 14.77 75.92 39.83
C ARG A 1084 15.65 75.09 38.91
N ALA A 1085 15.22 74.96 37.66
CA ALA A 1085 16.05 74.45 36.57
C ALA A 1085 15.29 74.67 35.27
N THR A 1086 15.87 74.20 34.17
CA THR A 1086 15.23 74.30 32.87
C THR A 1086 15.03 72.92 32.26
N SER A 1090 13.04 64.08 30.73
CA SER A 1090 13.34 65.38 30.15
C SER A 1090 14.12 66.24 31.14
N LEU A 1091 13.65 67.47 31.35
CA LEU A 1091 14.30 68.37 32.27
C LEU A 1091 14.27 67.81 33.69
N LYS A 1092 15.32 68.08 34.44
CA LYS A 1092 15.53 67.46 35.75
C LYS A 1092 15.55 68.54 36.83
N ILE A 1093 14.54 68.53 37.69
CA ILE A 1093 14.52 69.39 38.86
C ILE A 1093 15.12 68.64 40.04
N LYS A 1094 16.13 69.22 40.66
CA LYS A 1094 16.73 68.65 41.85
C LYS A 1094 16.56 69.60 43.01
N LEU A 1095 16.35 69.05 44.19
CA LEU A 1095 16.22 69.87 45.39
C LEU A 1095 16.60 69.04 46.60
N LYS A 1096 16.91 69.73 47.69
CA LYS A 1096 17.20 69.10 48.96
C LYS A 1096 15.95 69.10 49.82
N GLU A 1097 16.00 68.33 50.90
CA GLU A 1097 14.81 67.98 51.66
C GLU A 1097 14.97 68.40 53.11
N SER A 1098 14.00 69.16 53.62
CA SER A 1098 14.03 69.66 54.99
C SER A 1098 12.85 69.07 55.74
N PRO A 1099 13.05 67.87 56.29
CA PRO A 1099 12.06 67.17 57.09
C PRO A 1099 12.68 65.89 57.60
N LEU A 1100 12.13 65.35 58.68
CA LEU A 1100 12.63 64.07 59.19
C LEU A 1100 11.99 62.90 58.46
N PRO A 1101 10.68 62.69 58.68
CA PRO A 1101 9.97 61.60 58.03
C PRO A 1101 8.47 61.89 58.12
N THR A 1102 7.82 62.10 56.98
CA THR A 1102 6.39 62.34 56.92
C THR A 1102 5.96 62.29 55.46
N THR A 1103 4.70 62.65 55.20
CA THR A 1103 4.23 62.92 53.85
C THR A 1103 4.45 64.40 53.53
N LEU A 1104 4.72 64.67 52.27
CA LEU A 1104 5.19 65.97 51.83
C LEU A 1104 4.31 66.52 50.72
N THR A 1105 4.19 67.84 50.67
CA THR A 1105 3.38 68.55 49.71
C THR A 1105 4.23 69.60 49.01
N PHE A 1106 4.10 69.70 47.69
CA PHE A 1106 4.93 70.56 46.87
C PHE A 1106 4.07 71.42 45.95
N LYS A 1107 4.56 72.60 45.63
CA LYS A 1107 3.92 73.47 44.66
C LYS A 1107 4.86 73.67 43.48
N ALA A 1108 4.37 73.42 42.28
CA ALA A 1108 5.20 73.41 41.08
C ALA A 1108 4.76 74.53 40.13
N CYS A 1109 5.76 75.16 39.50
CA CYS A 1109 5.56 76.25 38.56
C CYS A 1109 6.33 75.95 37.28
N ILE A 1110 5.67 76.14 36.14
CA ILE A 1110 6.19 75.72 34.83
C ILE A 1110 5.88 76.79 33.81
N MET A 1111 6.85 77.06 32.94
CA MET A 1111 6.63 77.87 31.75
C MET A 1111 6.72 76.97 30.53
N LEU A 1112 6.45 77.55 29.37
CA LEU A 1112 6.43 76.79 28.13
C LEU A 1112 7.53 77.26 27.20
N VAL A 1113 8.10 76.32 26.43
CA VAL A 1113 9.17 76.70 25.46
C VAL A 1113 8.52 77.68 24.49
N ASN A 1114 9.11 78.86 24.27
CA ASN A 1114 8.39 79.80 23.37
C ASN A 1114 8.29 79.11 22.02
N GLU A 1115 7.07 78.94 21.49
CA GLU A 1115 6.90 78.17 20.22
C GLU A 1115 5.85 78.84 19.33
N GLU A 1116 5.28 78.06 18.40
CA GLU A 1116 4.24 78.58 17.47
C GLU A 1116 2.87 78.27 18.10
N MET A 1117 2.82 78.19 19.43
CA MET A 1117 1.56 77.81 20.10
C MET A 1117 0.48 78.82 19.72
N SER A 1118 -0.70 78.34 19.32
CA SER A 1118 -1.75 79.26 18.83
C SER A 1118 -2.44 79.96 20.00
N TYR A 1119 -2.89 81.20 19.79
CA TYR A 1119 -3.68 81.88 20.85
C TYR A 1119 -4.95 81.06 21.13
N ASP A 1120 -5.42 80.31 20.15
CA ASP A 1120 -6.64 79.48 20.32
C ASP A 1120 -6.30 78.06 20.80
N LEU A 1121 -5.01 77.74 20.96
CA LEU A 1121 -4.67 76.39 21.51
C LEU A 1121 -5.36 76.29 22.88
N LYS A 1122 -6.07 75.19 23.14
CA LYS A 1122 -6.86 75.12 24.39
C LYS A 1122 -6.87 73.74 25.05
N SER A 1123 -5.74 73.04 25.14
CA SER A 1123 -5.73 71.80 25.90
C SER A 1123 -4.31 71.53 26.38
N MET A 1124 -4.19 70.92 27.55
CA MET A 1124 -2.87 70.64 28.07
C MET A 1124 -2.94 69.58 29.15
N SER A 1125 -2.03 68.61 29.07
CA SER A 1125 -1.89 67.56 30.06
C SER A 1125 -0.42 67.42 30.41
N VAL A 1126 -0.13 67.13 31.68
CA VAL A 1126 1.23 67.06 32.20
C VAL A 1126 1.37 65.78 33.01
N ASP A 1127 2.44 65.05 32.75
CA ASP A 1127 2.79 63.84 33.48
C ASP A 1127 3.99 64.12 34.36
N ILE A 1128 4.07 63.42 35.49
CA ILE A 1128 5.03 63.74 36.54
C ILE A 1128 5.70 62.46 37.02
N VAL A 1129 7.01 62.52 37.21
CA VAL A 1129 7.79 61.39 37.70
C VAL A 1129 8.76 61.89 38.76
N ILE A 1130 8.88 61.15 39.86
CA ILE A 1130 9.80 61.50 40.94
C ILE A 1130 10.64 60.28 41.26
N ARG A 1131 11.94 60.50 41.42
CA ARG A 1131 12.89 59.41 41.60
C ARG A 1131 13.91 59.79 42.67
N ASP A 1132 14.69 58.82 43.11
CA ASP A 1132 15.61 59.01 44.23
C ASP A 1132 17.03 59.33 43.75
N GLU A 1133 17.78 59.96 44.63
CA GLU A 1133 19.20 60.26 44.40
C GLU A 1133 20.08 59.10 44.84
N GLN A 1134 20.03 58.73 46.12
CA GLN A 1134 20.76 57.57 46.60
C GLN A 1134 20.32 56.29 45.93
N ASN A 1135 19.02 56.04 45.88
CA ASN A 1135 18.46 54.88 45.21
C ASN A 1135 17.93 55.31 43.85
N ASP A 1136 17.25 54.38 43.18
CA ASP A 1136 16.58 54.67 41.92
C ASP A 1136 15.10 54.30 41.99
N LEU A 1137 14.50 54.47 43.18
CA LEU A 1137 13.12 54.07 43.40
C LEU A 1137 12.20 55.09 42.73
N LYS A 1138 11.45 54.65 41.73
CA LYS A 1138 10.37 55.46 41.21
C LYS A 1138 9.30 55.53 42.30
N VAL A 1139 9.24 56.67 42.98
CA VAL A 1139 8.30 56.79 44.08
C VAL A 1139 6.93 57.19 43.56
N GLN A 1140 5.90 56.93 44.37
CA GLN A 1140 4.56 57.28 43.97
C GLN A 1140 4.34 58.79 44.12
N CYS A 1141 3.31 59.28 43.44
CA CYS A 1141 2.91 60.68 43.54
C CYS A 1141 1.42 60.75 43.25
N THR A 1142 0.64 61.17 44.24
CA THR A 1142 -0.81 61.00 44.16
C THR A 1142 -1.42 61.73 42.97
N PRO A 1143 -1.06 62.99 42.66
CA PRO A 1143 -1.60 63.54 41.41
C PRO A 1143 -0.62 63.29 40.26
N SER A 1144 -0.49 62.02 39.88
CA SER A 1144 0.55 61.63 38.92
C SER A 1144 0.37 62.31 37.58
N TYR A 1145 -0.82 62.83 37.30
CA TYR A 1145 -1.06 63.58 36.09
C TYR A 1145 -1.94 64.78 36.38
N HIS A 1146 -1.88 65.78 35.52
CA HIS A 1146 -2.73 66.96 35.61
C HIS A 1146 -3.20 67.31 34.21
N GLN A 1147 -4.50 67.19 33.96
CA GLN A 1147 -5.05 67.34 32.62
C GLN A 1147 -6.17 68.35 32.62
N CYS A 1148 -6.22 69.19 31.59
CA CYS A 1148 -7.33 70.10 31.37
C CYS A 1148 -7.56 70.23 29.87
N THR A 1149 -8.83 70.14 29.48
CA THR A 1149 -9.21 70.19 28.08
C THR A 1149 -9.68 71.58 27.67
N GLU A 1150 -9.50 72.56 28.53
CA GLU A 1150 -9.99 73.90 28.31
C GLU A 1150 -8.96 74.98 28.60
N ILE A 1151 -7.84 74.64 29.23
CA ILE A 1151 -6.82 75.63 29.58
C ILE A 1151 -6.18 76.16 28.32
N TYR A 1152 -5.99 77.48 28.27
CA TYR A 1152 -5.26 78.08 27.17
C TYR A 1152 -3.79 77.71 27.27
N VAL A 1153 -3.16 77.48 26.13
CA VAL A 1153 -1.73 77.20 26.06
C VAL A 1153 -1.06 78.37 25.36
N LEU A 1154 -0.22 79.11 26.09
CA LEU A 1154 0.46 80.26 25.53
C LEU A 1154 1.87 80.32 26.07
N THR A 1155 2.76 80.94 25.28
CA THR A 1155 4.18 80.91 25.58
C THR A 1155 4.49 81.62 26.89
N GLU A 1156 4.24 82.92 26.94
CA GLU A 1156 4.73 83.77 28.03
C GLU A 1156 3.72 83.73 29.17
N HIS A 1157 3.72 82.61 29.88
CA HIS A 1157 2.76 82.40 30.96
C HIS A 1157 3.29 81.39 31.96
N ILE A 1158 2.66 81.38 33.12
CA ILE A 1158 3.07 80.59 34.26
C ILE A 1158 1.92 79.63 34.61
N TYR A 1159 2.24 78.34 34.74
CA TYR A 1159 1.26 77.32 35.07
C TYR A 1159 1.70 76.65 36.37
N THR A 1160 0.79 76.58 37.33
CA THR A 1160 1.14 76.08 38.65
C THR A 1160 0.15 75.00 39.07
N PHE A 1161 0.66 74.07 39.88
CA PHE A 1161 -0.20 73.03 40.45
C PHE A 1161 0.47 72.48 41.70
N GLU A 1162 -0.09 71.39 42.24
CA GLU A 1162 0.33 70.85 43.51
C GLU A 1162 0.66 69.36 43.37
N LEU A 1163 1.50 68.89 44.29
CA LEU A 1163 1.99 67.52 44.28
C LEU A 1163 2.04 67.00 45.70
N GLU A 1164 1.90 65.68 45.85
CA GLU A 1164 1.97 65.05 47.16
C GLU A 1164 2.80 63.77 47.06
N VAL A 1165 3.90 63.71 47.79
CA VAL A 1165 4.78 62.55 47.82
C VAL A 1165 4.83 62.04 49.25
N GLU A 1166 4.51 60.76 49.44
CA GLU A 1166 4.24 60.28 50.79
C GLU A 1166 5.32 59.37 51.36
N GLU A 1167 6.37 59.07 50.60
CA GLU A 1167 7.42 58.22 51.11
C GLU A 1167 8.16 58.87 52.27
N VAL A 1168 9.07 58.09 52.86
CA VAL A 1168 9.73 58.47 54.11
C VAL A 1168 11.22 58.72 53.94
N THR A 1169 11.86 58.09 52.96
CA THR A 1169 13.29 58.30 52.75
C THR A 1169 13.56 59.79 52.54
N SER A 1170 14.58 60.30 53.24
CA SER A 1170 14.67 61.74 53.44
C SER A 1170 15.32 62.47 52.27
N THR A 1171 16.58 62.19 51.99
CA THR A 1171 17.37 63.04 51.09
C THR A 1171 17.43 62.44 49.69
N GLU A 1172 16.26 62.18 49.10
CA GLU A 1172 16.19 61.58 47.76
C GLU A 1172 14.97 62.11 47.03
N LEU A 1173 15.14 63.21 46.29
CA LEU A 1173 14.08 63.75 45.43
C LEU A 1173 14.68 64.32 44.16
N VAL A 1174 14.25 63.81 43.02
CA VAL A 1174 14.50 64.41 41.72
C VAL A 1174 13.20 64.34 40.92
N PHE A 1175 12.91 65.41 40.18
CA PHE A 1175 11.63 65.55 39.52
C PHE A 1175 11.81 65.51 38.01
N GLU A 1176 10.73 65.15 37.32
CA GLU A 1176 10.72 65.13 35.86
C GLU A 1176 9.28 65.38 35.43
N PHE A 1177 9.01 66.57 34.92
CA PHE A 1177 7.71 66.92 34.38
C PHE A 1177 7.77 66.83 32.88
N THR A 1178 6.83 66.11 32.28
CA THR A 1178 6.78 65.93 30.85
C THR A 1178 5.44 66.44 30.34
N SER A 1179 5.46 67.10 29.20
CA SER A 1179 4.23 67.50 28.53
C SER A 1179 3.85 66.40 27.56
N VAL A 1180 2.75 65.70 27.86
CA VAL A 1180 2.15 64.84 26.87
C VAL A 1180 1.76 65.74 25.71
N ASN A 1181 1.71 65.18 24.50
CA ASN A 1181 1.53 65.97 23.29
C ASN A 1181 2.70 66.92 23.09
N GLU A 1182 3.90 66.33 23.03
CA GLU A 1182 5.09 67.13 22.76
C GLU A 1182 5.01 67.85 21.43
N SER A 1183 4.17 67.38 20.51
CA SER A 1183 3.96 68.08 19.25
C SER A 1183 3.20 69.38 19.44
N ILE A 1184 2.65 69.64 20.62
CA ILE A 1184 1.90 70.84 20.91
C ILE A 1184 2.62 71.73 21.90
N CYS A 1185 2.91 71.20 23.08
CA CYS A 1185 3.42 71.97 24.19
C CYS A 1185 4.64 71.28 24.77
N LYS A 1186 5.69 72.04 25.05
CA LYS A 1186 6.89 71.52 25.69
C LYS A 1186 7.23 72.39 26.89
N ILE A 1187 7.71 71.74 27.93
CA ILE A 1187 8.01 72.42 29.19
C ILE A 1187 9.35 73.12 29.07
N GLY A 1188 9.35 74.41 29.37
CA GLY A 1188 10.58 75.19 29.35
C GLY A 1188 11.18 75.32 30.74
N GLU A 1189 11.18 76.52 31.29
CA GLU A 1189 11.66 76.71 32.66
C GLU A 1189 10.80 75.92 33.63
N CYS A 1190 11.35 75.70 34.82
CA CYS A 1190 10.57 75.02 35.85
C CYS A 1190 11.16 75.34 37.21
N GLY A 1191 10.30 75.38 38.21
CA GLY A 1191 10.74 75.64 39.56
C GLY A 1191 9.67 75.28 40.57
N ILE A 1192 10.05 74.61 41.64
CA ILE A 1192 9.07 74.16 42.61
C ILE A 1192 9.54 74.54 44.01
N LEU A 1193 8.64 74.28 44.98
CA LEU A 1193 8.74 74.81 46.33
C LEU A 1193 8.10 73.83 47.29
N GLN A 1194 8.73 73.66 48.45
CA GLN A 1194 8.20 72.79 49.49
C GLN A 1194 7.28 73.57 50.42
N ARG A 1195 6.40 72.85 51.10
CA ARG A 1195 5.50 73.47 52.06
C ARG A 1195 5.56 72.79 53.43
N ARG B 81 -24.28 9.25 44.42
CA ARG B 81 -23.08 9.40 45.24
C ARG B 81 -21.86 8.83 44.52
N ILE B 82 -20.70 8.90 45.18
CA ILE B 82 -19.43 8.51 44.59
C ILE B 82 -18.72 7.56 45.55
N TRP B 83 -18.26 6.42 45.04
CA TRP B 83 -17.47 5.45 45.80
C TRP B 83 -16.26 5.05 44.97
N LYS B 84 -15.11 4.91 45.63
CA LYS B 84 -13.94 4.40 44.93
C LYS B 84 -13.97 2.90 44.72
N HIS B 85 -14.56 2.16 45.66
CA HIS B 85 -14.60 0.71 45.58
C HIS B 85 -16.01 0.20 45.79
N GLN B 86 -16.30 -0.95 45.17
CA GLN B 86 -17.62 -1.54 45.31
C GLN B 86 -17.75 -2.34 46.60
N VAL B 87 -16.75 -3.15 46.91
CA VAL B 87 -16.79 -4.04 48.07
C VAL B 87 -15.50 -3.89 48.85
N PHE B 88 -15.63 -3.75 50.17
CA PHE B 88 -14.48 -3.75 51.07
C PHE B 88 -14.61 -4.94 52.03
N PRO B 89 -13.75 -5.95 51.93
CA PRO B 89 -13.85 -7.09 52.84
C PRO B 89 -13.12 -6.86 54.15
N SER B 90 -13.73 -7.35 55.24
CA SER B 90 -13.12 -7.31 56.56
C SER B 90 -13.00 -8.74 57.07
N PHE B 91 -11.86 -9.05 57.66
CA PHE B 91 -11.52 -10.43 57.99
C PHE B 91 -10.30 -10.44 58.90
N HIS B 92 -9.98 -11.64 59.40
CA HIS B 92 -8.74 -11.84 60.14
C HIS B 92 -7.74 -12.51 59.21
N GLY B 93 -6.56 -11.90 59.08
CA GLY B 93 -5.59 -12.38 58.10
C GLY B 93 -5.08 -13.78 58.40
N ALA B 94 -4.80 -14.05 59.67
CA ALA B 94 -4.13 -15.31 60.00
C ALA B 94 -5.01 -16.52 59.72
N ASP B 95 -6.32 -16.31 59.59
CA ASP B 95 -7.22 -17.45 59.47
C ASP B 95 -7.70 -17.67 58.04
N VAL B 96 -8.20 -16.62 57.40
CA VAL B 96 -8.93 -16.76 56.14
C VAL B 96 -8.22 -16.14 54.95
N ARG B 97 -7.16 -15.35 55.15
CA ARG B 97 -6.47 -14.74 54.02
C ARG B 97 -5.98 -15.79 53.04
N LYS B 98 -5.59 -16.95 53.54
CA LYS B 98 -5.02 -17.98 52.69
C LYS B 98 -6.09 -18.86 52.07
N THR B 99 -7.07 -19.29 52.86
CA THR B 99 -7.93 -20.40 52.44
C THR B 99 -9.18 -19.96 51.68
N ILE B 100 -10.04 -19.18 52.33
CA ILE B 100 -11.36 -18.90 51.77
C ILE B 100 -11.45 -17.51 51.17
N LEU B 101 -10.83 -16.52 51.81
CA LEU B 101 -10.87 -15.16 51.26
C LEU B 101 -10.36 -15.13 49.82
N SER B 102 -9.30 -15.91 49.57
CA SER B 102 -8.71 -15.99 48.22
C SER B 102 -9.77 -16.43 47.21
N HIS B 103 -10.51 -17.49 47.54
CA HIS B 103 -11.53 -18.00 46.64
C HIS B 103 -12.63 -16.97 46.40
N ILE B 104 -13.03 -16.26 47.45
CA ILE B 104 -14.06 -15.23 47.29
C ILE B 104 -13.57 -14.12 46.37
N LEU B 105 -12.32 -13.70 46.56
CA LEU B 105 -11.77 -12.66 45.69
C LEU B 105 -11.70 -13.14 44.24
N GLU B 106 -11.27 -14.39 44.03
CA GLU B 106 -11.21 -14.93 42.69
C GLU B 106 -12.59 -14.97 42.04
N SER B 107 -13.60 -15.35 42.81
CA SER B 107 -14.97 -15.34 42.30
C SER B 107 -15.40 -13.93 41.94
N PHE B 108 -15.05 -12.94 42.79
CA PHE B 108 -15.43 -11.57 42.53
C PHE B 108 -14.80 -11.05 41.25
N ARG B 109 -13.52 -11.35 41.02
CA ARG B 109 -12.88 -10.89 39.79
C ARG B 109 -13.53 -11.50 38.55
N ARG B 110 -14.15 -12.66 38.69
CA ARG B 110 -14.80 -13.32 37.56
C ARG B 110 -16.21 -12.81 37.30
N LYS B 111 -16.74 -11.92 38.14
CA LYS B 111 -18.08 -11.40 37.96
C LYS B 111 -18.07 -9.89 37.72
N GLY B 112 -16.96 -9.37 37.21
CA GLY B 112 -16.87 -7.95 36.93
C GLY B 112 -17.00 -7.09 38.16
N ILE B 113 -16.41 -7.52 39.27
CA ILE B 113 -16.44 -6.77 40.52
C ILE B 113 -15.01 -6.38 40.87
N ASP B 114 -14.83 -5.14 41.32
CA ASP B 114 -13.51 -4.61 41.67
C ASP B 114 -13.45 -4.39 43.17
N PRO B 115 -13.18 -5.42 43.97
CA PRO B 115 -13.08 -5.23 45.42
C PRO B 115 -11.75 -4.61 45.80
N PHE B 116 -11.77 -3.91 46.94
CA PHE B 116 -10.55 -3.35 47.48
C PHE B 116 -9.63 -4.46 47.97
N ILE B 117 -8.35 -4.38 47.61
CA ILE B 117 -7.35 -5.36 48.02
C ILE B 117 -6.26 -4.60 48.78
N ASP B 118 -6.09 -4.96 50.05
CA ASP B 118 -5.14 -4.23 50.90
C ASP B 118 -3.70 -4.44 50.45
N ASN B 119 -3.42 -5.54 49.76
CA ASN B 119 -2.06 -5.78 49.27
C ASN B 119 -1.63 -4.71 48.27
N ASN B 120 -2.58 -3.99 47.68
CA ASN B 120 -2.28 -3.00 46.66
C ASN B 120 -2.15 -1.59 47.24
N ILE B 121 -2.19 -1.44 48.56
CA ILE B 121 -1.95 -0.14 49.18
C ILE B 121 -0.55 0.33 48.85
N GLU B 122 -0.42 1.57 48.38
CA GLU B 122 0.87 2.09 47.97
C GLU B 122 1.84 2.10 49.14
N ARG B 123 3.10 1.77 48.83
CA ARG B 123 4.14 1.78 49.84
C ARG B 123 4.39 3.22 50.31
N SER B 124 4.98 3.33 51.49
CA SER B 124 5.36 4.61 52.08
C SER B 124 4.12 5.46 52.40
N LYS B 125 3.09 4.82 52.92
CA LYS B 125 1.88 5.52 53.36
C LYS B 125 1.39 4.88 54.65
N SER B 126 0.73 5.69 55.47
CA SER B 126 0.19 5.19 56.73
C SER B 126 -0.94 4.22 56.45
N ILE B 127 -0.78 2.98 56.89
CA ILE B 127 -1.77 1.94 56.59
C ILE B 127 -3.09 2.26 57.26
N GLY B 128 -3.05 2.67 58.53
CA GLY B 128 -4.30 2.91 59.24
C GLY B 128 -5.14 4.00 58.60
N HIS B 129 -4.52 5.15 58.30
CA HIS B 129 -5.27 6.26 57.71
C HIS B 129 -5.80 5.91 56.33
N GLU B 130 -4.96 5.27 55.50
CA GLU B 130 -5.39 4.92 54.16
C GLU B 130 -6.52 3.90 54.19
N LEU B 131 -6.42 2.93 55.09
CA LEU B 131 -7.48 1.92 55.20
C LEU B 131 -8.78 2.55 55.68
N LYS B 132 -8.70 3.47 56.65
CA LYS B 132 -9.90 4.16 57.10
C LYS B 132 -10.52 4.97 55.97
N GLU B 133 -9.69 5.63 55.16
CA GLU B 133 -10.22 6.34 54.00
C GLU B 133 -10.90 5.38 53.03
N ALA B 134 -10.28 4.22 52.80
CA ALA B 134 -10.86 3.25 51.87
C ALA B 134 -12.16 2.67 52.38
N ILE B 135 -12.35 2.62 53.70
CA ILE B 135 -13.60 2.09 54.25
C ILE B 135 -14.78 2.98 53.85
N LYS B 136 -14.63 4.30 54.01
CA LYS B 136 -15.74 5.21 53.78
C LYS B 136 -16.10 5.35 52.32
N GLY B 137 -15.21 4.95 51.41
CA GLY B 137 -15.49 5.06 49.99
C GLY B 137 -15.95 3.76 49.37
N SER B 138 -16.49 2.88 50.19
CA SER B 138 -16.89 1.54 49.76
C SER B 138 -18.39 1.40 49.80
N LYS B 139 -18.99 0.94 48.71
CA LYS B 139 -20.43 0.75 48.68
C LYS B 139 -20.87 -0.41 49.57
N ILE B 140 -20.11 -1.49 49.58
CA ILE B 140 -20.45 -2.68 50.35
C ILE B 140 -19.26 -3.06 51.22
N ALA B 141 -19.53 -3.39 52.47
CA ALA B 141 -18.55 -3.95 53.37
C ALA B 141 -18.93 -5.39 53.68
N ILE B 142 -17.99 -6.31 53.50
CA ILE B 142 -18.19 -7.73 53.80
C ILE B 142 -17.32 -8.07 54.99
N VAL B 143 -17.94 -8.59 56.05
CA VAL B 143 -17.25 -8.87 57.29
C VAL B 143 -17.15 -10.38 57.44
N LEU B 144 -15.94 -10.91 57.29
CA LEU B 144 -15.68 -12.33 57.52
C LEU B 144 -15.32 -12.54 58.98
N LEU B 145 -16.03 -13.44 59.65
CA LEU B 145 -15.91 -13.64 61.09
C LEU B 145 -15.27 -14.99 61.37
N SER B 146 -14.20 -14.98 62.16
CA SER B 146 -13.47 -16.18 62.53
C SER B 146 -13.34 -16.26 64.04
N LYS B 147 -12.92 -17.43 64.53
CA LYS B 147 -12.83 -17.62 65.97
C LYS B 147 -11.77 -16.73 66.60
N ASN B 148 -10.86 -16.18 65.81
CA ASN B 148 -9.83 -15.27 66.30
C ASN B 148 -9.99 -13.89 65.67
N TYR B 149 -11.22 -13.54 65.30
CA TYR B 149 -11.47 -12.21 64.75
C TYR B 149 -11.21 -11.13 65.79
N ALA B 150 -11.52 -11.41 67.06
CA ALA B 150 -11.28 -10.45 68.12
C ALA B 150 -9.81 -10.32 68.48
N SER B 151 -8.96 -11.23 67.99
CA SER B 151 -7.56 -11.21 68.37
C SER B 151 -6.87 -9.95 67.87
N SER B 152 -7.24 -9.48 66.67
CA SER B 152 -6.56 -8.34 66.06
C SER B 152 -7.31 -7.05 66.33
N SER B 153 -6.59 -6.02 66.76
CA SER B 153 -7.20 -4.72 66.95
C SER B 153 -7.57 -4.07 65.62
N TRP B 154 -6.83 -4.38 64.56
CA TRP B 154 -7.18 -3.86 63.24
C TRP B 154 -8.57 -4.29 62.83
N CYS B 155 -8.90 -5.56 63.06
CA CYS B 155 -10.21 -6.08 62.70
C CYS B 155 -11.32 -5.33 63.45
N LEU B 156 -11.14 -5.16 64.76
CA LEU B 156 -12.16 -4.49 65.55
C LEU B 156 -12.30 -3.03 65.15
N ASP B 157 -11.18 -2.35 64.91
CA ASP B 157 -11.25 -0.94 64.53
C ASP B 157 -11.93 -0.77 63.18
N GLU B 158 -11.58 -1.62 62.21
CA GLU B 158 -12.23 -1.52 60.91
C GLU B 158 -13.70 -1.91 60.98
N LEU B 159 -14.06 -2.82 61.88
CA LEU B 159 -15.48 -3.17 62.04
C LEU B 159 -16.25 -2.00 62.65
N ALA B 160 -15.68 -1.35 63.66
CA ALA B 160 -16.34 -0.20 64.26
C ALA B 160 -16.48 0.93 63.25
N GLU B 161 -15.44 1.16 62.44
CA GLU B 161 -15.53 2.16 61.38
C GLU B 161 -16.60 1.78 60.36
N ILE B 162 -16.67 0.50 60.02
CA ILE B 162 -17.70 0.02 59.09
C ILE B 162 -19.08 0.32 59.61
N MET B 163 -19.31 0.06 60.90
CA MET B 163 -20.65 0.23 61.44
C MET B 163 -21.02 1.69 61.59
N LYS B 164 -20.06 2.52 62.01
CA LYS B 164 -20.32 3.95 62.02
C LYS B 164 -20.63 4.45 60.62
N CYS B 165 -19.89 3.95 59.63
CA CYS B 165 -20.13 4.37 58.25
C CYS B 165 -21.50 3.93 57.76
N ARG B 166 -21.96 2.73 58.14
CA ARG B 166 -23.27 2.31 57.68
C ARG B 166 -24.37 3.13 58.35
N GLU B 167 -24.25 3.36 59.66
CA GLU B 167 -25.32 4.09 60.35
C GLU B 167 -25.31 5.57 60.02
N LEU B 168 -24.20 6.10 59.53
CA LEU B 168 -24.13 7.52 59.23
C LEU B 168 -24.32 7.81 57.74
N LEU B 169 -23.52 7.16 56.90
CA LEU B 169 -23.59 7.35 55.45
C LEU B 169 -24.68 6.49 54.83
N GLY B 170 -24.60 5.18 55.02
CA GLY B 170 -25.61 4.29 54.48
C GLY B 170 -25.06 3.16 53.64
N GLN B 171 -23.77 2.85 53.79
CA GLN B 171 -23.20 1.73 53.07
C GLN B 171 -23.79 0.41 53.57
N ILE B 172 -23.89 -0.54 52.65
CA ILE B 172 -24.57 -1.80 52.91
C ILE B 172 -23.57 -2.81 53.44
N VAL B 173 -23.98 -3.56 54.47
CA VAL B 173 -23.10 -4.48 55.17
C VAL B 173 -23.67 -5.88 55.12
N MET B 174 -22.85 -6.85 54.72
CA MET B 174 -23.21 -8.25 54.70
C MET B 174 -22.27 -9.02 55.61
N THR B 175 -22.77 -10.10 56.20
CA THR B 175 -22.02 -10.87 57.18
C THR B 175 -21.87 -12.32 56.71
N ILE B 176 -20.72 -12.91 57.02
CA ILE B 176 -20.44 -14.31 56.73
C ILE B 176 -19.92 -14.95 58.01
N PHE B 177 -20.65 -15.93 58.52
CA PHE B 177 -20.31 -16.57 59.80
C PHE B 177 -19.56 -17.86 59.50
N TYR B 178 -18.26 -17.71 59.23
CA TYR B 178 -17.42 -18.82 58.80
C TYR B 178 -16.93 -19.59 60.04
N GLU B 179 -17.48 -20.78 60.24
CA GLU B 179 -17.15 -21.64 61.39
C GLU B 179 -17.29 -20.88 62.70
N VAL B 180 -18.34 -20.07 62.80
CA VAL B 180 -18.62 -19.31 64.01
C VAL B 180 -20.11 -18.99 64.02
N ASP B 181 -20.66 -18.86 65.22
CA ASP B 181 -22.08 -18.61 65.35
C ASP B 181 -22.34 -17.19 65.84
N PRO B 182 -23.38 -16.53 65.35
CA PRO B 182 -23.66 -15.16 65.81
C PRO B 182 -23.98 -15.07 67.29
N THR B 183 -24.52 -16.13 67.88
CA THR B 183 -24.92 -16.08 69.28
C THR B 183 -23.71 -15.84 70.18
N ASP B 184 -22.61 -16.56 69.96
CA ASP B 184 -21.43 -16.37 70.79
C ASP B 184 -20.72 -15.06 70.51
N ILE B 185 -21.03 -14.41 69.38
CA ILE B 185 -20.38 -13.15 69.06
C ILE B 185 -20.82 -12.06 70.03
N LYS B 186 -22.15 -11.92 70.23
CA LYS B 186 -22.64 -10.80 71.03
C LYS B 186 -22.48 -11.07 72.52
N LYS B 187 -22.43 -12.34 72.92
CA LYS B 187 -22.07 -12.64 74.31
C LYS B 187 -20.59 -12.38 74.57
N GLN B 188 -19.76 -12.45 73.53
CA GLN B 188 -18.30 -12.46 73.68
C GLN B 188 -17.88 -13.54 74.69
N THR B 189 -18.36 -14.76 74.46
CA THR B 189 -18.11 -15.87 75.36
C THR B 189 -17.57 -17.06 74.57
N GLY B 190 -16.70 -17.82 75.21
CA GLY B 190 -16.16 -19.02 74.60
C GLY B 190 -15.37 -18.69 73.34
N GLU B 191 -15.80 -19.28 72.22
CA GLU B 191 -15.19 -18.99 70.94
C GLU B 191 -15.30 -17.49 70.64
N PHE B 192 -14.14 -16.88 70.33
CA PHE B 192 -14.00 -15.48 69.97
C PHE B 192 -14.19 -14.61 71.21
N GLY B 193 -14.73 -15.19 72.27
CA GLY B 193 -14.94 -14.45 73.50
C GLY B 193 -13.68 -14.42 74.32
N LYS B 194 -12.98 -15.56 74.32
CA LYS B 194 -11.66 -15.60 74.92
C LYS B 194 -10.73 -14.59 74.24
N ALA B 195 -10.79 -14.53 72.91
CA ALA B 195 -9.95 -13.58 72.18
C ALA B 195 -10.32 -12.14 72.51
N PHE B 196 -11.62 -11.83 72.60
CA PHE B 196 -12.02 -10.47 72.95
C PHE B 196 -11.54 -10.11 74.35
N THR B 197 -11.68 -11.03 75.31
CA THR B 197 -11.21 -10.75 76.66
C THR B 197 -9.70 -10.54 76.70
N LYS B 198 -8.95 -11.36 75.94
CA LYS B 198 -7.50 -11.19 75.90
C LYS B 198 -7.11 -9.85 75.29
N THR B 199 -7.76 -9.46 74.20
CA THR B 199 -7.38 -8.23 73.51
C THR B 199 -7.88 -6.98 74.22
N CYS B 200 -8.87 -7.09 75.09
CA CYS B 200 -9.42 -5.92 75.76
C CYS B 200 -8.81 -5.68 77.13
N LYS B 201 -7.79 -6.45 77.52
CA LYS B 201 -7.17 -6.24 78.82
C LYS B 201 -6.49 -4.88 78.89
N GLY B 202 -5.73 -4.51 77.87
CA GLY B 202 -5.12 -3.20 77.83
C GLY B 202 -5.76 -2.27 76.83
N LYS B 203 -6.61 -1.36 77.30
CA LYS B 203 -7.34 -0.40 76.48
C LYS B 203 -7.99 0.61 77.41
N THR B 204 -8.79 1.49 76.84
CA THR B 204 -9.61 2.42 77.60
C THR B 204 -11.05 1.93 77.62
N LYS B 205 -11.93 2.70 78.25
CA LYS B 205 -13.33 2.29 78.33
C LYS B 205 -14.08 2.53 77.03
N GLU B 206 -13.81 3.65 76.36
CA GLU B 206 -14.59 4.00 75.17
C GLU B 206 -14.29 3.06 74.02
N TYR B 207 -13.03 2.65 73.87
CA TYR B 207 -12.69 1.67 72.84
C TYR B 207 -13.45 0.37 73.05
N VAL B 208 -13.44 -0.14 74.28
CA VAL B 208 -14.13 -1.39 74.57
C VAL B 208 -15.62 -1.24 74.35
N GLU B 209 -16.20 -0.11 74.74
CA GLU B 209 -17.63 0.10 74.56
C GLU B 209 -18.01 0.14 73.08
N ARG B 210 -17.23 0.87 72.28
CA ARG B 210 -17.53 0.93 70.85
C ARG B 210 -17.39 -0.44 70.21
N TRP B 211 -16.34 -1.18 70.57
CA TRP B 211 -16.15 -2.51 70.00
C TRP B 211 -17.30 -3.43 70.38
N ARG B 212 -17.73 -3.40 71.63
CA ARG B 212 -18.83 -4.28 72.07
C ARG B 212 -20.12 -3.92 71.36
N LYS B 213 -20.44 -2.63 71.28
CA LYS B 213 -21.68 -2.22 70.61
C LYS B 213 -21.66 -2.63 69.14
N ALA B 214 -20.54 -2.39 68.46
CA ALA B 214 -20.44 -2.78 67.06
C ALA B 214 -20.54 -4.30 66.90
N LEU B 215 -19.90 -5.05 67.79
CA LEU B 215 -19.97 -6.51 67.70
C LEU B 215 -21.39 -7.00 67.86
N GLU B 216 -22.13 -6.46 68.83
CA GLU B 216 -23.51 -6.88 69.01
C GLU B 216 -24.34 -6.54 67.78
N ASP B 217 -24.24 -5.29 67.30
CA ASP B 217 -25.08 -4.86 66.20
C ASP B 217 -24.71 -5.57 64.90
N VAL B 218 -23.49 -6.11 64.81
CA VAL B 218 -23.14 -6.86 63.61
C VAL B 218 -23.57 -8.31 63.76
N ALA B 219 -23.54 -8.85 64.97
CA ALA B 219 -24.12 -10.16 65.20
C ALA B 219 -25.62 -10.17 64.94
N THR B 220 -26.27 -9.01 65.02
CA THR B 220 -27.69 -8.93 64.68
C THR B 220 -27.96 -9.13 63.19
N ILE B 221 -27.00 -8.84 62.32
CA ILE B 221 -27.25 -8.85 60.89
C ILE B 221 -27.31 -10.29 60.38
N ALA B 222 -28.32 -10.58 59.56
CA ALA B 222 -28.48 -11.92 59.01
C ALA B 222 -27.65 -12.07 57.75
N GLY B 223 -26.69 -12.98 57.77
CA GLY B 223 -25.82 -13.21 56.63
C GLY B 223 -25.79 -14.64 56.16
N TYR B 224 -24.60 -15.24 56.15
CA TYR B 224 -24.39 -16.60 55.69
C TYR B 224 -23.61 -17.38 56.73
N HIS B 225 -23.96 -18.66 56.86
CA HIS B 225 -23.32 -19.54 57.83
C HIS B 225 -22.50 -20.59 57.09
N SER B 226 -21.27 -20.82 57.54
CA SER B 226 -20.43 -21.83 56.92
C SER B 226 -21.03 -23.22 57.08
N HIS B 227 -21.53 -23.54 58.28
CA HIS B 227 -21.98 -24.89 58.56
C HIS B 227 -23.32 -25.23 57.90
N LYS B 228 -24.00 -24.27 57.29
CA LYS B 228 -25.25 -24.55 56.61
C LYS B 228 -25.06 -24.88 55.13
N TRP B 229 -23.82 -24.95 54.65
CA TRP B 229 -23.54 -25.25 53.26
C TRP B 229 -22.67 -26.50 53.20
N ARG B 230 -23.04 -27.44 52.33
CA ARG B 230 -22.32 -28.70 52.27
C ARG B 230 -20.98 -28.57 51.57
N ASN B 231 -20.83 -27.60 50.68
CA ASN B 231 -19.58 -27.38 49.98
C ASN B 231 -19.29 -25.88 49.90
N GLU B 232 -18.03 -25.52 50.12
CA GLU B 232 -17.66 -24.10 50.20
C GLU B 232 -17.86 -23.40 48.87
N ALA B 233 -17.72 -24.12 47.76
CA ALA B 233 -17.82 -23.48 46.45
C ALA B 233 -19.21 -22.91 46.21
N ASP B 234 -20.25 -23.65 46.59
CA ASP B 234 -21.61 -23.17 46.39
C ASP B 234 -21.90 -21.94 47.25
N MET B 235 -21.40 -21.93 48.48
CA MET B 235 -21.62 -20.77 49.35
C MET B 235 -20.94 -19.52 48.77
N ILE B 236 -19.72 -19.66 48.26
CA ILE B 236 -19.02 -18.52 47.68
C ILE B 236 -19.72 -18.07 46.41
N GLU B 237 -20.21 -19.02 45.61
CA GLU B 237 -20.96 -18.66 44.41
C GLU B 237 -22.22 -17.88 44.78
N LYS B 238 -22.93 -18.33 45.81
CA LYS B 238 -24.13 -17.62 46.25
C LYS B 238 -23.80 -16.23 46.75
N ILE B 239 -22.70 -16.09 47.51
CA ILE B 239 -22.32 -14.78 48.02
C ILE B 239 -21.99 -13.84 46.87
N ALA B 240 -21.23 -14.32 45.89
CA ALA B 240 -20.88 -13.49 44.75
C ALA B 240 -22.11 -13.09 43.97
N THR B 241 -23.04 -14.04 43.76
CA THR B 241 -24.26 -13.73 43.04
C THR B 241 -25.08 -12.68 43.78
N ASP B 242 -25.21 -12.82 45.09
CA ASP B 242 -25.97 -11.85 45.88
C ASP B 242 -25.34 -10.46 45.78
N VAL B 243 -24.01 -10.39 45.93
CA VAL B 243 -23.35 -9.09 45.89
C VAL B 243 -23.52 -8.45 44.51
N SER B 244 -23.33 -9.23 43.45
CA SER B 244 -23.47 -8.69 42.11
C SER B 244 -24.89 -8.21 41.85
N ASN B 245 -25.89 -8.98 42.27
CA ASN B 245 -27.28 -8.58 42.06
C ASN B 245 -27.60 -7.31 42.83
N MET B 246 -27.29 -7.29 44.14
CA MET B 246 -27.63 -6.15 44.97
C MET B 246 -26.79 -4.93 44.62
N LEU B 247 -25.71 -5.11 43.86
CA LEU B 247 -25.01 -3.97 43.29
C LEU B 247 -25.78 -3.32 42.15
N ASN B 248 -26.88 -3.93 41.71
CA ASN B 248 -27.61 -3.49 40.52
C ASN B 248 -26.65 -3.37 39.34
N SER B 249 -25.79 -4.38 39.20
CA SER B 249 -24.74 -4.34 38.20
C SER B 249 -25.28 -4.28 36.78
N PHE B 250 -26.56 -4.59 36.59
CA PHE B 250 -27.23 -4.49 35.29
C PHE B 250 -26.50 -5.35 34.26
N LYS B 251 -26.23 -6.60 34.66
CA LYS B 251 -25.52 -7.53 33.79
C LYS B 251 -26.16 -7.71 32.41
N PRO B 252 -27.49 -7.81 32.27
CA PRO B 252 -28.06 -7.81 30.92
C PRO B 252 -27.68 -6.54 30.17
N SER B 253 -27.35 -6.71 28.89
CA SER B 253 -26.86 -5.60 28.09
C SER B 253 -28.00 -4.66 27.71
N ARG B 254 -27.78 -3.36 27.93
CA ARG B 254 -28.70 -2.35 27.43
C ARG B 254 -28.44 -2.00 25.97
N ASP B 255 -27.33 -2.48 25.39
CA ASP B 255 -27.09 -2.27 23.97
C ASP B 255 -28.16 -2.96 23.13
N PHE B 256 -28.63 -4.11 23.59
CA PHE B 256 -29.67 -4.84 22.88
C PHE B 256 -31.05 -4.27 23.21
N ASN B 257 -31.17 -2.95 23.10
CA ASN B 257 -32.45 -2.27 23.30
C ASN B 257 -32.72 -1.37 22.11
N GLY B 258 -31.66 -0.88 21.49
CA GLY B 258 -31.77 -0.05 20.30
C GLY B 258 -31.93 -0.80 19.01
N LEU B 259 -31.89 -2.12 19.05
CA LEU B 259 -32.11 -2.93 17.87
C LEU B 259 -33.58 -3.23 17.69
N VAL B 260 -33.99 -3.36 16.42
CA VAL B 260 -35.40 -3.39 16.05
C VAL B 260 -35.73 -4.74 15.46
N GLY B 261 -36.78 -5.36 15.99
CA GLY B 261 -37.41 -6.49 15.34
C GLY B 261 -36.57 -7.73 15.17
N MET B 262 -35.84 -8.12 16.22
CA MET B 262 -35.14 -9.40 16.15
C MET B 262 -35.95 -10.54 16.76
N ARG B 263 -37.18 -10.27 17.21
CA ARG B 263 -38.04 -11.38 17.61
C ARG B 263 -38.33 -12.29 16.44
N ALA B 264 -38.53 -11.71 15.25
CA ALA B 264 -38.76 -12.52 14.06
C ALA B 264 -37.55 -13.42 13.78
N HIS B 265 -36.35 -12.86 13.84
CA HIS B 265 -35.16 -13.66 13.60
C HIS B 265 -35.04 -14.77 14.64
N MET B 266 -35.22 -14.44 15.91
CA MET B 266 -35.04 -15.43 16.95
C MET B 266 -36.08 -16.54 16.87
N ASP B 267 -37.32 -16.18 16.52
CA ASP B 267 -38.34 -17.20 16.39
C ASP B 267 -38.08 -18.10 15.19
N MET B 268 -37.69 -17.52 14.05
CA MET B 268 -37.35 -18.33 12.90
C MET B 268 -36.14 -19.22 13.17
N LEU B 269 -35.23 -18.77 14.01
CA LEU B 269 -33.98 -19.48 14.23
C LEU B 269 -34.07 -20.52 15.33
N GLU B 270 -35.02 -20.35 16.25
CA GLU B 270 -35.29 -21.37 17.25
C GLU B 270 -35.75 -22.67 16.59
N GLN B 271 -36.58 -22.57 15.56
CA GLN B 271 -37.05 -23.76 14.85
C GLN B 271 -35.89 -24.52 14.22
N LEU B 272 -34.92 -23.79 13.65
CA LEU B 272 -33.73 -24.46 13.15
C LEU B 272 -32.86 -24.98 14.27
N LEU B 273 -32.93 -24.36 15.45
CA LEU B 273 -32.06 -24.75 16.54
C LEU B 273 -32.53 -26.06 17.18
N ARG B 274 -33.73 -26.04 17.76
CA ARG B 274 -34.33 -27.22 18.41
C ARG B 274 -33.34 -27.86 19.39
N LEU B 275 -33.04 -27.09 20.44
CA LEU B 275 -32.01 -27.51 21.37
C LEU B 275 -32.44 -28.64 22.29
N VAL B 276 -33.59 -29.27 22.02
CA VAL B 276 -33.99 -30.44 22.80
C VAL B 276 -33.80 -31.75 22.04
N LEU B 277 -33.11 -31.73 20.90
CA LEU B 277 -32.93 -32.93 20.11
C LEU B 277 -31.62 -33.66 20.40
N ASP B 278 -30.79 -33.14 21.31
CA ASP B 278 -29.53 -33.73 21.74
C ASP B 278 -28.69 -34.33 20.60
N GLU B 279 -28.76 -33.72 19.43
CA GLU B 279 -27.85 -34.03 18.33
C GLU B 279 -26.67 -33.07 18.43
N VAL B 280 -25.85 -33.00 17.36
CA VAL B 280 -24.73 -32.07 17.32
C VAL B 280 -24.99 -31.16 16.12
N ARG B 281 -26.27 -30.85 15.91
CA ARG B 281 -26.70 -30.19 14.68
C ARG B 281 -25.92 -28.91 14.39
N MET B 282 -25.66 -28.68 13.11
CA MET B 282 -24.90 -27.54 12.61
C MET B 282 -25.87 -26.59 11.91
N ILE B 283 -25.71 -25.30 12.15
CA ILE B 283 -26.66 -24.31 11.65
C ILE B 283 -25.91 -23.20 10.94
N GLY B 284 -26.42 -22.81 9.76
CA GLY B 284 -25.83 -21.73 9.01
C GLY B 284 -26.68 -20.48 8.98
N ILE B 285 -26.05 -19.33 8.71
CA ILE B 285 -26.72 -18.04 8.60
C ILE B 285 -26.03 -17.28 7.48
N TRP B 286 -26.73 -17.05 6.37
CA TRP B 286 -26.08 -16.37 5.26
C TRP B 286 -27.02 -15.32 4.70
N GLY B 287 -26.41 -14.25 4.17
CA GLY B 287 -27.14 -13.15 3.60
C GLY B 287 -26.19 -12.08 3.13
N PRO B 288 -26.68 -11.14 2.33
CA PRO B 288 -25.83 -10.08 1.81
C PRO B 288 -25.10 -9.36 2.93
N PRO B 289 -23.92 -8.82 2.64
CA PRO B 289 -23.16 -8.12 3.70
C PRO B 289 -23.92 -6.93 4.24
N GLY B 290 -24.04 -6.88 5.55
CA GLY B 290 -24.68 -5.77 6.22
C GLY B 290 -26.12 -5.98 6.62
N ILE B 291 -26.66 -7.19 6.47
CA ILE B 291 -28.02 -7.42 6.94
C ILE B 291 -28.07 -7.61 8.44
N GLY B 292 -27.00 -8.07 9.06
CA GLY B 292 -27.00 -8.17 10.50
C GLY B 292 -26.69 -9.55 11.03
N LYS B 293 -25.98 -10.35 10.24
CA LYS B 293 -25.60 -11.68 10.69
C LYS B 293 -24.81 -11.62 11.99
N THR B 294 -23.88 -10.68 12.07
CA THR B 294 -23.06 -10.56 13.28
C THR B 294 -23.91 -10.17 14.49
N THR B 295 -24.81 -9.21 14.31
CA THR B 295 -25.67 -8.80 15.42
C THR B 295 -26.61 -9.92 15.83
N ILE B 296 -27.16 -10.64 14.85
CA ILE B 296 -28.04 -11.76 15.17
C ILE B 296 -27.28 -12.82 15.97
N ALA B 297 -26.05 -13.12 15.54
CA ALA B 297 -25.25 -14.09 16.27
C ALA B 297 -24.97 -13.62 17.69
N ARG B 298 -24.64 -12.34 17.85
CA ARG B 298 -24.36 -11.82 19.19
C ARG B 298 -25.57 -11.94 20.10
N PHE B 299 -26.74 -11.53 19.58
CA PHE B 299 -27.95 -11.59 20.39
C PHE B 299 -28.31 -13.01 20.75
N LEU B 300 -28.21 -13.92 19.79
CA LEU B 300 -28.52 -15.32 20.05
C LEU B 300 -27.57 -15.89 21.08
N PHE B 301 -26.28 -15.57 20.97
CA PHE B 301 -25.31 -16.02 21.96
C PHE B 301 -25.69 -15.52 23.34
N ASN B 302 -26.01 -14.24 23.45
CA ASN B 302 -26.39 -13.70 24.75
C ASN B 302 -27.61 -14.39 25.32
N GLN B 303 -28.59 -14.70 24.48
CA GLN B 303 -29.80 -15.34 24.98
C GLN B 303 -29.57 -16.79 25.37
N VAL B 304 -28.69 -17.49 24.67
CA VAL B 304 -28.71 -18.95 24.74
C VAL B 304 -27.49 -19.56 25.44
N SER B 305 -26.33 -18.90 25.40
CA SER B 305 -25.09 -19.54 25.80
C SER B 305 -25.10 -20.04 27.24
N ASP B 306 -25.98 -19.49 28.08
CA ASP B 306 -25.99 -19.89 29.49
C ASP B 306 -26.49 -21.30 29.70
N ARG B 307 -27.07 -21.94 28.68
CA ARG B 307 -27.65 -23.26 28.82
C ARG B 307 -26.70 -24.38 28.41
N PHE B 308 -25.43 -24.06 28.18
CA PHE B 308 -24.45 -25.05 27.76
C PHE B 308 -23.27 -25.03 28.70
N GLN B 309 -22.62 -26.19 28.85
CA GLN B 309 -21.46 -26.27 29.74
C GLN B 309 -20.34 -25.36 29.25
N LEU B 310 -20.09 -25.33 27.95
CA LEU B 310 -19.03 -24.53 27.37
C LEU B 310 -19.59 -23.75 26.20
N SER B 311 -19.25 -22.46 26.14
CA SER B 311 -19.73 -21.59 25.09
C SER B 311 -18.56 -20.76 24.57
N ALA B 312 -18.63 -20.40 23.29
CA ALA B 312 -17.56 -19.64 22.66
C ALA B 312 -18.10 -18.91 21.45
N ILE B 313 -17.63 -17.68 21.25
CA ILE B 313 -18.00 -16.87 20.10
C ILE B 313 -16.73 -16.33 19.46
N MET B 314 -16.62 -16.49 18.14
CA MET B 314 -15.49 -16.00 17.37
C MET B 314 -15.99 -15.04 16.32
N VAL B 315 -15.48 -13.82 16.34
CA VAL B 315 -16.02 -12.71 15.56
C VAL B 315 -15.00 -12.33 14.50
N ASN B 316 -15.47 -12.15 13.27
CA ASN B 316 -14.65 -11.72 12.14
C ASN B 316 -13.47 -12.67 11.91
N ILE B 317 -13.80 -13.95 11.73
CA ILE B 317 -12.79 -14.93 11.37
C ILE B 317 -12.20 -14.61 10.02
N LYS B 318 -13.02 -14.08 9.10
CA LYS B 318 -12.53 -13.72 7.77
C LYS B 318 -11.42 -12.69 7.85
N GLY B 319 -11.54 -11.72 8.76
CA GLY B 319 -10.56 -10.65 8.82
C GLY B 319 -9.19 -11.12 9.27
N CYS B 320 -9.14 -11.96 10.30
CA CYS B 320 -7.86 -12.33 10.89
C CYS B 320 -7.11 -13.33 10.03
N TYR B 321 -7.83 -14.18 9.29
CA TYR B 321 -7.18 -15.22 8.52
C TYR B 321 -6.33 -14.58 7.42
N PRO B 322 -5.12 -15.09 7.20
CA PRO B 322 -4.25 -14.51 6.17
C PRO B 322 -4.88 -14.59 4.79
N ARG B 323 -4.69 -13.53 4.00
CA ARG B 323 -5.25 -13.54 2.65
C ARG B 323 -4.53 -14.51 1.73
N PRO B 324 -3.22 -14.39 1.50
CA PRO B 324 -2.56 -15.38 0.62
C PRO B 324 -2.63 -16.78 1.19
N CYS B 325 -2.57 -16.93 2.51
CA CYS B 325 -2.55 -18.22 3.18
C CYS B 325 -1.43 -19.10 2.63
N PHE B 326 -0.19 -18.63 2.83
CA PHE B 326 0.96 -19.37 2.34
C PHE B 326 1.14 -20.68 3.09
N ASP B 327 0.86 -20.69 4.40
CA ASP B 327 0.96 -21.89 5.22
C ASP B 327 -0.41 -22.13 5.85
N GLU B 328 -1.17 -23.04 5.25
CA GLU B 328 -2.52 -23.30 5.74
C GLU B 328 -2.50 -23.94 7.13
N TYR B 329 -1.60 -24.89 7.35
CA TYR B 329 -1.65 -25.66 8.59
C TYR B 329 -1.35 -24.78 9.80
N SER B 330 -0.39 -23.88 9.69
CA SER B 330 -0.09 -23.00 10.80
C SER B 330 -1.26 -22.08 11.11
N ALA B 331 -1.91 -21.54 10.07
CA ALA B 331 -3.06 -20.68 10.29
C ALA B 331 -4.20 -21.45 10.95
N GLN B 332 -4.46 -22.67 10.49
CA GLN B 332 -5.50 -23.49 11.09
C GLN B 332 -5.19 -23.80 12.55
N LEU B 333 -3.92 -24.09 12.85
CA LEU B 333 -3.53 -24.36 14.22
C LEU B 333 -3.75 -23.13 15.09
N GLN B 334 -3.37 -21.96 14.59
CA GLN B 334 -3.57 -20.73 15.38
C GLN B 334 -5.05 -20.45 15.60
N LEU B 335 -5.87 -20.70 14.58
CA LEU B 335 -7.30 -20.46 14.70
C LEU B 335 -7.92 -21.38 15.74
N GLN B 336 -7.58 -22.67 15.68
CA GLN B 336 -8.07 -23.58 16.71
C GLN B 336 -7.53 -23.23 18.08
N ASN B 337 -6.32 -22.67 18.13
CA ASN B 337 -5.77 -22.23 19.41
C ASN B 337 -6.62 -21.12 20.01
N GLN B 338 -7.00 -20.14 19.18
CA GLN B 338 -7.88 -19.08 19.66
C GLN B 338 -9.21 -19.65 20.13
N MET B 339 -9.79 -20.54 19.33
CA MET B 339 -11.08 -21.11 19.69
C MET B 339 -11.00 -21.85 21.01
N LEU B 340 -9.94 -22.63 21.23
CA LEU B 340 -9.80 -23.36 22.48
C LEU B 340 -9.57 -22.41 23.65
N SER B 341 -8.73 -21.40 23.45
CA SER B 341 -8.42 -20.48 24.54
C SER B 341 -9.64 -19.69 24.96
N GLN B 342 -10.57 -19.44 24.04
CA GLN B 342 -11.75 -18.68 24.40
C GLN B 342 -12.91 -19.59 24.80
N MET B 343 -12.90 -20.86 24.39
CA MET B 343 -13.93 -21.80 24.80
C MET B 343 -13.63 -22.37 26.19
N ILE B 344 -12.52 -23.09 26.30
CA ILE B 344 -12.00 -23.45 27.61
C ILE B 344 -11.42 -22.21 28.25
N ASN B 345 -11.60 -22.08 29.55
CA ASN B 345 -11.05 -20.89 30.20
C ASN B 345 -9.55 -20.91 30.31
N HIS B 346 -8.90 -21.88 29.67
CA HIS B 346 -7.44 -21.89 29.60
C HIS B 346 -6.95 -20.66 28.88
N LYS B 347 -6.31 -19.76 29.63
CA LYS B 347 -6.00 -18.43 29.10
C LYS B 347 -5.02 -18.51 27.94
N ASP B 348 -3.98 -19.34 28.06
CA ASP B 348 -2.93 -19.41 27.05
C ASP B 348 -2.59 -20.86 26.78
N ILE B 349 -3.20 -21.42 25.75
CA ILE B 349 -2.88 -22.76 25.28
C ILE B 349 -1.95 -22.62 24.08
N MET B 350 -1.09 -23.59 23.89
CA MET B 350 -0.33 -23.72 22.65
C MET B 350 -0.60 -25.11 22.10
N ILE B 351 -1.34 -25.17 21.01
CA ILE B 351 -1.80 -26.43 20.45
C ILE B 351 -0.70 -27.01 19.57
N SER B 352 -0.47 -28.31 19.70
CA SER B 352 0.54 -28.99 18.89
C SER B 352 -0.04 -29.57 17.62
N HIS B 353 -1.27 -30.09 17.66
CA HIS B 353 -1.87 -30.74 16.51
C HIS B 353 -3.35 -30.40 16.47
N LEU B 354 -3.91 -30.39 15.25
CA LEU B 354 -5.29 -29.96 15.06
C LEU B 354 -6.31 -30.87 15.72
N GLY B 355 -5.90 -31.98 16.29
CA GLY B 355 -6.83 -32.90 16.90
C GLY B 355 -7.17 -32.63 18.35
N VAL B 356 -6.69 -31.53 18.92
CA VAL B 356 -6.91 -31.27 20.34
C VAL B 356 -8.38 -31.02 20.63
N ALA B 357 -9.05 -30.25 19.77
CA ALA B 357 -10.46 -29.94 20.00
C ALA B 357 -11.31 -31.19 20.00
N GLN B 358 -11.06 -32.10 19.07
CA GLN B 358 -11.79 -33.36 19.06
C GLN B 358 -11.55 -34.14 20.34
N GLU B 359 -10.30 -34.16 20.81
CA GLU B 359 -9.97 -34.90 22.03
C GLU B 359 -10.64 -34.30 23.25
N ARG B 360 -10.77 -32.98 23.31
CA ARG B 360 -11.17 -32.31 24.52
C ARG B 360 -12.68 -32.12 24.63
N LEU B 361 -13.36 -31.92 23.49
CA LEU B 361 -14.79 -31.63 23.49
C LEU B 361 -15.62 -32.84 23.10
N ARG B 362 -15.10 -34.05 23.26
CA ARG B 362 -15.84 -35.24 22.82
C ARG B 362 -17.16 -35.40 23.56
N ASP B 363 -17.17 -35.16 24.87
CA ASP B 363 -18.32 -35.50 25.69
C ASP B 363 -18.90 -34.29 26.43
N LYS B 364 -19.03 -33.16 25.74
CA LYS B 364 -19.51 -31.95 26.39
C LYS B 364 -20.51 -31.22 25.52
N LYS B 365 -21.51 -30.64 26.17
CA LYS B 365 -22.53 -29.85 25.51
C LYS B 365 -21.98 -28.47 25.23
N VAL B 366 -21.77 -28.15 23.95
CA VAL B 366 -20.97 -27.01 23.54
C VAL B 366 -21.78 -26.12 22.61
N PHE B 367 -21.77 -24.82 22.88
CA PHE B 367 -22.39 -23.83 22.01
C PHE B 367 -21.30 -22.96 21.43
N LEU B 368 -21.06 -23.09 20.13
CA LEU B 368 -19.98 -22.38 19.45
C LEU B 368 -20.54 -21.54 18.32
N VAL B 369 -20.12 -20.29 18.24
CA VAL B 369 -20.55 -19.36 17.19
C VAL B 369 -19.32 -18.93 16.42
N LEU B 370 -19.37 -19.06 15.10
CA LEU B 370 -18.30 -18.64 14.21
C LEU B 370 -18.88 -17.60 13.26
N ASP B 371 -18.25 -16.44 13.16
CA ASP B 371 -18.78 -15.34 12.39
C ASP B 371 -17.89 -15.06 11.18
N GLU B 372 -18.53 -14.81 10.04
CA GLU B 372 -17.86 -14.48 8.78
C GLU B 372 -16.78 -15.53 8.46
N VAL B 373 -17.25 -16.76 8.27
CA VAL B 373 -16.42 -17.84 7.76
C VAL B 373 -16.34 -17.65 6.26
N ASP B 374 -15.12 -17.47 5.74
CA ASP B 374 -14.96 -17.10 4.35
C ASP B 374 -14.74 -18.30 3.45
N GLN B 375 -13.94 -19.27 3.91
CA GLN B 375 -13.60 -20.42 3.09
C GLN B 375 -13.57 -21.66 3.97
N LEU B 376 -13.35 -22.81 3.34
CA LEU B 376 -13.53 -24.09 4.00
C LEU B 376 -12.39 -24.43 4.95
N GLY B 377 -11.22 -23.81 4.78
CA GLY B 377 -10.12 -24.07 5.68
C GLY B 377 -10.45 -23.70 7.11
N GLN B 378 -11.12 -22.57 7.31
CA GLN B 378 -11.52 -22.18 8.66
C GLN B 378 -12.44 -23.21 9.28
N LEU B 379 -13.41 -23.70 8.50
CA LEU B 379 -14.34 -24.69 9.02
C LEU B 379 -13.62 -25.97 9.41
N ASP B 380 -12.70 -26.43 8.55
CA ASP B 380 -11.94 -27.63 8.88
C ASP B 380 -11.12 -27.42 10.14
N ALA B 381 -10.55 -26.23 10.31
CA ALA B 381 -9.77 -25.95 11.51
C ALA B 381 -10.63 -25.97 12.76
N LEU B 382 -11.83 -25.37 12.69
CA LEU B 382 -12.61 -25.14 13.89
C LEU B 382 -13.59 -26.26 14.20
N ALA B 383 -14.35 -26.70 13.18
CA ALA B 383 -15.34 -27.75 13.38
C ALA B 383 -15.44 -28.55 12.10
N LYS B 384 -14.72 -29.67 12.04
CA LYS B 384 -14.73 -30.49 10.84
C LYS B 384 -15.87 -31.48 10.84
N GLU B 385 -16.12 -32.11 11.97
CA GLU B 385 -17.14 -33.15 12.07
C GLU B 385 -17.96 -32.95 13.32
N THR B 386 -19.21 -33.42 13.27
CA THR B 386 -20.06 -33.37 14.45
C THR B 386 -19.53 -34.21 15.59
N ARG B 387 -18.70 -35.21 15.29
CA ARG B 387 -18.12 -36.05 16.33
C ARG B 387 -17.16 -35.29 17.24
N TRP B 388 -16.73 -34.09 16.83
CA TRP B 388 -15.84 -33.30 17.68
C TRP B 388 -16.54 -32.85 18.96
N PHE B 389 -17.86 -32.86 18.98
CA PHE B 389 -18.63 -32.26 20.06
C PHE B 389 -19.57 -33.29 20.68
N GLY B 390 -19.89 -33.06 21.95
CA GLY B 390 -20.75 -33.97 22.68
C GLY B 390 -22.20 -33.82 22.29
N PRO B 391 -23.04 -34.64 22.91
CA PRO B 391 -24.47 -34.59 22.60
C PRO B 391 -25.08 -33.25 23.00
N GLY B 392 -26.04 -32.81 22.20
CA GLY B 392 -26.72 -31.56 22.47
C GLY B 392 -25.95 -30.31 22.07
N SER B 393 -24.75 -30.45 21.52
CA SER B 393 -23.97 -29.29 21.15
C SER B 393 -24.53 -28.63 19.90
N ARG B 394 -24.38 -27.32 19.82
CA ARG B 394 -24.80 -26.55 18.66
C ARG B 394 -23.66 -25.66 18.23
N ILE B 395 -23.39 -25.59 16.94
CA ILE B 395 -22.49 -24.59 16.39
C ILE B 395 -23.22 -23.85 15.29
N ILE B 396 -22.97 -22.55 15.22
CA ILE B 396 -23.67 -21.64 14.33
C ILE B 396 -22.63 -20.86 13.57
N ILE B 397 -22.60 -21.04 12.25
CA ILE B 397 -21.62 -20.38 11.42
C ILE B 397 -22.33 -19.42 10.48
N THR B 398 -21.89 -18.17 10.51
CA THR B 398 -22.48 -17.11 9.70
C THR B 398 -21.54 -16.81 8.55
N THR B 399 -22.08 -16.71 7.34
CA THR B 399 -21.26 -16.47 6.17
C THR B 399 -22.00 -15.65 5.11
N GLU B 400 -21.35 -15.40 3.99
CA GLU B 400 -21.99 -14.80 2.84
C GLU B 400 -22.06 -15.72 1.63
N ASP B 401 -21.28 -16.79 1.62
CA ASP B 401 -21.25 -17.72 0.50
C ASP B 401 -21.89 -19.03 0.92
N LEU B 402 -22.96 -19.41 0.21
CA LEU B 402 -23.66 -20.64 0.54
C LEU B 402 -22.85 -21.86 0.17
N GLY B 403 -21.96 -21.74 -0.81
CA GLY B 403 -21.16 -22.88 -1.23
C GLY B 403 -20.31 -23.43 -0.10
N VAL B 404 -19.82 -22.56 0.76
CA VAL B 404 -19.06 -23.02 1.92
C VAL B 404 -19.92 -23.90 2.81
N LEU B 405 -21.16 -23.47 3.07
CA LEU B 405 -22.06 -24.28 3.88
C LEU B 405 -22.36 -25.61 3.22
N LYS B 406 -22.67 -25.58 1.92
CA LYS B 406 -23.05 -26.81 1.23
C LYS B 406 -21.89 -27.80 1.20
N ALA B 407 -20.69 -27.30 0.91
CA ALA B 407 -19.53 -28.20 0.84
C ALA B 407 -19.27 -28.88 2.16
N HIS B 408 -19.56 -28.21 3.27
CA HIS B 408 -19.41 -28.82 4.58
C HIS B 408 -20.64 -29.62 5.00
N GLY B 409 -21.69 -29.62 4.19
CA GLY B 409 -22.88 -30.40 4.50
C GLY B 409 -23.61 -29.89 5.72
N ILE B 410 -24.22 -28.72 5.62
CA ILE B 410 -24.93 -28.12 6.75
C ILE B 410 -26.41 -28.46 6.68
N ASN B 411 -27.08 -28.01 5.62
CA ASN B 411 -28.48 -28.29 5.32
C ASN B 411 -29.45 -27.72 6.35
N HIS B 412 -28.97 -27.02 7.37
CA HIS B 412 -29.82 -26.33 8.32
C HIS B 412 -29.44 -24.86 8.23
N VAL B 413 -30.12 -24.14 7.32
CA VAL B 413 -29.68 -22.82 6.90
C VAL B 413 -30.82 -21.83 7.14
N TYR B 414 -30.50 -20.72 7.81
CA TYR B 414 -31.43 -19.61 7.97
C TYR B 414 -30.96 -18.48 7.07
N LYS B 415 -31.69 -18.23 5.99
CA LYS B 415 -31.40 -17.12 5.10
C LYS B 415 -32.03 -15.86 5.68
N VAL B 416 -31.18 -14.96 6.19
CA VAL B 416 -31.69 -13.76 6.83
C VAL B 416 -32.39 -12.89 5.80
N GLY B 417 -33.51 -12.29 6.20
CA GLY B 417 -34.27 -11.47 5.30
C GLY B 417 -34.28 -10.01 5.68
N TYR B 418 -34.55 -9.14 4.71
CA TYR B 418 -34.60 -7.71 4.98
C TYR B 418 -35.74 -7.42 5.96
N PRO B 419 -35.59 -6.40 6.80
CA PRO B 419 -36.67 -6.03 7.71
C PRO B 419 -37.81 -5.37 6.96
N SER B 420 -38.95 -5.28 7.63
CA SER B 420 -40.11 -4.64 7.03
C SER B 420 -39.86 -3.14 6.88
N ASN B 421 -40.64 -2.51 5.99
CA ASN B 421 -40.46 -1.09 5.74
C ASN B 421 -40.64 -0.28 7.02
N ASP B 422 -41.63 -0.64 7.84
CA ASP B 422 -41.81 0.04 9.11
C ASP B 422 -40.61 -0.17 10.02
N GLU B 423 -40.10 -1.39 10.09
CA GLU B 423 -38.92 -1.65 10.92
C GLU B 423 -37.69 -0.94 10.36
N ALA B 424 -37.58 -0.88 9.03
CA ALA B 424 -36.46 -0.14 8.44
C ALA B 424 -36.53 1.33 8.82
N PHE B 425 -37.73 1.91 8.78
CA PHE B 425 -37.88 3.30 9.18
C PHE B 425 -37.56 3.48 10.65
N GLN B 426 -37.94 2.51 11.48
CA GLN B 426 -37.61 2.61 12.91
C GLN B 426 -36.10 2.59 13.12
N ILE B 427 -35.39 1.73 12.40
CA ILE B 427 -33.94 1.68 12.54
C ILE B 427 -33.32 2.99 12.07
N PHE B 428 -33.77 3.49 10.92
CA PHE B 428 -33.24 4.75 10.42
C PHE B 428 -33.49 5.89 11.39
N CYS B 429 -34.69 5.95 11.97
CA CYS B 429 -35.00 6.99 12.93
C CYS B 429 -34.17 6.85 14.19
N MET B 430 -33.96 5.62 14.65
CA MET B 430 -33.12 5.42 15.83
C MET B 430 -31.72 5.96 15.57
N ASN B 431 -31.17 5.71 14.38
CA ASN B 431 -29.81 6.16 14.12
C ASN B 431 -29.75 7.65 13.84
N ALA B 432 -30.81 8.23 13.29
CA ALA B 432 -30.76 9.64 12.92
C ALA B 432 -31.26 10.55 14.04
N PHE B 433 -32.51 10.41 14.42
CA PHE B 433 -33.12 11.29 15.41
C PHE B 433 -32.98 10.79 16.83
N GLY B 434 -32.44 9.60 17.05
CA GLY B 434 -32.27 9.07 18.38
C GLY B 434 -33.51 8.47 19.00
N GLN B 435 -34.62 8.45 18.28
CA GLN B 435 -35.87 7.84 18.75
C GLN B 435 -36.48 7.08 17.59
N LYS B 436 -37.53 6.32 17.89
CA LYS B 436 -38.14 5.49 16.85
C LYS B 436 -39.02 6.28 15.89
N GLN B 437 -39.27 7.56 16.15
CA GLN B 437 -40.11 8.36 15.29
C GLN B 437 -39.40 9.67 14.94
N PRO B 438 -39.59 10.16 13.72
CA PRO B 438 -38.88 11.38 13.32
C PRO B 438 -39.39 12.61 14.02
N HIS B 439 -38.55 13.63 14.05
CA HIS B 439 -38.97 14.95 14.51
C HIS B 439 -39.90 15.60 13.50
N GLU B 440 -40.63 16.60 13.95
CA GLU B 440 -41.69 17.20 13.14
C GLU B 440 -41.12 17.81 11.87
N GLY B 441 -41.85 17.61 10.77
CA GLY B 441 -41.46 18.16 9.48
C GLY B 441 -40.41 17.37 8.73
N PHE B 442 -39.81 16.37 9.34
CA PHE B 442 -38.76 15.58 8.70
C PHE B 442 -39.30 14.38 7.93
N ASP B 443 -40.60 14.10 8.03
CA ASP B 443 -41.12 12.82 7.55
C ASP B 443 -40.80 12.58 6.09
N GLU B 444 -41.10 13.54 5.23
CA GLU B 444 -40.94 13.33 3.79
C GLU B 444 -39.49 13.13 3.42
N ILE B 445 -38.61 14.02 3.91
CA ILE B 445 -37.19 13.91 3.58
C ILE B 445 -36.59 12.67 4.22
N ALA B 446 -37.03 12.32 5.44
CA ALA B 446 -36.54 11.10 6.07
C ALA B 446 -36.89 9.88 5.25
N ARG B 447 -38.13 9.82 4.74
CA ARG B 447 -38.52 8.68 3.93
C ARG B 447 -37.77 8.65 2.60
N GLU B 448 -37.50 9.82 2.03
CA GLU B 448 -36.68 9.85 0.82
C GLU B 448 -35.29 9.27 1.07
N VAL B 449 -34.67 9.68 2.17
CA VAL B 449 -33.33 9.18 2.50
C VAL B 449 -33.39 7.67 2.74
N MET B 450 -34.40 7.22 3.48
CA MET B 450 -34.58 5.79 3.70
C MET B 450 -34.67 5.03 2.39
N ALA B 451 -35.55 5.48 1.49
CA ALA B 451 -35.70 4.79 0.20
C ALA B 451 -34.38 4.80 -0.56
N LEU B 452 -33.58 5.85 -0.39
CA LEU B 452 -32.25 5.84 -0.97
C LEU B 452 -31.38 4.77 -0.34
N ALA B 453 -31.55 4.50 0.94
CA ALA B 453 -30.76 3.51 1.65
C ALA B 453 -31.16 2.08 1.35
N GLY B 454 -32.00 1.85 0.37
CA GLY B 454 -32.44 0.51 0.05
C GLY B 454 -33.19 -0.09 1.24
N GLU B 455 -32.72 -1.22 1.72
CA GLU B 455 -33.30 -1.82 2.90
C GLU B 455 -32.26 -2.37 3.87
N LEU B 456 -30.97 -2.28 3.53
CA LEU B 456 -29.93 -2.85 4.37
C LEU B 456 -29.89 -2.14 5.72
N PRO B 457 -29.86 -2.87 6.83
CA PRO B 457 -29.62 -2.21 8.12
C PRO B 457 -28.32 -1.43 8.15
N LEU B 458 -27.29 -1.93 7.46
CA LEU B 458 -26.04 -1.20 7.41
C LEU B 458 -26.21 0.15 6.74
N GLY B 459 -26.91 0.17 5.61
CA GLY B 459 -27.14 1.43 4.92
C GLY B 459 -27.98 2.40 5.73
N LEU B 460 -29.03 1.87 6.38
CA LEU B 460 -29.87 2.73 7.21
C LEU B 460 -29.07 3.32 8.37
N LYS B 461 -28.27 2.50 9.03
CA LYS B 461 -27.43 3.01 10.12
C LYS B 461 -26.46 4.06 9.62
N VAL B 462 -25.81 3.81 8.49
CA VAL B 462 -24.82 4.74 7.99
C VAL B 462 -25.47 6.09 7.67
N LEU B 463 -26.58 6.07 6.93
CA LEU B 463 -27.22 7.32 6.55
C LEU B 463 -27.77 8.05 7.77
N GLY B 464 -28.41 7.32 8.69
CA GLY B 464 -28.94 7.97 9.87
C GLY B 464 -27.86 8.61 10.71
N SER B 465 -26.74 7.92 10.90
CA SER B 465 -25.65 8.51 11.65
C SER B 465 -25.07 9.71 10.90
N ALA B 466 -25.00 9.64 9.58
CA ALA B 466 -24.47 10.75 8.81
C ALA B 466 -25.36 11.98 8.93
N LEU B 467 -26.65 11.79 9.19
CA LEU B 467 -27.58 12.91 9.24
C LEU B 467 -28.13 13.18 10.63
N ARG B 468 -27.39 12.85 11.70
CA ARG B 468 -27.99 12.88 13.02
C ARG B 468 -28.31 14.31 13.46
N GLY B 469 -27.29 15.15 13.60
CA GLY B 469 -27.49 16.43 14.24
C GLY B 469 -27.78 17.56 13.27
N LYS B 470 -28.11 17.23 12.03
CA LYS B 470 -28.31 18.22 11.00
C LYS B 470 -29.66 18.89 11.17
N SER B 471 -29.93 19.87 10.30
CA SER B 471 -31.21 20.55 10.23
C SER B 471 -31.84 20.34 8.87
N LYS B 472 -33.14 20.60 8.78
CA LYS B 472 -33.91 20.27 7.58
C LYS B 472 -33.31 20.83 6.29
N PRO B 473 -32.90 22.09 6.20
CA PRO B 473 -32.25 22.53 4.96
C PRO B 473 -30.99 21.74 4.64
N GLU B 474 -30.24 21.39 5.67
CA GLU B 474 -29.06 20.55 5.46
C GLU B 474 -29.45 19.19 4.91
N TRP B 475 -30.52 18.60 5.44
CA TRP B 475 -31.02 17.35 4.87
C TRP B 475 -31.33 17.51 3.40
N GLU B 476 -32.07 18.58 3.05
CA GLU B 476 -32.52 18.75 1.68
C GLU B 476 -31.35 18.96 0.73
N ARG B 477 -30.34 19.70 1.15
CA ARG B 477 -29.23 19.96 0.25
C ARG B 477 -28.11 18.93 0.34
N THR B 478 -28.18 17.99 1.28
CA THR B 478 -27.24 16.88 1.31
C THR B 478 -27.80 15.62 0.66
N LEU B 479 -29.11 15.52 0.51
CA LEU B 479 -29.67 14.38 -0.23
C LEU B 479 -29.07 14.21 -1.62
N PRO B 480 -28.92 15.25 -2.45
CA PRO B 480 -28.26 15.04 -3.74
C PRO B 480 -26.83 14.53 -3.61
N ARG B 481 -26.10 14.97 -2.58
CA ARG B 481 -24.77 14.43 -2.34
C ARG B 481 -24.85 12.94 -2.04
N LEU B 482 -25.85 12.53 -1.25
CA LEU B 482 -26.01 11.12 -0.93
C LEU B 482 -26.29 10.31 -2.18
N LYS B 483 -27.11 10.83 -3.08
CA LYS B 483 -27.46 10.08 -4.28
C LYS B 483 -26.24 9.86 -5.17
N THR B 484 -25.42 10.90 -5.35
CA THR B 484 -24.34 10.81 -6.33
C THR B 484 -23.21 9.92 -5.87
N SER B 485 -22.84 10.00 -4.59
CA SER B 485 -21.68 9.30 -4.06
C SER B 485 -22.11 8.30 -2.99
N LEU B 486 -21.58 7.09 -3.07
CA LEU B 486 -21.84 6.08 -2.06
C LEU B 486 -20.90 6.28 -0.88
N ASP B 487 -21.43 6.21 0.33
CA ASP B 487 -20.64 6.52 1.52
C ASP B 487 -19.49 5.55 1.68
N GLY B 488 -18.40 6.03 2.27
CA GLY B 488 -17.21 5.22 2.40
C GLY B 488 -17.39 4.00 3.28
N LYS B 489 -18.18 4.13 4.35
CA LYS B 489 -18.35 3.00 5.26
C LYS B 489 -19.07 1.84 4.60
N ILE B 490 -20.09 2.13 3.79
CA ILE B 490 -20.71 1.10 2.98
C ILE B 490 -19.75 0.62 1.91
N GLY B 491 -19.03 1.54 1.29
CA GLY B 491 -18.20 1.20 0.15
C GLY B 491 -17.10 0.23 0.49
N SER B 492 -16.41 0.44 1.60
CA SER B 492 -15.31 -0.45 1.97
C SER B 492 -15.82 -1.85 2.28
N ILE B 493 -16.93 -1.95 3.02
CA ILE B 493 -17.45 -3.26 3.38
C ILE B 493 -17.88 -4.02 2.14
N ILE B 494 -18.50 -3.32 1.19
CA ILE B 494 -18.88 -3.97 -0.06
C ILE B 494 -17.63 -4.35 -0.87
N GLN B 495 -16.61 -3.48 -0.84
CA GLN B 495 -15.38 -3.74 -1.56
C GLN B 495 -14.72 -5.01 -1.08
N PHE B 496 -14.77 -5.27 0.22
CA PHE B 496 -14.12 -6.47 0.75
C PHE B 496 -14.74 -7.73 0.16
N SER B 497 -16.07 -7.78 0.07
CA SER B 497 -16.72 -8.94 -0.51
C SER B 497 -16.55 -8.98 -2.02
N TYR B 498 -16.42 -7.82 -2.65
CA TYR B 498 -16.22 -7.78 -4.10
C TYR B 498 -14.84 -8.31 -4.47
N ASP B 499 -13.85 -8.10 -3.60
CA ASP B 499 -12.49 -8.50 -3.95
C ASP B 499 -12.32 -10.02 -3.94
N ALA B 500 -13.11 -10.73 -3.13
CA ALA B 500 -12.97 -12.18 -3.04
C ALA B 500 -13.43 -12.89 -4.30
N LEU B 501 -14.10 -12.21 -5.22
CA LEU B 501 -14.62 -12.85 -6.42
C LEU B 501 -13.51 -13.20 -7.39
N CYS B 502 -13.82 -14.11 -8.30
CA CYS B 502 -12.96 -14.38 -9.43
C CYS B 502 -13.04 -13.22 -10.42
N ASP B 503 -12.13 -13.21 -11.38
CA ASP B 503 -12.09 -12.12 -12.35
C ASP B 503 -13.34 -12.10 -13.21
N GLU B 504 -13.75 -13.26 -13.73
CA GLU B 504 -14.96 -13.32 -14.55
C GLU B 504 -16.19 -12.97 -13.72
N ASP B 505 -16.21 -13.37 -12.46
CA ASP B 505 -17.32 -12.98 -11.59
C ASP B 505 -17.34 -11.47 -11.38
N LYS B 506 -16.18 -10.85 -11.22
CA LYS B 506 -16.13 -9.40 -11.12
C LYS B 506 -16.68 -8.74 -12.37
N TYR B 507 -16.30 -9.25 -13.54
CA TYR B 507 -16.77 -8.67 -14.78
C TYR B 507 -18.29 -8.83 -14.93
N LEU B 508 -18.80 -10.00 -14.56
CA LEU B 508 -20.24 -10.22 -14.62
C LEU B 508 -20.98 -9.31 -13.65
N PHE B 509 -20.41 -9.11 -12.46
CA PHE B 509 -21.00 -8.21 -11.48
C PHE B 509 -21.07 -6.79 -12.04
N LEU B 510 -19.99 -6.33 -12.66
CA LEU B 510 -19.99 -4.99 -13.25
C LEU B 510 -21.01 -4.88 -14.37
N TYR B 511 -21.11 -5.92 -15.21
CA TYR B 511 -22.10 -5.91 -16.28
C TYR B 511 -23.50 -5.80 -15.73
N ILE B 512 -23.81 -6.58 -14.69
CA ILE B 512 -25.15 -6.55 -14.11
C ILE B 512 -25.43 -5.20 -13.49
N ALA B 513 -24.47 -4.65 -12.75
CA ALA B 513 -24.69 -3.37 -12.10
C ALA B 513 -24.84 -2.24 -13.12
N CYS B 514 -24.20 -2.37 -14.27
CA CYS B 514 -24.18 -1.27 -15.22
C CYS B 514 -25.35 -1.32 -16.20
N LEU B 515 -25.57 -2.46 -16.84
CA LEU B 515 -26.58 -2.53 -17.89
C LEU B 515 -27.74 -3.47 -17.54
N PHE B 516 -27.47 -4.74 -17.26
CA PHE B 516 -28.51 -5.75 -17.14
C PHE B 516 -28.91 -5.95 -15.68
N ASN B 517 -29.40 -4.88 -15.05
CA ASN B 517 -29.78 -4.99 -13.64
C ASN B 517 -30.99 -5.90 -13.47
N LYS B 518 -32.05 -5.65 -14.22
CA LYS B 518 -33.28 -6.42 -14.11
C LYS B 518 -33.64 -6.91 -15.52
N GLU B 519 -33.08 -8.05 -15.89
CA GLU B 519 -33.26 -8.62 -17.22
C GLU B 519 -33.43 -10.12 -17.07
N SER B 520 -34.00 -10.73 -18.10
CA SER B 520 -34.15 -12.18 -18.12
C SER B 520 -32.79 -12.85 -18.07
N THR B 521 -32.69 -13.93 -17.29
CA THR B 521 -31.43 -14.68 -17.24
C THR B 521 -31.08 -15.23 -18.62
N THR B 522 -32.09 -15.65 -19.38
CA THR B 522 -31.83 -16.18 -20.72
C THR B 522 -31.26 -15.11 -21.63
N LYS B 523 -31.79 -13.87 -21.54
CA LYS B 523 -31.27 -12.81 -22.39
C LYS B 523 -29.84 -12.44 -22.03
N VAL B 524 -29.53 -12.41 -20.73
CA VAL B 524 -28.15 -12.16 -20.31
C VAL B 524 -27.24 -13.26 -20.81
N GLU B 525 -27.70 -14.52 -20.71
CA GLU B 525 -26.90 -15.64 -21.18
C GLU B 525 -26.65 -15.53 -22.68
N GLY B 526 -27.66 -15.12 -23.44
CA GLY B 526 -27.48 -14.95 -24.87
C GLY B 526 -26.52 -13.82 -25.22
N LEU B 527 -26.64 -12.70 -24.52
CA LEU B 527 -25.83 -11.53 -24.88
C LEU B 527 -24.38 -11.69 -24.45
N LEU B 528 -24.14 -12.18 -23.24
CA LEU B 528 -22.79 -12.27 -22.69
C LEU B 528 -22.22 -13.68 -22.76
N GLY B 529 -22.84 -14.57 -23.54
CA GLY B 529 -22.41 -15.95 -23.55
C GLY B 529 -20.99 -16.13 -24.04
N LYS B 530 -20.64 -15.46 -25.14
CA LYS B 530 -19.34 -15.71 -25.74
C LYS B 530 -18.22 -15.07 -24.95
N PHE B 531 -18.50 -14.01 -24.19
CA PHE B 531 -17.45 -13.37 -23.40
C PHE B 531 -17.05 -14.22 -22.20
N LEU B 532 -18.02 -14.81 -21.50
CA LEU B 532 -17.74 -15.51 -20.26
C LEU B 532 -18.85 -16.50 -19.97
N ASP B 533 -18.57 -17.42 -19.05
CA ASP B 533 -19.52 -18.48 -18.66
C ASP B 533 -20.58 -17.86 -17.75
N VAL B 534 -21.66 -17.40 -18.37
CA VAL B 534 -22.66 -16.62 -17.64
C VAL B 534 -23.44 -17.49 -16.66
N ARG B 535 -23.74 -18.74 -17.02
CA ARG B 535 -24.56 -19.57 -16.15
C ARG B 535 -23.87 -19.84 -14.83
N GLN B 536 -22.63 -20.32 -14.88
CA GLN B 536 -21.89 -20.61 -13.66
C GLN B 536 -21.61 -19.33 -12.89
N GLY B 537 -21.37 -18.22 -13.59
CA GLY B 537 -21.15 -16.95 -12.91
C GLY B 537 -22.37 -16.50 -12.14
N LEU B 538 -23.55 -16.60 -12.75
CA LEU B 538 -24.78 -16.24 -12.05
C LEU B 538 -25.00 -17.15 -10.86
N HIS B 539 -24.74 -18.45 -11.03
CA HIS B 539 -24.93 -19.38 -9.91
C HIS B 539 -24.01 -19.01 -8.76
N ILE B 540 -22.75 -18.70 -9.05
CA ILE B 540 -21.80 -18.35 -7.99
C ILE B 540 -22.21 -17.05 -7.32
N LEU B 541 -22.60 -16.05 -8.12
CA LEU B 541 -22.99 -14.76 -7.55
C LEU B 541 -24.19 -14.92 -6.63
N ALA B 542 -25.18 -15.71 -7.03
CA ALA B 542 -26.29 -16.00 -6.15
C ALA B 542 -25.84 -16.69 -4.89
N GLN B 543 -24.91 -17.64 -5.01
CA GLN B 543 -24.34 -18.29 -3.84
C GLN B 543 -23.67 -17.26 -2.92
N LYS B 544 -22.98 -16.29 -3.50
CA LYS B 544 -22.35 -15.23 -2.73
C LYS B 544 -23.33 -14.23 -2.16
N SER B 545 -24.61 -14.32 -2.54
CA SER B 545 -25.64 -13.38 -2.11
C SER B 545 -25.34 -11.97 -2.58
N LEU B 546 -24.74 -11.85 -3.77
CA LEU B 546 -24.56 -10.56 -4.41
C LEU B 546 -25.67 -10.23 -5.39
N ILE B 547 -26.36 -11.22 -5.91
CA ILE B 547 -27.54 -11.01 -6.73
C ILE B 547 -28.62 -11.97 -6.26
N SER B 548 -29.82 -11.79 -6.79
CA SER B 548 -30.94 -12.67 -6.48
C SER B 548 -31.78 -12.83 -7.74
N ILE B 549 -32.10 -14.06 -8.08
CA ILE B 549 -32.91 -14.38 -9.24
C ILE B 549 -34.29 -14.76 -8.72
N GLU B 550 -35.30 -13.98 -9.11
CA GLU B 550 -36.64 -14.17 -8.57
C GLU B 550 -37.49 -15.07 -9.45
N ASP B 551 -37.75 -14.66 -10.69
CA ASP B 551 -38.58 -15.39 -11.63
C ASP B 551 -37.94 -15.41 -13.00
N GLY B 552 -36.64 -15.73 -13.04
CA GLY B 552 -35.89 -15.62 -14.26
C GLY B 552 -35.28 -14.27 -14.50
N ASN B 553 -35.52 -13.30 -13.63
CA ASN B 553 -34.88 -11.99 -13.70
C ASN B 553 -33.92 -11.84 -12.53
N ILE B 554 -32.76 -11.32 -12.82
CA ILE B 554 -31.74 -11.10 -11.81
C ILE B 554 -31.99 -9.77 -11.13
N TYR B 555 -31.69 -9.71 -9.84
CA TYR B 555 -31.93 -8.51 -9.05
C TYR B 555 -30.71 -8.21 -8.20
N MET B 556 -30.19 -6.99 -8.33
CA MET B 556 -29.09 -6.52 -7.50
C MET B 556 -29.57 -5.39 -6.62
N HIS B 557 -29.19 -5.46 -5.34
CA HIS B 557 -29.62 -4.45 -4.38
C HIS B 557 -29.15 -3.07 -4.79
N THR B 558 -29.91 -2.06 -4.36
CA THR B 558 -29.66 -0.69 -4.82
C THR B 558 -28.29 -0.22 -4.40
N LEU B 559 -27.93 -0.38 -3.14
CA LEU B 559 -26.59 0.03 -2.69
C LEU B 559 -25.52 -0.76 -3.42
N LEU B 560 -25.74 -2.06 -3.60
CA LEU B 560 -24.74 -2.89 -4.24
C LEU B 560 -24.55 -2.48 -5.69
N GLU B 561 -25.65 -2.20 -6.39
CA GLU B 561 -25.55 -1.69 -7.76
C GLU B 561 -24.85 -0.34 -7.80
N GLN B 562 -25.16 0.53 -6.84
CA GLN B 562 -24.52 1.85 -6.81
C GLN B 562 -23.02 1.72 -6.62
N PHE B 563 -22.59 0.80 -5.74
CA PHE B 563 -21.16 0.52 -5.62
C PHE B 563 -20.60 0.01 -6.94
N GLY B 564 -21.34 -0.87 -7.61
CA GLY B 564 -20.85 -1.40 -8.88
C GLY B 564 -20.63 -0.31 -9.92
N ARG B 565 -21.51 0.68 -9.95
CA ARG B 565 -21.40 1.73 -10.96
C ARG B 565 -20.15 2.57 -10.77
N GLU B 566 -19.80 2.88 -9.52
CA GLU B 566 -18.62 3.70 -9.26
C GLU B 566 -17.35 2.99 -9.74
N THR B 567 -17.23 1.70 -9.43
CA THR B 567 -16.03 0.96 -9.80
C THR B 567 -15.88 0.81 -11.30
N SER B 568 -16.92 1.11 -12.08
CA SER B 568 -16.81 1.00 -13.53
C SER B 568 -15.76 1.95 -14.08
N ARG B 569 -15.69 3.17 -13.54
CA ARG B 569 -14.67 4.11 -14.00
C ARG B 569 -13.28 3.71 -13.56
N LYS B 570 -13.15 3.12 -12.38
CA LYS B 570 -11.84 2.83 -11.82
C LYS B 570 -11.32 1.45 -12.19
N GLN B 571 -12.12 0.62 -12.84
CA GLN B 571 -11.71 -0.74 -13.19
C GLN B 571 -11.92 -0.99 -14.66
N PHE B 572 -11.05 -1.80 -15.25
CA PHE B 572 -11.13 -2.19 -16.64
C PHE B 572 -11.64 -3.62 -16.74
N ILE B 573 -12.07 -4.00 -17.94
CA ILE B 573 -12.61 -5.32 -18.21
C ILE B 573 -11.76 -5.95 -19.31
N HIS B 574 -11.19 -7.11 -19.01
CA HIS B 574 -10.41 -7.88 -19.96
C HIS B 574 -11.18 -9.13 -20.33
N HIS B 575 -11.44 -9.32 -21.63
CA HIS B 575 -12.09 -10.53 -22.10
C HIS B 575 -11.09 -11.52 -22.68
N GLY B 576 -10.35 -11.11 -23.71
CA GLY B 576 -9.28 -11.92 -24.24
C GLY B 576 -7.94 -11.27 -23.97
N TYR B 577 -7.39 -10.62 -25.00
CA TYR B 577 -6.23 -9.77 -24.84
C TYR B 577 -6.58 -8.29 -24.90
N THR B 578 -7.84 -7.97 -25.15
CA THR B 578 -8.28 -6.59 -25.26
C THR B 578 -8.67 -6.06 -23.88
N LYS B 579 -9.20 -4.84 -23.83
CA LYS B 579 -9.54 -4.20 -22.57
C LYS B 579 -10.68 -3.23 -22.83
N HIS B 580 -11.69 -3.23 -21.95
CA HIS B 580 -12.87 -2.43 -22.15
C HIS B 580 -13.32 -1.80 -20.85
N GLN B 581 -14.14 -0.76 -20.98
CA GLN B 581 -14.81 -0.14 -19.84
C GLN B 581 -16.21 0.27 -20.28
N LEU B 582 -17.03 0.62 -19.29
CA LEU B 582 -18.42 0.94 -19.52
C LEU B 582 -18.69 2.41 -19.23
N LEU B 583 -19.81 2.90 -19.75
CA LEU B 583 -20.22 4.30 -19.56
C LEU B 583 -21.62 4.29 -18.95
N VAL B 584 -21.71 4.59 -17.66
CA VAL B 584 -22.97 4.63 -16.94
C VAL B 584 -23.05 5.98 -16.24
N GLY B 585 -24.03 6.78 -16.63
CA GLY B 585 -24.25 8.07 -15.98
C GLY B 585 -25.56 8.66 -16.45
N GLU B 586 -26.15 9.48 -15.58
CA GLU B 586 -27.43 10.10 -15.93
C GLU B 586 -27.25 11.01 -17.13
N ARG B 587 -26.53 12.12 -16.94
CA ARG B 587 -26.10 12.95 -18.06
C ARG B 587 -24.67 13.45 -17.92
N ASP B 588 -24.06 13.36 -16.74
CA ASP B 588 -22.73 13.92 -16.52
C ASP B 588 -21.66 13.15 -17.27
N ILE B 589 -21.82 11.83 -17.44
CA ILE B 589 -20.84 11.12 -18.25
C ILE B 589 -21.27 11.24 -19.71
N CYS B 590 -20.96 12.38 -20.31
CA CYS B 590 -20.92 12.55 -21.76
C CYS B 590 -19.72 13.36 -22.21
N GLU B 591 -19.17 14.21 -21.35
CA GLU B 591 -18.00 15.00 -21.70
C GLU B 591 -16.78 14.12 -21.93
N VAL B 592 -16.76 12.92 -21.33
CA VAL B 592 -15.69 11.97 -21.60
C VAL B 592 -15.71 11.56 -23.06
N LEU B 593 -16.86 11.63 -23.72
CA LEU B 593 -16.89 11.44 -25.17
C LEU B 593 -16.25 12.62 -25.89
N ASN B 594 -16.26 13.79 -25.26
CA ASN B 594 -15.63 14.98 -25.81
C ASN B 594 -14.18 15.12 -25.38
N ASP B 595 -13.65 14.14 -24.65
CA ASP B 595 -12.23 14.19 -24.28
C ASP B 595 -11.35 14.22 -25.52
N ASP B 596 -11.65 13.38 -26.51
CA ASP B 596 -10.97 13.38 -27.80
C ASP B 596 -9.49 13.05 -27.66
N THR B 597 -9.07 12.63 -26.47
CA THR B 597 -7.68 12.35 -26.19
C THR B 597 -7.44 10.92 -25.75
N ILE B 598 -8.49 10.13 -25.54
CA ILE B 598 -8.35 8.76 -25.07
C ILE B 598 -9.01 7.81 -26.07
N ASP B 599 -8.52 6.58 -26.09
CA ASP B 599 -9.09 5.57 -26.96
C ASP B 599 -10.51 5.23 -26.51
N SER B 600 -11.46 5.48 -27.39
CA SER B 600 -12.86 5.21 -27.10
C SER B 600 -13.26 3.80 -27.51
N ARG B 601 -12.33 3.00 -28.03
CA ARG B 601 -12.65 1.62 -28.37
C ARG B 601 -13.01 0.83 -27.13
N ARG B 602 -12.43 1.19 -25.98
CA ARG B 602 -12.71 0.47 -24.75
C ARG B 602 -14.01 0.97 -24.11
N PHE B 603 -15.05 1.08 -24.92
CA PHE B 603 -16.37 1.50 -24.47
C PHE B 603 -17.38 0.61 -25.19
N ILE B 604 -17.76 -0.48 -24.54
CA ILE B 604 -18.67 -1.45 -25.14
C ILE B 604 -20.07 -1.35 -24.59
N GLY B 605 -20.29 -0.55 -23.54
CA GLY B 605 -21.63 -0.42 -23.00
C GLY B 605 -21.98 1.01 -22.63
N ILE B 606 -23.20 1.42 -22.96
CA ILE B 606 -23.70 2.74 -22.60
C ILE B 606 -25.01 2.57 -21.86
N ASN B 607 -25.15 3.27 -20.73
CA ASN B 607 -26.39 3.32 -19.98
C ASN B 607 -26.70 4.78 -19.71
N LEU B 608 -27.60 5.36 -20.50
CA LEU B 608 -27.95 6.77 -20.39
C LEU B 608 -29.39 6.93 -19.98
N ASP B 609 -29.64 7.91 -19.12
CA ASP B 609 -30.99 8.26 -18.66
C ASP B 609 -31.17 9.75 -18.90
N LEU B 610 -32.05 10.11 -19.84
CA LEU B 610 -32.19 11.50 -20.27
C LEU B 610 -33.53 12.08 -19.84
N TYR B 611 -33.98 11.78 -18.64
CA TYR B 611 -35.21 12.38 -18.12
C TYR B 611 -34.90 13.68 -17.36
N LYS B 612 -34.11 14.55 -17.99
CA LYS B 612 -33.72 15.81 -17.38
C LYS B 612 -34.27 17.01 -18.14
N ASN B 613 -33.91 17.14 -19.41
CA ASN B 613 -34.26 18.32 -20.18
C ASN B 613 -34.41 17.94 -21.65
N VAL B 614 -35.22 18.72 -22.35
CA VAL B 614 -35.32 18.55 -23.79
C VAL B 614 -34.15 19.16 -24.54
N GLU B 615 -33.26 19.86 -23.84
CA GLU B 615 -32.10 20.44 -24.49
C GLU B 615 -31.18 19.36 -25.03
N GLU B 616 -30.61 19.63 -26.20
CA GLU B 616 -29.67 18.69 -26.79
C GLU B 616 -28.38 18.67 -25.99
N LEU B 617 -27.85 17.47 -25.75
CA LEU B 617 -26.61 17.37 -25.02
C LEU B 617 -25.45 17.86 -25.87
N ASN B 618 -24.43 18.39 -25.20
CA ASN B 618 -23.31 19.05 -25.86
C ASN B 618 -22.24 18.00 -26.16
N ILE B 619 -21.91 17.84 -27.44
CA ILE B 619 -20.76 17.06 -27.85
C ILE B 619 -19.96 17.87 -28.86
N SER B 620 -18.64 17.75 -28.78
CA SER B 620 -17.78 18.42 -29.76
C SER B 620 -18.02 17.83 -31.15
N GLU B 621 -17.91 18.69 -32.16
CA GLU B 621 -18.06 18.23 -33.53
C GLU B 621 -17.01 17.18 -33.88
N LYS B 622 -15.84 17.26 -33.25
CA LYS B 622 -14.78 16.29 -33.53
C LYS B 622 -15.14 14.91 -32.97
N ALA B 623 -15.80 14.87 -31.82
CA ALA B 623 -16.24 13.58 -31.28
C ALA B 623 -17.22 12.91 -32.22
N LEU B 624 -18.01 13.69 -32.96
CA LEU B 624 -18.89 13.11 -33.97
C LEU B 624 -18.09 12.43 -35.08
N GLU B 625 -16.86 12.88 -35.31
CA GLU B 625 -16.05 12.29 -36.38
C GLU B 625 -15.62 10.86 -36.02
N ARG B 626 -15.26 10.64 -34.77
CA ARG B 626 -14.77 9.32 -34.34
C ARG B 626 -15.92 8.31 -34.37
N ILE B 627 -15.62 7.10 -34.85
CA ILE B 627 -16.61 6.03 -34.84
C ILE B 627 -16.33 5.12 -33.64
N HIS B 628 -17.38 4.76 -32.92
CA HIS B 628 -17.26 4.01 -31.68
C HIS B 628 -17.85 2.62 -31.85
N ASP B 629 -17.20 1.63 -31.25
CA ASP B 629 -17.68 0.26 -31.27
C ASP B 629 -18.50 0.02 -30.01
N PHE B 630 -19.78 0.39 -30.07
CA PHE B 630 -20.70 0.26 -28.94
C PHE B 630 -21.50 -1.01 -29.15
N GLN B 631 -21.33 -1.97 -28.23
CA GLN B 631 -22.03 -3.24 -28.39
C GLN B 631 -23.36 -3.27 -27.65
N PHE B 632 -23.42 -2.73 -26.44
CA PHE B 632 -24.64 -2.71 -25.65
C PHE B 632 -25.07 -1.27 -25.45
N VAL B 633 -26.30 -0.96 -25.84
CA VAL B 633 -26.84 0.38 -25.69
C VAL B 633 -28.15 0.31 -24.91
N ARG B 634 -28.25 1.12 -23.86
CA ARG B 634 -29.50 1.30 -23.12
C ARG B 634 -29.70 2.79 -22.92
N ILE B 635 -30.61 3.37 -23.69
CA ILE B 635 -30.94 4.79 -23.58
C ILE B 635 -32.39 4.89 -23.16
N ASN B 636 -32.63 5.58 -22.04
CA ASN B 636 -33.98 5.94 -21.64
C ASN B 636 -34.15 7.42 -21.94
N GLY B 637 -34.49 7.72 -23.19
CA GLY B 637 -34.55 9.10 -23.62
C GLY B 637 -35.89 9.73 -23.32
N LYS B 638 -36.30 9.69 -22.06
CA LYS B 638 -37.63 10.15 -21.69
C LYS B 638 -37.75 11.65 -21.77
N ASN B 639 -38.18 12.14 -22.93
CA ASN B 639 -38.59 13.52 -23.20
C ASN B 639 -39.21 13.54 -24.59
N HIS B 640 -39.71 14.71 -24.97
CA HIS B 640 -40.16 14.95 -26.33
C HIS B 640 -39.01 15.37 -27.24
N ALA B 641 -37.81 15.55 -26.70
CA ALA B 641 -36.69 16.01 -27.50
C ALA B 641 -36.22 14.93 -28.47
N LEU B 642 -35.61 15.37 -29.57
CA LEU B 642 -34.93 14.49 -30.50
C LEU B 642 -33.44 14.77 -30.41
N HIS B 643 -32.64 13.71 -30.34
CA HIS B 643 -31.19 13.84 -30.14
C HIS B 643 -30.49 13.47 -31.45
N GLU B 644 -30.32 14.47 -32.32
CA GLU B 644 -29.62 14.23 -33.58
C GLU B 644 -28.18 13.82 -33.34
N ARG B 645 -27.51 14.50 -32.42
CA ARG B 645 -26.10 14.20 -32.15
C ARG B 645 -25.93 12.79 -31.60
N LEU B 646 -26.79 12.40 -30.66
CA LEU B 646 -26.68 11.06 -30.08
C LEU B 646 -26.93 9.99 -31.13
N GLN B 647 -27.94 10.20 -31.98
CA GLN B 647 -28.21 9.25 -33.05
C GLN B 647 -27.01 9.09 -33.97
N GLY B 648 -26.44 10.22 -34.41
CA GLY B 648 -25.28 10.15 -35.27
C GLY B 648 -24.10 9.47 -34.59
N LEU B 649 -23.94 9.67 -33.29
CA LEU B 649 -22.82 9.08 -32.59
C LEU B 649 -22.99 7.57 -32.46
N ILE B 650 -24.19 7.10 -32.16
CA ILE B 650 -24.38 5.69 -31.83
C ILE B 650 -24.58 4.85 -33.07
N TYR B 651 -25.52 5.22 -33.94
CA TYR B 651 -25.82 4.42 -35.12
C TYR B 651 -24.67 4.37 -36.11
N GLN B 652 -23.54 5.03 -35.82
CA GLN B 652 -22.34 4.83 -36.61
C GLN B 652 -21.52 3.64 -36.13
N SER B 653 -21.91 2.99 -35.05
CA SER B 653 -21.18 1.83 -34.56
C SER B 653 -21.26 0.72 -35.60
N PRO B 654 -20.17 0.02 -35.87
CA PRO B 654 -20.21 -1.05 -36.87
C PRO B 654 -21.05 -2.23 -36.44
N GLN B 655 -20.82 -2.74 -35.23
CA GLN B 655 -21.55 -3.89 -34.71
C GLN B 655 -22.18 -3.52 -33.37
N ILE B 656 -23.50 -3.61 -33.31
CA ILE B 656 -24.23 -3.29 -32.09
C ILE B 656 -24.96 -4.54 -31.63
N ARG B 657 -24.51 -5.07 -30.49
CA ARG B 657 -25.02 -6.34 -30.02
C ARG B 657 -26.46 -6.27 -29.54
N SER B 658 -26.80 -5.29 -28.70
CA SER B 658 -28.16 -5.14 -28.22
C SER B 658 -28.48 -3.65 -28.09
N LEU B 659 -29.70 -3.28 -28.45
CA LEU B 659 -30.08 -1.87 -28.53
C LEU B 659 -31.44 -1.66 -27.87
N HIS B 660 -31.45 -0.91 -26.77
CA HIS B 660 -32.68 -0.49 -26.10
C HIS B 660 -32.77 1.03 -26.19
N TRP B 661 -33.88 1.53 -26.71
CA TRP B 661 -34.09 2.98 -26.77
C TRP B 661 -35.54 3.26 -26.40
N LYS B 662 -35.76 3.75 -25.19
CA LYS B 662 -37.10 4.10 -24.74
C LYS B 662 -37.39 5.55 -25.10
N CYS B 663 -38.56 5.78 -25.72
CA CYS B 663 -38.97 7.09 -26.20
C CYS B 663 -37.99 7.62 -27.26
N TYR B 664 -37.97 6.90 -28.39
CA TYR B 664 -37.03 7.22 -29.45
C TYR B 664 -37.27 8.61 -30.02
N GLN B 665 -38.52 9.02 -30.18
CA GLN B 665 -38.88 10.38 -30.57
C GLN B 665 -38.31 10.74 -31.95
N ASN B 666 -38.30 9.79 -32.87
CA ASN B 666 -37.89 10.04 -34.25
C ASN B 666 -38.88 9.33 -35.16
N ILE B 667 -38.56 9.29 -36.46
CA ILE B 667 -39.48 8.76 -37.46
C ILE B 667 -38.99 7.43 -38.03
N CYS B 668 -37.74 7.38 -38.47
CA CYS B 668 -37.18 6.14 -39.00
C CYS B 668 -35.77 5.95 -38.44
N LEU B 669 -35.38 4.70 -38.31
CA LEU B 669 -33.98 4.42 -38.02
C LEU B 669 -33.12 4.86 -39.20
N PRO B 670 -32.02 5.55 -38.94
CA PRO B 670 -31.20 6.06 -40.05
C PRO B 670 -30.67 4.94 -40.93
N SER B 671 -30.55 5.24 -42.22
CA SER B 671 -30.12 4.23 -43.19
C SER B 671 -28.72 3.72 -42.92
N THR B 672 -27.85 4.54 -42.33
CA THR B 672 -26.46 4.15 -42.11
C THR B 672 -26.29 3.19 -40.94
N PHE B 673 -27.38 2.63 -40.42
CA PHE B 673 -27.33 1.78 -39.24
C PHE B 673 -27.15 0.34 -39.70
N ASN B 674 -25.97 -0.21 -39.43
CA ASN B 674 -25.72 -1.61 -39.73
C ASN B 674 -26.35 -2.50 -38.66
N SER B 675 -26.94 -3.60 -39.12
CA SER B 675 -27.69 -4.48 -38.23
C SER B 675 -27.35 -5.96 -38.37
N GLU B 676 -26.27 -6.29 -39.07
CA GLU B 676 -25.89 -7.70 -39.21
C GLU B 676 -25.73 -8.35 -37.84
N PHE B 677 -24.99 -7.70 -36.96
CA PHE B 677 -24.86 -8.14 -35.58
C PHE B 677 -25.95 -7.41 -34.81
N LEU B 678 -27.06 -8.10 -34.51
CA LEU B 678 -28.11 -7.48 -33.70
C LEU B 678 -28.91 -8.61 -33.06
N VAL B 679 -28.65 -8.86 -31.78
CA VAL B 679 -29.30 -9.97 -31.10
C VAL B 679 -30.63 -9.54 -30.48
N GLU B 680 -30.69 -8.36 -29.88
CA GLU B 680 -31.88 -7.92 -29.16
C GLU B 680 -32.18 -6.47 -29.49
N LEU B 681 -33.43 -6.20 -29.89
CA LEU B 681 -33.88 -4.86 -30.23
C LEU B 681 -35.10 -4.52 -29.40
N ASP B 682 -35.06 -3.39 -28.70
CA ASP B 682 -36.13 -2.99 -27.80
C ASP B 682 -36.42 -1.51 -27.98
N MET B 683 -37.67 -1.19 -28.31
CA MET B 683 -38.15 0.18 -28.39
C MET B 683 -39.53 0.18 -27.76
N SER B 684 -39.59 0.57 -26.49
CA SER B 684 -40.80 0.44 -25.71
C SER B 684 -41.76 1.60 -25.91
N PHE B 685 -41.30 2.71 -26.49
CA PHE B 685 -42.18 3.81 -26.87
C PHE B 685 -41.48 4.51 -28.02
N SER B 686 -42.19 4.70 -29.13
CA SER B 686 -41.52 5.20 -30.32
C SER B 686 -42.52 5.94 -31.20
N LYS B 687 -41.97 6.68 -32.15
CA LYS B 687 -42.75 7.33 -33.20
C LYS B 687 -42.30 6.84 -34.57
N LEU B 688 -41.88 5.58 -34.65
CA LEU B 688 -41.31 5.05 -35.88
C LEU B 688 -42.39 4.71 -36.89
N GLN B 689 -42.11 4.98 -38.16
CA GLN B 689 -43.00 4.57 -39.25
C GLN B 689 -42.13 4.01 -40.38
N LYS B 690 -42.31 2.74 -40.69
CA LYS B 690 -41.60 2.07 -41.78
C LYS B 690 -40.09 2.14 -41.56
N LEU B 691 -39.64 1.49 -40.48
CA LEU B 691 -38.23 1.49 -40.16
C LEU B 691 -37.44 0.65 -41.17
N TRP B 692 -36.25 1.14 -41.52
CA TRP B 692 -35.27 0.54 -42.42
C TRP B 692 -35.62 0.63 -43.90
N GLU B 693 -36.88 0.86 -44.22
CA GLU B 693 -37.37 1.00 -45.60
C GLU B 693 -36.59 0.12 -46.59
N GLY B 694 -36.39 -1.15 -46.28
CA GLY B 694 -35.59 -2.02 -47.13
C GLY B 694 -35.11 -3.28 -46.45
N THR B 695 -34.93 -4.34 -47.24
CA THR B 695 -34.52 -5.62 -46.70
C THR B 695 -33.10 -5.55 -46.14
N LYS B 696 -32.88 -6.21 -45.01
CA LYS B 696 -31.58 -6.20 -44.34
C LYS B 696 -31.27 -7.61 -43.84
N GLN B 697 -30.03 -7.79 -43.36
CA GLN B 697 -29.57 -9.07 -42.88
C GLN B 697 -29.81 -9.15 -41.38
N LEU B 698 -30.93 -9.74 -41.00
CA LEU B 698 -31.25 -9.98 -39.59
C LEU B 698 -30.80 -11.39 -39.19
N ARG B 699 -29.54 -11.69 -39.50
CA ARG B 699 -29.06 -13.07 -39.43
C ARG B 699 -29.27 -13.66 -38.04
N ASN B 700 -28.60 -13.09 -37.04
CA ASN B 700 -28.72 -13.57 -35.67
C ASN B 700 -29.45 -12.51 -34.85
N LEU B 701 -30.78 -12.53 -34.93
CA LEU B 701 -31.64 -11.69 -34.13
C LEU B 701 -32.58 -12.60 -33.36
N LYS B 702 -32.75 -12.33 -32.07
CA LYS B 702 -33.49 -13.24 -31.22
C LYS B 702 -34.59 -12.59 -30.40
N TRP B 703 -34.76 -11.28 -30.45
CA TRP B 703 -35.78 -10.62 -29.65
C TRP B 703 -36.15 -9.30 -30.32
N MET B 704 -37.43 -9.15 -30.70
CA MET B 704 -37.96 -7.86 -31.12
C MET B 704 -39.04 -7.43 -30.15
N ASP B 705 -38.87 -6.26 -29.55
CA ASP B 705 -39.87 -5.72 -28.63
C ASP B 705 -40.21 -4.31 -29.07
N LEU B 706 -41.19 -4.18 -29.95
CA LEU B 706 -41.72 -2.88 -30.34
C LEU B 706 -43.02 -2.71 -29.58
N SER B 707 -43.00 -1.90 -28.54
CA SER B 707 -44.19 -1.77 -27.72
C SER B 707 -44.66 -0.32 -27.71
N TYR B 708 -45.97 -0.14 -27.70
CA TYR B 708 -46.61 1.16 -27.55
C TYR B 708 -46.18 2.15 -28.63
N SER B 709 -45.49 1.69 -29.68
CA SER B 709 -45.10 2.57 -30.77
C SER B 709 -46.36 2.83 -31.59
N SER B 710 -47.24 3.65 -31.03
CA SER B 710 -48.56 3.85 -31.60
C SER B 710 -48.52 4.48 -32.98
N TYR B 711 -47.48 5.24 -33.30
CA TYR B 711 -47.39 5.88 -34.61
C TYR B 711 -46.61 5.00 -35.59
N LEU B 712 -46.97 3.73 -35.70
CA LEU B 712 -46.26 2.79 -36.56
C LEU B 712 -47.24 2.19 -37.56
N LYS B 713 -46.83 2.11 -38.82
CA LYS B 713 -47.71 1.65 -39.88
C LYS B 713 -47.27 0.36 -40.54
N GLU B 714 -45.97 0.16 -40.74
CA GLU B 714 -45.50 -1.03 -41.43
C GLU B 714 -44.41 -1.74 -40.64
N LEU B 715 -43.76 -2.70 -41.28
CA LEU B 715 -42.71 -3.46 -40.64
C LEU B 715 -41.89 -4.11 -41.74
N PRO B 716 -40.57 -4.18 -41.62
CA PRO B 716 -39.74 -4.61 -42.75
C PRO B 716 -39.90 -6.10 -43.03
N ASN B 717 -39.37 -6.50 -44.18
CA ASN B 717 -39.30 -7.91 -44.52
C ASN B 717 -38.49 -8.66 -43.48
N LEU B 718 -39.10 -9.67 -42.87
CA LEU B 718 -38.44 -10.46 -41.85
C LEU B 718 -37.80 -11.72 -42.42
N SER B 719 -37.67 -11.81 -43.74
CA SER B 719 -36.86 -12.88 -44.31
C SER B 719 -35.44 -12.78 -43.78
N THR B 720 -34.80 -13.94 -43.65
CA THR B 720 -33.47 -14.03 -43.04
C THR B 720 -33.48 -13.53 -41.61
N ALA B 721 -34.58 -13.77 -40.91
CA ALA B 721 -34.66 -13.59 -39.47
C ALA B 721 -34.95 -14.92 -38.79
N THR B 722 -34.39 -16.00 -39.35
CA THR B 722 -34.78 -17.35 -38.97
C THR B 722 -34.56 -17.64 -37.51
N ASN B 723 -33.64 -16.95 -36.85
CA ASN B 723 -33.35 -17.22 -35.46
C ASN B 723 -34.22 -16.41 -34.50
N LEU B 724 -35.16 -15.62 -35.02
CA LEU B 724 -36.00 -14.82 -34.15
C LEU B 724 -36.82 -15.70 -33.22
N GLU B 725 -36.83 -15.37 -31.93
CA GLU B 725 -37.54 -16.15 -30.94
C GLU B 725 -38.86 -15.53 -30.51
N GLU B 726 -38.87 -14.27 -30.13
CA GLU B 726 -40.09 -13.64 -29.67
C GLU B 726 -40.26 -12.27 -30.30
N LEU B 727 -41.52 -11.97 -30.63
CA LEU B 727 -41.89 -10.71 -31.27
C LEU B 727 -43.06 -10.12 -30.49
N LYS B 728 -42.85 -8.95 -29.90
CA LYS B 728 -43.84 -8.29 -29.07
C LYS B 728 -44.18 -6.95 -29.72
N LEU B 729 -45.22 -6.94 -30.54
CA LEU B 729 -45.75 -5.70 -31.11
C LEU B 729 -46.86 -5.20 -30.20
N ARG B 730 -46.45 -4.78 -29.01
CA ARG B 730 -47.38 -4.55 -27.91
C ARG B 730 -48.11 -3.23 -28.09
N ASN B 731 -49.42 -3.29 -28.24
CA ASN B 731 -50.29 -2.12 -28.15
C ASN B 731 -49.99 -1.09 -29.23
N CYS B 732 -49.35 -1.51 -30.32
CA CYS B 732 -49.11 -0.60 -31.45
C CYS B 732 -50.39 -0.52 -32.25
N SER B 733 -51.28 0.41 -31.88
CA SER B 733 -52.65 0.46 -32.48
C SER B 733 -52.69 0.84 -33.97
N SER B 734 -51.63 1.41 -34.54
CA SER B 734 -51.75 1.90 -35.94
C SER B 734 -51.17 0.90 -36.95
N LEU B 735 -50.78 -0.31 -36.52
CA LEU B 735 -50.14 -1.24 -37.49
C LEU B 735 -51.23 -1.85 -38.35
N VAL B 736 -51.32 -1.42 -39.61
CA VAL B 736 -52.44 -1.89 -40.50
C VAL B 736 -52.32 -3.39 -40.81
N GLU B 737 -51.11 -3.88 -41.12
CA GLU B 737 -50.98 -5.29 -41.55
C GLU B 737 -49.67 -5.91 -41.05
N LEU B 738 -49.60 -7.24 -41.05
CA LEU B 738 -48.34 -7.94 -40.66
C LEU B 738 -47.76 -8.57 -41.92
N PRO B 739 -46.43 -8.46 -42.18
CA PRO B 739 -45.85 -8.95 -43.44
C PRO B 739 -45.90 -10.48 -43.64
N SER B 740 -45.91 -10.92 -44.90
CA SER B 740 -45.95 -12.38 -45.22
C SER B 740 -44.58 -13.01 -44.91
N SER B 741 -43.56 -12.19 -44.65
CA SER B 741 -42.19 -12.68 -44.35
C SER B 741 -42.15 -13.33 -42.96
N ILE B 742 -43.23 -13.25 -42.18
CA ILE B 742 -43.32 -13.94 -40.86
C ILE B 742 -43.25 -15.45 -41.12
N GLU B 743 -43.55 -15.89 -42.35
CA GLU B 743 -43.44 -17.33 -42.72
C GLU B 743 -41.98 -17.79 -42.50
N LYS B 744 -41.01 -16.92 -42.78
CA LYS B 744 -39.56 -17.29 -42.66
C LYS B 744 -39.15 -17.43 -41.19
N LEU B 745 -39.98 -17.01 -40.24
CA LEU B 745 -39.62 -17.05 -38.79
C LEU B 745 -39.84 -18.47 -38.27
N THR B 746 -38.92 -19.38 -38.56
CA THR B 746 -39.07 -20.81 -38.16
C THR B 746 -39.05 -20.97 -36.63
N SER B 747 -38.22 -20.21 -35.92
CA SER B 747 -38.08 -20.43 -34.45
C SER B 747 -38.99 -19.51 -33.64
N LEU B 748 -39.89 -18.76 -34.28
CA LEU B 748 -40.72 -17.80 -33.49
C LEU B 748 -41.61 -18.58 -32.52
N GLN B 749 -41.59 -18.20 -31.23
CA GLN B 749 -42.45 -18.87 -30.23
C GLN B 749 -43.46 -17.86 -29.67
N ILE B 750 -43.15 -16.56 -29.69
CA ILE B 750 -44.11 -15.62 -29.04
C ILE B 750 -44.54 -14.55 -30.03
N LEU B 751 -45.86 -14.39 -30.24
CA LEU B 751 -46.35 -13.26 -31.07
C LEU B 751 -47.31 -12.48 -30.17
N ASP B 752 -47.00 -11.21 -29.90
CA ASP B 752 -47.85 -10.46 -28.95
C ASP B 752 -48.51 -9.28 -29.68
N LEU B 753 -49.84 -9.29 -29.78
CA LEU B 753 -50.59 -8.15 -30.38
C LEU B 753 -51.75 -7.88 -29.43
N HIS B 754 -51.47 -7.44 -28.20
CA HIS B 754 -52.56 -7.29 -27.21
C HIS B 754 -53.57 -6.25 -27.66
N ARG B 755 -53.11 -5.10 -28.16
CA ARG B 755 -54.11 -4.13 -28.70
C ARG B 755 -53.67 -3.72 -30.10
N CYS B 756 -54.36 -4.24 -31.11
CA CYS B 756 -54.07 -3.83 -32.51
C CYS B 756 -55.41 -3.47 -33.14
N SER B 757 -55.87 -2.23 -32.90
CA SER B 757 -57.20 -1.80 -33.38
C SER B 757 -57.21 -1.66 -34.91
N SER B 758 -56.04 -1.72 -35.56
CA SER B 758 -56.04 -1.47 -37.03
C SER B 758 -55.63 -2.70 -37.84
N LEU B 759 -55.45 -3.89 -37.24
CA LEU B 759 -55.16 -5.03 -38.11
C LEU B 759 -56.37 -5.35 -38.98
N VAL B 760 -56.12 -6.18 -40.00
CA VAL B 760 -57.21 -6.75 -40.79
C VAL B 760 -57.03 -8.26 -40.81
N GLU B 761 -55.84 -8.71 -41.20
CA GLU B 761 -55.58 -10.14 -41.32
C GLU B 761 -54.45 -10.60 -40.42
N LEU B 762 -54.06 -11.85 -40.57
CA LEU B 762 -52.93 -12.44 -39.87
C LEU B 762 -52.40 -13.58 -40.72
N PRO B 763 -51.32 -13.36 -41.46
CA PRO B 763 -50.90 -14.34 -42.48
C PRO B 763 -50.48 -15.67 -41.86
N SER B 764 -50.48 -16.68 -42.71
CA SER B 764 -50.11 -18.03 -42.28
C SER B 764 -48.66 -18.05 -41.80
N PHE B 765 -48.41 -18.85 -40.77
CA PHE B 765 -47.11 -18.82 -40.12
C PHE B 765 -46.11 -19.79 -40.73
N GLY B 766 -46.49 -21.02 -40.94
CA GLY B 766 -45.56 -21.97 -41.51
C GLY B 766 -45.83 -23.37 -41.00
N ASN B 767 -44.78 -24.16 -40.93
CA ASN B 767 -44.90 -25.56 -40.55
C ASN B 767 -44.08 -25.94 -39.34
N ALA B 768 -42.89 -25.37 -39.19
CA ALA B 768 -42.05 -25.65 -38.03
C ALA B 768 -42.07 -24.51 -37.01
N THR B 769 -42.99 -23.56 -37.15
CA THR B 769 -42.99 -22.39 -36.29
C THR B 769 -43.16 -22.77 -34.82
N LYS B 770 -44.23 -23.52 -34.52
CA LYS B 770 -44.51 -23.96 -33.16
C LYS B 770 -44.61 -22.79 -32.19
N LEU B 771 -45.56 -21.91 -32.47
CA LEU B 771 -45.85 -20.80 -31.57
C LEU B 771 -46.17 -21.33 -30.18
N GLU B 772 -45.71 -20.61 -29.16
CA GLU B 772 -45.97 -21.03 -27.78
C GLU B 772 -46.98 -20.15 -27.08
N ILE B 773 -46.94 -18.84 -27.30
CA ILE B 773 -47.90 -17.92 -26.70
C ILE B 773 -48.39 -16.99 -27.80
N LEU B 774 -49.63 -17.18 -28.22
CA LEU B 774 -50.26 -16.34 -29.24
C LEU B 774 -51.27 -15.45 -28.54
N ASN B 775 -50.92 -14.17 -28.39
CA ASN B 775 -51.74 -13.26 -27.59
C ASN B 775 -52.30 -12.17 -28.48
N LEU B 776 -53.58 -12.28 -28.81
CA LEU B 776 -54.31 -11.28 -29.60
C LEU B 776 -55.51 -10.87 -28.77
N GLU B 777 -55.34 -9.91 -27.87
CA GLU B 777 -56.38 -9.68 -26.87
C GLU B 777 -57.53 -8.85 -27.43
N ASN B 778 -57.27 -7.60 -27.80
CA ASN B 778 -58.34 -6.74 -28.32
C ASN B 778 -57.93 -6.28 -29.72
N CYS B 779 -58.15 -7.15 -30.71
CA CYS B 779 -57.92 -6.82 -32.10
C CYS B 779 -59.28 -6.55 -32.72
N SER B 780 -59.85 -5.39 -32.39
CA SER B 780 -61.23 -5.10 -32.71
C SER B 780 -61.47 -4.92 -34.18
N SER B 781 -60.48 -5.14 -35.03
CA SER B 781 -60.70 -5.09 -36.47
C SER B 781 -60.12 -6.30 -37.19
N LEU B 782 -59.48 -7.22 -36.48
CA LEU B 782 -58.90 -8.41 -37.10
C LEU B 782 -60.01 -9.30 -37.61
N VAL B 783 -60.06 -9.52 -38.92
CA VAL B 783 -61.12 -10.31 -39.53
C VAL B 783 -60.65 -11.74 -39.77
N LYS B 784 -59.65 -11.91 -40.62
CA LYS B 784 -59.22 -13.22 -41.04
C LYS B 784 -58.20 -13.80 -40.06
N LEU B 785 -57.97 -15.11 -40.16
CA LEU B 785 -57.01 -15.79 -39.32
C LEU B 785 -56.35 -16.89 -40.15
N PRO B 786 -55.21 -17.42 -39.71
CA PRO B 786 -54.60 -18.52 -40.42
C PRO B 786 -55.50 -19.74 -40.38
N PRO B 787 -55.41 -20.62 -41.39
CA PRO B 787 -56.21 -21.85 -41.35
C PRO B 787 -55.67 -22.91 -40.43
N SER B 788 -54.39 -22.85 -40.05
CA SER B 788 -53.82 -23.86 -39.16
C SER B 788 -52.60 -23.27 -38.47
N ILE B 789 -52.18 -23.92 -37.39
CA ILE B 789 -51.12 -23.40 -36.54
C ILE B 789 -49.97 -24.37 -36.32
N ASN B 790 -50.19 -25.69 -36.44
CA ASN B 790 -49.18 -26.68 -36.05
C ASN B 790 -48.78 -26.48 -34.59
N ALA B 791 -49.77 -26.21 -33.74
CA ALA B 791 -49.53 -25.81 -32.35
C ALA B 791 -49.23 -27.05 -31.50
N ASN B 792 -48.08 -27.65 -31.78
CA ASN B 792 -47.63 -28.78 -30.98
C ASN B 792 -47.31 -28.37 -29.56
N ASN B 793 -46.77 -27.17 -29.36
CA ASN B 793 -46.44 -26.64 -28.03
C ASN B 793 -47.03 -25.24 -27.97
N LEU B 794 -48.29 -25.12 -27.58
CA LEU B 794 -48.98 -23.83 -27.52
C LEU B 794 -49.51 -23.65 -26.11
N GLN B 795 -48.69 -23.09 -25.23
CA GLN B 795 -49.06 -22.96 -23.83
C GLN B 795 -50.36 -22.19 -23.67
N GLU B 796 -50.48 -21.07 -24.37
CA GLU B 796 -51.64 -20.19 -24.22
C GLU B 796 -52.12 -19.76 -25.60
N LEU B 797 -53.38 -19.38 -25.66
CA LEU B 797 -53.91 -18.78 -26.89
C LEU B 797 -55.05 -17.87 -26.48
N SER B 798 -54.88 -16.56 -26.65
CA SER B 798 -55.84 -15.60 -26.12
C SER B 798 -56.40 -14.75 -27.25
N LEU B 799 -57.72 -14.78 -27.41
CA LEU B 799 -58.46 -13.87 -28.28
C LEU B 799 -59.65 -13.38 -27.48
N THR B 800 -59.48 -12.31 -26.69
CA THR B 800 -60.58 -11.96 -25.81
C THR B 800 -61.69 -11.24 -26.57
N ASN B 801 -61.43 -10.02 -27.04
CA ASN B 801 -62.51 -9.24 -27.59
C ASN B 801 -62.76 -9.58 -29.05
N CYS B 802 -61.82 -9.24 -29.94
CA CYS B 802 -61.79 -9.74 -31.30
C CYS B 802 -63.17 -9.81 -31.94
N SER B 803 -63.92 -8.72 -31.85
CA SER B 803 -65.36 -8.77 -32.10
C SER B 803 -65.73 -9.34 -33.46
N ARG B 804 -64.89 -9.15 -34.48
CA ARG B 804 -65.25 -9.59 -35.83
C ARG B 804 -64.24 -10.65 -36.26
N VAL B 805 -64.48 -11.88 -35.83
CA VAL B 805 -63.66 -13.03 -36.22
C VAL B 805 -64.58 -14.15 -36.62
N VAL B 806 -64.48 -14.58 -37.88
CA VAL B 806 -65.46 -15.51 -38.44
C VAL B 806 -65.06 -16.95 -38.10
N GLU B 807 -63.95 -17.39 -38.65
CA GLU B 807 -63.48 -18.75 -38.43
C GLU B 807 -62.44 -18.76 -37.31
N LEU B 808 -61.78 -19.90 -37.14
CA LEU B 808 -60.74 -20.05 -36.16
C LEU B 808 -59.73 -21.04 -36.73
N PRO B 809 -58.44 -20.79 -36.55
CA PRO B 809 -57.44 -21.73 -37.04
C PRO B 809 -57.58 -23.09 -36.39
N ALA B 810 -57.34 -24.14 -37.17
CA ALA B 810 -57.34 -25.48 -36.62
C ALA B 810 -56.15 -25.68 -35.70
N ILE B 811 -56.15 -26.80 -35.00
CA ILE B 811 -55.07 -27.15 -34.09
C ILE B 811 -54.67 -28.60 -34.35
N GLU B 812 -53.39 -28.91 -34.21
CA GLU B 812 -52.95 -30.29 -34.41
C GLU B 812 -53.16 -31.12 -33.15
N ASN B 813 -52.45 -30.79 -32.08
CA ASN B 813 -52.53 -31.54 -30.85
C ASN B 813 -52.93 -30.69 -29.65
N ALA B 814 -52.22 -29.60 -29.39
CA ALA B 814 -52.46 -28.77 -28.23
C ALA B 814 -52.44 -29.60 -26.95
N THR B 815 -51.49 -30.53 -26.87
CA THR B 815 -51.37 -31.35 -25.67
C THR B 815 -51.04 -30.53 -24.45
N ASN B 816 -50.54 -29.30 -24.62
CA ASN B 816 -50.38 -28.35 -23.52
C ASN B 816 -51.07 -27.06 -23.92
N LEU B 817 -52.38 -26.99 -23.69
CA LEU B 817 -53.10 -25.73 -23.77
C LEU B 817 -53.46 -25.35 -22.33
N TRP B 818 -52.62 -24.53 -21.74
CA TRP B 818 -52.86 -24.11 -20.37
C TRP B 818 -53.89 -23.00 -20.28
N LYS B 819 -54.27 -22.38 -21.40
CA LYS B 819 -55.21 -21.26 -21.36
C LYS B 819 -55.77 -21.00 -22.74
N LEU B 820 -57.10 -20.88 -22.81
CA LEU B 820 -57.79 -20.47 -24.02
C LEU B 820 -59.07 -19.77 -23.61
N ASN B 821 -59.34 -18.62 -24.19
CA ASN B 821 -60.54 -17.86 -23.85
C ASN B 821 -60.95 -17.00 -25.03
N LEU B 822 -62.27 -16.81 -25.17
CA LEU B 822 -62.85 -16.07 -26.27
C LEU B 822 -63.89 -15.09 -25.76
N LEU B 823 -63.64 -14.49 -24.61
CA LEU B 823 -64.62 -13.66 -23.91
C LEU B 823 -65.09 -12.49 -24.76
N ASN B 824 -66.34 -12.53 -25.22
CA ASN B 824 -66.99 -11.56 -26.09
C ASN B 824 -66.57 -11.68 -27.54
N CYS B 825 -65.90 -12.77 -27.92
CA CYS B 825 -65.48 -12.96 -29.30
C CYS B 825 -66.72 -13.34 -30.11
N SER B 826 -67.55 -12.34 -30.36
CA SER B 826 -68.79 -12.53 -31.11
C SER B 826 -68.46 -12.80 -32.57
N SER B 827 -69.50 -12.96 -33.38
CA SER B 827 -69.39 -13.17 -34.82
C SER B 827 -68.68 -14.47 -35.17
N LEU B 828 -68.33 -15.25 -34.15
CA LEU B 828 -67.90 -16.63 -34.41
C LEU B 828 -69.08 -17.44 -34.90
N ILE B 829 -68.78 -18.50 -35.65
CA ILE B 829 -69.79 -19.38 -36.20
C ILE B 829 -69.65 -20.79 -35.67
N GLU B 830 -68.43 -21.31 -35.61
CA GLU B 830 -68.19 -22.66 -35.15
C GLU B 830 -66.94 -22.67 -34.27
N LEU B 831 -66.46 -23.88 -33.99
CA LEU B 831 -65.18 -24.07 -33.33
C LEU B 831 -64.47 -25.23 -34.02
N PRO B 832 -63.15 -25.14 -34.16
CA PRO B 832 -62.42 -26.25 -34.78
C PRO B 832 -62.55 -27.51 -33.95
N LEU B 833 -62.87 -28.62 -34.62
CA LEU B 833 -63.08 -29.89 -33.92
C LEU B 833 -61.89 -30.29 -33.09
N SER B 834 -60.67 -30.02 -33.58
CA SER B 834 -59.47 -30.39 -32.86
C SER B 834 -59.35 -29.71 -31.51
N ILE B 835 -60.30 -28.84 -31.15
CA ILE B 835 -60.34 -28.31 -29.79
C ILE B 835 -60.46 -29.46 -28.79
N GLY B 836 -61.05 -30.57 -29.22
CA GLY B 836 -61.14 -31.71 -28.33
C GLY B 836 -59.80 -32.34 -28.01
N THR B 837 -58.76 -32.02 -28.78
CA THR B 837 -57.49 -32.70 -28.60
C THR B 837 -56.74 -32.18 -27.37
N ALA B 838 -57.15 -31.03 -26.84
CA ALA B 838 -56.47 -30.42 -25.69
C ALA B 838 -56.81 -31.20 -24.43
N THR B 839 -55.91 -32.08 -24.03
CA THR B 839 -56.21 -33.01 -22.94
C THR B 839 -55.96 -32.42 -21.56
N ASN B 840 -55.49 -31.19 -21.46
CA ASN B 840 -55.17 -30.63 -20.15
C ASN B 840 -55.79 -29.26 -19.91
N LEU B 841 -56.72 -28.83 -20.76
CA LEU B 841 -57.35 -27.52 -20.62
C LEU B 841 -58.35 -27.58 -19.46
N LYS B 842 -57.89 -27.26 -18.26
CA LYS B 842 -58.74 -27.40 -17.08
C LYS B 842 -59.88 -26.40 -17.08
N HIS B 843 -59.70 -25.25 -17.70
CA HIS B 843 -60.67 -24.16 -17.64
C HIS B 843 -60.95 -23.68 -19.05
N LEU B 844 -62.16 -23.16 -19.26
CA LEU B 844 -62.57 -22.83 -20.62
C LEU B 844 -63.74 -21.85 -20.56
N ASP B 845 -63.64 -20.78 -21.34
CA ASP B 845 -64.68 -19.76 -21.38
C ASP B 845 -65.12 -19.51 -22.81
N PHE B 846 -66.40 -19.20 -22.96
CA PHE B 846 -66.91 -18.59 -24.18
C PHE B 846 -67.91 -17.51 -23.83
N ARG B 847 -67.74 -16.89 -22.66
CA ARG B 847 -68.69 -15.90 -22.17
C ARG B 847 -68.88 -14.78 -23.18
N GLY B 848 -70.13 -14.47 -23.48
CA GLY B 848 -70.43 -13.42 -24.43
C GLY B 848 -70.26 -13.81 -25.88
N CYS B 849 -69.85 -15.04 -26.17
CA CYS B 849 -69.59 -15.47 -27.55
C CYS B 849 -70.92 -15.69 -28.25
N SER B 850 -71.54 -14.59 -28.64
CA SER B 850 -72.80 -14.66 -29.36
C SER B 850 -72.59 -15.24 -30.75
N SER B 851 -73.70 -15.55 -31.41
CA SER B 851 -73.75 -16.05 -32.78
C SER B 851 -73.07 -17.40 -32.94
N LEU B 852 -72.59 -18.00 -31.86
CA LEU B 852 -72.07 -19.35 -31.92
C LEU B 852 -73.23 -20.33 -31.98
N VAL B 853 -73.30 -21.10 -33.06
CA VAL B 853 -74.47 -21.92 -33.35
C VAL B 853 -74.45 -23.24 -32.61
N LYS B 854 -73.32 -23.93 -32.60
CA LYS B 854 -73.29 -25.30 -32.10
C LYS B 854 -71.90 -25.65 -31.60
N LEU B 855 -71.83 -26.21 -30.41
CA LEU B 855 -70.56 -26.69 -29.91
C LEU B 855 -70.11 -27.92 -30.68
N PRO B 856 -68.81 -28.13 -30.86
CA PRO B 856 -68.35 -29.30 -31.62
C PRO B 856 -68.62 -30.59 -30.88
N SER B 857 -68.74 -31.67 -31.65
CA SER B 857 -69.01 -32.98 -31.06
C SER B 857 -67.84 -33.49 -30.25
N SER B 858 -66.62 -33.00 -30.51
CA SER B 858 -65.44 -33.50 -29.82
C SER B 858 -65.28 -32.94 -28.42
N ILE B 859 -66.25 -32.18 -27.92
CA ILE B 859 -66.11 -31.55 -26.61
C ILE B 859 -65.86 -32.59 -25.53
N GLY B 860 -66.47 -33.76 -25.66
CA GLY B 860 -66.27 -34.78 -24.65
C GLY B 860 -64.84 -35.26 -24.50
N ASP B 861 -63.98 -34.95 -25.48
CA ASP B 861 -62.62 -35.47 -25.44
C ASP B 861 -61.79 -34.86 -24.33
N MET B 862 -61.91 -33.55 -24.07
CA MET B 862 -61.11 -32.94 -23.02
C MET B 862 -61.35 -33.62 -21.69
N THR B 863 -60.27 -33.94 -21.01
CA THR B 863 -60.29 -34.42 -19.64
C THR B 863 -59.70 -33.36 -18.73
N ASN B 864 -60.00 -33.48 -17.45
CA ASN B 864 -59.64 -32.49 -16.43
C ASN B 864 -60.31 -31.14 -16.66
N LEU B 865 -61.19 -31.05 -17.65
CA LEU B 865 -61.94 -29.82 -17.89
C LEU B 865 -62.87 -29.59 -16.70
N GLU B 866 -62.53 -28.63 -15.86
CA GLU B 866 -63.23 -28.43 -14.60
C GLU B 866 -64.28 -27.34 -14.66
N VAL B 867 -64.02 -26.26 -15.39
CA VAL B 867 -64.90 -25.10 -15.40
C VAL B 867 -65.30 -24.82 -16.84
N PHE B 868 -66.55 -24.47 -17.05
CA PHE B 868 -67.03 -24.27 -18.42
C PHE B 868 -68.08 -23.16 -18.40
N TYR B 869 -67.63 -21.93 -18.67
CA TYR B 869 -68.52 -20.79 -18.70
C TYR B 869 -69.16 -20.60 -20.06
N LEU B 870 -70.47 -20.40 -20.06
CA LEU B 870 -71.18 -19.85 -21.20
C LEU B 870 -72.14 -18.81 -20.65
N SER B 871 -72.25 -17.68 -21.35
CA SER B 871 -73.16 -16.65 -20.88
C SER B 871 -73.67 -15.87 -22.06
N ASN B 872 -74.99 -15.65 -22.07
CA ASN B 872 -75.72 -15.01 -23.17
C ASN B 872 -75.17 -15.46 -24.52
N CYS B 873 -74.84 -16.74 -24.62
CA CYS B 873 -74.38 -17.34 -25.87
C CYS B 873 -75.61 -17.70 -26.70
N SER B 874 -76.35 -16.66 -27.06
CA SER B 874 -77.57 -16.85 -27.83
C SER B 874 -77.27 -17.54 -29.15
N ASN B 875 -78.31 -18.17 -29.70
CA ASN B 875 -78.24 -18.97 -30.92
C ASN B 875 -77.43 -20.24 -30.73
N LEU B 876 -77.27 -20.69 -29.49
CA LEU B 876 -76.66 -21.99 -29.23
C LEU B 876 -77.75 -23.02 -28.96
N VAL B 877 -78.43 -23.44 -30.02
CA VAL B 877 -79.57 -24.35 -29.88
C VAL B 877 -79.01 -25.76 -30.02
N GLU B 878 -78.33 -26.21 -28.96
CA GLU B 878 -77.89 -27.60 -28.84
C GLU B 878 -77.07 -27.74 -27.56
N LEU B 879 -76.75 -28.98 -27.20
CA LEU B 879 -75.62 -29.25 -26.32
C LEU B 879 -75.21 -30.69 -26.55
N PRO B 880 -73.96 -30.94 -26.96
CA PRO B 880 -73.60 -32.27 -27.44
C PRO B 880 -73.73 -33.34 -26.37
N SER B 881 -74.14 -34.52 -26.81
CA SER B 881 -74.35 -35.65 -25.90
C SER B 881 -73.05 -36.29 -25.43
N SER B 882 -71.92 -35.90 -26.02
CA SER B 882 -70.64 -36.43 -25.56
C SER B 882 -70.21 -35.83 -24.23
N ILE B 883 -70.93 -34.83 -23.72
CA ILE B 883 -70.57 -34.16 -22.49
C ILE B 883 -70.46 -35.15 -21.34
N GLY B 884 -71.25 -36.22 -21.36
CA GLY B 884 -71.18 -37.21 -20.30
C GLY B 884 -69.81 -37.82 -20.14
N ASN B 885 -68.96 -37.71 -21.14
CA ASN B 885 -67.61 -38.23 -21.06
C ASN B 885 -66.66 -37.33 -20.30
N LEU B 886 -67.09 -36.12 -19.91
CA LEU B 886 -66.17 -35.15 -19.33
C LEU B 886 -65.73 -35.57 -17.94
N ARG B 887 -66.66 -36.02 -17.10
CA ARG B 887 -66.40 -36.73 -15.86
C ARG B 887 -65.69 -35.90 -14.80
N LYS B 888 -65.37 -34.64 -15.04
CA LYS B 888 -64.70 -33.86 -14.01
C LYS B 888 -65.22 -32.44 -13.82
N LEU B 889 -66.02 -31.88 -14.74
CA LEU B 889 -66.36 -30.47 -14.62
C LEU B 889 -67.25 -30.24 -13.41
N THR B 890 -66.93 -29.21 -12.65
CA THR B 890 -67.67 -28.96 -11.42
C THR B 890 -68.83 -28.00 -11.63
N LEU B 891 -68.63 -26.91 -12.38
CA LEU B 891 -69.70 -25.96 -12.62
C LEU B 891 -69.86 -25.72 -14.10
N LEU B 892 -71.11 -25.56 -14.52
CA LEU B 892 -71.45 -25.28 -15.91
C LEU B 892 -72.38 -24.07 -15.91
N LEU B 893 -71.78 -22.89 -15.93
CA LEU B 893 -72.55 -21.67 -15.99
C LEU B 893 -73.06 -21.46 -17.41
N MET B 894 -74.38 -21.45 -17.58
CA MET B 894 -74.99 -21.20 -18.88
C MET B 894 -76.09 -20.15 -18.67
N ARG B 895 -75.70 -18.89 -18.68
CA ARG B 895 -76.61 -17.80 -18.37
C ARG B 895 -77.06 -17.12 -19.65
N GLY B 896 -78.34 -16.74 -19.69
CA GLY B 896 -78.86 -15.97 -20.80
C GLY B 896 -78.82 -16.68 -22.13
N CYS B 897 -78.64 -18.01 -22.12
CA CYS B 897 -78.60 -18.76 -23.36
C CYS B 897 -80.00 -18.83 -23.94
N SER B 898 -80.48 -17.73 -24.47
CA SER B 898 -81.89 -17.51 -24.75
C SER B 898 -82.39 -18.28 -25.93
N LYS B 899 -81.64 -19.23 -26.49
CA LYS B 899 -82.18 -20.11 -27.50
C LYS B 899 -81.88 -21.58 -27.24
N LEU B 900 -81.15 -21.89 -26.18
CA LEU B 900 -80.94 -23.28 -25.82
C LEU B 900 -82.29 -23.93 -25.53
N GLU B 901 -82.56 -25.06 -26.17
CA GLU B 901 -83.88 -25.67 -26.11
C GLU B 901 -83.87 -27.10 -25.60
N THR B 902 -82.79 -27.84 -25.84
CA THR B 902 -82.67 -29.20 -25.34
C THR B 902 -81.49 -29.30 -24.40
N LEU B 903 -81.19 -30.53 -23.97
CA LEU B 903 -80.07 -30.78 -23.09
C LEU B 903 -79.83 -32.28 -23.10
N PRO B 904 -78.60 -32.74 -23.22
CA PRO B 904 -78.36 -34.19 -23.28
C PRO B 904 -78.89 -34.89 -22.04
N THR B 905 -79.55 -36.03 -22.25
CA THR B 905 -80.35 -36.66 -21.21
C THR B 905 -79.65 -37.83 -20.53
N ASN B 906 -79.25 -38.83 -21.30
CA ASN B 906 -78.72 -40.06 -20.72
C ASN B 906 -77.29 -39.91 -20.22
N ILE B 907 -77.10 -39.05 -19.22
CA ILE B 907 -75.77 -38.70 -18.73
C ILE B 907 -75.79 -38.65 -17.21
N ASN B 908 -74.72 -39.15 -16.61
CA ASN B 908 -74.48 -39.00 -15.17
C ASN B 908 -73.08 -38.45 -14.99
N LEU B 909 -72.99 -37.18 -14.63
CA LEU B 909 -71.71 -36.52 -14.38
C LEU B 909 -71.36 -36.77 -12.92
N LYS B 910 -70.36 -37.63 -12.69
CA LYS B 910 -70.11 -38.14 -11.35
C LYS B 910 -69.64 -37.06 -10.39
N SER B 911 -69.06 -35.97 -10.88
CA SER B 911 -68.63 -34.87 -10.05
C SER B 911 -69.07 -33.57 -10.71
N LEU B 912 -70.30 -33.14 -10.43
CA LEU B 912 -70.83 -31.89 -10.92
C LEU B 912 -71.38 -31.12 -9.72
N HIS B 913 -71.01 -29.85 -9.60
CA HIS B 913 -71.35 -29.08 -8.42
C HIS B 913 -72.57 -28.20 -8.65
N THR B 914 -72.53 -27.32 -9.64
CA THR B 914 -73.60 -26.37 -9.86
C THR B 914 -74.12 -26.51 -11.28
N LEU B 915 -75.21 -25.81 -11.57
CA LEU B 915 -75.71 -25.71 -12.93
C LEU B 915 -76.56 -24.44 -13.03
N ASN B 916 -76.03 -23.42 -13.71
CA ASN B 916 -76.72 -22.15 -13.84
C ASN B 916 -77.41 -22.10 -15.19
N LEU B 917 -78.74 -22.17 -15.18
CA LEU B 917 -79.55 -21.99 -16.38
C LEU B 917 -80.55 -20.89 -16.05
N ILE B 918 -80.13 -19.65 -16.22
CA ILE B 918 -80.96 -18.50 -15.86
C ILE B 918 -81.35 -17.78 -17.13
N ASP B 919 -82.64 -17.47 -17.25
CA ASP B 919 -83.21 -16.77 -18.40
C ASP B 919 -83.08 -17.57 -19.69
N CYS B 920 -82.94 -18.89 -19.58
CA CYS B 920 -82.93 -19.76 -20.75
C CYS B 920 -84.37 -19.83 -21.26
N SER B 921 -84.76 -18.82 -22.03
CA SER B 921 -86.16 -18.55 -22.32
C SER B 921 -86.82 -19.61 -23.19
N ARG B 922 -86.11 -20.66 -23.59
CA ARG B 922 -86.76 -21.72 -24.35
C ARG B 922 -86.26 -23.09 -23.92
N LEU B 923 -85.81 -23.22 -22.68
CA LEU B 923 -85.18 -24.47 -22.26
C LEU B 923 -86.22 -25.59 -22.16
N LYS B 924 -87.41 -25.29 -21.63
CA LYS B 924 -88.63 -26.00 -21.95
C LYS B 924 -88.70 -27.45 -21.45
N SER B 925 -87.63 -27.96 -20.86
CA SER B 925 -87.66 -29.32 -20.32
C SER B 925 -86.88 -29.33 -19.02
N PHE B 926 -87.17 -30.27 -18.17
CA PHE B 926 -86.37 -30.19 -16.96
C PHE B 926 -84.96 -30.68 -17.24
N PRO B 927 -83.93 -30.04 -16.69
CA PRO B 927 -82.57 -30.54 -16.89
C PRO B 927 -82.39 -31.87 -16.18
N GLU B 928 -82.31 -32.95 -16.95
CA GLU B 928 -82.30 -34.29 -16.38
C GLU B 928 -80.95 -34.93 -16.69
N ILE B 929 -79.98 -34.65 -15.81
CA ILE B 929 -78.74 -35.41 -15.77
C ILE B 929 -78.59 -35.90 -14.33
N SER B 930 -78.79 -37.20 -14.14
CA SER B 930 -78.97 -37.76 -12.80
C SER B 930 -77.66 -37.71 -12.04
N THR B 931 -77.42 -36.59 -11.36
CA THR B 931 -76.09 -36.28 -10.85
C THR B 931 -76.13 -35.97 -9.36
N HIS B 932 -75.02 -35.48 -8.84
CA HIS B 932 -74.90 -35.06 -7.45
C HIS B 932 -74.90 -33.53 -7.35
N ILE B 933 -75.75 -32.89 -8.15
CA ILE B 933 -75.84 -31.44 -8.19
C ILE B 933 -76.15 -30.90 -6.80
N LYS B 934 -75.43 -29.86 -6.40
CA LYS B 934 -75.69 -29.20 -5.12
C LYS B 934 -76.29 -27.82 -5.29
N TYR B 935 -76.14 -27.19 -6.45
CA TYR B 935 -76.67 -25.85 -6.68
C TYR B 935 -77.36 -25.87 -8.03
N LEU B 936 -78.68 -25.85 -8.05
CA LEU B 936 -79.44 -25.81 -9.28
C LEU B 936 -80.19 -24.50 -9.35
N ARG B 937 -80.02 -23.76 -10.44
CA ARG B 937 -80.60 -22.43 -10.58
C ARG B 937 -81.35 -22.36 -11.90
N LEU B 938 -82.67 -22.48 -11.84
CA LEU B 938 -83.54 -22.45 -13.01
C LEU B 938 -84.53 -21.32 -12.82
N ILE B 939 -84.14 -20.12 -13.28
CA ILE B 939 -84.97 -18.94 -13.13
C ILE B 939 -85.14 -18.29 -14.49
N GLY B 940 -86.36 -17.88 -14.79
CA GLY B 940 -86.65 -17.34 -16.11
C GLY B 940 -86.76 -18.39 -17.19
N THR B 941 -86.79 -19.66 -16.82
CA THR B 941 -86.87 -20.75 -17.78
C THR B 941 -88.33 -20.90 -18.23
N ALA B 942 -88.61 -22.00 -18.94
CA ALA B 942 -89.94 -22.33 -19.39
C ALA B 942 -90.22 -23.80 -19.14
N ILE B 943 -89.89 -24.25 -17.93
CA ILE B 943 -89.88 -25.68 -17.64
C ILE B 943 -91.28 -26.21 -17.42
N LYS B 944 -91.98 -25.68 -16.42
CA LYS B 944 -93.36 -26.05 -16.10
C LYS B 944 -93.54 -27.52 -15.75
N GLU B 945 -92.52 -28.17 -15.18
CA GLU B 945 -92.59 -29.59 -14.86
C GLU B 945 -91.45 -29.95 -13.92
N VAL B 946 -91.66 -30.99 -13.13
CA VAL B 946 -90.62 -31.52 -12.25
C VAL B 946 -90.70 -33.03 -12.22
N PRO B 947 -89.63 -33.74 -12.60
CA PRO B 947 -89.69 -35.20 -12.62
C PRO B 947 -89.64 -35.78 -11.22
N LEU B 948 -89.97 -37.06 -11.13
CA LEU B 948 -89.95 -37.78 -9.87
C LEU B 948 -88.60 -38.42 -9.56
N SER B 949 -87.65 -38.39 -10.50
CA SER B 949 -86.35 -38.99 -10.24
C SER B 949 -85.55 -38.22 -9.21
N ILE B 950 -85.99 -37.02 -8.84
CA ILE B 950 -85.16 -36.12 -8.06
C ILE B 950 -84.86 -36.68 -6.68
N MET B 951 -85.74 -37.50 -6.11
CA MET B 951 -85.47 -38.06 -4.79
C MET B 951 -84.24 -38.96 -4.80
N SER B 952 -83.78 -39.40 -5.98
CA SER B 952 -82.50 -40.09 -6.05
C SER B 952 -81.36 -39.15 -5.66
N TRP B 953 -81.46 -37.89 -6.07
CA TRP B 953 -80.45 -36.87 -5.78
C TRP B 953 -80.45 -36.61 -4.28
N SER B 954 -79.35 -36.88 -3.60
CA SER B 954 -79.43 -36.83 -2.15
C SER B 954 -79.41 -35.40 -1.60
N PRO B 955 -78.35 -34.60 -1.81
CA PRO B 955 -78.38 -33.22 -1.29
C PRO B 955 -78.79 -32.18 -2.32
N LEU B 956 -79.35 -31.07 -1.87
CA LEU B 956 -79.45 -29.85 -2.69
C LEU B 956 -79.31 -28.67 -1.76
N ALA B 957 -78.11 -28.10 -1.69
CA ALA B 957 -77.93 -26.91 -0.86
C ALA B 957 -78.69 -25.72 -1.41
N HIS B 958 -78.98 -25.71 -2.71
CA HIS B 958 -79.74 -24.64 -3.32
C HIS B 958 -80.53 -25.21 -4.49
N PHE B 959 -81.73 -24.67 -4.69
CA PHE B 959 -82.56 -25.07 -5.82
C PHE B 959 -83.58 -23.97 -6.02
N GLN B 960 -83.49 -23.29 -7.16
CA GLN B 960 -84.22 -22.03 -7.36
C GLN B 960 -85.04 -22.12 -8.62
N ILE B 961 -86.36 -21.93 -8.49
CA ILE B 961 -87.29 -22.03 -9.60
C ILE B 961 -88.08 -20.75 -9.72
N SER B 962 -88.20 -20.22 -10.92
CA SER B 962 -89.12 -19.13 -11.18
C SER B 962 -90.54 -19.68 -11.11
N TYR B 963 -91.33 -19.14 -10.19
CA TYR B 963 -92.64 -19.71 -9.89
C TYR B 963 -93.55 -19.71 -11.11
N PHE B 964 -94.28 -20.80 -11.28
CA PHE B 964 -95.40 -20.83 -12.21
C PHE B 964 -96.60 -21.39 -11.48
N GLU B 965 -97.75 -21.46 -12.16
CA GLU B 965 -98.99 -21.82 -11.48
C GLU B 965 -98.97 -23.27 -11.00
N SER B 966 -98.75 -24.20 -11.92
CA SER B 966 -98.95 -25.61 -11.59
C SER B 966 -97.75 -26.23 -10.90
N LEU B 967 -97.26 -25.59 -9.85
CA LEU B 967 -96.33 -26.28 -8.95
C LEU B 967 -97.07 -27.17 -7.96
N LYS B 968 -98.37 -26.94 -7.77
CA LYS B 968 -99.13 -27.73 -6.82
C LYS B 968 -99.14 -29.21 -7.15
N GLU B 969 -98.93 -29.57 -8.42
CA GLU B 969 -99.03 -30.95 -8.86
C GLU B 969 -97.80 -31.77 -8.51
N PHE B 970 -96.76 -31.15 -7.97
CA PHE B 970 -95.48 -31.81 -7.72
C PHE B 970 -95.11 -31.65 -6.25
N PRO B 971 -95.79 -32.36 -5.35
CA PRO B 971 -95.44 -32.26 -3.93
C PRO B 971 -94.00 -32.66 -3.64
N HIS B 972 -93.48 -33.63 -4.39
CA HIS B 972 -92.08 -34.01 -4.24
C HIS B 972 -91.14 -32.85 -4.49
N ALA B 973 -91.55 -31.87 -5.29
CA ALA B 973 -90.74 -30.69 -5.53
C ALA B 973 -90.84 -29.66 -4.43
N LEU B 974 -91.88 -29.72 -3.59
CA LEU B 974 -92.08 -28.68 -2.60
C LEU B 974 -91.12 -28.77 -1.42
N ASP B 975 -90.82 -29.98 -0.95
CA ASP B 975 -89.92 -30.13 0.18
C ASP B 975 -88.46 -29.93 -0.18
N ILE B 976 -88.14 -29.86 -1.47
CA ILE B 976 -86.76 -29.71 -1.91
C ILE B 976 -86.46 -28.32 -2.44
N ILE B 977 -87.47 -27.55 -2.83
CA ILE B 977 -87.21 -26.22 -3.36
C ILE B 977 -86.52 -25.37 -2.29
N THR B 978 -85.83 -24.35 -2.74
CA THR B 978 -85.19 -23.47 -1.77
C THR B 978 -85.53 -22.01 -2.00
N GLU B 979 -85.66 -21.58 -3.24
CA GLU B 979 -86.05 -20.23 -3.56
C GLU B 979 -87.30 -20.24 -4.41
N LEU B 980 -87.75 -19.04 -4.78
CA LEU B 980 -88.95 -18.88 -5.58
C LEU B 980 -89.00 -17.42 -5.99
N GLN B 981 -89.60 -17.17 -7.16
CA GLN B 981 -89.54 -15.82 -7.71
C GLN B 981 -90.82 -15.54 -8.48
N LEU B 982 -91.74 -14.83 -7.84
CA LEU B 982 -92.99 -14.47 -8.47
C LEU B 982 -92.72 -13.54 -9.65
N SER B 983 -93.58 -13.63 -10.66
CA SER B 983 -93.33 -12.95 -11.92
C SER B 983 -93.86 -11.52 -11.88
N LYS B 984 -93.82 -10.88 -13.04
CA LYS B 984 -94.29 -9.51 -13.16
C LYS B 984 -95.75 -9.37 -12.73
N ASP B 985 -96.59 -10.28 -13.20
CA ASP B 985 -98.04 -10.15 -13.08
C ASP B 985 -98.58 -11.44 -12.50
N ILE B 986 -98.84 -11.44 -11.19
CA ILE B 986 -99.49 -12.57 -10.55
C ILE B 986 -100.53 -12.06 -9.55
N GLN B 987 -101.81 -12.20 -9.90
CA GLN B 987 -102.86 -11.80 -8.98
C GLN B 987 -102.85 -12.62 -7.70
N GLU B 988 -102.65 -13.92 -7.82
CA GLU B 988 -102.94 -14.83 -6.72
C GLU B 988 -101.93 -14.66 -5.60
N VAL B 989 -102.38 -14.99 -4.40
CA VAL B 989 -101.58 -14.88 -3.19
C VAL B 989 -101.41 -16.31 -2.67
N PRO B 990 -100.29 -16.96 -2.94
CA PRO B 990 -100.24 -18.42 -2.87
C PRO B 990 -100.17 -18.90 -1.42
N PRO B 991 -101.26 -19.49 -0.91
CA PRO B 991 -101.25 -19.95 0.48
C PRO B 991 -100.46 -21.23 0.68
N TRP B 992 -100.53 -22.15 -0.26
CA TRP B 992 -99.88 -23.45 -0.12
C TRP B 992 -98.36 -23.34 0.04
N VAL B 993 -97.79 -22.16 -0.20
CA VAL B 993 -96.37 -21.99 0.02
C VAL B 993 -96.01 -22.22 1.47
N LYS B 994 -96.98 -22.09 2.37
CA LYS B 994 -96.70 -22.33 3.78
C LYS B 994 -96.33 -23.79 4.00
N ARG B 995 -96.72 -24.68 3.09
CA ARG B 995 -96.49 -26.10 3.31
C ARG B 995 -95.03 -26.48 3.09
N MET B 996 -94.39 -25.90 2.07
CA MET B 996 -93.01 -26.29 1.75
C MET B 996 -92.10 -25.97 2.93
N SER B 997 -91.28 -26.96 3.31
CA SER B 997 -90.53 -26.85 4.55
C SER B 997 -89.34 -25.91 4.40
N ARG B 998 -88.41 -26.25 3.51
CA ARG B 998 -87.23 -25.42 3.30
C ARG B 998 -87.55 -24.42 2.20
N LEU B 999 -87.78 -23.17 2.57
CA LEU B 999 -87.90 -22.08 1.61
C LEU B 999 -87.06 -20.94 2.14
N ARG B 1000 -85.76 -20.97 1.84
CA ARG B 1000 -84.85 -20.01 2.45
C ARG B 1000 -85.14 -18.59 2.00
N ALA B 1001 -85.49 -18.41 0.73
CA ALA B 1001 -85.69 -17.08 0.19
C ALA B 1001 -86.99 -17.04 -0.59
N LEU B 1002 -87.49 -15.82 -0.77
CA LEU B 1002 -88.67 -15.58 -1.59
C LEU B 1002 -88.53 -14.20 -2.21
N ARG B 1003 -88.67 -14.15 -3.53
CA ARG B 1003 -88.47 -12.91 -4.26
C ARG B 1003 -89.70 -12.58 -5.06
N LEU B 1004 -90.11 -11.32 -4.98
CA LEU B 1004 -91.19 -10.79 -5.79
C LEU B 1004 -90.58 -9.82 -6.78
N ASN B 1005 -90.43 -10.26 -8.03
CA ASN B 1005 -89.65 -9.48 -8.99
C ASN B 1005 -90.28 -8.11 -9.22
N ASN B 1006 -91.49 -8.08 -9.69
CA ASN B 1006 -92.16 -6.78 -9.67
C ASN B 1006 -93.53 -6.82 -9.03
N CYS B 1007 -94.32 -7.87 -9.30
CA CYS B 1007 -95.66 -8.02 -8.72
C CYS B 1007 -96.43 -6.71 -8.74
N ASN B 1008 -96.60 -6.15 -9.93
CA ASN B 1008 -97.32 -4.88 -10.06
C ASN B 1008 -98.77 -4.99 -9.68
N ASN B 1009 -99.33 -6.19 -9.60
CA ASN B 1009 -100.71 -6.39 -9.20
C ASN B 1009 -100.75 -7.48 -8.13
N LEU B 1010 -100.47 -7.07 -6.89
CA LEU B 1010 -100.53 -8.01 -5.74
C LEU B 1010 -101.16 -7.20 -4.60
N VAL B 1011 -101.67 -7.86 -3.56
CA VAL B 1011 -102.29 -7.15 -2.46
C VAL B 1011 -101.67 -7.53 -1.12
N SER B 1012 -101.74 -8.80 -0.76
CA SER B 1012 -101.32 -9.25 0.55
C SER B 1012 -100.23 -10.30 0.42
N LEU B 1013 -99.89 -10.91 1.56
CA LEU B 1013 -98.90 -11.97 1.62
C LEU B 1013 -99.34 -13.00 2.65
N PRO B 1014 -99.31 -14.28 2.31
CA PRO B 1014 -99.80 -15.31 3.24
C PRO B 1014 -98.85 -15.50 4.40
N GLN B 1015 -99.18 -16.41 5.32
CA GLN B 1015 -98.23 -16.78 6.35
C GLN B 1015 -97.06 -17.52 5.71
N LEU B 1016 -95.89 -16.94 5.81
CA LEU B 1016 -94.76 -17.58 5.15
C LEU B 1016 -94.24 -18.74 5.98
N PRO B 1017 -93.57 -19.70 5.37
CA PRO B 1017 -93.02 -20.83 6.13
C PRO B 1017 -92.04 -20.36 7.20
N ASP B 1018 -91.70 -21.29 8.08
CA ASP B 1018 -90.96 -20.93 9.28
C ASP B 1018 -89.47 -20.72 9.03
N SER B 1019 -88.93 -21.18 7.91
CA SER B 1019 -87.50 -21.08 7.65
C SER B 1019 -87.29 -20.10 6.51
N LEU B 1020 -87.26 -18.82 6.84
CA LEU B 1020 -86.92 -17.76 5.91
C LEU B 1020 -85.67 -17.04 6.38
N ALA B 1021 -84.88 -16.57 5.42
CA ALA B 1021 -83.75 -15.72 5.72
C ALA B 1021 -83.82 -14.47 4.86
N TYR B 1022 -84.49 -14.58 3.73
CA TYR B 1022 -84.55 -13.50 2.77
C TYR B 1022 -86.00 -13.29 2.33
N LEU B 1023 -86.29 -12.04 1.95
CA LEU B 1023 -87.59 -11.68 1.42
C LEU B 1023 -87.44 -10.34 0.72
N TYR B 1024 -87.74 -10.31 -0.57
CA TYR B 1024 -87.52 -9.12 -1.38
C TYR B 1024 -88.82 -8.74 -2.05
N ALA B 1025 -88.92 -7.45 -2.46
CA ALA B 1025 -90.09 -6.90 -3.19
C ALA B 1025 -89.64 -5.59 -3.87
N ASP B 1026 -89.10 -5.63 -5.10
CA ASP B 1026 -88.45 -4.44 -5.73
C ASP B 1026 -89.30 -3.19 -6.09
N ASN B 1027 -90.45 -3.30 -6.74
CA ASN B 1027 -91.18 -2.06 -7.18
C ASN B 1027 -92.65 -2.39 -7.38
N CYS B 1028 -93.27 -3.00 -6.38
CA CYS B 1028 -94.64 -3.50 -6.45
C CYS B 1028 -95.63 -2.40 -6.10
N LYS B 1029 -96.81 -2.48 -6.69
CA LYS B 1029 -97.78 -1.41 -6.55
C LYS B 1029 -98.64 -1.53 -5.28
N SER B 1030 -98.61 -2.70 -4.64
CA SER B 1030 -99.36 -2.81 -3.36
C SER B 1030 -98.99 -4.04 -2.55
N LEU B 1031 -98.56 -3.84 -1.30
CA LEU B 1031 -98.43 -4.94 -0.37
C LEU B 1031 -99.08 -4.56 0.95
N GLU B 1032 -100.34 -4.10 0.88
CA GLU B 1032 -100.97 -3.39 1.99
C GLU B 1032 -100.78 -4.10 3.32
N ARG B 1033 -101.01 -5.41 3.36
CA ARG B 1033 -100.88 -6.12 4.62
C ARG B 1033 -99.91 -7.28 4.48
N LEU B 1034 -99.02 -7.43 5.46
CA LEU B 1034 -97.99 -8.49 5.39
C LEU B 1034 -98.29 -9.42 6.56
N ASP B 1035 -99.33 -10.25 6.40
CA ASP B 1035 -99.81 -11.08 7.54
C ASP B 1035 -98.92 -12.30 7.74
N CYS B 1036 -97.64 -12.08 8.02
CA CYS B 1036 -96.75 -13.22 8.33
C CYS B 1036 -96.13 -13.01 9.71
N CYS B 1037 -96.29 -13.97 10.63
CA CYS B 1037 -95.60 -13.90 11.94
C CYS B 1037 -94.38 -14.79 11.75
N PHE B 1038 -93.18 -14.20 11.63
CA PHE B 1038 -92.04 -15.02 11.27
C PHE B 1038 -90.85 -14.67 12.14
N ASN B 1039 -90.28 -15.69 12.78
CA ASN B 1039 -89.33 -15.52 13.87
C ASN B 1039 -88.18 -16.51 13.75
N ASN B 1040 -87.67 -16.70 12.54
CA ASN B 1040 -86.70 -17.76 12.32
C ASN B 1040 -85.31 -17.41 12.86
N PRO B 1041 -84.69 -16.40 12.28
CA PRO B 1041 -83.27 -16.16 12.46
C PRO B 1041 -82.97 -14.76 11.96
N GLU B 1042 -81.70 -14.48 11.69
CA GLU B 1042 -81.39 -13.30 10.90
C GLU B 1042 -82.20 -13.34 9.61
N ILE B 1043 -83.14 -12.41 9.47
CA ILE B 1043 -84.08 -12.39 8.36
C ILE B 1043 -84.00 -11.00 7.75
N ARG B 1044 -83.84 -10.94 6.43
CA ARG B 1044 -83.70 -9.67 5.74
C ARG B 1044 -84.98 -9.36 4.98
N LEU B 1045 -85.64 -8.28 5.38
CA LEU B 1045 -86.89 -7.85 4.78
C LEU B 1045 -86.59 -6.58 3.98
N TYR B 1046 -86.38 -6.73 2.69
CA TYR B 1046 -86.06 -5.62 1.83
C TYR B 1046 -87.29 -5.24 1.02
N PHE B 1047 -87.61 -3.96 1.03
CA PHE B 1047 -88.82 -3.50 0.37
C PHE B 1047 -88.53 -2.25 -0.44
N PRO B 1048 -87.72 -2.35 -1.51
CA PRO B 1048 -87.24 -1.15 -2.21
C PRO B 1048 -88.25 -0.06 -2.47
N LYS B 1049 -89.30 -0.32 -3.24
CA LYS B 1049 -90.28 0.71 -3.54
C LYS B 1049 -91.68 0.14 -3.36
N CYS B 1050 -92.21 0.21 -2.14
CA CYS B 1050 -93.59 -0.18 -1.91
C CYS B 1050 -94.12 0.75 -0.82
N PHE B 1051 -94.98 1.68 -1.22
CA PHE B 1051 -95.45 2.71 -0.31
C PHE B 1051 -96.82 2.40 0.29
N LYS B 1052 -97.57 1.49 -0.32
CA LYS B 1052 -98.90 1.11 0.18
C LYS B 1052 -98.72 -0.03 1.18
N LEU B 1053 -98.26 0.35 2.36
CA LEU B 1053 -98.04 -0.58 3.47
C LEU B 1053 -98.87 -0.14 4.67
N ASN B 1054 -99.58 -1.10 5.27
CA ASN B 1054 -100.29 -0.82 6.51
C ASN B 1054 -99.30 -0.47 7.60
N GLN B 1055 -99.70 0.47 8.46
CA GLN B 1055 -98.82 0.87 9.56
C GLN B 1055 -98.54 -0.30 10.48
N GLU B 1056 -99.48 -1.22 10.63
CA GLU B 1056 -99.17 -2.45 11.36
C GLU B 1056 -98.11 -3.26 10.61
N ALA B 1057 -98.24 -3.38 9.29
CA ALA B 1057 -97.23 -4.08 8.50
C ALA B 1057 -95.90 -3.36 8.58
N ARG B 1058 -95.93 -2.03 8.47
CA ARG B 1058 -94.71 -1.24 8.53
C ARG B 1058 -94.01 -1.43 9.87
N ASP B 1059 -94.79 -1.40 10.95
CA ASP B 1059 -94.23 -1.62 12.29
C ASP B 1059 -93.65 -3.02 12.40
N LEU B 1060 -94.38 -4.01 11.88
CA LEU B 1060 -93.83 -5.39 11.87
C LEU B 1060 -92.44 -5.28 11.24
N ILE B 1061 -92.34 -4.70 10.05
CA ILE B 1061 -91.06 -4.66 9.35
C ILE B 1061 -89.98 -4.06 10.25
N MET B 1062 -90.28 -2.94 10.91
CA MET B 1062 -89.30 -2.39 11.84
C MET B 1062 -89.19 -3.23 13.12
N HIS B 1063 -90.33 -3.57 13.72
CA HIS B 1063 -90.30 -4.19 15.05
C HIS B 1063 -90.23 -5.70 14.97
N THR B 1064 -89.21 -6.19 14.24
CA THR B 1064 -88.96 -7.65 14.13
C THR B 1064 -87.52 -7.88 14.61
N SER B 1065 -87.29 -8.89 15.46
CA SER B 1065 -85.97 -9.15 16.04
C SER B 1065 -85.14 -9.98 15.05
N THR B 1066 -84.33 -9.28 14.28
CA THR B 1066 -83.43 -9.89 13.32
C THR B 1066 -81.99 -9.70 13.79
N ARG B 1067 -81.05 -10.15 12.95
CA ARG B 1067 -79.64 -9.83 13.12
C ARG B 1067 -79.07 -9.23 11.85
N ASN B 1068 -79.92 -8.81 10.91
CA ASN B 1068 -79.51 -8.23 9.66
C ASN B 1068 -80.28 -6.95 9.43
N PHE B 1069 -80.01 -6.32 8.28
CA PHE B 1069 -80.66 -5.08 7.90
C PHE B 1069 -82.17 -5.26 7.75
N ALA B 1070 -82.89 -4.15 7.58
CA ALA B 1070 -84.28 -4.17 7.17
C ALA B 1070 -84.58 -2.82 6.56
N MET B 1071 -85.02 -2.81 5.31
CA MET B 1071 -85.13 -1.58 4.57
C MET B 1071 -86.54 -1.39 4.05
N LEU B 1072 -87.01 -0.15 4.11
CA LEU B 1072 -88.43 0.15 3.89
C LEU B 1072 -88.54 1.53 3.26
N PRO B 1073 -89.64 1.81 2.56
CA PRO B 1073 -89.83 3.16 2.01
C PRO B 1073 -90.35 4.13 3.05
N GLY B 1074 -89.51 5.08 3.43
CA GLY B 1074 -89.90 6.14 4.34
C GLY B 1074 -89.17 7.40 3.99
N THR B 1075 -89.72 8.54 4.41
CA THR B 1075 -89.13 9.84 4.09
C THR B 1075 -88.44 10.48 5.28
N GLN B 1076 -88.68 10.01 6.50
CA GLN B 1076 -88.00 10.54 7.66
C GLN B 1076 -88.09 9.50 8.77
N VAL B 1077 -87.18 9.61 9.73
CA VAL B 1077 -87.06 8.58 10.77
C VAL B 1077 -88.38 8.50 11.54
N PRO B 1078 -88.94 7.32 11.74
CA PRO B 1078 -90.20 7.21 12.48
C PRO B 1078 -90.04 7.67 13.93
N ALA B 1079 -91.13 8.17 14.49
CA ALA B 1079 -91.10 8.71 15.85
C ALA B 1079 -90.84 7.63 16.88
N CYS B 1080 -90.98 6.36 16.52
CA CYS B 1080 -90.69 5.29 17.47
C CYS B 1080 -89.27 5.36 18.00
N PHE B 1081 -88.34 5.84 17.17
CA PHE B 1081 -86.96 6.05 17.59
C PHE B 1081 -86.85 7.45 18.17
N ASN B 1082 -86.90 7.55 19.49
CA ASN B 1082 -86.90 8.83 20.20
C ASN B 1082 -85.58 9.57 20.00
N HIS B 1083 -84.47 8.87 20.18
CA HIS B 1083 -83.17 9.50 20.31
C HIS B 1083 -82.61 9.76 18.91
N ARG B 1084 -82.72 11.01 18.45
CA ARG B 1084 -82.48 11.36 17.07
C ARG B 1084 -81.29 12.31 16.93
N ALA B 1085 -80.78 12.40 15.71
CA ALA B 1085 -79.78 13.40 15.34
C ALA B 1085 -79.59 13.34 13.84
N THR B 1086 -78.74 14.23 13.33
CA THR B 1086 -78.41 14.27 11.91
C THR B 1086 -76.91 14.37 11.71
N SER B 1090 -70.67 9.64 10.23
CA SER B 1090 -69.77 10.41 11.07
C SER B 1090 -70.55 11.25 12.08
N LEU B 1091 -71.88 11.20 11.96
CA LEU B 1091 -72.74 11.99 12.82
C LEU B 1091 -72.71 11.45 14.25
N LYS B 1092 -73.18 12.28 15.18
CA LYS B 1092 -73.16 11.98 16.61
C LYS B 1092 -74.57 11.75 17.10
N ILE B 1093 -74.80 10.59 17.72
CA ILE B 1093 -76.06 10.28 18.40
C ILE B 1093 -75.80 10.30 19.89
N LYS B 1094 -76.54 11.12 20.61
CA LYS B 1094 -76.41 11.26 22.05
C LYS B 1094 -77.70 10.83 22.71
N LEU B 1095 -77.60 10.02 23.77
CA LEU B 1095 -78.79 9.54 24.45
C LEU B 1095 -78.42 9.06 25.84
N LYS B 1096 -79.46 8.91 26.67
CA LYS B 1096 -79.32 8.48 28.06
C LYS B 1096 -79.87 7.07 28.21
N GLU B 1097 -79.74 6.53 29.43
CA GLU B 1097 -80.19 5.18 29.70
C GLU B 1097 -80.94 5.13 31.02
N SER B 1098 -81.77 4.12 31.17
CA SER B 1098 -82.53 3.86 32.39
C SER B 1098 -82.32 2.40 32.77
N PRO B 1099 -81.24 2.13 33.50
CA PRO B 1099 -80.90 0.79 33.97
C PRO B 1099 -79.69 0.90 34.89
N LEU B 1100 -79.60 -0.05 35.82
CA LEU B 1100 -78.47 -0.08 36.74
C LEU B 1100 -77.28 -0.81 36.14
N PRO B 1101 -77.44 -2.10 35.85
CA PRO B 1101 -76.34 -2.92 35.36
C PRO B 1101 -76.94 -4.10 34.58
N THR B 1102 -76.84 -4.05 33.26
CA THR B 1102 -77.41 -5.08 32.41
C THR B 1102 -76.74 -4.98 31.04
N THR B 1103 -76.95 -6.00 30.21
CA THR B 1103 -76.65 -5.90 28.79
C THR B 1103 -77.86 -5.28 28.10
N LEU B 1104 -77.60 -4.32 27.22
CA LEU B 1104 -78.64 -3.54 26.60
C LEU B 1104 -78.71 -3.84 25.11
N THR B 1105 -79.92 -3.75 24.57
CA THR B 1105 -80.21 -4.03 23.17
C THR B 1105 -80.83 -2.81 22.53
N PHE B 1106 -80.32 -2.42 21.36
CA PHE B 1106 -80.72 -1.19 20.70
C PHE B 1106 -81.19 -1.48 19.28
N LYS B 1107 -82.18 -0.71 18.84
CA LYS B 1107 -82.65 -0.74 17.47
C LYS B 1107 -82.32 0.60 16.83
N ALA B 1108 -81.62 0.56 15.70
CA ALA B 1108 -81.12 1.76 15.04
C ALA B 1108 -81.78 1.92 13.69
N CYS B 1109 -82.04 3.18 13.33
CA CYS B 1109 -82.70 3.58 12.11
C CYS B 1109 -81.91 4.68 11.42
N ILE B 1110 -81.76 4.57 10.11
CA ILE B 1110 -80.84 5.38 9.33
C ILE B 1110 -81.46 5.73 7.99
N MET B 1111 -81.27 6.97 7.57
CA MET B 1111 -81.55 7.39 6.20
C MET B 1111 -80.23 7.75 5.51
N LEU B 1112 -80.31 8.12 4.25
CA LEU B 1112 -79.13 8.39 3.45
C LEU B 1112 -79.14 9.84 2.97
N VAL B 1113 -77.94 10.34 2.68
CA VAL B 1113 -77.80 11.71 2.20
C VAL B 1113 -78.27 11.80 0.76
N ASN B 1114 -79.12 12.78 0.49
CA ASN B 1114 -79.71 12.93 -0.84
C ASN B 1114 -78.62 13.27 -1.85
N GLU B 1115 -78.27 12.32 -2.72
CA GLU B 1115 -77.14 12.56 -3.65
C GLU B 1115 -77.49 12.06 -5.05
N GLU B 1116 -76.54 12.13 -5.98
CA GLU B 1116 -76.77 11.56 -7.33
C GLU B 1116 -76.43 10.06 -7.27
N MET B 1117 -77.13 9.33 -6.40
CA MET B 1117 -76.96 7.87 -6.24
C MET B 1117 -77.53 7.20 -7.50
N SER B 1118 -76.92 6.09 -7.91
CA SER B 1118 -77.41 5.36 -9.10
C SER B 1118 -78.79 4.78 -8.82
N TYR B 1119 -79.61 4.60 -9.86
CA TYR B 1119 -80.98 4.07 -9.68
C TYR B 1119 -80.88 2.68 -9.02
N ASP B 1120 -79.82 1.93 -9.35
CA ASP B 1120 -79.66 0.56 -8.79
C ASP B 1120 -78.27 0.39 -8.17
N LEU B 1121 -78.00 1.00 -7.01
CA LEU B 1121 -76.73 0.71 -6.30
C LEU B 1121 -77.05 -0.53 -5.47
N LYS B 1122 -76.22 -1.58 -5.52
CA LYS B 1122 -76.65 -2.84 -4.86
C LYS B 1122 -75.63 -3.38 -3.85
N SER B 1123 -75.16 -2.57 -2.89
CA SER B 1123 -74.29 -3.08 -1.85
C SER B 1123 -74.06 -1.99 -0.82
N MET B 1124 -74.03 -2.37 0.45
CA MET B 1124 -73.80 -1.37 1.48
C MET B 1124 -73.33 -2.04 2.76
N SER B 1125 -72.36 -1.38 3.41
CA SER B 1125 -71.82 -1.85 4.67
C SER B 1125 -71.74 -0.68 5.63
N VAL B 1126 -72.00 -0.95 6.90
CA VAL B 1126 -72.10 0.06 7.93
C VAL B 1126 -71.26 -0.36 9.12
N ASP B 1127 -70.42 0.55 9.60
CA ASP B 1127 -69.59 0.35 10.78
C ASP B 1127 -70.13 1.21 11.92
N ILE B 1128 -69.90 0.75 13.15
CA ILE B 1128 -70.51 1.34 14.33
C ILE B 1128 -69.45 1.53 15.40
N VAL B 1129 -69.42 2.70 16.02
CA VAL B 1129 -68.50 3.01 17.11
C VAL B 1129 -69.27 3.68 18.24
N ILE B 1130 -69.07 3.21 19.47
CA ILE B 1130 -69.80 3.72 20.61
C ILE B 1130 -68.78 4.12 21.69
N ARG B 1131 -68.97 5.32 22.27
CA ARG B 1131 -68.03 5.86 23.25
C ARG B 1131 -68.81 6.57 24.35
N ASP B 1132 -68.07 7.06 25.34
CA ASP B 1132 -68.64 7.78 26.47
C ASP B 1132 -68.07 9.19 26.54
N GLU B 1133 -68.75 10.05 27.30
CA GLU B 1133 -68.27 11.41 27.49
C GLU B 1133 -67.83 11.70 28.92
N GLN B 1134 -68.14 10.82 29.88
CA GLN B 1134 -67.58 10.93 31.22
C GLN B 1134 -66.23 10.21 31.28
N ASN B 1135 -66.18 8.98 30.80
CA ASN B 1135 -64.94 8.29 30.50
C ASN B 1135 -64.73 8.32 29.00
N ASP B 1136 -63.54 7.91 28.58
CA ASP B 1136 -63.26 7.75 27.15
C ASP B 1136 -63.17 6.29 26.75
N LEU B 1137 -63.68 5.39 27.58
CA LEU B 1137 -63.66 3.96 27.30
C LEU B 1137 -64.46 3.68 26.03
N LYS B 1138 -63.78 3.19 25.01
CA LYS B 1138 -64.47 2.74 23.80
C LYS B 1138 -65.21 1.45 24.11
N VAL B 1139 -66.51 1.56 24.37
CA VAL B 1139 -67.31 0.38 24.67
C VAL B 1139 -67.43 -0.49 23.42
N GLN B 1140 -67.45 -1.80 23.63
CA GLN B 1140 -67.59 -2.74 22.55
C GLN B 1140 -69.03 -2.77 22.05
N CYS B 1141 -69.23 -3.42 20.90
CA CYS B 1141 -70.57 -3.60 20.33
C CYS B 1141 -70.51 -4.84 19.46
N THR B 1142 -71.17 -5.91 19.90
CA THR B 1142 -70.96 -7.22 19.27
C THR B 1142 -71.32 -7.24 17.79
N PRO B 1143 -72.42 -6.64 17.33
CA PRO B 1143 -72.58 -6.57 15.86
C PRO B 1143 -71.93 -5.31 15.31
N SER B 1144 -70.60 -5.25 15.41
CA SER B 1144 -69.85 -4.04 15.13
C SER B 1144 -69.86 -3.64 13.66
N TYR B 1145 -70.60 -4.37 12.82
CA TYR B 1145 -70.74 -4.00 11.42
C TYR B 1145 -71.92 -4.76 10.83
N HIS B 1146 -72.59 -4.16 9.87
CA HIS B 1146 -73.63 -4.84 9.09
C HIS B 1146 -73.31 -4.67 7.62
N GLN B 1147 -73.20 -5.77 6.89
CA GLN B 1147 -72.81 -5.74 5.50
C GLN B 1147 -73.81 -6.54 4.66
N CYS B 1148 -74.14 -6.01 3.48
CA CYS B 1148 -75.00 -6.73 2.56
C CYS B 1148 -74.56 -6.42 1.13
N THR B 1149 -74.43 -7.46 0.33
CA THR B 1149 -73.98 -7.35 -1.05
C THR B 1149 -75.14 -7.31 -2.01
N GLU B 1150 -76.37 -7.20 -1.51
CA GLU B 1150 -77.57 -7.24 -2.32
C GLU B 1150 -78.58 -6.16 -1.96
N ILE B 1151 -78.42 -5.50 -0.82
CA ILE B 1151 -79.35 -4.46 -0.40
C ILE B 1151 -79.32 -3.32 -1.40
N TYR B 1152 -80.50 -2.80 -1.74
CA TYR B 1152 -80.59 -1.64 -2.59
C TYR B 1152 -80.18 -0.40 -1.83
N VAL B 1153 -79.46 0.50 -2.50
CA VAL B 1153 -79.08 1.79 -1.91
C VAL B 1153 -79.88 2.87 -2.63
N LEU B 1154 -80.77 3.52 -1.90
CA LEU B 1154 -81.64 4.54 -2.47
C LEU B 1154 -81.84 5.64 -1.45
N THR B 1155 -82.31 6.80 -1.94
CA THR B 1155 -82.29 8.02 -1.14
C THR B 1155 -83.31 7.98 -0.01
N GLU B 1156 -84.59 7.92 -0.36
CA GLU B 1156 -85.66 8.12 0.62
C GLU B 1156 -86.11 6.77 1.17
N HIS B 1157 -85.27 6.18 2.02
CA HIS B 1157 -85.62 4.90 2.60
C HIS B 1157 -85.05 4.78 3.99
N ILE B 1158 -85.64 3.87 4.75
CA ILE B 1158 -85.34 3.65 6.16
C ILE B 1158 -84.61 2.33 6.27
N TYR B 1159 -83.44 2.35 6.90
CA TYR B 1159 -82.64 1.16 7.12
C TYR B 1159 -82.51 0.95 8.62
N THR B 1160 -82.90 -0.23 9.08
CA THR B 1160 -82.92 -0.53 10.50
C THR B 1160 -82.09 -1.77 10.77
N PHE B 1161 -81.55 -1.82 11.99
CA PHE B 1161 -80.77 -2.98 12.43
C PHE B 1161 -80.68 -2.96 13.95
N GLU B 1162 -79.94 -3.91 14.50
CA GLU B 1162 -79.91 -4.14 15.93
C GLU B 1162 -78.49 -4.19 16.45
N LEU B 1163 -78.33 -3.80 17.71
CA LEU B 1163 -77.04 -3.74 18.38
C LEU B 1163 -77.16 -4.25 19.80
N GLU B 1164 -76.05 -4.76 20.32
CA GLU B 1164 -75.95 -5.13 21.73
C GLU B 1164 -74.74 -4.47 22.36
N VAL B 1165 -74.93 -3.93 23.55
CA VAL B 1165 -73.86 -3.32 24.33
C VAL B 1165 -73.86 -3.99 25.70
N GLU B 1166 -72.67 -4.23 26.25
CA GLU B 1166 -72.57 -5.00 27.47
C GLU B 1166 -71.86 -4.30 28.61
N GLU B 1167 -70.89 -3.43 28.31
CA GLU B 1167 -70.22 -2.70 29.37
C GLU B 1167 -71.21 -1.79 30.08
N VAL B 1168 -70.90 -1.47 31.32
CA VAL B 1168 -71.90 -0.99 32.26
C VAL B 1168 -71.61 0.46 32.66
N THR B 1169 -71.07 1.24 31.72
CA THR B 1169 -71.14 2.68 31.91
C THR B 1169 -72.63 3.04 32.00
N SER B 1170 -72.98 4.00 32.84
CA SER B 1170 -74.37 4.09 33.29
C SER B 1170 -75.23 5.01 32.45
N THR B 1171 -74.85 6.29 32.36
CA THR B 1171 -75.82 7.29 31.92
C THR B 1171 -75.55 7.81 30.51
N GLU B 1172 -74.31 7.75 30.03
CA GLU B 1172 -73.93 8.47 28.83
C GLU B 1172 -73.42 7.49 27.79
N LEU B 1173 -74.12 7.41 26.65
CA LEU B 1173 -73.62 6.69 25.49
C LEU B 1173 -73.69 7.60 24.27
N VAL B 1174 -72.64 7.55 23.45
CA VAL B 1174 -72.56 8.32 22.22
C VAL B 1174 -72.31 7.35 21.08
N PHE B 1175 -73.16 7.38 20.07
CA PHE B 1175 -73.06 6.48 18.93
C PHE B 1175 -72.49 7.21 17.73
N GLU B 1176 -71.95 6.41 16.81
CA GLU B 1176 -71.39 6.94 15.58
C GLU B 1176 -71.49 5.85 14.52
N PHE B 1177 -72.40 6.04 13.57
CA PHE B 1177 -72.57 5.11 12.47
C PHE B 1177 -71.93 5.71 11.22
N THR B 1178 -71.02 4.95 10.61
CA THR B 1178 -70.33 5.37 9.41
C THR B 1178 -70.62 4.37 8.31
N SER B 1179 -70.58 4.87 7.07
CA SER B 1179 -70.82 3.98 5.93
C SER B 1179 -69.51 3.76 5.19
N VAL B 1180 -68.90 2.58 5.33
CA VAL B 1180 -67.73 2.24 4.54
C VAL B 1180 -68.12 2.48 3.09
N ASN B 1181 -67.15 2.81 2.24
CA ASN B 1181 -67.40 3.22 0.87
C ASN B 1181 -68.15 4.56 0.85
N GLU B 1182 -67.56 5.53 1.54
CA GLU B 1182 -68.16 6.85 1.65
C GLU B 1182 -68.42 7.45 0.27
N SER B 1183 -67.63 7.09 -0.73
CA SER B 1183 -67.85 7.57 -2.08
C SER B 1183 -69.14 7.02 -2.69
N ILE B 1184 -69.76 6.04 -2.06
CA ILE B 1184 -70.98 5.42 -2.56
C ILE B 1184 -72.20 5.90 -1.78
N CYS B 1185 -72.13 5.84 -0.45
CA CYS B 1185 -73.28 6.06 0.39
C CYS B 1185 -72.85 6.77 1.66
N LYS B 1186 -73.57 7.82 2.03
CA LYS B 1186 -73.28 8.58 3.24
C LYS B 1186 -74.51 8.63 4.13
N ILE B 1187 -74.31 8.36 5.41
CA ILE B 1187 -75.43 8.29 6.34
C ILE B 1187 -75.95 9.69 6.62
N GLY B 1188 -77.25 9.88 6.44
CA GLY B 1188 -77.87 11.17 6.70
C GLY B 1188 -78.46 11.24 8.09
N GLU B 1189 -79.78 11.44 8.16
CA GLU B 1189 -80.45 11.47 9.46
C GLU B 1189 -80.33 10.12 10.15
N CYS B 1190 -80.49 10.12 11.46
CA CYS B 1190 -80.37 8.88 12.19
C CYS B 1190 -81.10 8.98 13.52
N GLY B 1191 -81.44 7.82 14.07
CA GLY B 1191 -82.07 7.77 15.38
C GLY B 1191 -82.21 6.35 15.88
N ILE B 1192 -82.03 6.12 17.17
CA ILE B 1192 -82.08 4.77 17.70
C ILE B 1192 -82.98 4.75 18.94
N LEU B 1193 -83.11 3.55 19.51
CA LEU B 1193 -84.11 3.30 20.54
C LEU B 1193 -83.68 2.10 21.37
N GLN B 1194 -83.97 2.13 22.67
CA GLN B 1194 -83.67 1.01 23.54
C GLN B 1194 -84.77 -0.04 23.44
N ARG B 1195 -84.61 -1.12 24.20
CA ARG B 1195 -85.61 -2.18 24.23
C ARG B 1195 -85.64 -2.86 25.60
N HIS C 85 -13.54 -41.66 31.54
CA HIS C 85 -13.39 -40.53 32.45
C HIS C 85 -12.33 -39.57 31.93
N GLN C 86 -12.06 -38.53 32.71
CA GLN C 86 -10.96 -37.62 32.42
C GLN C 86 -9.86 -37.73 33.46
N VAL C 87 -10.19 -37.52 34.73
CA VAL C 87 -9.22 -37.56 35.83
C VAL C 87 -9.83 -38.39 36.96
N PHE C 88 -8.99 -39.17 37.63
CA PHE C 88 -9.47 -39.89 38.80
C PHE C 88 -9.02 -39.18 40.06
N PRO C 89 -9.93 -38.60 40.85
CA PRO C 89 -9.54 -37.98 42.12
C PRO C 89 -9.57 -38.93 43.31
N SER C 90 -8.50 -38.95 44.10
CA SER C 90 -8.42 -39.74 45.32
C SER C 90 -8.27 -38.78 46.49
N PHE C 91 -9.07 -38.99 47.53
CA PHE C 91 -9.10 -38.08 48.67
C PHE C 91 -9.73 -38.78 49.86
N HIS C 92 -9.67 -38.12 51.01
CA HIS C 92 -10.32 -38.57 52.23
C HIS C 92 -11.49 -37.63 52.51
N GLY C 93 -12.71 -38.14 52.36
CA GLY C 93 -13.87 -37.28 52.35
C GLY C 93 -14.04 -36.47 53.62
N ALA C 94 -13.81 -37.10 54.77
CA ALA C 94 -14.06 -36.43 56.05
C ALA C 94 -13.21 -35.18 56.22
N ASP C 95 -12.06 -35.09 55.54
CA ASP C 95 -11.16 -33.96 55.69
C ASP C 95 -11.39 -32.86 54.66
N VAL C 96 -11.53 -33.23 53.39
CA VAL C 96 -11.43 -32.27 52.30
C VAL C 96 -12.64 -32.24 51.39
N ARG C 97 -13.58 -33.18 51.53
CA ARG C 97 -14.71 -33.22 50.60
C ARG C 97 -15.55 -31.96 50.68
N LYS C 98 -15.46 -31.24 51.80
CA LYS C 98 -16.30 -30.07 52.03
C LYS C 98 -15.59 -28.76 51.70
N THR C 99 -14.30 -28.64 52.04
CA THR C 99 -13.65 -27.34 52.03
C THR C 99 -12.92 -27.04 50.72
N ILE C 100 -11.93 -27.86 50.36
CA ILE C 100 -11.05 -27.53 49.25
C ILE C 100 -11.45 -28.29 47.99
N LEU C 101 -11.90 -29.54 48.16
CA LEU C 101 -12.19 -30.37 47.00
C LEU C 101 -13.27 -29.75 46.14
N SER C 102 -14.24 -29.07 46.76
CA SER C 102 -15.29 -28.44 46.00
C SER C 102 -14.74 -27.37 45.07
N HIS C 103 -13.78 -26.58 45.55
CA HIS C 103 -13.16 -25.56 44.71
C HIS C 103 -12.45 -26.17 43.53
N ILE C 104 -11.72 -27.27 43.75
CA ILE C 104 -11.01 -27.91 42.66
C ILE C 104 -11.99 -28.50 41.65
N LEU C 105 -13.07 -29.12 42.14
CA LEU C 105 -14.11 -29.60 41.25
C LEU C 105 -14.68 -28.47 40.41
N GLU C 106 -14.94 -27.32 41.02
CA GLU C 106 -15.49 -26.20 40.27
C GLU C 106 -14.51 -25.71 39.21
N SER C 107 -13.23 -25.61 39.57
CA SER C 107 -12.24 -25.15 38.60
C SER C 107 -12.12 -26.13 37.44
N PHE C 108 -12.11 -27.43 37.73
CA PHE C 108 -12.04 -28.43 36.66
C PHE C 108 -13.29 -28.36 35.78
N ARG C 109 -14.46 -28.16 36.39
CA ARG C 109 -15.68 -28.03 35.62
C ARG C 109 -15.63 -26.83 34.69
N ARG C 110 -15.14 -25.69 35.18
CA ARG C 110 -15.07 -24.51 34.34
C ARG C 110 -13.96 -24.61 33.29
N LYS C 111 -12.97 -25.48 33.49
CA LYS C 111 -11.93 -25.70 32.49
C LYS C 111 -12.25 -26.86 31.56
N GLY C 112 -13.48 -27.35 31.59
CA GLY C 112 -13.84 -28.48 30.74
C GLY C 112 -13.17 -29.78 31.12
N ILE C 113 -13.07 -30.07 32.42
CA ILE C 113 -12.47 -31.29 32.92
C ILE C 113 -13.53 -32.04 33.71
N ASP C 114 -13.74 -33.31 33.36
CA ASP C 114 -14.79 -34.12 33.95
C ASP C 114 -14.19 -35.22 34.79
N PRO C 115 -13.93 -35.00 36.08
CA PRO C 115 -13.34 -36.04 36.91
C PRO C 115 -14.34 -37.15 37.21
N PHE C 116 -13.81 -38.32 37.53
CA PHE C 116 -14.65 -39.43 37.93
C PHE C 116 -15.38 -39.09 39.22
N ILE C 117 -16.65 -39.45 39.28
CA ILE C 117 -17.49 -39.13 40.43
C ILE C 117 -17.69 -40.37 41.27
N ASP C 118 -17.85 -40.16 42.57
CA ASP C 118 -18.07 -41.26 43.51
C ASP C 118 -18.97 -40.74 44.63
N ASN C 119 -19.59 -41.67 45.34
CA ASN C 119 -20.48 -41.34 46.43
C ASN C 119 -20.08 -42.08 47.68
N ASN C 120 -20.35 -41.46 48.84
CA ASN C 120 -20.10 -42.13 50.11
C ASN C 120 -20.99 -43.36 50.27
N ILE C 121 -22.14 -43.38 49.60
CA ILE C 121 -22.94 -44.60 49.54
C ILE C 121 -22.33 -45.62 48.59
N GLU C 122 -21.42 -45.18 47.72
CA GLU C 122 -20.78 -46.06 46.76
C GLU C 122 -19.46 -46.63 47.25
N ARG C 123 -19.24 -46.68 48.56
CA ARG C 123 -18.00 -47.22 49.11
C ARG C 123 -18.31 -48.30 50.13
N SER C 124 -17.56 -49.40 50.03
CA SER C 124 -17.56 -50.46 51.02
C SER C 124 -16.28 -50.36 51.85
N LYS C 125 -16.05 -51.35 52.71
CA LYS C 125 -14.75 -51.42 53.38
C LYS C 125 -13.63 -51.66 52.38
N SER C 126 -13.89 -52.50 51.37
CA SER C 126 -12.94 -52.71 50.29
C SER C 126 -13.23 -51.72 49.16
N ILE C 127 -12.53 -51.85 48.04
CA ILE C 127 -12.63 -50.91 46.94
C ILE C 127 -13.56 -51.41 45.85
N GLY C 128 -13.53 -52.70 45.54
CA GLY C 128 -14.37 -53.25 44.50
C GLY C 128 -13.68 -53.27 43.15
N HIS C 129 -14.21 -54.10 42.26
CA HIS C 129 -13.60 -54.28 40.95
C HIS C 129 -13.86 -53.09 40.04
N GLU C 130 -15.07 -52.55 40.07
CA GLU C 130 -15.41 -51.43 39.19
C GLU C 130 -14.56 -50.20 39.52
N LEU C 131 -14.24 -49.99 40.79
CA LEU C 131 -13.37 -48.89 41.15
C LEU C 131 -11.99 -49.05 40.52
N LYS C 132 -11.43 -50.26 40.57
CA LYS C 132 -10.14 -50.50 39.94
C LYS C 132 -10.24 -50.32 38.42
N GLU C 133 -11.34 -50.76 37.83
CA GLU C 133 -11.52 -50.58 36.39
C GLU C 133 -11.55 -49.10 36.03
N ALA C 134 -12.24 -48.30 36.83
CA ALA C 134 -12.26 -46.85 36.61
C ALA C 134 -10.87 -46.26 36.78
N ILE C 135 -10.11 -46.73 37.76
CA ILE C 135 -8.75 -46.24 37.97
C ILE C 135 -7.90 -46.53 36.74
N LYS C 136 -7.99 -47.76 36.22
CA LYS C 136 -7.07 -48.18 35.17
C LYS C 136 -7.26 -47.39 33.89
N GLY C 137 -8.49 -47.04 33.55
CA GLY C 137 -8.77 -46.30 32.33
C GLY C 137 -8.80 -44.79 32.48
N SER C 138 -8.42 -44.26 33.65
CA SER C 138 -8.51 -42.83 33.87
C SER C 138 -7.40 -42.07 33.15
N LYS C 139 -6.23 -42.70 33.00
CA LYS C 139 -5.09 -42.14 32.28
C LYS C 139 -4.52 -40.89 32.94
N ILE C 140 -5.09 -40.48 34.07
CA ILE C 140 -4.48 -39.47 34.94
C ILE C 140 -5.21 -39.50 36.28
N ALA C 141 -4.45 -39.37 37.35
CA ALA C 141 -5.00 -39.45 38.70
C ALA C 141 -4.42 -38.34 39.56
N ILE C 142 -5.23 -37.85 40.50
CA ILE C 142 -4.83 -36.78 41.41
C ILE C 142 -5.03 -37.28 42.83
N VAL C 143 -3.94 -37.41 43.58
CA VAL C 143 -3.95 -37.90 44.94
C VAL C 143 -3.86 -36.69 45.86
N LEU C 144 -4.99 -36.30 46.45
CA LEU C 144 -5.02 -35.19 47.39
C LEU C 144 -4.81 -35.74 48.79
N LEU C 145 -3.74 -35.30 49.44
CA LEU C 145 -3.30 -35.87 50.71
C LEU C 145 -3.63 -34.91 51.85
N SER C 146 -4.27 -35.45 52.90
CA SER C 146 -4.63 -34.69 54.08
C SER C 146 -4.04 -35.36 55.32
N LYS C 147 -4.36 -34.80 56.49
CA LYS C 147 -3.81 -35.34 57.73
C LYS C 147 -4.28 -36.76 57.98
N ASN C 148 -5.57 -37.03 57.76
CA ASN C 148 -6.16 -38.33 58.04
C ASN C 148 -6.36 -39.16 56.78
N TYR C 149 -5.55 -38.90 55.74
CA TYR C 149 -5.66 -39.70 54.52
C TYR C 149 -5.32 -41.15 54.77
N ALA C 150 -4.30 -41.41 55.60
CA ALA C 150 -3.88 -42.77 55.88
C ALA C 150 -4.82 -43.52 56.81
N SER C 151 -5.81 -42.84 57.38
CA SER C 151 -6.73 -43.45 58.32
C SER C 151 -7.94 -44.09 57.63
N SER C 152 -7.80 -44.47 56.36
CA SER C 152 -8.87 -45.15 55.63
C SER C 152 -8.24 -46.24 54.77
N SER C 153 -8.50 -47.50 55.12
CA SER C 153 -8.01 -48.60 54.28
C SER C 153 -8.51 -48.47 52.86
N TRP C 154 -9.71 -47.91 52.68
CA TRP C 154 -10.21 -47.63 51.34
C TRP C 154 -9.25 -46.72 50.57
N CYS C 155 -8.87 -45.60 51.18
CA CYS C 155 -7.98 -44.65 50.51
C CYS C 155 -6.61 -45.25 50.27
N LEU C 156 -6.11 -46.02 51.24
CA LEU C 156 -4.80 -46.64 51.07
C LEU C 156 -4.81 -47.64 49.92
N ASP C 157 -5.87 -48.43 49.81
CA ASP C 157 -5.98 -49.34 48.68
C ASP C 157 -6.07 -48.58 47.37
N GLU C 158 -6.81 -47.47 47.35
CA GLU C 158 -6.88 -46.65 46.15
C GLU C 158 -5.50 -46.15 45.74
N LEU C 159 -4.73 -45.66 46.72
CA LEU C 159 -3.39 -45.16 46.45
C LEU C 159 -2.48 -46.27 45.94
N ALA C 160 -2.58 -47.47 46.53
CA ALA C 160 -1.77 -48.59 46.09
C ALA C 160 -2.10 -48.96 44.64
N GLU C 161 -3.39 -49.01 44.30
CA GLU C 161 -3.77 -49.29 42.92
C GLU C 161 -3.27 -48.19 41.99
N ILE C 162 -3.32 -46.94 42.44
CA ILE C 162 -2.86 -45.83 41.60
C ILE C 162 -1.37 -45.98 41.30
N MET C 163 -0.58 -46.29 42.32
CA MET C 163 0.85 -46.48 42.10
C MET C 163 1.13 -47.69 41.23
N LYS C 164 0.37 -48.78 41.43
CA LYS C 164 0.52 -49.95 40.58
C LYS C 164 0.29 -49.60 39.12
N CYS C 165 -0.77 -48.83 38.85
CA CYS C 165 -1.04 -48.42 37.48
C CYS C 165 0.02 -47.47 36.96
N ARG C 166 0.55 -46.60 37.82
CA ARG C 166 1.62 -45.69 37.39
C ARG C 166 2.85 -46.46 36.96
N GLU C 167 3.24 -47.49 37.72
CA GLU C 167 4.46 -48.23 37.41
C GLU C 167 4.28 -49.09 36.17
N LEU C 168 3.13 -49.73 36.03
CA LEU C 168 2.90 -50.63 34.89
C LEU C 168 2.40 -49.85 33.67
N LEU C 169 1.30 -49.14 33.82
CA LEU C 169 0.73 -48.38 32.72
C LEU C 169 1.29 -46.96 32.71
N GLY C 170 1.02 -46.24 31.63
CA GLY C 170 1.51 -44.88 31.50
C GLY C 170 0.66 -43.85 32.21
N GLN C 171 0.05 -44.24 33.33
CA GLN C 171 -0.77 -43.31 34.09
C GLN C 171 0.08 -42.22 34.71
N ILE C 172 -0.44 -41.01 34.71
CA ILE C 172 0.25 -39.84 35.24
C ILE C 172 -0.42 -39.45 36.55
N VAL C 173 0.37 -39.36 37.62
CA VAL C 173 -0.15 -39.16 38.96
C VAL C 173 0.30 -37.80 39.46
N MET C 174 -0.67 -36.97 39.88
CA MET C 174 -0.40 -35.67 40.46
C MET C 174 -0.79 -35.69 41.93
N THR C 175 0.00 -35.02 42.75
CA THR C 175 -0.20 -35.05 44.19
C THR C 175 -0.42 -33.64 44.73
N ILE C 176 -1.27 -33.56 45.75
CA ILE C 176 -1.52 -32.32 46.48
C ILE C 176 -1.28 -32.60 47.95
N PHE C 177 -0.30 -31.92 48.53
CA PHE C 177 0.04 -32.10 49.94
C PHE C 177 -0.68 -31.01 50.72
N TYR C 178 -1.92 -31.29 51.13
CA TYR C 178 -2.75 -30.31 51.80
C TYR C 178 -2.27 -30.15 53.23
N GLU C 179 -1.34 -29.22 53.42
CA GLU C 179 -0.82 -28.87 54.74
C GLU C 179 -0.16 -30.05 55.44
N VAL C 180 0.46 -30.95 54.67
CA VAL C 180 1.20 -32.07 55.23
C VAL C 180 2.56 -32.12 54.55
N ASP C 181 3.61 -32.33 55.34
CA ASP C 181 4.96 -32.35 54.79
C ASP C 181 5.19 -33.61 53.97
N PRO C 182 5.81 -33.50 52.80
CA PRO C 182 6.13 -34.72 52.03
C PRO C 182 7.05 -35.66 52.80
N THR C 183 7.94 -35.14 53.64
CA THR C 183 8.80 -36.01 54.43
C THR C 183 7.98 -36.87 55.39
N ASP C 184 6.94 -36.28 55.98
CA ASP C 184 6.07 -37.05 56.87
C ASP C 184 5.40 -38.20 56.13
N ILE C 185 4.93 -37.94 54.91
CA ILE C 185 4.38 -39.00 54.08
C ILE C 185 5.45 -40.04 53.78
N LYS C 186 6.69 -39.58 53.55
CA LYS C 186 7.75 -40.48 53.14
C LYS C 186 8.13 -41.46 54.25
N LYS C 187 8.33 -40.96 55.47
CA LYS C 187 8.73 -41.80 56.58
C LYS C 187 7.55 -42.30 57.42
N GLN C 188 6.33 -41.95 57.04
CA GLN C 188 5.12 -42.35 57.77
C GLN C 188 5.20 -41.89 59.23
N THR C 189 5.34 -40.57 59.40
CA THR C 189 5.50 -40.01 60.74
C THR C 189 4.49 -38.89 61.00
N GLY C 190 4.63 -38.22 62.15
CA GLY C 190 3.72 -37.15 62.50
C GLY C 190 2.33 -37.69 62.83
N GLU C 191 1.36 -36.78 62.78
CA GLU C 191 -0.03 -37.20 62.93
C GLU C 191 -0.44 -38.13 61.81
N PHE C 192 0.06 -37.86 60.59
CA PHE C 192 -0.17 -38.77 59.47
C PHE C 192 0.37 -40.15 59.78
N GLY C 193 1.59 -40.21 60.33
CA GLY C 193 2.16 -41.50 60.69
C GLY C 193 1.39 -42.21 61.79
N LYS C 194 0.90 -41.44 62.77
CA LYS C 194 0.09 -42.03 63.83
C LYS C 194 -1.19 -42.63 63.28
N ALA C 195 -1.86 -41.91 62.38
CA ALA C 195 -3.07 -42.45 61.76
C ALA C 195 -2.75 -43.68 60.93
N PHE C 196 -1.63 -43.65 60.20
CA PHE C 196 -1.24 -44.81 59.41
C PHE C 196 -0.97 -46.02 60.29
N THR C 197 -0.28 -45.82 61.41
CA THR C 197 0.00 -46.91 62.34
C THR C 197 -1.29 -47.46 62.92
N LYS C 198 -2.20 -46.58 63.33
CA LYS C 198 -3.46 -47.03 63.88
C LYS C 198 -4.28 -47.79 62.84
N THR C 199 -4.15 -47.42 61.57
CA THR C 199 -4.87 -48.15 60.53
C THR C 199 -4.21 -49.48 60.21
N CYS C 200 -2.91 -49.62 60.48
CA CYS C 200 -2.17 -50.80 60.07
C CYS C 200 -2.33 -51.99 61.01
N LYS C 201 -3.02 -51.82 62.14
CA LYS C 201 -3.18 -52.93 63.07
C LYS C 201 -4.21 -53.91 62.52
N GLY C 202 -3.84 -55.19 62.44
CA GLY C 202 -4.73 -56.26 62.01
C GLY C 202 -4.48 -56.72 60.59
N LYS C 203 -3.99 -55.84 59.73
CA LYS C 203 -3.75 -56.20 58.35
C LYS C 203 -2.58 -57.19 58.24
N THR C 204 -2.59 -57.97 57.17
CA THR C 204 -1.50 -58.90 56.89
C THR C 204 -0.26 -58.13 56.48
N LYS C 205 0.87 -58.84 56.43
CA LYS C 205 2.16 -58.17 56.21
C LYS C 205 2.22 -57.53 54.83
N GLU C 206 1.72 -58.22 53.79
CA GLU C 206 1.84 -57.69 52.44
C GLU C 206 1.01 -56.43 52.24
N TYR C 207 -0.15 -56.33 52.90
CA TYR C 207 -0.93 -55.09 52.82
C TYR C 207 -0.13 -53.92 53.38
N VAL C 208 0.47 -54.10 54.55
CA VAL C 208 1.27 -53.04 55.15
C VAL C 208 2.45 -52.69 54.25
N GLU C 209 3.09 -53.70 53.67
CA GLU C 209 4.24 -53.46 52.81
C GLU C 209 3.85 -52.66 51.58
N ARG C 210 2.75 -53.05 50.92
CA ARG C 210 2.31 -52.32 49.74
C ARG C 210 1.91 -50.90 50.10
N TRP C 211 1.24 -50.72 51.24
CA TRP C 211 0.85 -49.38 51.67
C TRP C 211 2.08 -48.51 51.89
N ARG C 212 3.08 -49.05 52.58
CA ARG C 212 4.28 -48.28 52.85
C ARG C 212 5.03 -47.93 51.57
N LYS C 213 5.16 -48.90 50.66
CA LYS C 213 5.85 -48.63 49.41
C LYS C 213 5.13 -47.57 48.59
N ALA C 214 3.80 -47.67 48.50
CA ALA C 214 3.04 -46.67 47.77
C ALA C 214 3.16 -45.30 48.42
N LEU C 215 3.14 -45.24 49.75
CA LEU C 215 3.26 -43.97 50.46
C LEU C 215 4.62 -43.33 50.18
N GLU C 216 5.68 -44.12 50.26
CA GLU C 216 7.00 -43.59 49.96
C GLU C 216 7.07 -43.07 48.53
N ASP C 217 6.58 -43.87 47.57
CA ASP C 217 6.64 -43.48 46.18
C ASP C 217 5.85 -42.20 45.92
N VAL C 218 4.65 -42.09 46.50
CA VAL C 218 3.85 -40.89 46.30
C VAL C 218 4.47 -39.69 46.98
N ALA C 219 5.21 -39.89 48.07
CA ALA C 219 5.92 -38.78 48.68
C ALA C 219 7.08 -38.33 47.81
N THR C 220 7.69 -39.24 47.05
CA THR C 220 8.81 -38.84 46.20
C THR C 220 8.38 -37.96 45.04
N ILE C 221 7.22 -38.22 44.43
CA ILE C 221 6.87 -37.60 43.17
C ILE C 221 6.60 -36.11 43.38
N ALA C 222 6.88 -35.32 42.35
CA ALA C 222 6.80 -33.85 42.44
C ALA C 222 5.36 -33.39 42.23
N GLY C 223 4.79 -32.77 43.26
CA GLY C 223 3.42 -32.30 43.18
C GLY C 223 3.26 -30.85 43.55
N TYR C 224 2.29 -30.55 44.41
CA TYR C 224 1.99 -29.18 44.82
C TYR C 224 1.89 -29.14 46.34
N HIS C 225 2.83 -28.45 46.97
CA HIS C 225 2.80 -28.29 48.42
C HIS C 225 1.89 -27.10 48.76
N SER C 226 0.79 -27.38 49.46
CA SER C 226 -0.16 -26.33 49.79
C SER C 226 0.48 -25.27 50.69
N HIS C 227 1.41 -25.68 51.54
CA HIS C 227 2.06 -24.73 52.45
C HIS C 227 2.88 -23.69 51.69
N LYS C 228 3.55 -24.12 50.62
CA LYS C 228 4.40 -23.18 49.88
C LYS C 228 3.57 -22.06 49.25
N TRP C 229 2.42 -22.41 48.70
CA TRP C 229 1.62 -21.42 47.97
C TRP C 229 1.01 -20.42 48.93
N ARG C 230 1.17 -19.13 48.62
CA ARG C 230 0.62 -18.08 49.46
C ARG C 230 -0.88 -17.94 49.27
N ASN C 231 -1.40 -18.41 48.14
CA ASN C 231 -2.77 -18.15 47.72
C ASN C 231 -3.40 -19.45 47.25
N GLU C 232 -4.41 -19.92 47.98
CA GLU C 232 -5.02 -21.21 47.68
C GLU C 232 -5.68 -21.21 46.30
N ALA C 233 -6.42 -20.14 45.98
CA ALA C 233 -7.11 -20.09 44.70
C ALA C 233 -6.11 -20.10 43.55
N ASP C 234 -4.99 -19.40 43.71
CA ASP C 234 -3.96 -19.41 42.67
C ASP C 234 -3.37 -20.81 42.51
N MET C 235 -3.14 -21.51 43.63
CA MET C 235 -2.63 -22.87 43.54
C MET C 235 -3.60 -23.79 42.81
N ILE C 236 -4.90 -23.68 43.13
CA ILE C 236 -5.89 -24.50 42.47
C ILE C 236 -5.96 -24.20 40.99
N GLU C 237 -5.89 -22.91 40.64
CA GLU C 237 -5.91 -22.53 39.23
C GLU C 237 -4.68 -23.07 38.50
N LYS C 238 -3.52 -23.01 39.14
CA LYS C 238 -2.30 -23.57 38.54
C LYS C 238 -2.44 -25.07 38.35
N ILE C 239 -3.01 -25.75 39.33
CA ILE C 239 -3.22 -27.20 39.22
C ILE C 239 -4.14 -27.50 38.04
N ALA C 240 -5.23 -26.74 37.91
CA ALA C 240 -6.14 -26.96 36.80
C ALA C 240 -5.46 -26.71 35.46
N THR C 241 -4.66 -25.65 35.37
CA THR C 241 -3.96 -25.35 34.13
C THR C 241 -3.00 -26.47 33.77
N ASP C 242 -2.24 -26.98 34.76
CA ASP C 242 -1.31 -28.07 34.48
C ASP C 242 -2.04 -29.33 34.06
N VAL C 243 -3.17 -29.63 34.72
CA VAL C 243 -3.97 -30.78 34.33
C VAL C 243 -4.42 -30.66 32.89
N SER C 244 -4.91 -29.48 32.52
CA SER C 244 -5.37 -29.27 31.15
C SER C 244 -4.23 -29.42 30.16
N ASN C 245 -3.05 -28.88 30.49
CA ASN C 245 -1.91 -29.01 29.59
C ASN C 245 -1.47 -30.45 29.45
N MET C 246 -1.43 -31.20 30.56
CA MET C 246 -1.07 -32.61 30.53
C MET C 246 -2.25 -33.51 30.23
N LEU C 247 -3.31 -32.97 29.62
CA LEU C 247 -4.44 -33.76 29.17
C LEU C 247 -4.74 -33.59 27.68
N ASN C 248 -4.31 -32.49 27.06
CA ASN C 248 -4.45 -32.32 25.62
C ASN C 248 -3.16 -32.65 24.89
N SER C 249 -2.41 -33.63 25.39
CA SER C 249 -1.20 -34.09 24.71
C SER C 249 -1.09 -35.61 24.70
N PHE C 250 -2.14 -36.32 25.12
CA PHE C 250 -2.10 -37.79 25.09
C PHE C 250 -1.93 -38.32 23.67
N LYS C 251 -2.91 -38.05 22.80
CA LYS C 251 -2.91 -38.63 21.47
C LYS C 251 -1.93 -37.88 20.59
N PRO C 252 -0.80 -38.46 20.19
CA PRO C 252 0.14 -37.73 19.34
C PRO C 252 -0.22 -37.80 17.87
N SER C 253 -0.62 -36.66 17.31
CA SER C 253 -0.89 -36.55 15.87
C SER C 253 -1.86 -37.63 15.39
N ARG C 254 -2.89 -37.90 16.20
CA ARG C 254 -3.91 -38.86 15.80
C ARG C 254 -4.63 -38.40 14.54
N ASP C 255 -4.95 -37.12 14.46
CA ASP C 255 -5.57 -36.56 13.27
C ASP C 255 -4.53 -36.42 12.15
N PHE C 256 -5.02 -36.05 10.96
CA PHE C 256 -4.25 -35.84 9.74
C PHE C 256 -3.17 -36.90 9.54
N ASN C 257 -3.50 -38.16 9.79
CA ASN C 257 -2.74 -39.28 9.26
C ASN C 257 -3.21 -39.66 7.87
N GLY C 258 -4.24 -38.97 7.37
CA GLY C 258 -4.74 -39.18 6.03
C GLY C 258 -3.98 -38.38 4.99
N LEU C 259 -2.66 -38.37 5.11
CA LEU C 259 -1.80 -37.78 4.12
C LEU C 259 -0.98 -38.89 3.47
N VAL C 260 -0.86 -38.83 2.16
CA VAL C 260 -0.53 -39.99 1.35
C VAL C 260 0.93 -39.97 0.94
N GLY C 261 1.59 -41.12 1.07
CA GLY C 261 2.91 -41.34 0.49
C GLY C 261 4.08 -40.83 1.29
N MET C 262 3.88 -40.54 2.59
CA MET C 262 4.98 -39.99 3.37
C MET C 262 6.09 -40.98 3.64
N ARG C 263 5.81 -42.29 3.51
CA ARG C 263 6.86 -43.27 3.77
C ARG C 263 7.98 -43.16 2.75
N ALA C 264 7.66 -42.89 1.48
CA ALA C 264 8.69 -42.74 0.47
C ALA C 264 9.61 -41.58 0.82
N HIS C 265 9.02 -40.44 1.21
CA HIS C 265 9.83 -39.30 1.60
C HIS C 265 10.69 -39.63 2.81
N MET C 266 10.11 -40.31 3.81
CA MET C 266 10.87 -40.62 5.01
C MET C 266 12.05 -41.52 4.70
N ASP C 267 11.85 -42.53 3.86
CA ASP C 267 12.95 -43.43 3.51
C ASP C 267 14.01 -42.69 2.70
N MET C 268 13.59 -41.90 1.72
CA MET C 268 14.55 -41.18 0.90
C MET C 268 15.30 -40.12 1.70
N LEU C 269 14.73 -39.64 2.80
CA LEU C 269 15.36 -38.64 3.64
C LEU C 269 16.23 -39.26 4.73
N GLU C 270 15.94 -40.50 5.12
CA GLU C 270 16.77 -41.14 6.14
C GLU C 270 18.20 -41.32 5.67
N GLN C 271 18.40 -41.61 4.38
CA GLN C 271 19.75 -41.78 3.86
C GLN C 271 20.55 -40.49 3.98
N LEU C 272 19.88 -39.39 3.64
CA LEU C 272 20.54 -38.06 3.80
C LEU C 272 20.85 -37.86 5.28
N LEU C 273 19.92 -38.21 6.17
CA LEU C 273 20.17 -37.93 7.60
C LEU C 273 21.36 -38.74 8.10
N ARG C 274 21.35 -40.06 7.95
CA ARG C 274 22.44 -40.89 8.57
C ARG C 274 22.69 -40.38 9.98
N LEU C 275 21.68 -40.42 10.86
CA LEU C 275 21.80 -39.90 12.25
C LEU C 275 22.97 -40.54 12.99
N VAL C 276 23.45 -41.70 12.52
CA VAL C 276 24.55 -42.45 13.20
C VAL C 276 25.86 -41.67 13.16
N LEU C 277 26.05 -40.76 12.20
CA LEU C 277 27.35 -40.05 12.02
C LEU C 277 27.76 -39.16 13.20
N ASP C 278 26.81 -38.71 14.03
CA ASP C 278 27.09 -37.80 15.19
C ASP C 278 27.82 -36.55 14.71
N GLU C 279 27.53 -36.11 13.47
CA GLU C 279 28.09 -34.89 12.91
C GLU C 279 27.05 -33.77 13.02
N VAL C 280 27.29 -32.66 12.33
CA VAL C 280 26.39 -31.52 12.38
C VAL C 280 25.87 -31.28 10.97
N ARG C 281 25.63 -32.38 10.24
CA ARG C 281 25.30 -32.31 8.83
C ARG C 281 24.11 -31.39 8.56
N MET C 282 24.29 -30.48 7.61
CA MET C 282 23.21 -29.66 7.09
C MET C 282 22.46 -30.45 6.04
N ILE C 283 21.15 -30.21 5.94
CA ILE C 283 20.33 -30.89 4.94
C ILE C 283 19.34 -29.90 4.36
N GLY C 284 19.23 -29.90 3.03
CA GLY C 284 18.29 -29.06 2.32
C GLY C 284 17.13 -29.86 1.76
N ILE C 285 16.05 -29.13 1.49
CA ILE C 285 14.87 -29.70 0.86
C ILE C 285 14.33 -28.66 -0.10
N TRP C 286 14.21 -28.99 -1.38
CA TRP C 286 13.75 -27.98 -2.31
C TRP C 286 12.90 -28.63 -3.39
N GLY C 287 12.05 -27.81 -3.99
CA GLY C 287 11.14 -28.25 -5.02
C GLY C 287 10.20 -27.13 -5.38
N PRO C 288 9.46 -27.29 -6.46
CA PRO C 288 8.48 -26.28 -6.85
C PRO C 288 7.52 -25.98 -5.72
N PRO C 289 6.99 -24.76 -5.66
CA PRO C 289 6.09 -24.40 -4.55
C PRO C 289 4.82 -25.23 -4.60
N GLY C 290 4.52 -25.89 -3.50
CA GLY C 290 3.30 -26.68 -3.42
C GLY C 290 3.49 -28.16 -3.62
N ILE C 291 4.62 -28.71 -3.16
CA ILE C 291 4.80 -30.15 -3.18
C ILE C 291 4.67 -30.77 -1.79
N GLY C 292 5.01 -30.05 -0.73
CA GLY C 292 4.92 -30.64 0.57
C GLY C 292 6.14 -30.43 1.42
N LYS C 293 7.01 -29.50 1.00
CA LYS C 293 8.20 -29.19 1.78
C LYS C 293 7.84 -28.89 3.23
N THR C 294 6.84 -28.03 3.43
CA THR C 294 6.40 -27.72 4.78
C THR C 294 5.84 -28.96 5.46
N THR C 295 5.01 -29.73 4.76
CA THR C 295 4.40 -30.91 5.38
C THR C 295 5.43 -31.99 5.63
N ILE C 296 6.38 -32.18 4.70
CA ILE C 296 7.44 -33.15 4.94
C ILE C 296 8.26 -32.75 6.15
N ALA C 297 8.59 -31.47 6.26
CA ALA C 297 9.34 -31.00 7.42
C ALA C 297 8.57 -31.23 8.70
N ARG C 298 7.27 -30.94 8.69
CA ARG C 298 6.47 -31.14 9.90
C ARG C 298 6.42 -32.61 10.28
N PHE C 299 6.24 -33.50 9.30
CA PHE C 299 6.19 -34.92 9.58
C PHE C 299 7.51 -35.41 10.17
N LEU C 300 8.62 -34.98 9.56
CA LEU C 300 9.93 -35.41 10.03
C LEU C 300 10.18 -34.91 11.45
N PHE C 301 9.85 -33.65 11.72
CA PHE C 301 10.03 -33.12 13.06
C PHE C 301 9.14 -33.84 14.06
N ASN C 302 7.95 -34.24 13.63
CA ASN C 302 7.06 -34.99 14.52
C ASN C 302 7.62 -36.37 14.80
N GLN C 303 8.35 -36.94 13.86
CA GLN C 303 8.83 -38.31 14.02
C GLN C 303 10.17 -38.42 14.73
N VAL C 304 11.04 -37.41 14.63
CA VAL C 304 12.43 -37.60 15.03
C VAL C 304 12.82 -36.72 16.20
N SER C 305 12.11 -35.61 16.40
CA SER C 305 12.55 -34.62 17.37
C SER C 305 12.69 -35.20 18.78
N ASP C 306 11.96 -36.26 19.10
CA ASP C 306 12.08 -36.87 20.42
C ASP C 306 13.46 -37.48 20.67
N ARG C 307 14.25 -37.69 19.62
CA ARG C 307 15.58 -38.26 19.77
C ARG C 307 16.64 -37.21 20.02
N PHE C 308 16.26 -35.94 20.14
CA PHE C 308 17.19 -34.84 20.27
C PHE C 308 16.97 -34.12 21.58
N GLN C 309 18.07 -33.61 22.15
CA GLN C 309 17.98 -32.92 23.43
C GLN C 309 17.09 -31.69 23.34
N LEU C 310 17.21 -30.94 22.25
CA LEU C 310 16.57 -29.64 22.18
C LEU C 310 16.21 -29.36 20.73
N SER C 311 14.91 -29.28 20.45
CA SER C 311 14.45 -29.24 19.06
C SER C 311 13.39 -28.16 18.90
N ALA C 312 13.44 -27.45 17.78
CA ALA C 312 12.46 -26.42 17.47
C ALA C 312 12.28 -26.34 15.96
N ILE C 313 11.16 -25.77 15.54
CA ILE C 313 10.80 -25.66 14.14
C ILE C 313 10.39 -24.22 13.85
N MET C 314 11.04 -23.60 12.87
CA MET C 314 10.70 -22.26 12.42
C MET C 314 9.89 -22.37 11.14
N VAL C 315 8.79 -21.63 11.05
CA VAL C 315 7.83 -21.78 9.97
C VAL C 315 7.70 -20.47 9.22
N ASN C 316 7.78 -20.56 7.89
CA ASN C 316 7.55 -19.43 6.99
C ASN C 316 8.48 -18.25 7.34
N ILE C 317 9.78 -18.55 7.37
CA ILE C 317 10.76 -17.51 7.62
C ILE C 317 10.69 -16.43 6.55
N LYS C 318 10.43 -16.83 5.31
CA LYS C 318 10.35 -15.87 4.22
C LYS C 318 9.23 -14.86 4.45
N GLY C 319 8.06 -15.34 4.87
CA GLY C 319 6.94 -14.44 5.08
C GLY C 319 7.14 -13.50 6.26
N CYS C 320 7.80 -13.99 7.32
CA CYS C 320 7.96 -13.23 8.55
C CYS C 320 9.26 -12.43 8.56
N TYR C 321 9.73 -11.99 7.41
CA TYR C 321 10.96 -11.23 7.30
C TYR C 321 10.66 -9.85 6.70
N PRO C 322 11.32 -8.81 7.19
CA PRO C 322 11.08 -7.47 6.64
C PRO C 322 11.46 -7.43 5.17
N ARG C 323 10.47 -7.13 4.32
CA ARG C 323 10.73 -7.09 2.88
C ARG C 323 11.74 -6.02 2.50
N PRO C 324 11.65 -4.78 2.98
CA PRO C 324 12.73 -3.83 2.68
C PRO C 324 13.98 -4.06 3.50
N CYS C 325 13.83 -4.53 4.75
CA CYS C 325 14.93 -4.86 5.66
C CYS C 325 16.02 -3.78 5.64
N PHE C 326 15.63 -2.59 6.09
CA PHE C 326 16.56 -1.46 6.10
C PHE C 326 17.76 -1.74 7.01
N ASP C 327 17.53 -2.31 8.19
CA ASP C 327 18.62 -2.79 9.05
C ASP C 327 18.64 -4.31 8.99
N GLU C 328 19.55 -4.85 8.20
CA GLU C 328 19.71 -6.29 8.12
C GLU C 328 20.18 -6.88 9.44
N TYR C 329 20.97 -6.14 10.21
CA TYR C 329 21.47 -6.69 11.47
C TYR C 329 20.38 -6.81 12.52
N SER C 330 19.50 -5.81 12.60
CA SER C 330 18.42 -5.86 13.56
C SER C 330 17.48 -7.02 13.25
N ALA C 331 17.08 -7.15 11.99
CA ALA C 331 16.22 -8.26 11.60
C ALA C 331 16.91 -9.58 11.82
N GLN C 332 18.21 -9.65 11.54
CA GLN C 332 18.98 -10.84 11.82
C GLN C 332 18.95 -11.17 13.31
N LEU C 333 19.11 -10.16 14.15
CA LEU C 333 19.13 -10.39 15.59
C LEU C 333 17.77 -10.88 16.08
N GLN C 334 16.68 -10.28 15.58
CA GLN C 334 15.37 -10.71 16.05
C GLN C 334 15.02 -12.08 15.52
N LEU C 335 15.52 -12.44 14.32
CA LEU C 335 15.30 -13.78 13.82
C LEU C 335 15.99 -14.81 14.70
N GLN C 336 17.25 -14.55 15.05
CA GLN C 336 17.93 -15.44 15.98
C GLN C 336 17.25 -15.45 17.35
N ASN C 337 16.67 -14.31 17.74
CA ASN C 337 15.95 -14.27 19.02
C ASN C 337 14.72 -15.16 19.00
N GLN C 338 13.94 -15.08 17.91
CA GLN C 338 12.80 -15.99 17.77
C GLN C 338 13.26 -17.44 17.79
N MET C 339 14.33 -17.74 17.06
CA MET C 339 14.82 -19.10 17.04
C MET C 339 15.19 -19.58 18.43
N LEU C 340 15.89 -18.76 19.22
CA LEU C 340 16.29 -19.19 20.55
C LEU C 340 15.12 -19.28 21.50
N SER C 341 14.18 -18.34 21.42
CA SER C 341 13.01 -18.38 22.30
C SER C 341 12.21 -19.64 22.06
N GLN C 342 11.93 -19.95 20.79
CA GLN C 342 11.23 -21.18 20.49
C GLN C 342 12.12 -22.39 20.70
N MET C 343 13.43 -22.18 20.74
CA MET C 343 14.39 -23.26 20.92
C MET C 343 14.35 -23.78 22.35
N ILE C 344 14.74 -22.94 23.30
CA ILE C 344 14.86 -23.36 24.69
C ILE C 344 13.53 -23.26 25.44
N ASN C 345 12.47 -22.82 24.76
CA ASN C 345 11.21 -22.46 25.42
C ASN C 345 11.50 -21.47 26.53
N HIS C 346 12.37 -20.51 26.23
CA HIS C 346 12.98 -19.65 27.24
C HIS C 346 12.29 -18.30 27.37
N LYS C 347 10.98 -18.27 27.12
CA LYS C 347 10.12 -17.11 27.36
C LYS C 347 10.73 -15.85 26.74
N ASP C 348 10.81 -15.88 25.42
CA ASP C 348 11.02 -14.70 24.56
C ASP C 348 11.92 -13.65 25.20
N ILE C 349 13.11 -14.09 25.59
CA ILE C 349 14.11 -13.19 26.17
C ILE C 349 14.68 -12.29 25.09
N MET C 350 15.42 -11.25 25.50
CA MET C 350 16.08 -10.36 24.56
C MET C 350 17.54 -10.76 24.49
N ILE C 351 18.15 -10.59 23.32
CA ILE C 351 19.47 -11.13 23.03
C ILE C 351 20.43 -9.98 22.77
N SER C 352 21.64 -10.09 23.31
CA SER C 352 22.61 -9.00 23.23
C SER C 352 23.26 -8.95 21.85
N HIS C 353 23.96 -10.01 21.46
CA HIS C 353 24.66 -10.01 20.18
C HIS C 353 24.37 -11.29 19.38
N LEU C 354 24.96 -11.40 18.20
CA LEU C 354 24.59 -12.43 17.25
C LEU C 354 25.28 -13.75 17.47
N GLY C 355 26.26 -13.81 18.36
CA GLY C 355 26.98 -15.04 18.64
C GLY C 355 26.43 -15.87 19.78
N VAL C 356 25.28 -15.49 20.34
CA VAL C 356 24.75 -16.18 21.51
C VAL C 356 24.38 -17.62 21.16
N ALA C 357 23.83 -17.84 19.98
CA ALA C 357 23.39 -19.18 19.60
C ALA C 357 24.53 -20.19 19.70
N GLN C 358 25.72 -19.80 19.25
CA GLN C 358 26.87 -20.68 19.42
C GLN C 358 27.13 -20.95 20.90
N GLU C 359 27.12 -19.88 21.71
CA GLU C 359 27.43 -20.02 23.13
C GLU C 359 26.50 -21.00 23.82
N ARG C 360 25.22 -20.97 23.46
CA ARG C 360 24.26 -21.86 24.12
C ARG C 360 24.31 -23.27 23.51
N LEU C 361 24.24 -23.37 22.19
CA LEU C 361 23.95 -24.64 21.53
C LEU C 361 25.19 -25.36 21.01
N ARG C 362 26.40 -24.88 21.29
CA ARG C 362 27.53 -25.62 20.78
C ARG C 362 27.83 -26.88 21.58
N ASP C 363 27.03 -27.19 22.58
CA ASP C 363 27.27 -28.35 23.44
C ASP C 363 25.97 -29.09 23.74
N LYS C 364 25.13 -29.30 22.72
CA LYS C 364 23.93 -30.08 22.93
C LYS C 364 23.35 -30.56 21.61
N LYS C 365 22.82 -31.77 21.63
CA LYS C 365 22.11 -32.34 20.49
C LYS C 365 20.93 -31.47 20.11
N VAL C 366 20.92 -30.95 18.89
CA VAL C 366 19.90 -30.02 18.45
C VAL C 366 19.30 -30.51 17.13
N PHE C 367 17.97 -30.53 17.06
CA PHE C 367 17.25 -30.76 15.80
C PHE C 367 16.54 -29.46 15.45
N LEU C 368 16.96 -28.83 14.37
CA LEU C 368 16.40 -27.55 13.97
C LEU C 368 15.82 -27.65 12.58
N VAL C 369 14.65 -27.05 12.39
CA VAL C 369 13.97 -27.03 11.09
C VAL C 369 13.68 -25.60 10.71
N LEU C 370 14.24 -25.15 9.60
CA LEU C 370 14.05 -23.80 9.10
C LEU C 370 13.27 -23.90 7.79
N ASP C 371 12.05 -23.38 7.79
CA ASP C 371 11.15 -23.57 6.67
C ASP C 371 11.09 -22.33 5.80
N GLU C 372 11.09 -22.54 4.49
CA GLU C 372 10.95 -21.49 3.50
C GLU C 372 12.00 -20.40 3.69
N VAL C 373 13.26 -20.79 3.57
CA VAL C 373 14.37 -19.86 3.59
C VAL C 373 14.55 -19.30 2.20
N ASP C 374 14.56 -17.98 2.08
CA ASP C 374 14.57 -17.30 0.79
C ASP C 374 15.93 -16.81 0.37
N GLN C 375 16.76 -16.35 1.30
CA GLN C 375 18.00 -15.70 0.94
C GLN C 375 19.04 -15.94 2.03
N LEU C 376 20.30 -15.74 1.67
CA LEU C 376 21.41 -16.15 2.53
C LEU C 376 21.41 -15.41 3.86
N GLY C 377 20.74 -14.26 3.95
CA GLY C 377 20.70 -13.53 5.20
C GLY C 377 20.11 -14.34 6.34
N GLN C 378 18.98 -15.00 6.08
CA GLN C 378 18.37 -15.80 7.14
C GLN C 378 19.28 -16.93 7.57
N LEU C 379 19.97 -17.57 6.62
CA LEU C 379 20.88 -18.64 6.97
C LEU C 379 22.02 -18.14 7.84
N ASP C 380 22.59 -16.99 7.49
CA ASP C 380 23.62 -16.40 8.34
C ASP C 380 23.06 -16.09 9.72
N ALA C 381 21.78 -15.72 9.77
CA ALA C 381 21.15 -15.45 11.06
C ALA C 381 21.09 -16.71 11.92
N LEU C 382 20.56 -17.80 11.35
CA LEU C 382 20.16 -18.93 12.16
C LEU C 382 21.22 -20.02 12.25
N ALA C 383 21.87 -20.35 11.13
CA ALA C 383 22.91 -21.39 11.14
C ALA C 383 23.96 -21.00 10.12
N LYS C 384 25.02 -20.37 10.58
CA LYS C 384 26.10 -19.91 9.71
C LYS C 384 27.26 -20.88 9.63
N GLU C 385 27.55 -21.61 10.71
CA GLU C 385 28.68 -22.51 10.75
C GLU C 385 28.25 -23.86 11.27
N THR C 386 29.00 -24.89 10.87
CA THR C 386 28.80 -26.22 11.42
C THR C 386 29.07 -26.23 12.92
N ARG C 387 30.11 -25.53 13.36
CA ARG C 387 30.52 -25.54 14.76
C ARG C 387 29.56 -24.83 15.70
N TRP C 388 28.42 -24.33 15.20
CA TRP C 388 27.47 -23.67 16.07
C TRP C 388 26.71 -24.65 16.96
N PHE C 389 26.67 -25.92 16.59
CA PHE C 389 25.81 -26.88 17.26
C PHE C 389 26.64 -28.02 17.84
N GLY C 390 26.08 -28.65 18.88
CA GLY C 390 26.78 -29.67 19.62
C GLY C 390 27.12 -30.88 18.80
N PRO C 391 28.00 -31.73 19.31
CA PRO C 391 28.46 -32.89 18.54
C PRO C 391 27.34 -33.88 18.34
N GLY C 392 26.83 -33.95 17.12
CA GLY C 392 25.62 -34.71 16.85
C GLY C 392 24.46 -33.75 16.88
N SER C 393 23.95 -33.38 15.72
CA SER C 393 22.83 -32.47 15.59
C SER C 393 22.48 -32.38 14.12
N ARG C 394 21.21 -32.11 13.84
CA ARG C 394 20.74 -32.02 12.47
C ARG C 394 19.93 -30.75 12.30
N ILE C 395 20.23 -30.00 11.25
CA ILE C 395 19.48 -28.81 10.89
C ILE C 395 19.04 -28.97 9.45
N ILE C 396 17.77 -28.69 9.20
CA ILE C 396 17.12 -29.00 7.94
C ILE C 396 16.40 -27.76 7.45
N ILE C 397 16.82 -27.23 6.31
CA ILE C 397 16.25 -26.01 5.76
C ILE C 397 15.54 -26.36 4.46
N THR C 398 14.27 -25.97 4.38
CA THR C 398 13.48 -26.18 3.18
C THR C 398 13.49 -24.88 2.40
N THR C 399 13.87 -24.94 1.14
CA THR C 399 13.97 -23.76 0.31
C THR C 399 13.20 -23.98 -0.99
N GLU C 400 13.36 -23.05 -1.90
CA GLU C 400 12.71 -23.13 -3.20
C GLU C 400 13.67 -22.91 -4.37
N ASP C 401 14.81 -22.25 -4.15
CA ASP C 401 15.85 -22.14 -5.17
C ASP C 401 17.12 -22.80 -4.67
N LEU C 402 17.77 -23.54 -5.57
CA LEU C 402 18.98 -24.26 -5.18
C LEU C 402 20.13 -23.33 -4.88
N GLY C 403 20.11 -22.12 -5.44
CA GLY C 403 21.25 -21.23 -5.28
C GLY C 403 21.55 -20.89 -3.84
N VAL C 404 20.51 -20.71 -3.04
CA VAL C 404 20.71 -20.41 -1.61
C VAL C 404 21.39 -21.57 -0.92
N LEU C 405 20.94 -22.80 -1.20
CA LEU C 405 21.58 -23.97 -0.60
C LEU C 405 23.03 -24.06 -1.05
N LYS C 406 23.30 -23.82 -2.32
CA LYS C 406 24.63 -23.98 -2.86
C LYS C 406 25.59 -22.95 -2.29
N ALA C 407 25.12 -21.71 -2.12
CA ALA C 407 25.98 -20.67 -1.57
C ALA C 407 26.43 -21.03 -0.15
N HIS C 408 25.52 -21.53 0.66
CA HIS C 408 25.88 -21.93 2.02
C HIS C 408 26.69 -23.22 2.04
N GLY C 409 26.83 -23.90 0.91
CA GLY C 409 27.67 -25.07 0.85
C GLY C 409 27.12 -26.24 1.66
N ILE C 410 26.01 -26.81 1.22
CA ILE C 410 25.32 -27.86 1.95
C ILE C 410 25.59 -29.23 1.33
N ASN C 411 25.24 -29.40 0.06
CA ASN C 411 25.56 -30.60 -0.72
C ASN C 411 24.85 -31.85 -0.23
N HIS C 412 23.90 -31.71 0.70
CA HIS C 412 23.08 -32.84 1.14
C HIS C 412 21.64 -32.42 0.88
N VAL C 413 21.18 -32.67 -0.34
CA VAL C 413 19.96 -32.07 -0.86
C VAL C 413 19.02 -33.16 -1.33
N TYR C 414 17.76 -33.08 -0.91
CA TYR C 414 16.71 -33.98 -1.38
C TYR C 414 15.77 -33.19 -2.27
N LYS C 415 15.81 -33.48 -3.57
CA LYS C 415 14.88 -32.87 -4.51
C LYS C 415 13.56 -33.62 -4.43
N VAL C 416 12.57 -33.00 -3.80
CA VAL C 416 11.30 -33.69 -3.55
C VAL C 416 10.62 -33.99 -4.88
N GLY C 417 10.16 -35.22 -5.03
CA GLY C 417 9.54 -35.66 -6.26
C GLY C 417 8.03 -35.72 -6.17
N TYR C 418 7.39 -35.69 -7.32
CA TYR C 418 5.94 -35.75 -7.38
C TYR C 418 5.46 -37.13 -6.93
N PRO C 419 4.28 -37.21 -6.31
CA PRO C 419 3.76 -38.52 -5.90
C PRO C 419 3.28 -39.31 -7.10
N SER C 420 3.12 -40.61 -6.89
CA SER C 420 2.66 -41.49 -7.95
C SER C 420 1.20 -41.19 -8.29
N ASN C 421 0.80 -41.61 -9.48
CA ASN C 421 -0.55 -41.29 -9.96
C ASN C 421 -1.61 -41.86 -9.04
N ASP C 422 -1.40 -43.07 -8.54
CA ASP C 422 -2.34 -43.65 -7.58
C ASP C 422 -2.39 -42.82 -6.30
N GLU C 423 -1.24 -42.39 -5.81
CA GLU C 423 -1.22 -41.53 -4.63
C GLU C 423 -1.85 -40.19 -4.93
N ALA C 424 -1.68 -39.69 -6.16
CA ALA C 424 -2.35 -38.45 -6.55
C ALA C 424 -3.85 -38.60 -6.47
N PHE C 425 -4.37 -39.73 -6.97
CA PHE C 425 -5.81 -39.96 -6.89
C PHE C 425 -6.26 -40.09 -5.45
N GLN C 426 -5.46 -40.75 -4.61
CA GLN C 426 -5.83 -40.88 -3.21
C GLN C 426 -5.91 -39.51 -2.54
N ILE C 427 -4.96 -38.63 -2.83
CA ILE C 427 -5.00 -37.28 -2.24
C ILE C 427 -6.22 -36.53 -2.74
N PHE C 428 -6.48 -36.59 -4.04
CA PHE C 428 -7.60 -35.86 -4.59
C PHE C 428 -8.92 -36.36 -4.02
N CYS C 429 -9.08 -37.67 -3.88
CA CYS C 429 -10.32 -38.20 -3.35
C CYS C 429 -10.43 -37.97 -1.84
N MET C 430 -9.30 -37.87 -1.15
CA MET C 430 -9.33 -37.48 0.25
C MET C 430 -9.87 -36.08 0.39
N ASN C 431 -9.45 -35.17 -0.50
CA ASN C 431 -9.87 -33.78 -0.40
C ASN C 431 -11.19 -33.49 -1.09
N ALA C 432 -11.73 -34.43 -1.85
CA ALA C 432 -12.93 -34.18 -2.63
C ALA C 432 -14.12 -35.01 -2.20
N PHE C 433 -13.91 -36.19 -1.64
CA PHE C 433 -15.00 -37.06 -1.26
C PHE C 433 -15.03 -37.34 0.24
N GLY C 434 -14.30 -36.55 1.03
CA GLY C 434 -14.46 -36.64 2.46
C GLY C 434 -13.92 -37.92 3.07
N GLN C 435 -12.60 -38.07 3.08
CA GLN C 435 -11.88 -39.17 3.71
C GLN C 435 -11.97 -40.46 2.89
N LYS C 436 -12.76 -40.49 1.83
CA LYS C 436 -12.76 -41.64 0.95
C LYS C 436 -11.51 -41.59 0.10
N GLN C 437 -10.52 -42.43 0.43
CA GLN C 437 -9.36 -42.57 -0.45
C GLN C 437 -9.76 -43.02 -1.85
N PRO C 438 -10.68 -43.96 -2.04
CA PRO C 438 -11.24 -44.17 -3.37
C PRO C 438 -12.34 -43.14 -3.64
N HIS C 439 -12.96 -43.28 -4.80
CA HIS C 439 -14.00 -42.36 -5.26
C HIS C 439 -15.31 -42.68 -4.56
N GLU C 440 -16.41 -42.11 -5.06
CA GLU C 440 -17.73 -42.59 -4.69
C GLU C 440 -18.66 -42.41 -5.88
N GLY C 441 -19.49 -43.43 -6.14
CA GLY C 441 -20.52 -43.34 -7.14
C GLY C 441 -20.10 -43.48 -8.59
N PHE C 442 -19.26 -42.58 -9.09
CA PHE C 442 -19.05 -42.43 -10.51
C PHE C 442 -17.62 -42.72 -10.99
N ASP C 443 -16.60 -42.10 -10.38
CA ASP C 443 -15.20 -42.35 -10.73
C ASP C 443 -14.88 -42.00 -12.18
N GLU C 444 -15.53 -40.99 -12.76
CA GLU C 444 -15.18 -40.61 -14.12
C GLU C 444 -14.66 -39.19 -14.23
N ILE C 445 -15.41 -38.20 -13.73
CA ILE C 445 -14.93 -36.82 -13.77
C ILE C 445 -13.75 -36.63 -12.82
N ALA C 446 -13.62 -37.50 -11.82
CA ALA C 446 -12.54 -37.37 -10.85
C ALA C 446 -11.18 -37.41 -11.53
N ARG C 447 -11.01 -38.35 -12.46
CA ARG C 447 -9.71 -38.47 -13.12
C ARG C 447 -9.47 -37.35 -14.11
N GLU C 448 -10.51 -36.83 -14.76
CA GLU C 448 -10.33 -35.66 -15.61
C GLU C 448 -9.83 -34.48 -14.79
N VAL C 449 -10.46 -34.24 -13.64
CA VAL C 449 -10.04 -33.13 -12.78
C VAL C 449 -8.62 -33.36 -12.28
N MET C 450 -8.30 -34.58 -11.86
CA MET C 450 -6.95 -34.89 -11.39
C MET C 450 -5.93 -34.60 -12.47
N ALA C 451 -6.14 -35.13 -13.69
CA ALA C 451 -5.22 -34.86 -14.78
C ALA C 451 -5.10 -33.38 -15.03
N LEU C 452 -6.19 -32.63 -14.83
CA LEU C 452 -6.11 -31.18 -14.93
C LEU C 452 -5.20 -30.59 -13.87
N ALA C 453 -5.16 -31.20 -12.69
CA ALA C 453 -4.36 -30.67 -11.58
C ALA C 453 -2.89 -31.01 -11.70
N GLY C 454 -2.46 -31.63 -12.78
CA GLY C 454 -1.08 -32.05 -12.88
C GLY C 454 -0.77 -33.06 -11.80
N GLU C 455 0.23 -32.76 -10.99
CA GLU C 455 0.58 -33.66 -9.90
C GLU C 455 0.88 -32.94 -8.59
N LEU C 456 0.83 -31.61 -8.56
CA LEU C 456 1.13 -30.88 -7.33
C LEU C 456 0.12 -31.26 -6.25
N PRO C 457 0.58 -31.65 -5.06
CA PRO C 457 -0.36 -31.84 -3.95
C PRO C 457 -1.16 -30.59 -3.66
N LEU C 458 -0.58 -29.40 -3.87
CA LEU C 458 -1.35 -28.18 -3.72
C LEU C 458 -2.49 -28.12 -4.71
N GLY C 459 -2.21 -28.44 -5.98
CA GLY C 459 -3.26 -28.43 -6.98
C GLY C 459 -4.34 -29.46 -6.69
N LEU C 460 -3.93 -30.67 -6.31
CA LEU C 460 -4.89 -31.71 -5.98
C LEU C 460 -5.78 -31.27 -4.83
N LYS C 461 -5.18 -30.73 -3.77
CA LYS C 461 -5.97 -30.31 -2.63
C LYS C 461 -6.93 -29.19 -2.99
N VAL C 462 -6.46 -28.20 -3.74
CA VAL C 462 -7.33 -27.07 -4.09
C VAL C 462 -8.50 -27.54 -4.93
N LEU C 463 -8.23 -28.36 -5.94
CA LEU C 463 -9.32 -28.84 -6.79
C LEU C 463 -10.29 -29.72 -6.01
N GLY C 464 -9.76 -30.62 -5.17
CA GLY C 464 -10.64 -31.48 -4.39
C GLY C 464 -11.52 -30.70 -3.45
N SER C 465 -10.95 -29.69 -2.78
CA SER C 465 -11.76 -28.85 -1.90
C SER C 465 -12.80 -28.06 -2.68
N ALA C 466 -12.44 -27.59 -3.87
CA ALA C 466 -13.40 -26.85 -4.68
C ALA C 466 -14.56 -27.74 -5.09
N LEU C 467 -14.29 -29.00 -5.42
CA LEU C 467 -15.32 -29.87 -5.96
C LEU C 467 -16.11 -30.63 -4.90
N ARG C 468 -15.71 -30.59 -3.65
CA ARG C 468 -16.38 -31.43 -2.65
C ARG C 468 -17.77 -30.87 -2.34
N GLY C 469 -18.68 -31.79 -2.02
CA GLY C 469 -20.04 -31.43 -1.68
C GLY C 469 -20.98 -31.34 -2.86
N LYS C 470 -20.48 -31.27 -4.08
CA LYS C 470 -21.34 -31.15 -5.25
C LYS C 470 -21.87 -32.52 -5.66
N SER C 471 -22.67 -32.52 -6.72
CA SER C 471 -23.14 -33.73 -7.37
C SER C 471 -22.62 -33.76 -8.80
N LYS C 472 -22.83 -34.89 -9.47
CA LYS C 472 -22.27 -35.09 -10.80
C LYS C 472 -22.61 -33.98 -11.79
N PRO C 473 -23.88 -33.57 -11.96
CA PRO C 473 -24.14 -32.45 -12.88
C PRO C 473 -23.47 -31.16 -12.43
N GLU C 474 -23.38 -30.95 -11.12
CA GLU C 474 -22.72 -29.76 -10.61
C GLU C 474 -21.22 -29.81 -10.92
N TRP C 475 -20.60 -30.98 -10.76
CA TRP C 475 -19.23 -31.18 -11.21
C TRP C 475 -19.09 -30.85 -12.68
N GLU C 476 -20.01 -31.35 -13.50
CA GLU C 476 -19.88 -31.19 -14.94
C GLU C 476 -20.01 -29.73 -15.35
N ARG C 477 -20.89 -28.98 -14.69
CA ARG C 477 -21.01 -27.56 -15.03
C ARG C 477 -19.86 -26.74 -14.47
N THR C 478 -19.27 -27.15 -13.35
CA THR C 478 -18.09 -26.43 -12.84
C THR C 478 -16.83 -26.76 -13.61
N LEU C 479 -16.78 -27.91 -14.28
CA LEU C 479 -15.54 -28.36 -14.90
C LEU C 479 -14.98 -27.40 -15.95
N PRO C 480 -15.76 -26.91 -16.93
CA PRO C 480 -15.14 -26.05 -17.95
C PRO C 480 -14.52 -24.78 -17.38
N ARG C 481 -15.17 -24.17 -16.40
CA ARG C 481 -14.62 -22.97 -15.78
C ARG C 481 -13.33 -23.29 -15.05
N LEU C 482 -13.30 -24.43 -14.35
CA LEU C 482 -12.07 -24.88 -13.71
C LEU C 482 -10.97 -25.13 -14.72
N LYS C 483 -11.33 -25.59 -15.91
CA LYS C 483 -10.35 -25.93 -16.93
C LYS C 483 -9.77 -24.68 -17.59
N THR C 484 -10.61 -23.67 -17.83
CA THR C 484 -10.15 -22.49 -18.55
C THR C 484 -9.43 -21.47 -17.68
N SER C 485 -9.41 -21.66 -16.37
CA SER C 485 -8.74 -20.73 -15.48
C SER C 485 -8.43 -21.43 -14.17
N LEU C 486 -7.26 -21.15 -13.61
CA LEU C 486 -6.84 -21.80 -12.38
C LEU C 486 -7.30 -21.01 -11.17
N ASP C 487 -7.52 -21.72 -10.07
CA ASP C 487 -8.03 -21.10 -8.85
C ASP C 487 -7.04 -20.07 -8.33
N GLY C 488 -7.57 -19.05 -7.65
CA GLY C 488 -6.72 -18.05 -7.05
C GLY C 488 -5.87 -18.58 -5.92
N LYS C 489 -6.28 -19.69 -5.31
CA LYS C 489 -5.47 -20.29 -4.25
C LYS C 489 -4.11 -20.73 -4.79
N ILE C 490 -4.10 -21.44 -5.91
CA ILE C 490 -2.85 -21.80 -6.56
C ILE C 490 -2.20 -20.57 -7.18
N GLY C 491 -3.02 -19.69 -7.75
CA GLY C 491 -2.49 -18.55 -8.47
C GLY C 491 -1.66 -17.62 -7.61
N SER C 492 -2.13 -17.34 -6.39
CA SER C 492 -1.39 -16.43 -5.52
C SER C 492 -0.05 -17.02 -5.12
N ILE C 493 -0.03 -18.29 -4.75
CA ILE C 493 1.21 -18.92 -4.32
C ILE C 493 2.21 -18.97 -5.47
N ILE C 494 1.74 -19.29 -6.67
CA ILE C 494 2.64 -19.28 -7.83
C ILE C 494 3.12 -17.86 -8.12
N GLN C 495 2.21 -16.88 -8.02
CA GLN C 495 2.55 -15.49 -8.33
C GLN C 495 3.63 -14.98 -7.40
N PHE C 496 3.59 -15.37 -6.13
CA PHE C 496 4.60 -14.88 -5.21
C PHE C 496 6.00 -15.30 -5.66
N SER C 497 6.15 -16.57 -6.04
CA SER C 497 7.45 -17.03 -6.53
C SER C 497 7.79 -16.39 -7.87
N TYR C 498 6.79 -16.19 -8.73
CA TYR C 498 7.04 -15.56 -10.02
C TYR C 498 7.54 -14.13 -9.86
N ASP C 499 7.10 -13.44 -8.81
CA ASP C 499 7.49 -12.04 -8.64
C ASP C 499 8.91 -11.89 -8.12
N ALA C 500 9.53 -12.96 -7.61
CA ALA C 500 10.88 -12.91 -7.09
C ALA C 500 11.93 -13.11 -8.17
N LEU C 501 11.57 -12.91 -9.44
CA LEU C 501 12.46 -13.15 -10.55
C LEU C 501 12.96 -11.84 -11.16
N CYS C 502 14.10 -11.92 -11.83
CA CYS C 502 14.56 -10.82 -12.64
C CYS C 502 13.68 -10.71 -13.89
N ASP C 503 13.71 -9.53 -14.51
CA ASP C 503 12.78 -9.27 -15.61
C ASP C 503 13.03 -10.19 -16.78
N GLU C 504 14.29 -10.42 -17.14
CA GLU C 504 14.58 -11.36 -18.23
C GLU C 504 14.17 -12.78 -17.87
N ASP C 505 14.28 -13.14 -16.59
CA ASP C 505 13.81 -14.45 -16.15
C ASP C 505 12.30 -14.56 -16.33
N LYS C 506 11.57 -13.50 -15.99
CA LYS C 506 10.13 -13.50 -16.23
C LYS C 506 9.82 -13.65 -17.71
N TYR C 507 10.56 -12.93 -18.56
CA TYR C 507 10.31 -13.01 -19.99
C TYR C 507 10.57 -14.42 -20.51
N LEU C 508 11.65 -15.05 -20.06
CA LEU C 508 11.94 -16.42 -20.47
C LEU C 508 10.87 -17.38 -19.96
N PHE C 509 10.38 -17.15 -18.74
CA PHE C 509 9.29 -17.96 -18.21
C PHE C 509 8.06 -17.88 -19.11
N LEU C 510 7.69 -16.66 -19.51
CA LEU C 510 6.55 -16.49 -20.41
C LEU C 510 6.80 -17.17 -21.76
N TYR C 511 8.01 -17.03 -22.29
CA TYR C 511 8.33 -17.67 -23.56
C TYR C 511 8.17 -19.18 -23.49
N ILE C 512 8.69 -19.78 -22.42
CA ILE C 512 8.60 -21.23 -22.27
C ILE C 512 7.16 -21.65 -22.08
N ALA C 513 6.39 -20.89 -21.30
CA ALA C 513 5.00 -21.25 -21.06
C ALA C 513 4.16 -21.18 -22.33
N CYS C 514 4.43 -20.19 -23.19
CA CYS C 514 3.60 -19.99 -24.36
C CYS C 514 4.01 -20.87 -25.53
N LEU C 515 5.29 -20.92 -25.86
CA LEU C 515 5.73 -21.57 -27.08
C LEU C 515 6.58 -22.80 -26.84
N PHE C 516 7.70 -22.68 -26.13
CA PHE C 516 8.68 -23.76 -26.04
C PHE C 516 8.54 -24.50 -24.71
N ASN C 517 7.41 -25.19 -24.55
CA ASN C 517 7.24 -25.95 -23.32
C ASN C 517 8.12 -27.20 -23.31
N LYS C 518 8.14 -27.94 -24.42
CA LYS C 518 8.92 -29.17 -24.52
C LYS C 518 9.77 -29.07 -25.79
N GLU C 519 10.93 -28.43 -25.67
CA GLU C 519 11.86 -28.27 -26.76
C GLU C 519 13.28 -28.45 -26.23
N SER C 520 14.19 -28.81 -27.12
CA SER C 520 15.59 -28.95 -26.74
C SER C 520 16.14 -27.59 -26.29
N THR C 521 17.01 -27.61 -25.29
CA THR C 521 17.60 -26.38 -24.81
C THR C 521 18.41 -25.69 -25.89
N THR C 522 19.08 -26.48 -26.74
CA THR C 522 19.90 -25.90 -27.79
C THR C 522 19.07 -25.10 -28.78
N LYS C 523 17.90 -25.62 -29.17
CA LYS C 523 17.05 -24.87 -30.09
C LYS C 523 16.50 -23.61 -29.43
N VAL C 524 16.17 -23.69 -28.14
CA VAL C 524 15.71 -22.50 -27.43
C VAL C 524 16.80 -21.44 -27.41
N GLU C 525 18.03 -21.84 -27.15
CA GLU C 525 19.14 -20.90 -27.17
C GLU C 525 19.34 -20.33 -28.57
N GLY C 526 19.20 -21.16 -29.60
CA GLY C 526 19.38 -20.67 -30.95
C GLY C 526 18.32 -19.66 -31.37
N LEU C 527 17.08 -19.88 -30.92
CA LEU C 527 15.99 -19.01 -31.34
C LEU C 527 15.91 -17.74 -30.51
N LEU C 528 16.14 -17.85 -29.20
CA LEU C 528 16.02 -16.71 -28.29
C LEU C 528 17.35 -16.13 -27.87
N GLY C 529 18.46 -16.60 -28.47
CA GLY C 529 19.77 -16.21 -27.99
C GLY C 529 20.10 -14.74 -28.13
N LYS C 530 19.51 -14.06 -29.11
CA LYS C 530 19.80 -12.64 -29.28
C LYS C 530 18.87 -11.75 -28.48
N PHE C 531 18.11 -12.30 -27.53
CA PHE C 531 17.24 -11.51 -26.68
C PHE C 531 17.60 -11.58 -25.21
N LEU C 532 17.71 -12.79 -24.65
CA LEU C 532 17.50 -12.97 -23.22
C LEU C 532 18.68 -13.57 -22.46
N ASP C 533 19.80 -13.89 -23.12
CA ASP C 533 20.87 -14.65 -22.49
C ASP C 533 20.31 -15.97 -21.94
N VAL C 534 19.91 -16.82 -22.88
CA VAL C 534 19.08 -17.97 -22.57
C VAL C 534 19.76 -18.88 -21.56
N ARG C 535 21.08 -19.04 -21.65
CA ARG C 535 21.76 -19.99 -20.78
C ARG C 535 21.61 -19.61 -19.31
N GLN C 536 21.87 -18.35 -18.99
CA GLN C 536 21.74 -17.90 -17.60
C GLN C 536 20.29 -17.96 -17.13
N GLY C 537 19.35 -17.59 -17.99
CA GLY C 537 17.96 -17.65 -17.60
C GLY C 537 17.51 -19.06 -17.29
N LEU C 538 17.89 -20.02 -18.15
CA LEU C 538 17.56 -21.41 -17.89
C LEU C 538 18.23 -21.90 -16.61
N HIS C 539 19.47 -21.50 -16.38
CA HIS C 539 20.15 -21.92 -15.16
C HIS C 539 19.41 -21.43 -13.94
N ILE C 540 18.99 -20.17 -13.94
CA ILE C 540 18.30 -19.62 -12.78
C ILE C 540 16.95 -20.29 -12.60
N LEU C 541 16.19 -20.44 -13.68
CA LEU C 541 14.87 -21.04 -13.58
C LEU C 541 14.96 -22.48 -13.08
N ALA C 542 15.93 -23.24 -13.58
CA ALA C 542 16.13 -24.59 -13.07
C ALA C 542 16.49 -24.57 -11.60
N GLN C 543 17.33 -23.61 -11.19
CA GLN C 543 17.65 -23.48 -9.78
C GLN C 543 16.42 -23.13 -8.97
N LYS C 544 15.57 -22.24 -9.49
CA LYS C 544 14.36 -21.83 -8.78
C LYS C 544 13.30 -22.91 -8.78
N SER C 545 13.50 -24.01 -9.50
CA SER C 545 12.52 -25.09 -9.61
C SER C 545 11.23 -24.64 -10.27
N LEU C 546 11.32 -23.63 -11.13
CA LEU C 546 10.22 -23.26 -12.00
C LEU C 546 10.30 -23.96 -13.35
N ILE C 547 11.29 -24.82 -13.53
CA ILE C 547 11.43 -25.60 -14.76
C ILE C 547 12.35 -26.75 -14.45
N SER C 548 12.22 -27.83 -15.21
CA SER C 548 13.12 -28.97 -15.09
C SER C 548 13.65 -29.31 -16.47
N ILE C 549 14.94 -29.62 -16.55
CA ILE C 549 15.53 -30.04 -17.86
C ILE C 549 15.76 -31.55 -17.83
N GLU C 550 14.71 -32.33 -18.14
CA GLU C 550 14.87 -33.81 -18.21
C GLU C 550 15.54 -34.15 -19.54
N ASP C 551 16.59 -34.97 -19.52
CA ASP C 551 17.34 -35.30 -20.76
C ASP C 551 17.86 -34.00 -21.38
N GLY C 552 17.66 -33.81 -22.69
CA GLY C 552 18.13 -32.60 -23.38
C GLY C 552 17.02 -31.58 -23.59
N ASN C 553 15.82 -31.83 -23.07
CA ASN C 553 14.66 -30.93 -23.35
C ASN C 553 14.18 -30.29 -22.04
N ILE C 554 13.54 -29.11 -22.13
CA ILE C 554 13.00 -28.48 -20.94
C ILE C 554 11.55 -28.91 -20.75
N TYR C 555 11.11 -28.93 -19.50
CA TYR C 555 9.74 -29.28 -19.15
C TYR C 555 9.28 -28.38 -18.02
N MET C 556 8.09 -27.80 -18.17
CA MET C 556 7.46 -27.04 -17.11
C MET C 556 6.16 -27.72 -16.70
N HIS C 557 5.90 -27.77 -15.41
CA HIS C 557 4.68 -28.39 -14.90
C HIS C 557 3.46 -27.69 -15.46
N THR C 558 2.43 -28.47 -15.80
CA THR C 558 1.27 -27.93 -16.49
C THR C 558 0.55 -26.89 -15.65
N LEU C 559 0.52 -27.07 -14.33
CA LEU C 559 -0.12 -26.10 -13.46
C LEU C 559 0.59 -24.75 -13.56
N LEU C 560 1.92 -24.76 -13.61
CA LEU C 560 2.69 -23.54 -13.76
C LEU C 560 2.57 -22.98 -15.17
N GLU C 561 2.46 -23.86 -16.17
CA GLU C 561 2.28 -23.41 -17.55
C GLU C 561 0.96 -22.67 -17.70
N GLN C 562 -0.09 -23.13 -17.04
CA GLN C 562 -1.38 -22.44 -17.10
C GLN C 562 -1.27 -21.04 -16.52
N PHE C 563 -0.54 -20.90 -15.41
CA PHE C 563 -0.29 -19.57 -14.86
C PHE C 563 0.44 -18.70 -15.86
N GLY C 564 1.46 -19.26 -16.51
CA GLY C 564 2.18 -18.48 -17.50
C GLY C 564 1.28 -18.02 -18.63
N ARG C 565 0.44 -18.92 -19.13
CA ARG C 565 -0.44 -18.58 -20.24
C ARG C 565 -1.45 -17.51 -19.83
N GLU C 566 -1.96 -17.60 -18.61
CA GLU C 566 -2.87 -16.56 -18.11
C GLU C 566 -2.17 -15.21 -18.03
N THR C 567 -0.98 -15.19 -17.41
CA THR C 567 -0.27 -13.93 -17.28
C THR C 567 0.16 -13.36 -18.61
N SER C 568 0.24 -14.19 -19.65
CA SER C 568 0.61 -13.68 -20.97
C SER C 568 -0.42 -12.71 -21.51
N ARG C 569 -1.63 -12.67 -20.95
CA ARG C 569 -2.66 -11.75 -21.40
C ARG C 569 -2.65 -10.43 -20.65
N LYS C 570 -2.16 -10.40 -19.41
CA LYS C 570 -2.11 -9.19 -18.62
C LYS C 570 -0.68 -8.71 -18.42
N GLN C 571 0.21 -9.02 -19.35
CA GLN C 571 1.60 -8.63 -19.21
C GLN C 571 2.23 -8.53 -20.60
N PHE C 572 3.36 -7.85 -20.67
CA PHE C 572 4.07 -7.62 -21.91
C PHE C 572 5.51 -8.11 -21.78
N ILE C 573 6.15 -8.27 -22.93
CA ILE C 573 7.54 -8.71 -23.01
C ILE C 573 8.34 -7.59 -23.68
N HIS C 574 9.43 -7.20 -23.04
CA HIS C 574 10.32 -6.17 -23.55
C HIS C 574 11.69 -6.77 -23.84
N HIS C 575 12.35 -6.27 -24.87
CA HIS C 575 13.72 -6.69 -25.16
C HIS C 575 14.70 -5.55 -24.98
N GLY C 576 14.58 -4.45 -25.72
CA GLY C 576 15.19 -3.23 -25.25
C GLY C 576 14.17 -2.37 -24.53
N TYR C 577 13.15 -1.93 -25.28
CA TYR C 577 11.92 -1.41 -24.71
C TYR C 577 10.68 -1.77 -25.52
N THR C 578 10.83 -2.45 -26.66
CA THR C 578 9.67 -2.80 -27.47
C THR C 578 8.75 -3.76 -26.71
N LYS C 579 7.46 -3.51 -26.80
CA LYS C 579 6.46 -4.26 -26.06
C LYS C 579 5.94 -5.40 -26.93
N HIS C 580 5.91 -6.60 -26.39
CA HIS C 580 5.43 -7.77 -27.10
C HIS C 580 4.43 -8.55 -26.25
N GLN C 581 3.52 -9.23 -26.93
CA GLN C 581 2.60 -10.17 -26.31
C GLN C 581 2.55 -11.43 -27.16
N LEU C 582 2.33 -12.55 -26.48
CA LEU C 582 2.29 -13.86 -27.13
C LEU C 582 0.84 -14.33 -27.21
N LEU C 583 0.41 -14.71 -28.41
CA LEU C 583 -0.95 -15.14 -28.64
C LEU C 583 -1.03 -16.64 -28.38
N VAL C 584 -1.72 -17.03 -27.32
CA VAL C 584 -1.93 -18.42 -26.97
C VAL C 584 -3.39 -18.60 -26.59
N GLY C 585 -4.13 -19.33 -27.42
CA GLY C 585 -5.52 -19.60 -27.14
C GLY C 585 -6.18 -20.41 -28.23
N GLU C 586 -6.93 -21.45 -27.85
CA GLU C 586 -7.56 -22.35 -28.82
C GLU C 586 -8.73 -21.62 -29.47
N ARG C 587 -8.49 -21.07 -30.66
CA ARG C 587 -9.51 -20.38 -31.45
C ARG C 587 -10.03 -19.13 -30.76
N ASP C 588 -9.50 -18.82 -29.58
CA ASP C 588 -9.81 -17.57 -28.90
C ASP C 588 -8.82 -16.47 -29.24
N ILE C 589 -7.94 -16.71 -30.22
CA ILE C 589 -7.08 -15.67 -30.74
C ILE C 589 -7.81 -14.90 -31.84
N CYS C 590 -8.76 -15.55 -32.50
CA CYS C 590 -9.38 -14.98 -33.70
C CYS C 590 -10.06 -13.65 -33.39
N GLU C 591 -10.68 -13.54 -32.21
CA GLU C 591 -11.29 -12.27 -31.84
C GLU C 591 -10.24 -11.18 -31.71
N VAL C 592 -9.09 -11.50 -31.13
CA VAL C 592 -8.04 -10.50 -30.97
C VAL C 592 -7.52 -10.06 -32.33
N LEU C 593 -7.44 -11.00 -33.28
CA LEU C 593 -6.99 -10.65 -34.62
C LEU C 593 -7.97 -9.78 -35.37
N ASN C 594 -9.25 -9.82 -35.02
CA ASN C 594 -10.28 -8.99 -35.64
C ASN C 594 -10.48 -7.76 -34.76
N ASP C 595 -9.54 -6.83 -34.86
CA ASP C 595 -9.56 -5.64 -34.02
C ASP C 595 -8.96 -4.47 -34.78
N ASP C 596 -9.20 -3.27 -34.24
CA ASP C 596 -8.56 -2.06 -34.73
C ASP C 596 -7.69 -1.38 -33.70
N THR C 597 -7.75 -1.80 -32.43
CA THR C 597 -6.72 -1.46 -31.44
C THR C 597 -5.53 -2.38 -31.73
N ILE C 598 -4.82 -2.04 -32.81
CA ILE C 598 -3.85 -2.93 -33.43
C ILE C 598 -2.56 -2.18 -33.69
N ASP C 599 -1.47 -2.93 -33.79
CA ASP C 599 -0.16 -2.37 -34.03
C ASP C 599 0.64 -3.09 -35.09
N SER C 600 0.22 -4.29 -35.52
CA SER C 600 0.97 -5.15 -36.42
C SER C 600 2.34 -5.54 -35.88
N ARG C 601 2.63 -5.17 -34.64
CA ARG C 601 3.93 -5.39 -34.04
C ARG C 601 3.88 -5.91 -32.62
N ARG C 602 2.73 -5.89 -31.96
CA ARG C 602 2.63 -6.37 -30.59
C ARG C 602 2.91 -7.86 -30.49
N PHE C 603 2.46 -8.64 -31.48
CA PHE C 603 2.47 -10.09 -31.38
C PHE C 603 3.64 -10.64 -32.18
N ILE C 604 4.47 -11.45 -31.54
CA ILE C 604 5.56 -12.13 -32.20
C ILE C 604 5.42 -13.65 -32.16
N GLY C 605 4.67 -14.19 -31.21
CA GLY C 605 4.52 -15.63 -31.10
C GLY C 605 3.07 -16.04 -31.15
N ILE C 606 2.80 -17.11 -31.89
CA ILE C 606 1.47 -17.71 -31.96
C ILE C 606 1.59 -19.17 -31.62
N ASN C 607 0.79 -19.62 -30.66
CA ASN C 607 0.66 -21.04 -30.35
C ASN C 607 -0.82 -21.39 -30.48
N LEU C 608 -1.18 -22.02 -31.58
CA LEU C 608 -2.56 -22.36 -31.87
C LEU C 608 -2.73 -23.87 -31.84
N ASP C 609 -3.80 -24.34 -31.19
CA ASP C 609 -4.16 -25.73 -31.16
C ASP C 609 -5.55 -25.87 -31.78
N LEU C 610 -5.63 -26.58 -32.90
CA LEU C 610 -6.89 -26.74 -33.62
C LEU C 610 -7.17 -28.23 -33.75
N TYR C 611 -7.75 -28.81 -32.71
CA TYR C 611 -8.16 -30.20 -32.75
C TYR C 611 -9.58 -30.35 -33.29
N LYS C 612 -10.49 -29.47 -32.85
CA LYS C 612 -11.93 -29.59 -33.20
C LYS C 612 -12.22 -29.14 -34.63
N ASN C 613 -13.38 -29.52 -35.15
CA ASN C 613 -13.79 -29.07 -36.52
C ASN C 613 -14.11 -27.58 -36.48
N VAL C 614 -13.85 -26.88 -37.59
CA VAL C 614 -14.08 -25.41 -37.65
C VAL C 614 -15.57 -25.15 -37.94
N GLU C 615 -16.20 -24.19 -37.22
CA GLU C 615 -17.58 -23.89 -37.60
C GLU C 615 -17.59 -22.93 -38.79
N GLU C 616 -16.98 -21.76 -38.61
CA GLU C 616 -16.58 -20.87 -39.69
C GLU C 616 -15.27 -20.22 -39.29
N LEU C 617 -14.45 -19.89 -40.28
CA LEU C 617 -13.15 -19.29 -39.99
C LEU C 617 -13.34 -17.88 -39.46
N ASN C 618 -13.24 -17.73 -38.14
CA ASN C 618 -13.70 -16.53 -37.45
C ASN C 618 -12.87 -15.29 -37.78
N ILE C 619 -11.90 -15.40 -38.66
CA ILE C 619 -11.12 -14.23 -39.07
C ILE C 619 -11.97 -13.35 -39.98
N SER C 620 -11.85 -12.05 -39.81
CA SER C 620 -12.56 -11.12 -40.66
C SER C 620 -11.77 -10.85 -41.93
N GLU C 621 -12.46 -10.33 -42.95
CA GLU C 621 -11.80 -10.03 -44.22
C GLU C 621 -10.82 -8.87 -44.08
N LYS C 622 -11.18 -7.87 -43.27
CA LYS C 622 -10.34 -6.68 -43.15
C LYS C 622 -8.99 -7.01 -42.53
N ALA C 623 -8.96 -7.93 -41.57
CA ALA C 623 -7.70 -8.27 -40.91
C ALA C 623 -6.76 -9.00 -41.85
N LEU C 624 -7.28 -9.62 -42.91
CA LEU C 624 -6.43 -10.26 -43.88
C LEU C 624 -5.54 -9.27 -44.62
N GLU C 625 -5.92 -8.00 -44.64
CA GLU C 625 -5.13 -6.96 -45.30
C GLU C 625 -3.99 -6.44 -44.45
N ARG C 626 -3.89 -6.91 -43.20
CA ARG C 626 -2.84 -6.43 -42.31
C ARG C 626 -1.50 -7.03 -42.70
N ILE C 627 -0.43 -6.35 -42.29
CA ILE C 627 0.93 -6.79 -42.60
C ILE C 627 1.68 -7.14 -41.31
N HIS C 628 0.96 -7.62 -40.30
CA HIS C 628 1.57 -7.97 -39.03
C HIS C 628 2.44 -9.21 -39.13
N ASP C 629 3.56 -9.17 -38.42
CA ASP C 629 4.61 -10.19 -38.49
C ASP C 629 4.55 -11.12 -37.28
N PHE C 630 5.20 -12.27 -37.43
CA PHE C 630 5.38 -13.19 -36.32
C PHE C 630 6.75 -13.83 -36.42
N GLN C 631 7.49 -13.80 -35.31
CA GLN C 631 8.78 -14.45 -35.26
C GLN C 631 8.72 -15.86 -34.69
N PHE C 632 7.53 -16.36 -34.36
CA PHE C 632 7.38 -17.73 -33.89
C PHE C 632 5.97 -18.18 -34.23
N VAL C 633 5.85 -19.19 -35.08
CA VAL C 633 4.55 -19.74 -35.44
C VAL C 633 4.56 -21.21 -35.05
N ARG C 634 3.58 -21.62 -34.26
CA ARG C 634 3.46 -23.03 -33.85
C ARG C 634 1.98 -23.39 -33.88
N ILE C 635 1.57 -24.13 -34.90
CA ILE C 635 0.19 -24.48 -35.12
C ILE C 635 0.06 -26.00 -35.09
N ASN C 636 -0.83 -26.48 -34.22
CA ASN C 636 -1.09 -27.94 -34.12
C ASN C 636 -2.36 -28.22 -34.93
N GLY C 637 -2.27 -28.13 -36.25
CA GLY C 637 -3.43 -28.50 -37.08
C GLY C 637 -3.70 -29.97 -36.86
N LYS C 638 -4.97 -30.37 -36.77
CA LYS C 638 -5.23 -31.79 -36.42
C LYS C 638 -6.34 -32.37 -37.29
N ASN C 639 -6.73 -31.69 -38.37
CA ASN C 639 -7.83 -32.31 -39.09
C ASN C 639 -7.47 -32.42 -40.57
N HIS C 640 -8.37 -33.02 -41.33
CA HIS C 640 -8.26 -33.05 -42.78
C HIS C 640 -8.64 -31.73 -43.43
N ALA C 641 -9.41 -30.90 -42.74
CA ALA C 641 -9.88 -29.66 -43.35
C ALA C 641 -8.75 -28.64 -43.45
N LEU C 642 -8.82 -27.83 -44.49
CA LEU C 642 -7.77 -26.88 -44.82
C LEU C 642 -8.16 -25.48 -44.38
N HIS C 643 -7.22 -24.76 -43.80
CA HIS C 643 -7.38 -23.36 -43.48
C HIS C 643 -6.69 -22.52 -44.54
N GLU C 644 -7.42 -21.57 -45.11
CA GLU C 644 -6.87 -20.70 -46.15
C GLU C 644 -6.59 -19.31 -45.64
N ARG C 645 -7.56 -18.66 -45.01
CA ARG C 645 -7.35 -17.30 -44.53
C ARG C 645 -6.31 -17.26 -43.43
N LEU C 646 -6.20 -18.32 -42.62
CA LEU C 646 -5.13 -18.38 -41.64
C LEU C 646 -3.77 -18.40 -42.32
N GLN C 647 -3.63 -19.21 -43.37
CA GLN C 647 -2.39 -19.26 -44.13
C GLN C 647 -2.06 -17.88 -44.69
N GLY C 648 -3.02 -17.27 -45.40
CA GLY C 648 -2.78 -15.96 -45.95
C GLY C 648 -2.43 -14.94 -44.88
N LEU C 649 -2.97 -15.12 -43.67
CA LEU C 649 -2.69 -14.17 -42.60
C LEU C 649 -1.25 -14.30 -42.12
N ILE C 650 -0.80 -15.55 -41.89
CA ILE C 650 0.52 -15.74 -41.30
C ILE C 650 1.62 -15.38 -42.29
N TYR C 651 1.50 -15.81 -43.53
CA TYR C 651 2.59 -15.66 -44.48
C TYR C 651 2.80 -14.22 -44.95
N GLN C 652 1.90 -13.30 -44.61
CA GLN C 652 2.22 -11.90 -44.81
C GLN C 652 3.41 -11.46 -43.98
N SER C 653 3.69 -12.18 -42.89
CA SER C 653 4.78 -11.81 -42.02
C SER C 653 6.09 -11.82 -42.80
N PRO C 654 6.88 -10.75 -42.76
CA PRO C 654 8.08 -10.68 -43.59
C PRO C 654 9.25 -11.48 -43.04
N GLN C 655 9.41 -11.53 -41.73
CA GLN C 655 10.56 -12.20 -41.13
C GLN C 655 10.10 -13.17 -40.06
N ILE C 656 9.76 -14.38 -40.47
CA ILE C 656 9.48 -15.45 -39.55
C ILE C 656 10.81 -16.00 -39.06
N ARG C 657 10.84 -16.44 -37.81
CA ARG C 657 12.04 -17.07 -37.28
C ARG C 657 11.91 -18.60 -37.24
N SER C 658 10.88 -19.11 -36.60
CA SER C 658 10.66 -20.55 -36.52
C SER C 658 9.22 -20.87 -36.89
N LEU C 659 9.06 -21.97 -37.63
CA LEU C 659 7.75 -22.37 -38.13
C LEU C 659 7.49 -23.83 -37.81
N HIS C 660 6.36 -24.09 -37.16
CA HIS C 660 5.93 -25.43 -36.77
C HIS C 660 4.51 -25.65 -37.25
N TRP C 661 4.29 -26.70 -38.02
CA TRP C 661 2.95 -27.11 -38.40
C TRP C 661 2.79 -28.61 -38.21
N LYS C 662 1.56 -29.02 -38.00
CA LYS C 662 1.19 -30.43 -38.04
C LYS C 662 -0.04 -30.55 -38.93
N CYS C 663 -0.02 -31.52 -39.83
CA CYS C 663 -1.12 -31.72 -40.77
C CYS C 663 -1.38 -30.43 -41.55
N TYR C 664 -0.39 -30.05 -42.36
CA TYR C 664 -0.48 -28.79 -43.09
C TYR C 664 -1.63 -28.79 -44.09
N GLN C 665 -2.01 -29.95 -44.61
CA GLN C 665 -3.22 -30.11 -45.42
C GLN C 665 -3.23 -29.19 -46.64
N ASN C 666 -2.08 -29.06 -47.29
CA ASN C 666 -2.00 -28.23 -48.49
C ASN C 666 -0.91 -28.80 -49.39
N ILE C 667 -0.97 -28.40 -50.66
CA ILE C 667 -0.11 -29.01 -51.67
C ILE C 667 1.29 -28.40 -51.66
N CYS C 668 1.39 -27.07 -51.62
CA CYS C 668 2.70 -26.44 -51.62
C CYS C 668 2.78 -25.38 -50.52
N LEU C 669 3.87 -24.62 -50.51
CA LEU C 669 3.89 -23.42 -49.72
C LEU C 669 3.67 -22.22 -50.62
N PRO C 670 2.90 -21.24 -50.18
CA PRO C 670 2.59 -20.10 -51.07
C PRO C 670 3.85 -19.36 -51.48
N SER C 671 3.84 -18.88 -52.73
CA SER C 671 5.00 -18.23 -53.30
C SER C 671 5.34 -16.92 -52.61
N THR C 672 4.38 -16.28 -51.95
CA THR C 672 4.61 -15.00 -51.29
C THR C 672 5.24 -15.14 -49.92
N PHE C 673 5.83 -16.29 -49.62
CA PHE C 673 6.39 -16.58 -48.32
C PHE C 673 7.88 -16.30 -48.35
N ASN C 674 8.33 -15.33 -47.57
CA ASN C 674 9.75 -15.01 -47.49
C ASN C 674 10.43 -15.85 -46.41
N SER C 675 11.61 -16.34 -46.73
CA SER C 675 12.32 -17.25 -45.84
C SER C 675 13.77 -16.87 -45.58
N GLU C 676 14.20 -15.66 -45.98
CA GLU C 676 15.56 -15.23 -45.69
C GLU C 676 15.87 -15.40 -44.22
N PHE C 677 14.93 -15.05 -43.36
CA PHE C 677 15.00 -15.34 -41.94
C PHE C 677 14.19 -16.61 -41.76
N LEU C 678 14.86 -17.72 -41.45
CA LEU C 678 14.15 -18.94 -41.08
C LEU C 678 15.15 -19.85 -40.40
N VAL C 679 15.01 -20.07 -39.10
CA VAL C 679 16.01 -20.84 -38.38
C VAL C 679 15.57 -22.29 -38.18
N GLU C 680 14.31 -22.52 -37.85
CA GLU C 680 13.79 -23.86 -37.67
C GLU C 680 12.51 -24.03 -38.44
N LEU C 681 12.40 -25.16 -39.16
CA LEU C 681 11.19 -25.42 -39.94
C LEU C 681 10.81 -26.88 -39.78
N ASP C 682 9.66 -27.15 -39.16
CA ASP C 682 9.18 -28.51 -39.06
C ASP C 682 7.71 -28.58 -39.43
N MET C 683 7.38 -29.50 -40.32
CA MET C 683 6.01 -29.76 -40.72
C MET C 683 5.82 -31.26 -40.59
N SER C 684 5.50 -31.71 -39.38
CA SER C 684 5.63 -33.11 -39.01
C SER C 684 4.61 -34.01 -39.67
N PHE C 685 3.58 -33.43 -40.29
CA PHE C 685 2.65 -34.19 -41.12
C PHE C 685 2.18 -33.23 -42.18
N SER C 686 2.27 -33.61 -43.45
CA SER C 686 1.98 -32.65 -44.50
C SER C 686 1.51 -33.40 -45.74
N LYS C 687 1.05 -32.63 -46.71
CA LYS C 687 0.72 -33.12 -48.03
C LYS C 687 1.46 -32.28 -49.07
N LEU C 688 2.66 -31.83 -48.71
CA LEU C 688 3.45 -30.94 -49.53
C LEU C 688 4.08 -31.71 -50.69
N GLN C 689 3.96 -31.18 -51.89
CA GLN C 689 4.64 -31.73 -53.06
C GLN C 689 5.45 -30.60 -53.70
N LYS C 690 6.76 -30.80 -53.80
CA LYS C 690 7.68 -29.88 -54.48
C LYS C 690 7.48 -28.44 -53.99
N LEU C 691 7.66 -28.28 -52.68
CA LEU C 691 7.44 -26.98 -52.06
C LEU C 691 8.46 -25.95 -52.55
N TRP C 692 8.03 -24.69 -52.56
CA TRP C 692 8.79 -23.51 -53.00
C TRP C 692 8.92 -23.38 -54.51
N GLU C 693 8.55 -24.42 -55.25
CA GLU C 693 8.47 -24.40 -56.71
C GLU C 693 9.55 -23.52 -57.34
N GLY C 694 10.77 -23.69 -56.89
CA GLY C 694 11.88 -22.87 -57.35
C GLY C 694 12.84 -22.58 -56.21
N THR C 695 14.01 -22.07 -56.58
CA THR C 695 15.09 -21.86 -55.63
C THR C 695 14.86 -20.62 -54.79
N LYS C 696 15.23 -20.69 -53.52
CA LYS C 696 15.22 -19.54 -52.64
C LYS C 696 16.55 -19.42 -51.93
N GLN C 697 16.65 -18.53 -50.95
CA GLN C 697 17.88 -18.32 -50.21
C GLN C 697 17.64 -18.63 -48.73
N LEU C 698 18.50 -19.48 -48.16
CA LEU C 698 18.30 -20.00 -46.81
C LEU C 698 19.61 -19.77 -46.06
N ARG C 699 19.79 -18.55 -45.56
CA ARG C 699 21.09 -18.19 -45.02
C ARG C 699 21.31 -18.81 -43.66
N ASN C 700 20.47 -18.46 -42.68
CA ASN C 700 20.60 -19.01 -41.34
C ASN C 700 19.42 -19.92 -41.09
N LEU C 701 19.54 -21.16 -41.56
CA LEU C 701 18.61 -22.23 -41.28
C LEU C 701 19.39 -23.36 -40.64
N LYS C 702 18.84 -23.95 -39.59
CA LYS C 702 19.60 -24.91 -38.81
C LYS C 702 18.86 -26.17 -38.45
N TRP C 703 17.59 -26.31 -38.82
CA TRP C 703 16.82 -27.51 -38.50
C TRP C 703 15.70 -27.67 -39.50
N MET C 704 15.68 -28.78 -40.22
CA MET C 704 14.58 -29.10 -41.12
C MET C 704 13.99 -30.45 -40.76
N ASP C 705 12.69 -30.48 -40.51
CA ASP C 705 12.00 -31.70 -40.12
C ASP C 705 10.72 -31.83 -40.93
N LEU C 706 10.79 -32.60 -42.01
CA LEU C 706 9.62 -32.88 -42.85
C LEU C 706 9.12 -34.31 -42.63
N SER C 707 9.21 -34.78 -41.40
CA SER C 707 8.89 -36.16 -41.08
C SER C 707 7.44 -36.48 -41.46
N TYR C 708 7.21 -37.74 -41.81
CA TYR C 708 5.89 -38.31 -42.03
C TYR C 708 5.10 -37.63 -43.15
N SER C 709 5.70 -36.66 -43.83
CA SER C 709 5.02 -35.98 -44.94
C SER C 709 5.07 -36.92 -46.14
N SER C 710 4.13 -37.87 -46.16
CA SER C 710 4.22 -38.98 -47.10
C SER C 710 4.05 -38.53 -48.55
N TYR C 711 3.23 -37.51 -48.79
CA TYR C 711 2.93 -37.11 -50.16
C TYR C 711 3.94 -36.07 -50.66
N LEU C 712 5.21 -36.38 -50.51
CA LEU C 712 6.29 -35.45 -50.85
C LEU C 712 7.17 -36.09 -51.91
N LYS C 713 7.19 -35.52 -53.11
CA LYS C 713 7.92 -36.15 -54.21
C LYS C 713 9.40 -35.80 -54.18
N GLU C 714 9.74 -34.52 -54.35
CA GLU C 714 11.14 -34.14 -54.24
C GLU C 714 11.31 -32.99 -53.25
N LEU C 715 12.51 -32.43 -53.21
CA LEU C 715 12.89 -31.46 -52.20
C LEU C 715 13.59 -30.30 -52.89
N PRO C 716 13.44 -29.08 -52.38
CA PRO C 716 13.95 -27.91 -53.10
C PRO C 716 15.46 -27.86 -53.12
N ASN C 717 15.97 -27.00 -53.99
CA ASN C 717 17.40 -26.74 -54.09
C ASN C 717 17.93 -26.25 -52.75
N LEU C 718 18.79 -27.05 -52.13
CA LEU C 718 19.37 -26.71 -50.84
C LEU C 718 20.67 -25.94 -50.96
N SER C 719 20.99 -25.44 -52.15
CA SER C 719 22.14 -24.56 -52.28
C SER C 719 21.95 -23.34 -51.40
N THR C 720 23.06 -22.78 -50.94
CA THR C 720 23.03 -21.64 -50.02
C THR C 720 22.26 -21.97 -48.75
N ALA C 721 22.44 -23.18 -48.24
CA ALA C 721 21.90 -23.60 -46.96
C ALA C 721 23.02 -24.07 -46.06
N THR C 722 24.17 -23.40 -46.15
CA THR C 722 25.40 -23.89 -45.58
C THR C 722 25.32 -24.09 -44.07
N ASN C 723 24.47 -23.36 -43.37
CA ASN C 723 24.42 -23.44 -41.93
C ASN C 723 23.47 -24.52 -41.43
N LEU C 724 22.88 -25.30 -42.32
CA LEU C 724 21.99 -26.36 -41.91
C LEU C 724 22.72 -27.37 -41.03
N GLU C 725 22.08 -27.80 -39.96
CA GLU C 725 22.67 -28.75 -39.03
C GLU C 725 22.05 -30.13 -39.12
N GLU C 726 20.72 -30.24 -39.11
CA GLU C 726 20.09 -31.54 -39.09
C GLU C 726 18.88 -31.57 -40.01
N LEU C 727 18.71 -32.72 -40.67
CA LEU C 727 17.66 -32.91 -41.67
C LEU C 727 17.00 -34.26 -41.41
N LYS C 728 15.71 -34.23 -41.09
CA LYS C 728 14.98 -35.43 -40.67
C LYS C 728 13.83 -35.68 -41.64
N LEU C 729 14.10 -36.40 -42.72
CA LEU C 729 13.04 -36.80 -43.63
C LEU C 729 12.45 -38.11 -43.16
N ARG C 730 11.99 -38.13 -41.92
CA ARG C 730 11.54 -39.35 -41.27
C ARG C 730 10.30 -39.91 -41.95
N ASN C 731 10.46 -41.02 -42.68
CA ASN C 731 9.33 -41.79 -43.21
C ASN C 731 8.51 -41.00 -44.23
N CYS C 732 9.21 -40.46 -45.24
CA CYS C 732 8.54 -39.72 -46.30
C CYS C 732 7.94 -40.61 -47.37
N SER C 733 8.55 -41.75 -47.67
CA SER C 733 7.90 -42.85 -48.39
C SER C 733 7.55 -42.55 -49.84
N SER C 734 7.73 -41.31 -50.31
CA SER C 734 7.48 -41.04 -51.76
C SER C 734 8.58 -40.13 -52.31
N LEU C 735 9.70 -40.04 -51.58
CA LEU C 735 10.81 -39.19 -51.98
C LEU C 735 11.60 -39.94 -53.03
N VAL C 736 11.33 -39.64 -54.30
CA VAL C 736 11.92 -40.41 -55.41
C VAL C 736 13.44 -40.25 -55.41
N GLU C 737 13.92 -39.03 -55.20
CA GLU C 737 15.35 -38.76 -55.24
C GLU C 737 15.66 -37.61 -54.30
N LEU C 738 16.95 -37.34 -54.13
CA LEU C 738 17.39 -36.25 -53.30
C LEU C 738 18.07 -35.17 -54.16
N PRO C 739 18.00 -33.91 -53.75
CA PRO C 739 18.60 -32.85 -54.55
C PRO C 739 20.10 -33.03 -54.71
N SER C 740 20.60 -32.67 -55.88
CA SER C 740 22.02 -32.78 -56.14
C SER C 740 22.85 -31.84 -55.29
N SER C 741 22.23 -30.82 -54.70
CA SER C 741 22.96 -29.79 -53.99
C SER C 741 23.36 -30.20 -52.58
N ILE C 742 23.08 -31.43 -52.16
CA ILE C 742 23.42 -31.90 -50.82
C ILE C 742 24.92 -31.75 -50.59
N GLU C 743 25.68 -31.69 -51.69
CA GLU C 743 27.12 -31.52 -51.58
C GLU C 743 27.50 -30.28 -50.77
N LYS C 744 26.67 -29.24 -50.82
CA LYS C 744 27.04 -27.97 -50.23
C LYS C 744 26.60 -27.81 -48.78
N LEU C 745 25.99 -28.83 -48.18
CA LEU C 745 25.55 -28.76 -46.78
C LEU C 745 26.72 -29.12 -45.88
N THR C 746 27.67 -28.20 -45.79
CA THR C 746 28.91 -28.48 -45.06
C THR C 746 28.65 -28.73 -43.59
N SER C 747 27.74 -27.99 -42.98
CA SER C 747 27.55 -28.05 -41.55
C SER C 747 26.63 -29.19 -41.11
N LEU C 748 26.14 -29.99 -42.05
CA LEU C 748 25.19 -31.05 -41.72
C LEU C 748 25.76 -32.00 -40.68
N GLN C 749 24.92 -32.41 -39.75
CA GLN C 749 25.35 -33.33 -38.69
C GLN C 749 24.49 -34.58 -38.60
N ILE C 750 23.19 -34.46 -38.77
CA ILE C 750 22.27 -35.57 -38.59
C ILE C 750 21.44 -35.71 -39.86
N LEU C 751 21.42 -36.92 -40.42
CA LEU C 751 20.67 -37.18 -41.65
C LEU C 751 19.82 -38.42 -41.41
N ASP C 752 18.51 -38.22 -41.31
CA ASP C 752 17.60 -39.31 -40.99
C ASP C 752 16.63 -39.53 -42.14
N LEU C 753 16.89 -40.55 -42.96
CA LEU C 753 15.93 -41.00 -43.95
C LEU C 753 15.55 -42.41 -43.52
N HIS C 754 14.59 -42.51 -42.61
CA HIS C 754 14.36 -43.77 -41.91
C HIS C 754 13.70 -44.80 -42.81
N ARG C 755 12.44 -44.56 -43.16
CA ARG C 755 11.79 -45.46 -44.14
C ARG C 755 12.09 -44.85 -45.49
N CYS C 756 11.51 -43.68 -45.77
CA CYS C 756 11.83 -42.98 -47.04
C CYS C 756 11.77 -44.02 -48.18
N SER C 757 10.64 -44.72 -48.33
CA SER C 757 10.56 -45.89 -49.25
C SER C 757 10.82 -45.66 -50.75
N SER C 758 10.76 -44.44 -51.28
CA SER C 758 10.90 -44.28 -52.75
C SER C 758 12.34 -43.97 -53.24
N LEU C 759 13.34 -43.96 -52.36
CA LEU C 759 14.72 -43.53 -52.76
C LEU C 759 15.42 -44.54 -53.70
N VAL C 760 16.23 -44.07 -54.66
CA VAL C 760 17.04 -44.90 -55.53
C VAL C 760 18.52 -44.70 -55.26
N GLU C 761 18.98 -43.46 -55.19
CA GLU C 761 20.38 -43.17 -54.94
C GLU C 761 20.52 -42.35 -53.66
N LEU C 762 21.75 -41.93 -53.40
CA LEU C 762 22.09 -41.06 -52.29
C LEU C 762 23.35 -40.31 -52.66
N PRO C 763 23.25 -39.07 -53.11
CA PRO C 763 24.40 -38.41 -53.73
C PRO C 763 25.52 -38.14 -52.73
N SER C 764 26.71 -37.93 -53.29
CA SER C 764 27.89 -37.67 -52.48
C SER C 764 27.70 -36.39 -51.66
N PHE C 765 28.27 -36.39 -50.46
CA PHE C 765 28.00 -35.34 -49.50
C PHE C 765 29.02 -34.21 -49.51
N GLY C 766 30.30 -34.51 -49.78
CA GLY C 766 31.29 -33.46 -49.78
C GLY C 766 32.55 -33.84 -49.05
N ASN C 767 33.22 -32.87 -48.43
CA ASN C 767 34.50 -33.11 -47.79
C ASN C 767 34.49 -32.78 -46.31
N ALA C 768 33.86 -31.67 -45.92
CA ALA C 768 33.83 -31.25 -44.52
C ALA C 768 32.48 -31.49 -43.87
N THR C 769 31.65 -32.35 -44.44
CA THR C 769 30.30 -32.55 -43.91
C THR C 769 30.35 -33.09 -42.49
N LYS C 770 31.06 -34.18 -42.28
CA LYS C 770 31.21 -34.81 -40.96
C LYS C 770 29.85 -35.19 -40.37
N LEU C 771 29.12 -36.02 -41.12
CA LEU C 771 27.85 -36.54 -40.64
C LEU C 771 28.06 -37.27 -39.33
N GLU C 772 27.20 -36.99 -38.35
CA GLU C 772 27.32 -37.63 -37.05
C GLU C 772 26.39 -38.82 -36.88
N ILE C 773 25.14 -38.72 -37.33
CA ILE C 773 24.19 -39.82 -37.23
C ILE C 773 23.56 -40.01 -38.60
N LEU C 774 23.82 -41.15 -39.22
CA LEU C 774 23.31 -41.44 -40.56
C LEU C 774 22.37 -42.64 -40.44
N ASN C 775 21.07 -42.39 -40.61
CA ASN C 775 20.07 -43.42 -40.39
C ASN C 775 19.31 -43.66 -41.69
N LEU C 776 19.38 -44.90 -42.19
CA LEU C 776 18.58 -45.33 -43.33
C LEU C 776 18.08 -46.72 -42.96
N GLU C 777 16.94 -46.80 -42.28
CA GLU C 777 16.57 -48.08 -41.67
C GLU C 777 15.95 -49.03 -42.69
N ASN C 778 14.81 -48.66 -43.26
CA ASN C 778 14.18 -49.52 -44.26
C ASN C 778 14.04 -48.73 -45.55
N CYS C 779 15.12 -48.66 -46.31
CA CYS C 779 15.11 -48.05 -47.64
C CYS C 779 15.14 -49.20 -48.65
N SER C 780 14.00 -49.85 -48.81
CA SER C 780 13.95 -51.08 -49.58
C SER C 780 14.34 -50.86 -51.05
N SER C 781 14.15 -49.65 -51.56
CA SER C 781 14.43 -49.36 -52.95
C SER C 781 15.78 -48.67 -53.14
N LEU C 782 16.49 -48.39 -52.07
CA LEU C 782 17.77 -47.69 -52.16
C LEU C 782 18.80 -48.62 -52.76
N VAL C 783 19.42 -48.20 -53.86
CA VAL C 783 20.40 -49.04 -54.55
C VAL C 783 21.81 -48.52 -54.33
N LYS C 784 22.07 -47.29 -54.78
CA LYS C 784 23.42 -46.76 -54.79
C LYS C 784 23.72 -46.03 -53.49
N LEU C 785 25.01 -45.81 -53.24
CA LEU C 785 25.48 -45.11 -52.06
C LEU C 785 26.69 -44.27 -52.43
N PRO C 786 27.05 -43.28 -51.63
CA PRO C 786 28.24 -42.51 -51.92
C PRO C 786 29.49 -43.36 -51.81
N PRO C 787 30.54 -43.05 -52.56
CA PRO C 787 31.78 -43.82 -52.45
C PRO C 787 32.56 -43.52 -51.18
N SER C 788 32.32 -42.40 -50.52
CA SER C 788 33.04 -42.09 -49.29
C SER C 788 32.22 -41.13 -48.46
N ILE C 789 32.58 -41.03 -47.18
CA ILE C 789 31.81 -40.28 -46.20
C ILE C 789 32.61 -39.15 -45.57
N ASN C 790 33.89 -39.39 -45.28
CA ASN C 790 34.68 -38.52 -44.40
C ASN C 790 34.12 -38.58 -42.99
N ALA C 791 33.95 -39.80 -42.48
CA ALA C 791 33.25 -40.04 -41.22
C ALA C 791 34.24 -39.92 -40.06
N ASN C 792 34.75 -38.70 -39.87
CA ASN C 792 35.62 -38.44 -38.74
C ASN C 792 34.86 -38.53 -37.43
N ASN C 793 33.61 -38.09 -37.41
CA ASN C 793 32.74 -38.15 -36.22
C ASN C 793 31.42 -38.74 -36.68
N LEU C 794 31.29 -40.07 -36.64
CA LEU C 794 30.09 -40.75 -37.09
C LEU C 794 29.66 -41.71 -35.99
N GLN C 795 28.89 -41.21 -35.02
CA GLN C 795 28.50 -42.03 -33.88
C GLN C 795 27.73 -43.27 -34.31
N GLU C 796 26.71 -43.08 -35.14
CA GLU C 796 25.80 -44.16 -35.50
C GLU C 796 25.59 -44.16 -37.00
N LEU C 797 25.72 -45.33 -37.61
CA LEU C 797 25.40 -45.53 -39.02
C LEU C 797 24.56 -46.79 -39.10
N SER C 798 23.28 -46.63 -39.44
CA SER C 798 22.37 -47.76 -39.41
C SER C 798 21.78 -47.99 -40.79
N LEU C 799 21.89 -49.24 -41.29
CA LEU C 799 21.26 -49.64 -42.54
C LEU C 799 20.61 -50.99 -42.26
N THR C 800 19.39 -50.98 -41.73
CA THR C 800 18.88 -52.26 -41.27
C THR C 800 18.44 -53.12 -42.44
N ASN C 801 17.37 -52.74 -43.14
CA ASN C 801 16.88 -53.63 -44.17
C ASN C 801 17.60 -53.40 -45.49
N CYS C 802 17.41 -52.24 -46.10
CA CYS C 802 18.22 -51.80 -47.24
C CYS C 802 18.50 -52.93 -48.21
N SER C 803 17.46 -53.66 -48.62
CA SER C 803 17.65 -54.99 -49.17
C SER C 803 18.57 -55.00 -50.39
N ARG C 804 18.49 -54.01 -51.26
CA ARG C 804 19.28 -54.01 -52.49
C ARG C 804 20.35 -52.94 -52.37
N VAL C 805 21.45 -53.28 -51.71
CA VAL C 805 22.60 -52.40 -51.58
C VAL C 805 23.83 -53.18 -52.01
N VAL C 806 24.49 -52.70 -53.06
CA VAL C 806 25.56 -53.47 -53.69
C VAL C 806 26.87 -53.24 -52.97
N GLU C 807 27.26 -51.99 -52.80
CA GLU C 807 28.52 -51.64 -52.18
C GLU C 807 28.27 -50.83 -50.92
N LEU C 808 29.34 -50.33 -50.32
CA LEU C 808 29.21 -49.58 -49.09
C LEU C 808 30.24 -48.46 -49.11
N PRO C 809 29.88 -47.27 -48.68
CA PRO C 809 30.84 -46.17 -48.65
C PRO C 809 32.01 -46.47 -47.72
N ALA C 810 33.19 -46.02 -48.11
CA ALA C 810 34.37 -46.17 -47.28
C ALA C 810 34.26 -45.29 -46.05
N ILE C 811 35.21 -45.45 -45.13
CA ILE C 811 35.24 -44.68 -43.89
C ILE C 811 36.66 -44.19 -43.68
N GLU C 812 36.80 -43.00 -43.10
CA GLU C 812 38.13 -42.44 -42.89
C GLU C 812 38.77 -42.98 -41.61
N ASN C 813 38.17 -42.68 -40.47
CA ASN C 813 38.82 -42.94 -39.19
C ASN C 813 37.89 -43.66 -38.23
N ALA C 814 36.59 -43.38 -38.32
CA ALA C 814 35.58 -44.14 -37.58
C ALA C 814 35.89 -44.23 -36.09
N THR C 815 36.62 -43.22 -35.59
CA THR C 815 37.13 -43.32 -34.23
C THR C 815 36.02 -43.42 -33.20
N ASN C 816 34.81 -42.96 -33.54
CA ASN C 816 33.65 -43.13 -32.67
C ASN C 816 32.54 -43.75 -33.49
N LEU C 817 32.55 -45.07 -33.61
CA LEU C 817 31.40 -45.81 -34.13
C LEU C 817 30.71 -46.46 -32.94
N TRP C 818 29.84 -45.70 -32.29
CA TRP C 818 29.01 -46.26 -31.25
C TRP C 818 28.10 -47.36 -31.77
N LYS C 819 27.75 -47.36 -33.05
CA LYS C 819 26.73 -48.26 -33.55
C LYS C 819 26.77 -48.42 -35.05
N LEU C 820 26.84 -49.67 -35.51
CA LEU C 820 26.76 -49.98 -36.93
C LEU C 820 26.04 -51.31 -37.07
N ASN C 821 24.91 -51.31 -37.77
CA ASN C 821 24.15 -52.53 -37.96
C ASN C 821 23.62 -52.60 -39.38
N LEU C 822 23.55 -53.83 -39.90
CA LEU C 822 23.15 -54.14 -41.26
C LEU C 822 22.20 -55.33 -41.27
N LEU C 823 21.42 -55.48 -40.21
CA LEU C 823 20.55 -56.64 -40.02
C LEU C 823 19.62 -56.86 -41.20
N ASN C 824 19.84 -57.94 -41.95
CA ASN C 824 19.09 -58.36 -43.14
C ASN C 824 19.48 -57.58 -44.38
N CYS C 825 20.56 -56.81 -44.34
CA CYS C 825 20.98 -56.04 -45.51
C CYS C 825 21.60 -57.01 -46.52
N SER C 826 20.73 -57.77 -47.18
CA SER C 826 21.17 -58.78 -48.12
C SER C 826 21.70 -58.10 -49.38
N SER C 827 22.07 -58.90 -50.37
CA SER C 827 22.60 -58.45 -51.66
C SER C 827 23.86 -57.60 -51.52
N LEU C 828 24.48 -57.57 -50.35
CA LEU C 828 25.81 -57.00 -50.25
C LEU C 828 26.81 -57.91 -50.96
N ILE C 829 28.03 -57.40 -51.11
CA ILE C 829 29.12 -58.16 -51.72
C ILE C 829 30.33 -58.22 -50.80
N GLU C 830 30.79 -57.07 -50.32
CA GLU C 830 31.99 -57.00 -49.52
C GLU C 830 31.74 -56.08 -48.33
N LEU C 831 32.81 -55.74 -47.64
CA LEU C 831 32.79 -54.76 -46.58
C LEU C 831 34.02 -53.88 -46.70
N PRO C 832 33.87 -52.57 -46.66
CA PRO C 832 35.03 -51.68 -46.83
C PRO C 832 36.11 -51.98 -45.82
N LEU C 833 37.36 -52.02 -46.30
CA LEU C 833 38.47 -52.42 -45.45
C LEU C 833 38.64 -51.46 -44.28
N SER C 834 38.20 -50.23 -44.42
CA SER C 834 38.34 -49.25 -43.34
C SER C 834 37.47 -49.58 -42.14
N ILE C 835 36.59 -50.58 -42.25
CA ILE C 835 35.71 -50.91 -41.13
C ILE C 835 36.52 -51.29 -39.90
N GLY C 836 37.70 -51.87 -40.10
CA GLY C 836 38.53 -52.24 -38.97
C GLY C 836 39.16 -51.06 -38.26
N THR C 837 38.97 -49.86 -38.78
CA THR C 837 39.55 -48.68 -38.15
C THR C 837 38.75 -48.28 -36.92
N ALA C 838 37.52 -48.77 -36.78
CA ALA C 838 36.65 -48.42 -35.66
C ALA C 838 37.17 -49.07 -34.39
N THR C 839 37.93 -48.31 -33.61
CA THR C 839 38.58 -48.85 -32.43
C THR C 839 37.65 -49.07 -31.25
N ASN C 840 36.47 -48.46 -31.24
CA ASN C 840 35.60 -48.54 -30.08
C ASN C 840 34.27 -49.22 -30.35
N LEU C 841 34.09 -49.84 -31.52
CA LEU C 841 32.84 -50.50 -31.85
C LEU C 841 32.75 -51.80 -31.06
N LYS C 842 31.99 -51.77 -29.96
CA LYS C 842 31.93 -52.94 -29.10
C LYS C 842 31.08 -54.06 -29.70
N HIS C 843 29.95 -53.71 -30.29
CA HIS C 843 28.98 -54.68 -30.77
C HIS C 843 28.86 -54.57 -32.28
N LEU C 844 28.50 -55.66 -32.93
CA LEU C 844 28.47 -55.67 -34.38
C LEU C 844 27.56 -56.78 -34.87
N ASP C 845 26.68 -56.46 -35.83
CA ASP C 845 25.74 -57.42 -36.38
C ASP C 845 25.88 -57.51 -37.88
N PHE C 846 25.66 -58.72 -38.41
CA PHE C 846 25.39 -58.88 -39.83
C PHE C 846 24.32 -59.93 -40.07
N ARG C 847 23.45 -60.17 -39.11
CA ARG C 847 22.46 -61.23 -39.24
C ARG C 847 21.62 -61.02 -40.49
N GLY C 848 21.48 -62.07 -41.28
CA GLY C 848 20.72 -62.00 -42.50
C GLY C 848 21.49 -61.48 -43.70
N CYS C 849 22.75 -61.10 -43.53
CA CYS C 849 23.52 -60.50 -44.62
C CYS C 849 23.92 -61.60 -45.59
N SER C 850 22.93 -62.06 -46.35
CA SER C 850 23.17 -63.09 -47.33
C SER C 850 24.04 -62.54 -48.47
N SER C 851 24.57 -63.46 -49.28
CA SER C 851 25.39 -63.16 -50.44
C SER C 851 26.64 -62.37 -50.09
N LEU C 852 27.03 -62.31 -48.83
CA LEU C 852 28.29 -61.70 -48.44
C LEU C 852 29.39 -62.76 -48.55
N VAL C 853 30.37 -62.51 -49.41
CA VAL C 853 31.32 -63.57 -49.78
C VAL C 853 32.36 -63.78 -48.69
N LYS C 854 33.05 -62.71 -48.29
CA LYS C 854 34.15 -62.85 -47.34
C LYS C 854 34.23 -61.61 -46.47
N LEU C 855 34.63 -61.82 -45.23
CA LEU C 855 34.86 -60.69 -44.35
C LEU C 855 36.18 -60.00 -44.71
N PRO C 856 36.30 -58.71 -44.43
CA PRO C 856 37.57 -58.03 -44.68
C PRO C 856 38.66 -58.53 -43.75
N SER C 857 39.90 -58.45 -44.23
CA SER C 857 41.04 -58.92 -43.45
C SER C 857 41.40 -57.99 -42.32
N SER C 858 40.82 -56.79 -42.27
CA SER C 858 41.16 -55.82 -41.24
C SER C 858 40.31 -55.94 -39.99
N ILE C 859 39.45 -56.96 -39.92
CA ILE C 859 38.56 -57.10 -38.77
C ILE C 859 39.34 -57.18 -37.48
N GLY C 860 40.49 -57.87 -37.52
CA GLY C 860 41.31 -58.00 -36.33
C GLY C 860 41.78 -56.68 -35.75
N ASP C 861 41.83 -55.63 -36.56
CA ASP C 861 42.22 -54.32 -36.05
C ASP C 861 41.25 -53.81 -35.00
N MET C 862 39.99 -54.24 -35.04
CA MET C 862 39.01 -53.79 -34.07
C MET C 862 39.44 -54.20 -32.66
N THR C 863 39.15 -53.32 -31.71
CA THR C 863 39.39 -53.61 -30.31
C THR C 863 38.11 -53.30 -29.55
N ASN C 864 37.97 -53.93 -28.38
CA ASN C 864 36.77 -53.86 -27.56
C ASN C 864 35.56 -54.47 -28.24
N LEU C 865 35.75 -55.06 -29.42
CA LEU C 865 34.66 -55.77 -30.10
C LEU C 865 34.25 -56.96 -29.26
N GLU C 866 33.06 -56.90 -28.67
CA GLU C 866 32.63 -57.91 -27.71
C GLU C 866 31.66 -58.92 -28.28
N VAL C 867 30.75 -58.50 -29.16
CA VAL C 867 29.69 -59.36 -29.66
C VAL C 867 29.73 -59.35 -31.18
N PHE C 868 29.67 -60.53 -31.78
CA PHE C 868 29.77 -60.63 -33.24
C PHE C 868 28.69 -61.58 -33.73
N TYR C 869 27.57 -61.03 -34.18
CA TYR C 869 26.47 -61.84 -34.71
C TYR C 869 26.64 -62.09 -36.19
N LEU C 870 26.57 -63.35 -36.58
CA LEU C 870 26.36 -63.74 -37.96
C LEU C 870 25.31 -64.83 -37.95
N SER C 871 24.26 -64.66 -38.75
CA SER C 871 23.21 -65.67 -38.80
C SER C 871 22.76 -65.83 -40.23
N ASN C 872 22.62 -67.10 -40.64
CA ASN C 872 22.30 -67.50 -42.00
C ASN C 872 23.01 -66.62 -43.02
N CYS C 873 24.26 -66.29 -42.74
CA CYS C 873 25.11 -65.52 -43.63
C CYS C 873 25.73 -66.47 -44.65
N SER C 874 24.86 -67.04 -45.48
CA SER C 874 25.31 -68.02 -46.46
C SER C 874 26.27 -67.38 -47.45
N ASN C 875 27.05 -68.23 -48.11
CA ASN C 875 28.09 -67.82 -49.04
C ASN C 875 29.24 -67.09 -48.36
N LEU C 876 29.41 -67.29 -47.05
CA LEU C 876 30.57 -66.76 -46.34
C LEU C 876 31.62 -67.86 -46.18
N VAL C 877 32.23 -68.22 -47.31
CA VAL C 877 33.18 -69.35 -47.32
C VAL C 877 34.56 -68.75 -47.04
N GLU C 878 34.79 -68.42 -45.77
CA GLU C 878 36.07 -68.05 -45.19
C GLU C 878 35.82 -67.66 -43.74
N LEU C 879 36.90 -67.42 -43.02
CA LEU C 879 36.89 -66.58 -41.84
C LEU C 879 38.31 -66.09 -41.62
N PRO C 880 38.54 -64.78 -41.62
CA PRO C 880 39.92 -64.28 -41.63
C PRO C 880 40.70 -64.72 -40.40
N SER C 881 41.99 -64.93 -40.60
CA SER C 881 42.86 -65.42 -39.53
C SER C 881 43.30 -64.32 -38.57
N SER C 882 42.94 -63.07 -38.83
CA SER C 882 43.29 -61.98 -37.93
C SER C 882 42.38 -61.91 -36.72
N ILE C 883 41.39 -62.79 -36.63
CA ILE C 883 40.44 -62.75 -35.52
C ILE C 883 41.15 -62.92 -34.19
N GLY C 884 42.26 -63.65 -34.18
CA GLY C 884 43.00 -63.86 -32.96
C GLY C 884 43.48 -62.56 -32.35
N ASN C 885 43.57 -61.53 -33.17
CA ASN C 885 43.96 -60.21 -32.69
C ASN C 885 42.91 -59.58 -31.79
N LEU C 886 41.67 -60.08 -31.81
CA LEU C 886 40.56 -59.39 -31.16
C LEU C 886 40.70 -59.44 -29.64
N ARG C 887 40.80 -60.64 -29.08
CA ARG C 887 41.14 -60.85 -27.67
C ARG C 887 40.15 -60.23 -26.70
N LYS C 888 38.94 -59.86 -27.15
CA LYS C 888 37.92 -59.43 -26.20
C LYS C 888 36.52 -59.97 -26.48
N LEU C 889 36.23 -60.51 -27.66
CA LEU C 889 34.86 -60.85 -27.96
C LEU C 889 34.40 -62.04 -27.12
N THR C 890 33.27 -61.88 -26.45
CA THR C 890 32.79 -62.94 -25.56
C THR C 890 32.06 -64.02 -26.35
N LEU C 891 31.15 -63.64 -27.23
CA LEU C 891 30.39 -64.63 -27.98
C LEU C 891 30.50 -64.35 -29.47
N LEU C 892 30.44 -65.43 -30.24
CA LEU C 892 30.54 -65.37 -31.69
C LEU C 892 29.42 -66.25 -32.24
N LEU C 893 28.26 -65.64 -32.44
CA LEU C 893 27.11 -66.37 -32.97
C LEU C 893 27.27 -66.48 -34.48
N MET C 894 27.39 -67.71 -34.97
CA MET C 894 27.56 -67.94 -36.40
C MET C 894 26.63 -69.09 -36.78
N ARG C 895 25.39 -68.76 -37.10
CA ARG C 895 24.32 -69.72 -37.27
C ARG C 895 23.88 -69.79 -38.72
N GLY C 896 23.60 -71.00 -39.19
CA GLY C 896 23.04 -71.17 -40.51
C GLY C 896 23.95 -70.82 -41.65
N CYS C 897 25.22 -70.55 -41.39
CA CYS C 897 26.15 -70.17 -42.46
C CYS C 897 26.48 -71.44 -43.24
N SER C 898 25.53 -71.83 -44.08
CA SER C 898 25.51 -73.16 -44.69
C SER C 898 26.74 -73.45 -45.54
N LYS C 899 27.43 -72.43 -46.03
CA LYS C 899 28.59 -72.66 -46.88
C LYS C 899 29.92 -72.40 -46.19
N LEU C 900 29.93 -71.99 -44.93
CA LEU C 900 31.19 -71.84 -44.21
C LEU C 900 31.88 -73.18 -44.14
N GLU C 901 33.17 -73.21 -44.48
CA GLU C 901 33.87 -74.48 -44.63
C GLU C 901 35.04 -74.64 -43.67
N THR C 902 35.75 -73.57 -43.37
CA THR C 902 36.93 -73.66 -42.50
C THR C 902 36.89 -72.55 -41.46
N LEU C 903 37.74 -72.70 -40.45
CA LEU C 903 37.95 -71.67 -39.44
C LEU C 903 39.44 -71.46 -39.25
N PRO C 904 39.86 -70.26 -38.88
CA PRO C 904 41.27 -70.05 -38.53
C PRO C 904 41.66 -70.92 -37.34
N THR C 905 42.89 -71.42 -37.38
CA THR C 905 43.29 -72.52 -36.51
C THR C 905 44.27 -72.12 -35.43
N ASN C 906 45.42 -71.53 -35.78
CA ASN C 906 46.47 -71.27 -34.81
C ASN C 906 46.16 -70.01 -33.99
N ILE C 907 45.03 -70.06 -33.31
CA ILE C 907 44.49 -68.90 -32.60
C ILE C 907 44.03 -69.33 -31.21
N ASN C 908 44.34 -68.50 -30.22
CA ASN C 908 43.76 -68.62 -28.89
C ASN C 908 43.11 -67.29 -28.56
N LEU C 909 41.80 -67.31 -28.34
CA LEU C 909 41.05 -66.14 -27.92
C LEU C 909 40.96 -66.20 -26.40
N LYS C 910 41.52 -65.19 -25.73
CA LYS C 910 41.74 -65.29 -24.30
C LYS C 910 40.42 -65.35 -23.52
N SER C 911 39.37 -64.73 -24.02
CA SER C 911 38.07 -64.72 -23.34
C SER C 911 36.99 -64.84 -24.40
N LEU C 912 36.59 -66.08 -24.67
CA LEU C 912 35.54 -66.38 -25.63
C LEU C 912 34.50 -67.24 -24.93
N HIS C 913 33.35 -66.65 -24.64
CA HIS C 913 32.36 -67.35 -23.83
C HIS C 913 31.71 -68.49 -24.60
N THR C 914 31.06 -68.17 -25.72
CA THR C 914 30.30 -69.17 -26.46
C THR C 914 30.81 -69.23 -27.89
N LEU C 915 30.38 -70.25 -28.61
CA LEU C 915 30.65 -70.36 -30.04
C LEU C 915 29.49 -71.14 -30.63
N ASN C 916 28.56 -70.44 -31.26
CA ASN C 916 27.28 -71.02 -31.65
C ASN C 916 27.32 -71.28 -33.15
N LEU C 917 27.77 -72.47 -33.52
CA LEU C 917 27.85 -72.89 -34.92
C LEU C 917 26.79 -73.97 -35.12
N ILE C 918 25.58 -73.57 -35.48
CA ILE C 918 24.47 -74.48 -35.68
C ILE C 918 24.13 -74.52 -37.15
N ASP C 919 23.92 -75.73 -37.67
CA ASP C 919 23.52 -75.95 -39.06
C ASP C 919 24.56 -75.47 -40.05
N CYS C 920 25.81 -75.37 -39.63
CA CYS C 920 26.91 -75.05 -40.55
C CYS C 920 27.16 -76.31 -41.37
N SER C 921 26.38 -76.44 -42.44
CA SER C 921 26.23 -77.73 -43.12
C SER C 921 27.52 -78.22 -43.76
N ARG C 922 28.54 -77.37 -43.90
CA ARG C 922 29.76 -77.78 -44.56
C ARG C 922 30.99 -77.42 -43.75
N LEU C 923 30.86 -77.42 -42.42
CA LEU C 923 31.99 -77.00 -41.58
C LEU C 923 33.09 -78.06 -41.59
N LYS C 924 32.73 -79.33 -41.45
CA LYS C 924 33.55 -80.45 -41.92
C LYS C 924 34.85 -80.65 -41.14
N SER C 925 35.19 -79.76 -40.21
CA SER C 925 36.43 -79.91 -39.48
C SER C 925 36.31 -79.22 -38.13
N PHE C 926 36.64 -79.94 -37.08
CA PHE C 926 36.31 -79.48 -35.73
C PHE C 926 36.87 -78.08 -35.49
N PRO C 927 36.09 -77.18 -34.94
CA PRO C 927 36.57 -75.82 -34.66
C PRO C 927 37.52 -75.84 -33.48
N GLU C 928 38.81 -75.71 -33.76
CA GLU C 928 39.83 -75.78 -32.73
C GLU C 928 40.49 -74.43 -32.59
N ILE C 929 39.91 -73.56 -31.79
CA ILE C 929 40.60 -72.41 -31.23
C ILE C 929 40.76 -72.68 -29.75
N SER C 930 41.98 -73.03 -29.35
CA SER C 930 42.24 -73.57 -28.02
C SER C 930 42.03 -72.49 -26.96
N THR C 931 40.83 -72.48 -26.39
CA THR C 931 40.39 -71.34 -25.59
C THR C 931 39.65 -71.80 -24.35
N HIS C 932 38.95 -70.88 -23.71
CA HIS C 932 38.17 -71.14 -22.51
C HIS C 932 36.68 -71.13 -22.82
N ILE C 933 36.31 -71.72 -23.97
CA ILE C 933 34.92 -71.80 -24.38
C ILE C 933 34.09 -72.50 -23.31
N LYS C 934 32.92 -71.95 -23.01
CA LYS C 934 32.04 -72.54 -22.02
C LYS C 934 30.73 -73.06 -22.62
N TYR C 935 30.31 -72.56 -23.77
CA TYR C 935 29.07 -72.97 -24.43
C TYR C 935 29.42 -73.25 -25.88
N LEU C 936 29.65 -74.49 -26.23
CA LEU C 936 29.92 -74.88 -27.61
C LEU C 936 28.67 -75.55 -28.16
N ARG C 937 28.16 -75.02 -29.27
CA ARG C 937 26.97 -75.56 -29.91
C ARG C 937 27.32 -75.95 -31.34
N LEU C 938 27.39 -77.25 -31.59
CA LEU C 938 27.76 -77.79 -32.90
C LEU C 938 26.70 -78.81 -33.29
N ILE C 939 25.61 -78.33 -33.88
CA ILE C 939 24.48 -79.17 -34.23
C ILE C 939 24.15 -78.95 -35.69
N GLY C 940 23.97 -80.04 -36.42
CA GLY C 940 23.79 -79.95 -37.86
C GLY C 940 25.07 -79.74 -38.63
N THR C 941 26.21 -79.86 -37.99
CA THR C 941 27.49 -79.72 -38.67
C THR C 941 27.80 -81.02 -39.40
N ALA C 942 29.01 -81.12 -39.94
CA ALA C 942 29.44 -82.32 -40.63
C ALA C 942 30.89 -82.65 -40.26
N ILE C 943 31.20 -82.54 -38.97
CA ILE C 943 32.58 -82.66 -38.52
C ILE C 943 33.03 -84.11 -38.43
N LYS C 944 32.28 -84.95 -37.70
CA LYS C 944 32.57 -86.37 -37.59
C LYS C 944 34.00 -86.64 -37.10
N GLU C 945 34.44 -85.86 -36.14
CA GLU C 945 35.75 -86.04 -35.53
C GLU C 945 35.83 -85.19 -34.27
N VAL C 946 36.65 -85.63 -33.32
CA VAL C 946 36.85 -84.88 -32.09
C VAL C 946 38.33 -84.93 -31.72
N PRO C 947 39.02 -83.79 -31.66
CA PRO C 947 40.47 -83.82 -31.40
C PRO C 947 40.79 -84.21 -29.96
N LEU C 948 42.06 -84.49 -29.69
CA LEU C 948 42.49 -84.92 -28.37
C LEU C 948 42.95 -83.77 -27.48
N SER C 949 43.10 -82.57 -28.03
CA SER C 949 43.56 -81.45 -27.22
C SER C 949 42.52 -80.99 -26.22
N ILE C 950 41.28 -81.49 -26.31
CA ILE C 950 40.17 -80.91 -25.58
C ILE C 950 40.34 -81.06 -24.08
N MET C 951 41.10 -82.06 -23.62
CA MET C 951 41.30 -82.18 -22.18
C MET C 951 42.07 -80.99 -21.60
N SER C 952 42.69 -80.18 -22.44
CA SER C 952 43.27 -78.92 -21.98
C SER C 952 42.19 -77.96 -21.49
N TRP C 953 40.94 -78.17 -21.91
CA TRP C 953 39.84 -77.27 -21.59
C TRP C 953 39.05 -77.90 -20.45
N SER C 954 39.17 -77.36 -19.24
CA SER C 954 38.58 -78.09 -18.14
C SER C 954 37.07 -77.85 -18.00
N PRO C 955 36.58 -76.59 -18.00
CA PRO C 955 35.13 -76.42 -17.87
C PRO C 955 34.43 -76.32 -19.21
N LEU C 956 33.32 -77.05 -19.36
CA LEU C 956 32.36 -76.80 -20.44
C LEU C 956 30.98 -76.94 -19.86
N ALA C 957 30.20 -75.87 -19.89
CA ALA C 957 28.83 -75.93 -19.41
C ALA C 957 27.87 -76.49 -20.44
N HIS C 958 28.21 -76.40 -21.72
CA HIS C 958 27.31 -76.87 -22.78
C HIS C 958 28.16 -77.25 -23.99
N PHE C 959 28.27 -78.54 -24.25
CA PHE C 959 28.88 -79.04 -25.47
C PHE C 959 27.84 -79.91 -26.16
N GLN C 960 27.30 -79.43 -27.28
CA GLN C 960 26.18 -80.05 -27.95
C GLN C 960 26.59 -80.46 -29.35
N ILE C 961 26.47 -81.75 -29.64
CA ILE C 961 26.85 -82.28 -30.94
C ILE C 961 25.70 -83.10 -31.51
N SER C 962 25.57 -83.09 -32.83
CA SER C 962 24.62 -83.95 -33.51
C SER C 962 25.25 -85.32 -33.73
N TYR C 963 24.57 -86.35 -33.24
CA TYR C 963 25.15 -87.68 -33.16
C TYR C 963 25.46 -88.21 -34.55
N PHE C 964 26.72 -88.52 -34.79
CA PHE C 964 27.12 -89.38 -35.90
C PHE C 964 27.58 -90.72 -35.34
N GLU C 965 27.55 -91.74 -36.19
CA GLU C 965 27.74 -93.10 -35.73
C GLU C 965 29.12 -93.30 -35.11
N SER C 966 30.15 -92.75 -35.74
CA SER C 966 31.51 -93.02 -35.29
C SER C 966 31.93 -92.09 -34.16
N LEU C 967 31.09 -91.95 -33.14
CA LEU C 967 31.53 -91.33 -31.90
C LEU C 967 32.19 -92.32 -30.97
N LYS C 968 32.03 -93.62 -31.23
CA LYS C 968 32.39 -94.62 -30.23
C LYS C 968 33.89 -94.76 -30.10
N GLU C 969 34.64 -94.35 -31.11
CA GLU C 969 36.09 -94.41 -31.03
C GLU C 969 36.71 -93.17 -30.43
N PHE C 970 35.92 -92.29 -29.81
CA PHE C 970 36.44 -91.06 -29.20
C PHE C 970 36.03 -91.04 -27.73
N PRO C 971 36.66 -91.89 -26.91
CA PRO C 971 36.29 -91.92 -25.49
C PRO C 971 36.56 -90.62 -24.77
N HIS C 972 37.48 -89.80 -25.29
CA HIS C 972 37.73 -88.51 -24.69
C HIS C 972 36.57 -87.56 -24.90
N ALA C 973 35.74 -87.82 -25.91
CA ALA C 973 34.62 -86.92 -26.18
C ALA C 973 33.42 -87.21 -25.28
N LEU C 974 33.24 -88.48 -24.89
CA LEU C 974 32.00 -88.87 -24.22
C LEU C 974 31.83 -88.18 -22.87
N ASP C 975 32.89 -88.13 -22.07
CA ASP C 975 32.74 -87.59 -20.73
C ASP C 975 32.63 -86.08 -20.71
N ILE C 976 32.86 -85.42 -21.85
CA ILE C 976 32.90 -83.96 -21.89
C ILE C 976 31.82 -83.54 -22.89
N ILE C 977 30.70 -84.24 -22.89
CA ILE C 977 29.57 -83.89 -23.73
C ILE C 977 28.43 -83.44 -22.82
N THR C 978 27.48 -82.70 -23.38
CA THR C 978 26.28 -82.35 -22.64
C THR C 978 25.00 -82.79 -23.33
N GLU C 979 24.84 -82.49 -24.61
CA GLU C 979 23.61 -82.79 -25.33
C GLU C 979 23.90 -83.72 -26.50
N LEU C 980 22.85 -84.07 -27.24
CA LEU C 980 22.98 -84.99 -28.36
C LEU C 980 21.67 -84.99 -29.13
N GLN C 981 21.74 -85.07 -30.45
CA GLN C 981 20.56 -85.09 -31.30
C GLN C 981 20.67 -86.25 -32.28
N LEU C 982 19.87 -87.29 -32.07
CA LEU C 982 19.81 -88.36 -33.05
C LEU C 982 19.17 -87.85 -34.33
N SER C 983 19.57 -88.46 -35.45
CA SER C 983 19.29 -87.91 -36.76
C SER C 983 17.86 -88.24 -37.20
N LYS C 984 17.55 -87.88 -38.44
CA LYS C 984 16.25 -88.18 -39.01
C LYS C 984 15.98 -89.67 -39.06
N ASP C 985 17.05 -90.48 -39.09
CA ASP C 985 16.88 -91.96 -39.25
C ASP C 985 18.02 -92.75 -38.59
N ILE C 986 17.79 -93.29 -37.39
CA ILE C 986 18.78 -94.11 -36.69
C ILE C 986 18.03 -95.31 -36.13
N GLN C 987 18.15 -96.46 -36.80
CA GLN C 987 17.52 -97.66 -36.30
C GLN C 987 18.13 -98.09 -34.98
N GLU C 988 19.45 -98.02 -34.88
CA GLU C 988 20.14 -98.58 -33.73
C GLU C 988 19.79 -97.81 -32.47
N VAL C 989 19.81 -98.53 -31.35
CA VAL C 989 19.48 -97.98 -30.04
C VAL C 989 20.77 -98.00 -29.24
N PRO C 990 21.47 -96.88 -29.12
CA PRO C 990 22.88 -96.91 -28.72
C PRO C 990 23.04 -97.17 -27.23
N PRO C 991 23.52 -98.34 -26.84
CA PRO C 991 23.80 -98.58 -25.42
C PRO C 991 24.93 -97.73 -24.87
N TRP C 992 25.84 -97.26 -25.74
CA TRP C 992 26.99 -96.49 -25.29
C TRP C 992 26.60 -95.29 -24.47
N VAL C 993 25.41 -94.74 -24.69
CA VAL C 993 24.98 -93.56 -23.97
C VAL C 993 24.99 -93.78 -22.46
N LYS C 994 24.89 -95.03 -22.01
CA LYS C 994 24.95 -95.29 -20.59
C LYS C 994 26.33 -94.96 -20.02
N ARG C 995 27.39 -95.30 -20.76
CA ARG C 995 28.74 -95.02 -20.27
C ARG C 995 28.99 -93.53 -20.21
N MET C 996 28.71 -92.81 -21.30
CA MET C 996 28.89 -91.37 -21.35
C MET C 996 28.00 -90.68 -20.33
N SER C 997 28.60 -89.78 -19.53
CA SER C 997 28.00 -89.38 -18.26
C SER C 997 27.13 -88.14 -18.36
N ARG C 998 27.73 -87.00 -18.69
CA ARG C 998 26.99 -85.74 -18.65
C ARG C 998 26.03 -85.66 -19.83
N LEU C 999 24.78 -86.02 -19.59
CA LEU C 999 23.72 -86.00 -20.60
C LEU C 999 22.56 -85.15 -20.13
N ARG C 1000 22.86 -83.93 -19.73
CA ARG C 1000 21.85 -82.97 -19.30
C ARG C 1000 20.62 -83.04 -20.19
N ALA C 1001 20.81 -83.23 -21.49
CA ALA C 1001 19.69 -83.32 -22.42
C ALA C 1001 19.98 -84.40 -23.44
N LEU C 1002 18.90 -84.91 -24.04
CA LEU C 1002 18.97 -85.81 -25.18
C LEU C 1002 17.77 -85.53 -26.06
N ARG C 1003 18.01 -85.26 -27.33
CA ARG C 1003 16.94 -84.86 -28.23
C ARG C 1003 16.82 -85.85 -29.37
N LEU C 1004 15.58 -86.07 -29.81
CA LEU C 1004 15.30 -87.08 -30.87
C LEU C 1004 14.47 -86.41 -31.98
N ASN C 1005 15.09 -85.59 -32.84
CA ASN C 1005 14.31 -85.03 -33.96
C ASN C 1005 13.93 -86.18 -34.90
N ASN C 1006 12.64 -86.27 -35.26
CA ASN C 1006 12.17 -87.32 -36.21
C ASN C 1006 12.62 -88.70 -35.72
N CYS C 1007 13.42 -89.42 -36.52
CA CYS C 1007 13.84 -90.81 -36.19
C CYS C 1007 12.59 -91.69 -36.21
N ASN C 1008 11.79 -91.59 -37.28
CA ASN C 1008 10.59 -92.45 -37.39
C ASN C 1008 11.00 -93.93 -37.27
N ASN C 1009 12.11 -94.30 -37.90
CA ASN C 1009 12.61 -95.70 -37.80
C ASN C 1009 13.52 -95.85 -36.59
N LEU C 1010 12.97 -95.81 -35.37
CA LEU C 1010 13.78 -96.05 -34.15
C LEU C 1010 13.06 -97.15 -33.35
N VAL C 1011 13.77 -98.23 -33.00
CA VAL C 1011 13.09 -99.37 -32.32
C VAL C 1011 12.59 -98.92 -30.94
N SER C 1012 13.44 -98.23 -30.16
CA SER C 1012 13.06 -97.83 -28.78
C SER C 1012 14.00 -96.73 -28.28
N LEU C 1013 13.64 -96.06 -27.19
CA LEU C 1013 14.58 -95.06 -26.59
C LEU C 1013 15.75 -95.81 -25.96
N PRO C 1014 17.00 -95.30 -26.04
CA PRO C 1014 18.15 -95.94 -25.36
C PRO C 1014 18.01 -95.87 -23.83
N GLN C 1015 18.62 -96.83 -23.13
CA GLN C 1015 18.57 -96.80 -21.65
C GLN C 1015 19.17 -95.46 -21.22
N LEU C 1016 18.45 -94.71 -20.37
CA LEU C 1016 18.93 -93.34 -20.01
C LEU C 1016 20.12 -93.43 -19.06
N PRO C 1017 21.15 -92.56 -19.21
CA PRO C 1017 22.27 -92.52 -18.26
C PRO C 1017 21.82 -91.90 -16.93
N ASP C 1018 22.61 -92.09 -15.87
CA ASP C 1018 22.19 -91.58 -14.53
C ASP C 1018 22.01 -90.06 -14.59
N SER C 1019 22.90 -89.35 -15.27
CA SER C 1019 22.73 -87.88 -15.42
C SER C 1019 21.85 -87.55 -16.63
N LEU C 1020 20.51 -87.62 -16.47
CA LEU C 1020 19.58 -87.23 -17.55
C LEU C 1020 18.64 -86.16 -16.97
N ALA C 1021 18.53 -84.99 -17.59
CA ALA C 1021 17.56 -83.99 -17.08
C ALA C 1021 16.50 -83.64 -18.13
N TYR C 1022 16.79 -83.88 -19.42
CA TYR C 1022 15.82 -83.47 -20.48
C TYR C 1022 15.67 -84.57 -21.53
N LEU C 1023 14.42 -84.89 -21.91
CA LEU C 1023 14.20 -85.87 -23.02
C LEU C 1023 13.20 -85.26 -24.00
N TYR C 1024 13.55 -85.22 -25.30
CA TYR C 1024 12.65 -84.58 -26.30
C TYR C 1024 12.43 -85.51 -27.50
N ALA C 1025 11.18 -85.68 -27.93
CA ALA C 1025 10.88 -86.47 -29.16
C ALA C 1025 9.91 -85.63 -29.99
N ASP C 1026 10.38 -84.59 -30.68
CA ASP C 1026 9.45 -83.62 -31.34
C ASP C 1026 8.52 -84.35 -32.29
N ASN C 1027 9.02 -85.25 -33.11
CA ASN C 1027 8.13 -86.10 -33.95
C ASN C 1027 8.72 -87.50 -33.84
N CYS C 1028 7.90 -88.55 -33.83
CA CYS C 1028 8.43 -89.93 -33.83
C CYS C 1028 7.34 -90.90 -34.29
N LYS C 1029 7.70 -92.12 -34.67
CA LYS C 1029 6.64 -93.09 -35.02
C LYS C 1029 6.54 -94.16 -33.94
N SER C 1030 7.54 -95.03 -33.82
CA SER C 1030 7.41 -96.14 -32.88
C SER C 1030 8.35 -95.94 -31.70
N LEU C 1031 7.77 -95.88 -30.50
CA LEU C 1031 8.53 -95.87 -29.25
C LEU C 1031 7.93 -96.87 -28.28
N GLU C 1032 7.71 -98.10 -28.74
CA GLU C 1032 6.93 -99.06 -27.96
C GLU C 1032 7.45 -99.18 -26.53
N ARG C 1033 8.75 -99.28 -26.32
CA ARG C 1033 9.24 -99.53 -24.99
C ARG C 1033 10.27 -98.48 -24.58
N LEU C 1034 10.24 -98.15 -23.29
CA LEU C 1034 11.24 -97.21 -22.71
C LEU C 1034 11.83 -98.01 -21.56
N ASP C 1035 12.80 -98.88 -21.85
CA ASP C 1035 13.31 -99.80 -20.80
C ASP C 1035 14.32 -99.10 -19.89
N CYS C 1036 13.85 -98.22 -19.01
CA CYS C 1036 14.76 -97.55 -18.04
C CYS C 1036 13.99 -96.83 -16.94
N CYS C 1037 14.19 -97.23 -15.67
CA CYS C 1037 13.64 -96.50 -14.55
C CYS C 1037 14.66 -95.44 -14.14
N PHE C 1038 14.45 -94.21 -14.58
CA PHE C 1038 15.37 -93.11 -14.35
C PHE C 1038 14.78 -92.15 -13.33
N ASN C 1039 15.57 -91.82 -12.31
CA ASN C 1039 15.10 -90.97 -11.22
C ASN C 1039 16.14 -89.94 -10.84
N ASN C 1040 16.76 -89.30 -11.82
CA ASN C 1040 17.83 -88.35 -11.53
C ASN C 1040 17.32 -87.17 -10.72
N PRO C 1041 16.45 -86.36 -11.32
CA PRO C 1041 16.19 -85.02 -10.82
C PRO C 1041 14.86 -84.56 -11.40
N GLU C 1042 14.65 -83.25 -11.41
CA GLU C 1042 13.51 -82.70 -12.11
C GLU C 1042 13.72 -82.88 -13.60
N ILE C 1043 13.18 -83.97 -14.15
CA ILE C 1043 13.44 -84.41 -15.50
C ILE C 1043 12.19 -84.14 -16.33
N ARG C 1044 12.38 -83.69 -17.57
CA ARG C 1044 11.28 -83.36 -18.45
C ARG C 1044 11.16 -84.41 -19.54
N LEU C 1045 9.98 -85.02 -19.64
CA LEU C 1045 9.72 -86.11 -20.57
C LEU C 1045 8.69 -85.61 -21.57
N TYR C 1046 9.20 -85.01 -22.65
CA TYR C 1046 8.29 -84.39 -23.65
C TYR C 1046 8.16 -85.30 -24.86
N PHE C 1047 6.93 -85.69 -25.18
CA PHE C 1047 6.69 -86.63 -26.31
C PHE C 1047 5.60 -86.03 -27.21
N PRO C 1048 5.89 -85.01 -28.05
CA PRO C 1048 4.86 -84.31 -28.82
C PRO C 1048 4.02 -85.14 -29.81
N LYS C 1049 4.61 -86.08 -30.55
CA LYS C 1049 3.76 -86.79 -31.54
C LYS C 1049 4.29 -88.22 -31.72
N CYS C 1050 4.06 -89.09 -30.72
CA CYS C 1050 4.55 -90.46 -30.83
C CYS C 1050 3.48 -91.33 -30.18
N PHE C 1051 2.71 -92.02 -31.00
CA PHE C 1051 1.53 -92.73 -30.50
C PHE C 1051 1.80 -94.19 -30.19
N LYS C 1052 2.72 -94.84 -30.90
CA LYS C 1052 2.99 -96.25 -30.65
C LYS C 1052 3.83 -96.40 -29.39
N LEU C 1053 3.17 -96.11 -28.27
CA LEU C 1053 3.74 -96.24 -26.94
C LEU C 1053 3.02 -97.35 -26.18
N ASN C 1054 3.80 -98.27 -25.62
CA ASN C 1054 3.19 -99.33 -24.82
C ASN C 1054 2.60 -98.76 -23.55
N GLN C 1055 1.62 -99.48 -23.01
CA GLN C 1055 0.92 -99.00 -21.83
C GLN C 1055 1.87 -98.84 -20.65
N GLU C 1056 2.78 -99.79 -20.47
CA GLU C 1056 3.74 -99.68 -19.38
C GLU C 1056 4.66 -98.48 -19.56
N ALA C 1057 5.11 -98.23 -20.80
CA ALA C 1057 5.93 -97.07 -21.06
C ALA C 1057 5.17 -95.79 -20.76
N ARG C 1058 3.92 -95.71 -21.21
CA ARG C 1058 3.09 -94.55 -20.92
C ARG C 1058 2.95 -94.34 -19.42
N ASP C 1059 2.64 -95.40 -18.69
CA ASP C 1059 2.49 -95.31 -17.24
C ASP C 1059 3.78 -94.82 -16.60
N LEU C 1060 4.91 -95.36 -17.04
CA LEU C 1060 6.20 -94.88 -16.56
C LEU C 1060 6.34 -93.38 -16.79
N ILE C 1061 5.90 -92.90 -17.95
CA ILE C 1061 6.04 -91.48 -18.23
C ILE C 1061 5.16 -90.65 -17.30
N MET C 1062 3.91 -91.05 -17.07
CA MET C 1062 3.10 -90.32 -16.11
C MET C 1062 3.63 -90.51 -14.69
N HIS C 1063 3.89 -91.74 -14.29
CA HIS C 1063 4.14 -92.03 -12.88
C HIS C 1063 5.57 -91.78 -12.45
N THR C 1064 6.43 -91.32 -13.33
CA THR C 1064 7.76 -90.89 -12.92
C THR C 1064 7.63 -89.62 -12.08
N SER C 1065 8.38 -89.57 -10.98
CA SER C 1065 8.30 -88.45 -10.05
C SER C 1065 9.30 -87.38 -10.48
N THR C 1066 8.81 -86.21 -10.82
CA THR C 1066 9.64 -85.08 -11.24
C THR C 1066 9.05 -83.79 -10.70
N ARG C 1067 9.69 -82.68 -11.05
CA ARG C 1067 9.22 -81.36 -10.68
C ARG C 1067 8.86 -80.51 -11.88
N ASN C 1068 8.82 -81.09 -13.08
CA ASN C 1068 8.49 -80.36 -14.28
C ASN C 1068 7.35 -81.07 -14.99
N PHE C 1069 6.99 -80.57 -16.16
CA PHE C 1069 5.88 -81.15 -16.91
C PHE C 1069 6.20 -82.54 -17.40
N ALA C 1070 5.23 -83.20 -18.02
CA ALA C 1070 5.45 -84.41 -18.79
C ALA C 1070 4.26 -84.52 -19.73
N MET C 1071 4.53 -84.67 -21.02
CA MET C 1071 3.48 -84.48 -22.00
C MET C 1071 3.44 -85.64 -22.99
N LEU C 1072 2.24 -86.17 -23.20
CA LEU C 1072 1.98 -87.42 -23.87
C LEU C 1072 0.94 -87.20 -24.97
N PRO C 1073 0.89 -88.09 -25.95
CA PRO C 1073 -0.26 -88.14 -26.85
C PRO C 1073 -1.41 -88.90 -26.23
N GLY C 1074 -2.49 -88.17 -25.91
CA GLY C 1074 -3.67 -88.80 -25.36
C GLY C 1074 -4.88 -87.96 -25.69
N THR C 1075 -6.05 -88.60 -25.66
CA THR C 1075 -7.30 -87.94 -26.00
C THR C 1075 -8.24 -87.82 -24.80
N GLN C 1076 -7.82 -88.30 -23.63
CA GLN C 1076 -8.66 -88.27 -22.45
C GLN C 1076 -7.76 -88.35 -21.23
N VAL C 1077 -8.18 -87.70 -20.15
CA VAL C 1077 -7.43 -87.86 -18.90
C VAL C 1077 -7.45 -89.33 -18.52
N PRO C 1078 -6.31 -89.94 -18.21
CA PRO C 1078 -6.31 -91.37 -17.85
C PRO C 1078 -7.10 -91.62 -16.58
N ALA C 1079 -7.65 -92.83 -16.49
CA ALA C 1079 -8.46 -93.20 -15.33
C ALA C 1079 -7.65 -93.22 -14.04
N CYS C 1080 -6.31 -93.25 -14.14
CA CYS C 1080 -5.49 -93.22 -12.94
C CYS C 1080 -5.77 -91.98 -12.09
N PHE C 1081 -6.10 -90.86 -12.74
CA PHE C 1081 -6.45 -89.65 -12.02
C PHE C 1081 -7.95 -89.70 -11.72
N ASN C 1082 -8.28 -89.99 -10.46
CA ASN C 1082 -9.67 -90.22 -10.10
C ASN C 1082 -10.49 -88.93 -10.23
N HIS C 1083 -10.01 -87.85 -9.63
CA HIS C 1083 -10.88 -86.70 -9.40
C HIS C 1083 -10.86 -85.80 -10.62
N ARG C 1084 -11.96 -85.77 -11.36
CA ARG C 1084 -12.03 -85.17 -12.67
C ARG C 1084 -13.00 -84.00 -12.69
N ALA C 1085 -12.81 -83.12 -13.67
CA ALA C 1085 -13.77 -82.07 -13.99
C ALA C 1085 -13.35 -81.43 -15.31
N THR C 1086 -14.09 -80.42 -15.72
CA THR C 1086 -13.80 -79.69 -16.94
C THR C 1086 -13.64 -78.20 -16.65
N SER C 1090 -10.15 -71.11 -15.57
CA SER C 1090 -10.98 -70.75 -14.42
C SER C 1090 -11.81 -71.94 -13.96
N LEU C 1091 -11.50 -73.12 -14.50
CA LEU C 1091 -12.22 -74.32 -14.15
C LEU C 1091 -11.93 -74.72 -12.72
N LYS C 1092 -12.82 -75.53 -12.15
CA LYS C 1092 -12.74 -75.94 -10.75
C LYS C 1092 -12.63 -77.44 -10.64
N ILE C 1093 -11.75 -77.89 -9.73
CA ILE C 1093 -11.58 -79.30 -9.41
C ILE C 1093 -11.87 -79.46 -7.93
N LYS C 1094 -12.78 -80.37 -7.59
CA LYS C 1094 -13.16 -80.63 -6.22
C LYS C 1094 -12.82 -82.06 -5.85
N LEU C 1095 -12.17 -82.23 -4.70
CA LEU C 1095 -11.99 -83.56 -4.15
C LEU C 1095 -11.78 -83.44 -2.65
N LYS C 1096 -12.03 -84.54 -1.96
CA LYS C 1096 -11.76 -84.64 -0.54
C LYS C 1096 -10.68 -85.70 -0.31
N GLU C 1097 -9.90 -85.49 0.74
CA GLU C 1097 -8.71 -86.29 0.98
C GLU C 1097 -8.92 -87.17 2.20
N SER C 1098 -8.37 -88.38 2.13
CA SER C 1098 -8.46 -89.37 3.19
C SER C 1098 -7.12 -89.40 3.93
N PRO C 1099 -6.98 -88.53 4.92
CA PRO C 1099 -5.78 -88.49 5.76
C PRO C 1099 -6.07 -87.65 6.99
N LEU C 1100 -5.33 -87.90 8.07
CA LEU C 1100 -5.55 -87.16 9.30
C LEU C 1100 -4.82 -85.83 9.29
N PRO C 1101 -3.49 -85.87 9.25
CA PRO C 1101 -2.69 -84.65 9.30
C PRO C 1101 -1.30 -84.97 8.75
N THR C 1102 -0.97 -84.41 7.58
CA THR C 1102 0.31 -84.67 6.94
C THR C 1102 0.50 -83.61 5.87
N THR C 1103 1.69 -83.59 5.28
CA THR C 1103 1.92 -82.88 4.03
C THR C 1103 1.61 -83.81 2.88
N LEU C 1104 0.76 -83.36 1.97
CA LEU C 1104 0.23 -84.19 0.90
C LEU C 1104 0.85 -83.82 -0.44
N THR C 1105 0.89 -84.81 -1.33
CA THR C 1105 1.49 -84.69 -2.65
C THR C 1105 0.48 -85.12 -3.70
N PHE C 1106 0.39 -84.36 -4.78
CA PHE C 1106 -0.66 -84.53 -5.78
C PHE C 1106 -0.06 -84.59 -7.17
N LYS C 1107 -0.68 -85.38 -8.03
CA LYS C 1107 -0.30 -85.43 -9.44
C LYS C 1107 -1.47 -84.92 -10.27
N ALA C 1108 -1.21 -83.94 -11.13
CA ALA C 1108 -2.23 -83.27 -11.91
C ALA C 1108 -2.06 -83.57 -13.39
N CYS C 1109 -3.19 -83.73 -14.08
CA CYS C 1109 -3.25 -84.05 -15.50
C CYS C 1109 -4.22 -83.10 -16.18
N ILE C 1110 -3.77 -82.50 -17.28
CA ILE C 1110 -4.50 -81.43 -17.97
C ILE C 1110 -4.45 -81.66 -19.46
N MET C 1111 -5.60 -81.49 -20.11
CA MET C 1111 -5.69 -81.39 -21.55
C MET C 1111 -5.93 -79.94 -21.92
N LEU C 1112 -5.89 -79.64 -23.23
CA LEU C 1112 -6.05 -78.23 -23.66
C LEU C 1112 -7.37 -78.08 -24.42
N VAL C 1113 -7.97 -76.88 -24.37
CA VAL C 1113 -9.24 -76.62 -25.12
C VAL C 1113 -8.92 -76.79 -26.61
N ASN C 1114 -9.80 -77.46 -27.36
CA ASN C 1114 -9.46 -77.72 -28.78
C ASN C 1114 -9.49 -76.36 -29.49
N GLU C 1115 -8.34 -75.88 -29.97
CA GLU C 1115 -8.28 -74.58 -30.68
C GLU C 1115 -7.43 -74.77 -31.93
N GLU C 1116 -7.10 -73.68 -32.62
CA GLU C 1116 -6.18 -73.79 -33.79
C GLU C 1116 -4.75 -73.71 -33.25
N MET C 1117 -4.32 -74.73 -32.49
CA MET C 1117 -2.97 -74.70 -31.89
C MET C 1117 -1.94 -74.70 -33.02
N SER C 1118 -0.94 -73.84 -32.92
CA SER C 1118 0.14 -73.82 -33.95
C SER C 1118 1.00 -75.07 -33.78
N TYR C 1119 1.39 -75.71 -34.89
CA TYR C 1119 2.31 -76.87 -34.80
C TYR C 1119 3.62 -76.40 -34.16
N ASP C 1120 4.02 -75.16 -34.47
CA ASP C 1120 5.31 -74.62 -33.95
C ASP C 1120 5.11 -73.99 -32.56
N LEU C 1121 3.91 -74.02 -32.00
CA LEU C 1121 3.69 -73.32 -30.71
C LEU C 1121 4.64 -73.96 -29.69
N LYS C 1122 5.50 -73.14 -29.06
CA LYS C 1122 6.52 -73.70 -28.12
C LYS C 1122 6.68 -72.80 -26.90
N SER C 1123 5.67 -72.75 -26.03
CA SER C 1123 5.73 -71.95 -24.77
C SER C 1123 4.47 -72.21 -23.95
N MET C 1124 4.62 -72.56 -22.67
CA MET C 1124 3.43 -72.70 -21.85
C MET C 1124 3.78 -72.57 -20.38
N SER C 1125 2.95 -71.81 -19.66
CA SER C 1125 3.08 -71.62 -18.23
C SER C 1125 1.72 -71.77 -17.58
N VAL C 1126 1.68 -72.40 -16.41
CA VAL C 1126 0.45 -72.71 -15.71
C VAL C 1126 0.56 -72.24 -14.28
N ASP C 1127 -0.47 -71.54 -13.81
CA ASP C 1127 -0.59 -71.08 -12.44
C ASP C 1127 -1.63 -71.91 -11.71
N ILE C 1128 -1.46 -72.06 -10.41
CA ILE C 1128 -2.26 -72.96 -9.59
C ILE C 1128 -2.75 -72.23 -8.35
N VAL C 1129 -4.03 -72.39 -8.04
CA VAL C 1129 -4.63 -71.80 -6.84
C VAL C 1129 -5.45 -72.87 -6.15
N ILE C 1130 -5.21 -73.06 -4.86
CA ILE C 1130 -5.88 -74.09 -4.08
C ILE C 1130 -6.58 -73.43 -2.91
N ARG C 1131 -7.84 -73.80 -2.69
CA ARG C 1131 -8.73 -73.07 -1.80
C ARG C 1131 -9.78 -74.02 -1.24
N ASP C 1132 -10.29 -73.69 -0.07
CA ASP C 1132 -11.31 -74.46 0.60
C ASP C 1132 -12.68 -73.82 0.44
N GLU C 1133 -13.71 -74.60 0.74
CA GLU C 1133 -15.08 -74.10 0.73
C GLU C 1133 -15.77 -74.18 2.08
N GLN C 1134 -15.43 -75.16 2.91
CA GLN C 1134 -15.86 -75.11 4.30
C GLN C 1134 -15.29 -73.88 4.99
N ASN C 1135 -14.02 -73.58 4.75
CA ASN C 1135 -13.42 -72.30 5.10
C ASN C 1135 -13.13 -71.55 3.82
N ASP C 1136 -12.58 -70.35 3.96
CA ASP C 1136 -12.08 -69.59 2.83
C ASP C 1136 -10.57 -69.45 2.85
N LEU C 1137 -9.88 -70.35 3.54
CA LEU C 1137 -8.43 -70.29 3.66
C LEU C 1137 -7.80 -70.58 2.31
N LYS C 1138 -7.27 -69.55 1.67
CA LYS C 1138 -6.46 -69.76 0.47
C LYS C 1138 -5.17 -70.42 0.89
N VAL C 1139 -5.06 -71.73 0.69
CA VAL C 1139 -3.90 -72.45 1.17
C VAL C 1139 -2.70 -72.15 0.28
N GLN C 1140 -1.53 -72.53 0.77
CA GLN C 1140 -0.32 -72.39 -0.03
C GLN C 1140 -0.15 -73.60 -0.93
N CYS C 1141 0.82 -73.50 -1.84
CA CYS C 1141 1.13 -74.60 -2.76
C CYS C 1141 2.56 -74.38 -3.23
N THR C 1142 3.47 -75.29 -2.84
CA THR C 1142 4.90 -75.01 -3.02
C THR C 1142 5.31 -74.81 -4.48
N PRO C 1143 4.89 -75.66 -5.44
CA PRO C 1143 5.18 -75.33 -6.84
C PRO C 1143 4.05 -74.51 -7.47
N SER C 1144 3.86 -73.29 -6.97
CA SER C 1144 2.66 -72.52 -7.30
C SER C 1144 2.57 -72.21 -8.79
N TYR C 1145 3.60 -72.54 -9.56
CA TYR C 1145 3.57 -72.34 -11.00
C TYR C 1145 4.50 -73.34 -11.69
N HIS C 1146 4.18 -73.67 -12.93
CA HIS C 1146 5.06 -74.49 -13.76
C HIS C 1146 5.20 -73.82 -15.11
N GLN C 1147 6.44 -73.55 -15.51
CA GLN C 1147 6.70 -72.81 -16.74
C GLN C 1147 7.71 -73.54 -17.59
N CYS C 1148 7.49 -73.56 -18.90
CA CYS C 1148 8.47 -74.08 -19.84
C CYS C 1148 8.40 -73.26 -21.11
N THR C 1149 9.57 -72.86 -21.60
CA THR C 1149 9.69 -72.04 -22.79
C THR C 1149 9.95 -72.86 -24.04
N GLU C 1150 9.90 -74.19 -23.92
CA GLU C 1150 10.21 -75.08 -25.02
C GLU C 1150 9.19 -76.17 -25.23
N ILE C 1151 8.28 -76.39 -24.27
CA ILE C 1151 7.26 -77.42 -24.41
C ILE C 1151 6.35 -77.09 -25.58
N TYR C 1152 6.03 -78.10 -26.38
CA TYR C 1152 5.07 -77.92 -27.46
C TYR C 1152 3.67 -77.76 -26.89
N VAL C 1153 2.87 -76.93 -27.53
CA VAL C 1153 1.47 -76.76 -27.15
C VAL C 1153 0.62 -77.31 -28.30
N LEU C 1154 -0.15 -78.35 -28.00
CA LEU C 1154 -0.96 -79.02 -29.01
C LEU C 1154 -2.23 -79.53 -28.34
N THR C 1155 -3.21 -79.91 -29.16
CA THR C 1155 -4.56 -80.12 -28.67
C THR C 1155 -4.73 -81.46 -27.94
N GLU C 1156 -4.56 -82.57 -28.65
CA GLU C 1156 -4.84 -83.89 -28.08
C GLU C 1156 -3.63 -84.40 -27.33
N HIS C 1157 -3.32 -83.75 -26.21
CA HIS C 1157 -2.15 -84.15 -25.46
C HIS C 1157 -2.38 -83.96 -23.97
N ILE C 1158 -1.63 -84.75 -23.20
CA ILE C 1158 -1.78 -84.85 -21.77
C ILE C 1158 -0.57 -84.22 -21.12
N TYR C 1159 -0.78 -83.23 -20.27
CA TYR C 1159 0.29 -82.55 -19.55
C TYR C 1159 0.15 -82.86 -18.07
N THR C 1160 1.22 -83.34 -17.46
CA THR C 1160 1.17 -83.76 -16.07
C THR C 1160 2.26 -83.08 -15.28
N PHE C 1161 1.99 -82.87 -14.00
CA PHE C 1161 3.00 -82.33 -13.09
C PHE C 1161 2.60 -82.68 -11.66
N GLU C 1162 3.32 -82.11 -10.70
CA GLU C 1162 3.19 -82.50 -9.30
C GLU C 1162 3.05 -81.27 -8.41
N LEU C 1163 2.41 -81.46 -7.27
CA LEU C 1163 2.11 -80.40 -6.32
C LEU C 1163 2.32 -80.90 -4.90
N GLU C 1164 2.64 -79.97 -4.00
CA GLU C 1164 2.67 -80.27 -2.58
C GLU C 1164 1.82 -79.27 -1.82
N VAL C 1165 0.99 -79.77 -0.92
CA VAL C 1165 0.15 -78.94 -0.06
C VAL C 1165 0.44 -79.37 1.38
N GLU C 1166 0.44 -78.42 2.30
CA GLU C 1166 0.84 -78.74 3.66
C GLU C 1166 -0.18 -78.36 4.72
N GLU C 1167 -1.00 -77.34 4.46
CA GLU C 1167 -2.00 -76.97 5.44
C GLU C 1167 -3.03 -78.09 5.58
N VAL C 1168 -3.60 -78.20 6.78
CA VAL C 1168 -4.25 -79.44 7.18
C VAL C 1168 -5.73 -79.19 7.48
N THR C 1169 -6.35 -78.28 6.74
CA THR C 1169 -7.81 -78.24 6.74
C THR C 1169 -8.27 -79.50 6.03
N SER C 1170 -8.72 -80.48 6.81
CA SER C 1170 -8.68 -81.88 6.37
C SER C 1170 -9.51 -82.11 5.11
N THR C 1171 -10.83 -82.04 5.23
CA THR C 1171 -11.71 -82.43 4.14
C THR C 1171 -12.11 -81.22 3.29
N GLU C 1172 -11.10 -80.47 2.84
CA GLU C 1172 -11.38 -79.21 2.13
C GLU C 1172 -10.27 -78.99 1.09
N LEU C 1173 -10.52 -79.46 -0.13
CA LEU C 1173 -9.58 -79.31 -1.23
C LEU C 1173 -10.33 -78.88 -2.47
N VAL C 1174 -10.00 -77.70 -2.99
CA VAL C 1174 -10.54 -77.22 -4.26
C VAL C 1174 -9.39 -76.67 -5.08
N PHE C 1175 -9.24 -77.14 -6.31
CA PHE C 1175 -8.15 -76.73 -7.16
C PHE C 1175 -8.64 -75.82 -8.27
N GLU C 1176 -7.73 -75.00 -8.78
CA GLU C 1176 -8.04 -74.10 -9.88
C GLU C 1176 -6.75 -73.87 -10.65
N PHE C 1177 -6.64 -74.50 -11.81
CA PHE C 1177 -5.48 -74.35 -12.67
C PHE C 1177 -5.82 -73.37 -13.78
N THR C 1178 -4.96 -72.39 -13.98
CA THR C 1178 -5.16 -71.40 -15.03
C THR C 1178 -3.94 -71.40 -15.94
N SER C 1179 -4.18 -71.19 -17.22
CA SER C 1179 -3.10 -71.05 -18.18
C SER C 1179 -2.87 -69.57 -18.40
N VAL C 1180 -1.72 -69.07 -17.95
CA VAL C 1180 -1.33 -67.72 -18.33
C VAL C 1180 -1.27 -67.68 -19.86
N ASN C 1181 -1.52 -66.50 -20.42
CA ASN C 1181 -1.63 -66.33 -21.86
C ASN C 1181 -2.81 -67.10 -22.43
N GLU C 1182 -4.00 -66.77 -21.92
CA GLU C 1182 -5.21 -67.38 -22.43
C GLU C 1182 -5.38 -67.10 -23.93
N SER C 1183 -4.73 -66.05 -24.43
CA SER C 1183 -4.73 -65.79 -25.86
C SER C 1183 -4.00 -66.88 -26.63
N ILE C 1184 -3.24 -67.73 -25.96
CA ILE C 1184 -2.52 -68.82 -26.59
C ILE C 1184 -3.12 -70.16 -26.24
N CYS C 1185 -3.14 -70.44 -24.94
CA CYS C 1185 -3.60 -71.76 -24.49
C CYS C 1185 -4.65 -71.59 -23.42
N LYS C 1186 -5.68 -72.43 -23.41
CA LYS C 1186 -6.69 -72.49 -22.37
C LYS C 1186 -6.84 -73.92 -21.89
N ILE C 1187 -6.96 -74.08 -20.58
CA ILE C 1187 -7.05 -75.40 -19.98
C ILE C 1187 -8.43 -75.98 -20.27
N GLY C 1188 -8.45 -77.17 -20.85
CA GLY C 1188 -9.70 -77.86 -21.13
C GLY C 1188 -10.10 -78.76 -20.00
N GLU C 1189 -10.20 -80.05 -20.26
CA GLU C 1189 -10.50 -81.00 -19.20
C GLU C 1189 -9.39 -81.02 -18.17
N CYS C 1190 -9.67 -81.63 -17.03
CA CYS C 1190 -8.65 -81.73 -16.00
C CYS C 1190 -8.99 -82.87 -15.07
N GLY C 1191 -7.95 -83.45 -14.46
CA GLY C 1191 -8.15 -84.52 -13.53
C GLY C 1191 -6.89 -84.79 -12.73
N ILE C 1192 -7.01 -85.01 -11.43
CA ILE C 1192 -5.84 -85.19 -10.60
C ILE C 1192 -6.03 -86.39 -9.67
N LEU C 1193 -4.95 -86.68 -8.94
CA LEU C 1193 -4.78 -87.88 -8.15
C LEU C 1193 -3.92 -87.53 -6.95
N GLN C 1194 -4.10 -88.25 -5.85
CA GLN C 1194 -3.24 -88.08 -4.70
C GLN C 1194 -2.28 -89.25 -4.58
N ARG C 1195 -1.43 -89.23 -3.56
CA ARG C 1195 -0.44 -90.27 -3.37
C ARG C 1195 -0.22 -90.57 -1.89
N PRO D 67 -19.61 40.72 32.39
CA PRO D 67 -20.39 41.94 32.16
C PRO D 67 -20.67 42.17 30.67
N SER D 68 -21.61 43.04 30.37
CA SER D 68 -21.92 43.34 28.98
C SER D 68 -20.76 44.06 28.32
N ALA D 69 -20.87 44.24 27.00
CA ALA D 69 -19.80 44.91 26.26
C ALA D 69 -19.61 46.34 26.73
N VAL D 70 -20.70 47.06 26.96
CA VAL D 70 -20.60 48.44 27.43
C VAL D 70 -19.90 48.49 28.78
N GLU D 71 -20.36 47.68 29.72
CA GLU D 71 -19.84 47.72 31.09
C GLU D 71 -18.34 47.47 31.10
N ALA D 72 -17.90 46.45 30.36
CA ALA D 72 -16.47 46.15 30.30
C ALA D 72 -15.70 47.30 29.64
N LEU D 73 -16.22 47.82 28.53
CA LEU D 73 -15.46 48.80 27.76
C LEU D 73 -15.29 50.11 28.52
N ILE D 74 -16.30 50.48 29.32
CA ILE D 74 -16.15 51.65 30.19
C ILE D 74 -15.08 51.39 31.24
N GLU D 75 -15.14 50.21 31.88
CA GLU D 75 -14.17 49.90 32.92
C GLU D 75 -12.75 49.90 32.38
N THR D 76 -12.58 49.53 31.12
CA THR D 76 -11.25 49.48 30.54
C THR D 76 -10.71 50.89 30.28
N ILE D 77 -11.54 51.75 29.68
CA ILE D 77 -11.08 53.09 29.32
C ILE D 77 -10.70 53.87 30.57
N ASP D 78 -11.53 53.80 31.61
CA ASP D 78 -11.22 54.49 32.85
C ASP D 78 -9.92 53.99 33.45
N ARG D 79 -9.69 52.67 33.39
CA ARG D 79 -8.47 52.12 33.94
CA ARG D 79 -8.47 52.10 33.93
C ARG D 79 -7.24 52.65 33.21
N HIS D 80 -7.29 52.70 31.88
CA HIS D 80 -6.13 53.16 31.12
C HIS D 80 -5.86 54.63 31.36
N GLY D 81 -6.90 55.43 31.55
CA GLY D 81 -6.69 56.83 31.89
C GLY D 81 -6.32 57.04 33.34
N ARG D 82 -6.35 55.98 34.15
CA ARG D 82 -6.09 56.11 35.58
C ARG D 82 -4.64 55.75 35.91
N VAL D 83 -4.06 54.80 35.19
CA VAL D 83 -2.79 54.22 35.61
C VAL D 83 -1.58 54.96 35.05
N SER D 84 -1.74 55.70 33.96
CA SER D 84 -0.65 56.48 33.37
C SER D 84 0.56 55.60 33.07
N LEU D 85 0.35 54.68 32.15
CA LEU D 85 1.30 53.63 31.85
C LEU D 85 2.23 54.06 30.71
N ASN D 86 3.03 53.12 30.22
CA ASN D 86 4.14 53.43 29.32
C ASN D 86 3.65 54.06 28.03
N ASP D 87 4.55 54.83 27.40
CA ASP D 87 4.21 55.51 26.16
C ASP D 87 3.89 54.51 25.06
N GLU D 88 4.70 53.46 24.93
CA GLU D 88 4.41 52.44 23.93
C GLU D 88 3.27 51.53 24.38
N ALA D 89 3.13 51.29 25.68
CA ALA D 89 2.03 50.46 26.16
C ALA D 89 0.69 51.12 25.88
N LYS D 90 0.59 52.42 26.09
CA LYS D 90 -0.56 53.17 25.58
C LYS D 90 -0.60 53.09 24.07
N MET D 91 0.56 53.21 23.43
CA MET D 91 0.62 53.36 21.99
C MET D 91 0.08 52.11 21.30
N LYS D 92 -0.04 51.01 22.05
CA LYS D 92 -0.61 49.75 21.58
C LYS D 92 -2.04 49.54 22.06
N LYS D 93 -2.29 49.72 23.35
CA LYS D 93 -3.60 49.42 23.90
C LYS D 93 -4.71 50.25 23.28
N VAL D 94 -4.39 51.40 22.70
CA VAL D 94 -5.42 52.20 22.03
C VAL D 94 -5.98 51.44 20.84
N VAL D 95 -5.12 50.68 20.15
CA VAL D 95 -5.57 49.96 18.96
C VAL D 95 -6.60 48.89 19.34
N ARG D 96 -6.33 48.14 20.41
CA ARG D 96 -7.29 47.12 20.83
C ARG D 96 -8.62 47.76 21.22
N THR D 97 -8.57 48.87 21.95
CA THR D 97 -9.81 49.55 22.31
C THR D 97 -10.56 50.04 21.08
N TRP D 98 -9.82 50.54 20.09
CA TRP D 98 -10.46 51.06 18.89
C TRP D 98 -11.23 49.97 18.16
N LYS D 99 -10.65 48.78 18.05
CA LYS D 99 -11.34 47.68 17.37
C LYS D 99 -12.60 47.29 18.11
N LYS D 100 -12.55 47.25 19.44
CA LYS D 100 -13.73 46.89 20.20
C LYS D 100 -14.87 47.89 20.00
N LEU D 101 -14.52 49.14 19.67
CA LEU D 101 -15.56 50.15 19.43
C LEU D 101 -16.31 49.87 18.15
N ILE D 102 -15.60 49.61 17.06
CA ILE D 102 -16.24 49.46 15.76
C ILE D 102 -16.67 48.03 15.54
N GLU D 103 -16.58 47.21 16.59
CA GLU D 103 -16.94 45.80 16.48
C GLU D 103 -18.42 45.64 16.16
N ARG D 104 -19.27 46.44 16.81
CA ARG D 104 -20.70 46.44 16.54
C ARG D 104 -21.18 47.90 16.48
N ASP D 105 -22.27 48.12 15.76
CA ASP D 105 -22.69 49.46 15.35
C ASP D 105 -23.22 50.34 16.47
N ASP D 106 -23.83 49.78 17.52
CA ASP D 106 -24.60 50.56 18.47
C ASP D 106 -23.83 50.81 19.76
N LEU D 107 -22.54 51.08 19.67
CA LEU D 107 -21.70 51.34 20.84
C LEU D 107 -21.22 52.78 20.90
N ILE D 108 -20.73 53.32 19.78
CA ILE D 108 -20.20 54.67 19.77
C ILE D 108 -21.24 55.65 20.29
N GLY D 109 -22.47 55.56 19.76
CA GLY D 109 -23.53 56.41 20.25
C GLY D 109 -23.88 56.11 21.69
N GLU D 110 -23.91 54.82 22.03
CA GLU D 110 -24.32 54.43 23.38
C GLU D 110 -23.32 54.90 24.42
N ILE D 111 -22.03 54.60 24.21
CA ILE D 111 -21.02 55.10 25.13
C ILE D 111 -20.90 56.61 25.03
N GLY D 112 -20.95 57.15 23.82
CA GLY D 112 -20.96 58.59 23.67
C GLY D 112 -22.11 59.24 24.42
N LYS D 113 -23.19 58.50 24.63
CA LYS D 113 -24.28 58.99 25.47
C LYS D 113 -23.90 58.90 26.94
N HIS D 114 -23.13 57.88 27.32
CA HIS D 114 -22.80 57.69 28.72
C HIS D 114 -21.84 58.76 29.22
N TYR D 115 -20.76 59.00 28.48
CA TYR D 115 -19.80 60.01 28.91
C TYR D 115 -20.35 61.41 28.77
N PHE D 116 -21.34 61.61 27.91
CA PHE D 116 -21.98 62.91 27.81
C PHE D 116 -22.66 63.29 29.13
N GLU D 117 -23.37 62.35 29.73
CA GLU D 117 -24.09 62.61 30.97
C GLU D 117 -23.17 62.65 32.18
N ALA D 118 -21.98 62.07 32.07
CA ALA D 118 -21.05 62.05 33.19
C ALA D 118 -20.57 63.46 33.50
N PRO D 119 -20.18 63.72 34.75
CA PRO D 119 -19.70 65.06 35.10
C PRO D 119 -18.45 65.42 34.34
N GLY D 120 -18.30 66.71 34.06
CA GLY D 120 -17.17 67.22 33.32
C GLY D 120 -17.55 68.41 32.48
N PRO D 121 -16.69 68.79 31.55
CA PRO D 121 -17.02 69.89 30.64
C PRO D 121 -18.16 69.50 29.71
N LEU D 122 -18.94 70.50 29.30
CA LEU D 122 -20.05 70.22 28.43
C LEU D 122 -19.58 70.05 26.99
N HIS D 123 -20.37 69.33 26.20
CA HIS D 123 -20.05 69.07 24.81
C HIS D 123 -21.29 69.28 23.97
N ASP D 124 -21.08 69.60 22.70
CA ASP D 124 -22.20 69.78 21.78
C ASP D 124 -22.84 68.46 21.37
N THR D 125 -22.05 67.41 21.17
CA THR D 125 -22.57 66.16 20.65
C THR D 125 -22.10 65.01 21.52
N TYR D 126 -22.73 63.85 21.32
CA TYR D 126 -22.25 62.64 21.97
C TYR D 126 -20.85 62.27 21.48
N ASP D 127 -20.62 62.40 20.18
CA ASP D 127 -19.32 62.02 19.62
C ASP D 127 -18.21 62.88 20.20
N GLU D 128 -18.49 64.16 20.46
CA GLU D 128 -17.46 65.01 21.05
C GLU D 128 -17.03 64.49 22.41
N ALA D 129 -17.98 64.01 23.21
CA ALA D 129 -17.64 63.50 24.54
C ALA D 129 -16.74 62.28 24.44
N LEU D 130 -17.08 61.35 23.56
CA LEU D 130 -16.27 60.14 23.41
C LEU D 130 -14.90 60.48 22.85
N ALA D 131 -14.84 61.41 21.89
CA ALA D 131 -13.55 61.81 21.35
C ALA D 131 -12.67 62.44 22.42
N THR D 132 -13.24 63.31 23.25
CA THR D 132 -12.47 63.92 24.32
C THR D 132 -11.99 62.86 25.30
N ARG D 133 -12.86 61.92 25.65
CA ARG D 133 -12.46 60.87 26.59
C ARG D 133 -11.32 60.03 26.02
N LEU D 134 -11.41 59.68 24.75
CA LEU D 134 -10.36 58.86 24.14
C LEU D 134 -9.04 59.62 24.04
N VAL D 135 -9.10 60.84 23.54
CA VAL D 135 -7.87 61.61 23.37
C VAL D 135 -7.20 61.86 24.71
N THR D 136 -7.98 62.20 25.73
CA THR D 136 -7.39 62.39 27.05
C THR D 136 -6.78 61.10 27.57
N THR D 137 -7.47 59.97 27.39
CA THR D 137 -6.98 58.73 27.95
C THR D 137 -5.81 58.17 27.16
N TYR D 138 -5.81 58.28 25.84
CA TYR D 138 -4.61 57.79 25.13
C TYR D 138 -3.72 59.00 24.84
N SER D 139 -2.64 58.83 24.08
CA SER D 139 -1.88 60.03 23.68
C SER D 139 -2.58 60.58 22.45
N ASP D 140 -2.54 61.89 22.19
CA ASP D 140 -3.11 62.35 20.90
C ASP D 140 -2.19 61.75 19.84
N ARG D 141 -0.91 61.60 20.19
CA ARG D 141 0.01 60.92 19.26
C ARG D 141 -0.47 59.48 19.06
N GLY D 142 -1.27 58.96 19.99
CA GLY D 142 -1.65 57.56 19.86
C GLY D 142 -2.99 57.38 19.19
N VAL D 143 -3.90 58.33 19.38
CA VAL D 143 -5.19 58.29 18.70
C VAL D 143 -4.98 58.35 17.20
N ALA D 144 -4.02 59.14 16.74
CA ALA D 144 -3.80 59.29 15.31
C ALA D 144 -3.43 57.96 14.67
N ARG D 145 -2.54 57.20 15.30
CA ARG D 145 -2.17 55.91 14.73
C ARG D 145 -3.34 54.94 14.76
N ALA D 146 -4.13 54.97 15.82
CA ALA D 146 -5.26 54.05 15.90
C ALA D 146 -6.23 54.26 14.75
N ILE D 147 -6.43 55.51 14.34
CA ILE D 147 -7.26 55.79 13.17
C ILE D 147 -6.61 55.22 11.91
N LEU D 148 -5.30 55.43 11.77
CA LEU D 148 -4.62 55.02 10.54
C LEU D 148 -4.58 53.51 10.39
N HIS D 149 -4.42 52.77 11.48
CA HIS D 149 -4.16 51.33 11.41
C HIS D 149 -5.42 50.49 11.50
N THR D 150 -6.59 51.10 11.59
CA THR D 150 -7.84 50.36 11.77
C THR D 150 -8.89 50.86 10.80
N ARG D 151 -8.51 51.00 9.53
CA ARG D 151 -9.45 51.42 8.51
C ARG D 151 -9.95 50.19 7.77
N PRO D 152 -11.21 49.80 7.92
CA PRO D 152 -11.71 48.61 7.24
C PRO D 152 -11.77 48.80 5.74
N SER D 153 -11.91 47.67 5.04
CA SER D 153 -11.85 47.68 3.59
C SER D 153 -13.14 48.22 2.97
N ASP D 154 -14.26 47.57 3.25
CA ASP D 154 -15.51 47.92 2.59
C ASP D 154 -16.02 49.26 3.09
N PRO D 155 -16.07 50.30 2.27
CA PRO D 155 -16.48 51.62 2.76
C PRO D 155 -17.92 51.68 3.23
N LEU D 156 -18.78 50.76 2.78
CA LEU D 156 -20.18 50.82 3.13
C LEU D 156 -20.53 49.99 4.36
N SER D 157 -19.55 49.30 4.95
CA SER D 157 -19.85 48.40 6.04
C SER D 157 -20.16 49.16 7.32
N LYS D 158 -20.75 48.44 8.27
CA LYS D 158 -20.99 49.00 9.59
C LYS D 158 -19.68 49.44 10.22
N LYS D 159 -18.63 48.63 10.09
CA LYS D 159 -17.34 48.99 10.65
C LYS D 159 -16.80 50.26 10.02
N ALA D 160 -16.94 50.40 8.71
CA ALA D 160 -16.49 51.63 8.06
C ALA D 160 -17.29 52.82 8.57
N GLY D 161 -18.59 52.67 8.75
CA GLY D 161 -19.38 53.77 9.28
C GLY D 161 -18.92 54.18 10.67
N GLN D 162 -18.69 53.19 11.54
CA GLN D 162 -18.24 53.50 12.90
C GLN D 162 -16.88 54.17 12.88
N ALA D 163 -15.96 53.67 12.05
CA ALA D 163 -14.63 54.27 11.98
C ALA D 163 -14.70 55.70 11.47
N HIS D 164 -15.58 55.95 10.49
CA HIS D 164 -15.74 57.32 10.00
C HIS D 164 -16.27 58.22 11.09
N ARG D 165 -17.24 57.74 11.87
CA ARG D 165 -17.73 58.53 12.99
C ARG D 165 -16.59 58.87 13.95
N LEU D 166 -15.80 57.87 14.32
CA LEU D 166 -14.72 58.11 15.26
C LEU D 166 -13.70 59.09 14.73
N GLU D 167 -13.31 58.95 13.47
CA GLU D 167 -12.26 59.83 12.95
C GLU D 167 -12.78 61.24 12.72
N GLU D 168 -14.04 61.38 12.29
CA GLU D 168 -14.60 62.71 12.14
C GLU D 168 -14.73 63.41 13.48
N ALA D 169 -15.13 62.67 14.52
CA ALA D 169 -15.26 63.29 15.83
C ALA D 169 -13.92 63.84 16.32
N VAL D 170 -12.85 63.06 16.13
CA VAL D 170 -11.54 63.52 16.57
C VAL D 170 -11.08 64.72 15.76
N ALA D 171 -11.32 64.69 14.45
CA ALA D 171 -10.91 65.81 13.61
C ALA D 171 -11.60 67.10 14.02
N SER D 172 -12.91 67.03 14.30
CA SER D 172 -13.61 68.22 14.77
C SER D 172 -13.12 68.64 16.13
N LEU D 173 -12.75 67.67 16.97
CA LEU D 173 -12.21 67.99 18.29
C LEU D 173 -10.91 68.79 18.17
N TRP D 174 -10.07 68.42 17.21
CA TRP D 174 -8.80 69.11 17.04
C TRP D 174 -9.02 70.54 16.54
N LYS D 175 -9.99 70.74 15.66
CA LYS D 175 -10.28 72.09 15.19
C LYS D 175 -10.74 72.97 16.33
N GLY D 176 -11.58 72.44 17.22
CA GLY D 176 -12.07 73.24 18.33
C GLY D 176 -10.98 73.69 19.27
N ARG D 177 -9.88 72.95 19.32
CA ARG D 177 -8.73 73.32 20.13
C ARG D 177 -7.76 74.21 19.38
N GLY D 178 -8.07 74.57 18.15
CA GLY D 178 -7.22 75.47 17.38
C GLY D 178 -5.86 74.91 17.04
N TYR D 179 -5.77 73.62 16.76
CA TYR D 179 -4.52 73.08 16.25
C TYR D 179 -4.21 73.68 14.90
N THR D 180 -2.94 74.00 14.67
CA THR D 180 -2.52 74.50 13.37
C THR D 180 -2.33 73.33 12.42
N SER D 181 -2.05 73.66 11.17
CA SER D 181 -1.72 72.63 10.19
C SER D 181 -0.48 71.85 10.62
N ASP D 182 0.51 72.56 11.16
CA ASP D 182 1.74 71.91 11.58
C ASP D 182 1.50 71.00 12.78
N ASN D 183 0.60 71.39 13.68
CA ASN D 183 0.33 70.59 14.86
C ASN D 183 -0.24 69.23 14.50
N VAL D 184 -1.17 69.21 13.54
CA VAL D 184 -1.75 67.94 13.10
C VAL D 184 -0.67 67.07 12.46
N VAL D 185 0.15 67.68 11.59
CA VAL D 185 1.18 66.92 10.89
C VAL D 185 2.15 66.31 11.88
N SER D 186 2.57 67.08 12.88
CA SER D 186 3.51 66.56 13.87
C SER D 186 2.89 65.42 14.66
N SER D 187 1.56 65.36 14.74
CA SER D 187 0.91 64.26 15.44
C SER D 187 0.78 63.04 14.53
N ILE D 188 0.34 63.25 13.29
CA ILE D 188 0.25 62.15 12.34
C ILE D 188 1.61 61.51 12.09
N ALA D 189 2.67 62.31 12.21
CA ALA D 189 4.00 61.89 11.77
C ALA D 189 4.42 60.57 12.40
N THR D 190 5.02 59.71 11.56
CA THR D 190 5.50 58.41 11.99
C THR D 190 7.00 58.23 11.79
N GLY D 191 7.68 59.16 11.13
CA GLY D 191 9.10 59.06 10.90
C GLY D 191 9.49 58.58 9.52
N HIS D 192 8.58 57.96 8.79
CA HIS D 192 8.82 57.54 7.41
C HIS D 192 8.08 58.52 6.50
N ASP D 193 8.85 59.28 5.72
CA ASP D 193 8.29 60.45 5.04
C ASP D 193 7.29 60.07 3.96
N VAL D 194 7.20 58.80 3.58
CA VAL D 194 6.22 58.40 2.60
C VAL D 194 4.87 58.09 3.24
N ASP D 195 4.85 57.90 4.57
CA ASP D 195 3.60 57.58 5.23
C ASP D 195 2.56 58.67 5.07
N PHE D 196 3.00 59.93 5.02
CA PHE D 196 2.07 61.05 4.93
C PHE D 196 1.25 61.00 3.65
N PHE D 197 1.78 60.41 2.59
CA PHE D 197 1.07 60.38 1.31
C PHE D 197 0.26 59.12 1.12
N ALA D 198 0.27 58.22 2.08
CA ALA D 198 -0.65 57.09 2.03
C ALA D 198 -2.08 57.61 2.16
N PRO D 199 -3.03 57.08 1.39
CA PRO D 199 -4.39 57.65 1.42
C PRO D 199 -5.04 57.59 2.78
N THR D 200 -4.78 56.55 3.58
CA THR D 200 -5.38 56.44 4.90
C THR D 200 -4.89 57.54 5.83
N ALA D 201 -3.77 58.19 5.50
CA ALA D 201 -3.26 59.29 6.31
C ALA D 201 -3.48 60.64 5.65
N PHE D 202 -3.29 60.72 4.33
CA PHE D 202 -3.45 62.00 3.65
C PHE D 202 -4.87 62.52 3.79
N THR D 203 -5.86 61.66 3.58
CA THR D 203 -7.26 62.09 3.65
C THR D 203 -7.60 62.60 5.04
N PHE D 204 -7.14 61.90 6.08
CA PHE D 204 -7.41 62.36 7.44
C PHE D 204 -6.80 63.73 7.68
N LEU D 205 -5.62 63.98 7.13
CA LEU D 205 -5.04 65.30 7.21
C LEU D 205 -5.92 66.33 6.51
N VAL D 206 -6.45 65.97 5.34
CA VAL D 206 -7.28 66.89 4.58
C VAL D 206 -8.47 67.34 5.39
N LYS D 207 -9.11 66.41 6.10
CA LYS D 207 -10.21 66.80 6.98
C LYS D 207 -9.74 67.77 8.05
N CYS D 208 -8.58 67.50 8.65
CA CYS D 208 -8.12 68.31 9.77
C CYS D 208 -7.64 69.69 9.32
N VAL D 209 -7.41 69.89 8.03
CA VAL D 209 -6.86 71.16 7.56
C VAL D 209 -7.83 71.91 6.65
N GLU D 210 -8.89 71.27 6.16
CA GLU D 210 -9.96 71.86 5.36
C GLU D 210 -9.53 72.29 3.96
N SER D 211 -8.31 71.98 3.53
CA SER D 211 -7.89 72.34 2.18
C SER D 211 -6.63 71.58 1.80
N GLU D 212 -6.63 70.98 0.61
CA GLU D 212 -5.47 70.23 0.16
C GLU D 212 -4.26 71.13 -0.02
N ASP D 213 -4.47 72.38 -0.43
CA ASP D 213 -3.34 73.29 -0.57
C ASP D 213 -2.64 73.50 0.76
N ASP D 214 -3.41 73.72 1.83
CA ASP D 214 -2.80 73.92 3.14
C ASP D 214 -2.21 72.61 3.65
N ALA D 215 -2.82 71.47 3.33
CA ALA D 215 -2.25 70.20 3.71
C ALA D 215 -0.87 70.00 3.07
N ASN D 216 -0.78 70.28 1.77
CA ASN D 216 0.49 70.15 1.07
C ASN D 216 1.50 71.16 1.60
N ASN D 217 1.06 72.37 1.93
CA ASN D 217 1.98 73.34 2.49
C ASN D 217 2.51 72.87 3.84
N ALA D 218 1.64 72.32 4.69
CA ALA D 218 2.07 71.84 5.99
C ALA D 218 3.05 70.69 5.87
N ILE D 219 2.78 69.75 4.95
CA ILE D 219 3.71 68.65 4.80
C ILE D 219 5.02 69.13 4.18
N PHE D 220 4.95 70.13 3.30
CA PHE D 220 6.16 70.69 2.72
C PHE D 220 7.01 71.37 3.77
N GLU D 221 6.38 72.11 4.68
CA GLU D 221 7.12 72.80 5.72
C GLU D 221 7.60 71.84 6.80
N TYR D 222 6.89 70.74 7.01
CA TYR D 222 7.39 69.72 7.93
C TYR D 222 8.67 69.08 7.40
N PHE D 223 8.89 69.13 6.10
CA PHE D 223 10.15 68.70 5.51
C PHE D 223 11.19 69.80 5.49
N GLY D 224 10.99 70.86 6.27
CA GLY D 224 11.89 71.99 6.25
C GLY D 224 11.93 72.70 4.92
N SER D 225 10.80 72.75 4.22
CA SER D 225 10.71 73.42 2.91
C SER D 225 11.73 72.84 1.93
N ASN D 226 11.89 71.53 1.96
CA ASN D 226 12.89 70.86 1.14
C ASN D 226 12.21 70.17 -0.02
N PRO D 227 12.27 70.70 -1.25
CA PRO D 227 11.66 70.00 -2.38
C PRO D 227 12.26 68.64 -2.64
N SER D 228 13.57 68.47 -2.41
CA SER D 228 14.18 67.17 -2.63
C SER D 228 13.56 66.12 -1.72
N ARG D 229 13.50 66.39 -0.42
CA ARG D 229 12.86 65.46 0.50
C ARG D 229 11.38 65.31 0.16
N TYR D 230 10.74 66.39 -0.29
CA TYR D 230 9.34 66.31 -0.67
C TYR D 230 9.13 65.35 -1.83
N PHE D 231 9.88 65.55 -2.92
CA PHE D 231 9.65 64.74 -4.11
C PHE D 231 9.99 63.29 -3.87
N SER D 232 11.06 63.01 -3.12
CA SER D 232 11.38 61.64 -2.79
C SER D 232 10.20 60.94 -2.14
N ALA D 233 9.42 61.68 -1.34
CA ALA D 233 8.24 61.10 -0.72
C ALA D 233 7.16 60.81 -1.76
N VAL D 234 6.86 61.78 -2.64
CA VAL D 234 5.77 61.58 -3.58
C VAL D 234 6.13 60.53 -4.62
N LEU D 235 7.39 60.44 -5.03
CA LEU D 235 7.78 59.36 -5.93
C LEU D 235 7.60 58.01 -5.26
N HIS D 236 7.96 57.88 -3.99
CA HIS D 236 7.72 56.64 -3.27
C HIS D 236 6.24 56.33 -3.09
N ALA D 237 5.39 57.35 -2.95
CA ALA D 237 3.96 57.11 -2.87
C ALA D 237 3.37 56.75 -4.23
N MET D 238 4.04 57.14 -5.31
CA MET D 238 3.65 56.69 -6.64
C MET D 238 3.76 55.18 -6.81
N GLU D 239 4.49 54.50 -5.92
CA GLU D 239 4.72 53.08 -6.02
C GLU D 239 3.94 52.29 -4.97
N LYS D 240 2.72 52.73 -4.65
CA LYS D 240 1.89 52.03 -3.70
C LYS D 240 0.75 51.32 -4.42
N PRO D 241 0.35 50.14 -3.95
CA PRO D 241 -0.73 49.41 -4.62
C PRO D 241 -2.05 50.16 -4.64
N ASP D 242 -2.33 50.95 -3.59
CA ASP D 242 -3.60 51.65 -3.47
C ASP D 242 -3.44 53.17 -3.53
N ALA D 243 -2.39 53.65 -4.20
CA ALA D 243 -2.14 55.08 -4.27
C ALA D 243 -3.10 55.73 -5.25
N ASP D 244 -3.76 56.80 -4.82
CA ASP D 244 -4.63 57.57 -5.70
C ASP D 244 -3.77 58.50 -6.55
N SER D 245 -3.61 58.17 -7.83
CA SER D 245 -2.76 58.98 -8.69
C SER D 245 -3.27 60.40 -8.80
N ARG D 246 -4.59 60.57 -8.92
CA ARG D 246 -5.15 61.91 -9.09
C ARG D 246 -4.79 62.81 -7.92
N VAL D 247 -4.88 62.28 -6.70
CA VAL D 247 -4.54 63.10 -5.53
C VAL D 247 -3.02 63.30 -5.44
N LEU D 248 -2.25 62.22 -5.58
CA LEU D 248 -0.80 62.35 -5.53
C LEU D 248 -0.31 63.31 -6.62
N GLU D 249 -0.97 63.32 -7.76
CA GLU D 249 -0.62 64.28 -8.80
C GLU D 249 -0.82 65.70 -8.30
N SER D 250 -1.92 65.95 -7.60
CA SER D 250 -2.20 67.30 -7.10
C SER D 250 -1.09 67.78 -6.19
N SER D 251 -0.64 66.93 -5.27
CA SER D 251 0.49 67.30 -4.43
C SER D 251 1.75 67.52 -5.26
N LYS D 252 2.03 66.60 -6.19
CA LYS D 252 3.14 66.82 -7.10
C LYS D 252 2.94 68.08 -7.92
N LYS D 253 1.73 68.27 -8.47
CA LYS D 253 1.44 69.49 -9.19
C LYS D 253 1.64 70.71 -8.30
N TRP D 254 1.15 70.63 -7.05
CA TRP D 254 1.11 71.79 -6.17
C TRP D 254 2.47 72.45 -6.01
N MET D 255 3.52 71.64 -5.86
CA MET D 255 4.87 72.20 -5.76
C MET D 255 5.21 73.07 -6.95
N PHE D 256 4.71 72.70 -8.14
CA PHE D 256 5.13 73.40 -9.35
C PHE D 256 4.71 74.86 -9.34
N GLN D 257 3.42 75.14 -9.09
CA GLN D 257 2.98 76.52 -9.23
C GLN D 257 3.51 77.40 -8.11
N CYS D 258 3.93 76.80 -6.99
CA CYS D 258 4.65 77.59 -6.00
C CYS D 258 5.96 78.11 -6.56
N TYR D 259 6.68 77.28 -7.30
CA TYR D 259 7.86 77.73 -8.02
C TYR D 259 7.52 78.48 -9.30
N ALA D 260 6.41 78.13 -9.95
CA ALA D 260 5.95 78.95 -11.07
C ALA D 260 5.58 80.35 -10.62
N GLN D 261 4.97 80.46 -9.44
CA GLN D 261 4.78 81.78 -8.83
C GLN D 261 6.12 82.46 -8.56
N LYS D 262 7.18 81.68 -8.39
CA LYS D 262 8.51 82.26 -8.30
C LYS D 262 9.11 82.57 -9.67
N GLN D 263 8.53 82.00 -10.73
CA GLN D 263 9.05 82.16 -12.09
C GLN D 263 10.54 81.84 -12.14
N PHE D 264 10.94 80.79 -11.45
CA PHE D 264 12.34 80.40 -11.46
C PHE D 264 12.73 79.87 -12.83
N PRO D 265 13.95 80.16 -13.29
CA PRO D 265 14.43 79.56 -14.53
C PRO D 265 14.54 78.05 -14.39
N THR D 266 14.27 77.37 -15.50
CA THR D 266 14.36 75.91 -15.53
C THR D 266 15.68 75.36 -15.03
N PRO D 267 16.85 75.87 -15.46
CA PRO D 267 18.11 75.34 -14.90
C PRO D 267 18.30 75.78 -13.46
N VAL D 268 17.84 77.00 -13.13
CA VAL D 268 17.87 77.44 -11.74
C VAL D 268 16.95 76.57 -10.90
N PHE D 269 15.79 76.22 -11.45
CA PHE D 269 14.92 75.26 -10.79
C PHE D 269 15.63 73.94 -10.54
N GLU D 270 16.34 73.43 -11.54
CA GLU D 270 17.10 72.20 -11.38
C GLU D 270 18.12 72.34 -10.26
N ARG D 271 18.91 73.40 -10.29
CA ARG D 271 19.92 73.64 -9.28
C ARG D 271 19.30 73.74 -7.89
N THR D 272 18.12 74.34 -7.79
CA THR D 272 17.38 74.36 -6.54
C THR D 272 17.10 72.95 -6.08
N LEU D 273 16.64 72.09 -7.00
CA LEU D 273 16.53 70.67 -6.67
C LEU D 273 17.91 70.10 -6.34
N ALA D 274 18.92 70.47 -7.12
CA ALA D 274 20.27 70.02 -6.84
C ALA D 274 20.82 70.60 -5.55
N ALA D 275 20.37 71.79 -5.15
CA ALA D 275 20.86 72.41 -3.92
C ALA D 275 20.55 71.54 -2.72
N TYR D 276 19.30 71.09 -2.59
CA TYR D 276 18.95 70.25 -1.46
C TYR D 276 19.43 68.83 -1.66
N GLN D 277 19.79 68.46 -2.89
CA GLN D 277 20.41 67.16 -3.13
C GLN D 277 21.74 67.02 -2.41
N SER D 278 22.34 68.13 -1.99
CA SER D 278 23.54 68.09 -1.19
C SER D 278 23.23 67.55 0.20
N GLU D 279 24.27 67.47 1.04
CA GLU D 279 24.16 66.93 2.38
C GLU D 279 23.95 68.00 3.44
N ASP D 280 23.17 69.03 3.13
CA ASP D 280 22.96 70.12 4.09
C ASP D 280 22.28 69.63 5.37
N TYR D 281 21.30 68.74 5.25
CA TYR D 281 20.62 68.21 6.43
C TYR D 281 21.40 67.03 6.99
N HIS D 289 17.88 62.17 7.16
CA HIS D 289 17.96 60.72 7.29
C HIS D 289 16.90 60.03 6.43
N TYR D 290 16.51 60.71 5.35
CA TYR D 290 15.56 60.16 4.40
C TYR D 290 16.31 59.60 3.20
N GLU D 291 15.56 59.17 2.17
CA GLU D 291 16.13 58.63 0.96
C GLU D 291 16.17 59.71 -0.12
N LYS D 292 17.36 60.03 -0.60
CA LYS D 292 17.53 61.13 -1.54
C LYS D 292 17.11 60.71 -2.95
N LEU D 293 16.99 61.72 -3.82
CA LEU D 293 16.56 61.48 -5.18
C LEU D 293 17.69 60.92 -6.04
N SER D 294 17.40 60.77 -7.33
CA SER D 294 18.37 60.35 -8.32
C SER D 294 18.37 61.34 -9.46
N LEU D 295 19.53 61.45 -10.13
CA LEU D 295 19.72 62.51 -11.10
C LEU D 295 18.77 62.38 -12.29
N SER D 296 18.44 61.15 -12.68
CA SER D 296 17.55 60.96 -13.82
C SER D 296 16.15 61.48 -13.54
N GLN D 297 15.57 61.11 -12.40
CA GLN D 297 14.28 61.64 -12.02
C GLN D 297 14.33 63.13 -11.75
N ILE D 298 15.46 63.63 -11.24
CA ILE D 298 15.65 65.08 -11.16
C ILE D 298 15.50 65.70 -12.54
N GLU D 299 16.17 65.11 -13.52
CA GLU D 299 16.15 65.66 -14.87
C GLU D 299 14.74 65.64 -15.45
N GLU D 300 13.98 64.58 -15.20
CA GLU D 300 12.64 64.50 -15.78
C GLU D 300 11.69 65.47 -15.08
N LEU D 301 11.86 65.65 -13.76
CA LEU D 301 11.11 66.68 -13.07
C LEU D 301 11.42 68.06 -13.66
N VAL D 302 12.69 68.28 -14.00
CA VAL D 302 13.07 69.50 -14.71
C VAL D 302 12.31 69.58 -16.03
N GLU D 303 12.34 68.50 -16.80
CA GLU D 303 11.61 68.45 -18.06
C GLU D 303 10.12 68.58 -17.85
N GLU D 304 9.59 67.94 -16.81
CA GLU D 304 8.18 68.09 -16.49
C GLU D 304 7.83 69.56 -16.28
N TYR D 305 8.58 70.23 -15.41
CA TYR D 305 8.33 71.65 -15.15
C TYR D 305 8.73 72.52 -16.32
N SER D 306 9.53 71.99 -17.25
CA SER D 306 10.18 72.84 -18.25
C SER D 306 9.18 73.64 -19.06
N ARG D 307 8.32 72.96 -19.80
CA ARG D 307 7.44 73.64 -20.74
C ARG D 307 6.09 74.02 -20.14
N ILE D 308 5.64 73.33 -19.09
CA ILE D 308 4.27 73.48 -18.64
C ILE D 308 3.98 74.88 -18.16
N TYR D 309 4.97 75.57 -17.60
CA TYR D 309 4.78 76.92 -17.06
C TYR D 309 5.84 77.86 -17.61
N SER D 310 6.15 77.74 -18.90
CA SER D 310 7.15 78.60 -19.51
C SER D 310 6.63 80.04 -19.60
N PRO E 67 51.54 17.55 12.33
CA PRO E 67 52.45 18.36 11.53
C PRO E 67 51.77 18.94 10.30
N SER E 68 52.36 19.98 9.71
CA SER E 68 51.82 20.55 8.49
C SER E 68 51.94 19.56 7.34
N ALA E 69 51.30 19.89 6.22
CA ALA E 69 51.35 19.02 5.05
C ALA E 69 52.79 18.88 4.54
N VAL E 70 53.53 19.98 4.50
CA VAL E 70 54.90 19.94 4.00
C VAL E 70 55.75 19.01 4.84
N GLU E 71 55.66 19.14 6.17
CA GLU E 71 56.48 18.33 7.07
C GLU E 71 56.16 16.85 6.89
N ALA E 72 54.88 16.51 6.83
CA ALA E 72 54.48 15.13 6.67
C ALA E 72 54.96 14.57 5.33
N LEU E 73 54.82 15.36 4.26
CA LEU E 73 55.23 14.88 2.94
C LEU E 73 56.74 14.69 2.88
N ILE E 74 57.50 15.60 3.50
CA ILE E 74 58.94 15.46 3.56
C ILE E 74 59.31 14.18 4.30
N GLU E 75 58.70 13.96 5.46
CA GLU E 75 59.01 12.77 6.24
C GLU E 75 58.69 11.50 5.46
N THR E 76 57.55 11.50 4.76
CA THR E 76 57.16 10.32 4.00
C THR E 76 58.11 10.05 2.85
N ILE E 77 58.51 11.09 2.11
CA ILE E 77 59.45 10.90 1.01
C ILE E 77 60.78 10.38 1.52
N ASP E 78 61.26 10.94 2.64
CA ASP E 78 62.52 10.47 3.21
C ASP E 78 62.40 9.01 3.64
N ARG E 79 61.30 8.63 4.27
CA ARG E 79 61.11 7.25 4.69
CA ARG E 79 61.10 7.26 4.69
C ARG E 79 61.12 6.31 3.49
N HIS E 80 60.39 6.66 2.43
CA HIS E 80 60.31 5.79 1.27
C HIS E 80 61.67 5.67 0.57
N GLY E 81 62.43 6.75 0.50
CA GLY E 81 63.77 6.65 -0.05
C GLY E 81 64.73 5.92 0.85
N ARG E 82 64.43 5.85 2.14
CA ARG E 82 65.33 5.22 3.10
C ARG E 82 65.13 3.71 3.16
N VAL E 83 63.86 3.26 3.15
CA VAL E 83 63.58 1.88 3.53
C VAL E 83 63.87 0.88 2.43
N SER E 84 63.92 1.29 1.17
CA SER E 84 64.25 0.41 0.04
C SER E 84 63.32 -0.80 0.02
N LEU E 85 62.06 -0.51 -0.22
CA LEU E 85 60.98 -1.49 -0.11
C LEU E 85 60.69 -2.14 -1.46
N ASN E 86 59.62 -2.93 -1.52
CA ASN E 86 59.30 -3.77 -2.66
C ASN E 86 59.12 -2.93 -3.93
N ASP E 87 59.24 -3.61 -5.08
CA ASP E 87 59.04 -2.94 -6.36
C ASP E 87 57.60 -2.49 -6.54
N GLU E 88 56.64 -3.39 -6.32
CA GLU E 88 55.25 -3.01 -6.48
C GLU E 88 54.78 -2.11 -5.35
N ALA E 89 55.36 -2.24 -4.16
CA ALA E 89 55.03 -1.33 -3.08
C ALA E 89 55.41 0.10 -3.44
N LYS E 90 56.59 0.27 -4.06
CA LYS E 90 56.94 1.58 -4.60
C LYS E 90 55.99 1.98 -5.73
N MET E 91 55.67 1.03 -6.62
CA MET E 91 54.79 1.31 -7.74
C MET E 91 53.43 1.80 -7.27
N LYS E 92 53.05 1.46 -6.05
CA LYS E 92 51.80 1.93 -5.48
C LYS E 92 51.96 3.24 -4.71
N LYS E 93 52.95 3.30 -3.80
CA LYS E 93 53.11 4.48 -2.97
C LYS E 93 53.47 5.72 -3.77
N VAL E 94 54.09 5.55 -4.94
CA VAL E 94 54.42 6.71 -5.76
C VAL E 94 53.16 7.46 -6.17
N VAL E 95 52.09 6.72 -6.45
CA VAL E 95 50.85 7.36 -6.87
C VAL E 95 50.23 8.17 -5.74
N ARG E 96 50.22 7.60 -4.53
CA ARG E 96 49.67 8.34 -3.39
C ARG E 96 50.50 9.61 -3.13
N THR E 97 51.82 9.49 -3.18
CA THR E 97 52.65 10.67 -3.01
C THR E 97 52.34 11.70 -4.09
N TRP E 98 52.25 11.26 -5.33
CA TRP E 98 52.00 12.19 -6.43
C TRP E 98 50.68 12.93 -6.24
N LYS E 99 49.63 12.21 -5.84
CA LYS E 99 48.36 12.87 -5.57
C LYS E 99 48.48 13.86 -4.43
N LYS E 100 49.26 13.51 -3.39
CA LYS E 100 49.45 14.46 -2.30
C LYS E 100 50.21 15.70 -2.75
N LEU E 101 51.05 15.59 -3.78
CA LEU E 101 51.76 16.77 -4.28
C LEU E 101 50.81 17.79 -4.89
N ILE E 102 49.94 17.35 -5.79
CA ILE E 102 49.16 18.27 -6.59
C ILE E 102 47.85 18.61 -5.88
N GLU E 103 47.75 18.24 -4.60
CA GLU E 103 46.52 18.50 -3.86
C GLU E 103 46.25 19.99 -3.74
N ARG E 104 47.29 20.77 -3.46
CA ARG E 104 47.17 22.22 -3.41
C ARG E 104 48.35 22.83 -4.18
N ASP E 105 48.15 24.04 -4.69
CA ASP E 105 49.04 24.63 -5.68
C ASP E 105 50.39 25.07 -5.14
N ASP E 106 50.55 25.25 -3.83
CA ASP E 106 51.72 25.93 -3.28
C ASP E 106 52.70 24.97 -2.61
N LEU E 107 52.86 23.77 -3.15
CA LEU E 107 53.78 22.79 -2.57
C LEU E 107 54.97 22.47 -3.48
N ILE E 108 54.72 22.22 -4.77
CA ILE E 108 55.80 21.92 -5.70
C ILE E 108 56.91 22.94 -5.55
N GLY E 109 56.55 24.23 -5.61
CA GLY E 109 57.55 25.26 -5.42
C GLY E 109 58.19 25.20 -4.04
N GLU E 110 57.37 24.98 -3.01
CA GLU E 110 57.88 25.05 -1.65
C GLU E 110 58.80 23.87 -1.33
N ILE E 111 58.36 22.65 -1.63
CA ILE E 111 59.21 21.49 -1.37
C ILE E 111 60.41 21.49 -2.29
N GLY E 112 60.25 21.96 -3.54
CA GLY E 112 61.39 22.14 -4.39
C GLY E 112 62.41 23.09 -3.79
N LYS E 113 61.94 24.18 -3.18
CA LYS E 113 62.83 25.09 -2.49
C LYS E 113 63.52 24.41 -1.32
N HIS E 114 62.79 23.58 -0.58
CA HIS E 114 63.37 22.90 0.57
C HIS E 114 64.48 21.95 0.15
N TYR E 115 64.20 21.06 -0.81
CA TYR E 115 65.21 20.13 -1.27
C TYR E 115 66.32 20.82 -2.04
N PHE E 116 66.07 22.01 -2.58
CA PHE E 116 67.12 22.76 -3.24
C PHE E 116 68.21 23.14 -2.25
N GLU E 117 67.82 23.59 -1.07
CA GLU E 117 68.78 24.06 -0.08
C GLU E 117 69.42 22.94 0.71
N ALA E 118 68.87 21.73 0.62
CA ALA E 118 69.46 20.60 1.31
C ALA E 118 70.79 20.22 0.69
N PRO E 119 71.69 19.62 1.46
CA PRO E 119 72.99 19.23 0.90
C PRO E 119 72.83 18.17 -0.18
N GLY E 120 73.72 18.23 -1.16
CA GLY E 120 73.69 17.31 -2.28
C GLY E 120 74.18 17.97 -3.54
N PRO E 121 73.96 17.34 -4.70
CA PRO E 121 74.34 17.95 -5.96
C PRO E 121 73.51 19.20 -6.23
N LEU E 122 74.12 20.15 -6.93
CA LEU E 122 73.43 21.39 -7.20
C LEU E 122 72.51 21.25 -8.40
N HIS E 123 71.51 22.13 -8.45
CA HIS E 123 70.52 22.10 -9.52
C HIS E 123 70.27 23.50 -10.02
N ASP E 124 69.78 23.60 -11.25
CA ASP E 124 69.48 24.89 -11.83
C ASP E 124 68.13 25.44 -11.37
N THR E 125 67.28 24.63 -10.76
CA THR E 125 65.95 25.08 -10.41
C THR E 125 65.38 24.20 -9.31
N TYR E 126 64.33 24.72 -8.66
CA TYR E 126 63.66 23.96 -7.62
C TYR E 126 63.01 22.70 -8.18
N ASP E 127 62.39 22.83 -9.36
CA ASP E 127 61.72 21.70 -9.97
C ASP E 127 62.69 20.57 -10.26
N GLU E 128 63.90 20.91 -10.70
CA GLU E 128 64.91 19.87 -10.92
C GLU E 128 65.23 19.16 -9.63
N ALA E 129 65.35 19.89 -8.52
CA ALA E 129 65.66 19.26 -7.24
C ALA E 129 64.55 18.31 -6.83
N LEU E 130 63.29 18.75 -6.94
CA LEU E 130 62.18 17.89 -6.56
C LEU E 130 62.10 16.67 -7.46
N ALA E 131 62.28 16.86 -8.76
CA ALA E 131 62.22 15.74 -9.69
C ALA E 131 63.32 14.73 -9.41
N THR E 132 64.53 15.22 -9.14
CA THR E 132 65.63 14.32 -8.80
C THR E 132 65.32 13.54 -7.53
N ARG E 133 64.80 14.22 -6.51
CA ARG E 133 64.47 13.53 -5.27
C ARG E 133 63.43 12.45 -5.50
N LEU E 134 62.39 12.76 -6.27
CA LEU E 134 61.34 11.78 -6.52
C LEU E 134 61.85 10.60 -7.33
N VAL E 135 62.58 10.86 -8.41
CA VAL E 135 63.06 9.79 -9.26
C VAL E 135 64.01 8.89 -8.49
N THR E 136 64.82 9.47 -7.60
CA THR E 136 65.69 8.65 -6.73
C THR E 136 64.81 7.82 -5.78
N THR E 137 63.86 8.45 -5.09
CA THR E 137 62.99 7.74 -4.10
C THR E 137 62.15 6.66 -4.78
N TYR E 138 61.50 6.96 -5.91
CA TYR E 138 60.62 5.98 -6.59
C TYR E 138 61.22 5.63 -7.95
N SER E 139 61.13 4.38 -8.39
CA SER E 139 61.83 3.95 -9.64
C SER E 139 61.34 4.72 -10.88
N ASP E 140 62.16 4.76 -11.94
CA ASP E 140 61.78 5.51 -13.17
C ASP E 140 60.47 4.94 -13.70
N ARG E 141 60.29 3.61 -13.62
CA ARG E 141 58.99 3.01 -14.02
C ARG E 141 57.89 3.58 -13.12
N GLY E 142 58.16 3.72 -11.82
CA GLY E 142 57.17 4.28 -10.87
C GLY E 142 56.82 5.72 -11.17
N VAL E 143 57.83 6.54 -11.48
CA VAL E 143 57.58 7.99 -11.73
C VAL E 143 56.76 8.10 -13.02
N ALA E 144 57.19 7.44 -14.09
CA ALA E 144 56.43 7.45 -15.33
C ALA E 144 55.02 6.93 -15.11
N ARG E 145 54.90 5.83 -14.36
CA ARG E 145 53.57 5.27 -14.14
C ARG E 145 52.70 6.25 -13.34
N ALA E 146 53.29 6.94 -12.37
CA ALA E 146 52.52 7.92 -11.61
C ALA E 146 52.09 9.09 -12.47
N ILE E 147 52.95 9.54 -13.40
CA ILE E 147 52.54 10.61 -14.31
C ILE E 147 51.40 10.17 -15.19
N LEU E 148 51.45 8.93 -15.69
CA LEU E 148 50.42 8.48 -16.63
C LEU E 148 49.06 8.32 -15.95
N HIS E 149 49.03 7.96 -14.67
CA HIS E 149 47.78 7.61 -14.01
C HIS E 149 47.19 8.74 -13.18
N THR E 150 47.79 9.93 -13.22
CA THR E 150 47.33 11.05 -12.40
C THR E 150 47.20 12.31 -13.22
N ARG E 151 46.58 12.20 -14.39
CA ARG E 151 46.37 13.38 -15.22
C ARG E 151 44.95 13.89 -15.02
N PRO E 152 44.76 15.07 -14.43
CA PRO E 152 43.41 15.56 -14.17
C PRO E 152 42.67 15.88 -15.46
N SER E 153 41.39 16.16 -15.31
CA SER E 153 40.52 16.37 -16.46
C SER E 153 40.67 17.78 -17.03
N ASP E 154 40.37 18.79 -16.23
CA ASP E 154 40.37 20.15 -16.73
C ASP E 154 41.79 20.66 -16.91
N PRO E 155 42.23 20.99 -18.13
CA PRO E 155 43.61 21.45 -18.32
C PRO E 155 43.90 22.77 -17.65
N LEU E 156 42.88 23.57 -17.33
CA LEU E 156 43.12 24.89 -16.74
C LEU E 156 43.09 24.89 -15.23
N SER E 157 42.73 23.78 -14.59
CA SER E 157 42.63 23.77 -13.15
C SER E 157 44.02 23.84 -12.52
N LYS E 158 44.04 24.13 -11.22
CA LYS E 158 45.31 24.18 -10.49
C LYS E 158 46.02 22.84 -10.54
N LYS E 159 45.27 21.76 -10.34
CA LYS E 159 45.88 20.43 -10.36
C LYS E 159 46.56 20.16 -11.68
N ALA E 160 45.94 20.59 -12.79
CA ALA E 160 46.58 20.40 -14.09
C ALA E 160 47.90 21.14 -14.18
N GLY E 161 47.95 22.36 -13.65
CA GLY E 161 49.20 23.11 -13.66
C GLY E 161 50.27 22.42 -12.85
N GLN E 162 49.90 21.91 -11.66
CA GLN E 162 50.87 21.21 -10.83
C GLN E 162 51.40 19.97 -11.52
N ALA E 163 50.50 19.21 -12.15
CA ALA E 163 50.91 18.00 -12.84
C ALA E 163 51.81 18.33 -14.02
N HIS E 164 51.50 19.41 -14.75
CA HIS E 164 52.37 19.82 -15.84
C HIS E 164 53.75 20.20 -15.35
N ARG E 165 53.81 20.92 -14.22
CA ARG E 165 55.11 21.26 -13.65
C ARG E 165 55.90 19.99 -13.33
N LEU E 166 55.26 19.03 -12.68
CA LEU E 166 55.96 17.80 -12.30
C LEU E 166 56.46 17.05 -13.53
N GLU E 167 55.60 16.86 -14.52
CA GLU E 167 56.00 16.04 -15.66
C GLU E 167 57.04 16.75 -16.52
N GLU E 168 56.94 18.07 -16.66
CA GLU E 168 57.96 18.80 -17.40
C GLU E 168 59.30 18.74 -16.66
N ALA E 169 59.28 18.84 -15.34
CA ALA E 169 60.52 18.72 -14.59
C ALA E 169 61.14 17.34 -14.80
N VAL E 170 60.33 16.29 -14.79
CA VAL E 170 60.86 14.95 -14.98
C VAL E 170 61.41 14.79 -16.39
N ALA E 171 60.73 15.35 -17.39
CA ALA E 171 61.23 15.27 -18.75
C ALA E 171 62.56 15.97 -18.91
N SER E 172 62.68 17.17 -18.33
CA SER E 172 63.96 17.87 -18.39
C SER E 172 65.04 17.10 -17.66
N LEU E 173 64.68 16.48 -16.53
CA LEU E 173 65.65 15.66 -15.80
C LEU E 173 66.16 14.52 -16.65
N TRP E 174 65.26 13.84 -17.36
CA TRP E 174 65.67 12.74 -18.22
C TRP E 174 66.55 13.25 -19.37
N LYS E 175 66.19 14.38 -19.95
CA LYS E 175 67.03 14.93 -21.02
C LYS E 175 68.42 15.26 -20.52
N GLY E 176 68.53 15.81 -19.32
CA GLY E 176 69.82 16.17 -18.77
C GLY E 176 70.73 14.97 -18.56
N ARG E 177 70.13 13.80 -18.34
CA ARG E 177 70.89 12.57 -18.20
C ARG E 177 71.15 11.89 -19.53
N GLY E 178 70.68 12.47 -20.62
CA GLY E 178 70.94 11.94 -21.95
C GLY E 178 70.32 10.58 -22.24
N TYR E 179 69.09 10.36 -21.79
CA TYR E 179 68.41 9.13 -22.16
C TYR E 179 68.14 9.11 -23.66
N THR E 180 68.23 7.93 -24.25
CA THR E 180 67.84 7.77 -25.63
C THR E 180 66.32 7.73 -25.74
N SER E 181 65.84 7.74 -26.99
CA SER E 181 64.42 7.53 -27.21
C SER E 181 63.99 6.17 -26.71
N ASP E 182 64.82 5.15 -26.95
CA ASP E 182 64.49 3.79 -26.54
C ASP E 182 64.41 3.69 -25.02
N ASN E 183 65.28 4.40 -24.31
CA ASN E 183 65.23 4.36 -22.85
C ASN E 183 63.91 4.92 -22.33
N VAL E 184 63.47 6.04 -22.90
CA VAL E 184 62.20 6.63 -22.50
C VAL E 184 61.05 5.67 -22.81
N VAL E 185 61.07 5.08 -24.00
CA VAL E 185 59.99 4.16 -24.38
C VAL E 185 59.95 2.98 -23.42
N SER E 186 61.10 2.41 -23.11
CA SER E 186 61.15 1.27 -22.20
C SER E 186 60.68 1.65 -20.81
N SER E 187 61.00 2.87 -20.36
CA SER E 187 60.50 3.32 -19.07
C SER E 187 58.98 3.46 -19.08
N ILE E 188 58.43 4.02 -20.15
CA ILE E 188 56.99 4.19 -20.23
C ILE E 188 56.29 2.84 -20.37
N ALA E 189 57.02 1.84 -20.86
CA ALA E 189 56.42 0.58 -21.29
C ALA E 189 55.58 -0.06 -20.18
N THR E 190 54.40 -0.54 -20.56
CA THR E 190 53.49 -1.20 -19.64
C THR E 190 53.18 -2.64 -20.02
N GLY E 191 53.58 -3.10 -21.21
CA GLY E 191 53.31 -4.44 -21.67
C GLY E 191 52.12 -4.57 -22.59
N HIS E 192 51.23 -3.59 -22.60
CA HIS E 192 50.10 -3.56 -23.53
C HIS E 192 50.43 -2.58 -24.62
N ASP E 193 50.62 -3.09 -25.84
CA ASP E 193 51.23 -2.30 -26.90
C ASP E 193 50.35 -1.13 -27.34
N VAL E 194 49.09 -1.10 -26.94
CA VAL E 194 48.24 0.03 -27.29
C VAL E 194 48.44 1.20 -26.34
N ASP E 195 48.96 0.94 -25.13
CA ASP E 195 49.10 1.99 -24.13
C ASP E 195 50.01 3.10 -24.61
N PHE E 196 50.98 2.78 -25.47
CA PHE E 196 51.89 3.80 -25.98
C PHE E 196 51.18 4.84 -26.82
N PHE E 197 49.99 4.54 -27.33
CA PHE E 197 49.28 5.48 -28.18
C PHE E 197 48.16 6.21 -27.46
N ALA E 198 47.95 5.93 -26.17
CA ALA E 198 47.06 6.77 -25.39
C ALA E 198 47.65 8.17 -25.28
N PRO E 199 46.85 9.23 -25.42
CA PRO E 199 47.43 10.58 -25.44
C PRO E 199 48.21 10.92 -24.17
N THR E 200 47.73 10.48 -23.01
CA THR E 200 48.40 10.80 -21.76
C THR E 200 49.82 10.24 -21.69
N ALA E 201 50.12 9.24 -22.52
CA ALA E 201 51.48 8.72 -22.63
C ALA E 201 52.19 9.21 -23.86
N PHE E 202 51.49 9.33 -24.99
CA PHE E 202 52.14 9.77 -26.21
C PHE E 202 52.65 11.19 -26.09
N THR E 203 51.86 12.08 -25.49
CA THR E 203 52.31 13.47 -25.34
C THR E 203 53.54 13.55 -24.45
N PHE E 204 53.56 12.79 -23.35
CA PHE E 204 54.73 12.77 -22.49
C PHE E 204 55.94 12.25 -23.24
N LEU E 205 55.75 11.21 -24.06
CA LEU E 205 56.85 10.70 -24.88
C LEU E 205 57.36 11.77 -25.83
N VAL E 206 56.45 12.49 -26.47
CA VAL E 206 56.85 13.53 -27.41
C VAL E 206 57.66 14.60 -26.69
N LYS E 207 57.22 15.00 -25.50
CA LYS E 207 58.01 15.94 -24.71
C LYS E 207 59.40 15.38 -24.43
N CYS E 208 59.48 14.10 -24.08
CA CYS E 208 60.76 13.52 -23.73
C CYS E 208 61.69 13.40 -24.94
N VAL E 209 61.14 13.36 -26.15
CA VAL E 209 61.97 13.18 -27.34
C VAL E 209 61.94 14.39 -28.27
N GLU E 210 61.02 15.32 -28.08
CA GLU E 210 60.94 16.62 -28.75
C GLU E 210 60.52 16.55 -30.21
N SER E 211 60.18 15.38 -30.73
CA SER E 211 59.79 15.29 -32.14
C SER E 211 58.97 14.03 -32.37
N GLU E 212 57.79 14.19 -32.96
CA GLU E 212 56.90 13.06 -33.18
C GLU E 212 57.51 12.02 -34.09
N ASP E 213 58.34 12.44 -35.05
CA ASP E 213 59.00 11.47 -35.92
C ASP E 213 59.90 10.55 -35.11
N ASP E 214 60.68 11.12 -34.20
CA ASP E 214 61.55 10.29 -33.38
C ASP E 214 60.74 9.42 -32.42
N ALA E 215 59.63 9.94 -31.89
CA ALA E 215 58.78 9.15 -31.01
C ALA E 215 58.21 7.95 -31.76
N ASN E 216 57.72 8.17 -32.98
CA ASN E 216 57.19 7.08 -33.78
C ASN E 216 58.28 6.09 -34.13
N ASN E 217 59.47 6.57 -34.45
CA ASN E 217 60.58 5.66 -34.75
C ASN E 217 60.93 4.82 -33.54
N ALA E 218 60.96 5.44 -32.35
CA ALA E 218 61.30 4.70 -31.14
C ALA E 218 60.26 3.65 -30.82
N ILE E 219 58.98 3.99 -30.95
CA ILE E 219 57.94 3.01 -30.65
C ILE E 219 57.92 1.92 -31.71
N PHE E 220 58.25 2.26 -32.96
CA PHE E 220 58.34 1.26 -34.01
C PHE E 220 59.46 0.29 -33.75
N GLU E 221 60.61 0.79 -33.27
CA GLU E 221 61.74 -0.09 -32.98
C GLU E 221 61.52 -0.89 -31.71
N TYR E 222 60.79 -0.35 -30.74
CA TYR E 222 60.45 -1.13 -29.56
C TYR E 222 59.60 -2.35 -29.93
N PHE E 223 58.86 -2.28 -31.03
CA PHE E 223 58.16 -3.43 -31.56
C PHE E 223 59.05 -4.32 -32.40
N GLY E 224 60.37 -4.15 -32.31
CA GLY E 224 61.28 -4.89 -33.15
C GLY E 224 61.12 -4.59 -34.62
N SER E 225 60.78 -3.35 -34.96
CA SER E 225 60.59 -2.93 -36.35
C SER E 225 59.54 -3.79 -37.04
N ASN E 226 58.49 -4.15 -36.31
CA ASN E 226 57.43 -5.00 -36.83
C ASN E 226 56.27 -4.12 -37.29
N PRO E 227 56.08 -3.91 -38.59
CA PRO E 227 54.93 -3.11 -39.03
C PRO E 227 53.60 -3.71 -38.64
N SER E 228 53.48 -5.03 -38.60
CA SER E 228 52.21 -5.65 -38.23
C SER E 228 51.81 -5.27 -36.80
N ARG E 229 52.74 -5.42 -35.86
CA ARG E 229 52.45 -5.07 -34.47
C ARG E 229 52.14 -3.58 -34.34
N TYR E 230 52.89 -2.75 -35.06
CA TYR E 230 52.67 -1.31 -35.02
C TYR E 230 51.27 -0.95 -35.50
N PHE E 231 50.86 -1.53 -36.64
CA PHE E 231 49.53 -1.24 -37.15
C PHE E 231 48.45 -1.80 -36.25
N SER E 232 48.67 -2.97 -35.66
CA SER E 232 47.70 -3.49 -34.70
C SER E 232 47.51 -2.50 -33.55
N ALA E 233 48.62 -1.99 -33.02
CA ALA E 233 48.54 -1.04 -31.92
C ALA E 233 47.81 0.24 -32.35
N VAL E 234 48.13 0.76 -33.53
CA VAL E 234 47.52 2.03 -33.92
C VAL E 234 46.03 1.85 -34.21
N LEU E 235 45.62 0.72 -34.80
CA LEU E 235 44.18 0.52 -35.03
C LEU E 235 43.45 0.27 -33.72
N HIS E 236 44.08 -0.40 -32.76
CA HIS E 236 43.48 -0.49 -31.43
C HIS E 236 43.38 0.88 -30.75
N ALA E 237 44.33 1.77 -31.00
CA ALA E 237 44.24 3.13 -30.49
C ALA E 237 43.16 3.94 -31.19
N MET E 238 42.84 3.59 -32.44
CA MET E 238 41.73 4.21 -33.14
C MET E 238 40.40 4.02 -32.42
N GLU E 239 40.29 3.02 -31.55
CA GLU E 239 39.03 2.68 -30.90
C GLU E 239 39.00 3.13 -29.44
N LYS E 240 39.60 4.29 -29.15
CA LYS E 240 39.58 4.83 -27.81
C LYS E 240 38.62 6.02 -27.73
N PRO E 241 37.96 6.20 -26.58
CA PRO E 241 37.00 7.31 -26.47
C PRO E 241 37.62 8.67 -26.67
N ASP E 242 38.88 8.86 -26.25
CA ASP E 242 39.53 10.16 -26.31
C ASP E 242 40.75 10.16 -27.22
N ALA E 243 40.83 9.23 -28.16
CA ALA E 243 41.98 9.15 -29.05
C ALA E 243 42.00 10.35 -29.98
N ASP E 244 43.16 11.01 -30.05
CA ASP E 244 43.33 12.14 -30.97
C ASP E 244 43.53 11.60 -32.38
N SER E 245 42.52 11.80 -33.23
CA SER E 245 42.60 11.26 -34.58
C SER E 245 43.77 11.86 -35.35
N ARG E 246 44.03 13.15 -35.16
CA ARG E 246 45.10 13.80 -35.91
C ARG E 246 46.46 13.15 -35.61
N VAL E 247 46.75 12.90 -34.34
CA VAL E 247 48.06 12.39 -33.96
C VAL E 247 48.23 10.94 -34.39
N LEU E 248 47.21 10.11 -34.14
CA LEU E 248 47.29 8.72 -34.57
C LEU E 248 47.42 8.63 -36.08
N GLU E 249 46.66 9.45 -36.79
CA GLU E 249 46.78 9.50 -38.24
C GLU E 249 48.17 9.96 -38.66
N SER E 250 48.76 10.88 -37.89
CA SER E 250 50.13 11.32 -38.19
C SER E 250 51.11 10.16 -38.05
N SER E 251 50.95 9.35 -37.02
CA SER E 251 51.83 8.18 -36.86
C SER E 251 51.65 7.20 -38.01
N LYS E 252 50.39 6.92 -38.36
CA LYS E 252 50.11 6.02 -39.47
C LYS E 252 50.72 6.55 -40.77
N LYS E 253 50.55 7.85 -41.03
CA LYS E 253 51.09 8.46 -42.23
C LYS E 253 52.61 8.44 -42.21
N TRP E 254 53.20 8.55 -41.03
CA TRP E 254 54.65 8.42 -40.89
C TRP E 254 55.10 7.04 -41.31
N MET E 255 54.40 6.00 -40.88
CA MET E 255 54.77 4.65 -41.25
C MET E 255 54.65 4.47 -42.77
N PHE E 256 53.55 4.99 -43.33
CA PHE E 256 53.37 4.97 -44.78
C PHE E 256 54.52 5.65 -45.49
N GLN E 257 54.93 6.82 -45.00
CA GLN E 257 55.99 7.57 -45.66
C GLN E 257 57.32 6.85 -45.53
N CYS E 258 57.57 6.17 -44.41
CA CYS E 258 58.80 5.40 -44.27
C CYS E 258 58.85 4.29 -45.30
N TYR E 259 57.73 3.62 -45.56
CA TYR E 259 57.76 2.65 -46.65
C TYR E 259 57.75 3.29 -48.04
N ALA E 260 57.23 4.52 -48.17
CA ALA E 260 57.31 5.22 -49.44
C ALA E 260 58.75 5.56 -49.80
N GLN E 261 59.55 5.91 -48.78
CA GLN E 261 60.98 6.10 -48.99
C GLN E 261 61.66 4.82 -49.45
N LYS E 262 61.06 3.67 -49.17
CA LYS E 262 61.55 2.40 -49.71
C LYS E 262 61.06 2.14 -51.13
N GLN E 263 60.05 2.90 -51.57
CA GLN E 263 59.42 2.71 -52.88
C GLN E 263 59.04 1.24 -53.10
N PHE E 264 58.54 0.61 -52.05
CA PHE E 264 58.13 -0.78 -52.17
C PHE E 264 56.88 -0.88 -53.03
N PRO E 265 56.81 -1.87 -53.92
CA PRO E 265 55.59 -2.09 -54.68
C PRO E 265 54.42 -2.44 -53.77
N THR E 266 53.23 -2.02 -54.19
CA THR E 266 52.02 -2.28 -53.42
C THR E 266 51.84 -3.76 -53.08
N PRO E 267 51.99 -4.72 -54.01
CA PRO E 267 51.88 -6.13 -53.60
C PRO E 267 53.07 -6.55 -52.76
N VAL E 268 54.25 -6.00 -53.06
CA VAL E 268 55.42 -6.27 -52.22
C VAL E 268 55.22 -5.69 -50.83
N PHE E 269 54.60 -4.50 -50.77
CA PHE E 269 54.23 -3.94 -49.48
C PHE E 269 53.27 -4.85 -48.73
N GLU E 270 52.27 -5.39 -49.44
CA GLU E 270 51.33 -6.32 -48.82
C GLU E 270 52.06 -7.54 -48.28
N ARG E 271 52.96 -8.10 -49.07
CA ARG E 271 53.70 -9.27 -48.63
C ARG E 271 54.62 -8.95 -47.46
N THR E 272 55.22 -7.75 -47.44
CA THR E 272 56.00 -7.33 -46.31
C THR E 272 55.16 -7.30 -45.04
N LEU E 273 53.95 -6.78 -45.16
CA LEU E 273 53.03 -6.79 -44.01
C LEU E 273 52.68 -8.21 -43.61
N ALA E 274 52.41 -9.07 -44.59
CA ALA E 274 51.99 -10.44 -44.31
C ALA E 274 53.11 -11.31 -43.76
N ALA E 275 54.37 -10.94 -44.01
CA ALA E 275 55.48 -11.72 -43.49
C ALA E 275 55.46 -11.77 -41.98
N TYR E 276 55.18 -10.63 -41.33
CA TYR E 276 55.13 -10.60 -39.88
C TYR E 276 53.85 -11.24 -39.36
N GLN E 277 52.86 -11.44 -40.23
CA GLN E 277 51.69 -12.21 -39.84
C GLN E 277 52.04 -13.66 -39.53
N SER E 278 53.22 -14.11 -39.95
CA SER E 278 53.69 -15.44 -39.58
C SER E 278 53.99 -15.49 -38.08
N GLU E 279 54.43 -16.66 -37.61
CA GLU E 279 54.70 -16.90 -36.21
C GLU E 279 56.16 -16.66 -35.84
N ASP E 280 56.81 -15.68 -36.47
CA ASP E 280 58.23 -15.43 -36.22
C ASP E 280 58.48 -15.04 -34.77
N TYR E 281 57.64 -14.22 -34.18
CA TYR E 281 57.79 -13.83 -32.79
C TYR E 281 56.93 -14.71 -31.90
N HIS E 289 53.38 -11.79 -28.46
CA HIS E 289 52.23 -12.09 -27.61
C HIS E 289 51.19 -10.98 -27.69
N TYR E 290 51.25 -10.22 -28.79
CA TYR E 290 50.27 -9.17 -29.05
C TYR E 290 49.13 -9.75 -29.88
N GLU E 291 48.25 -8.87 -30.37
CA GLU E 291 47.11 -9.29 -31.18
C GLU E 291 47.40 -8.99 -32.65
N LYS E 292 47.33 -10.02 -33.49
CA LYS E 292 47.66 -9.88 -34.90
C LYS E 292 46.54 -9.15 -35.63
N LEU E 293 46.88 -8.70 -36.84
CA LEU E 293 45.91 -8.03 -37.70
C LEU E 293 44.94 -9.04 -38.29
N SER E 294 44.04 -8.55 -39.13
CA SER E 294 43.12 -9.38 -39.88
C SER E 294 43.28 -9.07 -41.37
N LEU E 295 43.07 -10.09 -42.20
CA LEU E 295 43.35 -9.97 -43.62
C LEU E 295 42.56 -8.84 -44.26
N SER E 296 41.34 -8.59 -43.78
CA SER E 296 40.52 -7.53 -44.34
C SER E 296 41.17 -6.16 -44.13
N GLN E 297 41.53 -5.85 -42.88
CA GLN E 297 42.19 -4.59 -42.61
C GLN E 297 43.60 -4.54 -43.20
N ILE E 298 44.24 -5.69 -43.36
CA ILE E 298 45.50 -5.73 -44.10
C ILE E 298 45.29 -5.23 -45.52
N GLU E 299 44.29 -5.77 -46.20
CA GLU E 299 44.00 -5.33 -47.56
C GLU E 299 43.59 -3.86 -47.58
N GLU E 300 42.89 -3.40 -46.54
CA GLU E 300 42.53 -2.00 -46.45
C GLU E 300 43.77 -1.12 -46.38
N LEU E 301 44.74 -1.52 -45.56
CA LEU E 301 45.99 -0.76 -45.47
C LEU E 301 46.73 -0.79 -46.80
N VAL E 302 46.70 -1.94 -47.48
CA VAL E 302 47.33 -2.04 -48.79
C VAL E 302 46.70 -1.05 -49.77
N GLU E 303 45.37 -1.03 -49.80
CA GLU E 303 44.66 -0.09 -50.66
C GLU E 303 44.98 1.34 -50.29
N GLU E 304 45.06 1.64 -49.00
CA GLU E 304 45.39 2.99 -48.56
C GLU E 304 46.76 3.40 -49.09
N TYR E 305 47.75 2.53 -48.94
CA TYR E 305 49.08 2.84 -49.41
C TYR E 305 49.17 2.88 -50.94
N SER E 306 48.23 2.22 -51.62
CA SER E 306 48.37 1.97 -53.05
C SER E 306 48.55 3.26 -53.85
N ARG E 307 47.53 4.13 -53.84
CA ARG E 307 47.54 5.27 -54.74
C ARG E 307 48.24 6.49 -54.16
N ILE E 308 48.35 6.59 -52.83
CA ILE E 308 48.84 7.82 -52.24
C ILE E 308 50.30 8.08 -52.61
N TYR E 309 51.10 7.03 -52.73
CA TYR E 309 52.52 7.16 -53.04
C TYR E 309 52.89 6.28 -54.22
N SER E 310 52.07 6.29 -55.26
CA SER E 310 52.34 5.47 -56.44
C SER E 310 53.61 5.92 -57.15
N PRO F 67 -49.35 -24.70 8.35
CA PRO F 67 -50.43 -24.92 7.40
C PRO F 67 -50.03 -24.59 5.97
N SER F 68 -50.79 -25.09 5.00
CA SER F 68 -50.51 -24.75 3.60
C SER F 68 -50.78 -23.27 3.36
N ALA F 69 -50.37 -22.81 2.18
CA ALA F 69 -50.59 -21.41 1.83
C ALA F 69 -52.07 -21.06 1.79
N VAL F 70 -52.88 -21.96 1.22
CA VAL F 70 -54.31 -21.70 1.11
C VAL F 70 -54.94 -21.55 2.48
N GLU F 71 -54.62 -22.47 3.40
CA GLU F 71 -55.22 -22.45 4.72
C GLU F 71 -54.87 -21.16 5.45
N ALA F 72 -53.60 -20.78 5.41
CA ALA F 72 -53.18 -19.55 6.07
C ALA F 72 -53.84 -18.34 5.45
N LEU F 73 -53.95 -18.30 4.12
CA LEU F 73 -54.54 -17.14 3.46
C LEU F 73 -56.02 -17.01 3.80
N ILE F 74 -56.74 -18.14 3.84
CA ILE F 74 -58.14 -18.10 4.24
C ILE F 74 -58.27 -17.61 5.67
N GLU F 75 -57.44 -18.13 6.57
CA GLU F 75 -57.51 -17.70 7.96
C GLU F 75 -57.25 -16.20 8.07
N THR F 76 -56.27 -15.70 7.33
CA THR F 76 -55.94 -14.28 7.39
C THR F 76 -57.07 -13.42 6.86
N ILE F 77 -57.66 -13.82 5.72
CA ILE F 77 -58.76 -13.04 5.16
C ILE F 77 -59.95 -13.02 6.12
N ASP F 78 -60.26 -14.17 6.71
CA ASP F 78 -61.35 -14.22 7.68
C ASP F 78 -61.06 -13.33 8.88
N ARG F 79 -59.83 -13.36 9.38
CA ARG F 79 -59.48 -12.52 10.51
CA ARG F 79 -59.47 -12.52 10.51
C ARG F 79 -59.65 -11.05 10.18
N HIS F 80 -59.15 -10.62 9.01
CA HIS F 80 -59.24 -9.23 8.64
C HIS F 80 -60.68 -8.79 8.43
N GLY F 81 -61.52 -9.64 7.84
CA GLY F 81 -62.93 -9.31 7.73
C GLY F 81 -63.66 -9.34 9.05
N ARG F 82 -63.13 -10.06 10.03
CA ARG F 82 -63.79 -10.20 11.32
C ARG F 82 -63.48 -9.03 12.25
N VAL F 83 -62.21 -8.61 12.31
CA VAL F 83 -61.76 -7.74 13.38
C VAL F 83 -62.22 -6.29 13.19
N SER F 84 -62.52 -5.86 11.97
CA SER F 84 -63.00 -4.50 11.69
C SER F 84 -62.02 -3.45 12.24
N LEU F 85 -60.84 -3.46 11.65
CA LEU F 85 -59.71 -2.68 12.14
C LEU F 85 -59.63 -1.33 11.44
N ASN F 86 -58.54 -0.61 11.68
CA ASN F 86 -58.38 0.77 11.25
C ASN F 86 -58.48 0.89 9.73
N ASP F 87 -58.77 2.12 9.28
CA ASP F 87 -58.86 2.39 7.85
C ASP F 87 -57.50 2.23 7.16
N GLU F 88 -56.47 2.86 7.71
CA GLU F 88 -55.15 2.75 7.09
C GLU F 88 -54.53 1.38 7.31
N ALA F 89 -54.88 0.71 8.43
CA ALA F 89 -54.41 -0.64 8.63
C ALA F 89 -54.95 -1.57 7.54
N LYS F 90 -56.22 -1.41 7.19
CA LYS F 90 -56.76 -2.12 6.03
C LYS F 90 -56.06 -1.68 4.75
N MET F 91 -55.85 -0.37 4.59
CA MET F 91 -55.22 0.15 3.39
C MET F 91 -53.82 -0.43 3.19
N LYS F 92 -53.20 -0.89 4.27
CA LYS F 92 -51.90 -1.54 4.18
C LYS F 92 -52.01 -3.05 4.01
N LYS F 93 -52.81 -3.71 4.84
CA LYS F 93 -52.90 -5.17 4.79
C LYS F 93 -53.48 -5.68 3.47
N VAL F 94 -54.29 -4.86 2.80
CA VAL F 94 -54.84 -5.30 1.51
C VAL F 94 -53.72 -5.57 0.52
N VAL F 95 -52.67 -4.75 0.56
CA VAL F 95 -51.57 -4.91 -0.39
C VAL F 95 -50.82 -6.22 -0.11
N ARG F 96 -50.57 -6.52 1.17
CA ARG F 96 -49.88 -7.77 1.48
C ARG F 96 -50.72 -8.97 1.07
N THR F 97 -52.03 -8.93 1.33
CA THR F 97 -52.88 -10.03 0.89
C THR F 97 -52.87 -10.16 -0.62
N TRP F 98 -52.91 -9.03 -1.33
CA TRP F 98 -52.92 -9.07 -2.79
C TRP F 98 -51.64 -9.70 -3.32
N LYS F 99 -50.50 -9.31 -2.76
CA LYS F 99 -49.23 -9.90 -3.19
C LYS F 99 -49.19 -11.39 -2.89
N LYS F 100 -49.71 -11.80 -1.73
CA LYS F 100 -49.75 -13.23 -1.43
C LYS F 100 -50.67 -13.98 -2.39
N LEU F 101 -51.66 -13.30 -2.96
CA LEU F 101 -52.55 -13.97 -3.91
C LEU F 101 -51.82 -14.34 -5.19
N ILE F 102 -51.10 -13.39 -5.79
CA ILE F 102 -50.54 -13.58 -7.12
C ILE F 102 -49.15 -14.20 -7.03
N GLU F 103 -48.78 -14.67 -5.84
CA GLU F 103 -47.45 -15.24 -5.64
C GLU F 103 -47.27 -16.48 -6.50
N ARG F 104 -48.29 -17.33 -6.57
CA ARG F 104 -48.27 -18.51 -7.44
C ARG F 104 -49.60 -18.59 -8.18
N ASP F 105 -49.58 -19.22 -9.34
CA ASP F 105 -50.67 -19.15 -10.31
C ASP F 105 -51.93 -19.89 -9.91
N ASP F 106 -51.86 -20.83 -8.98
CA ASP F 106 -52.96 -21.78 -8.75
C ASP F 106 -53.71 -21.50 -7.46
N LEU F 107 -53.90 -20.25 -7.09
CA LEU F 107 -54.60 -19.88 -5.88
C LEU F 107 -55.92 -19.16 -6.15
N ILE F 108 -55.90 -18.17 -7.05
CA ILE F 108 -57.12 -17.42 -7.35
C ILE F 108 -58.25 -18.37 -7.69
N GLY F 109 -57.97 -19.32 -8.59
CA GLY F 109 -58.97 -20.32 -8.91
C GLY F 109 -59.35 -21.16 -7.70
N GLU F 110 -58.35 -21.57 -6.93
CA GLU F 110 -58.62 -22.50 -5.82
C GLU F 110 -59.39 -21.81 -4.70
N ILE F 111 -58.93 -20.64 -4.27
CA ILE F 111 -59.63 -19.92 -3.20
C ILE F 111 -61.00 -19.44 -3.70
N GLY F 112 -61.09 -19.05 -4.97
CA GLY F 112 -62.39 -18.74 -5.53
C GLY F 112 -63.34 -19.92 -5.45
N LYS F 113 -62.82 -21.12 -5.73
CA LYS F 113 -63.63 -22.32 -5.59
C LYS F 113 -64.05 -22.53 -4.15
N HIS F 114 -63.14 -22.29 -3.21
CA HIS F 114 -63.46 -22.50 -1.80
C HIS F 114 -64.56 -21.55 -1.34
N TYR F 115 -64.39 -20.26 -1.58
CA TYR F 115 -65.41 -19.30 -1.17
C TYR F 115 -66.69 -19.43 -1.99
N PHE F 116 -66.61 -20.03 -3.18
CA PHE F 116 -67.82 -20.28 -3.95
C PHE F 116 -68.74 -21.25 -3.22
N GLU F 117 -68.16 -22.30 -2.64
CA GLU F 117 -68.95 -23.35 -2.01
C GLU F 117 -69.36 -22.98 -0.58
N ALA F 118 -68.77 -21.94 -0.01
CA ALA F 118 -69.13 -21.50 1.32
C ALA F 118 -70.54 -20.91 1.31
N PRO F 119 -71.24 -20.96 2.44
CA PRO F 119 -72.59 -20.40 2.48
C PRO F 119 -72.58 -18.90 2.28
N GLY F 120 -73.63 -18.39 1.64
CA GLY F 120 -73.75 -16.99 1.34
C GLY F 120 -74.51 -16.78 0.04
N PRO F 121 -74.47 -15.56 -0.49
CA PRO F 121 -75.11 -15.30 -1.78
C PRO F 121 -74.42 -16.07 -2.89
N LEU F 122 -75.20 -16.43 -3.90
CA LEU F 122 -74.65 -17.22 -4.98
C LEU F 122 -73.98 -16.31 -6.02
N HIS F 123 -73.05 -16.90 -6.77
CA HIS F 123 -72.28 -16.16 -7.76
C HIS F 123 -72.23 -16.95 -9.04
N ASP F 124 -71.96 -16.24 -10.15
CA ASP F 124 -71.86 -16.90 -11.44
C ASP F 124 -70.50 -17.53 -11.66
N THR F 125 -69.50 -17.19 -10.85
CA THR F 125 -68.15 -17.68 -11.10
C THR F 125 -67.33 -17.63 -9.82
N TYR F 126 -66.23 -18.36 -9.83
CA TYR F 126 -65.32 -18.36 -8.68
C TYR F 126 -64.72 -16.97 -8.48
N ASP F 127 -64.33 -16.32 -9.58
CA ASP F 127 -63.71 -15.01 -9.48
C ASP F 127 -64.65 -14.00 -8.83
N GLU F 128 -65.94 -14.07 -9.16
CA GLU F 128 -66.89 -13.18 -8.51
C GLU F 128 -66.93 -13.43 -7.01
N ALA F 129 -66.89 -14.69 -6.59
CA ALA F 129 -66.91 -14.99 -5.17
C ALA F 129 -65.69 -14.42 -4.47
N LEU F 130 -64.51 -14.64 -5.06
CA LEU F 130 -63.25 -14.13 -4.45
C LEU F 130 -63.31 -12.59 -4.41
N ALA F 131 -63.73 -11.96 -5.50
CA ALA F 131 -63.76 -10.48 -5.55
C ALA F 131 -64.73 -9.94 -4.50
N THR F 132 -65.89 -10.58 -4.35
CA THR F 132 -66.90 -10.13 -3.35
C THR F 132 -66.29 -10.23 -1.95
N ARG F 133 -65.60 -11.34 -1.67
CA ARG F 133 -64.97 -11.52 -0.34
C ARG F 133 -63.91 -10.44 -0.12
N LEU F 134 -63.10 -10.15 -1.14
CA LEU F 134 -62.02 -9.14 -1.00
C LEU F 134 -62.64 -7.77 -0.72
N VAL F 135 -63.73 -7.42 -1.41
CA VAL F 135 -64.43 -6.12 -1.18
C VAL F 135 -65.02 -6.11 0.24
N THR F 136 -65.60 -7.22 0.69
CA THR F 136 -66.12 -7.27 2.09
C THR F 136 -64.96 -7.12 3.08
N THR F 137 -63.86 -7.84 2.86
CA THR F 137 -62.69 -7.81 3.80
C THR F 137 -62.00 -6.43 3.79
N TYR F 138 -61.79 -5.85 2.59
CA TYR F 138 -61.10 -4.54 2.47
C TYR F 138 -62.00 -3.59 1.68
N SER F 139 -62.05 -2.30 2.04
CA SER F 139 -63.01 -1.34 1.41
C SER F 139 -62.76 -1.18 -0.09
N ASP F 140 -63.79 -0.77 -0.85
CA ASP F 140 -63.60 -0.47 -2.29
C ASP F 140 -62.33 0.39 -2.44
N ARG F 141 -62.13 1.34 -1.51
CA ARG F 141 -60.90 2.16 -1.55
C ARG F 141 -59.66 1.26 -1.43
N GLY F 142 -59.70 0.21 -0.58
CA GLY F 142 -58.47 -0.56 -0.40
C GLY F 142 -58.20 -1.44 -1.61
N VAL F 143 -59.26 -1.98 -2.24
CA VAL F 143 -59.05 -2.89 -3.36
C VAL F 143 -58.52 -2.13 -4.56
N ALA F 144 -59.08 -0.96 -4.84
CA ALA F 144 -58.59 -0.15 -5.94
C ALA F 144 -57.13 0.24 -5.71
N ARG F 145 -56.79 0.62 -4.48
CA ARG F 145 -55.41 1.01 -4.22
C ARG F 145 -54.46 -0.16 -4.42
N ALA F 146 -54.86 -1.35 -3.97
CA ALA F 146 -54.01 -2.52 -4.15
C ALA F 146 -53.83 -2.86 -5.63
N ILE F 147 -54.91 -2.78 -6.41
CA ILE F 147 -54.80 -3.04 -7.84
C ILE F 147 -53.85 -2.03 -8.50
N LEU F 148 -53.96 -0.77 -8.11
CA LEU F 148 -53.07 0.24 -8.69
C LEU F 148 -51.62 0.02 -8.28
N HIS F 149 -51.37 -0.42 -7.05
CA HIS F 149 -50.02 -0.49 -6.52
C HIS F 149 -49.36 -1.85 -6.70
N THR F 150 -50.06 -2.83 -7.28
CA THR F 150 -49.49 -4.16 -7.41
C THR F 150 -49.59 -4.66 -8.85
N ARG F 151 -49.20 -3.81 -9.80
CA ARG F 151 -49.20 -4.21 -11.19
C ARG F 151 -47.80 -4.64 -11.59
N PRO F 152 -47.59 -5.92 -11.94
CA PRO F 152 -46.24 -6.37 -12.30
C PRO F 152 -45.77 -5.76 -13.62
N SER F 153 -44.53 -6.07 -13.95
CA SER F 153 -43.89 -5.46 -15.11
C SER F 153 -44.21 -6.24 -16.39
N ASP F 154 -43.86 -7.51 -16.44
CA ASP F 154 -43.99 -8.27 -17.67
C ASP F 154 -45.44 -8.67 -17.88
N PRO F 155 -46.10 -8.19 -18.95
CA PRO F 155 -47.51 -8.55 -19.14
C PRO F 155 -47.75 -10.01 -19.39
N LEU F 156 -46.75 -10.76 -19.84
CA LEU F 156 -46.94 -12.17 -20.17
C LEU F 156 -46.56 -13.12 -19.05
N SER F 157 -46.08 -12.61 -17.93
CA SER F 157 -45.71 -13.49 -16.84
C SER F 157 -46.97 -14.02 -16.13
N LYS F 158 -46.76 -15.02 -15.28
CA LYS F 158 -47.86 -15.59 -14.51
C LYS F 158 -48.49 -14.55 -13.60
N LYS F 159 -47.66 -13.77 -12.91
CA LYS F 159 -48.17 -12.76 -11.99
C LYS F 159 -49.07 -11.77 -12.71
N ALA F 160 -48.71 -11.40 -13.94
CA ALA F 160 -49.56 -10.50 -14.70
C ALA F 160 -50.92 -11.13 -14.98
N GLY F 161 -50.94 -12.42 -15.30
CA GLY F 161 -52.22 -13.09 -15.52
C GLY F 161 -53.07 -13.10 -14.26
N GLN F 162 -52.45 -13.39 -13.12
CA GLN F 162 -53.19 -13.41 -11.87
C GLN F 162 -53.76 -12.03 -11.55
N ALA F 163 -52.94 -10.99 -11.72
CA ALA F 163 -53.41 -9.64 -11.45
C ALA F 163 -54.53 -9.24 -12.39
N HIS F 164 -54.45 -9.64 -13.66
CA HIS F 164 -55.52 -9.35 -14.60
C HIS F 164 -56.80 -10.05 -14.19
N ARG F 165 -56.70 -11.30 -13.75
CA ARG F 165 -57.89 -12.00 -13.27
C ARG F 165 -58.52 -11.24 -12.11
N LEU F 166 -57.70 -10.84 -11.14
CA LEU F 166 -58.25 -10.15 -9.97
C LEU F 166 -58.91 -8.85 -10.37
N GLU F 167 -58.24 -8.03 -11.17
CA GLU F 167 -58.80 -6.72 -11.46
C GLU F 167 -60.02 -6.81 -12.37
N GLU F 168 -60.03 -7.75 -13.31
CA GLU F 168 -61.22 -7.95 -14.13
C GLU F 168 -62.39 -8.43 -13.28
N ALA F 169 -62.13 -9.32 -12.33
CA ALA F 169 -63.20 -9.76 -11.45
C ALA F 169 -63.76 -8.59 -10.65
N VAL F 170 -62.89 -7.72 -10.16
CA VAL F 170 -63.37 -6.57 -9.38
C VAL F 170 -64.16 -5.61 -10.27
N ALA F 171 -63.71 -5.41 -11.51
CA ALA F 171 -64.44 -4.54 -12.42
C ALA F 171 -65.83 -5.09 -12.72
N SER F 172 -65.92 -6.39 -12.99
CA SER F 172 -67.22 -6.99 -13.23
C SER F 172 -68.10 -6.91 -11.99
N LEU F 173 -67.50 -7.08 -10.80
CA LEU F 173 -68.26 -6.93 -9.57
C LEU F 173 -68.84 -5.54 -9.43
N TRP F 174 -68.04 -4.52 -9.74
CA TRP F 174 -68.55 -3.15 -9.65
C TRP F 174 -69.64 -2.91 -10.67
N LYS F 175 -69.48 -3.43 -11.89
CA LYS F 175 -70.53 -3.26 -12.89
C LYS F 175 -71.83 -3.91 -12.44
N GLY F 176 -71.74 -5.10 -11.84
CA GLY F 176 -72.94 -5.79 -11.39
C GLY F 176 -73.70 -5.03 -10.33
N ARG F 177 -73.00 -4.20 -9.55
CA ARG F 177 -73.63 -3.36 -8.55
C ARG F 177 -74.10 -2.03 -9.12
N GLY F 178 -73.88 -1.79 -10.41
CA GLY F 178 -74.35 -0.59 -11.06
C GLY F 178 -73.71 0.70 -10.57
N TYR F 179 -72.40 0.69 -10.31
CA TYR F 179 -71.73 1.93 -9.98
C TYR F 179 -71.74 2.88 -11.17
N THR F 180 -71.87 4.17 -10.88
CA THR F 180 -71.74 5.16 -11.93
C THR F 180 -70.27 5.36 -12.27
N SER F 181 -70.02 6.14 -13.33
CA SER F 181 -68.65 6.53 -13.63
C SER F 181 -68.06 7.33 -12.49
N ASP F 182 -68.86 8.23 -11.91
CA ASP F 182 -68.36 9.07 -10.82
C ASP F 182 -67.99 8.24 -9.61
N ASN F 183 -68.76 7.20 -9.32
CA ASN F 183 -68.45 6.33 -8.19
C ASN F 183 -67.10 5.66 -8.37
N VAL F 184 -66.85 5.15 -9.58
CA VAL F 184 -65.56 4.52 -9.87
C VAL F 184 -64.44 5.52 -9.73
N VAL F 185 -64.62 6.72 -10.28
CA VAL F 185 -63.57 7.74 -10.21
C VAL F 185 -63.28 8.08 -8.76
N SER F 186 -64.32 8.28 -7.96
CA SER F 186 -64.12 8.62 -6.56
C SER F 186 -63.43 7.49 -5.82
N SER F 187 -63.73 6.24 -6.17
CA SER F 187 -63.04 5.13 -5.53
C SER F 187 -61.56 5.11 -5.90
N ILE F 188 -61.23 5.33 -7.16
CA ILE F 188 -59.82 5.34 -7.56
C ILE F 188 -59.11 6.55 -6.99
N ALA F 189 -59.85 7.59 -6.64
CA ALA F 189 -59.26 8.89 -6.32
C ALA F 189 -58.22 8.78 -5.22
N THR F 190 -57.09 9.45 -5.43
CA THR F 190 -55.99 9.46 -4.48
C THR F 190 -55.66 10.85 -3.94
N GLY F 191 -56.25 11.90 -4.49
CA GLY F 191 -55.99 13.26 -4.05
C GLY F 191 -54.98 14.01 -4.90
N HIS F 192 -54.21 13.31 -5.72
CA HIS F 192 -53.26 13.93 -6.64
C HIS F 192 -53.83 13.80 -8.04
N ASP F 193 -54.20 14.95 -8.62
CA ASP F 193 -55.03 14.94 -9.82
C ASP F 193 -54.33 14.35 -11.03
N VAL F 194 -53.01 14.16 -10.96
CA VAL F 194 -52.31 13.53 -12.08
C VAL F 194 -52.42 12.01 -12.03
N ASP F 195 -52.67 11.45 -10.85
CA ASP F 195 -52.70 10.00 -10.70
C ASP F 195 -53.76 9.36 -11.58
N PHE F 196 -54.84 10.08 -11.88
CA PHE F 196 -55.89 9.53 -12.72
C PHE F 196 -55.42 9.26 -14.13
N PHE F 197 -54.32 9.88 -14.57
CA PHE F 197 -53.83 9.70 -15.92
C PHE F 197 -52.65 8.75 -16.02
N ALA F 198 -52.19 8.20 -14.90
CA ALA F 198 -51.23 7.11 -14.97
C ALA F 198 -51.89 5.92 -15.63
N PRO F 199 -51.19 5.22 -16.53
CA PRO F 199 -51.86 4.11 -17.26
C PRO F 199 -52.40 3.03 -16.35
N THR F 200 -51.70 2.70 -15.26
CA THR F 200 -52.14 1.64 -14.37
C THR F 200 -53.48 1.95 -13.73
N ALA F 201 -53.87 3.23 -13.70
CA ALA F 201 -55.18 3.62 -13.21
C ALA F 201 -56.15 3.93 -14.33
N PHE F 202 -55.67 4.58 -15.40
CA PHE F 202 -56.56 4.94 -16.49
C PHE F 202 -57.12 3.71 -17.18
N THR F 203 -56.30 2.68 -17.39
CA THR F 203 -56.80 1.47 -18.04
C THR F 203 -57.85 0.78 -17.17
N PHE F 204 -57.62 0.72 -15.87
CA PHE F 204 -58.61 0.14 -14.98
C PHE F 204 -59.90 0.92 -15.02
N LEU F 205 -59.81 2.26 -15.06
CA LEU F 205 -61.00 3.08 -15.18
C LEU F 205 -61.74 2.79 -16.48
N VAL F 206 -61.00 2.65 -17.58
CA VAL F 206 -61.62 2.37 -18.87
C VAL F 206 -62.36 1.04 -18.81
N LYS F 207 -61.73 0.04 -18.20
CA LYS F 207 -62.43 -1.24 -18.02
C LYS F 207 -63.70 -1.05 -17.21
N CYS F 208 -63.63 -0.26 -16.14
CA CYS F 208 -64.79 -0.10 -15.28
C CYS F 208 -65.92 0.67 -15.96
N VAL F 209 -65.62 1.48 -16.98
CA VAL F 209 -66.64 2.29 -17.62
C VAL F 209 -66.86 1.91 -19.08
N GLU F 210 -65.97 1.11 -19.68
CA GLU F 210 -66.10 0.50 -21.00
C GLU F 210 -65.95 1.47 -22.16
N SER F 211 -65.66 2.74 -21.91
CA SER F 211 -65.52 3.69 -23.01
C SER F 211 -64.68 4.88 -22.57
N GLU F 212 -63.64 5.19 -23.35
CA GLU F 212 -62.74 6.27 -22.99
C GLU F 212 -63.44 7.62 -22.95
N ASP F 213 -64.46 7.82 -23.78
CA ASP F 213 -65.20 9.07 -23.74
C ASP F 213 -65.88 9.25 -22.39
N ASP F 214 -66.52 8.19 -21.89
CA ASP F 214 -67.16 8.29 -20.58
C ASP F 214 -66.12 8.43 -19.47
N ALA F 215 -64.97 7.78 -19.60
CA ALA F 215 -63.93 7.92 -18.59
C ALA F 215 -63.43 9.36 -18.54
N ASN F 216 -63.19 9.96 -19.71
CA ASN F 216 -62.76 11.35 -19.75
C ASN F 216 -63.83 12.28 -19.21
N ASN F 217 -65.10 12.01 -19.54
CA ASN F 217 -66.17 12.84 -19.00
C ASN F 217 -66.23 12.73 -17.48
N ALA F 218 -66.08 11.53 -16.94
CA ALA F 218 -66.13 11.34 -15.51
C ALA F 218 -64.98 12.05 -14.81
N ILE F 219 -63.78 11.95 -15.36
CA ILE F 219 -62.64 12.60 -14.72
C ILE F 219 -62.75 14.11 -14.87
N PHE F 220 -63.32 14.58 -15.98
CA PHE F 220 -63.54 16.01 -16.16
C PHE F 220 -64.54 16.54 -15.15
N GLU F 221 -65.60 15.78 -14.89
CA GLU F 221 -66.60 16.22 -13.92
C GLU F 221 -66.09 16.10 -12.50
N TYR F 222 -65.23 15.13 -12.21
CA TYR F 222 -64.62 15.06 -10.90
C TYR F 222 -63.79 16.28 -10.59
N PHE F 223 -63.28 16.95 -11.62
CA PHE F 223 -62.61 18.23 -11.45
C PHE F 223 -63.58 19.39 -11.38
N GLY F 224 -64.87 19.11 -11.18
CA GLY F 224 -65.87 20.15 -11.21
C GLY F 224 -66.01 20.82 -12.55
N SER F 225 -65.82 20.07 -13.63
CA SER F 225 -65.92 20.61 -14.99
C SER F 225 -64.97 21.77 -15.20
N ASN F 226 -63.78 21.68 -14.61
CA ASN F 226 -62.78 22.73 -14.69
C ASN F 226 -61.79 22.39 -15.80
N PRO F 227 -61.84 23.05 -16.96
CA PRO F 227 -60.85 22.76 -18.00
C PRO F 227 -59.43 23.07 -17.57
N SER F 228 -59.23 24.10 -16.74
CA SER F 228 -57.88 24.44 -16.31
C SER F 228 -57.25 23.30 -15.52
N ARG F 229 -57.97 22.78 -14.53
CA ARG F 229 -57.46 21.68 -13.73
C ARG F 229 -57.22 20.45 -14.60
N TYR F 230 -58.13 20.18 -15.53
CA TYR F 230 -58.00 19.04 -16.41
C TYR F 230 -56.73 19.15 -17.26
N PHE F 231 -56.51 20.32 -17.85
CA PHE F 231 -55.32 20.49 -18.68
C PHE F 231 -54.05 20.46 -17.85
N SER F 232 -54.10 20.99 -16.63
CA SER F 232 -52.94 20.88 -15.74
C SER F 232 -52.60 19.43 -15.48
N ALA F 233 -53.62 18.62 -15.20
CA ALA F 233 -53.39 17.20 -14.94
C ALA F 233 -52.83 16.50 -16.17
N VAL F 234 -53.38 16.78 -17.35
CA VAL F 234 -52.92 16.07 -18.53
C VAL F 234 -51.51 16.50 -18.90
N LEU F 235 -51.17 17.78 -18.74
CA LEU F 235 -49.79 18.19 -19.02
C LEU F 235 -48.82 17.58 -18.01
N HIS F 236 -49.21 17.50 -16.75
CA HIS F 236 -48.35 16.80 -15.79
C HIS F 236 -48.22 15.32 -16.12
N ALA F 237 -49.24 14.69 -16.67
CA ALA F 237 -49.14 13.31 -17.14
C ALA F 237 -48.30 13.16 -18.38
N MET F 238 -48.17 14.22 -19.18
CA MET F 238 -47.27 14.20 -20.33
C MET F 238 -45.82 14.00 -19.90
N GLU F 239 -45.53 14.26 -18.62
CA GLU F 239 -44.17 14.21 -18.11
C GLU F 239 -43.91 12.96 -17.28
N LYS F 240 -44.49 11.84 -17.67
CA LYS F 240 -44.26 10.58 -16.98
C LYS F 240 -43.39 9.66 -17.83
N PRO F 241 -42.51 8.87 -17.20
CA PRO F 241 -41.62 8.01 -17.98
C PRO F 241 -42.35 7.00 -18.83
N ASP F 242 -43.49 6.50 -18.39
CA ASP F 242 -44.23 5.45 -19.10
C ASP F 242 -45.59 5.93 -19.58
N ALA F 243 -45.79 7.24 -19.69
CA ALA F 243 -47.08 7.77 -20.11
C ALA F 243 -47.35 7.40 -21.56
N ASP F 244 -48.51 6.82 -21.82
CA ASP F 244 -48.92 6.50 -23.19
C ASP F 244 -49.32 7.79 -23.89
N SER F 245 -48.52 8.22 -24.87
CA SER F 245 -48.80 9.47 -25.55
C SER F 245 -50.13 9.40 -26.30
N ARG F 246 -50.44 8.25 -26.90
CA ARG F 246 -51.66 8.13 -27.68
C ARG F 246 -52.90 8.37 -26.82
N VAL F 247 -52.94 7.77 -25.63
CA VAL F 247 -54.13 7.86 -24.80
C VAL F 247 -54.28 9.26 -24.21
N LEU F 248 -53.19 9.82 -23.70
CA LEU F 248 -53.26 11.18 -23.17
C LEU F 248 -53.66 12.16 -24.25
N GLU F 249 -53.10 12.00 -25.45
CA GLU F 249 -53.49 12.83 -26.58
C GLU F 249 -54.96 12.63 -26.91
N SER F 250 -55.46 11.40 -26.78
CA SER F 250 -56.87 11.14 -27.01
C SER F 250 -57.75 11.90 -26.03
N SER F 251 -57.35 11.93 -24.76
CA SER F 251 -58.11 12.69 -23.77
C SER F 251 -58.08 14.18 -24.08
N LYS F 252 -56.90 14.70 -24.42
CA LYS F 252 -56.77 16.10 -24.79
C LYS F 252 -57.66 16.43 -26.00
N LYS F 253 -57.62 15.57 -27.01
CA LYS F 253 -58.41 15.76 -28.21
C LYS F 253 -59.90 15.69 -27.89
N TRP F 254 -60.26 14.85 -26.93
CA TRP F 254 -61.65 14.79 -26.48
C TRP F 254 -62.09 16.11 -25.88
N MET F 255 -61.23 16.70 -25.05
CA MET F 255 -61.58 17.99 -24.45
C MET F 255 -61.72 19.06 -25.53
N PHE F 256 -60.79 19.05 -26.49
CA PHE F 256 -60.87 19.96 -27.63
C PHE F 256 -62.19 19.79 -28.38
N GLN F 257 -62.56 18.54 -28.65
CA GLN F 257 -63.79 18.29 -29.40
C GLN F 257 -65.01 18.69 -28.61
N CYS F 258 -64.98 18.52 -27.29
CA CYS F 258 -66.09 18.95 -26.46
C CYS F 258 -66.30 20.46 -26.57
N TYR F 259 -65.21 21.22 -26.59
CA TYR F 259 -65.39 22.65 -26.83
C TYR F 259 -65.69 22.99 -28.29
N ALA F 260 -65.28 22.15 -29.23
CA ALA F 260 -65.62 22.38 -30.63
C ALA F 260 -67.13 22.22 -30.85
N GLN F 261 -67.74 21.28 -30.12
CA GLN F 261 -69.19 21.17 -30.13
C GLN F 261 -69.86 22.43 -29.60
N LYS F 262 -69.15 23.20 -28.78
CA LYS F 262 -69.65 24.49 -28.33
C LYS F 262 -69.38 25.59 -29.34
N GLN F 263 -68.51 25.35 -30.32
CA GLN F 263 -68.14 26.34 -31.33
C GLN F 263 -67.72 27.65 -30.69
N PHE F 264 -66.98 27.56 -29.60
CA PHE F 264 -66.52 28.75 -28.91
C PHE F 264 -65.45 29.46 -29.74
N PRO F 265 -65.51 30.78 -29.83
CA PRO F 265 -64.43 31.51 -30.52
C PRO F 265 -63.11 31.33 -29.81
N THR F 266 -62.05 31.36 -30.60
CA THR F 266 -60.69 31.14 -30.07
C THR F 266 -60.35 32.06 -28.90
N PRO F 267 -60.60 33.37 -28.94
CA PRO F 267 -60.32 34.19 -27.74
C PRO F 267 -61.34 33.94 -26.65
N VAL F 268 -62.58 33.66 -27.05
CA VAL F 268 -63.60 33.27 -26.08
C VAL F 268 -63.20 31.95 -25.44
N PHE F 269 -62.67 31.03 -26.24
CA PHE F 269 -62.10 29.79 -25.68
C PHE F 269 -60.97 30.09 -24.71
N GLU F 270 -60.09 31.03 -25.06
CA GLU F 270 -58.99 31.40 -24.19
C GLU F 270 -59.50 31.90 -22.85
N ARG F 271 -60.48 32.80 -22.87
CA ARG F 271 -61.03 33.31 -21.63
C ARG F 271 -61.86 32.27 -20.90
N THR F 272 -62.48 31.34 -21.61
CA THR F 272 -63.16 30.23 -20.95
C THR F 272 -62.16 29.42 -20.13
N LEU F 273 -60.98 29.21 -20.68
CA LEU F 273 -59.94 28.49 -19.95
C LEU F 273 -59.39 29.34 -18.81
N ALA F 274 -59.10 30.61 -19.08
CA ALA F 274 -58.40 31.45 -18.13
C ALA F 274 -59.30 32.01 -17.04
N ALA F 275 -60.62 31.89 -17.18
CA ALA F 275 -61.50 32.26 -16.09
C ALA F 275 -61.29 31.34 -14.90
N TYR F 276 -61.13 30.04 -15.15
CA TYR F 276 -60.80 29.11 -14.08
C TYR F 276 -59.39 29.33 -13.57
N GLN F 277 -58.54 29.99 -14.36
CA GLN F 277 -57.22 30.36 -13.88
C GLN F 277 -57.29 31.33 -12.71
N SER F 278 -58.44 31.96 -12.49
CA SER F 278 -58.65 32.77 -11.31
C SER F 278 -58.75 31.88 -10.07
N GLU F 279 -59.00 32.50 -8.92
CA GLU F 279 -59.02 31.80 -7.63
C GLU F 279 -60.42 31.40 -7.20
N ASP F 280 -61.27 30.97 -8.13
CA ASP F 280 -62.64 30.59 -7.79
C ASP F 280 -62.68 29.41 -6.82
N TYR F 281 -61.84 28.41 -7.04
CA TYR F 281 -61.81 27.24 -6.16
C TYR F 281 -60.76 27.45 -5.06
N HIS F 289 -56.86 23.26 -4.79
CA HIS F 289 -55.59 23.02 -4.12
C HIS F 289 -54.64 22.25 -5.04
N TYR F 290 -54.92 22.29 -6.34
CA TYR F 290 -54.07 21.65 -7.33
C TYR F 290 -53.04 22.65 -7.83
N GLU F 291 -52.30 22.28 -8.88
CA GLU F 291 -51.29 23.14 -9.47
C GLU F 291 -51.86 23.79 -10.72
N LYS F 292 -51.94 25.11 -10.71
CA LYS F 292 -52.58 25.84 -11.80
C LYS F 292 -51.65 25.94 -13.00
N LEU F 293 -52.23 26.30 -14.14
CA LEU F 293 -51.44 26.46 -15.35
C LEU F 293 -50.66 27.76 -15.31
N SER F 294 -49.89 27.99 -16.38
CA SER F 294 -49.16 29.21 -16.61
C SER F 294 -49.51 29.73 -18.00
N LEU F 295 -49.42 31.04 -18.16
CA LEU F 295 -49.95 31.68 -19.36
C LEU F 295 -49.32 31.13 -20.64
N SER F 296 -48.09 30.61 -20.54
CA SER F 296 -47.39 30.14 -21.73
C SER F 296 -48.13 28.98 -22.40
N GLN F 297 -48.32 27.88 -21.66
CA GLN F 297 -49.03 26.76 -22.24
C GLN F 297 -50.50 27.07 -22.42
N ILE F 298 -51.04 28.06 -21.70
CA ILE F 298 -52.38 28.53 -21.99
C ILE F 298 -52.47 29.05 -23.43
N GLU F 299 -51.55 29.93 -23.79
CA GLU F 299 -51.52 30.43 -25.17
C GLU F 299 -51.22 29.30 -26.14
N GLU F 300 -50.40 28.35 -25.74
CA GLU F 300 -50.11 27.20 -26.60
C GLU F 300 -51.38 26.40 -26.89
N LEU F 301 -52.18 26.14 -25.86
CA LEU F 301 -53.43 25.42 -26.05
C LEU F 301 -54.39 26.22 -26.90
N VAL F 302 -54.41 27.54 -26.71
CA VAL F 302 -55.25 28.40 -27.55
C VAL F 302 -54.86 28.25 -29.01
N GLU F 303 -53.56 28.33 -29.28
CA GLU F 303 -53.07 28.16 -30.64
C GLU F 303 -53.41 26.78 -31.19
N GLU F 304 -53.28 25.75 -30.36
CA GLU F 304 -53.59 24.39 -30.79
C GLU F 304 -55.05 24.30 -31.23
N TYR F 305 -55.95 24.83 -30.40
CA TYR F 305 -57.37 24.78 -30.72
C TYR F 305 -57.72 25.68 -31.89
N SER F 306 -56.90 26.69 -32.16
CA SER F 306 -57.28 27.75 -33.08
C SER F 306 -57.68 27.22 -34.45
N ARG F 307 -56.73 26.61 -35.16
CA ARG F 307 -56.97 26.27 -36.55
C ARG F 307 -57.62 24.91 -36.74
N ILE F 308 -57.50 24.01 -35.77
CA ILE F 308 -57.94 22.63 -35.98
C ILE F 308 -59.45 22.56 -36.18
N TYR F 309 -60.22 23.39 -35.48
CA TYR F 309 -61.67 23.37 -35.55
C TYR F 309 -62.21 24.76 -35.82
N SER F 310 -61.63 25.45 -36.79
CA SER F 310 -62.09 26.79 -37.14
C SER F 310 -63.51 26.76 -37.71
N PRO G 67 22.74 -50.70 -3.40
CA PRO G 67 23.36 -51.47 -4.48
C PRO G 67 23.31 -50.74 -5.81
N SER G 68 24.11 -51.17 -6.78
CA SER G 68 24.11 -50.55 -8.09
C SER G 68 22.78 -50.80 -8.79
N ALA G 69 22.59 -50.11 -9.92
CA ALA G 69 21.35 -50.25 -10.67
C ALA G 69 21.14 -51.69 -11.14
N VAL G 70 22.20 -52.32 -11.67
CA VAL G 70 22.07 -53.69 -12.14
C VAL G 70 21.71 -54.62 -10.99
N GLU G 71 22.44 -54.53 -9.89
CA GLU G 71 22.21 -55.41 -8.75
C GLU G 71 20.76 -55.31 -8.28
N ALA G 72 20.24 -54.09 -8.17
CA ALA G 72 18.86 -53.91 -7.77
C ALA G 72 17.91 -54.46 -8.82
N LEU G 73 18.18 -54.18 -10.10
CA LEU G 73 17.21 -54.53 -11.14
C LEU G 73 17.10 -56.04 -11.31
N ILE G 74 18.21 -56.77 -11.12
CA ILE G 74 18.14 -58.23 -11.13
C ILE G 74 17.31 -58.73 -9.96
N GLU G 75 17.56 -58.18 -8.77
CA GLU G 75 16.84 -58.64 -7.59
C GLU G 75 15.35 -58.40 -7.73
N THR G 76 14.96 -57.35 -8.43
CA THR G 76 13.54 -57.04 -8.59
C THR G 76 12.87 -58.02 -9.55
N ILE G 77 13.51 -58.28 -10.69
CA ILE G 77 12.89 -59.15 -11.69
C ILE G 77 12.71 -60.56 -11.15
N ASP G 78 13.72 -61.08 -10.46
CA ASP G 78 13.61 -62.40 -9.86
C ASP G 78 12.47 -62.44 -8.85
N ARG G 79 12.34 -61.39 -8.05
CA ARG G 79 11.28 -61.36 -7.05
CA ARG G 79 11.28 -61.35 -7.04
C ARG G 79 9.90 -61.42 -7.69
N HIS G 80 9.68 -60.63 -8.74
CA HIS G 80 8.38 -60.60 -9.37
C HIS G 80 8.02 -61.93 -10.02
N GLY G 81 9.00 -62.60 -10.64
CA GLY G 81 8.74 -63.92 -11.18
C GLY G 81 8.64 -65.00 -10.13
N ARG G 82 8.98 -64.67 -8.88
CA ARG G 82 8.97 -65.65 -7.82
C ARG G 82 7.64 -65.67 -7.07
N VAL G 83 7.04 -64.50 -6.86
CA VAL G 83 5.93 -64.40 -5.94
C VAL G 83 4.59 -64.73 -6.58
N SER G 84 4.48 -64.66 -7.91
CA SER G 84 3.25 -64.99 -8.62
C SER G 84 2.07 -64.15 -8.10
N LEU G 85 2.18 -62.86 -8.32
CA LEU G 85 1.25 -61.89 -7.75
C LEU G 85 0.10 -61.62 -8.73
N ASN G 86 -0.72 -60.62 -8.40
CA ASN G 86 -1.99 -60.39 -9.07
C ASN G 86 -1.79 -60.08 -10.56
N ASP G 87 -2.85 -60.36 -11.33
CA ASP G 87 -2.82 -60.10 -12.77
C ASP G 87 -2.65 -58.61 -13.06
N GLU G 88 -3.37 -57.76 -12.35
CA GLU G 88 -3.20 -56.33 -12.55
C GLU G 88 -1.92 -55.81 -11.89
N ALA G 89 -1.52 -56.40 -10.77
CA ALA G 89 -0.28 -56.00 -10.13
C ALA G 89 0.91 -56.26 -11.05
N LYS G 90 0.91 -57.40 -11.73
CA LYS G 90 1.87 -57.62 -12.80
C LYS G 90 1.66 -56.60 -13.91
N MET G 91 0.40 -56.33 -14.25
CA MET G 91 0.10 -55.47 -15.38
C MET G 91 0.56 -54.05 -15.13
N LYS G 92 0.82 -53.69 -13.87
CA LYS G 92 1.37 -52.39 -13.53
C LYS G 92 2.87 -52.43 -13.33
N LYS G 93 3.37 -53.39 -12.56
CA LYS G 93 4.79 -53.41 -12.21
C LYS G 93 5.69 -53.60 -13.43
N VAL G 94 5.16 -54.15 -14.52
CA VAL G 94 5.98 -54.32 -15.71
C VAL G 94 6.36 -52.96 -16.29
N VAL G 95 5.46 -51.99 -16.22
CA VAL G 95 5.73 -50.68 -16.78
C VAL G 95 6.87 -50.00 -16.03
N ARG G 96 6.88 -50.09 -14.70
CA ARG G 96 7.96 -49.48 -13.93
C ARG G 96 9.29 -50.12 -14.26
N THR G 97 9.33 -51.45 -14.37
CA THR G 97 10.57 -52.13 -14.74
C THR G 97 11.04 -51.72 -16.12
N TRP G 98 10.10 -51.55 -17.06
CA TRP G 98 10.47 -51.17 -18.42
C TRP G 98 11.17 -49.82 -18.44
N LYS G 99 10.64 -48.85 -17.69
CA LYS G 99 11.25 -47.53 -17.67
C LYS G 99 12.65 -47.58 -17.08
N LYS G 100 12.84 -48.37 -16.02
CA LYS G 100 14.18 -48.48 -15.43
C LYS G 100 15.17 -49.09 -16.40
N LEU G 101 14.69 -49.88 -17.36
CA LEU G 101 15.58 -50.48 -18.34
C LEU G 101 16.13 -49.44 -19.31
N ILE G 102 15.26 -48.59 -19.85
CA ILE G 102 15.65 -47.66 -20.89
C ILE G 102 16.11 -46.35 -20.28
N GLU G 103 16.27 -46.33 -18.96
CA GLU G 103 16.68 -45.10 -18.29
C GLU G 103 18.06 -44.66 -18.74
N ARG G 104 19.01 -45.59 -18.81
CA ARG G 104 20.33 -45.32 -19.35
C ARG G 104 20.74 -46.47 -20.26
N ASP G 105 21.51 -46.14 -21.29
CA ASP G 105 21.75 -47.04 -22.41
C ASP G 105 22.49 -48.32 -22.04
N ASP G 106 23.41 -48.30 -21.09
CA ASP G 106 24.21 -49.49 -20.85
C ASP G 106 23.61 -50.39 -19.78
N LEU G 107 22.36 -50.77 -19.94
CA LEU G 107 21.74 -51.73 -19.05
C LEU G 107 21.16 -52.93 -19.76
N ILE G 108 20.52 -52.73 -20.91
CA ILE G 108 19.90 -53.84 -21.63
C ILE G 108 20.97 -54.87 -21.98
N GLY G 109 22.06 -54.42 -22.59
CA GLY G 109 23.11 -55.35 -22.97
C GLY G 109 23.76 -56.01 -21.76
N GLU G 110 23.97 -55.23 -20.70
CA GLU G 110 24.67 -55.75 -19.53
C GLU G 110 23.85 -56.83 -18.85
N ILE G 111 22.58 -56.55 -18.56
CA ILE G 111 21.71 -57.57 -17.98
C ILE G 111 21.49 -58.70 -18.98
N GLY G 112 21.27 -58.36 -20.26
CA GLY G 112 21.15 -59.39 -21.27
C GLY G 112 22.37 -60.28 -21.34
N LYS G 113 23.52 -59.76 -20.91
CA LYS G 113 24.70 -60.60 -20.78
C LYS G 113 24.62 -61.47 -19.53
N HIS G 114 24.00 -60.95 -18.46
CA HIS G 114 23.96 -61.69 -17.20
C HIS G 114 23.04 -62.89 -17.30
N TYR G 115 21.82 -62.70 -17.80
CA TYR G 115 20.89 -63.82 -17.90
C TYR G 115 21.31 -64.81 -18.96
N PHE G 116 22.11 -64.39 -19.93
CA PHE G 116 22.63 -65.32 -20.92
C PHE G 116 23.51 -66.37 -20.25
N GLU G 117 24.39 -65.95 -19.35
CA GLU G 117 25.31 -66.86 -18.69
C GLU G 117 24.64 -67.68 -17.61
N ALA G 118 23.50 -67.24 -17.10
CA ALA G 118 22.81 -67.96 -16.05
C ALA G 118 22.31 -69.30 -16.57
N PRO G 119 22.17 -70.29 -15.70
CA PRO G 119 21.68 -71.60 -16.14
C PRO G 119 20.26 -71.50 -16.68
N GLY G 120 19.97 -72.34 -17.67
CA GLY G 120 18.69 -72.37 -18.31
C GLY G 120 18.81 -72.77 -19.77
N PRO G 121 17.75 -72.57 -20.55
CA PRO G 121 17.82 -72.84 -21.98
C PRO G 121 18.77 -71.89 -22.66
N LEU G 122 19.38 -72.36 -23.74
CA LEU G 122 20.34 -71.53 -24.45
C LEU G 122 19.63 -70.59 -25.40
N HIS G 123 20.31 -69.50 -25.74
CA HIS G 123 19.76 -68.48 -26.62
C HIS G 123 20.81 -68.06 -27.64
N ASP G 124 20.34 -67.52 -28.75
CA ASP G 124 21.25 -67.09 -29.80
C ASP G 124 21.83 -65.71 -29.53
N THR G 125 21.27 -64.96 -28.58
CA THR G 125 21.69 -63.58 -28.38
C THR G 125 21.35 -63.14 -26.98
N TYR G 126 21.97 -62.05 -26.56
CA TYR G 126 21.68 -61.49 -25.23
C TYR G 126 20.25 -61.00 -25.14
N ASP G 127 19.76 -60.35 -26.21
CA ASP G 127 18.41 -59.82 -26.17
C ASP G 127 17.38 -60.92 -25.98
N GLU G 128 17.54 -62.03 -26.69
CA GLU G 128 16.64 -63.16 -26.50
C GLU G 128 16.67 -63.64 -25.06
N ALA G 129 17.84 -63.62 -24.44
CA ALA G 129 17.95 -64.03 -23.05
C ALA G 129 17.17 -63.08 -22.15
N LEU G 130 17.25 -61.78 -22.42
CA LEU G 130 16.50 -60.82 -21.62
C LEU G 130 15.02 -60.86 -21.97
N ALA G 131 14.70 -60.98 -23.26
CA ALA G 131 13.30 -61.02 -23.67
C ALA G 131 12.58 -62.22 -23.05
N THR G 132 13.22 -63.39 -23.05
CA THR G 132 12.60 -64.56 -22.46
C THR G 132 12.35 -64.35 -20.96
N ARG G 133 13.32 -63.76 -20.27
CA ARG G 133 13.17 -63.55 -18.83
C ARG G 133 12.00 -62.61 -18.54
N LEU G 134 11.90 -61.51 -19.29
CA LEU G 134 10.83 -60.56 -19.04
C LEU G 134 9.47 -61.16 -19.36
N VAL G 135 9.36 -61.82 -20.51
CA VAL G 135 8.06 -62.38 -20.90
C VAL G 135 7.62 -63.44 -19.91
N THR G 136 8.54 -64.31 -19.49
CA THR G 136 8.19 -65.31 -18.49
C THR G 136 7.77 -64.66 -17.18
N THR G 137 8.55 -63.67 -16.71
CA THR G 137 8.30 -63.04 -15.38
C THR G 137 6.90 -62.41 -15.33
N TYR G 138 6.66 -61.36 -16.11
CA TYR G 138 5.36 -60.65 -16.12
C TYR G 138 4.41 -61.40 -17.06
N SER G 139 3.14 -60.99 -17.13
CA SER G 139 2.25 -61.64 -18.13
C SER G 139 2.82 -61.33 -19.52
N ASP G 140 2.80 -62.30 -20.44
CA ASP G 140 3.24 -62.04 -21.83
C ASP G 140 2.29 -61.01 -22.44
N ARG G 141 0.99 -61.14 -22.18
CA ARG G 141 0.01 -60.13 -22.64
C ARG G 141 0.38 -58.79 -21.99
N GLY G 142 0.96 -58.83 -20.79
CA GLY G 142 1.41 -57.59 -20.12
C GLY G 142 2.63 -56.95 -20.78
N VAL G 143 3.62 -57.74 -21.18
CA VAL G 143 4.78 -57.21 -21.90
C VAL G 143 4.33 -56.36 -23.08
N ALA G 144 3.25 -56.79 -23.75
CA ALA G 144 2.76 -56.03 -24.88
C ALA G 144 2.33 -54.63 -24.46
N ARG G 145 1.63 -54.52 -23.33
CA ARG G 145 1.18 -53.21 -22.89
C ARG G 145 2.35 -52.30 -22.54
N ALA G 146 3.37 -52.85 -21.90
CA ALA G 146 4.51 -52.02 -21.51
C ALA G 146 5.22 -51.44 -22.73
N ILE G 147 5.31 -52.21 -23.81
CA ILE G 147 5.91 -51.69 -25.04
C ILE G 147 5.10 -50.53 -25.58
N LEU G 148 3.78 -50.67 -25.59
CA LEU G 148 2.92 -49.64 -26.17
C LEU G 148 2.93 -48.36 -25.36
N HIS G 149 3.06 -48.45 -24.05
CA HIS G 149 2.88 -47.31 -23.17
C HIS G 149 4.18 -46.61 -22.80
N THR G 150 5.31 -47.05 -23.34
CA THR G 150 6.61 -46.48 -22.99
C THR G 150 7.43 -46.20 -24.24
N ARG G 151 6.81 -45.55 -25.21
CA ARG G 151 7.51 -45.20 -26.43
C ARG G 151 7.94 -43.74 -26.36
N PRO G 152 9.22 -43.45 -26.25
CA PRO G 152 9.66 -42.05 -26.13
C PRO G 152 9.42 -41.28 -27.42
N SER G 153 9.52 -39.96 -27.29
CA SER G 153 9.18 -39.08 -28.40
C SER G 153 10.25 -39.07 -29.48
N ASP G 154 11.47 -38.67 -29.11
CA ASP G 154 12.51 -38.50 -30.12
C ASP G 154 13.05 -39.84 -30.56
N PRO G 155 12.87 -40.23 -31.83
CA PRO G 155 13.37 -41.54 -32.27
C PRO G 155 14.88 -41.67 -32.21
N LEU G 156 15.62 -40.58 -32.29
CA LEU G 156 17.07 -40.67 -32.32
C LEU G 156 17.71 -40.55 -30.96
N SER G 157 16.92 -40.40 -29.90
CA SER G 157 17.48 -40.31 -28.57
C SER G 157 17.98 -41.68 -28.11
N LYS G 158 18.73 -41.67 -27.01
CA LYS G 158 19.21 -42.92 -26.44
C LYS G 158 18.07 -43.81 -26.02
N LYS G 159 17.05 -43.24 -25.37
CA LYS G 159 15.94 -44.05 -24.87
C LYS G 159 15.22 -44.76 -25.99
N ALA G 160 14.96 -44.06 -27.11
CA ALA G 160 14.30 -44.71 -28.23
C ALA G 160 15.14 -45.86 -28.77
N GLY G 161 16.46 -45.72 -28.72
CA GLY G 161 17.31 -46.83 -29.12
C GLY G 161 17.13 -48.04 -28.23
N GLN G 162 17.07 -47.81 -26.91
CA GLN G 162 16.87 -48.92 -25.99
C GLN G 162 15.51 -49.56 -26.18
N ALA G 163 14.47 -48.75 -26.35
CA ALA G 163 13.13 -49.29 -26.48
C ALA G 163 13.00 -50.16 -27.72
N HIS G 164 13.64 -49.77 -28.81
CA HIS G 164 13.59 -50.58 -30.02
C HIS G 164 14.27 -51.93 -29.81
N ARG G 165 15.36 -51.95 -29.05
CA ARG G 165 16.01 -53.22 -28.75
C ARG G 165 15.08 -54.14 -27.98
N LEU G 166 14.31 -53.58 -27.05
CA LEU G 166 13.39 -54.41 -26.27
C LEU G 166 12.28 -54.98 -27.14
N GLU G 167 11.62 -54.14 -27.91
CA GLU G 167 10.46 -54.61 -28.66
C GLU G 167 10.87 -55.56 -29.77
N GLU G 168 11.99 -55.30 -30.44
CA GLU G 168 12.43 -56.21 -31.50
C GLU G 168 12.76 -57.58 -30.94
N ALA G 169 13.40 -57.63 -29.77
CA ALA G 169 13.69 -58.91 -29.15
C ALA G 169 12.41 -59.67 -28.84
N VAL G 170 11.41 -58.97 -28.31
CA VAL G 170 10.13 -59.61 -28.01
C VAL G 170 9.46 -60.07 -29.29
N ALA G 171 9.52 -59.25 -30.34
CA ALA G 171 8.95 -59.65 -31.62
C ALA G 171 9.63 -60.90 -32.15
N SER G 172 10.96 -60.94 -32.09
CA SER G 172 11.67 -62.14 -32.54
C SER G 172 11.37 -63.32 -31.63
N LEU G 173 11.24 -63.06 -30.32
CA LEU G 173 10.90 -64.13 -29.39
C LEU G 173 9.56 -64.76 -29.73
N TRP G 174 8.59 -63.93 -30.10
CA TRP G 174 7.27 -64.45 -30.44
C TRP G 174 7.31 -65.24 -31.73
N LYS G 175 8.12 -64.80 -32.70
CA LYS G 175 8.24 -65.52 -33.96
C LYS G 175 8.77 -66.93 -33.74
N GLY G 176 9.79 -67.06 -32.90
CA GLY G 176 10.39 -68.37 -32.68
C GLY G 176 9.44 -69.35 -32.02
N ARG G 177 8.48 -68.85 -31.25
CA ARG G 177 7.45 -69.68 -30.65
C ARG G 177 6.31 -69.95 -31.61
N GLY G 178 6.36 -69.40 -32.81
CA GLY G 178 5.35 -69.68 -33.82
C GLY G 178 3.98 -69.14 -33.49
N TYR G 179 3.90 -67.96 -32.89
CA TYR G 179 2.60 -67.33 -32.72
C TYR G 179 2.00 -67.01 -34.07
N THR G 180 0.71 -67.25 -34.21
CA THR G 180 0.02 -66.87 -35.42
C THR G 180 -0.28 -65.38 -35.40
N SER G 181 -0.79 -64.87 -36.52
CA SER G 181 -1.22 -63.49 -36.56
C SER G 181 -2.29 -63.22 -35.52
N ASP G 182 -3.22 -64.17 -35.35
CA ASP G 182 -4.29 -63.99 -34.37
C ASP G 182 -3.75 -64.01 -32.95
N ASN G 183 -2.70 -64.79 -32.70
CA ASN G 183 -2.15 -64.89 -31.34
C ASN G 183 -1.57 -63.55 -30.90
N VAL G 184 -0.85 -62.87 -31.80
CA VAL G 184 -0.27 -61.58 -31.45
C VAL G 184 -1.37 -60.56 -31.20
N VAL G 185 -2.37 -60.53 -32.08
CA VAL G 185 -3.44 -59.53 -31.97
C VAL G 185 -4.17 -59.70 -30.65
N SER G 186 -4.49 -60.95 -30.28
CA SER G 186 -5.19 -61.18 -29.03
C SER G 186 -4.35 -60.72 -27.84
N SER G 187 -3.02 -60.79 -27.95
CA SER G 187 -2.17 -60.27 -26.88
C SER G 187 -2.14 -58.75 -26.87
N ILE G 188 -2.06 -58.14 -28.06
CA ILE G 188 -2.06 -56.69 -28.15
C ILE G 188 -3.38 -56.12 -27.64
N ALA G 189 -4.47 -56.86 -27.83
CA ALA G 189 -5.82 -56.33 -27.66
C ALA G 189 -6.00 -55.68 -26.30
N THR G 190 -6.64 -54.51 -26.30
CA THR G 190 -6.93 -53.77 -25.09
C THR G 190 -8.42 -53.57 -24.85
N GLY G 191 -9.28 -54.01 -25.77
CA GLY G 191 -10.71 -53.88 -25.62
C GLY G 191 -11.32 -52.70 -26.34
N HIS G 192 -10.52 -51.71 -26.72
CA HIS G 192 -10.99 -50.57 -27.49
C HIS G 192 -10.52 -50.76 -28.93
N ASP G 193 -11.48 -50.93 -29.84
CA ASP G 193 -11.15 -51.39 -31.18
C ASP G 193 -10.36 -50.37 -31.99
N VAL G 194 -10.27 -49.13 -31.52
CA VAL G 194 -9.47 -48.14 -32.23
C VAL G 194 -8.01 -48.20 -31.80
N ASP G 195 -7.71 -48.85 -30.69
CA ASP G 195 -6.33 -48.90 -30.21
C ASP G 195 -5.42 -49.60 -31.21
N PHE G 196 -5.94 -50.59 -31.93
CA PHE G 196 -5.10 -51.35 -32.85
C PHE G 196 -4.55 -50.48 -33.97
N PHE G 197 -5.23 -49.40 -34.32
CA PHE G 197 -4.77 -48.55 -35.41
C PHE G 197 -3.92 -47.38 -34.95
N ALA G 198 -3.67 -47.27 -33.65
CA ALA G 198 -2.70 -46.31 -33.17
C ALA G 198 -1.32 -46.71 -33.69
N PRO G 199 -0.51 -45.75 -34.16
CA PRO G 199 0.79 -46.13 -34.75
C PRO G 199 1.70 -46.88 -33.79
N THR G 200 1.67 -46.54 -32.50
CA THR G 200 2.53 -47.23 -31.54
C THR G 200 2.15 -48.70 -31.39
N ALA G 201 0.93 -49.07 -31.79
CA ALA G 201 0.50 -50.46 -31.75
C ALA G 201 0.52 -51.11 -33.13
N PHE G 202 0.08 -50.39 -34.16
CA PHE G 202 0.03 -50.98 -35.49
C PHE G 202 1.42 -51.36 -35.97
N THR G 203 2.41 -50.50 -35.76
CA THR G 203 3.76 -50.80 -36.22
C THR G 203 4.30 -52.04 -35.53
N PHE G 204 4.12 -52.14 -34.21
CA PHE G 204 4.59 -53.33 -33.50
C PHE G 204 3.89 -54.57 -34.00
N LEU G 205 2.64 -54.43 -34.44
CA LEU G 205 1.94 -55.56 -35.06
C LEU G 205 2.64 -55.99 -36.34
N VAL G 206 3.07 -55.02 -37.15
CA VAL G 206 3.65 -55.35 -38.45
C VAL G 206 4.91 -56.18 -38.29
N LYS G 207 5.75 -55.81 -37.31
CA LYS G 207 6.95 -56.59 -37.07
C LYS G 207 6.62 -58.02 -36.71
N CYS G 208 5.60 -58.22 -35.87
CA CYS G 208 5.25 -59.57 -35.43
C CYS G 208 4.66 -60.41 -36.55
N VAL G 209 4.32 -59.79 -37.68
CA VAL G 209 3.64 -60.50 -38.76
C VAL G 209 4.32 -60.31 -40.12
N GLU G 210 5.28 -59.40 -40.22
CA GLU G 210 6.11 -59.11 -41.39
C GLU G 210 5.34 -58.51 -42.57
N SER G 211 4.02 -58.37 -42.49
CA SER G 211 3.29 -57.92 -43.67
C SER G 211 1.99 -57.24 -43.24
N GLU G 212 1.75 -56.04 -43.76
CA GLU G 212 0.55 -55.29 -43.40
C GLU G 212 -0.72 -56.03 -43.81
N ASP G 213 -0.70 -56.67 -44.98
CA ASP G 213 -1.89 -57.40 -45.45
C ASP G 213 -2.31 -58.44 -44.42
N ASP G 214 -1.36 -59.21 -43.91
CA ASP G 214 -1.69 -60.16 -42.85
C ASP G 214 -2.09 -59.43 -41.57
N ALA G 215 -1.39 -58.36 -41.23
CA ALA G 215 -1.76 -57.59 -40.05
C ALA G 215 -3.16 -57.03 -40.18
N ASN G 216 -3.49 -56.47 -41.35
CA ASN G 216 -4.85 -56.04 -41.58
C ASN G 216 -5.81 -57.22 -41.57
N ASN G 217 -5.41 -58.34 -42.17
CA ASN G 217 -6.27 -59.52 -42.15
C ASN G 217 -6.47 -60.01 -40.73
N ALA G 218 -5.40 -60.01 -39.92
CA ALA G 218 -5.52 -60.47 -38.55
C ALA G 218 -6.49 -59.60 -37.76
N ILE G 219 -6.37 -58.28 -37.90
CA ILE G 219 -7.29 -57.39 -37.19
C ILE G 219 -8.69 -57.47 -37.79
N PHE G 220 -8.78 -57.70 -39.09
CA PHE G 220 -10.10 -57.88 -39.70
C PHE G 220 -10.80 -59.09 -39.13
N GLU G 221 -10.08 -60.21 -38.97
CA GLU G 221 -10.70 -61.41 -38.45
C GLU G 221 -10.94 -61.31 -36.94
N TYR G 222 -10.12 -60.55 -36.23
CA TYR G 222 -10.37 -60.34 -34.82
C TYR G 222 -11.67 -59.60 -34.57
N PHE G 223 -12.16 -58.88 -35.57
CA PHE G 223 -13.49 -58.27 -35.52
C PHE G 223 -14.57 -59.21 -36.00
N GLY G 224 -14.27 -60.50 -36.11
CA GLY G 224 -15.24 -61.43 -36.66
C GLY G 224 -15.57 -61.17 -38.11
N SER G 225 -14.60 -60.71 -38.90
CA SER G 225 -14.81 -60.44 -40.31
C SER G 225 -15.96 -59.45 -40.52
N ASN G 226 -16.01 -58.43 -39.68
CA ASN G 226 -17.10 -57.46 -39.70
C ASN G 226 -16.59 -56.16 -40.30
N PRO G 227 -16.88 -55.87 -41.57
CA PRO G 227 -16.43 -54.59 -42.15
C PRO G 227 -16.98 -53.38 -41.42
N SER G 228 -18.22 -53.46 -40.91
CA SER G 228 -18.78 -52.33 -40.18
C SER G 228 -17.94 -52.02 -38.95
N ARG G 229 -17.66 -53.04 -38.13
CA ARG G 229 -16.79 -52.82 -36.97
C ARG G 229 -15.40 -52.40 -37.41
N TYR G 230 -14.92 -52.95 -38.52
CA TYR G 230 -13.61 -52.58 -39.02
C TYR G 230 -13.56 -51.10 -39.38
N PHE G 231 -14.51 -50.65 -40.20
CA PHE G 231 -14.48 -49.26 -40.66
C PHE G 231 -14.67 -48.30 -39.51
N SER G 232 -15.53 -48.64 -38.55
CA SER G 232 -15.71 -47.78 -37.40
C SER G 232 -14.39 -47.51 -36.71
N ALA G 233 -13.52 -48.52 -36.63
CA ALA G 233 -12.21 -48.32 -36.04
C ALA G 233 -11.34 -47.42 -36.90
N VAL G 234 -11.25 -47.71 -38.19
CA VAL G 234 -10.31 -46.97 -39.04
C VAL G 234 -10.74 -45.52 -39.19
N LEU G 235 -12.04 -45.25 -39.28
CA LEU G 235 -12.50 -43.86 -39.28
C LEU G 235 -12.14 -43.16 -37.97
N HIS G 236 -12.32 -43.85 -36.85
CA HIS G 236 -11.91 -43.27 -35.56
C HIS G 236 -10.40 -43.09 -35.46
N ALA G 237 -9.61 -43.84 -36.23
CA ALA G 237 -8.17 -43.60 -36.26
C ALA G 237 -7.80 -42.43 -37.15
N MET G 238 -8.71 -42.02 -38.04
CA MET G 238 -8.47 -40.82 -38.83
C MET G 238 -8.56 -39.55 -38.00
N GLU G 239 -9.04 -39.64 -36.76
CA GLU G 239 -9.21 -38.48 -35.90
C GLU G 239 -8.18 -38.45 -34.77
N LYS G 240 -6.97 -38.90 -35.04
CA LYS G 240 -5.91 -38.92 -34.06
C LYS G 240 -4.88 -37.83 -34.37
N PRO G 241 -4.30 -37.22 -33.34
CA PRO G 241 -3.29 -36.17 -33.59
C PRO G 241 -2.07 -36.67 -34.33
N ASP G 242 -1.68 -37.93 -34.12
CA ASP G 242 -0.48 -38.48 -34.73
C ASP G 242 -0.79 -39.65 -35.66
N ALA G 243 -1.96 -39.63 -36.31
CA ALA G 243 -2.33 -40.71 -37.21
C ALA G 243 -1.58 -40.58 -38.52
N ASP G 244 -0.97 -41.67 -38.97
CA ASP G 244 -0.33 -41.71 -40.28
C ASP G 244 -1.37 -42.00 -41.34
N SER G 245 -1.71 -40.97 -42.13
CA SER G 245 -2.75 -41.13 -43.14
C SER G 245 -2.37 -42.19 -44.16
N ARG G 246 -1.10 -42.20 -44.59
CA ARG G 246 -0.68 -43.13 -45.63
C ARG G 246 -0.89 -44.57 -45.19
N VAL G 247 -0.56 -44.88 -43.94
CA VAL G 247 -0.73 -46.24 -43.45
C VAL G 247 -2.20 -46.55 -43.21
N LEU G 248 -2.92 -45.64 -42.53
CA LEU G 248 -4.34 -45.87 -42.28
C LEU G 248 -5.10 -46.01 -43.59
N GLU G 249 -4.71 -45.25 -44.60
CA GLU G 249 -5.33 -45.40 -45.91
C GLU G 249 -5.10 -46.81 -46.45
N SER G 250 -3.89 -47.34 -46.28
CA SER G 250 -3.60 -48.69 -46.76
C SER G 250 -4.55 -49.70 -46.14
N SER G 251 -4.79 -49.59 -44.83
CA SER G 251 -5.77 -50.46 -44.20
C SER G 251 -7.16 -50.20 -44.75
N LYS G 252 -7.54 -48.93 -44.88
CA LYS G 252 -8.83 -48.62 -45.51
C LYS G 252 -8.87 -49.12 -46.94
N LYS G 253 -7.80 -48.87 -47.69
CA LYS G 253 -7.71 -49.41 -49.04
C LYS G 253 -7.81 -50.93 -49.03
N TRP G 254 -7.06 -51.57 -48.13
CA TRP G 254 -6.95 -53.03 -48.13
C TRP G 254 -8.31 -53.71 -48.13
N MET G 255 -9.25 -53.18 -47.38
CA MET G 255 -10.59 -53.74 -47.36
C MET G 255 -11.21 -53.76 -48.74
N PHE G 256 -10.92 -52.74 -49.56
CA PHE G 256 -11.60 -52.60 -50.83
C PHE G 256 -11.28 -53.75 -51.77
N GLN G 257 -9.99 -54.04 -51.99
CA GLN G 257 -9.67 -55.04 -53.01
C GLN G 257 -10.04 -56.44 -52.56
N CYS G 258 -10.23 -56.65 -51.27
CA CYS G 258 -10.81 -57.91 -50.82
C CYS G 258 -12.23 -58.06 -51.35
N TYR G 259 -13.02 -57.00 -51.32
CA TYR G 259 -14.33 -57.01 -51.94
C TYR G 259 -14.28 -56.80 -53.45
N ALA G 260 -13.27 -56.08 -53.95
CA ALA G 260 -13.08 -56.00 -55.39
C ALA G 260 -12.73 -57.38 -55.96
N GLN G 261 -11.92 -58.15 -55.23
CA GLN G 261 -11.71 -59.54 -55.60
C GLN G 261 -13.02 -60.32 -55.58
N LYS G 262 -13.98 -59.89 -54.76
CA LYS G 262 -15.32 -60.49 -54.79
C LYS G 262 -16.17 -59.93 -55.92
N GLN G 263 -15.78 -58.78 -56.49
CA GLN G 263 -16.56 -58.10 -57.52
C GLN G 263 -18.01 -57.93 -57.08
N PHE G 264 -18.19 -57.51 -55.83
CA PHE G 264 -19.53 -57.31 -55.31
C PHE G 264 -20.19 -56.11 -55.98
N PRO G 265 -21.50 -56.17 -56.22
CA PRO G 265 -22.20 -54.98 -56.69
C PRO G 265 -22.17 -53.88 -55.65
N THR G 266 -22.10 -52.64 -56.13
CA THR G 266 -22.07 -51.48 -55.24
C THR G 266 -23.22 -51.45 -54.25
N PRO G 267 -24.50 -51.61 -54.66
CA PRO G 267 -25.57 -51.60 -53.65
C PRO G 267 -25.50 -52.82 -52.73
N VAL G 268 -25.14 -53.98 -53.30
CA VAL G 268 -24.88 -55.15 -52.48
C VAL G 268 -23.75 -54.85 -51.50
N PHE G 269 -22.65 -54.30 -52.03
CA PHE G 269 -21.56 -53.85 -51.17
C PHE G 269 -22.07 -52.91 -50.08
N GLU G 270 -22.99 -52.01 -50.44
CA GLU G 270 -23.64 -51.20 -49.42
C GLU G 270 -24.35 -52.07 -48.40
N ARG G 271 -25.27 -52.92 -48.87
CA ARG G 271 -25.98 -53.83 -47.98
C ARG G 271 -25.03 -54.77 -47.26
N THR G 272 -24.03 -55.31 -47.97
CA THR G 272 -23.02 -56.13 -47.31
C THR G 272 -22.42 -55.39 -46.12
N LEU G 273 -22.08 -54.11 -46.32
CA LEU G 273 -21.66 -53.29 -45.20
C LEU G 273 -22.82 -53.00 -44.27
N ALA G 274 -23.99 -52.67 -44.83
CA ALA G 274 -25.15 -52.39 -44.02
C ALA G 274 -25.66 -53.62 -43.27
N ALA G 275 -25.38 -54.82 -43.78
CA ALA G 275 -25.84 -56.03 -43.11
C ALA G 275 -25.29 -56.12 -41.69
N TYR G 276 -24.00 -55.87 -41.53
CA TYR G 276 -23.41 -55.91 -40.20
C TYR G 276 -23.81 -54.69 -39.38
N GLN G 277 -24.28 -53.63 -40.04
CA GLN G 277 -24.78 -52.47 -39.31
C GLN G 277 -25.98 -52.83 -38.43
N SER G 278 -26.64 -53.95 -38.72
CA SER G 278 -27.72 -54.43 -37.87
C SER G 278 -27.15 -54.91 -36.53
N GLU G 279 -28.04 -55.40 -35.66
CA GLU G 279 -27.67 -55.81 -34.31
C GLU G 279 -27.38 -57.30 -34.21
N ASP G 280 -26.73 -57.89 -35.21
CA ASP G 280 -26.44 -59.31 -35.17
C ASP G 280 -25.50 -59.66 -34.02
N TYR G 281 -24.51 -58.83 -33.75
CA TYR G 281 -23.58 -59.07 -32.65
C TYR G 281 -24.14 -58.50 -31.36
N HIS G 289 -20.22 -54.62 -28.88
CA HIS G 289 -20.17 -53.55 -27.89
C HIS G 289 -19.23 -52.43 -28.35
N TYR G 290 -19.14 -52.26 -29.67
CA TYR G 290 -18.35 -51.19 -30.25
C TYR G 290 -19.28 -50.06 -30.69
N GLU G 291 -18.73 -49.07 -31.37
CA GLU G 291 -19.48 -47.92 -31.86
C GLU G 291 -19.80 -48.11 -33.33
N LYS G 292 -21.08 -48.14 -33.67
CA LYS G 292 -21.51 -48.42 -35.03
C LYS G 292 -21.32 -47.22 -35.94
N LEU G 293 -21.40 -47.47 -37.24
CA LEU G 293 -21.23 -46.43 -38.23
C LEU G 293 -22.50 -45.58 -38.34
N SER G 294 -22.48 -44.65 -39.29
CA SER G 294 -23.59 -43.78 -39.56
C SER G 294 -23.90 -43.81 -41.05
N LEU G 295 -25.19 -43.69 -41.39
CA LEU G 295 -25.62 -43.94 -42.76
C LEU G 295 -24.98 -42.98 -43.75
N SER G 296 -24.72 -41.74 -43.33
CA SER G 296 -24.14 -40.76 -44.24
C SER G 296 -22.75 -41.19 -44.71
N GLN G 297 -21.87 -41.51 -43.77
CA GLN G 297 -20.54 -41.99 -44.13
C GLN G 297 -20.58 -43.34 -44.83
N ILE G 298 -21.65 -44.11 -44.63
CA ILE G 298 -21.83 -45.33 -45.41
C ILE G 298 -21.85 -45.01 -46.89
N GLU G 299 -22.66 -44.03 -47.27
CA GLU G 299 -22.82 -43.71 -48.69
C GLU G 299 -21.49 -43.30 -49.30
N GLU G 300 -20.69 -42.52 -48.58
CA GLU G 300 -19.38 -42.14 -49.09
C GLU G 300 -18.51 -43.38 -49.28
N LEU G 301 -18.50 -44.27 -48.29
CA LEU G 301 -17.79 -45.52 -48.44
C LEU G 301 -18.35 -46.32 -49.62
N VAL G 302 -19.67 -46.30 -49.77
CA VAL G 302 -20.29 -46.84 -50.98
C VAL G 302 -19.82 -46.07 -52.19
N GLU G 303 -19.84 -44.74 -52.09
CA GLU G 303 -19.34 -43.90 -53.18
C GLU G 303 -17.84 -44.11 -53.37
N GLU G 304 -17.09 -44.25 -52.29
CA GLU G 304 -15.65 -44.43 -52.40
C GLU G 304 -15.32 -45.66 -53.23
N TYR G 305 -15.94 -46.79 -52.89
CA TYR G 305 -15.71 -48.03 -53.62
C TYR G 305 -16.39 -48.01 -54.99
N SER G 306 -17.31 -47.08 -55.21
CA SER G 306 -18.20 -47.17 -56.36
C SER G 306 -17.45 -47.25 -57.68
N ARG G 307 -16.68 -46.21 -57.99
CA ARG G 307 -16.07 -46.11 -59.32
C ARG G 307 -14.70 -46.76 -59.41
N ILE G 308 -14.00 -46.95 -58.29
CA ILE G 308 -12.60 -47.35 -58.36
C ILE G 308 -12.44 -48.74 -58.97
N TYR G 309 -13.37 -49.64 -58.69
CA TYR G 309 -13.22 -51.03 -59.11
C TYR G 309 -14.45 -51.49 -59.88
N SER G 310 -14.91 -50.67 -60.81
CA SER G 310 -16.06 -51.02 -61.61
C SER G 310 -15.70 -52.07 -62.65
N ARG H 81 30.36 -34.69 24.61
CA ARG H 81 30.45 -33.25 24.86
C ARG H 81 29.09 -32.59 24.74
N ILE H 82 28.10 -33.13 25.45
CA ILE H 82 26.74 -32.63 25.45
C ILE H 82 26.25 -32.55 26.89
N TRP H 83 25.84 -31.36 27.31
CA TRP H 83 25.27 -31.14 28.63
C TRP H 83 23.95 -30.39 28.48
N LYS H 84 22.94 -30.82 29.23
CA LYS H 84 21.66 -30.11 29.18
C LYS H 84 21.68 -28.84 30.02
N HIS H 85 22.57 -28.75 31.01
CA HIS H 85 22.67 -27.58 31.86
C HIS H 85 24.14 -27.19 32.03
N GLN H 86 24.35 -25.90 32.32
CA GLN H 86 25.71 -25.41 32.52
C GLN H 86 26.14 -25.54 33.98
N VAL H 87 25.29 -25.12 34.92
CA VAL H 87 25.63 -25.11 36.33
C VAL H 87 24.51 -25.77 37.11
N PHE H 88 24.88 -26.66 38.02
CA PHE H 88 23.92 -27.28 38.94
C PHE H 88 24.29 -26.92 40.38
N PRO H 89 23.52 -26.09 41.06
CA PRO H 89 23.87 -25.74 42.44
C PRO H 89 23.36 -26.78 43.44
N SER H 90 24.17 -27.03 44.46
CA SER H 90 23.81 -27.91 45.57
C SER H 90 23.90 -27.12 46.86
N PHE H 91 22.91 -27.30 47.72
CA PHE H 91 22.75 -26.44 48.89
C PHE H 91 21.73 -27.07 49.83
N HIS H 92 21.56 -26.43 50.98
CA HIS H 92 20.50 -26.78 51.91
C HIS H 92 19.38 -25.77 51.79
N GLY H 93 18.16 -26.25 51.55
CA GLY H 93 17.06 -25.34 51.28
C GLY H 93 16.70 -24.45 52.45
N ALA H 94 16.69 -25.02 53.66
CA ALA H 94 16.19 -24.29 54.81
C ALA H 94 17.07 -23.10 55.16
N ASP H 95 18.32 -23.10 54.69
CA ASP H 95 19.27 -22.07 55.11
C ASP H 95 19.50 -20.99 54.06
N VAL H 96 19.80 -21.40 52.83
CA VAL H 96 20.29 -20.47 51.82
C VAL H 96 19.35 -20.28 50.64
N ARG H 97 18.29 -21.10 50.53
CA ARG H 97 17.37 -20.94 49.39
C ARG H 97 16.78 -19.55 49.36
N LYS H 98 16.53 -18.96 50.52
CA LYS H 98 15.87 -17.67 50.58
C LYS H 98 16.86 -16.51 50.46
N THR H 99 18.00 -16.61 51.14
CA THR H 99 18.83 -15.41 51.35
C THR H 99 19.90 -15.21 50.28
N ILE H 100 20.82 -16.15 50.14
CA ILE H 100 21.99 -15.95 49.31
C ILE H 100 21.87 -16.65 47.96
N LEU H 101 21.28 -17.85 47.94
CA LEU H 101 21.11 -18.54 46.67
C LEU H 101 20.32 -17.70 45.68
N SER H 102 19.33 -17.01 46.22
CA SER H 102 18.47 -16.12 45.41
C SER H 102 19.32 -15.11 44.65
N HIS H 103 20.25 -14.44 45.35
CA HIS H 103 21.12 -13.45 44.73
C HIS H 103 22.07 -14.07 43.73
N ILE H 104 22.63 -15.24 44.06
CA ILE H 104 23.53 -15.93 43.14
C ILE H 104 22.78 -16.32 41.87
N LEU H 105 21.59 -16.90 42.02
CA LEU H 105 20.80 -17.27 40.86
C LEU H 105 20.46 -16.03 40.02
N GLU H 106 20.08 -14.94 40.69
CA GLU H 106 19.80 -13.70 39.97
C GLU H 106 21.04 -13.19 39.24
N SER H 107 22.20 -13.31 39.87
CA SER H 107 23.43 -12.86 39.23
C SER H 107 23.74 -13.68 37.98
N PHE H 108 23.49 -15.00 38.03
CA PHE H 108 23.80 -15.84 36.88
C PHE H 108 22.94 -15.49 35.68
N ARG H 109 21.65 -15.20 35.89
CA ARG H 109 20.79 -14.84 34.78
C ARG H 109 21.24 -13.56 34.10
N ARG H 110 21.93 -12.68 34.83
CA ARG H 110 22.41 -11.44 34.25
C ARG H 110 23.73 -11.59 33.51
N LYS H 111 24.33 -12.78 33.51
CA LYS H 111 25.58 -13.02 32.81
C LYS H 111 25.42 -14.07 31.71
N GLY H 112 24.20 -14.23 31.22
CA GLY H 112 23.95 -15.20 30.15
C GLY H 112 24.25 -16.63 30.57
N ILE H 113 23.89 -17.00 31.79
CA ILE H 113 24.12 -18.34 32.31
C ILE H 113 22.76 -18.95 32.62
N ASP H 114 22.57 -20.21 32.23
CA ASP H 114 21.31 -20.92 32.43
C ASP H 114 21.51 -22.04 33.45
N PRO H 115 21.47 -21.73 34.74
CA PRO H 115 21.62 -22.78 35.76
C PRO H 115 20.34 -23.59 35.92
N PHE H 116 20.52 -24.83 36.38
CA PHE H 116 19.39 -25.69 36.67
C PHE H 116 18.66 -25.17 37.89
N ILE H 117 17.33 -25.10 37.80
CA ILE H 117 16.48 -24.64 38.90
C ILE H 117 15.50 -25.77 39.22
N ASP H 118 15.58 -26.29 40.44
CA ASP H 118 14.74 -27.42 40.81
C ASP H 118 13.26 -27.07 40.84
N ASN H 119 12.92 -25.80 41.05
CA ASN H 119 11.52 -25.40 41.04
C ASN H 119 10.87 -25.63 39.69
N ASN H 120 11.66 -25.77 38.62
CA ASN H 120 11.15 -25.97 37.28
C ASN H 120 11.02 -27.43 36.89
N ILE H 121 11.26 -28.35 37.82
CA ILE H 121 11.06 -29.77 37.54
C ILE H 121 9.59 -30.02 37.25
N GLU H 122 9.31 -30.72 36.16
CA GLU H 122 7.93 -30.97 35.76
C GLU H 122 7.18 -31.73 36.84
N ARG H 123 5.92 -31.35 37.05
CA ARG H 123 5.09 -32.04 38.01
C ARG H 123 4.83 -33.48 37.55
N SER H 124 4.42 -34.31 38.51
CA SER H 124 4.09 -35.71 38.24
C SER H 124 5.30 -36.50 37.75
N LYS H 125 6.44 -36.26 38.38
CA LYS H 125 7.65 -37.02 38.08
C LYS H 125 8.41 -37.28 39.38
N SER H 126 9.20 -38.34 39.39
CA SER H 126 9.97 -38.70 40.58
C SER H 126 11.16 -37.76 40.72
N ILE H 127 11.16 -36.96 41.78
CA ILE H 127 12.25 -36.00 41.99
C ILE H 127 13.56 -36.73 42.20
N GLY H 128 13.54 -37.82 42.98
CA GLY H 128 14.77 -38.54 43.27
C GLY H 128 15.47 -39.02 42.02
N HIS H 129 14.72 -39.60 41.09
CA HIS H 129 15.32 -40.05 39.84
C HIS H 129 15.65 -38.88 38.92
N GLU H 130 14.74 -37.91 38.81
CA GLU H 130 14.94 -36.80 37.89
C GLU H 130 16.13 -35.94 38.28
N LEU H 131 16.29 -35.68 39.58
CA LEU H 131 17.36 -34.80 40.02
C LEU H 131 18.73 -35.41 39.72
N LYS H 132 18.86 -36.73 39.89
CA LYS H 132 20.13 -37.39 39.57
C LYS H 132 20.46 -37.27 38.09
N GLU H 133 19.46 -37.29 37.22
CA GLU H 133 19.72 -37.13 35.80
C GLU H 133 20.31 -35.76 35.50
N ALA H 134 19.81 -34.72 36.17
CA ALA H 134 20.32 -33.37 35.93
C ALA H 134 21.77 -33.23 36.41
N ILE H 135 22.17 -34.00 37.42
CA ILE H 135 23.53 -33.89 37.92
C ILE H 135 24.54 -34.33 36.87
N LYS H 136 24.28 -35.47 36.22
CA LYS H 136 25.23 -36.00 35.25
C LYS H 136 25.25 -35.17 33.97
N GLY H 137 24.24 -34.35 33.72
CA GLY H 137 24.19 -33.55 32.51
C GLY H 137 24.61 -32.11 32.75
N SER H 138 25.31 -31.86 33.86
CA SER H 138 25.69 -30.52 34.27
C SER H 138 27.19 -30.36 34.11
N LYS H 139 27.60 -29.28 33.43
CA LYS H 139 29.03 -29.02 33.27
C LYS H 139 29.68 -28.63 34.59
N ILE H 140 28.99 -27.84 35.41
CA ILE H 140 29.52 -27.38 36.68
C ILE H 140 28.52 -27.70 37.79
N ALA H 141 29.03 -28.24 38.89
CA ALA H 141 28.27 -28.36 40.12
C ALA H 141 28.83 -27.37 41.13
N ILE H 142 27.94 -26.58 41.72
CA ILE H 142 28.32 -25.61 42.76
C ILE H 142 27.71 -26.09 44.07
N VAL H 143 28.55 -26.29 45.07
CA VAL H 143 28.14 -26.86 46.35
C VAL H 143 28.17 -25.76 47.38
N LEU H 144 26.99 -25.32 47.82
CA LEU H 144 26.87 -24.35 48.90
C LEU H 144 26.80 -25.10 50.22
N LEU H 145 27.67 -24.76 51.15
CA LEU H 145 27.85 -25.50 52.40
C LEU H 145 27.37 -24.64 53.57
N SER H 146 26.47 -25.20 54.37
CA SER H 146 25.96 -24.54 55.56
C SER H 146 26.13 -25.46 56.76
N LYS H 147 25.99 -24.90 57.95
CA LYS H 147 26.18 -25.70 59.16
C LYS H 147 25.11 -26.77 59.35
N ASN H 148 24.03 -26.72 58.57
CA ASN H 148 23.02 -27.77 58.57
C ASN H 148 22.94 -28.48 57.23
N TYR H 149 23.99 -28.39 56.43
CA TYR H 149 24.03 -29.09 55.14
C TYR H 149 23.98 -30.60 55.35
N ALA H 150 24.69 -31.10 56.36
CA ALA H 150 24.71 -32.53 56.64
C ALA H 150 23.39 -33.04 57.20
N SER H 151 22.48 -32.15 57.59
CA SER H 151 21.24 -32.59 58.21
C SER H 151 20.29 -33.23 57.20
N SER H 152 20.44 -32.91 55.92
CA SER H 152 19.51 -33.41 54.90
C SER H 152 20.16 -34.51 54.08
N SER H 153 19.42 -35.61 53.89
CA SER H 153 19.92 -36.70 53.08
C SER H 153 19.97 -36.32 51.61
N TRP H 154 19.04 -35.48 51.15
CA TRP H 154 19.04 -35.03 49.77
C TRP H 154 20.33 -34.29 49.44
N CYS H 155 20.81 -33.46 50.38
CA CYS H 155 22.05 -32.74 50.15
C CYS H 155 23.23 -33.69 50.02
N LEU H 156 23.30 -34.71 50.88
CA LEU H 156 24.43 -35.64 50.83
C LEU H 156 24.39 -36.50 49.60
N ASP H 157 23.20 -37.02 49.25
CA ASP H 157 23.10 -37.92 48.10
C ASP H 157 23.48 -37.22 46.82
N GLU H 158 23.04 -35.97 46.64
CA GLU H 158 23.47 -35.21 45.48
C GLU H 158 24.95 -34.83 45.59
N LEU H 159 25.47 -34.68 46.81
CA LEU H 159 26.89 -34.44 46.97
C LEU H 159 27.69 -35.68 46.60
N ALA H 160 27.28 -36.84 47.11
CA ALA H 160 27.97 -38.07 46.76
C ALA H 160 27.88 -38.35 45.28
N GLU H 161 26.72 -38.08 44.67
CA GLU H 161 26.56 -38.26 43.24
C GLU H 161 27.46 -37.30 42.46
N ILE H 162 27.67 -36.10 42.99
CA ILE H 162 28.51 -35.12 42.32
C ILE H 162 29.95 -35.63 42.21
N MET H 163 30.51 -36.09 43.34
CA MET H 163 31.90 -36.47 43.36
C MET H 163 32.17 -37.69 42.49
N LYS H 164 31.27 -38.68 42.53
CA LYS H 164 31.37 -39.79 41.60
C LYS H 164 31.26 -39.31 40.16
N CYS H 165 30.33 -38.40 39.90
CA CYS H 165 30.20 -37.82 38.57
C CYS H 165 31.43 -37.00 38.20
N ARG H 166 32.16 -36.48 39.19
CA ARG H 166 33.31 -35.64 38.89
C ARG H 166 34.44 -36.47 38.28
N GLU H 167 34.94 -37.46 39.02
CA GLU H 167 36.07 -38.24 38.53
C GLU H 167 35.66 -39.12 37.35
N LEU H 168 34.45 -39.67 37.39
CA LEU H 168 34.02 -40.60 36.34
C LEU H 168 33.77 -39.88 35.02
N LEU H 169 33.16 -38.68 35.07
CA LEU H 169 32.80 -37.97 33.86
C LEU H 169 33.73 -36.78 33.60
N GLY H 170 33.91 -35.90 34.57
CA GLY H 170 34.82 -34.79 34.40
C GLY H 170 34.19 -33.43 34.62
N GLN H 171 33.03 -33.40 35.27
CA GLN H 171 32.37 -32.13 35.53
C GLN H 171 33.16 -31.34 36.58
N ILE H 172 33.17 -30.03 36.43
CA ILE H 172 33.98 -29.16 37.26
C ILE H 172 33.21 -28.78 38.51
N VAL H 173 33.86 -28.85 39.67
CA VAL H 173 33.21 -28.65 40.95
C VAL H 173 33.86 -27.46 41.65
N MET H 174 33.03 -26.51 42.11
CA MET H 174 33.48 -25.37 42.87
C MET H 174 32.78 -25.37 44.23
N THR H 175 33.46 -24.83 45.24
CA THR H 175 32.96 -24.85 46.60
C THR H 175 32.77 -23.44 47.13
N ILE H 176 31.77 -23.26 47.97
CA ILE H 176 31.50 -22.00 48.65
C ILE H 176 31.25 -22.29 50.12
N PHE H 177 32.14 -21.81 50.99
CA PHE H 177 32.08 -22.10 52.41
C PHE H 177 31.38 -20.95 53.12
N TYR H 178 30.05 -20.96 53.02
CA TYR H 178 29.22 -19.87 53.53
C TYR H 178 29.02 -20.06 55.03
N GLU H 179 29.66 -19.22 55.84
CA GLU H 179 29.57 -19.28 57.30
C GLU H 179 29.90 -20.68 57.81
N VAL H 180 30.90 -21.31 57.19
CA VAL H 180 31.35 -22.64 57.59
C VAL H 180 32.80 -22.78 57.15
N ASP H 181 33.54 -23.60 57.89
CA ASP H 181 34.96 -23.78 57.63
C ASP H 181 35.23 -25.18 57.11
N PRO H 182 36.17 -25.33 56.18
CA PRO H 182 36.48 -26.67 55.65
C PRO H 182 37.03 -27.62 56.70
N THR H 183 37.62 -27.09 57.78
CA THR H 183 38.20 -27.95 58.80
C THR H 183 37.14 -28.82 59.46
N ASP H 184 35.97 -28.24 59.76
CA ASP H 184 34.90 -29.01 60.36
C ASP H 184 34.21 -29.93 59.37
N ILE H 185 34.33 -29.66 58.07
CA ILE H 185 33.70 -30.51 57.06
C ILE H 185 34.40 -31.86 57.00
N LYS H 186 35.73 -31.86 56.91
CA LYS H 186 36.46 -33.11 56.72
C LYS H 186 36.35 -34.02 57.93
N LYS H 187 36.43 -33.43 59.14
CA LYS H 187 36.40 -34.22 60.36
C LYS H 187 34.99 -34.39 60.94
N GLN H 188 34.00 -33.70 60.38
CA GLN H 188 32.62 -33.78 60.85
C GLN H 188 32.53 -33.53 62.35
N THR H 189 32.98 -32.34 62.75
CA THR H 189 33.07 -31.98 64.16
C THR H 189 32.27 -30.70 64.41
N GLY H 190 31.61 -30.66 65.56
CA GLY H 190 30.89 -29.46 65.97
C GLY H 190 29.80 -29.11 64.97
N GLU H 191 29.85 -27.88 64.46
CA GLU H 191 28.93 -27.47 63.41
C GLU H 191 29.10 -28.36 62.20
N PHE H 192 27.97 -28.82 61.65
CA PHE H 192 27.91 -29.73 60.51
C PHE H 192 28.36 -31.12 60.95
N GLY H 193 28.87 -31.23 62.17
CA GLY H 193 29.27 -32.51 62.71
C GLY H 193 28.17 -33.09 63.57
N LYS H 194 27.49 -32.21 64.31
CA LYS H 194 26.34 -32.65 65.09
C LYS H 194 25.23 -33.14 64.18
N ALA H 195 24.98 -32.44 63.07
CA ALA H 195 23.91 -32.83 62.16
C ALA H 195 24.21 -34.16 61.48
N PHE H 196 25.46 -34.36 61.06
CA PHE H 196 25.81 -35.57 60.33
C PHE H 196 25.57 -36.81 61.17
N THR H 197 25.92 -36.76 62.46
CA THR H 197 25.65 -37.87 63.35
C THR H 197 24.15 -38.13 63.46
N LYS H 198 23.35 -37.06 63.54
CA LYS H 198 21.90 -37.23 63.61
C LYS H 198 21.37 -37.89 62.35
N THR H 199 21.88 -37.47 61.18
CA THR H 199 21.40 -38.03 59.92
C THR H 199 21.80 -39.49 59.75
N CYS H 200 22.98 -39.86 60.24
CA CYS H 200 23.51 -41.19 60.00
C CYS H 200 23.21 -42.18 61.11
N LYS H 201 22.38 -41.84 62.08
CA LYS H 201 21.99 -42.81 63.10
C LYS H 201 21.25 -43.98 62.49
N GLY H 202 20.30 -43.71 61.61
CA GLY H 202 19.62 -44.78 60.90
C GLY H 202 20.02 -44.83 59.44
N LYS H 203 20.89 -45.77 59.08
CA LYS H 203 21.39 -45.96 57.72
C LYS H 203 22.10 -47.30 57.68
N THR H 204 22.74 -47.58 56.55
CA THR H 204 23.58 -48.76 56.40
C THR H 204 25.04 -48.36 56.54
N LYS H 205 25.94 -49.34 56.42
CA LYS H 205 27.36 -49.05 56.52
C LYS H 205 27.88 -48.38 55.26
N GLU H 206 27.45 -48.84 54.09
CA GLU H 206 27.98 -48.29 52.85
C GLU H 206 27.51 -46.86 52.62
N TYR H 207 26.27 -46.56 53.00
CA TYR H 207 25.75 -45.21 52.82
C TYR H 207 26.56 -44.20 53.62
N VAL H 208 26.86 -44.52 54.87
CA VAL H 208 27.67 -43.63 55.70
C VAL H 208 29.06 -43.48 55.10
N GLU H 209 29.61 -44.57 54.57
CA GLU H 209 30.95 -44.50 53.98
C GLU H 209 30.99 -43.60 52.76
N ARG H 210 30.01 -43.75 51.86
CA ARG H 210 30.01 -42.94 50.65
C ARG H 210 29.87 -41.46 50.98
N TRP H 211 28.99 -41.13 51.92
CA TRP H 211 28.86 -39.74 52.35
C TRP H 211 30.13 -39.24 53.00
N ARG H 212 30.73 -40.05 53.88
CA ARG H 212 31.90 -39.62 54.62
C ARG H 212 33.09 -39.39 53.69
N LYS H 213 33.32 -40.30 52.76
CA LYS H 213 34.44 -40.16 51.84
C LYS H 213 34.27 -38.94 50.95
N ALA H 214 33.05 -38.74 50.42
CA ALA H 214 32.80 -37.58 49.57
C ALA H 214 32.97 -36.28 50.35
N LEU H 215 32.49 -36.23 51.59
CA LEU H 215 32.62 -35.03 52.40
C LEU H 215 34.08 -34.67 52.63
N GLU H 216 34.92 -35.67 52.91
CA GLU H 216 36.32 -35.39 53.15
C GLU H 216 36.99 -34.84 51.90
N ASP H 217 36.57 -35.31 50.73
CA ASP H 217 37.20 -34.86 49.49
C ASP H 217 36.74 -33.46 49.10
N VAL H 218 35.47 -33.13 49.37
CA VAL H 218 34.95 -31.83 48.95
C VAL H 218 35.60 -30.71 49.76
N ALA H 219 35.91 -30.95 51.03
CA ALA H 219 36.55 -29.93 51.84
C ALA H 219 37.93 -29.57 51.33
N THR H 220 38.52 -30.42 50.49
CA THR H 220 39.85 -30.15 49.96
C THR H 220 39.84 -29.11 48.85
N ILE H 221 38.73 -28.98 48.14
CA ILE H 221 38.69 -28.08 46.98
C ILE H 221 38.70 -26.63 47.45
N ALA H 222 39.61 -25.84 46.88
CA ALA H 222 39.76 -24.44 47.26
C ALA H 222 38.70 -23.61 46.55
N GLY H 223 37.73 -23.10 47.31
CA GLY H 223 36.67 -22.30 46.75
C GLY H 223 36.60 -20.89 47.30
N TYR H 224 35.52 -20.58 48.00
CA TYR H 224 35.30 -19.24 48.53
C TYR H 224 34.79 -19.34 49.97
N HIS H 225 35.22 -18.41 50.81
CA HIS H 225 34.85 -18.37 52.21
C HIS H 225 34.02 -17.12 52.49
N SER H 226 32.90 -17.30 53.17
CA SER H 226 32.06 -16.16 53.53
C SER H 226 32.80 -15.18 54.41
N HIS H 227 33.55 -15.68 55.38
CA HIS H 227 34.21 -14.83 56.36
C HIS H 227 35.34 -14.00 55.78
N LYS H 228 35.78 -14.28 54.55
CA LYS H 228 36.88 -13.54 53.95
C LYS H 228 36.43 -12.40 53.06
N TRP H 229 35.12 -12.13 52.97
CA TRP H 229 34.60 -11.06 52.14
C TRP H 229 33.78 -10.10 53.00
N ARG H 230 34.01 -8.80 52.81
CA ARG H 230 33.35 -7.80 53.64
C ARG H 230 31.89 -7.61 53.25
N ASN H 231 31.51 -7.95 52.02
CA ASN H 231 30.14 -7.79 51.57
C ASN H 231 29.77 -8.92 50.63
N GLU H 232 28.56 -9.46 50.80
CA GLU H 232 28.12 -10.61 50.02
C GLU H 232 28.06 -10.27 48.52
N ALA H 233 27.78 -9.01 48.20
CA ALA H 233 27.62 -8.63 46.80
C ALA H 233 28.92 -8.81 46.03
N ASP H 234 30.05 -8.45 46.63
CA ASP H 234 31.33 -8.62 45.95
C ASP H 234 31.68 -10.10 45.80
N MET H 235 31.33 -10.91 46.81
CA MET H 235 31.52 -12.35 46.69
C MET H 235 30.72 -12.93 45.53
N ILE H 236 29.43 -12.61 45.46
CA ILE H 236 28.58 -13.18 44.43
C ILE H 236 29.00 -12.66 43.05
N GLU H 237 29.44 -11.41 42.99
CA GLU H 237 29.99 -10.90 41.74
C GLU H 237 31.23 -11.67 41.32
N LYS H 238 32.10 -12.00 42.28
CA LYS H 238 33.31 -12.75 41.97
C LYS H 238 32.99 -14.16 41.51
N ILE H 239 32.05 -14.83 42.19
CA ILE H 239 31.71 -16.21 41.84
C ILE H 239 31.12 -16.27 40.44
N ALA H 240 30.21 -15.36 40.13
CA ALA H 240 29.62 -15.32 38.80
C ALA H 240 30.67 -15.01 37.74
N THR H 241 31.62 -14.13 38.07
CA THR H 241 32.69 -13.81 37.14
C THR H 241 33.55 -15.04 36.86
N ASP H 242 33.90 -15.80 37.90
CA ASP H 242 34.74 -16.98 37.70
C ASP H 242 34.04 -18.01 36.83
N VAL H 243 32.76 -18.29 37.11
CA VAL H 243 32.05 -19.32 36.37
C VAL H 243 31.91 -18.93 34.90
N SER H 244 31.48 -17.70 34.64
CA SER H 244 31.25 -17.28 33.26
C SER H 244 32.53 -17.36 32.45
N ASN H 245 33.64 -16.90 33.02
CA ASN H 245 34.92 -16.98 32.31
C ASN H 245 35.33 -18.43 32.08
N MET H 246 35.17 -19.28 33.10
CA MET H 246 35.76 -20.61 33.03
C MET H 246 34.96 -21.55 32.16
N LEU H 247 33.76 -21.15 31.72
CA LEU H 247 33.13 -21.85 30.61
C LEU H 247 33.79 -21.55 29.28
N ASN H 248 34.73 -20.61 29.24
CA ASN H 248 35.26 -20.06 27.99
C ASN H 248 34.10 -19.59 27.13
N SER H 249 33.19 -18.86 27.77
CA SER H 249 31.93 -18.46 27.15
C SER H 249 32.12 -17.59 25.92
N PHE H 250 33.34 -17.14 25.63
CA PHE H 250 33.61 -16.25 24.51
C PHE H 250 32.72 -15.01 24.57
N LYS H 251 32.66 -14.41 25.75
CA LYS H 251 31.83 -13.23 25.96
C LYS H 251 32.11 -12.10 24.98
N PRO H 252 33.37 -11.75 24.66
CA PRO H 252 33.59 -10.81 23.56
C PRO H 252 33.03 -11.34 22.25
N SER H 253 32.43 -10.45 21.48
CA SER H 253 31.78 -10.86 20.23
C SER H 253 32.82 -11.32 19.22
N ARG H 254 32.59 -12.50 18.64
CA ARG H 254 33.41 -12.97 17.53
C ARG H 254 32.94 -12.43 16.19
N ASP H 255 31.76 -11.81 16.14
CA ASP H 255 31.29 -11.20 14.91
C ASP H 255 32.21 -10.06 14.46
N PHE H 256 32.85 -9.39 15.40
CA PHE H 256 33.76 -8.29 15.06
C PHE H 256 35.12 -8.85 14.69
N ASN H 257 35.12 -9.80 13.75
CA ASN H 257 36.35 -10.39 13.24
C ASN H 257 36.34 -10.34 11.72
N GLY H 258 35.14 -10.41 11.15
CA GLY H 258 34.96 -10.32 9.71
C GLY H 258 34.95 -8.92 9.15
N LEU H 259 34.97 -7.91 10.01
CA LEU H 259 35.01 -6.52 9.57
C LEU H 259 36.45 -6.08 9.35
N VAL H 260 36.62 -5.15 8.41
CA VAL H 260 37.93 -4.81 7.88
C VAL H 260 38.26 -3.36 8.21
N GLY H 261 39.43 -3.16 8.82
CA GLY H 261 40.00 -1.84 8.91
C GLY H 261 39.24 -0.83 9.72
N MET H 262 38.74 -1.21 10.89
CA MET H 262 38.13 -0.21 11.75
C MET H 262 39.10 0.37 12.76
N ARG H 263 40.37 -0.02 12.72
CA ARG H 263 41.37 0.73 13.47
C ARG H 263 41.48 2.15 12.98
N ALA H 264 41.38 2.35 11.66
CA ALA H 264 41.42 3.69 11.12
C ALA H 264 40.25 4.53 11.64
N HIS H 265 39.05 3.96 11.67
CA HIS H 265 37.90 4.69 12.20
C HIS H 265 38.06 4.97 13.68
N MET H 266 38.46 3.96 14.45
CA MET H 266 38.50 4.10 15.89
C MET H 266 39.53 5.13 16.32
N ASP H 267 40.68 5.17 15.65
CA ASP H 267 41.72 6.13 16.02
C ASP H 267 41.26 7.56 15.75
N MET H 268 40.61 7.78 14.61
CA MET H 268 40.06 9.11 14.33
C MET H 268 38.97 9.46 15.33
N LEU H 269 38.22 8.46 15.79
CA LEU H 269 37.12 8.69 16.70
C LEU H 269 37.57 8.88 18.14
N GLU H 270 38.76 8.37 18.49
CA GLU H 270 39.30 8.60 19.82
C GLU H 270 39.67 10.07 20.00
N GLN H 271 40.23 10.69 18.96
CA GLN H 271 40.63 12.09 19.06
C GLN H 271 39.43 12.99 19.27
N LEU H 272 38.33 12.71 18.57
CA LEU H 272 37.10 13.47 18.81
C LEU H 272 36.48 13.14 20.16
N LEU H 273 36.78 11.97 20.71
CA LEU H 273 36.14 11.55 21.95
C LEU H 273 36.82 12.20 23.16
N ARG H 274 38.10 11.91 23.36
CA ARG H 274 38.88 12.46 24.47
C ARG H 274 38.14 12.29 25.78
N LEU H 275 37.99 11.03 26.18
CA LEU H 275 37.17 10.71 27.34
C LEU H 275 37.84 11.07 28.67
N VAL H 276 38.95 11.80 28.64
CA VAL H 276 39.55 12.30 29.88
C VAL H 276 39.28 13.76 30.12
N LEU H 277 38.43 14.40 29.33
CA LEU H 277 38.17 15.83 29.47
C LEU H 277 36.99 16.15 30.38
N ASP H 278 36.32 15.13 30.91
CA ASP H 278 35.18 15.24 31.84
C ASP H 278 34.20 16.35 31.48
N GLU H 279 34.00 16.59 30.20
CA GLU H 279 32.93 17.44 29.72
C GLU H 279 31.72 16.57 29.42
N VAL H 280 30.73 17.11 28.72
CA VAL H 280 29.55 16.35 28.32
C VAL H 280 29.53 16.37 26.79
N ARG H 281 30.71 16.32 26.19
CA ARG H 281 30.87 16.57 24.78
C ARG H 281 29.98 15.68 23.93
N MET H 282 29.46 16.25 22.85
CA MET H 282 28.56 15.60 21.91
C MET H 282 29.32 15.35 20.61
N ILE H 283 29.14 14.16 20.04
CA ILE H 283 29.92 13.77 18.87
C ILE H 283 28.98 13.29 17.77
N GLY H 284 29.22 13.75 16.56
CA GLY H 284 28.43 13.33 15.42
C GLY H 284 29.18 12.46 14.43
N ILE H 285 28.44 11.63 13.71
CA ILE H 285 28.99 10.78 12.66
C ILE H 285 28.05 10.88 11.46
N TRP H 286 28.58 11.22 10.29
CA TRP H 286 27.68 11.30 9.16
C TRP H 286 28.42 10.89 7.89
N GLY H 287 27.66 10.38 6.94
CA GLY H 287 28.19 9.91 5.68
C GLY H 287 27.08 9.29 4.86
N PRO H 288 27.34 9.06 3.57
CA PRO H 288 26.34 8.48 2.70
C PRO H 288 25.80 7.18 3.28
N PRO H 289 24.55 6.83 2.97
CA PRO H 289 23.97 5.60 3.51
C PRO H 289 24.75 4.38 3.06
N GLY H 290 25.09 3.53 4.02
CA GLY H 290 25.78 2.30 3.73
C GLY H 290 27.29 2.34 3.89
N ILE H 291 27.85 3.43 4.42
CA ILE H 291 29.29 3.42 4.65
C ILE H 291 29.64 2.65 5.91
N GLY H 292 28.73 2.59 6.87
CA GLY H 292 29.01 1.79 8.05
C GLY H 292 28.86 2.53 9.36
N LYS H 293 28.09 3.62 9.34
CA LYS H 293 27.84 4.36 10.57
C LYS H 293 27.25 3.47 11.64
N THR H 294 26.32 2.60 11.25
CA THR H 294 25.71 1.69 12.21
C THR H 294 26.74 0.72 12.79
N THR H 295 27.58 0.15 11.91
CA THR H 295 28.57 -0.81 12.39
C THR H 295 29.63 -0.14 13.25
N ILE H 296 30.03 1.08 12.88
CA ILE H 296 31.04 1.80 13.66
C ILE H 296 30.52 2.06 15.07
N ALA H 297 29.26 2.49 15.19
CA ALA H 297 28.70 2.75 16.51
C ALA H 297 28.67 1.49 17.35
N ARG H 298 28.26 0.36 16.76
CA ARG H 298 28.21 -0.89 17.52
C ARG H 298 29.59 -1.26 18.03
N PHE H 299 30.59 -1.24 17.15
CA PHE H 299 31.94 -1.62 17.55
C PHE H 299 32.48 -0.69 18.61
N LEU H 300 32.29 0.62 18.43
CA LEU H 300 32.72 1.58 19.43
C LEU H 300 32.02 1.36 20.75
N PHE H 301 30.72 1.06 20.70
CA PHE H 301 29.97 0.80 21.92
C PHE H 301 30.54 -0.40 22.67
N ASN H 302 30.97 -1.42 21.93
CA ASN H 302 31.47 -2.62 22.59
C ASN H 302 32.79 -2.39 23.31
N GLN H 303 33.62 -1.47 22.83
CA GLN H 303 34.92 -1.24 23.45
C GLN H 303 34.84 -0.26 24.61
N VAL H 304 33.96 0.73 24.51
CA VAL H 304 34.04 1.88 25.39
C VAL H 304 32.99 1.85 26.48
N SER H 305 31.83 1.24 26.23
CA SER H 305 30.69 1.36 27.14
C SER H 305 31.00 0.83 28.53
N ASP H 306 31.97 -0.06 28.67
CA ASP H 306 32.27 -0.63 29.98
C ASP H 306 32.90 0.38 30.93
N ARG H 307 33.31 1.54 30.45
CA ARG H 307 33.98 2.53 31.27
C ARG H 307 33.04 3.59 31.81
N PHE H 308 31.73 3.42 31.64
CA PHE H 308 30.75 4.38 32.10
C PHE H 308 29.75 3.70 33.03
N GLN H 309 29.20 4.48 33.96
CA GLN H 309 28.24 3.92 34.89
C GLN H 309 26.99 3.42 34.17
N LEU H 310 26.52 4.18 33.19
CA LEU H 310 25.31 3.84 32.46
C LEU H 310 25.57 3.96 30.97
N SER H 311 25.07 2.99 30.20
CA SER H 311 25.28 2.96 28.77
C SER H 311 24.01 2.48 28.08
N ALA H 312 23.81 2.93 26.84
CA ALA H 312 22.63 2.58 26.09
C ALA H 312 22.86 2.88 24.62
N ILE H 313 22.39 1.98 23.76
CA ILE H 313 22.48 2.14 22.32
C ILE H 313 21.08 2.02 21.74
N MET H 314 20.69 2.97 20.90
CA MET H 314 19.36 3.02 20.32
C MET H 314 19.48 2.91 18.81
N VAL H 315 19.19 1.72 18.28
CA VAL H 315 19.46 1.40 16.88
C VAL H 315 18.24 1.75 16.05
N ASN H 316 18.48 2.43 14.93
CA ASN H 316 17.45 2.75 13.95
C ASN H 316 16.32 3.57 14.56
N ILE H 317 16.69 4.75 15.08
CA ILE H 317 15.67 5.67 15.58
C ILE H 317 14.80 6.18 14.43
N LYS H 318 15.40 6.36 13.25
CA LYS H 318 14.66 6.87 12.11
C LYS H 318 13.51 5.93 11.72
N GLY H 319 13.75 4.62 11.78
CA GLY H 319 12.73 3.69 11.34
C GLY H 319 11.49 3.68 12.22
N CYS H 320 11.69 3.71 13.54
CA CYS H 320 10.55 3.55 14.44
C CYS H 320 9.71 4.82 14.54
N TYR H 321 10.34 5.98 14.36
CA TYR H 321 9.63 7.24 14.50
C TYR H 321 8.54 7.35 13.45
N PRO H 322 7.35 7.82 13.82
CA PRO H 322 6.27 7.95 12.84
C PRO H 322 6.64 8.89 11.71
N ARG H 323 6.23 8.52 10.49
CA ARG H 323 6.55 9.38 9.35
C ARG H 323 5.74 10.66 9.35
N PRO H 324 4.41 10.64 9.33
CA PRO H 324 3.68 11.91 9.36
C PRO H 324 3.92 12.69 10.65
N CYS H 325 4.10 11.98 11.77
CA CYS H 325 4.29 12.60 13.07
C CYS H 325 3.13 13.55 13.40
N PHE H 326 1.94 12.98 13.50
CA PHE H 326 0.76 13.79 13.77
C PHE H 326 0.80 14.37 15.19
N ASP H 327 1.31 13.61 16.15
CA ASP H 327 1.45 14.07 17.53
C ASP H 327 2.91 13.94 17.92
N GLU H 328 3.64 15.06 17.87
CA GLU H 328 5.07 15.02 18.17
C GLU H 328 5.32 14.66 19.63
N TYR H 329 4.58 15.28 20.55
CA TYR H 329 4.89 15.12 21.97
C TYR H 329 4.72 13.67 22.41
N SER H 330 3.66 13.01 21.96
CA SER H 330 3.50 11.60 22.28
C SER H 330 4.63 10.77 21.71
N ALA H 331 5.01 11.03 20.46
CA ALA H 331 6.12 10.30 19.85
C ALA H 331 7.41 10.58 20.60
N GLN H 332 7.65 11.84 20.95
CA GLN H 332 8.85 12.18 21.71
C GLN H 332 8.84 11.52 23.08
N LEU H 333 7.67 11.43 23.70
CA LEU H 333 7.59 10.86 25.04
C LEU H 333 7.99 9.39 25.04
N GLN H 334 7.39 8.60 24.14
CA GLN H 334 7.69 7.18 24.14
C GLN H 334 9.09 6.91 23.62
N LEU H 335 9.64 7.82 22.81
CA LEU H 335 11.02 7.66 22.36
C LEU H 335 11.99 7.78 23.52
N GLN H 336 11.79 8.78 24.39
CA GLN H 336 12.61 8.88 25.59
C GLN H 336 12.35 7.71 26.53
N ASN H 337 11.16 7.12 26.45
CA ASN H 337 10.85 5.98 27.32
C ASN H 337 11.77 4.80 27.02
N GLN H 338 12.01 4.52 25.74
CA GLN H 338 12.90 3.41 25.40
C GLN H 338 14.32 3.66 25.91
N MET H 339 14.81 4.89 25.75
CA MET H 339 16.16 5.20 26.20
C MET H 339 16.30 4.97 27.70
N LEU H 340 15.30 5.40 28.48
CA LEU H 340 15.38 5.21 29.92
C LEU H 340 15.35 3.73 30.29
N SER H 341 14.47 2.95 29.65
CA SER H 341 14.45 1.52 29.92
C SER H 341 15.74 0.86 29.47
N GLN H 342 16.32 1.33 28.37
CA GLN H 342 17.61 0.82 27.92
C GLN H 342 18.71 1.24 28.87
N MET H 343 18.77 2.52 29.22
CA MET H 343 19.88 3.04 30.00
C MET H 343 19.77 2.63 31.45
N ILE H 344 18.72 3.08 32.14
CA ILE H 344 18.40 2.56 33.45
C ILE H 344 17.83 1.16 33.29
N ASN H 345 18.28 0.25 34.12
CA ASN H 345 17.81 -1.13 33.96
C ASN H 345 16.37 -1.30 34.32
N HIS H 346 15.65 -0.22 34.60
CA HIS H 346 14.22 -0.29 34.83
C HIS H 346 13.53 -0.85 33.60
N LYS H 347 12.98 -2.05 33.74
CA LYS H 347 12.49 -2.78 32.57
C LYS H 347 11.31 -2.07 31.91
N ASP H 348 10.37 -1.59 32.72
CA ASP H 348 9.14 -1.01 32.18
C ASP H 348 8.86 0.30 32.90
N ILE H 349 9.27 1.40 32.28
CA ILE H 349 8.99 2.74 32.79
C ILE H 349 7.86 3.33 31.98
N MET H 350 7.00 4.09 32.64
CA MET H 350 6.02 4.92 31.95
C MET H 350 6.34 6.36 32.31
N ILE H 351 6.85 7.11 31.34
CA ILE H 351 7.28 8.48 31.56
C ILE H 351 6.08 9.40 31.46
N SER H 352 5.90 10.26 32.45
CA SER H 352 4.80 11.20 32.46
C SER H 352 5.13 12.48 31.71
N HIS H 353 6.32 13.04 31.92
CA HIS H 353 6.71 14.29 31.30
C HIS H 353 8.10 14.16 30.70
N LEU H 354 8.34 14.95 29.65
CA LEU H 354 9.54 14.81 28.84
C LEU H 354 10.82 15.19 29.58
N GLY H 355 10.74 15.58 30.84
CA GLY H 355 11.92 16.02 31.57
C GLY H 355 12.50 15.01 32.54
N VAL H 356 12.11 13.74 32.45
CA VAL H 356 12.60 12.75 33.41
C VAL H 356 14.09 12.51 33.23
N ALA H 357 14.54 12.39 31.99
CA ALA H 357 15.95 12.08 31.73
C ALA H 357 16.86 13.12 32.35
N GLN H 358 16.52 14.40 32.19
CA GLN H 358 17.28 15.45 32.85
C GLN H 358 17.27 15.27 34.36
N GLU H 359 16.11 14.92 34.92
CA GLU H 359 15.98 14.78 36.37
C GLU H 359 16.76 13.57 36.88
N ARG H 360 16.98 12.56 36.04
CA ARG H 360 17.56 11.32 36.50
C ARG H 360 19.05 11.18 36.20
N LEU H 361 19.50 11.72 35.07
CA LEU H 361 20.90 11.58 34.65
C LEU H 361 21.72 12.83 34.91
N ARG H 362 21.33 13.64 35.89
CA ARG H 362 22.04 14.89 36.14
C ARG H 362 23.48 14.66 36.55
N ASP H 363 23.74 13.67 37.41
CA ASP H 363 25.04 13.52 38.03
C ASP H 363 25.66 12.15 37.78
N LYS H 364 25.60 11.67 36.53
CA LYS H 364 26.12 10.35 36.22
C LYS H 364 26.91 10.37 34.92
N LYS H 365 27.95 9.55 34.87
CA LYS H 365 28.77 9.41 33.69
C LYS H 365 28.08 8.49 32.69
N VAL H 366 27.67 9.05 31.55
CA VAL H 366 26.70 8.43 30.67
C VAL H 366 27.29 8.30 29.27
N PHE H 367 27.18 7.12 28.69
CA PHE H 367 27.55 6.87 27.30
C PHE H 367 26.31 6.45 26.54
N LEU H 368 25.90 7.26 25.56
CA LEU H 368 24.66 7.04 24.83
C LEU H 368 24.93 7.09 23.34
N VAL H 369 24.42 6.10 22.61
CA VAL H 369 24.58 6.03 21.16
C VAL H 369 23.19 6.11 20.53
N LEU H 370 22.96 7.18 19.78
CA LEU H 370 21.72 7.36 19.04
C LEU H 370 22.03 7.05 17.58
N ASP H 371 21.65 5.84 17.14
CA ASP H 371 22.18 5.30 15.90
C ASP H 371 21.77 6.11 14.68
N GLU H 372 20.49 6.38 14.47
CA GLU H 372 20.08 7.00 13.22
C GLU H 372 18.97 8.00 13.52
N VAL H 373 19.35 9.26 13.72
CA VAL H 373 18.39 10.34 13.92
C VAL H 373 18.22 11.08 12.61
N ASP H 374 16.99 11.41 12.27
CA ASP H 374 16.68 11.95 10.96
C ASP H 374 16.32 13.42 11.00
N GLN H 375 15.63 13.86 12.07
CA GLN H 375 15.20 15.24 12.17
C GLN H 375 15.42 15.72 13.59
N LEU H 376 15.39 17.04 13.76
CA LEU H 376 15.72 17.64 15.05
C LEU H 376 14.73 17.26 16.14
N GLY H 377 13.58 16.71 15.77
CA GLY H 377 12.60 16.32 16.78
C GLY H 377 13.10 15.22 17.69
N GLN H 378 13.77 14.21 17.12
CA GLN H 378 14.24 13.10 17.95
C GLN H 378 15.26 13.58 18.97
N LEU H 379 16.16 14.48 18.58
CA LEU H 379 17.25 14.87 19.45
C LEU H 379 16.73 15.54 20.72
N ASP H 380 15.73 16.41 20.58
CA ASP H 380 15.18 17.09 21.75
C ASP H 380 14.57 16.11 22.73
N ALA H 381 14.00 15.01 22.23
CA ALA H 381 13.43 14.02 23.13
C ALA H 381 14.52 13.27 23.88
N LEU H 382 15.64 13.00 23.23
CA LEU H 382 16.66 12.13 23.80
C LEU H 382 17.78 12.91 24.47
N ALA H 383 18.31 13.94 23.81
CA ALA H 383 19.40 14.73 24.39
C ALA H 383 19.26 16.15 23.86
N LYS H 384 18.62 17.01 24.65
CA LYS H 384 18.43 18.39 24.24
C LYS H 384 19.62 19.26 24.63
N GLU H 385 20.14 19.06 25.83
CA GLU H 385 21.21 19.90 26.35
C GLU H 385 22.24 19.03 27.05
N THR H 386 23.48 19.51 27.06
CA THR H 386 24.53 18.80 27.78
C THR H 386 24.27 18.75 29.27
N ARG H 387 23.45 19.67 29.79
CA ARG H 387 23.14 19.65 31.22
C ARG H 387 22.32 18.45 31.62
N TRP H 388 21.75 17.72 30.66
CA TRP H 388 20.99 16.53 30.98
C TRP H 388 21.87 15.44 31.57
N PHE H 389 23.17 15.50 31.32
CA PHE H 389 24.07 14.41 31.67
C PHE H 389 25.17 14.91 32.59
N GLY H 390 25.71 13.98 33.37
CA GLY H 390 26.74 14.32 34.34
C GLY H 390 28.08 14.53 33.69
N PRO H 391 29.07 14.84 34.52
CA PRO H 391 30.42 15.08 33.99
C PRO H 391 31.00 13.83 33.37
N GLY H 392 31.80 14.03 32.34
CA GLY H 392 32.45 12.92 31.66
C GLY H 392 31.56 12.16 30.71
N SER H 393 30.30 12.55 30.56
CA SER H 393 29.39 11.82 29.69
C SER H 393 29.70 12.13 28.24
N ARG H 394 29.52 11.12 27.39
CA ARG H 394 29.69 11.26 25.94
C ARG H 394 28.46 10.67 25.28
N ILE H 395 27.89 11.38 24.33
CA ILE H 395 26.83 10.80 23.52
C ILE H 395 27.25 10.89 22.06
N ILE H 396 26.79 9.92 21.28
CA ILE H 396 27.18 9.80 19.88
C ILE H 396 25.92 9.64 19.06
N ILE H 397 25.76 10.51 18.06
CA ILE H 397 24.61 10.45 17.17
C ILE H 397 25.12 10.38 15.74
N THR H 398 24.62 9.39 15.01
CA THR H 398 25.05 9.20 13.60
C THR H 398 23.89 9.58 12.66
N THR H 399 24.18 10.40 11.64
CA THR H 399 23.14 10.84 10.73
C THR H 399 23.54 10.65 9.28
N GLU H 400 22.66 11.05 8.38
CA GLU H 400 23.03 11.31 6.99
C GLU H 400 22.95 12.78 6.62
N ASP H 401 22.24 13.58 7.42
CA ASP H 401 22.07 15.00 7.16
C ASP H 401 22.88 15.77 8.19
N LEU H 402 23.84 16.57 7.71
CA LEU H 402 24.66 17.35 8.62
C LEU H 402 23.87 18.50 9.24
N GLY H 403 22.89 19.03 8.52
CA GLY H 403 22.13 20.16 9.03
C GLY H 403 21.49 19.89 10.37
N VAL H 404 21.11 18.63 10.63
CA VAL H 404 20.59 18.27 11.94
C VAL H 404 21.65 18.48 13.01
N LEU H 405 22.89 18.04 12.73
CA LEU H 405 23.95 18.21 13.69
C LEU H 405 24.24 19.69 13.95
N LYS H 406 24.31 20.49 12.88
CA LYS H 406 24.61 21.89 13.03
C LYS H 406 23.51 22.60 13.81
N ALA H 407 22.25 22.29 13.49
CA ALA H 407 21.14 22.93 14.17
C ALA H 407 21.16 22.66 15.67
N HIS H 408 21.64 21.50 16.07
CA HIS H 408 21.75 21.18 17.48
C HIS H 408 23.08 21.64 18.07
N GLY H 409 23.97 22.21 17.26
CA GLY H 409 25.23 22.70 17.76
C GLY H 409 26.16 21.61 18.25
N ILE H 410 26.66 20.79 17.33
CA ILE H 410 27.53 19.68 17.72
C ILE H 410 29.00 20.08 17.59
N ASN H 411 29.43 20.42 16.39
CA ASN H 411 30.78 20.92 16.10
C ASN H 411 31.87 19.90 16.38
N HIS H 412 31.53 18.67 16.76
CA HIS H 412 32.50 17.59 16.93
C HIS H 412 32.01 16.47 16.02
N VAL H 413 32.45 16.50 14.76
CA VAL H 413 31.88 15.68 13.71
C VAL H 413 32.98 14.83 13.09
N TYR H 414 32.73 13.53 12.99
CA TYR H 414 33.61 12.61 12.28
C TYR H 414 32.92 12.23 10.98
N LYS H 415 33.41 12.76 9.87
CA LYS H 415 32.89 12.41 8.56
C LYS H 415 33.53 11.11 8.11
N VAL H 416 32.74 10.03 8.08
CA VAL H 416 33.29 8.72 7.73
C VAL H 416 33.73 8.72 6.28
N GLY H 417 34.84 8.06 6.00
CA GLY H 417 35.40 8.01 4.67
C GLY H 417 35.37 6.61 4.11
N TYR H 418 35.39 6.52 2.78
CA TYR H 418 35.39 5.23 2.11
C TYR H 418 36.66 4.47 2.47
N PRO H 419 36.60 3.15 2.54
CA PRO H 419 37.82 2.37 2.81
C PRO H 419 38.74 2.39 1.61
N SER H 420 40.00 2.04 1.88
CA SER H 420 41.00 1.99 0.82
C SER H 420 40.65 0.89 -0.18
N ASN H 421 41.09 1.09 -1.42
CA ASN H 421 40.80 0.12 -2.47
C ASN H 421 41.32 -1.26 -2.10
N ASP H 422 42.45 -1.33 -1.40
CA ASP H 422 42.93 -2.60 -0.89
C ASP H 422 41.95 -3.18 0.13
N GLU H 423 41.49 -2.35 1.07
CA GLU H 423 40.57 -2.83 2.09
C GLU H 423 39.24 -3.23 1.48
N ALA H 424 38.76 -2.47 0.50
CA ALA H 424 37.50 -2.80 -0.14
C ALA H 424 37.52 -4.19 -0.75
N PHE H 425 38.66 -4.60 -1.31
CA PHE H 425 38.76 -5.93 -1.88
C PHE H 425 38.58 -7.00 -0.81
N GLN H 426 39.13 -6.78 0.38
CA GLN H 426 38.97 -7.76 1.45
C GLN H 426 37.53 -7.85 1.91
N ILE H 427 36.84 -6.71 1.99
CA ILE H 427 35.42 -6.74 2.36
C ILE H 427 34.62 -7.49 1.32
N PHE H 428 34.90 -7.22 0.03
CA PHE H 428 34.21 -7.94 -1.03
C PHE H 428 34.55 -9.43 -0.99
N CYS H 429 35.83 -9.76 -0.78
CA CYS H 429 36.22 -11.16 -0.75
C CYS H 429 35.65 -11.89 0.45
N MET H 430 35.57 -11.22 1.60
CA MET H 430 35.02 -11.86 2.79
C MET H 430 33.60 -12.36 2.54
N ASN H 431 32.84 -11.65 1.72
CA ASN H 431 31.48 -12.09 1.43
C ASN H 431 31.43 -13.01 0.22
N ALA H 432 32.18 -12.67 -0.83
CA ALA H 432 32.10 -13.45 -2.06
C ALA H 432 32.74 -14.83 -1.90
N PHE H 433 33.83 -14.92 -1.13
CA PHE H 433 34.57 -16.16 -1.02
C PHE H 433 34.75 -16.66 0.41
N GLY H 434 34.38 -15.88 1.41
CA GLY H 434 34.54 -16.30 2.78
C GLY H 434 35.93 -16.13 3.35
N GLN H 435 36.86 -15.62 2.56
CA GLN H 435 38.21 -15.34 3.02
C GLN H 435 38.64 -13.99 2.46
N LYS H 436 39.77 -13.49 2.95
CA LYS H 436 40.21 -12.16 2.53
C LYS H 436 40.86 -12.16 1.15
N GLN H 437 41.08 -13.33 0.55
CA GLN H 437 41.71 -13.40 -0.76
C GLN H 437 40.87 -14.28 -1.68
N PRO H 438 40.76 -13.92 -2.96
CA PRO H 438 39.89 -14.68 -3.86
C PRO H 438 40.46 -16.04 -4.19
N HIS H 439 39.57 -16.93 -4.62
CA HIS H 439 40.00 -18.22 -5.14
C HIS H 439 40.68 -18.04 -6.49
N GLU H 440 41.42 -19.07 -6.89
CA GLU H 440 42.26 -18.99 -8.09
C GLU H 440 41.40 -18.75 -9.33
N GLY H 441 41.93 -17.93 -10.23
CA GLY H 441 41.25 -17.60 -11.46
C GLY H 441 40.20 -16.52 -11.33
N PHE H 442 39.76 -16.21 -10.11
CA PHE H 442 38.75 -15.18 -9.91
C PHE H 442 39.35 -13.78 -9.81
N ASP H 443 40.67 -13.66 -9.81
CA ASP H 443 41.31 -12.39 -9.51
C ASP H 443 40.84 -11.29 -10.47
N GLU H 444 40.82 -11.58 -11.77
CA GLU H 444 40.44 -10.57 -12.74
C GLU H 444 38.95 -10.26 -12.67
N ILE H 445 38.12 -11.30 -12.61
CA ILE H 445 36.68 -11.09 -12.65
C ILE H 445 36.18 -10.43 -11.37
N ALA H 446 36.78 -10.77 -10.23
CA ALA H 446 36.34 -10.18 -8.97
C ALA H 446 36.55 -8.67 -8.96
N ARG H 447 37.69 -8.20 -9.46
CA ARG H 447 37.95 -6.77 -9.46
C ARG H 447 37.02 -6.02 -10.39
N GLU H 448 36.49 -6.68 -11.41
CA GLU H 448 35.50 -6.04 -12.26
C GLU H 448 34.20 -5.79 -11.51
N VAL H 449 33.84 -6.70 -10.60
CA VAL H 449 32.61 -6.55 -9.85
C VAL H 449 32.73 -5.39 -8.87
N MET H 450 33.88 -5.25 -8.20
CA MET H 450 34.08 -4.16 -7.26
C MET H 450 33.89 -2.80 -7.88
N ALA H 451 34.51 -2.58 -9.05
CA ALA H 451 34.40 -1.28 -9.70
C ALA H 451 32.95 -0.92 -9.96
N LEU H 452 32.09 -1.92 -10.09
CA LEU H 452 30.66 -1.69 -10.17
C LEU H 452 30.08 -1.30 -8.83
N ALA H 453 30.70 -1.71 -7.73
CA ALA H 453 30.21 -1.42 -6.39
C ALA H 453 30.78 -0.13 -5.83
N GLY H 454 31.56 0.60 -6.61
CA GLY H 454 32.14 1.83 -6.11
C GLY H 454 33.06 1.53 -4.96
N GLU H 455 32.73 2.06 -3.78
CA GLU H 455 33.49 1.77 -2.58
C GLU H 455 32.61 1.52 -1.37
N LEU H 456 31.30 1.54 -1.54
CA LEU H 456 30.40 1.41 -0.40
C LEU H 456 30.52 0.03 0.22
N PRO H 457 30.75 -0.08 1.52
CA PRO H 457 30.69 -1.40 2.16
C PRO H 457 29.36 -2.09 1.95
N LEU H 458 28.26 -1.33 1.96
CA LEU H 458 26.96 -1.92 1.65
C LEU H 458 26.94 -2.47 0.24
N GLY H 459 27.47 -1.73 -0.72
CA GLY H 459 27.53 -2.22 -2.08
C GLY H 459 28.43 -3.44 -2.23
N LEU H 460 29.56 -3.44 -1.51
CA LEU H 460 30.48 -4.57 -1.60
C LEU H 460 29.86 -5.83 -0.99
N LYS H 461 29.22 -5.70 0.17
CA LYS H 461 28.62 -6.87 0.80
C LYS H 461 27.51 -7.44 -0.07
N VAL H 462 26.65 -6.58 -0.60
CA VAL H 462 25.50 -7.05 -1.38
C VAL H 462 25.98 -7.75 -2.64
N LEU H 463 26.88 -7.10 -3.39
CA LEU H 463 27.41 -7.73 -4.60
C LEU H 463 28.20 -8.98 -4.25
N GLY H 464 28.99 -8.95 -3.18
CA GLY H 464 29.76 -10.11 -2.80
C GLY H 464 28.89 -11.28 -2.41
N SER H 465 27.87 -11.03 -1.58
CA SER H 465 27.03 -12.13 -1.11
C SER H 465 26.17 -12.69 -2.24
N ALA H 466 25.89 -11.88 -3.26
CA ALA H 466 25.07 -12.36 -4.37
C ALA H 466 25.81 -13.40 -5.21
N LEU H 467 27.11 -13.59 -4.99
CA LEU H 467 27.91 -14.48 -5.81
C LEU H 467 28.71 -15.48 -4.98
N ARG H 468 28.26 -15.78 -3.76
CA ARG H 468 29.12 -16.55 -2.87
C ARG H 468 29.39 -17.95 -3.39
N GLY H 469 28.35 -18.68 -3.74
CA GLY H 469 28.53 -20.07 -4.11
C GLY H 469 28.62 -20.30 -5.61
N LYS H 470 28.65 -19.23 -6.39
CA LYS H 470 28.63 -19.34 -7.83
C LYS H 470 29.96 -19.90 -8.34
N SER H 471 29.98 -20.24 -9.63
CA SER H 471 31.18 -20.69 -10.31
C SER H 471 31.61 -19.65 -11.33
N LYS H 472 32.87 -19.74 -11.75
CA LYS H 472 33.45 -18.72 -12.61
C LYS H 472 32.65 -18.46 -13.89
N PRO H 473 32.17 -19.45 -14.62
CA PRO H 473 31.32 -19.12 -15.78
C PRO H 473 30.08 -18.33 -15.41
N GLU H 474 29.48 -18.63 -14.26
CA GLU H 474 28.32 -17.87 -13.81
C GLU H 474 28.68 -16.42 -13.51
N TRP H 475 29.87 -16.19 -12.94
CA TRP H 475 30.30 -14.83 -12.67
C TRP H 475 30.31 -13.99 -13.93
N GLU H 476 30.84 -14.55 -15.03
CA GLU H 476 31.03 -13.76 -16.23
C GLU H 476 29.70 -13.34 -16.84
N ARG H 477 28.72 -14.21 -16.85
CA ARG H 477 27.43 -13.88 -17.45
C ARG H 477 26.46 -13.21 -16.47
N THR H 478 26.72 -13.28 -15.16
CA THR H 478 25.94 -12.50 -14.21
C THR H 478 26.37 -11.05 -14.16
N LEU H 479 27.61 -10.75 -14.55
CA LEU H 479 28.10 -9.37 -14.53
C LEU H 479 27.26 -8.42 -15.37
N PRO H 480 26.91 -8.73 -16.63
CA PRO H 480 26.05 -7.80 -17.37
C PRO H 480 24.71 -7.56 -16.72
N ARG H 481 24.15 -8.56 -16.03
CA ARG H 481 22.93 -8.34 -15.27
C ARG H 481 23.14 -7.33 -14.16
N LEU H 482 24.30 -7.40 -13.50
CA LEU H 482 24.56 -6.49 -12.39
C LEU H 482 24.61 -5.04 -12.85
N LYS H 483 25.15 -4.79 -14.03
CA LYS H 483 25.26 -3.42 -14.53
C LYS H 483 23.90 -2.85 -14.89
N THR H 484 23.07 -3.64 -15.57
CA THR H 484 21.80 -3.11 -16.08
C THR H 484 20.83 -2.81 -14.95
N SER H 485 20.79 -3.65 -13.92
CA SER H 485 19.83 -3.51 -12.83
C SER H 485 20.55 -3.34 -11.51
N LEU H 486 20.17 -2.31 -10.76
CA LEU H 486 20.71 -2.13 -9.42
C LEU H 486 19.99 -3.08 -8.46
N ASP H 487 20.75 -3.71 -7.57
CA ASP H 487 20.20 -4.75 -6.72
C ASP H 487 19.11 -4.19 -5.81
N GLY H 488 18.15 -5.05 -5.46
CA GLY H 488 17.04 -4.60 -4.65
C GLY H 488 17.46 -4.18 -3.26
N LYS H 489 18.39 -4.91 -2.64
CA LYS H 489 18.82 -4.57 -1.29
C LYS H 489 19.49 -3.20 -1.25
N ILE H 490 20.29 -2.89 -2.26
CA ILE H 490 20.91 -1.57 -2.34
C ILE H 490 19.85 -0.52 -2.64
N GLY H 491 18.95 -0.81 -3.58
CA GLY H 491 17.99 0.19 -4.01
C GLY H 491 17.05 0.63 -2.91
N SER H 492 16.57 -0.32 -2.10
CA SER H 492 15.58 0.02 -1.07
C SER H 492 16.15 0.98 -0.05
N ILE H 493 17.39 0.75 0.39
CA ILE H 493 17.98 1.61 1.40
C ILE H 493 18.19 3.01 0.85
N ILE H 494 18.65 3.12 -0.39
CA ILE H 494 18.78 4.43 -1.00
C ILE H 494 17.42 5.10 -1.16
N GLN H 495 16.41 4.31 -1.55
CA GLN H 495 15.07 4.86 -1.76
C GLN H 495 14.56 5.56 -0.51
N PHE H 496 14.90 5.03 0.66
CA PHE H 496 14.44 5.65 1.89
C PHE H 496 15.03 7.04 2.06
N SER H 497 16.30 7.22 1.76
CA SER H 497 16.91 8.55 1.86
C SER H 497 16.43 9.46 0.75
N TYR H 498 16.09 8.90 -0.41
CA TYR H 498 15.59 9.72 -1.50
C TYR H 498 14.21 10.29 -1.19
N ASP H 499 13.40 9.52 -0.44
CA ASP H 499 12.04 9.96 -0.17
C ASP H 499 11.99 11.14 0.81
N ALA H 500 12.96 11.22 1.71
CA ALA H 500 12.96 12.31 2.69
C ALA H 500 13.24 13.67 2.07
N LEU H 501 13.68 13.72 0.82
CA LEU H 501 14.03 14.98 0.20
C LEU H 501 12.78 15.81 -0.11
N CYS H 502 13.00 17.11 -0.29
CA CYS H 502 11.95 17.97 -0.81
C CYS H 502 11.68 17.65 -2.27
N ASP H 503 10.59 18.20 -2.79
CA ASP H 503 10.22 17.94 -4.18
C ASP H 503 11.26 18.49 -5.14
N GLU H 504 11.73 19.72 -4.90
CA GLU H 504 12.74 20.30 -5.78
C GLU H 504 14.07 19.57 -5.66
N ASP H 505 14.43 19.17 -4.44
CA ASP H 505 15.68 18.43 -4.25
C ASP H 505 15.64 17.09 -4.97
N LYS H 506 14.47 16.45 -5.02
CA LYS H 506 14.33 15.23 -5.80
C LYS H 506 14.60 15.50 -7.27
N TYR H 507 14.05 16.59 -7.80
CA TYR H 507 14.25 16.92 -9.20
C TYR H 507 15.70 17.24 -9.48
N LEU H 508 16.35 18.00 -8.58
CA LEU H 508 17.76 18.30 -8.77
C LEU H 508 18.60 17.04 -8.70
N PHE H 509 18.22 16.10 -7.83
CA PHE H 509 18.94 14.83 -7.75
C PHE H 509 18.88 14.08 -9.06
N LEU H 510 17.70 14.04 -9.70
CA LEU H 510 17.56 13.32 -10.95
C LEU H 510 18.39 13.96 -12.06
N TYR H 511 18.42 15.29 -12.09
CA TYR H 511 19.21 15.98 -13.12
C TYR H 511 20.68 15.61 -13.01
N ILE H 512 21.22 15.61 -11.79
CA ILE H 512 22.63 15.31 -11.60
C ILE H 512 22.93 13.88 -12.01
N ALA H 513 22.07 12.94 -11.60
CA ALA H 513 22.30 11.54 -11.93
C ALA H 513 22.19 11.31 -13.43
N CYS H 514 21.31 12.06 -14.11
CA CYS H 514 21.04 11.78 -15.51
C CYS H 514 22.00 12.51 -16.44
N LEU H 515 22.16 13.83 -16.26
CA LEU H 515 22.96 14.61 -17.19
C LEU H 515 24.20 15.21 -16.55
N PHE H 516 24.06 16.01 -15.50
CA PHE H 516 25.16 16.81 -14.97
C PHE H 516 25.83 16.10 -13.79
N ASN H 517 26.39 14.92 -14.05
CA ASN H 517 27.01 14.17 -12.97
C ASN H 517 28.31 14.83 -12.51
N LYS H 518 29.18 15.18 -13.46
CA LYS H 518 30.47 15.80 -13.15
C LYS H 518 30.58 17.06 -14.00
N GLU H 519 30.03 18.15 -13.48
CA GLU H 519 30.01 19.43 -14.19
C GLU H 519 30.30 20.54 -13.19
N SER H 520 30.70 21.69 -13.73
CA SER H 520 30.93 22.85 -12.88
C SER H 520 29.64 23.26 -12.18
N THR H 521 29.75 23.59 -10.90
CA THR H 521 28.57 24.05 -10.17
C THR H 521 28.01 25.32 -10.79
N THR H 522 28.88 26.21 -11.28
CA THR H 522 28.39 27.41 -11.95
C THR H 522 27.62 27.06 -13.21
N LYS H 523 28.11 26.11 -13.99
CA LYS H 523 27.42 25.73 -15.22
C LYS H 523 26.06 25.11 -14.92
N VAL H 524 25.98 24.28 -13.88
CA VAL H 524 24.70 23.74 -13.46
C VAL H 524 23.78 24.86 -13.01
N GLU H 525 24.33 25.84 -12.30
CA GLU H 525 23.53 26.98 -11.84
C GLU H 525 22.97 27.76 -13.01
N GLY H 526 23.77 27.95 -14.06
CA GLY H 526 23.29 28.68 -15.22
C GLY H 526 22.19 27.95 -15.97
N LEU H 527 22.35 26.65 -16.17
CA LEU H 527 21.40 25.91 -17.00
C LEU H 527 20.09 25.66 -16.27
N LEU H 528 20.13 25.29 -15.00
CA LEU H 528 18.94 24.99 -14.24
C LEU H 528 18.47 26.15 -13.36
N GLY H 529 18.93 27.36 -13.65
CA GLY H 529 18.65 28.48 -12.77
C GLY H 529 17.17 28.78 -12.65
N LYS H 530 16.47 28.87 -13.79
CA LYS H 530 15.08 29.31 -13.75
C LYS H 530 14.15 28.23 -13.22
N PHE H 531 14.49 26.96 -13.43
CA PHE H 531 13.59 25.88 -13.04
C PHE H 531 13.51 25.75 -11.53
N LEU H 532 14.65 25.88 -10.84
CA LEU H 532 14.68 25.66 -9.40
C LEU H 532 15.90 26.35 -8.82
N ASP H 533 15.89 26.50 -7.49
CA ASP H 533 16.95 27.17 -6.75
C ASP H 533 18.11 26.19 -6.56
N VAL H 534 19.00 26.17 -7.53
CA VAL H 534 20.10 25.19 -7.52
C VAL H 534 21.09 25.51 -6.41
N ARG H 535 21.37 26.79 -6.17
CA ARG H 535 22.38 27.15 -5.18
C ARG H 535 22.01 26.62 -3.79
N GLN H 536 20.75 26.77 -3.41
CA GLN H 536 20.31 26.20 -2.13
C GLN H 536 20.15 24.69 -2.23
N GLY H 537 19.73 24.20 -3.40
CA GLY H 537 19.55 22.76 -3.55
C GLY H 537 20.86 22.00 -3.42
N LEU H 538 21.90 22.48 -4.09
CA LEU H 538 23.20 21.83 -4.01
C LEU H 538 23.69 21.82 -2.57
N HIS H 539 23.48 22.91 -1.84
CA HIS H 539 23.91 22.96 -0.45
C HIS H 539 23.18 21.91 0.38
N ILE H 540 21.88 21.74 0.16
CA ILE H 540 21.12 20.77 0.94
C ILE H 540 21.55 19.35 0.62
N LEU H 541 21.75 19.04 -0.67
CA LEU H 541 22.15 17.70 -1.05
C LEU H 541 23.48 17.32 -0.41
N ALA H 542 24.43 18.24 -0.40
CA ALA H 542 25.71 17.98 0.26
C ALA H 542 25.51 17.74 1.75
N GLN H 543 24.63 18.51 2.39
CA GLN H 543 24.29 18.25 3.79
C GLN H 543 23.78 16.83 3.96
N LYS H 544 22.93 16.37 3.02
CA LYS H 544 22.39 15.02 3.04
C LYS H 544 23.42 13.97 2.67
N SER H 545 24.61 14.37 2.22
CA SER H 545 25.65 13.46 1.76
C SER H 545 25.18 12.61 0.59
N LEU H 546 24.36 13.21 -0.27
CA LEU H 546 23.99 12.57 -1.52
C LEU H 546 24.88 12.96 -2.68
N ILE H 547 25.51 14.12 -2.62
CA ILE H 547 26.51 14.54 -3.59
C ILE H 547 27.70 15.09 -2.84
N SER H 548 28.77 15.36 -3.58
CA SER H 548 29.98 15.94 -3.01
C SER H 548 30.59 16.88 -4.04
N ILE H 549 30.90 18.09 -3.62
CA ILE H 549 31.50 19.10 -4.49
C ILE H 549 32.97 19.18 -4.15
N GLU H 550 33.83 18.74 -5.07
CA GLU H 550 35.25 18.68 -4.78
C GLU H 550 35.93 20.01 -5.02
N ASP H 551 35.95 20.48 -6.26
CA ASP H 551 36.63 21.71 -6.63
C ASP H 551 35.75 22.52 -7.58
N GLY H 552 34.48 22.68 -7.21
CA GLY H 552 33.52 23.30 -8.09
C GLY H 552 32.80 22.34 -9.00
N ASN H 553 33.14 21.05 -8.96
CA ASN H 553 32.44 20.02 -9.71
C ASN H 553 31.69 19.12 -8.75
N ILE H 554 30.45 18.83 -9.08
CA ILE H 554 29.62 17.96 -8.26
C ILE H 554 29.97 16.52 -8.58
N TYR H 555 29.89 15.67 -7.55
CA TYR H 555 30.22 14.27 -7.70
C TYR H 555 29.17 13.42 -7.00
N MET H 556 28.53 12.53 -7.75
CA MET H 556 27.57 11.59 -7.21
C MET H 556 28.14 10.18 -7.31
N HIS H 557 28.01 9.43 -6.21
CA HIS H 557 28.55 8.08 -6.16
C HIS H 557 27.90 7.21 -7.23
N THR H 558 28.66 6.20 -7.68
CA THR H 558 28.21 5.40 -8.82
C THR H 558 26.89 4.70 -8.53
N LEU H 559 26.81 3.99 -7.41
CA LEU H 559 25.55 3.36 -7.04
C LEU H 559 24.46 4.39 -6.86
N LEU H 560 24.78 5.49 -6.18
CA LEU H 560 23.77 6.51 -5.92
C LEU H 560 23.36 7.19 -7.22
N GLU H 561 24.26 7.24 -8.20
CA GLU H 561 23.87 7.70 -9.53
C GLU H 561 23.04 6.65 -10.25
N GLN H 562 23.43 5.38 -10.14
CA GLN H 562 22.71 4.32 -10.83
C GLN H 562 21.27 4.24 -10.36
N PHE H 563 21.03 4.42 -9.06
CA PHE H 563 19.67 4.45 -8.56
C PHE H 563 18.88 5.59 -9.19
N GLY H 564 19.52 6.73 -9.40
CA GLY H 564 18.82 7.87 -9.98
C GLY H 564 18.36 7.61 -11.40
N ARG H 565 19.17 6.90 -12.17
CA ARG H 565 18.82 6.65 -13.57
C ARG H 565 17.59 5.76 -13.69
N GLU H 566 17.48 4.75 -12.82
CA GLU H 566 16.32 3.87 -12.86
C GLU H 566 15.04 4.64 -12.55
N THR H 567 15.07 5.47 -11.50
CA THR H 567 13.89 6.21 -11.11
C THR H 567 13.47 7.23 -12.16
N SER H 568 14.33 7.54 -13.13
CA SER H 568 13.98 8.50 -14.16
C SER H 568 12.81 7.99 -15.00
N ARG H 569 12.77 6.70 -15.29
CA ARG H 569 11.66 6.16 -16.07
C ARG H 569 10.37 6.13 -15.27
N LYS H 570 10.47 5.90 -13.97
CA LYS H 570 9.28 5.72 -13.14
C LYS H 570 8.80 6.99 -12.47
N GLN H 571 9.51 8.10 -12.60
CA GLN H 571 9.13 9.35 -11.96
C GLN H 571 9.06 10.47 -12.98
N PHE H 572 8.18 11.43 -12.73
CA PHE H 572 8.03 12.60 -13.56
C PHE H 572 8.61 13.82 -12.86
N ILE H 573 8.81 14.87 -13.63
CA ILE H 573 9.37 16.13 -13.14
C ILE H 573 8.39 17.25 -13.45
N HIS H 574 7.94 17.94 -12.41
CA HIS H 574 7.05 19.08 -12.55
C HIS H 574 7.81 20.35 -12.19
N HIS H 575 7.84 21.31 -13.11
CA HIS H 575 8.46 22.60 -12.85
C HIS H 575 7.43 23.66 -12.51
N GLY H 576 6.50 23.92 -13.42
CA GLY H 576 5.40 24.82 -13.15
C GLY H 576 4.10 24.05 -13.10
N TYR H 577 3.32 24.12 -14.19
CA TYR H 577 2.16 23.29 -14.36
C TYR H 577 2.39 22.17 -15.38
N THR H 578 3.57 22.13 -15.99
CA THR H 578 3.88 21.13 -17.00
C THR H 578 4.48 19.89 -16.34
N LYS H 579 4.98 18.96 -17.15
CA LYS H 579 5.53 17.72 -16.65
C LYS H 579 6.54 17.18 -17.66
N HIS H 580 7.66 16.68 -17.16
CA HIS H 580 8.76 16.26 -18.03
C HIS H 580 9.38 14.98 -17.49
N GLN H 581 10.14 14.32 -18.37
CA GLN H 581 10.95 13.17 -18.02
C GLN H 581 12.24 13.23 -18.80
N LEU H 582 13.17 12.33 -18.47
CA LEU H 582 14.48 12.30 -19.09
C LEU H 582 14.70 10.98 -19.80
N LEU H 583 15.76 10.92 -20.59
CA LEU H 583 16.10 9.73 -21.37
C LEU H 583 17.57 9.43 -21.17
N VAL H 584 17.87 8.38 -20.39
CA VAL H 584 19.23 7.94 -20.14
C VAL H 584 19.31 6.47 -20.51
N GLY H 585 20.07 6.17 -21.55
CA GLY H 585 20.28 4.79 -21.96
C GLY H 585 21.49 4.70 -22.86
N GLU H 586 22.21 3.60 -22.75
CA GLU H 586 23.43 3.44 -23.54
C GLU H 586 23.09 3.43 -25.02
N ARG H 587 22.44 2.38 -25.50
CA ARG H 587 21.81 2.40 -26.81
C ARG H 587 20.43 1.76 -26.84
N ASP H 588 20.11 0.86 -25.91
CA ASP H 588 18.86 0.13 -25.99
C ASP H 588 17.67 1.05 -25.78
N ILE H 589 17.81 2.09 -24.97
CA ILE H 589 16.68 2.97 -24.65
C ILE H 589 16.67 4.03 -25.75
N CYS H 590 16.16 3.63 -26.91
CA CYS H 590 15.78 4.52 -28.00
C CYS H 590 14.47 4.12 -28.65
N GLU H 591 14.05 2.87 -28.49
CA GLU H 591 12.74 2.44 -28.97
C GLU H 591 11.61 3.20 -28.30
N VAL H 592 11.87 3.80 -27.13
CA VAL H 592 10.90 4.71 -26.55
C VAL H 592 10.66 5.89 -27.48
N LEU H 593 11.72 6.40 -28.10
CA LEU H 593 11.55 7.42 -29.14
C LEU H 593 10.80 6.85 -30.34
N ASN H 594 10.84 5.54 -30.51
CA ASN H 594 10.16 4.89 -31.62
C ASN H 594 8.70 4.58 -31.32
N ASP H 595 8.23 4.80 -30.09
CA ASP H 595 6.84 4.54 -29.75
C ASP H 595 5.90 5.35 -30.63
N ASP H 596 6.14 6.66 -30.70
CA ASP H 596 5.46 7.57 -31.61
C ASP H 596 3.95 7.57 -31.37
N THR H 597 3.52 7.03 -30.24
CA THR H 597 2.12 6.98 -29.85
C THR H 597 1.84 7.78 -28.59
N ILE H 598 2.85 8.39 -27.99
CA ILE H 598 2.68 9.19 -26.78
C ILE H 598 3.30 10.56 -27.01
N ASP H 599 2.86 11.53 -26.22
CA ASP H 599 3.44 12.85 -26.27
C ASP H 599 4.91 12.80 -25.85
N SER H 600 5.78 13.32 -26.71
CA SER H 600 7.21 13.35 -26.44
C SER H 600 7.63 14.70 -25.88
N ARG H 601 6.68 15.60 -25.62
CA ARG H 601 7.06 16.90 -25.11
C ARG H 601 7.68 16.79 -23.73
N ARG H 602 7.34 15.73 -23.02
CA ARG H 602 7.91 15.41 -21.71
C ARG H 602 9.26 14.75 -21.79
N PHE H 603 10.16 15.31 -22.58
CA PHE H 603 11.50 14.77 -22.78
C PHE H 603 12.42 15.96 -22.98
N ILE H 604 13.04 16.43 -21.89
CA ILE H 604 13.90 17.60 -21.94
C ILE H 604 15.37 17.27 -21.86
N GLY H 605 15.73 16.03 -21.52
CA GLY H 605 17.12 15.65 -21.46
C GLY H 605 17.40 14.32 -22.13
N ILE H 606 18.53 14.22 -22.82
CA ILE H 606 18.96 12.98 -23.46
C ILE H 606 20.40 12.72 -23.04
N ASN H 607 20.68 11.49 -22.63
CA ASN H 607 22.04 11.06 -22.30
C ASN H 607 22.28 9.74 -23.02
N LEU H 608 22.88 9.82 -24.20
CA LEU H 608 23.18 8.66 -25.02
C LEU H 608 24.68 8.38 -25.00
N ASP H 609 25.03 7.10 -25.03
CA ASP H 609 26.42 6.67 -25.09
C ASP H 609 26.53 5.69 -26.25
N LEU H 610 27.04 6.17 -27.38
CA LEU H 610 27.01 5.43 -28.64
C LEU H 610 28.35 4.81 -28.97
N TYR H 611 29.07 4.32 -27.96
CA TYR H 611 30.30 3.57 -28.21
C TYR H 611 30.02 2.09 -28.43
N LYS H 612 29.07 1.77 -29.32
CA LYS H 612 28.68 0.39 -29.57
C LYS H 612 29.03 -0.06 -30.97
N ASN H 613 28.50 0.64 -31.98
CA ASN H 613 28.63 0.20 -33.36
C ASN H 613 28.68 1.43 -34.26
N VAL H 614 29.24 1.24 -35.46
CA VAL H 614 29.21 2.28 -36.47
C VAL H 614 27.91 2.29 -37.25
N GLU H 615 26.99 1.39 -36.94
CA GLU H 615 25.73 1.31 -37.66
C GLU H 615 24.81 2.46 -37.27
N GLU H 616 24.03 2.92 -38.26
CA GLU H 616 23.05 3.97 -38.00
C GLU H 616 22.00 3.50 -37.02
N LEU H 617 21.62 4.38 -36.10
CA LEU H 617 20.61 4.03 -35.11
C LEU H 617 19.25 3.91 -35.79
N ASN H 618 18.47 2.92 -35.33
CA ASN H 618 17.20 2.57 -35.97
C ASN H 618 16.08 3.41 -35.35
N ILE H 619 15.53 4.33 -36.14
CA ILE H 619 14.30 5.02 -35.78
C ILE H 619 13.36 4.96 -36.98
N SER H 620 12.08 4.78 -36.70
CA SER H 620 11.09 4.75 -37.78
C SER H 620 11.03 6.12 -38.46
N GLU H 621 10.68 6.09 -39.75
CA GLU H 621 10.53 7.33 -40.49
C GLU H 621 9.42 8.19 -39.88
N LYS H 622 8.31 7.56 -39.50
CA LYS H 622 7.22 8.29 -38.87
C LYS H 622 7.58 8.79 -37.49
N ALA H 623 8.67 8.28 -36.89
CA ALA H 623 9.23 8.93 -35.73
C ALA H 623 9.95 10.22 -36.10
N LEU H 624 10.59 10.26 -37.27
CA LEU H 624 11.31 11.45 -37.70
C LEU H 624 10.35 12.62 -37.96
N GLU H 625 9.08 12.33 -38.22
CA GLU H 625 8.12 13.40 -38.52
C GLU H 625 7.93 14.32 -37.32
N ARG H 626 7.84 13.76 -36.12
CA ARG H 626 7.58 14.56 -34.93
C ARG H 626 8.78 15.44 -34.60
N ILE H 627 8.50 16.64 -34.12
CA ILE H 627 9.55 17.55 -33.65
C ILE H 627 9.57 17.52 -32.13
N HIS H 628 10.76 17.41 -31.56
CA HIS H 628 10.93 17.23 -30.13
C HIS H 628 11.60 18.45 -29.52
N ASP H 629 11.15 18.82 -28.32
CA ASP H 629 11.68 19.98 -27.60
C ASP H 629 12.70 19.47 -26.59
N PHE H 630 13.91 19.19 -27.06
CA PHE H 630 14.99 18.74 -26.20
C PHE H 630 15.78 19.95 -25.75
N GLN H 631 15.81 20.18 -24.44
CA GLN H 631 16.54 21.34 -23.94
C GLN H 631 17.98 20.98 -23.62
N PHE H 632 18.22 19.83 -23.01
CA PHE H 632 19.56 19.38 -22.67
C PHE H 632 19.90 18.15 -23.50
N VAL H 633 21.05 18.19 -24.16
CA VAL H 633 21.50 17.12 -25.03
C VAL H 633 22.92 16.74 -24.62
N ARG H 634 23.12 15.48 -24.29
CA ARG H 634 24.45 14.94 -24.01
C ARG H 634 24.63 13.66 -24.80
N ILE H 635 25.47 13.70 -25.82
CA ILE H 635 25.70 12.56 -26.68
C ILE H 635 27.19 12.26 -26.71
N ASN H 636 27.56 11.02 -26.36
CA ASN H 636 28.97 10.59 -26.53
C ASN H 636 28.99 9.70 -27.79
N GLY H 637 29.18 10.28 -28.98
CA GLY H 637 29.11 9.50 -30.23
C GLY H 637 30.17 8.40 -30.26
N LYS H 638 31.39 8.70 -29.81
CA LYS H 638 32.47 7.68 -29.68
C LYS H 638 32.54 6.65 -30.80
N ASN H 639 32.41 7.03 -32.07
CA ASN H 639 32.68 6.11 -33.17
C ASN H 639 33.02 6.95 -34.40
N HIS H 640 33.42 6.28 -35.47
CA HIS H 640 33.56 6.92 -36.77
C HIS H 640 32.21 7.03 -37.48
N ALA H 641 31.15 6.49 -36.90
CA ALA H 641 29.84 6.52 -37.52
C ALA H 641 29.32 7.94 -37.64
N LEU H 642 28.57 8.19 -38.71
CA LEU H 642 27.79 9.40 -38.84
C LEU H 642 26.32 9.02 -38.70
N HIS H 643 25.60 9.75 -37.85
CA HIS H 643 24.21 9.41 -37.53
C HIS H 643 23.29 10.43 -38.18
N GLU H 644 22.93 10.19 -39.44
CA GLU H 644 22.02 11.10 -40.14
C GLU H 644 20.67 11.15 -39.45
N ARG H 645 20.14 9.98 -39.07
CA ARG H 645 18.83 9.95 -38.42
C ARG H 645 18.85 10.67 -37.09
N LEU H 646 19.88 10.44 -36.28
CA LEU H 646 19.96 11.11 -34.99
C LEU H 646 20.09 12.62 -35.15
N GLN H 647 20.89 13.07 -36.12
CA GLN H 647 21.06 14.49 -36.35
C GLN H 647 19.72 15.14 -36.69
N GLY H 648 18.99 14.56 -37.63
CA GLY H 648 17.73 15.15 -38.04
C GLY H 648 16.72 15.21 -36.90
N LEU H 649 16.78 14.23 -35.99
CA LEU H 649 15.82 14.19 -34.89
C LEU H 649 16.05 15.31 -33.89
N ILE H 650 17.32 15.64 -33.64
CA ILE H 650 17.64 16.55 -32.55
C ILE H 650 17.66 17.99 -33.03
N TYR H 651 18.42 18.28 -34.09
CA TYR H 651 18.54 19.64 -34.59
C TYR H 651 17.24 20.20 -35.11
N GLN H 652 16.16 19.43 -35.08
CA GLN H 652 14.83 19.97 -35.33
C GLN H 652 14.20 20.57 -34.08
N SER H 653 14.85 20.46 -32.93
CA SER H 653 14.31 21.05 -31.72
C SER H 653 14.28 22.57 -31.84
N PRO H 654 13.21 23.21 -31.41
CA PRO H 654 13.15 24.67 -31.51
C PRO H 654 14.14 25.37 -30.60
N GLN H 655 14.16 25.00 -29.32
CA GLN H 655 15.04 25.62 -28.34
C GLN H 655 15.88 24.56 -27.66
N ILE H 656 17.19 24.66 -27.79
CA ILE H 656 18.11 23.70 -27.20
C ILE H 656 19.01 24.42 -26.22
N ARG H 657 18.72 24.25 -24.93
CA ARG H 657 19.44 24.98 -23.89
C ARG H 657 20.93 24.70 -23.90
N SER H 658 21.34 23.43 -23.96
CA SER H 658 22.74 23.08 -24.04
C SER H 658 22.90 21.89 -24.98
N LEU H 659 24.09 21.77 -25.57
CA LEU H 659 24.35 20.75 -26.58
C LEU H 659 25.76 20.21 -26.40
N HIS H 660 25.87 18.92 -26.10
CA HIS H 660 27.15 18.23 -26.01
C HIS H 660 27.16 17.07 -27.00
N TRP H 661 28.20 17.00 -27.81
CA TRP H 661 28.29 15.94 -28.81
C TRP H 661 29.76 15.65 -29.06
N LYS H 662 30.26 14.57 -28.47
CA LYS H 662 31.63 14.17 -28.70
C LYS H 662 31.73 13.38 -30.00
N CYS H 663 32.76 13.66 -30.78
CA CYS H 663 33.00 12.99 -32.06
C CYS H 663 31.79 13.16 -32.99
N TYR H 664 31.57 14.41 -33.40
CA TYR H 664 30.41 14.72 -34.22
C TYR H 664 30.44 14.02 -35.57
N GLN H 665 31.63 13.77 -36.11
CA GLN H 665 31.80 12.95 -37.30
C GLN H 665 31.08 13.52 -38.52
N ASN H 666 30.74 14.79 -38.50
CA ASN H 666 30.12 15.44 -39.65
C ASN H 666 30.99 16.62 -40.07
N ILE H 667 30.49 17.40 -41.02
CA ILE H 667 31.27 18.49 -41.60
C ILE H 667 30.78 19.85 -41.12
N CYS H 668 29.46 20.08 -41.16
CA CYS H 668 28.90 21.34 -40.69
C CYS H 668 27.63 21.05 -39.90
N LEU H 669 27.33 21.95 -38.97
CA LEU H 669 26.03 21.88 -38.33
C LEU H 669 24.94 22.19 -39.35
N PRO H 670 23.86 21.41 -39.37
CA PRO H 670 22.83 21.62 -40.39
C PRO H 670 22.22 23.01 -40.27
N SER H 671 21.85 23.56 -41.44
CA SER H 671 21.32 24.91 -41.48
C SER H 671 20.01 25.06 -40.72
N THR H 672 19.23 23.99 -40.59
CA THR H 672 17.93 24.05 -39.94
C THR H 672 18.03 24.09 -38.42
N PHE H 673 19.21 24.31 -37.88
CA PHE H 673 19.44 24.27 -36.44
C PHE H 673 19.27 25.67 -35.87
N ASN H 674 18.23 25.87 -35.09
CA ASN H 674 18.02 27.13 -34.41
C ASN H 674 18.88 27.23 -33.16
N SER H 675 19.47 28.40 -32.95
CA SER H 675 20.42 28.58 -31.87
C SER H 675 20.14 29.79 -30.99
N GLU H 676 18.96 30.42 -31.10
CA GLU H 676 18.68 31.58 -30.27
C GLU H 676 18.80 31.24 -28.80
N PHE H 677 18.21 30.14 -28.37
CA PHE H 677 18.32 29.66 -27.01
C PHE H 677 19.46 28.67 -26.98
N LEU H 678 20.65 29.12 -26.60
CA LEU H 678 21.80 28.23 -26.54
C LEU H 678 22.80 28.81 -25.55
N VAL H 679 22.81 28.26 -24.33
CA VAL H 679 23.68 28.76 -23.28
C VAL H 679 25.05 28.08 -23.31
N GLU H 680 25.08 26.77 -23.50
CA GLU H 680 26.34 26.03 -23.51
C GLU H 680 26.46 25.23 -24.80
N LEU H 681 27.62 25.34 -25.44
CA LEU H 681 27.95 24.53 -26.61
C LEU H 681 29.26 23.81 -26.32
N ASP H 682 29.32 22.54 -26.69
CA ASP H 682 30.50 21.72 -26.41
C ASP H 682 30.59 20.62 -27.44
N MET H 683 31.62 20.67 -28.28
CA MET H 683 31.90 19.60 -29.23
C MET H 683 33.38 19.25 -29.08
N SER H 684 33.67 18.37 -28.13
CA SER H 684 35.04 18.14 -27.68
C SER H 684 35.89 17.40 -28.70
N PHE H 685 35.29 16.76 -29.68
CA PHE H 685 36.03 16.19 -30.79
C PHE H 685 35.13 16.29 -32.00
N SER H 686 35.64 16.81 -33.11
CA SER H 686 34.77 17.09 -34.23
C SER H 686 35.55 17.06 -35.52
N LYS H 687 34.82 17.01 -36.62
CA LYS H 687 35.36 17.18 -37.96
C LYS H 687 34.68 18.34 -38.66
N LEU H 688 34.27 19.33 -37.87
CA LEU H 688 33.55 20.48 -38.39
C LEU H 688 34.47 21.41 -39.16
N GLN H 689 33.95 21.99 -40.24
CA GLN H 689 34.66 23.01 -41.01
C GLN H 689 33.66 24.09 -41.39
N LYS H 690 33.84 25.29 -40.85
CA LYS H 690 33.03 26.45 -41.22
C LYS H 690 31.54 26.17 -40.93
N LEU H 691 31.26 26.06 -39.64
CA LEU H 691 29.90 25.81 -39.19
C LEU H 691 29.06 27.08 -39.23
N TRP H 692 27.76 26.90 -39.48
CA TRP H 692 26.69 27.88 -39.55
C TRP H 692 26.67 28.72 -40.82
N GLU H 693 27.72 28.72 -41.63
CA GLU H 693 27.72 29.36 -42.95
C GLU H 693 27.17 30.79 -42.93
N GLY H 694 27.13 31.44 -41.77
CA GLY H 694 26.53 32.77 -41.70
C GLY H 694 26.20 33.26 -40.31
N THR H 695 25.88 34.54 -40.20
CA THR H 695 25.63 35.17 -38.91
C THR H 695 24.35 34.65 -38.28
N LYS H 696 24.35 34.48 -36.97
CA LYS H 696 23.20 34.01 -36.22
C LYS H 696 23.07 34.78 -34.92
N GLN H 697 21.92 34.63 -34.27
CA GLN H 697 21.63 35.33 -33.02
C GLN H 697 22.16 34.51 -31.86
N LEU H 698 23.36 34.83 -31.41
CA LEU H 698 23.95 34.15 -30.26
C LEU H 698 23.66 34.94 -28.99
N ARG H 699 22.38 35.26 -28.81
CA ARG H 699 21.99 36.25 -27.81
C ARG H 699 22.51 35.89 -26.43
N ASN H 700 22.10 34.75 -25.89
CA ASN H 700 22.56 34.30 -24.59
C ASN H 700 23.34 33.01 -24.75
N LEU H 701 24.62 33.15 -25.08
CA LEU H 701 25.55 32.04 -25.15
C LEU H 701 26.66 32.34 -24.15
N LYS H 702 27.02 31.35 -23.34
CA LYS H 702 27.96 31.58 -22.26
C LYS H 702 29.13 30.63 -22.24
N TRP H 703 29.17 29.61 -23.09
CA TRP H 703 30.26 28.66 -23.09
C TRP H 703 30.37 28.02 -24.47
N MET H 704 31.54 28.15 -25.09
CA MET H 704 31.85 27.46 -26.33
C MET H 704 33.13 26.66 -26.13
N ASP H 705 33.09 25.38 -26.48
CA ASP H 705 34.23 24.49 -26.30
C ASP H 705 34.35 23.64 -27.56
N LEU H 706 35.19 24.07 -28.50
CA LEU H 706 35.38 23.38 -29.77
C LEU H 706 36.73 22.67 -29.75
N SER H 707 37.09 22.19 -28.57
CA SER H 707 38.42 21.62 -28.36
C SER H 707 38.64 20.41 -29.26
N TYR H 708 39.89 20.20 -29.63
CA TYR H 708 40.35 19.03 -30.37
C TYR H 708 39.66 18.85 -31.71
N SER H 709 38.89 19.83 -32.18
CA SER H 709 38.28 19.77 -33.49
C SER H 709 39.37 20.07 -34.51
N SER H 710 40.23 19.08 -34.72
CA SER H 710 41.44 19.31 -35.50
C SER H 710 41.15 19.69 -36.94
N TYR H 711 40.05 19.20 -37.51
CA TYR H 711 39.74 19.48 -38.90
C TYR H 711 38.87 20.72 -39.04
N LEU H 712 39.27 21.83 -38.42
CA LEU H 712 38.46 23.05 -38.42
C LEU H 712 39.27 24.17 -39.02
N LYS H 713 38.64 25.00 -39.84
CA LYS H 713 39.33 26.06 -40.57
C LYS H 713 38.86 27.46 -40.24
N GLU H 714 37.56 27.66 -40.05
CA GLU H 714 37.06 29.00 -39.74
C GLU H 714 36.18 28.98 -38.52
N LEU H 715 35.49 30.10 -38.26
CA LEU H 715 34.64 30.23 -37.11
C LEU H 715 33.67 31.37 -37.40
N PRO H 716 32.40 31.25 -37.02
CA PRO H 716 31.40 32.22 -37.47
C PRO H 716 31.58 33.58 -36.83
N ASN H 717 30.90 34.56 -37.40
CA ASN H 717 30.87 35.89 -36.80
C ASN H 717 30.28 35.82 -35.41
N LEU H 718 31.07 36.24 -34.42
CA LEU H 718 30.64 36.21 -33.02
C LEU H 718 30.00 37.51 -32.58
N SER H 719 29.63 38.37 -33.52
CA SER H 719 28.81 39.52 -33.17
C SER H 719 27.51 39.05 -32.55
N THR H 720 27.01 39.84 -31.61
CA THR H 720 25.82 39.50 -30.82
C THR H 720 26.06 38.22 -30.02
N ALA H 721 27.28 38.05 -29.53
CA ALA H 721 27.61 37.02 -28.56
C ALA H 721 28.08 37.67 -27.27
N THR H 722 27.50 38.82 -26.95
CA THR H 722 28.03 39.69 -25.91
C THR H 722 28.10 39.01 -24.54
N ASN H 723 27.28 37.99 -24.30
CA ASN H 723 27.27 37.34 -23.00
C ASN H 723 28.26 36.19 -22.92
N LEU H 724 29.04 35.94 -23.97
CA LEU H 724 29.99 34.85 -23.95
C LEU H 724 31.03 35.05 -22.85
N GLU H 725 31.30 33.99 -22.09
CA GLU H 725 32.24 34.07 -20.98
C GLU H 725 33.58 33.41 -21.28
N GLU H 726 33.58 32.23 -21.88
CA GLU H 726 34.82 31.54 -22.18
C GLU H 726 34.73 30.87 -23.55
N LEU H 727 35.90 30.66 -24.15
CA LEU H 727 35.98 30.12 -25.50
C LEU H 727 37.22 29.24 -25.56
N LYS H 728 37.03 27.93 -25.41
CA LYS H 728 38.15 27.00 -25.28
C LYS H 728 38.38 26.31 -26.62
N LEU H 729 39.22 26.91 -27.46
CA LEU H 729 39.62 26.32 -28.72
C LEU H 729 40.86 25.46 -28.54
N ARG H 730 40.75 24.51 -27.62
CA ARG H 730 41.89 23.70 -27.22
C ARG H 730 42.37 22.81 -28.35
N ASN H 731 43.60 23.04 -28.80
CA ASN H 731 44.33 22.09 -29.64
C ASN H 731 43.69 21.90 -31.02
N CYS H 732 42.92 22.89 -31.49
CA CYS H 732 42.36 22.81 -32.84
C CYS H 732 43.41 23.38 -33.80
N SER H 733 44.26 22.50 -34.32
CA SER H 733 45.43 22.93 -35.06
C SER H 733 45.10 23.63 -36.37
N SER H 734 44.18 23.09 -37.16
CA SER H 734 44.00 23.56 -38.52
C SER H 734 43.38 24.95 -38.60
N LEU H 735 42.90 25.51 -37.49
CA LEU H 735 42.38 26.86 -37.50
C LEU H 735 43.44 27.83 -37.98
N VAL H 736 43.03 28.79 -38.82
CA VAL H 736 43.95 29.67 -39.52
C VAL H 736 43.83 31.11 -39.06
N GLU H 737 42.62 31.63 -38.96
CA GLU H 737 42.40 32.99 -38.51
C GLU H 737 41.27 33.03 -37.49
N LEU H 738 41.31 34.00 -36.68
CA LEU H 738 40.17 34.18 -35.80
C LEU H 738 39.23 35.24 -36.36
N PRO H 739 37.93 35.13 -36.09
CA PRO H 739 36.99 36.09 -36.65
C PRO H 739 37.28 37.50 -36.17
N SER H 740 37.08 38.46 -37.08
CA SER H 740 37.31 39.86 -36.74
C SER H 740 36.36 40.36 -35.66
N SER H 741 35.20 39.72 -35.52
CA SER H 741 34.19 40.20 -34.57
C SER H 741 34.55 39.92 -33.13
N ILE H 742 35.75 39.40 -32.84
CA ILE H 742 36.14 39.15 -31.46
C ILE H 742 36.08 40.42 -30.63
N GLU H 743 36.20 41.58 -31.27
CA GLU H 743 36.22 42.85 -30.54
C GLU H 743 34.96 43.05 -29.70
N LYS H 744 33.85 42.42 -30.07
CA LYS H 744 32.58 42.66 -29.40
C LYS H 744 32.29 41.68 -28.27
N LEU H 745 33.20 40.75 -27.99
CA LEU H 745 33.02 39.79 -26.89
C LEU H 745 33.41 40.47 -25.59
N THR H 746 32.55 41.40 -25.15
CA THR H 746 32.88 42.22 -23.99
C THR H 746 33.00 41.39 -22.72
N SER H 747 32.18 40.35 -22.57
CA SER H 747 32.14 39.60 -21.33
C SER H 747 33.12 38.45 -21.30
N LEU H 748 33.94 38.29 -22.33
CA LEU H 748 34.86 37.16 -22.41
C LEU H 748 35.82 37.17 -21.23
N GLN H 749 36.04 35.98 -20.65
CA GLN H 749 36.95 35.84 -19.51
C GLN H 749 38.11 34.90 -19.80
N ILE H 750 37.84 33.72 -20.33
CA ILE H 750 38.85 32.70 -20.54
C ILE H 750 39.00 32.46 -22.03
N LEU H 751 40.21 32.15 -22.47
CA LEU H 751 40.46 31.99 -23.90
C LEU H 751 41.66 31.06 -24.08
N ASP H 752 41.40 29.80 -24.44
CA ASP H 752 42.45 28.83 -24.70
C ASP H 752 42.64 28.68 -26.20
N LEU H 753 43.85 29.03 -26.65
CA LEU H 753 44.28 28.81 -28.05
C LEU H 753 45.60 28.09 -27.83
N HIS H 754 45.60 26.97 -27.11
CA HIS H 754 46.84 26.24 -26.75
C HIS H 754 47.71 25.83 -27.95
N ARG H 755 47.24 24.92 -28.81
CA ARG H 755 48.09 24.41 -29.92
C ARG H 755 47.44 24.63 -31.28
N CYS H 756 47.02 25.87 -31.57
CA CYS H 756 46.51 26.16 -32.94
C CYS H 756 47.74 26.58 -33.74
N SER H 757 48.45 25.63 -34.36
CA SER H 757 49.74 25.94 -35.02
C SER H 757 49.56 26.41 -36.47
N SER H 758 48.33 26.54 -36.97
CA SER H 758 48.13 27.11 -38.33
C SER H 758 47.74 28.59 -38.25
N LEU H 759 47.78 29.19 -37.05
CA LEU H 759 47.35 30.61 -36.85
C LEU H 759 48.38 31.59 -37.42
N VAL H 760 48.04 32.88 -37.48
CA VAL H 760 48.99 33.90 -37.92
C VAL H 760 48.92 35.08 -36.96
N GLU H 761 47.72 35.61 -36.76
CA GLU H 761 47.53 36.80 -35.95
C GLU H 761 46.62 36.50 -34.77
N LEU H 762 46.28 37.55 -34.04
CA LEU H 762 45.34 37.52 -32.93
C LEU H 762 44.73 38.91 -32.80
N PRO H 763 43.52 39.11 -33.31
CA PRO H 763 43.00 40.48 -33.43
C PRO H 763 42.78 41.14 -32.09
N SER H 764 42.66 42.47 -32.13
CA SER H 764 42.47 43.24 -30.91
C SER H 764 41.17 42.84 -30.22
N PHE H 765 41.22 42.76 -28.89
CA PHE H 765 40.10 42.22 -28.14
C PHE H 765 39.04 43.26 -27.80
N GLY H 766 39.45 44.48 -27.47
CA GLY H 766 38.47 45.49 -27.12
C GLY H 766 38.88 46.34 -25.94
N ASN H 767 37.91 46.85 -25.21
CA ASN H 767 38.20 47.77 -24.11
C ASN H 767 37.69 47.28 -22.77
N ALA H 768 36.50 46.69 -22.72
CA ALA H 768 35.95 46.18 -21.48
C ALA H 768 36.03 44.66 -21.38
N THR H 769 36.83 44.02 -22.23
CA THR H 769 36.86 42.56 -22.27
C THR H 769 37.34 41.98 -20.94
N LYS H 770 38.50 42.44 -20.47
CA LYS H 770 39.06 41.98 -19.19
C LYS H 770 39.27 40.47 -19.18
N LEU H 771 40.10 40.01 -20.11
CA LEU H 771 40.46 38.60 -20.14
C LEU H 771 41.07 38.20 -18.79
N GLU H 772 40.76 36.98 -18.36
CA GLU H 772 41.27 36.48 -17.09
C GLU H 772 42.34 35.41 -17.26
N ILE H 773 42.18 34.50 -18.21
CA ILE H 773 43.19 33.48 -18.46
C ILE H 773 43.43 33.41 -19.96
N LEU H 774 44.48 34.08 -20.43
CA LEU H 774 44.85 34.05 -21.83
C LEU H 774 45.97 33.04 -22.00
N ASN H 775 45.74 32.02 -22.83
CA ASN H 775 46.64 30.89 -22.92
C ASN H 775 46.93 30.57 -24.38
N LEU H 776 48.16 30.81 -24.80
CA LEU H 776 48.61 30.45 -26.15
C LEU H 776 49.90 29.68 -25.96
N GLU H 777 49.81 28.37 -25.77
CA GLU H 777 50.98 27.63 -25.31
C GLU H 777 51.96 27.36 -26.43
N ASN H 778 51.56 26.58 -27.44
CA ASN H 778 52.45 26.28 -28.56
C ASN H 778 51.78 26.73 -29.84
N CYS H 779 51.86 28.03 -30.13
CA CYS H 779 51.37 28.59 -31.37
C CYS H 779 52.58 28.87 -32.25
N SER H 780 53.12 27.82 -32.84
CA SER H 780 54.39 27.90 -33.55
C SER H 780 54.31 28.72 -34.81
N SER H 781 53.18 29.35 -35.11
CA SER H 781 53.10 30.23 -36.27
C SER H 781 52.47 31.57 -35.94
N LEU H 782 52.07 31.80 -34.70
CA LEU H 782 51.46 33.07 -34.29
C LEU H 782 52.49 34.17 -34.38
N VAL H 783 52.32 35.10 -35.31
CA VAL H 783 53.31 36.16 -35.50
C VAL H 783 52.91 37.42 -34.75
N LYS H 784 51.76 37.99 -35.11
CA LYS H 784 51.34 39.26 -34.55
C LYS H 784 50.57 39.06 -33.25
N LEU H 785 50.41 40.13 -32.50
CA LEU H 785 49.66 40.11 -31.25
C LEU H 785 48.94 41.43 -31.09
N PRO H 786 47.94 41.50 -30.22
CA PRO H 786 47.28 42.78 -29.97
C PRO H 786 48.25 43.77 -29.36
N PRO H 787 48.02 45.07 -29.55
CA PRO H 787 48.89 46.06 -28.90
C PRO H 787 48.57 46.30 -27.44
N SER H 788 47.38 45.95 -26.97
CA SER H 788 47.03 46.16 -25.57
C SER H 788 45.92 45.19 -25.19
N ILE H 789 45.75 44.99 -23.89
CA ILE H 789 44.87 43.95 -23.40
C ILE H 789 43.83 44.51 -22.43
N ASN H 790 44.13 45.63 -21.79
CA ASN H 790 43.33 46.17 -20.70
C ASN H 790 43.18 45.12 -19.60
N ALA H 791 44.29 44.44 -19.29
CA ALA H 791 44.28 43.30 -18.39
C ALA H 791 44.20 43.75 -16.93
N ASN H 792 43.04 44.29 -16.58
CA ASN H 792 42.82 44.69 -15.20
C ASN H 792 42.76 43.49 -14.27
N ASN H 793 42.21 42.36 -14.74
CA ASN H 793 42.12 41.12 -13.98
C ASN H 793 42.60 40.00 -14.88
N LEU H 794 43.90 39.74 -14.89
CA LEU H 794 44.49 38.73 -15.76
C LEU H 794 45.33 37.79 -14.89
N GLN H 795 44.68 36.74 -14.37
CA GLN H 795 45.37 35.85 -13.44
C GLN H 795 46.59 35.21 -14.08
N GLU H 796 46.45 34.74 -15.32
CA GLU H 796 47.51 34.00 -15.99
C GLU H 796 47.68 34.51 -17.40
N LEU H 797 48.88 34.29 -17.93
CA LEU H 797 49.16 34.62 -19.32
C LEU H 797 50.38 33.80 -19.71
N SER H 798 50.20 32.82 -20.60
CA SER H 798 51.25 31.88 -20.94
C SER H 798 51.46 31.87 -22.45
N LEU H 799 52.69 32.12 -22.87
CA LEU H 799 53.13 31.95 -24.25
C LEU H 799 54.39 31.12 -24.18
N THR H 800 54.27 29.79 -24.15
CA THR H 800 55.46 29.00 -23.88
C THR H 800 56.36 28.95 -25.10
N ASN H 801 55.93 28.27 -26.16
CA ASN H 801 56.84 28.06 -27.28
C ASN H 801 56.83 29.25 -28.23
N CYS H 802 55.72 29.47 -28.94
CA CYS H 802 55.46 30.69 -29.69
C CYS H 802 56.71 31.24 -30.38
N SER H 803 57.40 30.37 -31.12
CA SER H 803 58.77 30.66 -31.54
C SER H 803 58.90 31.97 -32.30
N ARG H 804 57.88 32.39 -33.04
CA ARG H 804 57.99 33.59 -33.87
C ARG H 804 57.00 34.62 -33.37
N VAL H 805 57.39 35.35 -32.32
CA VAL H 805 56.59 36.43 -31.77
C VAL H 805 57.50 37.62 -31.59
N VAL H 806 57.18 38.72 -32.26
CA VAL H 806 58.10 39.86 -32.31
C VAL H 806 57.87 40.76 -31.11
N GLU H 807 56.69 41.35 -31.02
CA GLU H 807 56.37 42.26 -29.93
C GLU H 807 55.52 41.55 -28.89
N LEU H 808 55.02 42.31 -27.93
CA LEU H 808 54.18 41.78 -26.89
C LEU H 808 53.15 42.83 -26.54
N PRO H 809 51.90 42.45 -26.32
CA PRO H 809 50.89 43.44 -25.95
C PRO H 809 51.24 44.12 -24.63
N ALA H 810 50.93 45.42 -24.57
CA ALA H 810 51.11 46.14 -23.32
C ALA H 810 50.09 45.68 -22.28
N ILE H 811 50.35 46.04 -21.04
CA ILE H 811 49.49 45.68 -19.91
C ILE H 811 49.18 46.94 -19.14
N GLU H 812 47.95 47.06 -18.64
CA GLU H 812 47.58 48.26 -17.90
C GLU H 812 48.04 48.17 -16.46
N ASN H 813 47.50 47.24 -15.69
CA ASN H 813 47.84 47.09 -14.29
C ASN H 813 48.40 45.72 -13.96
N ALA H 814 47.68 44.65 -14.30
CA ALA H 814 48.10 43.29 -13.96
C ALA H 814 48.35 43.16 -12.46
N THR H 815 47.49 43.78 -11.65
CA THR H 815 47.67 43.69 -10.22
C THR H 815 47.51 42.27 -9.70
N ASN H 816 46.92 41.37 -10.49
CA ASN H 816 46.88 39.94 -10.17
C ASN H 816 47.43 39.19 -11.38
N LEU H 817 48.75 39.07 -11.48
CA LEU H 817 49.38 38.17 -12.42
C LEU H 817 49.95 37.01 -11.63
N TRP H 818 49.14 35.99 -11.44
CA TRP H 818 49.59 34.82 -10.70
C TRP H 818 50.55 33.95 -11.50
N LYS H 819 50.71 34.20 -12.80
CA LYS H 819 51.58 33.38 -13.63
C LYS H 819 51.92 34.12 -14.91
N LEU H 820 53.16 33.95 -15.35
CA LEU H 820 53.61 34.45 -16.64
C LEU H 820 54.89 33.75 -17.04
N ASN H 821 54.96 33.23 -18.26
CA ASN H 821 56.16 32.53 -18.69
C ASN H 821 56.27 32.60 -20.21
N LEU H 822 57.52 32.57 -20.68
CA LEU H 822 57.83 32.68 -22.11
C LEU H 822 58.89 31.67 -22.50
N LEU H 823 58.81 30.47 -21.91
CA LEU H 823 59.86 29.47 -22.07
C LEU H 823 60.08 29.07 -23.52
N ASN H 824 61.22 29.48 -24.08
CA ASN H 824 61.63 29.28 -25.47
C ASN H 824 60.95 30.23 -26.44
N CYS H 825 60.31 31.28 -25.94
CA CYS H 825 59.66 32.25 -26.82
C CYS H 825 60.74 33.12 -27.44
N SER H 826 61.45 32.54 -28.41
CA SER H 826 62.54 33.24 -29.08
C SER H 826 61.96 34.31 -29.99
N SER H 827 62.85 34.98 -30.72
CA SER H 827 62.48 36.01 -31.69
C SER H 827 61.79 37.20 -31.03
N LEU H 828 61.71 37.21 -29.70
CA LEU H 828 61.33 38.43 -29.01
C LEU H 828 62.44 39.46 -29.14
N ILE H 829 62.07 40.73 -28.97
CA ILE H 829 63.01 41.84 -29.05
C ILE H 829 63.07 42.61 -27.75
N GLU H 830 61.92 42.90 -27.16
CA GLU H 830 61.86 43.69 -25.94
C GLU H 830 60.82 43.09 -25.02
N LEU H 831 60.46 43.85 -23.98
CA LEU H 831 59.42 43.48 -23.07
C LEU H 831 58.73 44.80 -22.74
N PRO H 832 57.40 44.86 -22.78
CA PRO H 832 56.70 46.11 -22.47
C PRO H 832 57.05 46.60 -21.07
N LEU H 833 57.25 47.92 -20.95
CA LEU H 833 57.65 48.51 -19.70
C LEU H 833 56.64 48.27 -18.59
N SER H 834 55.38 48.08 -18.94
CA SER H 834 54.34 47.91 -17.94
C SER H 834 54.42 46.59 -17.19
N ILE H 835 55.28 45.67 -17.63
CA ILE H 835 55.39 44.39 -16.96
C ILE H 835 55.75 44.58 -15.50
N GLY H 836 56.51 45.61 -15.18
CA GLY H 836 56.82 45.89 -13.79
C GLY H 836 55.64 46.28 -12.93
N THR H 837 54.47 46.52 -13.52
CA THR H 837 53.31 46.88 -12.74
C THR H 837 52.75 45.69 -11.97
N ALA H 838 53.13 44.48 -12.35
CA ALA H 838 52.64 43.27 -11.69
C ALA H 838 53.26 43.15 -10.31
N THR H 839 52.51 43.54 -9.29
CA THR H 839 53.04 43.62 -7.93
C THR H 839 53.04 42.29 -7.20
N ASN H 840 52.47 41.24 -7.77
CA ASN H 840 52.36 39.96 -7.07
C ASN H 840 52.92 38.79 -7.85
N LEU H 841 53.66 39.05 -8.92
CA LEU H 841 54.23 37.97 -9.73
C LEU H 841 55.43 37.36 -9.01
N LYS H 842 55.17 36.36 -8.17
CA LYS H 842 56.24 35.79 -7.34
C LYS H 842 57.29 35.07 -8.18
N HIS H 843 56.90 34.51 -9.31
CA HIS H 843 57.78 33.68 -10.11
C HIS H 843 57.77 34.19 -11.54
N LEU H 844 58.88 34.00 -12.24
CA LEU H 844 59.03 34.60 -13.56
C LEU H 844 60.12 33.87 -14.33
N ASP H 845 59.81 33.47 -15.56
CA ASP H 845 60.76 32.77 -16.40
C ASP H 845 60.91 33.46 -17.74
N PHE H 846 62.12 33.39 -18.29
CA PHE H 846 62.36 33.68 -19.69
C PHE H 846 63.34 32.68 -20.27
N ARG H 847 63.34 31.46 -19.72
CA ARG H 847 64.30 30.45 -20.11
C ARG H 847 64.23 30.20 -21.61
N GLY H 848 65.38 30.22 -22.26
CA GLY H 848 65.43 29.99 -23.69
C GLY H 848 65.03 31.17 -24.53
N CYS H 849 64.65 32.30 -23.94
CA CYS H 849 64.15 33.45 -24.69
C CYS H 849 65.34 34.14 -25.34
N SER H 850 65.82 33.56 -26.43
CA SER H 850 66.92 34.13 -27.17
C SER H 850 66.49 35.43 -27.84
N SER H 851 67.47 36.14 -28.38
CA SER H 851 67.30 37.37 -29.14
C SER H 851 66.69 38.50 -28.30
N LEU H 852 66.47 38.28 -27.02
CA LEU H 852 66.03 39.36 -26.14
C LEU H 852 67.23 40.23 -25.81
N VAL H 853 67.13 41.51 -26.14
CA VAL H 853 68.27 42.42 -26.09
C VAL H 853 68.45 43.04 -24.71
N LYS H 854 67.36 43.51 -24.10
CA LYS H 854 67.48 44.32 -22.90
C LYS H 854 66.26 44.14 -22.02
N LEU H 855 66.49 43.85 -20.75
CA LEU H 855 65.37 43.81 -19.82
C LEU H 855 64.86 45.22 -19.56
N PRO H 856 63.55 45.38 -19.35
CA PRO H 856 63.01 46.72 -19.12
C PRO H 856 63.48 47.29 -17.79
N SER H 857 63.56 48.62 -17.74
CA SER H 857 64.02 49.29 -16.52
C SER H 857 63.02 49.19 -15.39
N SER H 858 61.75 48.87 -15.70
CA SER H 858 60.72 48.85 -14.68
C SER H 858 60.68 47.56 -13.88
N ILE H 859 61.62 46.64 -14.12
CA ILE H 859 61.61 45.36 -13.43
C ILE H 859 61.64 45.55 -11.92
N GLY H 860 62.42 46.52 -11.46
CA GLY H 860 62.58 46.72 -10.03
C GLY H 860 61.29 47.04 -9.30
N ASP H 861 60.26 47.50 -10.02
CA ASP H 861 58.98 47.76 -9.38
C ASP H 861 58.35 46.51 -8.81
N MET H 862 58.66 45.34 -9.37
CA MET H 862 58.07 44.11 -8.90
C MET H 862 58.42 43.86 -7.43
N THR H 863 57.43 43.47 -6.66
CA THR H 863 57.63 43.03 -5.29
C THR H 863 57.18 41.57 -5.17
N ASN H 864 57.73 40.90 -4.16
CA ASN H 864 57.50 39.48 -3.93
C ASN H 864 58.05 38.60 -5.05
N LEU H 865 58.75 39.19 -6.02
CA LEU H 865 59.37 38.42 -7.08
C LEU H 865 60.47 37.58 -6.49
N GLU H 866 60.23 36.28 -6.35
CA GLU H 866 61.15 35.40 -5.63
C GLU H 866 62.10 34.64 -6.53
N VAL H 867 61.65 34.21 -7.71
CA VAL H 867 62.43 33.36 -8.59
C VAL H 867 62.54 34.05 -9.94
N PHE H 868 63.70 33.96 -10.56
CA PHE H 868 63.91 34.67 -11.83
C PHE H 868 64.86 33.85 -12.69
N TYR H 869 64.30 33.02 -13.55
CA TYR H 869 65.09 32.18 -14.44
C TYR H 869 65.44 32.92 -15.72
N LEU H 870 66.71 32.86 -16.08
CA LEU H 870 67.17 33.15 -17.42
C LEU H 870 68.14 32.06 -17.83
N SER H 871 68.04 31.60 -19.06
CA SER H 871 68.97 30.56 -19.49
C SER H 871 69.21 30.71 -20.97
N ASN H 872 70.48 30.62 -21.36
CA ASN H 872 70.96 30.84 -22.73
C ASN H 872 70.20 31.97 -23.40
N CYS H 873 69.92 33.03 -22.63
CA CYS H 873 69.29 34.23 -23.16
C CYS H 873 70.36 35.10 -23.80
N SER H 874 70.96 34.54 -24.85
CA SER H 874 72.03 35.23 -25.56
C SER H 874 71.54 36.57 -26.09
N ASN H 875 72.50 37.47 -26.31
CA ASN H 875 72.26 38.84 -26.75
C ASN H 875 71.58 39.67 -25.68
N LEU H 876 71.70 39.28 -24.41
CA LEU H 876 71.21 40.10 -23.30
C LEU H 876 72.37 40.90 -22.69
N VAL H 877 72.89 41.85 -23.45
CA VAL H 877 74.10 42.58 -23.03
C VAL H 877 73.62 43.77 -22.23
N GLU H 878 73.19 43.49 -20.99
CA GLU H 878 72.88 44.45 -19.93
C GLU H 878 72.32 43.71 -18.73
N LEU H 879 72.11 44.42 -17.64
CA LEU H 879 71.16 43.96 -16.64
C LEU H 879 70.80 45.18 -15.79
N PRO H 880 69.53 45.58 -15.75
CA PRO H 880 69.19 46.90 -15.20
C PRO H 880 69.56 47.05 -13.73
N SER H 881 69.95 48.27 -13.37
CA SER H 881 70.39 48.58 -12.03
C SER H 881 69.26 48.76 -11.04
N SER H 882 68.01 48.78 -11.51
CA SER H 882 66.89 48.89 -10.59
C SER H 882 66.66 47.61 -9.80
N ILE H 883 67.36 46.53 -10.14
CA ILE H 883 67.16 45.24 -9.49
C ILE H 883 67.34 45.33 -7.99
N GLY H 884 68.24 46.21 -7.53
CA GLY H 884 68.44 46.37 -6.10
C GLY H 884 67.18 46.69 -5.33
N ASN H 885 66.12 47.09 -6.02
CA ASN H 885 64.85 47.37 -5.38
C ASN H 885 64.01 46.12 -5.17
N LEU H 886 64.43 44.96 -5.70
CA LEU H 886 63.56 43.79 -5.67
C LEU H 886 63.43 43.23 -4.26
N ARG H 887 64.54 43.14 -3.53
CA ARG H 887 64.56 42.91 -2.09
C ARG H 887 64.00 41.56 -1.65
N LYS H 888 63.57 40.69 -2.56
CA LYS H 888 63.04 39.40 -2.13
C LYS H 888 63.50 38.21 -2.95
N LEU H 889 64.08 38.38 -4.14
CA LEU H 889 64.35 37.23 -4.99
C LEU H 889 65.43 36.36 -4.36
N THR H 890 65.19 35.05 -4.33
CA THR H 890 66.13 34.16 -3.67
C THR H 890 67.18 33.62 -4.65
N LEU H 891 66.76 33.18 -5.83
CA LEU H 891 67.71 32.63 -6.79
C LEU H 891 67.58 33.38 -8.12
N LEU H 892 68.71 33.57 -8.77
CA LEU H 892 68.77 34.22 -10.08
C LEU H 892 69.58 33.31 -10.99
N LEU H 893 68.91 32.35 -11.60
CA LEU H 893 69.56 31.45 -12.54
C LEU H 893 69.78 32.19 -13.85
N MET H 894 71.04 32.39 -14.23
CA MET H 894 71.36 33.02 -15.51
C MET H 894 72.44 32.17 -16.17
N ARG H 895 72.00 31.14 -16.88
CA ARG H 895 72.90 30.16 -17.46
C ARG H 895 73.06 30.40 -18.95
N GLY H 896 74.27 30.18 -19.47
CA GLY H 896 74.51 30.31 -20.92
C GLY H 896 74.28 31.72 -21.42
N CYS H 897 74.23 32.71 -20.51
CA CYS H 897 74.12 34.11 -20.96
C CYS H 897 75.52 34.59 -21.31
N SER H 898 76.08 34.08 -22.41
CA SER H 898 77.49 34.40 -22.79
C SER H 898 77.65 35.88 -23.08
N LYS H 899 76.70 36.49 -23.79
CA LYS H 899 76.84 37.90 -24.22
C LYS H 899 76.75 38.86 -23.02
N LEU H 900 76.19 38.42 -21.89
CA LEU H 900 76.14 39.32 -20.74
C LEU H 900 77.55 39.76 -20.38
N GLU H 901 77.76 41.06 -20.22
CA GLU H 901 79.10 41.57 -19.98
C GLU H 901 79.21 42.32 -18.66
N THR H 902 78.28 43.20 -18.35
CA THR H 902 78.31 43.95 -17.11
C THR H 902 77.36 43.32 -16.09
N LEU H 903 77.21 43.98 -14.95
CA LEU H 903 76.31 43.55 -13.90
C LEU H 903 76.14 44.72 -12.93
N PRO H 904 74.92 45.04 -12.51
CA PRO H 904 74.74 46.19 -11.62
C PRO H 904 75.53 46.01 -10.33
N THR H 905 76.18 47.09 -9.90
CA THR H 905 77.20 47.02 -8.86
C THR H 905 76.70 47.47 -7.50
N ASN H 906 76.21 48.70 -7.41
CA ASN H 906 75.88 49.28 -6.11
C ASN H 906 74.56 48.75 -5.56
N ILE H 907 74.52 47.45 -5.26
CA ILE H 907 73.31 46.78 -4.87
C ILE H 907 73.62 45.82 -3.72
N ASN H 908 72.70 45.75 -2.75
CA ASN H 908 72.76 44.77 -1.69
C ASN H 908 71.38 44.11 -1.58
N LEU H 909 71.24 42.94 -2.17
CA LEU H 909 69.99 42.17 -2.11
C LEU H 909 69.95 41.47 -0.76
N LYS H 910 69.04 41.91 0.10
CA LYS H 910 69.07 41.49 1.49
C LYS H 910 68.83 40.00 1.65
N SER H 911 68.06 39.39 0.75
CA SER H 911 67.79 37.95 0.80
C SER H 911 67.99 37.40 -0.60
N LEU H 912 69.22 37.02 -0.91
CA LEU H 912 69.56 36.37 -2.16
C LEU H 912 70.27 35.07 -1.82
N HIS H 913 69.83 33.98 -2.42
CA HIS H 913 70.32 32.66 -2.03
C HIS H 913 71.43 32.16 -2.97
N THR H 914 71.14 32.08 -4.26
CA THR H 914 72.09 31.52 -5.21
C THR H 914 72.35 32.54 -6.31
N LEU H 915 73.32 32.24 -7.16
CA LEU H 915 73.56 33.03 -8.35
C LEU H 915 74.27 32.17 -9.38
N ASN H 916 73.53 31.68 -10.38
CA ASN H 916 74.09 30.84 -11.42
C ASN H 916 74.55 31.69 -12.57
N LEU H 917 75.85 31.73 -12.79
CA LEU H 917 76.43 32.39 -13.97
C LEU H 917 77.40 31.39 -14.57
N ILE H 918 76.89 30.51 -15.41
CA ILE H 918 77.67 29.43 -16.00
C ILE H 918 77.78 29.67 -17.49
N ASP H 919 79.00 29.60 -18.00
CA ASP H 919 79.30 29.80 -19.42
C ASP H 919 78.98 31.22 -19.88
N CYS H 920 78.96 32.17 -18.94
CA CYS H 920 78.79 33.58 -19.30
C CYS H 920 80.11 34.05 -19.89
N SER H 921 80.30 33.73 -21.16
CA SER H 921 81.59 33.83 -21.82
C SER H 921 82.08 35.24 -22.02
N ARG H 922 81.42 36.29 -21.55
CA ARG H 922 81.98 37.63 -21.68
C ARG H 922 81.78 38.45 -20.43
N LEU H 923 81.75 37.82 -19.25
CA LEU H 923 81.35 38.55 -18.07
C LEU H 923 82.46 39.48 -17.58
N LYS H 924 83.72 39.10 -17.74
CA LYS H 924 84.84 40.04 -17.70
C LYS H 924 85.10 40.68 -16.33
N SER H 925 84.27 40.41 -15.34
CA SER H 925 84.40 41.12 -14.08
C SER H 925 83.97 40.20 -12.95
N PHE H 926 83.92 40.72 -11.80
CA PHE H 926 83.39 39.83 -10.79
C PHE H 926 81.94 40.21 -10.48
N PRO H 927 81.10 39.26 -10.13
CA PRO H 927 79.75 39.62 -9.70
C PRO H 927 79.80 40.24 -8.31
N GLU H 928 79.64 41.56 -8.23
CA GLU H 928 79.79 42.27 -6.97
C GLU H 928 78.41 42.75 -6.53
N ILE H 929 77.69 41.85 -5.88
CA ILE H 929 76.45 42.19 -5.19
C ILE H 929 76.64 41.77 -3.74
N SER H 930 77.11 42.70 -2.93
CA SER H 930 77.62 42.40 -1.59
C SER H 930 76.45 41.97 -0.72
N THR H 931 76.27 40.66 -0.61
CA THR H 931 75.06 40.10 -0.04
C THR H 931 75.35 38.88 0.82
N HIS H 932 74.30 38.12 1.12
CA HIS H 932 74.36 36.90 1.89
C HIS H 932 74.26 35.67 0.98
N ILE H 933 74.90 35.76 -0.20
CA ILE H 933 74.90 34.66 -1.16
C ILE H 933 75.43 33.41 -0.51
N LYS H 934 74.75 32.29 -0.72
CA LYS H 934 75.19 31.01 -0.20
C LYS H 934 75.65 30.04 -1.27
N TYR H 935 75.27 30.25 -2.53
CA TYR H 935 75.64 29.34 -3.61
C TYR H 935 76.08 30.20 -4.79
N LEU H 936 77.37 30.44 -4.93
CA LEU H 936 77.91 31.19 -6.05
C LEU H 936 78.51 30.21 -7.03
N ARG H 937 78.14 30.33 -8.31
CA ARG H 937 78.54 29.35 -9.32
C ARG H 937 78.99 30.11 -10.56
N LEU H 938 80.30 30.30 -10.69
CA LEU H 938 80.89 31.02 -11.81
C LEU H 938 81.84 30.04 -12.51
N ILE H 939 81.31 29.30 -13.48
CA ILE H 939 82.09 28.31 -14.21
C ILE H 939 81.98 28.62 -15.70
N GLY H 940 83.11 28.56 -16.39
CA GLY H 940 83.13 28.94 -17.78
C GLY H 940 83.10 30.43 -18.02
N THR H 941 83.22 31.23 -16.97
CA THR H 941 83.22 32.68 -17.11
C THR H 941 84.61 33.13 -17.54
N ALA H 942 84.83 34.44 -17.53
CA ALA H 942 86.12 35.02 -17.89
C ALA H 942 86.50 36.08 -16.86
N ILE H 943 86.38 35.73 -15.59
CA ILE H 943 86.51 36.73 -14.53
C ILE H 943 87.96 37.12 -14.30
N LYS H 944 88.80 36.16 -13.92
CA LYS H 944 90.24 36.35 -13.72
C LYS H 944 90.56 37.34 -12.60
N GLU H 945 89.70 37.44 -11.59
CA GLU H 945 89.94 38.37 -10.49
C GLU H 945 89.00 38.03 -9.34
N VAL H 946 89.43 38.34 -8.12
CA VAL H 946 88.61 38.12 -6.94
C VAL H 946 88.78 39.30 -5.99
N PRO H 947 87.74 40.08 -5.74
CA PRO H 947 87.88 41.27 -4.88
C PRO H 947 88.08 40.88 -3.43
N LEU H 948 88.56 41.86 -2.65
CA LEU H 948 88.80 41.68 -1.23
C LEU H 948 87.58 41.93 -0.38
N SER H 949 86.47 42.35 -0.95
CA SER H 949 85.27 42.60 -0.17
C SER H 949 84.64 41.33 0.37
N ILE H 950 85.11 40.17 -0.09
CA ILE H 950 84.42 38.92 0.16
C ILE H 950 84.39 38.52 1.63
N MET H 951 85.46 38.82 2.39
CA MET H 951 85.46 38.38 3.79
C MET H 951 84.37 39.06 4.60
N SER H 952 83.74 40.10 4.07
CA SER H 952 82.51 40.60 4.66
C SER H 952 81.41 39.55 4.57
N TRP H 953 81.36 38.80 3.47
CA TRP H 953 80.34 37.78 3.26
C TRP H 953 80.63 36.63 4.20
N SER H 954 79.72 36.34 5.12
CA SER H 954 80.13 35.40 6.15
C SER H 954 80.11 33.95 5.68
N PRO H 955 78.95 33.37 5.29
CA PRO H 955 78.97 31.98 4.83
C PRO H 955 79.01 31.84 3.32
N LEU H 956 79.58 30.73 2.83
CA LEU H 956 79.38 30.30 1.45
C LEU H 956 79.33 28.78 1.44
N ALA H 957 78.13 28.22 1.32
CA ALA H 957 78.01 26.77 1.27
C ALA H 957 78.61 26.21 -0.02
N HIS H 958 78.62 27.01 -1.07
CA HIS H 958 79.15 26.59 -2.36
C HIS H 958 79.76 27.78 -3.06
N PHE H 959 80.87 27.56 -3.76
CA PHE H 959 81.54 28.63 -4.49
C PHE H 959 82.43 27.96 -5.53
N GLN H 960 82.08 28.09 -6.80
CA GLN H 960 82.68 27.28 -7.86
C GLN H 960 83.24 28.17 -8.95
N ILE H 961 84.54 28.06 -9.19
CA ILE H 961 85.24 28.86 -10.19
C ILE H 961 85.92 27.94 -11.18
N SER H 962 85.82 28.27 -12.46
CA SER H 962 86.68 27.66 -13.46
C SER H 962 88.10 28.17 -13.28
N TYR H 963 89.06 27.26 -13.28
CA TYR H 963 90.42 27.58 -12.89
C TYR H 963 91.06 28.55 -13.87
N PHE H 964 91.75 29.55 -13.32
CA PHE H 964 92.61 30.45 -14.07
C PHE H 964 94.06 30.27 -13.61
N GLU H 965 94.98 30.91 -14.32
CA GLU H 965 96.38 30.80 -13.97
C GLU H 965 96.73 31.66 -12.76
N SER H 966 96.09 32.84 -12.64
CA SER H 966 96.42 33.79 -11.58
C SER H 966 95.78 33.35 -10.26
N LEU H 967 96.07 32.10 -9.89
CA LEU H 967 95.55 31.54 -8.65
C LEU H 967 96.08 32.28 -7.43
N LYS H 968 97.40 32.47 -7.38
CA LYS H 968 98.06 32.89 -6.14
C LYS H 968 97.65 34.29 -5.73
N GLU H 969 97.45 35.18 -6.70
CA GLU H 969 97.28 36.60 -6.44
C GLU H 969 96.15 36.90 -5.47
N PHE H 970 95.30 35.93 -5.18
CA PHE H 970 94.12 36.13 -4.34
C PHE H 970 94.09 35.06 -3.26
N PRO H 971 95.01 35.15 -2.29
CA PRO H 971 95.01 34.14 -1.21
C PRO H 971 93.73 34.16 -0.40
N HIS H 972 93.03 35.28 -0.36
CA HIS H 972 91.73 35.33 0.29
C HIS H 972 90.70 34.45 -0.40
N ALA H 973 90.87 34.20 -1.71
CA ALA H 973 89.93 33.36 -2.43
C ALA H 973 90.13 31.89 -2.14
N LEU H 974 91.37 31.47 -1.85
CA LEU H 974 91.67 30.05 -1.71
C LEU H 974 91.01 29.44 -0.47
N ASP H 975 90.86 30.19 0.61
CA ASP H 975 90.33 29.62 1.83
C ASP H 975 88.82 29.41 1.74
N ILE H 976 88.18 30.03 0.75
CA ILE H 976 86.73 30.02 0.63
C ILE H 976 86.24 29.27 -0.58
N ILE H 977 87.11 28.98 -1.56
CA ILE H 977 86.65 28.27 -2.74
C ILE H 977 86.13 26.90 -2.33
N THR H 978 85.27 26.36 -3.16
CA THR H 978 84.73 25.05 -2.83
C THR H 978 84.86 24.06 -3.97
N GLU H 979 84.77 24.52 -5.21
CA GLU H 979 85.02 23.63 -6.34
C GLU H 979 86.08 24.21 -7.24
N LEU H 980 86.36 23.52 -8.34
CA LEU H 980 87.35 23.97 -9.31
C LEU H 980 87.21 23.08 -10.53
N GLN H 981 87.39 23.69 -11.70
CA GLN H 981 87.15 22.98 -12.96
C GLN H 981 88.28 23.34 -13.91
N LEU H 982 89.22 22.42 -14.07
CA LEU H 982 90.48 22.75 -14.69
C LEU H 982 90.32 22.90 -16.20
N SER H 983 91.34 23.51 -16.80
CA SER H 983 91.30 23.87 -18.22
C SER H 983 91.62 22.64 -19.08
N LYS H 984 91.86 22.88 -20.37
CA LYS H 984 92.30 21.81 -21.24
C LYS H 984 93.78 21.47 -21.01
N ASP H 985 94.52 22.39 -20.40
CA ASP H 985 95.94 22.18 -20.18
C ASP H 985 96.34 22.68 -18.79
N ILE H 986 96.92 21.78 -17.99
CA ILE H 986 97.77 22.19 -16.88
C ILE H 986 99.02 21.33 -16.95
N GLN H 987 100.04 21.80 -17.66
CA GLN H 987 101.32 21.04 -17.77
C GLN H 987 102.17 21.30 -16.53
N GLU H 988 102.13 22.54 -16.02
CA GLU H 988 102.88 22.88 -14.78
C GLU H 988 102.18 22.25 -13.57
N VAL H 989 102.89 22.03 -12.46
CA VAL H 989 102.19 21.53 -11.25
C VAL H 989 101.19 22.62 -10.83
N PRO H 990 99.90 22.32 -10.50
CA PRO H 990 99.00 23.34 -9.92
C PRO H 990 99.85 24.12 -8.92
N PRO H 991 99.99 25.45 -9.09
CA PRO H 991 100.92 26.25 -8.29
C PRO H 991 100.73 26.31 -6.77
N TRP H 992 99.51 26.19 -6.24
CA TRP H 992 99.38 26.34 -4.77
C TRP H 992 99.80 25.02 -4.08
N VAL H 993 101.07 24.95 -3.68
CA VAL H 993 101.60 23.70 -3.04
C VAL H 993 100.83 23.49 -1.73
N LYS H 994 100.56 24.59 -1.02
CA LYS H 994 99.73 24.48 0.21
C LYS H 994 98.27 24.48 -0.23
N ARG H 995 97.56 23.38 -0.02
CA ARG H 995 96.13 23.29 -0.44
C ARG H 995 95.26 23.88 0.67
N MET H 996 94.51 24.94 0.36
CA MET H 996 93.68 25.55 1.39
C MET H 996 92.45 24.70 1.65
N SER H 997 91.96 24.79 2.90
CA SER H 997 91.17 23.73 3.51
C SER H 997 89.93 23.36 2.71
N ARG H 998 88.98 24.28 2.58
CA ARG H 998 87.70 23.94 1.98
C ARG H 998 87.88 23.77 0.47
N LEU H 999 87.82 22.52 0.02
CA LEU H 999 87.67 22.21 -1.41
C LEU H 999 87.01 20.84 -1.49
N ARG H 1000 85.68 20.83 -1.62
CA ARG H 1000 84.98 19.55 -1.57
C ARG H 1000 84.95 18.82 -2.89
N ALA H 1001 85.26 19.49 -4.00
CA ALA H 1001 85.19 18.85 -5.30
C ALA H 1001 86.37 19.31 -6.13
N LEU H 1002 86.58 18.61 -7.25
CA LEU H 1002 87.66 18.91 -8.16
C LEU H 1002 87.36 18.21 -9.47
N ARG H 1003 87.32 18.98 -10.56
CA ARG H 1003 86.86 18.45 -11.82
C ARG H 1003 87.86 18.75 -12.91
N LEU H 1004 88.00 17.81 -13.84
CA LEU H 1004 88.87 17.95 -14.99
C LEU H 1004 88.02 17.80 -16.24
N ASN H 1005 88.08 18.80 -17.12
CA ASN H 1005 87.22 18.80 -18.29
C ASN H 1005 87.72 17.80 -19.33
N ASN H 1006 88.91 18.04 -19.87
CA ASN H 1006 89.56 16.99 -20.64
C ASN H 1006 91.04 16.81 -20.30
N CYS H 1007 91.76 17.84 -19.86
CA CYS H 1007 93.17 17.75 -19.51
C CYS H 1007 93.93 16.85 -20.48
N ASN H 1008 93.73 17.10 -21.77
CA ASN H 1008 94.25 16.22 -22.80
C ASN H 1008 95.77 16.18 -22.80
N ASN H 1009 96.42 17.13 -22.15
CA ASN H 1009 97.85 17.08 -21.88
C ASN H 1009 98.11 17.28 -20.38
N LEU H 1010 97.88 16.20 -19.63
CA LEU H 1010 98.18 16.21 -18.16
C LEU H 1010 99.07 15.00 -17.94
N VAL H 1011 99.71 14.87 -16.79
CA VAL H 1011 100.55 13.71 -16.48
C VAL H 1011 100.17 13.10 -15.14
N SER H 1012 100.29 13.87 -14.07
CA SER H 1012 100.11 13.35 -12.73
C SER H 1012 99.07 14.18 -11.97
N LEU H 1013 98.94 13.89 -10.69
CA LEU H 1013 98.09 14.65 -9.81
C LEU H 1013 98.82 14.88 -8.49
N PRO H 1014 98.85 16.10 -8.00
CA PRO H 1014 99.55 16.40 -6.74
C PRO H 1014 98.79 15.89 -5.54
N GLN H 1015 99.26 16.26 -4.35
CA GLN H 1015 98.52 15.94 -3.14
C GLN H 1015 97.21 16.69 -3.10
N LEU H 1016 96.18 16.05 -2.57
CA LEU H 1016 94.86 16.65 -2.48
C LEU H 1016 94.47 16.86 -1.01
N PRO H 1017 93.63 17.84 -0.71
CA PRO H 1017 93.44 18.25 0.68
C PRO H 1017 92.67 17.20 1.47
N ASP H 1018 92.84 17.27 2.79
CA ASP H 1018 92.19 16.30 3.66
C ASP H 1018 90.68 16.48 3.72
N SER H 1019 90.15 17.56 3.14
CA SER H 1019 88.70 17.76 3.06
C SER H 1019 88.34 17.76 1.57
N LEU H 1020 88.13 16.56 1.03
CA LEU H 1020 87.77 16.41 -0.37
C LEU H 1020 86.78 15.26 -0.48
N ALA H 1021 85.75 15.46 -1.29
CA ALA H 1021 84.70 14.46 -1.44
C ALA H 1021 84.51 14.00 -2.87
N TYR H 1022 84.68 14.90 -3.83
CA TYR H 1022 84.42 14.59 -5.23
C TYR H 1022 85.67 14.82 -6.05
N LEU H 1023 86.02 13.83 -6.87
CA LEU H 1023 87.09 13.95 -7.84
C LEU H 1023 86.62 13.32 -9.13
N TYR H 1024 86.72 14.08 -10.24
CA TYR H 1024 86.25 13.59 -11.57
C TYR H 1024 87.38 13.80 -12.60
N ALA H 1025 87.66 12.79 -13.43
CA ALA H 1025 88.67 12.92 -14.51
C ALA H 1025 88.07 12.42 -15.82
N ASP H 1026 87.28 13.25 -16.50
CA ASP H 1026 86.54 12.77 -17.71
C ASP H 1026 87.34 12.88 -19.01
N ASN H 1027 87.38 11.80 -19.81
CA ASN H 1027 88.01 11.85 -21.17
C ASN H 1027 89.43 12.42 -21.15
N CYS H 1028 90.30 11.92 -20.27
CA CYS H 1028 91.66 12.51 -20.16
C CYS H 1028 92.70 11.61 -20.86
N LYS H 1029 93.69 12.20 -21.53
CA LYS H 1029 94.66 11.40 -22.25
C LYS H 1029 95.68 10.74 -21.34
N SER H 1030 95.99 11.38 -20.20
CA SER H 1030 97.08 10.80 -19.37
C SER H 1030 97.07 11.24 -17.91
N LEU H 1031 96.73 10.35 -16.99
CA LEU H 1031 96.95 10.59 -15.57
C LEU H 1031 97.72 9.42 -14.98
N GLU H 1032 98.85 9.07 -15.62
CA GLU H 1032 99.58 7.85 -15.32
C GLU H 1032 99.69 7.59 -13.82
N ARG H 1033 99.87 8.62 -13.01
CA ARG H 1033 99.98 8.39 -11.58
C ARG H 1033 99.14 9.40 -10.81
N LEU H 1034 98.69 8.98 -9.62
CA LEU H 1034 98.04 9.92 -8.68
C LEU H 1034 99.09 9.96 -7.57
N ASP H 1035 99.74 11.11 -7.35
CA ASP H 1035 100.91 11.14 -6.42
C ASP H 1035 100.61 10.73 -4.98
N CYS H 1036 99.45 11.12 -4.42
CA CYS H 1036 99.32 10.83 -2.96
C CYS H 1036 98.15 9.96 -2.49
N CYS H 1037 98.04 9.80 -1.16
CA CYS H 1037 97.07 8.95 -0.48
C CYS H 1037 96.07 9.84 0.27
N PHE H 1038 95.05 10.28 -0.44
CA PHE H 1038 93.92 10.97 0.17
C PHE H 1038 93.07 10.02 0.98
N ASN H 1039 92.66 10.45 2.18
CA ASN H 1039 91.94 9.61 3.12
C ASN H 1039 90.83 10.39 3.81
N ASN H 1040 90.09 11.18 3.06
CA ASN H 1040 89.19 12.14 3.71
C ASN H 1040 87.95 11.50 4.32
N PRO H 1041 87.09 10.95 3.46
CA PRO H 1041 85.74 10.61 3.89
C PRO H 1041 85.12 9.72 2.81
N GLU H 1042 83.80 9.60 2.83
CA GLU H 1042 83.11 9.09 1.66
C GLU H 1042 83.51 9.92 0.45
N ILE H 1043 84.22 9.30 -0.48
CA ILE H 1043 84.84 10.00 -1.61
C ILE H 1043 84.45 9.28 -2.88
N ARG H 1044 84.11 10.04 -3.91
CA ARG H 1044 83.74 9.46 -5.19
C ARG H 1044 84.83 9.77 -6.22
N LEU H 1045 85.44 8.72 -6.75
CA LEU H 1045 86.54 8.82 -7.69
C LEU H 1045 86.04 8.30 -9.03
N TYR H 1046 85.67 9.21 -9.92
CA TYR H 1046 85.13 8.85 -11.22
C TYR H 1046 86.18 9.12 -12.28
N PHE H 1047 86.47 8.10 -13.09
CA PHE H 1047 87.53 8.17 -14.08
C PHE H 1047 87.02 7.58 -15.39
N PRO H 1048 86.11 8.29 -16.07
CA PRO H 1048 85.42 7.70 -17.23
C PRO H 1048 86.33 7.08 -18.27
N LYS H 1049 87.17 7.85 -18.95
CA LYS H 1049 88.08 7.30 -19.94
C LYS H 1049 89.49 7.81 -19.66
N CYS H 1050 90.20 7.10 -18.79
CA CYS H 1050 91.64 7.32 -18.61
C CYS H 1050 92.28 5.94 -18.49
N PHE H 1051 92.61 5.37 -19.64
CA PHE H 1051 93.18 4.03 -19.66
C PHE H 1051 94.65 4.02 -19.27
N LYS H 1052 95.31 5.17 -19.32
CA LYS H 1052 96.72 5.27 -19.01
C LYS H 1052 96.90 5.62 -17.54
N LEU H 1053 96.70 4.60 -16.71
CA LEU H 1053 96.88 4.72 -15.27
C LEU H 1053 97.86 3.65 -14.80
N ASN H 1054 98.77 4.04 -13.92
CA ASN H 1054 99.66 3.07 -13.30
C ASN H 1054 98.84 2.09 -12.46
N GLN H 1055 99.33 0.85 -12.40
CA GLN H 1055 98.63 -0.15 -11.61
C GLN H 1055 98.48 0.29 -10.16
N GLU H 1056 99.55 0.82 -9.58
CA GLU H 1056 99.46 1.36 -8.23
C GLU H 1056 98.43 2.49 -8.16
N ALA H 1057 98.44 3.36 -9.16
CA ALA H 1057 97.38 4.37 -9.27
C ALA H 1057 96.03 3.68 -9.42
N ARG H 1058 95.94 2.69 -10.30
CA ARG H 1058 94.71 1.95 -10.48
C ARG H 1058 94.33 1.22 -9.20
N ASP H 1059 95.33 0.63 -8.52
CA ASP H 1059 95.05 -0.09 -7.28
C ASP H 1059 94.51 0.85 -6.21
N LEU H 1060 95.08 2.05 -6.14
CA LEU H 1060 94.67 3.01 -5.11
C LEU H 1060 93.20 3.36 -5.24
N ILE H 1061 92.72 3.49 -6.48
CA ILE H 1061 91.31 3.83 -6.70
C ILE H 1061 90.41 2.73 -6.16
N MET H 1062 90.75 1.47 -6.42
CA MET H 1062 89.93 0.37 -5.94
C MET H 1062 90.11 0.10 -4.44
N HIS H 1063 91.31 0.31 -3.90
CA HIS H 1063 91.60 -0.14 -2.54
C HIS H 1063 91.50 0.99 -1.51
N THR H 1064 91.14 2.19 -1.93
CA THR H 1064 90.80 3.23 -0.97
C THR H 1064 89.48 2.90 -0.31
N SER H 1065 89.31 3.36 0.93
CA SER H 1065 88.13 3.02 1.72
C SER H 1065 87.14 4.19 1.61
N THR H 1066 86.01 3.93 1.00
CA THR H 1066 84.97 4.93 0.79
C THR H 1066 83.61 4.34 1.10
N ARG H 1067 82.62 5.21 1.30
CA ARG H 1067 81.24 4.81 1.45
C ARG H 1067 80.42 5.08 0.20
N ASN H 1068 81.07 5.32 -0.93
CA ASN H 1068 80.38 5.66 -2.17
C ASN H 1068 80.97 4.83 -3.30
N PHE H 1069 80.54 5.13 -4.51
CA PHE H 1069 81.00 4.40 -5.68
C PHE H 1069 82.47 4.71 -5.97
N ALA H 1070 82.96 4.06 -7.03
CA ALA H 1070 84.26 4.36 -7.61
C ALA H 1070 84.28 3.67 -8.97
N MET H 1071 84.65 4.40 -10.01
CA MET H 1071 84.53 3.88 -11.36
C MET H 1071 85.81 4.16 -12.13
N LEU H 1072 86.17 3.22 -13.01
CA LEU H 1072 87.51 3.15 -13.57
C LEU H 1072 87.44 2.42 -14.90
N PRO H 1073 88.34 2.73 -15.83
CA PRO H 1073 88.36 1.99 -17.11
C PRO H 1073 88.93 0.60 -16.92
N GLY H 1074 88.10 -0.41 -17.18
CA GLY H 1074 88.54 -1.78 -17.12
C GLY H 1074 87.74 -2.63 -18.08
N THR H 1075 88.27 -3.81 -18.38
CA THR H 1075 87.61 -4.71 -19.32
C THR H 1075 87.14 -6.01 -18.68
N GLN H 1076 87.61 -6.34 -17.48
CA GLN H 1076 87.14 -7.52 -16.78
C GLN H 1076 87.43 -7.33 -15.30
N VAL H 1077 86.70 -8.06 -14.48
CA VAL H 1077 86.84 -7.88 -13.02
C VAL H 1077 88.27 -8.20 -12.62
N PRO H 1078 88.95 -7.34 -11.87
CA PRO H 1078 90.33 -7.62 -11.49
C PRO H 1078 90.43 -8.85 -10.61
N ALA H 1079 91.59 -9.51 -10.69
CA ALA H 1079 91.80 -10.75 -9.96
C ALA H 1079 91.81 -10.54 -8.46
N CYS H 1080 91.94 -9.30 -7.99
CA CYS H 1080 91.88 -9.03 -6.56
C CYS H 1080 90.57 -9.52 -5.96
N PHE H 1081 89.49 -9.47 -6.72
CA PHE H 1081 88.21 -10.01 -6.29
C PHE H 1081 88.14 -11.47 -6.71
N ASN H 1082 88.18 -12.37 -5.74
CA ASN H 1082 88.26 -13.80 -6.01
C ASN H 1082 86.92 -14.37 -6.44
N HIS H 1083 85.88 -14.12 -5.66
CA HIS H 1083 84.65 -14.88 -5.76
C HIS H 1083 83.80 -14.32 -6.89
N ARG H 1084 83.79 -14.99 -8.02
CA ARG H 1084 83.28 -14.43 -9.25
C ARG H 1084 82.03 -15.16 -9.73
N ALA H 1085 81.25 -14.47 -10.54
CA ALA H 1085 80.12 -15.04 -11.26
C ALA H 1085 79.70 -14.06 -12.33
N THR H 1086 78.58 -14.33 -12.98
CA THR H 1086 78.05 -13.43 -14.00
C THR H 1086 76.61 -13.04 -13.67
N SER H 1090 68.78 -10.84 -9.52
CA SER H 1090 69.45 -11.10 -10.77
C SER H 1090 70.52 -12.17 -10.62
N LEU H 1091 71.77 -11.82 -10.86
CA LEU H 1091 72.85 -12.78 -10.82
C LEU H 1091 73.13 -13.23 -9.39
N LYS H 1092 73.76 -14.40 -9.29
CA LYS H 1092 74.06 -15.03 -8.01
C LYS H 1092 75.57 -15.05 -7.79
N ILE H 1093 76.01 -14.35 -6.75
CA ILE H 1093 77.39 -14.43 -6.28
C ILE H 1093 77.39 -15.26 -5.01
N LYS H 1094 78.17 -16.34 -5.01
CA LYS H 1094 78.28 -17.21 -3.87
C LYS H 1094 79.72 -17.26 -3.39
N LEU H 1095 79.91 -17.19 -2.08
CA LEU H 1095 81.25 -17.30 -1.53
C LEU H 1095 81.17 -17.85 -0.11
N LYS H 1096 82.29 -18.37 0.34
CA LYS H 1096 82.44 -18.84 1.71
C LYS H 1096 83.29 -17.84 2.46
N GLU H 1097 83.21 -17.88 3.78
CA GLU H 1097 83.94 -16.94 4.62
C GLU H 1097 84.74 -17.69 5.67
N SER H 1098 85.82 -17.04 6.11
CA SER H 1098 86.75 -17.61 7.09
C SER H 1098 86.76 -16.69 8.31
N PRO H 1099 85.82 -16.92 9.22
CA PRO H 1099 85.72 -16.14 10.45
C PRO H 1099 84.76 -16.86 11.38
N LEU H 1100 84.98 -16.68 12.70
CA LEU H 1100 84.12 -17.34 13.68
C LEU H 1100 82.85 -16.53 13.94
N PRO H 1101 83.00 -15.31 14.48
CA PRO H 1101 81.85 -14.49 14.82
C PRO H 1101 82.31 -13.03 14.84
N THR H 1102 81.87 -12.27 13.84
CA THR H 1102 82.28 -10.87 13.69
C THR H 1102 81.33 -10.22 12.71
N THR H 1103 81.36 -8.89 12.66
CA THR H 1103 80.75 -8.15 11.57
C THR H 1103 81.77 -8.02 10.45
N LEU H 1104 81.33 -8.26 9.22
CA LEU H 1104 82.25 -8.39 8.10
C LEU H 1104 82.12 -7.19 7.17
N THR H 1105 83.17 -6.97 6.38
CA THR H 1105 83.25 -5.86 5.45
C THR H 1105 83.65 -6.41 4.08
N PHE H 1106 82.94 -5.99 3.04
CA PHE H 1106 83.12 -6.53 1.70
C PHE H 1106 83.37 -5.40 0.70
N LYS H 1107 84.13 -5.73 -0.34
CA LYS H 1107 84.38 -4.82 -1.44
C LYS H 1107 83.86 -5.46 -2.72
N ALA H 1108 82.97 -4.77 -3.42
CA ALA H 1108 82.30 -5.31 -4.60
C ALA H 1108 82.90 -4.71 -5.85
N CYS H 1109 82.72 -5.41 -6.97
CA CYS H 1109 83.15 -4.95 -8.28
C CYS H 1109 82.11 -5.36 -9.30
N ILE H 1110 81.72 -4.43 -10.17
CA ILE H 1110 80.61 -4.65 -11.08
C ILE H 1110 80.92 -4.07 -12.44
N MET H 1111 80.67 -4.84 -13.49
CA MET H 1111 80.65 -4.34 -14.85
C MET H 1111 79.21 -4.30 -15.35
N LEU H 1112 79.04 -3.86 -16.58
CA LEU H 1112 77.71 -3.67 -17.15
C LEU H 1112 77.53 -4.52 -18.39
N VAL H 1113 76.27 -4.82 -18.71
CA VAL H 1113 75.97 -5.62 -19.88
C VAL H 1113 76.18 -4.78 -21.13
N ASN H 1114 76.90 -5.33 -22.10
CA ASN H 1114 77.18 -4.62 -23.34
C ASN H 1114 75.89 -4.34 -24.09
N GLU H 1115 75.45 -3.07 -24.10
CA GLU H 1115 74.20 -2.70 -24.79
C GLU H 1115 74.48 -1.43 -25.60
N GLU H 1116 73.43 -0.78 -26.10
CA GLU H 1116 73.62 0.53 -26.79
C GLU H 1116 73.63 1.61 -25.71
N MET H 1117 74.62 1.58 -24.81
CA MET H 1117 74.66 2.56 -23.70
C MET H 1117 74.88 3.94 -24.30
N SER H 1118 74.09 4.93 -23.90
CA SER H 1118 74.35 6.31 -24.38
C SER H 1118 75.66 6.77 -23.74
N TYR H 1119 76.48 7.50 -24.48
CA TYR H 1119 77.73 8.06 -23.89
C TYR H 1119 77.31 9.03 -22.78
N ASP H 1120 76.17 9.68 -22.96
CA ASP H 1120 75.71 10.71 -21.98
C ASP H 1120 74.91 10.11 -20.82
N LEU H 1121 74.68 8.79 -20.74
CA LEU H 1121 73.99 8.20 -19.54
C LEU H 1121 74.70 8.71 -18.28
N LYS H 1122 73.98 9.25 -17.28
CA LYS H 1122 74.63 9.93 -16.17
C LYS H 1122 73.87 9.71 -14.87
N SER H 1123 73.40 8.50 -14.63
CA SER H 1123 72.77 8.18 -13.36
C SER H 1123 72.57 6.69 -13.28
N MET H 1124 72.79 6.14 -12.09
CA MET H 1124 72.53 4.72 -11.87
C MET H 1124 72.46 4.46 -10.38
N SER H 1125 71.63 3.50 -10.00
CA SER H 1125 71.47 3.11 -8.60
C SER H 1125 71.51 1.59 -8.53
N VAL H 1126 72.00 1.08 -7.41
CA VAL H 1126 72.23 -0.35 -7.24
C VAL H 1126 71.57 -0.81 -5.96
N ASP H 1127 70.80 -1.89 -6.05
CA ASP H 1127 70.19 -2.52 -4.88
C ASP H 1127 70.90 -3.82 -4.57
N ILE H 1128 70.99 -4.15 -3.29
CA ILE H 1128 71.77 -5.28 -2.81
C ILE H 1128 70.91 -6.14 -1.89
N VAL H 1129 70.93 -7.45 -2.11
CA VAL H 1129 70.20 -8.40 -1.31
C VAL H 1129 71.10 -9.59 -1.04
N ILE H 1130 71.17 -10.03 0.22
CA ILE H 1130 72.06 -11.11 0.63
C ILE H 1130 71.26 -12.14 1.41
N ARG H 1131 71.50 -13.42 1.14
CA ARG H 1131 70.78 -14.51 1.76
C ARG H 1131 71.73 -15.67 2.02
N ASP H 1132 71.27 -16.65 2.79
CA ASP H 1132 72.06 -17.82 3.17
C ASP H 1132 71.74 -19.01 2.28
N GLU H 1133 72.65 -19.99 2.29
CA GLU H 1133 72.50 -21.18 1.48
C GLU H 1133 71.67 -22.25 2.20
N GLN H 1134 71.92 -22.48 3.49
CA GLN H 1134 71.16 -23.45 4.27
C GLN H 1134 69.89 -22.83 4.83
N ASN H 1135 69.99 -21.62 5.40
CA ASN H 1135 68.83 -20.88 5.84
C ASN H 1135 68.37 -19.95 4.72
N ASP H 1136 67.14 -19.46 4.87
CA ASP H 1136 66.62 -18.43 3.99
C ASP H 1136 66.55 -17.08 4.70
N LEU H 1137 67.21 -16.96 5.84
CA LEU H 1137 67.24 -15.72 6.60
C LEU H 1137 67.83 -14.61 5.74
N LYS H 1138 67.01 -13.62 5.41
CA LYS H 1138 67.49 -12.47 4.66
C LYS H 1138 68.38 -11.63 5.57
N VAL H 1139 69.69 -11.81 5.44
CA VAL H 1139 70.63 -11.04 6.26
C VAL H 1139 70.60 -9.58 5.82
N GLN H 1140 70.72 -8.68 6.79
CA GLN H 1140 70.73 -7.26 6.51
C GLN H 1140 72.06 -6.85 5.88
N CYS H 1141 72.08 -5.64 5.32
CA CYS H 1141 73.30 -5.07 4.75
C CYS H 1141 73.14 -3.56 4.78
N THR H 1142 73.87 -2.90 5.68
CA THR H 1142 73.60 -1.49 5.94
C THR H 1142 73.79 -0.60 4.71
N PRO H 1143 74.81 -0.78 3.86
CA PRO H 1143 74.72 -0.01 2.61
C PRO H 1143 73.80 -0.69 1.62
N SER H 1144 72.52 -0.77 1.95
CA SER H 1144 71.57 -1.54 1.15
C SER H 1144 71.26 -0.90 -0.19
N TYR H 1145 71.94 0.18 -0.56
CA TYR H 1145 71.81 0.77 -1.88
C TYR H 1145 72.90 1.81 -2.05
N HIS H 1146 73.37 1.98 -3.28
CA HIS H 1146 74.25 3.07 -3.65
C HIS H 1146 73.62 3.82 -4.81
N GLN H 1147 73.56 5.14 -4.70
CA GLN H 1147 72.90 5.96 -5.71
C GLN H 1147 73.77 7.17 -6.02
N CYS H 1148 73.94 7.46 -7.30
CA CYS H 1148 74.59 8.68 -7.74
C CYS H 1148 73.87 9.22 -8.95
N THR H 1149 73.61 10.52 -8.94
CA THR H 1149 72.89 11.17 -10.02
C THR H 1149 73.82 11.81 -11.04
N GLU H 1150 75.11 11.52 -10.94
CA GLU H 1150 76.12 12.14 -11.80
C GLU H 1150 77.12 11.15 -12.37
N ILE H 1151 77.18 9.93 -11.86
CA ILE H 1151 78.10 8.92 -12.34
C ILE H 1151 77.79 8.56 -13.78
N TYR H 1152 78.82 8.49 -14.60
CA TYR H 1152 78.66 8.07 -15.99
C TYR H 1152 78.33 6.59 -16.04
N VAL H 1153 77.47 6.21 -16.98
CA VAL H 1153 77.14 4.81 -17.23
C VAL H 1153 77.72 4.46 -18.59
N LEU H 1154 78.72 3.57 -18.59
CA LEU H 1154 79.38 3.16 -19.81
C LEU H 1154 79.69 1.67 -19.73
N THR H 1155 79.98 1.08 -20.89
CA THR H 1155 80.04 -0.37 -20.99
C THR H 1155 81.25 -0.95 -20.28
N GLU H 1156 82.45 -0.59 -20.73
CA GLU H 1156 83.66 -1.27 -20.27
C GLU H 1156 84.30 -0.48 -19.13
N HIS H 1157 83.69 -0.57 -17.96
CA HIS H 1157 84.25 0.08 -16.79
C HIS H 1157 83.94 -0.71 -15.54
N ILE H 1158 84.71 -0.45 -14.50
CA ILE H 1158 84.67 -1.20 -13.26
C ILE H 1158 84.06 -0.30 -12.19
N TYR H 1159 82.95 -0.73 -11.62
CA TYR H 1159 82.27 0.02 -10.58
C TYR H 1159 82.44 -0.72 -9.27
N THR H 1160 82.93 -0.02 -8.25
CA THR H 1160 83.23 -0.63 -6.97
C THR H 1160 82.55 0.12 -5.85
N PHE H 1161 82.37 -0.56 -4.72
CA PHE H 1161 81.76 0.01 -3.53
C PHE H 1161 81.93 -0.93 -2.36
N GLU H 1162 81.43 -0.55 -1.19
CA GLU H 1162 81.71 -1.29 0.04
C GLU H 1162 80.42 -1.69 0.73
N LEU H 1163 80.47 -2.83 1.41
CA LEU H 1163 79.31 -3.40 2.11
C LEU H 1163 79.72 -3.80 3.51
N GLU H 1164 78.74 -3.79 4.41
CA GLU H 1164 78.93 -4.33 5.75
C GLU H 1164 77.80 -5.29 6.09
N VAL H 1165 78.16 -6.47 6.58
CA VAL H 1165 77.22 -7.48 7.02
C VAL H 1165 77.52 -7.74 8.48
N GLU H 1166 76.48 -7.78 9.31
CA GLU H 1166 76.69 -7.84 10.74
C GLU H 1166 76.16 -9.13 11.35
N GLU H 1167 75.07 -9.69 10.82
CA GLU H 1167 74.60 -10.96 11.33
C GLU H 1167 75.63 -12.04 11.08
N VAL H 1168 75.61 -13.07 11.92
CA VAL H 1168 76.76 -13.94 12.09
C VAL H 1168 76.39 -15.35 11.63
N THR H 1169 75.60 -15.43 10.56
CA THR H 1169 75.40 -16.71 9.90
C THR H 1169 76.75 -17.38 9.64
N SER H 1170 76.76 -18.71 9.61
CA SER H 1170 78.00 -19.44 9.83
C SER H 1170 78.92 -19.45 8.60
N THR H 1171 78.45 -20.04 7.49
CA THR H 1171 79.34 -20.32 6.38
C THR H 1171 78.81 -19.82 5.05
N GLU H 1172 77.52 -19.50 4.97
CA GLU H 1172 76.80 -19.41 3.71
C GLU H 1172 76.44 -17.96 3.42
N LEU H 1173 77.02 -17.40 2.36
CA LEU H 1173 76.64 -16.07 1.88
C LEU H 1173 76.33 -16.16 0.39
N VAL H 1174 75.18 -15.61 0.01
CA VAL H 1174 74.79 -15.50 -1.39
C VAL H 1174 74.39 -14.06 -1.65
N PHE H 1175 75.06 -13.41 -2.60
CA PHE H 1175 74.80 -12.03 -2.92
C PHE H 1175 73.97 -11.92 -4.19
N GLU H 1176 73.31 -10.76 -4.34
CA GLU H 1176 72.48 -10.51 -5.51
C GLU H 1176 72.44 -9.00 -5.70
N PHE H 1177 73.22 -8.50 -6.65
CA PHE H 1177 73.25 -7.09 -6.97
C PHE H 1177 72.33 -6.84 -8.16
N THR H 1178 71.36 -5.97 -7.98
CA THR H 1178 70.42 -5.61 -9.03
C THR H 1178 70.48 -4.11 -9.26
N SER H 1179 70.34 -3.70 -10.50
CA SER H 1179 70.36 -2.30 -10.86
C SER H 1179 68.93 -1.83 -11.04
N VAL H 1180 68.49 -0.91 -10.19
CA VAL H 1180 67.22 -0.24 -10.44
C VAL H 1180 67.32 0.46 -11.80
N ASN H 1181 66.17 0.63 -12.44
CA ASN H 1181 66.10 1.16 -13.81
C ASN H 1181 66.76 0.19 -14.77
N GLU H 1182 66.25 -1.05 -14.78
CA GLU H 1182 66.80 -2.08 -15.64
C GLU H 1182 66.75 -1.66 -17.11
N SER H 1183 65.79 -0.80 -17.47
CA SER H 1183 65.71 -0.31 -18.83
C SER H 1183 66.90 0.57 -19.21
N ILE H 1184 67.71 0.97 -18.24
CA ILE H 1184 68.86 1.83 -18.47
C ILE H 1184 70.16 1.05 -18.37
N CYS H 1185 70.32 0.38 -17.24
CA CYS H 1185 71.59 -0.34 -16.99
C CYS H 1185 71.27 -1.71 -16.43
N LYS H 1186 72.04 -2.72 -16.84
CA LYS H 1186 71.92 -4.08 -16.32
C LYS H 1186 73.30 -4.58 -15.90
N ILE H 1187 73.37 -5.17 -14.72
CA ILE H 1187 74.65 -5.60 -14.17
C ILE H 1187 75.13 -6.82 -14.93
N GLY H 1188 76.36 -6.76 -15.45
CA GLY H 1188 76.94 -7.86 -16.20
C GLY H 1188 77.76 -8.77 -15.31
N GLU H 1189 79.08 -8.80 -15.54
CA GLU H 1189 79.93 -9.59 -14.68
C GLU H 1189 79.96 -9.02 -13.27
N CYS H 1190 80.52 -9.80 -12.34
CA CYS H 1190 80.55 -9.37 -10.96
C CYS H 1190 81.61 -10.16 -10.21
N GLY H 1191 81.79 -9.83 -8.95
CA GLY H 1191 82.72 -10.52 -8.09
C GLY H 1191 83.17 -9.65 -6.95
N ILE H 1192 83.25 -10.19 -5.73
CA ILE H 1192 83.51 -9.36 -4.57
C ILE H 1192 84.64 -9.97 -3.74
N LEU H 1193 84.93 -9.35 -2.60
CA LEU H 1193 86.14 -9.67 -1.83
C LEU H 1193 85.96 -9.22 -0.39
N GLN H 1194 86.50 -10.01 0.53
CA GLN H 1194 86.44 -9.66 1.94
C GLN H 1194 87.57 -8.72 2.31
N ARG H 1195 87.65 -8.37 3.59
CA ARG H 1195 88.69 -7.49 4.09
C ARG H 1195 89.01 -7.80 5.55
#